data_9E2X
#
_entry.id   9E2X
#
_cell.length_a   1.00
_cell.length_b   1.00
_cell.length_c   1.00
_cell.angle_alpha   90.00
_cell.angle_beta   90.00
_cell.angle_gamma   90.00
#
_symmetry.space_group_name_H-M   'P 1'
#
loop_
_entity.id
_entity.type
_entity.pdbx_description
1 polymer 'DNA replication complex GINS protein PSF1'
2 polymer 'DNA replication complex GINS protein PSF2'
3 polymer 'DNA replication complex GINS protein PSF3'
4 polymer 'DNA replication complex GINS protein SLD5'
5 polymer 'Cell division control protein 45'
6 polymer 'Leading strand DNA template'
7 polymer 'Lagging strand DNA template'
8 polymer 'DNA replication licensing factor MCM2'
9 polymer 'DNA replication licensing factor MCM3'
10 polymer 'DNA replication licensing factor MCM4'
11 polymer 'Minichromosome maintenance protein 5'
12 polymer 'DNA replication licensing factor MCM6'
13 polymer 'DNA replication licensing factor MCM7'
14 polymer 'Topoisomerase 1-associated factor 1'
15 polymer 'Chromosome segregation in meiosis protein 3'
16 non-polymer "ADENOSINE-5'-TRIPHOSPHATE"
17 non-polymer 'MAGNESIUM ION'
18 non-polymer 'ZINC ION'
19 non-polymer "ADENOSINE-5'-DIPHOSPHATE"
#
loop_
_entity_poly.entity_id
_entity_poly.type
_entity_poly.pdbx_seq_one_letter_code
_entity_poly.pdbx_strand_id
1 'polypeptide(L)'
;MYGDLGNKLVLEAKRTKQLYARSNQDVNLPMYHEDIIRNILKEVSNLRKNTEYLKEQQQLGMLDDKVAKCQYFVTLLCME
RNKRCLLAYQRLRTDILDSMAWNNNGLDLMSSITFSQQDTNNLSHQEQEYLKEYCDLITDLKSGDLVDIDLSGSLVPPSD
VFIDVRVLKDAGEIQTEYGVFNLIKDSQFFVRQSDVERLIQQGYLQKI
;
A
2 'polypeptide(L)'
;MSLPAHLQQTFSPEEIQFIVENEPIKIFPRITTRQKIRGDDRGTGNHTRWQLITTDDKALNNMVAMRSTEVVLWIALLLK
QQSKCSIVAPQWLTTKELDRKIQYEKTHPDRFSELPWNWLVLARILFNKAKDDFHDPIHELRGKIQDLREIRQIKVLKGL
KYLNESHLQLDNLSLLEINELRPFITEIMDKLREIHTASLTAGTENDEEEFNI
;
B
3 'polypeptide(L)'
;MGSSHHHHHHSSGLVPRGSHMASMGYYDIDDVLADGTEFPCKFQYDIPGLGYLENNPGRPITKNTKLSLPLWLARILAIV
GGDEALVDEEPVPFVELLPPDMFSTKVMNAIKTDPVALDLHSINSHFFSLAIKWIMLFSEKELANVVSELLLQRAQELNH
HASSLSIDLNADSTGKNSANTNIATSTFLLKLEEMEKEIYKKSHESYKDTKRWMFKK
;
C
4 'polypeptide(L)'
;MDINIDDILAELDKETTAVDSTKITQGSSSTTHRDANTIVGSSLDLNDKTQIYVSPQQDFSDLMKSWKNERCSPELLPYP
HQLMKRLLNRISMQSQLIENISMGFLDMQNASNANPPMPNESKLPLLCMETELERLKFVIRSYIRCRLSKIDKFSLYLRQ
LNEDENSLISLTDLLSKDEIKYHDTHSLIWLKLVNDSILKYMPEELQAINDTEGSVNMIDEPDWNKFVFIHVNGPPDGKW
NEDPLLQENEFGKPCYTVTIPDLKEEVELTIGSIYVMRYEVIRDLLRDDKVALI
;
D
5 'polypeptide(L)'
;MYYGISQFSEAYNKILRNSSSHSSCQLVIFVSCLNIDALCATKMLSLLFKKQLVQSQIVPIFGYSELRRHYSQLDDNINS
LLLVGFGGVIDLEAFLEIDPQEYVIDTDEKSGEQSFRRDIYVLDAHRPWNLDNIFGSQIIQCFDDGTVDDTLGEQKEAYY
KLLELDEESGDDELSGDENDNNGGDDEATDADEVTDEDEEDEDETISNKRGNSSIGPNDLSKRKQRKKQIHEYEGVLEEY
YSQGTTVVNSISAQIYSLLSAIGETNLSNLWLNILGTTSLDIAYAQVYNRLYPLLQDEVKRLTPSSRNSVKTPDTLTLNI
QPDYYLFLLRHSSLYDSFYYSNYVNAKLSLWNENGKKRLHKMFARMGIPLSTAQETWLYMDHSIKRELGIIFDKNLDRYG
LQDIIRDGFVRTLGYRGSISASEFVEALTALLEVGNSTDKDSVKINNDNNDDTDGEEEEDNSAQKLTNLRKRWVSNFWLS
WDALDDRKVELLNRGIQLAQDLQRAIFNTGVAILEKKLIKHLRIYRLCVLQDGPDLDLYRNPLTLLRLGNWLIECCAESE
DKQLLPMVLASIDENTDTYLVAGLTPRYPRGLDTIHTKKPILNNFSMAFQQITAETDAKVRIDNFESSIIEIRREDLSPF
LEKLTLSGLL
;
E
6 'polydeoxyribonucleotide'
;(DT)(DC)(DG)(DT)(DG)(DC)(DT)(DG)(DA)(DG)(DT)(DG)(DA)(DT)(DA)(DT)(DC)(DT)(DG)(DC)
(DT)(DT)(DT)(DG)(DG)(DG)(DT)(DG)(DG)(DG)(DT)(DG)(DG)(DG)(DT)(DG)(DG)(DG)(DT)(DT)
(DG)(DA)(DG)(DG)(DC)(DA)(DA)(DT)
;
F
7 'polydeoxyribonucleotide' (DG)(DC)(DA)(DG)(DA)(DT)(DA)(DT)(DC)(DA)(DC)(DT)(DC)(DA)(DG)(DC)(DA)(DC)(DG)(DA) G
8 'polypeptide(L)'
;MSDNRRRRREEDDSDSENELPPSSPQQHFRGGMNPVSSPIGSPDMINPEGDDNEVDDVPDIDEVEEQMNEVDLMDDNMYE
DYAADHNRDRYDPDQVDDREQQELSLSERRRIDAQLNERDRLLRNVAYIDDEDEEQEGAAQLDEMGLPVQRRRRRRQYED
LENSDDDLLSDMDIDPLREELTLESLSNVKANSYSEWITQPNVSRTIARELKSFLLEYTDETGRSVYGARIRTLGEMNSE
SLEVNYRHLAESKAILALFLAKCPEEMLKIFDLVAMEATELHYPDYARIHSEIHVRISDFPTIYSLRELRESNLSSLVRV
TGVVTRRTGVFPQLKYVKFNCLKCGSILGPFFQDSNEEIRISFCTNCKSKGPFRVNGEKTVYRNYQRVTLQEAPGTVPPG
RLPRHREVILLADLVDVSKPGEEVEVTGIYKNNYDGNLNAKNGFPVFATIIEANSIKRREGNTANEGEEGLDVFSWTEEE
EREFRKISRDRGIIDKIISSMAPSIYGHRDIKTAVACSLFGGVPKNVNGKHSIRGDINVLLLGDPGTAKSQILKYVEKTA
HRAVFATGQGASAVGLTASVRKDPITKEWTLEGGALVLADKGVCLIDEFDKMNDQDRTSIHEAMEQQSISISKAGIVTTL
QARCSIIAAANPNGGRYNSTLPLAQNVSLTEPILSRFDILCVVRDLVDEEADERLATFVVDSHVRSHPENDEDREGEELK
NNGESAIEQGEDEINEQLNARQRRLQRQRKKEEEISPIPQELLMKYIHYARTKIYPKLHQMDMDKVSRVYADLRRESIST
GSFPITVRHLESILRIAESFAKMRLSEFVSSYDLDRAIKVVVDSFVDAQKVSVRRQLRRSFAIYTLGH
;
2
9 'polypeptide(L)'
;MEGSTGFDGDATTFFAPDAVFGDRVRRFQEFLDTFTSYRDSVRSIQVYNSNNAANYNDDQDDADERDLLGDDDGDDLEKE
KKAASSTSLNILPHRIIISLDDLREFDRSFWSGILVEPAYFIPPAEKALTDLADSMDDVPHPNASAVSSRHPWKLSFKGS
FGAHALSPRTLTAQHLNKLVSVEGIVTKTSLVRPKLIRSVHYAAKTGRFHYRDYTDATTTLTTRIPTPAIYPTEDTEGNK
LTTEYGYSTFIDHQRITVQEMPEMAPAGQLPRSIDVILDDDLVDKTKPGDRVNVVGVFKSLGAGGMNQSNSNTLIGFKTL
ILGNTVYPLHARSTGVAARQMLTDFDIRNINKLSKKKDIFDILSQSLAPSIYGHDHIKKAILLMLMGGVEKNLENGSHLR
GDINILMVGDPSTAKSQLLRFVLNTASLAIATTGRGSSGVGLTAAVTTDRETGERRLEAGAMVLADRGVVCIDEFDKMTD
VDRVAIHEVMEQQTVTIAKAGIHTTLNARCSVIAAANPVFGQYDVNRDPHQNIALPDSLLSRFDLLFVVTDDINEIRDRS
ISEHVLRTHRYLPPGYLEGEPVRERLNLSLAVGEDADINPEEHSNSGAGVENEGEDDEDHVFEKFNPLLQAGAKLAKNKG
NYNGTEIPKLVTIPFLRKYVQYAKERVIPQLTQEAINVIVKNYTDLRNDDNTKKSPITARTLETLIRLATAHAKVRLSKT
VNKVDAKVAANLLRFALLGEDIGNDIDEEESEYEEALSKRSPQKSPKKRQRVRQPASNSGSPIKSTPRRSTASSVNATPS
SARRILRFQDDEQNAGEDDNDIMSPLPADEEAELQRRLQLGLRVSPRRREHLHAPEEGSSGPLTEVGTPRLPNVSSAGQD
DEQQQSVISFDNVEPGTISTGRLSLISGIIARLMQTEIFEEESYPVASLFERINEELPEEEKFSAQEYLAGLKIMSDRNN
LMVADDKVWRV
;
3
10 'polypeptide(L)'
;MSQQSSSPTKEDNNSSSPVVPNPDSVPPQLSSPALFYSSSSSQGDIYGRNNSQNLSQGEGNIRAAIGSSPLNFPSSSQRQ
NSDVFQSQGRQGRIRSSASASGRSRYHSDLRSDRALPTSSSSLGRNGQNRVHMRRNDIHTSDLSSPRRIVDFDTRSGVNT
LDTSSSSAPPSEASEPLRIIWGTNVSIQECTTNFRNFLMSFKYKFRKILDEREEFINNTTDEELYYIKQLNEMRELGTSN
LNLDARNLLAYKQTEDLYHQLLNYPQEVISIMDQTIKDCMVSLIVDNNLDYDLDEIETKFYKVRPYNVGSCKGMRELNPN
DIDKLINLKGLVLRSTPVIPDMKVAFFKCNVCDHTMAVEIDRGVIQEPARCERIDCNEPNSMSLIHNRCSFADKQVIKLQ
ETPDFVPDGQTPHSISLCVYDELVDSCRAGDRIEVTGTFRSIPIRANSRQRVLKSLYKTYVDVVHVKKVSDKRLDVDTST
IEQELMQNKVDHNEVEEVRQITDQDLAKIREVAAREDLYSLLARSIAPSIYELEDVKKGILLQLFGGTNKTFTKGGRYRG
DINILLCGDPSTSKSQILQYVHKITPRGVYTSGKGSSAVGLTAYITRDVDTKQLVLESGALVLSDGGVCCIDEFDKMSDS
TRSVLHEVMEQQTISIAKAGIITTLNARSSILASANPIGSRYNPNLPVTENIDLPPPLLSRFDLVYLVLDKVDEKNDREL
AKHLTNLYLEDKPEHISQDDVLPVEFLTMYISYAKEHIHPIITEAAKTELVRAYVGMRKMGDDSRSDEKRITATTRQLES
MIRLAEAHAKMKLKNVVELEDVQEAVRLIRSAIKDYATDPKTGKIDMNLVQTGKSVIQRKLQEDLSREIMNVLKDQASDS
MSFNELIKQINEHSQDRVESSDIQEALSRLQQEDKVIVLGEGVRRSVRLNNRV
;
4
11 'polypeptide(L)'
;MSFDRPEIYSAPVLQGESPNDDDNTEIIKSFKNFILEFRLDSQFIYRDQLRNNILVKNYSLTVNMEHLIGYNEDIYKKLS
DEPSDIIPLFETAITQVAKRISILSRAQSANNNDKDPENTSMDTDSLLLNSLPTFQLILNSNANQIPLRDLDSEHVSKIV
RLSGIIISTSVLSSRATYLSIMCRNCRHTTSITINNFNSITGNTVSLPRSCLSTIESESSMANESNIGDESTKKNCGPDP
YIIIHESSKFIDQQFLKLQEIPELVPVGEMPRNLTMTCDRYLTNKVIPGTRVTIVGIYSIYNSKNGAGSGRSGGGNGGSG
VAIRTPYIKILGIQSDVETSSIWNSVTMFTEEEEEEFLQLSRNPKLYEILTNSIAPSIFGNEDIKKAIVCLLMGGSKKIL
PDGMRLRGDINVLLLGDPGTAKSQLLKFVEKVSPIAVYTSGKGSSAAGLTASVQRDPMTREFYLEGGAMVLADGGVVCID
EFDKMRDEDRVAIHEAMEQQTISIAKAGITTVLNSRTSVLAAANPIYGRYDDLKSPGDNIDFQTTILSRFDMIFIVKDDH
NEERDISIANHVINIHTGNANAMQNQQEENGSEISIEKMKRYITYCRLKCAPRLSPQAAEKLSSNFVTIRKQLLINELES
TERSSIPITIRQLEAIIRITESLAKLELSPIAQERHVDEAIRLFQASTMDAASQDPIGGLNQASGTSLSEIRRFEQELKR
RLPIGWSTSYQTLRREFVDTHRFSQLALDKALYALEKHETIQLRHQGQNIYRSGV
;
5
12 'polypeptide(L)'
;MSSPFPADTPSSNRPSNSSPPPSSIGAGFGSSSGLDSQIGSRLHFPSSSQPHVSNSQTGPFVNDSTQFSSQRLQTDGSAT
NDMEGNEPARSFKSRALNHVKKVDDVTGEKVREAFEQFLEDFSVQSTDTGEVEKVYRAQIEFMKIYDLNTIYIDYQHLSM
RENGALAMAISEQYYRFLPFLQKGLRRVVRKYAPELLNTSDSLKRSEGDEGQADEDEQQDDDMNGSSLPRDSGSSAAPGN
GTSAMATRSITTSTSPEQTERVFQISFFNLPTVHRIRDIRSEKIGSLLSISGTVTRTSEVRPELYKASFTCDMCRAIVDN
VEQSFKYTEPTFCPNPSCENRAFWTLNVTRSRFLDWQKVRIQENANEIPTGSMPRTLDVILRGDSVERAKPGDRCKFTGV
EIVVPDVTQLGLPGVKPSSTLDTRGISKTTEGLNSGVTGLRSLGVRDLTYKISFLACHVISIGSNIGASSPDANSNNRET
ELQMAANLQANNVYQDNERDQEVFLNSLSSDEINELKEMVKDEHIYDKLVRSIAPAVFGHEAVKKGILLQMLGGVHKSTV
EGIKLRGDINICVVGDPSTSKSQFLKYVVGFAPRSVYTSGKASSAAGLTAAVVRDEEGGDYTIEAGALMLADNGICCIDE
FDKMDISDQVAIHEAMEQQTISIAKAGIHATLNARTSILAAANPVGGRYNRKLSLRGNLNMTAPIMSRFDLFFVILDDCN
EKIDTELASHIVDLHMKRDEAIEPPFSAEQLRRYIKYARTFKPILTKEARSYLVEKYKELRKDDAQGFSRSSYRITVRQL
ESMIRLSEAIARANCVDEITPSFIAEAYDLLRQSIIRVDVDDVEMDEEFDNIESQSHAASGNNDDNDDGTGSGVITSEPP
ADIEEGQSEATARPGTSEKKKTTVTYDKYVSMMNMIVRKIAEVDREGAEELTAVDIVDWYLLQKENDLGSLAEYWEERRL
AFKVIKRLVKDRILMEIHGTRHNLRDLENEENENNKTVYVIHPNCEVLDQLEPQDSS
;
6
13 'polypeptide(L)'
;MSAALPSIQLPVDYNNLFNEITDFLVTFKQDTLSSDATRNENEDENLDAENIEQHLLEKGPKYMAMLQKVANRELNSVII
DLDDILQYQNEKFLQGTQADDLVSAIQQNANHFTELFCRAIDNNMPLPTKEIDYKDDVLDVILNQRRLRNERMLSDRTNE
IRSENLMDTTMDPPSSMNDALREVVEDETELFPPNLTRRYFLYFKPLSQNCARRYRKKAISSKPLSVRQIKGDFLGQLIT
VRGIITRVSDVKPAVEVIAYTCDQCGYEVFQEVNSRTFTPLSECTSEECSQNQTKGQLFMSTRASKFSAFQECKIQELSQ
QVPVGHIPRSLNIHVNGTLVRSLSPGDIVDVTGIFLPAPYTGFKALKAGLLTETYLEAQFVRQHKKKFASFSLTSDVEER
VMELITSGDVYNRLAKSIAPEIYGNLDVKKALLLLLVGGVDKRVGDGMKIRGDINVCLMGDPGVAKSQLLKAICKISPRG
VYTTGKGSSGVGLTAAVMKDPVTDEMILEGGALVLADNGICCIDEFDKMDESDRTAIHEVMEQQTISISKAGINTTLNAR
TSILAAANPLYGRYNPRLSPLDNINLPAALLSRFDILFLMLDIPSRDDDEKLAEHVTYVHMHNKQPDLDFTPVEPSKMRE
YIAYAKTKRPVMSEAVNDYVVQAYIRLRQDSKREMDSKFSFGQATPRTLLGIIRLSQALAKLRLADMVDIDDVEEALRLV
RVSKESLYQETNKSKEDESPTTKIFTIIKKMLQETGKNTLSYENIVKTVRLRGFTMLQLSNCIQEYSYLNVWHLINEGNT
LKFVDDGTMDTDQEDSLVSTPKLAPQTTASANVSAQDSDIDLQDA
;
7
14 'polypeptide(L)'
;MSADLQQGTTNAADFSLTVLRARIALLATAIGGPDYTSQIDPPPYKLGDDCLACLKDLKRWFKLVDDQQKRWDVAMAVAE
YRILTDDLLPILIDWENKCSLAAKLAKNNPDHEEFRNKAYYDKIALNCLQLLVLMTWPLIVTEQSSSNQITLYGELKKHQ
LVYKKTILSMESGKVLRAAIRLALDVIKIDRLSRTPRDNMVLKLVLNFFRNVIAIEPGEFTINTKKSMPKKGITSIDTLP
PNVSMDDISLNTVISSFHKNKVFGFLLTLTSSLSKEFDQDFINIPLLEIMFYFTKDVNQELLFPRQFETGTHSKVVNKNE
SSSANNIVTSAGFELSKLLQKEHQMRKNVIKHTSARHSRFGGLLSIQTPDKTRLTVSGSQALVDEKIALQKLDDSKKWNK
RIIKKHQSVAAEGLPNSLLNSQTGKAIFFTESNGKHFKEFINNFIDSGFNILLHSVTNYFTTEQDRMVTLEQVEYLLFFA
WFVKYQLLRSKIDNSADIKQVSEALKEVTFILVSSLLRSAYDLKNWTVTHAGMIAFNELLNLVSRTKAAQEEDSTDIEFI
VSRLFSDERIQLLSNLPKIGSKYSLQFMKSCIELTHSVLKVLEQYSDDKTLVIEGKSRRQKKFNISEGDITKLIEEENVD
RDEALDILTSSLRSIEVNFQKVQANYMTEPVIETYINFLERFRELEDDSIKKVFSFFHRVFVQAKEQALLFRFDLIILLR
EMLSPDGLDRMSRSRKYVSQFSDYFLARLKKRLKKSPAWFVGLLFPPLHNSEVGFYQRYGEYNVLNNESMYAAPASQFKP
IPDEEALPPSILLDMKYGVLVSTLLDDGKTELLDQLLKHITHTLDIFKSWLTVNVNAGKETVNPPNEYFTLTGVLNNDPI
FKDKDYRALLLLIGYSIPRKINEPCFLPGTVEVSDLTVSCELVKKYLSTPFETPNGLPSSSYLLRVRSEKDSFSHNEQDG
WEGDDDYDYNDPYIVPDDQILSKSDAAYFKDLDNNASDKLKGTKFSKGIARSKKKDKRKRRKGEAKTNLPMFGDQDDERP
QTVRERHGVFSKEFISDSEDDEDLMNPIFFENETYMRWLLDKNNGQLTEDRYIQFAKFAAERMNNGGVVTGDYTSLFGGS
IPSIESIRATESSSFAPDKSLISLASHVASEMSIFDVNNNNNNQLSDDDVNSESRNSLGSSQPSNSQNMFQSEVYSRKES
TKRSLEASAADESDEDEEAIRLFGKKSRVVLSQGDSDD
;
X
15 'polypeptide(L)'
;RRPQVKLTAEKLLSDKGLPYVLKNAHKRIRISSKKNSYDNLSNIIQFYQLWAHELFPKAKFKDFMKICQTVGKTDPVLRE
YRVSLFRDEMGM
;
Y
#
# COMPACT_ATOMS: atom_id res chain seq x y z
N MET A 1 -39.42 44.68 -28.82
CA MET A 1 -39.99 45.74 -29.71
C MET A 1 -41.50 45.83 -29.55
N TYR A 2 -42.22 45.08 -30.40
CA TYR A 2 -43.69 45.11 -30.38
C TYR A 2 -44.33 43.73 -30.41
N GLY A 3 -43.64 42.69 -30.86
CA GLY A 3 -44.20 41.36 -30.92
C GLY A 3 -43.82 40.46 -29.76
N ASP A 4 -43.16 40.99 -28.73
CA ASP A 4 -42.71 40.15 -27.62
C ASP A 4 -43.88 39.50 -26.90
N LEU A 5 -44.91 40.28 -26.59
CA LEU A 5 -46.06 39.74 -25.87
C LEU A 5 -46.79 38.71 -26.73
N GLY A 6 -46.93 38.99 -28.03
CA GLY A 6 -47.53 38.01 -28.90
C GLY A 6 -46.77 36.71 -28.94
N ASN A 7 -45.43 36.79 -29.01
CA ASN A 7 -44.62 35.57 -28.99
C ASN A 7 -44.78 34.82 -27.68
N LYS A 8 -44.85 35.55 -26.56
CA LYS A 8 -45.07 34.89 -25.28
C LYS A 8 -46.41 34.17 -25.25
N LEU A 9 -47.45 34.81 -25.78
CA LEU A 9 -48.76 34.16 -25.84
C LEU A 9 -48.71 32.92 -26.72
N VAL A 10 -47.98 32.99 -27.85
CA VAL A 10 -47.87 31.83 -28.71
C VAL A 10 -47.13 30.70 -28.00
N LEU A 11 -46.12 31.03 -27.21
CA LEU A 11 -45.42 30.02 -26.42
C LEU A 11 -46.38 29.35 -25.44
N GLU A 12 -47.22 30.15 -24.78
CA GLU A 12 -48.19 29.57 -23.85
C GLU A 12 -49.18 28.68 -24.59
N ALA A 13 -49.59 29.08 -25.78
CA ALA A 13 -50.49 28.25 -26.59
C ALA A 13 -49.81 26.94 -26.96
N LYS A 14 -48.53 26.99 -27.31
CA LYS A 14 -47.79 25.78 -27.62
C LYS A 14 -47.74 24.85 -26.41
N ARG A 15 -47.49 25.41 -25.23
CA ARG A 15 -47.47 24.60 -24.02
C ARG A 15 -48.83 23.96 -23.79
N THR A 16 -49.92 24.71 -24.01
CA THR A 16 -51.25 24.16 -23.85
C THR A 16 -51.50 23.01 -24.83
N LYS A 17 -51.06 23.18 -26.08
CA LYS A 17 -51.24 22.13 -27.06
C LYS A 17 -50.48 20.87 -26.67
N GLN A 18 -49.24 21.03 -26.20
CA GLN A 18 -48.47 19.87 -25.74
C GLN A 18 -49.17 19.18 -24.59
N LEU A 19 -49.67 19.96 -23.63
CA LEU A 19 -50.38 19.36 -22.49
C LEU A 19 -51.60 18.59 -22.97
N TYR A 20 -52.37 19.17 -23.89
CA TYR A 20 -53.55 18.48 -24.39
C TYR A 20 -53.18 17.19 -25.10
N ALA A 21 -52.10 17.22 -25.90
CA ALA A 21 -51.66 16.03 -26.61
C ALA A 21 -51.24 14.94 -25.64
N ARG A 22 -50.57 15.32 -24.55
CA ARG A 22 -50.04 14.32 -23.62
C ARG A 22 -51.13 13.40 -23.09
N SER A 23 -52.21 13.98 -22.59
CA SER A 23 -53.28 13.20 -21.97
C SER A 23 -54.37 12.92 -22.99
N ASN A 24 -55.47 12.30 -22.54
CA ASN A 24 -56.57 11.92 -23.42
C ASN A 24 -57.85 12.68 -23.09
N GLN A 25 -58.32 12.60 -21.84
CA GLN A 25 -59.56 13.26 -21.44
C GLN A 25 -59.43 14.07 -20.16
N ASP A 26 -58.35 13.92 -19.40
CA ASP A 26 -58.14 14.73 -18.21
C ASP A 26 -57.70 16.14 -18.55
N VAL A 27 -57.54 16.47 -19.83
CA VAL A 27 -57.05 17.78 -20.22
C VAL A 27 -58.06 18.83 -19.82
N ASN A 28 -57.63 19.79 -19.00
CA ASN A 28 -58.39 20.97 -18.65
C ASN A 28 -57.63 22.20 -19.11
N LEU A 29 -58.30 23.10 -19.82
CA LEU A 29 -57.62 24.24 -20.38
C LEU A 29 -57.05 25.11 -19.25
N PRO A 30 -55.91 25.75 -19.47
CA PRO A 30 -55.34 26.63 -18.45
C PRO A 30 -56.15 27.92 -18.32
N MET A 31 -55.94 28.59 -17.19
CA MET A 31 -56.62 29.86 -16.94
C MET A 31 -56.48 30.78 -18.14
N TYR A 32 -57.61 31.23 -18.66
CA TYR A 32 -57.60 32.14 -19.80
C TYR A 32 -56.67 33.30 -19.52
N HIS A 33 -55.60 33.40 -20.31
CA HIS A 33 -54.57 34.41 -20.10
C HIS A 33 -55.15 35.78 -20.46
N GLU A 34 -55.51 36.55 -19.43
CA GLU A 34 -56.15 37.84 -19.62
C GLU A 34 -55.19 39.01 -19.54
N ASP A 35 -54.19 38.94 -18.65
CA ASP A 35 -53.29 40.08 -18.47
C ASP A 35 -52.48 40.34 -19.75
N ILE A 36 -51.93 39.29 -20.34
CA ILE A 36 -51.10 39.47 -21.53
C ILE A 36 -51.94 39.96 -22.70
N ILE A 37 -53.17 39.44 -22.83
CA ILE A 37 -54.05 39.91 -23.89
C ILE A 37 -54.35 41.39 -23.71
N ARG A 38 -54.62 41.81 -22.48
CA ARG A 38 -54.89 43.23 -22.21
C ARG A 38 -53.68 44.09 -22.54
N ASN A 39 -52.48 43.61 -22.19
CA ASN A 39 -51.28 44.36 -22.53
C ASN A 39 -51.13 44.50 -24.04
N ILE A 40 -51.40 43.42 -24.77
CA ILE A 40 -51.28 43.47 -26.23
C ILE A 40 -52.30 44.43 -26.81
N LEU A 41 -53.52 44.46 -26.25
CA LEU A 41 -54.52 45.38 -26.78
C LEU A 41 -54.14 46.83 -26.48
N LYS A 42 -53.53 47.07 -25.31
CA LYS A 42 -53.00 48.41 -25.05
C LYS A 42 -51.93 48.76 -26.07
N GLU A 43 -51.09 47.79 -26.43
CA GLU A 43 -50.10 48.01 -27.48
C GLU A 43 -50.76 48.36 -28.80
N VAL A 44 -51.84 47.66 -29.15
CA VAL A 44 -52.55 47.95 -30.40
C VAL A 44 -53.12 49.36 -30.37
N SER A 45 -53.70 49.76 -29.23
CA SER A 45 -54.22 51.10 -29.11
C SER A 45 -53.12 52.14 -29.27
N ASN A 46 -51.95 51.87 -28.69
CA ASN A 46 -50.81 52.78 -28.87
C ASN A 46 -50.41 52.86 -30.34
N LEU A 47 -50.42 51.74 -31.04
CA LEU A 47 -50.09 51.75 -32.46
C LEU A 47 -51.11 52.54 -33.26
N ARG A 48 -52.39 52.42 -32.90
CA ARG A 48 -53.42 53.23 -33.57
C ARG A 48 -53.19 54.71 -33.32
N LYS A 49 -52.83 55.07 -32.08
CA LYS A 49 -52.52 56.47 -31.79
C LYS A 49 -51.36 56.95 -32.64
N ASN A 50 -50.32 56.13 -32.77
CA ASN A 50 -49.17 56.50 -33.59
C ASN A 50 -49.56 56.67 -35.05
N THR A 51 -50.43 55.79 -35.55
CA THR A 51 -50.89 55.91 -36.94
C THR A 51 -51.65 57.21 -37.14
N GLU A 52 -52.54 57.54 -36.21
CA GLU A 52 -53.28 58.80 -36.32
C GLU A 52 -52.34 60.00 -36.26
N TYR A 53 -51.34 59.95 -35.38
CA TYR A 53 -50.37 61.03 -35.31
C TYR A 53 -49.61 61.18 -36.62
N LEU A 54 -49.22 60.05 -37.22
CA LEU A 54 -48.52 60.11 -38.50
C LEU A 54 -49.41 60.70 -39.59
N LYS A 55 -50.68 60.31 -39.63
CA LYS A 55 -51.60 60.87 -40.60
C LYS A 55 -51.75 62.38 -40.41
N GLU A 56 -51.88 62.82 -39.16
CA GLU A 56 -52.00 64.25 -38.88
C GLU A 56 -50.76 65.00 -39.32
N GLN A 57 -49.58 64.44 -39.02
CA GLN A 57 -48.33 65.09 -39.40
C GLN A 57 -48.22 65.20 -40.92
N GLN A 58 -48.54 64.13 -41.64
CA GLN A 58 -48.46 64.16 -43.09
C GLN A 58 -49.44 65.18 -43.66
N GLN A 59 -50.68 65.18 -43.17
CA GLN A 59 -51.66 66.12 -43.67
C GLN A 59 -51.33 67.55 -43.24
N LEU A 60 -50.86 67.72 -42.01
CA LEU A 60 -50.47 69.03 -41.48
C LEU A 60 -49.06 68.91 -40.93
N GLY A 61 -48.10 69.52 -41.63
CA GLY A 61 -46.70 69.51 -41.25
C GLY A 61 -45.84 69.08 -42.42
N MET A 62 -44.62 68.66 -42.10
CA MET A 62 -43.65 68.21 -43.10
C MET A 62 -43.38 66.73 -42.88
N LEU A 63 -43.66 65.92 -43.89
CA LEU A 63 -43.38 64.49 -43.82
C LEU A 63 -43.21 63.99 -45.25
N ASP A 64 -41.97 63.64 -45.61
CA ASP A 64 -41.69 63.18 -46.95
C ASP A 64 -42.37 61.84 -47.20
N ASP A 65 -42.59 61.54 -48.49
CA ASP A 65 -43.35 60.35 -48.86
C ASP A 65 -42.65 59.08 -48.38
N LYS A 66 -41.33 59.01 -48.53
CA LYS A 66 -40.62 57.77 -48.22
C LYS A 66 -40.69 57.46 -46.74
N VAL A 67 -40.45 58.48 -45.90
CA VAL A 67 -40.49 58.30 -44.45
C VAL A 67 -41.90 57.91 -44.00
N ALA A 68 -42.90 58.58 -44.55
CA ALA A 68 -44.28 58.26 -44.21
C ALA A 68 -44.61 56.82 -44.57
N LYS A 69 -44.22 56.39 -45.77
CA LYS A 69 -44.46 55.02 -46.19
C LYS A 69 -43.78 54.04 -45.24
N CYS A 70 -42.52 54.30 -44.90
CA CYS A 70 -41.80 53.39 -44.01
C CYS A 70 -42.49 53.26 -42.66
N GLN A 71 -42.82 54.40 -42.05
CA GLN A 71 -43.45 54.37 -40.73
C GLN A 71 -44.79 53.68 -40.77
N TYR A 72 -45.62 54.01 -41.78
CA TYR A 72 -46.94 53.40 -41.88
C TYR A 72 -46.82 51.90 -42.07
N PHE A 73 -45.92 51.46 -42.94
CA PHE A 73 -45.76 50.03 -43.18
C PHE A 73 -45.28 49.32 -41.92
N VAL A 74 -44.34 49.91 -41.19
CA VAL A 74 -43.85 49.26 -39.97
C VAL A 74 -44.98 49.11 -38.97
N THR A 75 -45.76 50.18 -38.76
CA THR A 75 -46.86 50.10 -37.81
C THR A 75 -47.88 49.05 -38.23
N LEU A 76 -48.22 49.04 -39.52
CA LEU A 76 -49.17 48.05 -40.00
C LEU A 76 -48.67 46.63 -39.79
N LEU A 77 -47.37 46.40 -40.01
CA LEU A 77 -46.81 45.07 -39.82
C LEU A 77 -46.86 44.65 -38.36
N CYS A 78 -46.53 45.56 -37.43
CA CYS A 78 -46.64 45.20 -36.02
C CYS A 78 -48.07 44.85 -35.65
N MET A 79 -49.03 45.65 -36.13
CA MET A 79 -50.43 45.35 -35.82
C MET A 79 -50.85 44.01 -36.41
N GLU A 80 -50.39 43.70 -37.63
CA GLU A 80 -50.69 42.40 -38.24
C GLU A 80 -50.12 41.26 -37.41
N ARG A 81 -48.88 41.41 -36.93
CA ARG A 81 -48.28 40.36 -36.12
C ARG A 81 -49.07 40.13 -34.84
N ASN A 82 -49.47 41.22 -34.17
CA ASN A 82 -50.26 41.06 -32.96
C ASN A 82 -51.58 40.37 -33.26
N LYS A 83 -52.25 40.79 -34.34
CA LYS A 83 -53.52 40.17 -34.72
C LYS A 83 -53.33 38.67 -34.94
N ARG A 84 -52.27 38.29 -35.66
CA ARG A 84 -52.04 36.88 -35.94
C ARG A 84 -51.80 36.09 -34.66
N CYS A 85 -51.00 36.63 -33.74
CA CYS A 85 -50.72 35.91 -32.51
C CYS A 85 -51.99 35.67 -31.70
N LEU A 86 -52.77 36.74 -31.49
CA LEU A 86 -53.99 36.59 -30.70
C LEU A 86 -54.96 35.63 -31.38
N LEU A 87 -55.11 35.73 -32.70
CA LEU A 87 -56.03 34.85 -33.40
C LEU A 87 -55.59 33.40 -33.29
N ALA A 88 -54.28 33.14 -33.37
CA ALA A 88 -53.80 31.77 -33.24
C ALA A 88 -54.11 31.22 -31.85
N TYR A 89 -53.87 32.02 -30.81
CA TYR A 89 -54.19 31.57 -29.46
C TYR A 89 -55.67 31.21 -29.34
N GLN A 90 -56.54 32.13 -29.78
CA GLN A 90 -57.97 31.90 -29.65
C GLN A 90 -58.40 30.68 -30.46
N ARG A 91 -57.83 30.49 -31.65
CA ARG A 91 -58.19 29.36 -32.48
C ARG A 91 -57.80 28.04 -31.82
N LEU A 92 -56.62 27.99 -31.21
CA LEU A 92 -56.22 26.77 -30.50
C LEU A 92 -57.19 26.48 -29.37
N ARG A 93 -57.54 27.49 -28.58
CA ARG A 93 -58.46 27.24 -27.48
C ARG A 93 -59.81 26.77 -28.00
N THR A 94 -60.27 27.35 -29.10
CA THR A 94 -61.53 26.92 -29.70
C THR A 94 -61.47 25.47 -30.15
N ASP A 95 -60.34 25.06 -30.73
CA ASP A 95 -60.20 23.67 -31.15
C ASP A 95 -60.31 22.73 -29.96
N ILE A 96 -59.63 23.07 -28.86
CA ILE A 96 -59.73 22.21 -27.67
C ILE A 96 -61.16 22.17 -27.15
N LEU A 97 -61.83 23.32 -27.15
CA LEU A 97 -63.22 23.35 -26.68
C LEU A 97 -64.11 22.47 -27.54
N ASP A 98 -63.93 22.53 -28.87
CA ASP A 98 -64.71 21.69 -29.75
C ASP A 98 -64.45 20.21 -29.49
N SER A 99 -63.18 19.85 -29.28
CA SER A 99 -62.86 18.47 -28.92
C SER A 99 -63.62 18.04 -27.67
N MET A 100 -63.57 18.88 -26.63
CA MET A 100 -64.26 18.54 -25.39
C MET A 100 -65.76 18.39 -25.62
N ALA A 101 -66.36 19.32 -26.37
CA ALA A 101 -67.80 19.26 -26.59
C ALA A 101 -68.19 18.00 -27.35
N TRP A 102 -67.43 17.62 -28.37
CA TRP A 102 -67.76 16.44 -29.15
C TRP A 102 -67.57 15.17 -28.33
N ASN A 103 -66.52 15.12 -27.50
CA ASN A 103 -66.24 13.90 -26.73
C ASN A 103 -67.42 13.55 -25.83
N ASN A 104 -67.96 14.53 -25.12
CA ASN A 104 -69.07 14.28 -24.21
C ASN A 104 -70.36 14.28 -25.02
N ASP A 119 -62.45 23.99 -14.33
CA ASP A 119 -63.87 24.25 -14.52
C ASP A 119 -64.08 25.43 -15.47
N THR A 120 -65.29 25.98 -15.49
CA THR A 120 -65.60 27.11 -16.36
C THR A 120 -64.89 28.39 -15.92
N ASN A 121 -64.29 28.40 -14.73
CA ASN A 121 -63.54 29.58 -14.29
C ASN A 121 -62.37 29.89 -15.22
N ASN A 122 -61.90 28.90 -15.97
CA ASN A 122 -60.79 29.09 -16.90
C ASN A 122 -61.24 29.60 -18.26
N LEU A 123 -62.54 29.75 -18.48
CA LEU A 123 -63.09 30.17 -19.77
C LEU A 123 -63.60 31.60 -19.66
N SER A 124 -63.22 32.43 -20.63
CA SER A 124 -63.80 33.76 -20.73
C SER A 124 -65.28 33.66 -21.10
N HIS A 125 -66.06 34.65 -20.65
CA HIS A 125 -67.51 34.60 -20.87
C HIS A 125 -67.84 34.37 -22.33
N GLN A 126 -67.05 34.96 -23.24
CA GLN A 126 -67.25 34.69 -24.66
C GLN A 126 -67.03 33.20 -24.95
N GLU A 127 -66.03 32.60 -24.32
CA GLU A 127 -65.78 31.17 -24.53
C GLU A 127 -66.89 30.32 -23.94
N GLN A 128 -67.46 30.75 -22.81
CA GLN A 128 -68.59 30.01 -22.25
C GLN A 128 -69.78 30.06 -23.19
N GLU A 129 -70.07 31.24 -23.75
CA GLU A 129 -71.13 31.33 -24.75
C GLU A 129 -70.83 30.47 -25.96
N TYR A 130 -69.56 30.44 -26.38
CA TYR A 130 -69.17 29.59 -27.50
C TYR A 130 -69.45 28.12 -27.20
N LEU A 131 -69.09 27.67 -26.00
CA LEU A 131 -69.32 26.28 -25.63
C LEU A 131 -70.81 25.97 -25.62
N LYS A 132 -71.62 26.86 -25.05
CA LYS A 132 -73.06 26.65 -25.04
C LYS A 132 -73.61 26.54 -26.46
N GLU A 133 -73.20 27.46 -27.33
CA GLU A 133 -73.72 27.47 -28.69
C GLU A 133 -73.27 26.23 -29.45
N TYR A 134 -72.04 25.77 -29.22
CA TYR A 134 -71.55 24.60 -29.95
C TYR A 134 -72.24 23.33 -29.47
N CYS A 135 -72.52 23.23 -28.16
CA CYS A 135 -73.32 22.11 -27.68
C CYS A 135 -74.72 22.14 -28.30
N ASP A 136 -75.30 23.34 -28.39
CA ASP A 136 -76.60 23.47 -29.05
C ASP A 136 -76.52 22.97 -30.49
N LEU A 137 -75.46 23.35 -31.20
CA LEU A 137 -75.31 22.93 -32.59
C LEU A 137 -75.18 21.42 -32.69
N ILE A 138 -74.36 20.82 -31.81
CA ILE A 138 -74.18 19.37 -31.82
C ILE A 138 -75.54 18.69 -31.61
N THR A 139 -76.34 19.22 -30.68
CA THR A 139 -77.69 18.68 -30.50
C THR A 139 -78.53 18.90 -31.76
N ASP A 140 -78.26 19.96 -32.50
CA ASP A 140 -79.07 20.27 -33.68
C ASP A 140 -78.82 19.27 -34.80
N LEU A 141 -77.56 18.98 -35.10
CA LEU A 141 -77.24 18.05 -36.17
C LEU A 141 -77.79 16.66 -35.88
N LYS A 142 -77.63 16.19 -34.64
CA LYS A 142 -78.03 14.84 -34.29
C LYS A 142 -79.54 14.64 -34.37
N SER A 143 -80.32 15.71 -34.33
CA SER A 143 -81.78 15.62 -34.34
C SER A 143 -82.36 15.73 -35.73
N GLY A 144 -81.54 15.85 -36.77
CA GLY A 144 -82.03 15.97 -38.12
C GLY A 144 -82.30 14.63 -38.77
N ASP A 145 -81.82 14.46 -40.01
CA ASP A 145 -82.03 13.21 -40.73
C ASP A 145 -81.07 12.12 -40.27
N LEU A 146 -80.00 12.47 -39.56
CA LEU A 146 -79.08 11.48 -39.01
C LEU A 146 -79.52 11.05 -37.61
N VAL A 147 -80.77 10.63 -37.50
CA VAL A 147 -81.32 10.22 -36.22
C VAL A 147 -81.12 8.73 -35.96
N ASP A 148 -81.07 7.92 -37.02
CA ASP A 148 -80.82 6.49 -36.85
C ASP A 148 -79.42 6.25 -36.28
N ILE A 149 -78.44 7.03 -36.75
CA ILE A 149 -77.07 6.92 -36.25
C ILE A 149 -76.87 7.95 -35.15
N ASP A 150 -76.32 7.50 -34.03
CA ASP A 150 -76.00 8.38 -32.90
C ASP A 150 -74.64 9.00 -33.18
N LEU A 151 -74.65 10.19 -33.79
CA LEU A 151 -73.40 10.81 -34.21
C LEU A 151 -72.42 10.92 -33.05
N SER A 152 -72.90 11.26 -31.87
CA SER A 152 -72.05 11.37 -30.68
C SER A 152 -71.80 9.98 -30.09
N GLY A 153 -71.28 9.09 -30.94
CA GLY A 153 -71.00 7.73 -30.56
C GLY A 153 -69.53 7.49 -30.32
N SER A 154 -69.13 6.23 -30.47
CA SER A 154 -67.74 5.81 -30.28
C SER A 154 -67.15 5.44 -31.63
N LEU A 155 -65.95 5.97 -31.92
CA LEU A 155 -65.28 5.71 -33.18
C LEU A 155 -64.45 4.44 -33.16
N VAL A 156 -64.47 3.69 -32.07
CA VAL A 156 -63.85 2.38 -32.00
C VAL A 156 -64.77 1.39 -32.72
N PRO A 157 -64.31 0.71 -33.76
CA PRO A 157 -65.20 -0.17 -34.54
C PRO A 157 -65.89 -1.19 -33.65
N PRO A 158 -67.02 -1.74 -34.09
CA PRO A 158 -67.68 -2.79 -33.31
C PRO A 158 -66.81 -4.03 -33.19
N SER A 159 -67.08 -4.81 -32.16
CA SER A 159 -66.32 -6.01 -31.86
C SER A 159 -67.28 -7.05 -31.29
N ASP A 160 -66.74 -8.03 -30.58
CA ASP A 160 -67.55 -9.08 -29.97
C ASP A 160 -68.83 -8.49 -29.38
N VAL A 161 -69.96 -9.08 -29.76
CA VAL A 161 -71.25 -8.50 -29.41
C VAL A 161 -71.44 -8.49 -27.89
N PHE A 162 -71.09 -9.59 -27.23
CA PHE A 162 -71.29 -9.73 -25.79
C PHE A 162 -69.96 -9.64 -25.06
N ILE A 163 -69.92 -8.81 -24.02
CA ILE A 163 -68.74 -8.62 -23.21
C ILE A 163 -69.13 -8.60 -21.74
N ASP A 164 -68.13 -8.79 -20.88
CA ASP A 164 -68.31 -8.74 -19.44
C ASP A 164 -67.83 -7.38 -18.93
N VAL A 165 -68.70 -6.67 -18.22
CA VAL A 165 -68.41 -5.33 -17.72
C VAL A 165 -68.56 -5.34 -16.20
N ARG A 166 -67.56 -4.82 -15.51
CA ARG A 166 -67.55 -4.73 -14.05
C ARG A 166 -67.80 -3.29 -13.65
N VAL A 167 -68.74 -3.09 -12.71
CA VAL A 167 -69.06 -1.74 -12.28
C VAL A 167 -67.94 -1.22 -11.39
N LEU A 168 -67.60 0.06 -11.56
CA LEU A 168 -66.53 0.70 -10.82
C LEU A 168 -67.01 1.73 -9.82
N LYS A 169 -68.32 1.96 -9.72
CA LYS A 169 -68.86 2.99 -8.84
C LYS A 169 -70.24 2.56 -8.37
N ASP A 170 -70.43 2.55 -7.05
CA ASP A 170 -71.72 2.21 -6.48
C ASP A 170 -72.77 3.21 -6.94
N ALA A 171 -73.93 2.70 -7.34
CA ALA A 171 -75.02 3.54 -7.81
C ALA A 171 -76.33 2.81 -7.59
N GLY A 172 -77.44 3.51 -7.82
CA GLY A 172 -78.76 2.94 -7.65
C GLY A 172 -79.21 2.19 -8.88
N GLU A 173 -80.48 1.79 -8.86
CA GLU A 173 -81.10 1.06 -9.96
C GLU A 173 -81.41 2.03 -11.10
N ILE A 174 -80.33 2.53 -11.72
CA ILE A 174 -80.49 3.47 -12.82
C ILE A 174 -81.34 2.85 -13.91
N GLN A 175 -82.37 3.57 -14.34
CA GLN A 175 -83.32 3.09 -15.34
C GLN A 175 -82.96 3.71 -16.67
N THR A 176 -82.05 3.07 -17.39
CA THR A 176 -81.70 3.50 -18.73
C THR A 176 -82.75 3.01 -19.73
N GLU A 177 -82.67 3.53 -20.96
CA GLU A 177 -83.62 3.14 -21.99
C GLU A 177 -83.59 1.64 -22.23
N TYR A 178 -82.40 1.04 -22.19
CA TYR A 178 -82.28 -0.38 -22.50
C TYR A 178 -82.80 -1.27 -21.38
N GLY A 179 -82.74 -0.81 -20.13
CA GLY A 179 -83.25 -1.60 -19.04
C GLY A 179 -82.85 -1.01 -17.70
N VAL A 180 -83.10 -1.79 -16.66
CA VAL A 180 -82.79 -1.40 -15.28
C VAL A 180 -81.57 -2.21 -14.85
N PHE A 181 -80.46 -1.51 -14.60
CA PHE A 181 -79.21 -2.12 -14.16
C PHE A 181 -78.95 -1.69 -12.72
N ASN A 182 -78.96 -2.65 -11.81
CA ASN A 182 -78.66 -2.40 -10.40
C ASN A 182 -77.15 -2.37 -10.25
N LEU A 183 -76.56 -1.18 -10.38
CA LEU A 183 -75.11 -1.05 -10.38
C LEU A 183 -74.55 -1.16 -8.97
N ILE A 184 -74.65 -2.36 -8.37
CA ILE A 184 -74.04 -2.60 -7.07
C ILE A 184 -72.53 -2.72 -7.25
N LYS A 185 -71.79 -1.94 -6.47
CA LYS A 185 -70.34 -1.90 -6.62
C LYS A 185 -69.74 -3.30 -6.54
N ASP A 186 -68.82 -3.59 -7.45
CA ASP A 186 -68.17 -4.90 -7.53
C ASP A 186 -69.19 -5.99 -7.82
N SER A 187 -69.86 -5.85 -8.97
CA SER A 187 -70.81 -6.84 -9.45
C SER A 187 -70.71 -6.90 -10.96
N GLN A 188 -70.35 -8.07 -11.48
CA GLN A 188 -70.08 -8.21 -12.91
C GLN A 188 -71.38 -8.44 -13.68
N PHE A 189 -71.40 -7.93 -14.91
CA PHE A 189 -72.53 -8.10 -15.82
C PHE A 189 -72.07 -8.80 -17.08
N PHE A 190 -73.00 -9.49 -17.74
CA PHE A 190 -72.78 -10.06 -19.06
C PHE A 190 -73.86 -9.49 -19.97
N VAL A 191 -73.53 -8.41 -20.69
CA VAL A 191 -74.50 -7.66 -21.48
C VAL A 191 -73.89 -7.34 -22.84
N ARG A 192 -74.76 -6.97 -23.77
CA ARG A 192 -74.32 -6.58 -25.09
C ARG A 192 -73.57 -5.25 -25.02
N GLN A 193 -72.51 -5.14 -25.83
CA GLN A 193 -71.66 -3.96 -25.78
C GLN A 193 -72.46 -2.69 -26.10
N SER A 194 -73.47 -2.79 -26.95
CA SER A 194 -74.24 -1.60 -27.32
C SER A 194 -74.98 -1.03 -26.11
N ASP A 195 -75.56 -1.89 -25.28
CA ASP A 195 -76.39 -1.41 -24.18
C ASP A 195 -75.58 -0.59 -23.19
N VAL A 196 -74.36 -1.03 -22.88
CA VAL A 196 -73.56 -0.40 -21.84
C VAL A 196 -72.44 0.45 -22.43
N GLU A 197 -72.59 0.92 -23.66
CA GLU A 197 -71.58 1.80 -24.25
C GLU A 197 -71.54 3.14 -23.52
N ARG A 198 -72.70 3.77 -23.35
CA ARG A 198 -72.74 5.08 -22.71
C ARG A 198 -72.34 4.99 -21.23
N LEU A 199 -72.79 3.94 -20.54
CA LEU A 199 -72.41 3.78 -19.14
C LEU A 199 -70.91 3.59 -19.00
N ILE A 200 -70.30 2.83 -19.91
CA ILE A 200 -68.85 2.71 -19.92
C ILE A 200 -68.21 4.06 -20.16
N GLN A 201 -68.77 4.84 -21.08
CA GLN A 201 -68.23 6.16 -21.37
C GLN A 201 -68.25 7.05 -20.13
N GLN A 202 -69.35 7.03 -19.37
CA GLN A 202 -69.47 7.85 -18.18
C GLN A 202 -68.59 7.36 -17.03
N GLY A 203 -68.05 6.15 -17.12
CA GLY A 203 -67.11 5.65 -16.13
C GLY A 203 -67.69 4.75 -15.07
N TYR A 204 -68.97 4.37 -15.18
CA TYR A 204 -69.56 3.48 -14.19
C TYR A 204 -69.03 2.06 -14.31
N LEU A 205 -68.73 1.62 -15.52
CA LEU A 205 -68.37 0.23 -15.79
C LEU A 205 -66.93 0.14 -16.31
N GLN A 206 -66.39 -1.07 -16.25
CA GLN A 206 -65.06 -1.38 -16.77
C GLN A 206 -65.14 -2.61 -17.65
N LYS A 207 -64.46 -2.56 -18.80
CA LYS A 207 -64.48 -3.67 -19.76
C LYS A 207 -63.41 -4.70 -19.35
N ILE A 208 -63.74 -5.45 -18.31
CA ILE A 208 -62.86 -6.50 -17.81
C ILE A 208 -63.69 -7.59 -17.16
N MET B 1 -61.40 17.93 -32.04
CA MET B 1 -62.48 18.38 -32.95
C MET B 1 -63.48 17.24 -33.18
N SER B 2 -64.23 17.31 -34.29
CA SER B 2 -65.19 16.26 -34.59
C SER B 2 -64.51 14.91 -34.74
N LEU B 3 -63.21 14.89 -35.05
CA LEU B 3 -62.44 13.68 -35.19
C LEU B 3 -61.21 13.74 -34.31
N PRO B 4 -60.85 12.65 -33.62
CA PRO B 4 -59.67 12.69 -32.75
C PRO B 4 -58.41 13.05 -33.52
N ALA B 5 -57.34 13.25 -32.76
CA ALA B 5 -56.07 13.69 -33.35
C ALA B 5 -55.37 12.57 -34.09
N HIS B 6 -55.42 11.34 -33.57
CA HIS B 6 -54.69 10.23 -34.17
C HIS B 6 -55.41 9.62 -35.37
N LEU B 7 -56.68 9.95 -35.59
CA LEU B 7 -57.45 9.40 -36.70
C LEU B 7 -57.43 10.30 -37.92
N GLN B 8 -56.65 11.38 -37.90
CA GLN B 8 -56.60 12.32 -39.01
C GLN B 8 -55.55 11.87 -40.02
N GLN B 9 -55.95 11.72 -41.28
CA GLN B 9 -55.07 11.41 -42.40
C GLN B 9 -54.45 10.02 -42.29
N THR B 10 -55.05 9.12 -41.53
CA THR B 10 -54.55 7.75 -41.41
C THR B 10 -55.66 6.88 -40.85
N PHE B 11 -55.32 5.63 -40.52
CA PHE B 11 -56.26 4.64 -40.01
C PHE B 11 -55.77 4.11 -38.67
N SER B 12 -56.63 3.33 -38.02
CA SER B 12 -56.28 2.65 -36.78
C SER B 12 -56.36 1.14 -36.98
N PRO B 13 -55.57 0.36 -36.23
CA PRO B 13 -55.59 -1.10 -36.42
C PRO B 13 -56.97 -1.70 -36.27
N GLU B 14 -57.80 -1.16 -35.37
CA GLU B 14 -59.16 -1.68 -35.23
C GLU B 14 -59.96 -1.47 -36.51
N GLU B 15 -59.80 -0.32 -37.15
CA GLU B 15 -60.47 -0.10 -38.43
C GLU B 15 -59.92 -1.01 -39.51
N ILE B 16 -58.62 -1.32 -39.47
CA ILE B 16 -58.05 -2.25 -40.43
C ILE B 16 -58.67 -3.64 -40.25
N GLN B 17 -58.83 -4.07 -39.00
CA GLN B 17 -59.52 -5.33 -38.73
C GLN B 17 -60.95 -5.28 -39.24
N PHE B 18 -61.64 -4.16 -39.02
CA PHE B 18 -62.99 -3.99 -39.53
C PHE B 18 -63.03 -4.19 -41.03
N ILE B 19 -62.10 -3.57 -41.75
CA ILE B 19 -62.04 -3.72 -43.20
C ILE B 19 -61.78 -5.17 -43.59
N VAL B 20 -60.84 -5.81 -42.89
CA VAL B 20 -60.45 -7.17 -43.27
C VAL B 20 -61.60 -8.13 -43.08
N GLU B 21 -62.39 -7.96 -42.02
CA GLU B 21 -63.49 -8.88 -41.75
C GLU B 21 -64.62 -8.77 -42.77
N ASN B 22 -64.59 -7.79 -43.66
CA ASN B 22 -65.64 -7.62 -44.67
C ASN B 22 -65.44 -8.54 -45.87
N GLU B 23 -64.48 -9.46 -45.83
CA GLU B 23 -64.17 -10.34 -46.95
C GLU B 23 -64.80 -11.71 -46.74
N PRO B 24 -64.97 -12.48 -47.82
CA PRO B 24 -65.57 -13.81 -47.69
C PRO B 24 -64.58 -14.87 -47.25
N ILE B 25 -65.12 -15.91 -46.60
CA ILE B 25 -64.34 -17.07 -46.18
C ILE B 25 -65.21 -18.31 -46.30
N LYS B 26 -64.55 -19.46 -46.39
CA LYS B 26 -65.23 -20.75 -46.51
C LYS B 26 -65.29 -21.43 -45.15
N ILE B 27 -66.42 -22.08 -44.86
CA ILE B 27 -66.66 -22.71 -43.57
C ILE B 27 -67.41 -24.02 -43.76
N PHE B 28 -67.35 -24.86 -42.73
CA PHE B 28 -68.12 -26.09 -42.69
C PHE B 28 -69.27 -25.92 -41.71
N PRO B 29 -70.51 -25.74 -42.17
CA PRO B 29 -71.62 -25.57 -41.23
C PRO B 29 -71.88 -26.83 -40.43
N ARG B 30 -72.43 -26.65 -39.23
CA ARG B 30 -72.81 -27.75 -38.36
C ARG B 30 -74.31 -27.90 -38.21
N ILE B 31 -75.10 -27.00 -38.79
CA ILE B 31 -76.56 -27.10 -38.75
C ILE B 31 -77.07 -27.19 -40.19
N THR B 32 -78.38 -27.33 -40.36
CA THR B 32 -79.02 -27.45 -41.66
C THR B 32 -80.01 -26.30 -41.81
N THR B 33 -79.55 -25.20 -42.40
CA THR B 33 -80.43 -24.06 -42.64
C THR B 33 -81.37 -24.30 -43.82
N ARG B 34 -80.91 -25.05 -44.82
CA ARG B 34 -81.73 -25.30 -46.00
C ARG B 34 -83.04 -25.97 -45.62
N GLN B 35 -84.13 -25.51 -46.21
CA GLN B 35 -85.45 -26.05 -45.94
C GLN B 35 -85.73 -27.26 -46.83
N LYS B 36 -86.69 -28.07 -46.40
CA LYS B 36 -87.08 -29.27 -47.14
C LYS B 36 -88.24 -28.97 -48.09
N THR B 48 -86.77 -17.83 -37.92
CA THR B 48 -86.84 -17.19 -39.23
C THR B 48 -85.53 -17.37 -39.99
N ARG B 49 -85.41 -16.67 -41.10
CA ARG B 49 -84.26 -16.81 -41.99
C ARG B 49 -83.54 -15.47 -42.09
N TRP B 50 -82.27 -15.55 -42.48
CA TRP B 50 -81.43 -14.38 -42.56
C TRP B 50 -81.88 -13.43 -43.66
N GLN B 51 -82.02 -12.16 -43.30
CA GLN B 51 -82.12 -11.07 -44.28
C GLN B 51 -81.21 -9.93 -43.76
N LEU B 52 -79.90 -10.17 -43.82
CA LEU B 52 -78.88 -9.12 -43.79
C LEU B 52 -79.12 -8.16 -44.95
N ILE B 53 -78.62 -6.92 -44.85
CA ILE B 53 -78.76 -5.94 -45.92
C ILE B 53 -77.41 -5.60 -46.55
N THR B 54 -76.35 -5.56 -45.75
CA THR B 54 -75.03 -5.24 -46.29
C THR B 54 -74.41 -6.43 -47.04
N THR B 55 -74.75 -7.65 -46.66
CA THR B 55 -74.15 -8.84 -47.23
C THR B 55 -75.22 -9.78 -47.76
N ASP B 56 -74.82 -10.63 -48.70
CA ASP B 56 -75.73 -11.60 -49.28
C ASP B 56 -76.25 -12.56 -48.22
N ASP B 57 -77.56 -12.82 -48.26
CA ASP B 57 -78.22 -13.68 -47.29
C ASP B 57 -78.65 -15.02 -47.88
N LYS B 58 -78.51 -15.21 -49.19
CA LYS B 58 -78.94 -16.47 -49.80
C LYS B 58 -78.10 -17.64 -49.31
N ALA B 59 -76.78 -17.44 -49.21
CA ALA B 59 -75.91 -18.54 -48.79
C ALA B 59 -76.23 -19.01 -47.38
N LEU B 60 -76.45 -18.06 -46.46
CA LEU B 60 -76.73 -18.44 -45.07
C LEU B 60 -78.02 -19.22 -44.97
N ASN B 61 -79.07 -18.79 -45.67
CA ASN B 61 -80.34 -19.51 -45.64
C ASN B 61 -80.23 -20.90 -46.23
N ASN B 62 -79.24 -21.16 -47.09
CA ASN B 62 -79.07 -22.48 -47.77
C ASN B 62 -77.71 -23.08 -47.39
N MET B 63 -77.59 -23.63 -46.19
CA MET B 63 -76.35 -24.28 -45.70
C MET B 63 -76.70 -25.70 -45.23
N VAL B 64 -75.90 -26.73 -45.51
CA VAL B 64 -76.13 -28.11 -45.00
C VAL B 64 -74.89 -28.53 -44.22
N ALA B 65 -75.03 -29.27 -43.13
CA ALA B 65 -73.92 -29.66 -42.28
C ALA B 65 -72.86 -30.38 -43.09
N MET B 66 -71.59 -30.06 -42.81
CA MET B 66 -70.41 -30.70 -43.38
C MET B 66 -70.20 -30.36 -44.86
N ARG B 67 -71.12 -29.62 -45.47
CA ARG B 67 -71.00 -29.18 -46.85
C ARG B 67 -70.43 -27.76 -46.87
N SER B 68 -69.29 -27.59 -47.53
CA SER B 68 -68.62 -26.30 -47.52
C SER B 68 -69.47 -25.23 -48.19
N THR B 69 -69.43 -24.02 -47.64
CA THR B 69 -70.12 -22.86 -48.18
C THR B 69 -69.29 -21.62 -47.91
N GLU B 70 -69.68 -20.51 -48.55
CA GLU B 70 -68.96 -19.25 -48.44
C GLU B 70 -69.81 -18.23 -47.71
N VAL B 71 -69.22 -17.60 -46.68
CA VAL B 71 -69.87 -16.54 -45.92
C VAL B 71 -68.81 -15.53 -45.52
N VAL B 72 -69.26 -14.33 -45.12
CA VAL B 72 -68.33 -13.28 -44.74
C VAL B 72 -67.55 -13.73 -43.51
N LEU B 73 -66.34 -13.18 -43.36
CA LEU B 73 -65.48 -13.58 -42.25
C LEU B 73 -66.11 -13.25 -40.90
N TRP B 74 -66.80 -12.10 -40.84
CA TRP B 74 -67.43 -11.59 -39.60
C TRP B 74 -68.51 -12.55 -39.18
N ILE B 75 -69.31 -13.05 -40.10
CA ILE B 75 -70.36 -14.02 -39.79
C ILE B 75 -69.75 -15.37 -39.46
N ALA B 76 -68.66 -15.74 -40.12
CA ALA B 76 -67.99 -17.00 -39.79
C ALA B 76 -67.50 -16.99 -38.34
N LEU B 77 -66.90 -15.88 -37.92
CA LEU B 77 -66.45 -15.78 -36.53
C LEU B 77 -67.62 -15.80 -35.57
N LEU B 78 -68.72 -15.14 -35.93
CA LEU B 78 -69.90 -15.18 -35.06
C LEU B 78 -70.42 -16.60 -34.90
N LEU B 79 -70.45 -17.36 -35.99
CA LEU B 79 -70.88 -18.76 -35.90
C LEU B 79 -69.89 -19.57 -35.06
N LYS B 80 -68.59 -19.36 -35.26
CA LYS B 80 -67.60 -20.10 -34.49
C LYS B 80 -67.70 -19.77 -33.00
N GLN B 81 -68.17 -18.57 -32.66
CA GLN B 81 -68.35 -18.22 -31.26
C GLN B 81 -69.30 -19.20 -30.57
N GLN B 82 -70.40 -19.55 -31.24
CA GLN B 82 -71.35 -20.53 -30.72
C GLN B 82 -70.94 -21.96 -31.06
N SER B 83 -69.86 -22.16 -31.81
CA SER B 83 -69.41 -23.49 -32.21
C SER B 83 -70.45 -24.16 -33.10
N LYS B 84 -70.88 -23.44 -34.14
CA LYS B 84 -71.85 -23.95 -35.10
C LYS B 84 -71.24 -24.13 -36.49
N CYS B 85 -69.93 -23.96 -36.63
CA CYS B 85 -69.26 -24.16 -37.90
C CYS B 85 -67.78 -24.35 -37.65
N SER B 86 -67.08 -24.86 -38.67
CA SER B 86 -65.64 -25.03 -38.64
C SER B 86 -65.04 -24.25 -39.80
N ILE B 87 -64.16 -23.30 -39.49
CA ILE B 87 -63.60 -22.43 -40.52
C ILE B 87 -62.60 -23.20 -41.35
N VAL B 88 -62.58 -22.92 -42.66
CA VAL B 88 -61.63 -23.53 -43.58
C VAL B 88 -60.43 -22.60 -43.68
N ALA B 89 -59.28 -23.06 -43.18
CA ALA B 89 -58.08 -22.26 -43.26
C ALA B 89 -57.71 -22.03 -44.72
N PRO B 90 -57.43 -20.77 -45.13
CA PRO B 90 -57.09 -20.54 -46.55
C PRO B 90 -55.92 -21.38 -47.01
N GLN B 91 -55.70 -21.48 -48.33
CA GLN B 91 -54.62 -22.36 -48.87
C GLN B 91 -53.27 -21.73 -48.53
N TRP B 92 -53.17 -20.40 -48.54
CA TRP B 92 -51.88 -19.72 -48.33
C TRP B 92 -51.33 -20.04 -46.95
N LEU B 93 -52.17 -20.13 -45.93
CA LEU B 93 -51.71 -20.29 -44.52
C LEU B 93 -50.95 -21.61 -44.34
N THR B 94 -51.35 -22.72 -44.95
CA THR B 94 -50.64 -24.03 -44.87
C THR B 94 -49.13 -23.86 -44.84
N THR B 95 -48.39 -24.81 -44.28
CA THR B 95 -46.95 -24.69 -44.09
C THR B 95 -46.23 -24.63 -45.43
N LYS B 96 -46.49 -25.62 -46.30
CA LYS B 96 -45.73 -25.73 -47.55
C LYS B 96 -45.72 -24.41 -48.32
N GLU B 97 -46.87 -23.75 -48.41
CA GLU B 97 -46.93 -22.46 -49.07
C GLU B 97 -46.04 -21.44 -48.35
N LEU B 98 -46.00 -21.51 -47.02
CA LEU B 98 -45.18 -20.56 -46.27
C LEU B 98 -43.70 -20.78 -46.55
N ASP B 99 -43.24 -22.03 -46.59
CA ASP B 99 -41.84 -22.28 -46.95
C ASP B 99 -41.56 -21.82 -48.37
N ARG B 100 -42.49 -22.07 -49.29
CA ARG B 100 -42.27 -21.61 -50.67
C ARG B 100 -42.14 -20.10 -50.72
N LYS B 101 -42.99 -19.37 -50.00
CA LYS B 101 -42.93 -17.92 -50.02
C LYS B 101 -41.66 -17.41 -49.35
N ILE B 102 -41.22 -18.07 -48.29
CA ILE B 102 -39.96 -17.68 -47.65
C ILE B 102 -38.80 -17.86 -48.61
N GLN B 103 -38.78 -18.98 -49.34
CA GLN B 103 -37.73 -19.19 -50.33
C GLN B 103 -37.79 -18.15 -51.44
N TYR B 104 -39.00 -17.82 -51.90
CA TYR B 104 -39.16 -16.79 -52.91
C TYR B 104 -38.61 -15.46 -52.42
N GLU B 105 -38.93 -15.09 -51.18
CA GLU B 105 -38.41 -13.84 -50.62
C GLU B 105 -36.90 -13.86 -50.53
N LYS B 106 -36.32 -14.99 -50.10
CA LYS B 106 -34.87 -15.06 -49.94
C LYS B 106 -34.17 -14.97 -51.29
N THR B 107 -34.73 -15.59 -52.33
CA THR B 107 -34.05 -15.64 -53.63
C THR B 107 -33.89 -14.25 -54.23
N HIS B 108 -34.92 -13.40 -54.12
CA HIS B 108 -34.91 -12.07 -54.72
C HIS B 108 -34.76 -11.02 -53.63
N PRO B 109 -33.59 -10.39 -53.48
CA PRO B 109 -33.42 -9.38 -52.43
C PRO B 109 -33.95 -7.99 -52.78
N ASP B 110 -34.75 -7.85 -53.83
CA ASP B 110 -35.27 -6.56 -54.25
C ASP B 110 -36.78 -6.50 -54.32
N ARG B 111 -37.42 -7.55 -54.76
CA ARG B 111 -38.89 -7.54 -54.96
C ARG B 111 -39.56 -8.13 -53.73
N PHE B 112 -40.85 -7.92 -53.56
CA PHE B 112 -41.67 -8.43 -52.47
C PHE B 112 -42.44 -9.67 -52.92
N SER B 113 -42.75 -10.54 -51.97
CA SER B 113 -43.53 -11.73 -52.27
C SER B 113 -44.94 -11.34 -52.68
N GLU B 114 -45.77 -12.31 -53.07
CA GLU B 114 -47.13 -12.02 -53.57
C GLU B 114 -48.16 -12.63 -52.62
N LEU B 115 -47.96 -12.47 -51.31
CA LEU B 115 -48.94 -12.93 -50.35
C LEU B 115 -50.20 -12.07 -50.41
N PRO B 116 -51.32 -12.59 -49.90
CA PRO B 116 -52.55 -11.77 -49.88
C PRO B 116 -52.35 -10.50 -49.07
N TRP B 117 -53.05 -9.44 -49.48
CA TRP B 117 -52.91 -8.18 -48.77
C TRP B 117 -53.27 -8.31 -47.30
N ASN B 118 -54.27 -9.13 -46.98
CA ASN B 118 -54.66 -9.38 -45.59
C ASN B 118 -54.00 -10.64 -45.03
N TRP B 119 -52.67 -10.71 -45.12
CA TRP B 119 -51.95 -11.89 -44.64
C TRP B 119 -51.47 -11.76 -43.20
N LEU B 120 -51.60 -10.58 -42.59
CA LEU B 120 -51.22 -10.38 -41.19
C LEU B 120 -52.43 -10.30 -40.26
N VAL B 121 -53.48 -9.57 -40.66
CA VAL B 121 -54.69 -9.50 -39.85
C VAL B 121 -55.37 -10.86 -39.79
N LEU B 122 -55.56 -11.48 -40.95
CA LEU B 122 -56.24 -12.77 -40.99
C LEU B 122 -55.47 -13.81 -40.19
N ALA B 123 -54.14 -13.79 -40.27
CA ALA B 123 -53.34 -14.74 -39.51
C ALA B 123 -53.63 -14.63 -38.02
N ARG B 124 -53.59 -13.41 -37.48
CA ARG B 124 -53.85 -13.24 -36.05
C ARG B 124 -55.28 -13.63 -35.69
N ILE B 125 -56.25 -13.21 -36.50
CA ILE B 125 -57.64 -13.51 -36.20
C ILE B 125 -57.86 -15.02 -36.14
N LEU B 126 -57.30 -15.74 -37.11
CA LEU B 126 -57.50 -17.20 -37.13
C LEU B 126 -56.72 -17.88 -36.03
N PHE B 127 -55.52 -17.40 -35.72
CA PHE B 127 -54.72 -18.01 -34.66
C PHE B 127 -55.38 -17.82 -33.30
N ASN B 128 -56.12 -16.73 -33.12
CA ASN B 128 -56.79 -16.51 -31.84
C ASN B 128 -58.15 -17.19 -31.77
N LYS B 129 -59.03 -16.92 -32.75
CA LYS B 129 -60.39 -17.43 -32.68
C LYS B 129 -60.49 -18.91 -33.03
N ALA B 130 -59.68 -19.39 -33.97
CA ALA B 130 -59.75 -20.77 -34.47
C ALA B 130 -58.37 -21.40 -34.32
N LYS B 131 -58.12 -22.00 -33.14
CA LYS B 131 -56.82 -22.57 -32.82
C LYS B 131 -56.77 -24.09 -32.99
N ASP B 132 -57.86 -24.72 -33.43
CA ASP B 132 -57.91 -26.17 -33.58
C ASP B 132 -58.50 -26.60 -34.91
N ASP B 133 -58.62 -25.69 -35.87
CA ASP B 133 -59.15 -26.01 -37.19
C ASP B 133 -58.05 -26.28 -38.21
N PHE B 134 -56.83 -25.82 -37.96
CA PHE B 134 -55.75 -26.00 -38.92
C PHE B 134 -55.36 -27.47 -39.02
N HIS B 135 -54.77 -27.83 -40.16
CA HIS B 135 -54.27 -29.16 -40.40
C HIS B 135 -52.76 -29.26 -40.19
N ASP B 136 -52.14 -28.22 -39.64
CA ASP B 136 -50.71 -28.17 -39.40
C ASP B 136 -50.46 -27.66 -37.98
N PRO B 137 -49.29 -27.94 -37.42
CA PRO B 137 -48.98 -27.44 -36.07
C PRO B 137 -49.01 -25.92 -36.03
N ILE B 138 -49.54 -25.39 -34.93
CA ILE B 138 -49.69 -23.94 -34.80
C ILE B 138 -48.34 -23.26 -34.64
N HIS B 139 -47.44 -23.86 -33.84
CA HIS B 139 -46.16 -23.22 -33.58
C HIS B 139 -45.34 -23.10 -34.86
N GLU B 140 -45.40 -24.09 -35.74
CA GLU B 140 -44.70 -24.01 -37.02
C GLU B 140 -45.21 -22.83 -37.83
N LEU B 141 -46.53 -22.66 -37.90
CA LEU B 141 -47.09 -21.55 -38.64
C LEU B 141 -46.67 -20.21 -38.03
N ARG B 142 -46.68 -20.11 -36.70
CA ARG B 142 -46.25 -18.87 -36.06
C ARG B 142 -44.81 -18.55 -36.39
N GLY B 143 -43.94 -19.56 -36.34
CA GLY B 143 -42.53 -19.33 -36.66
C GLY B 143 -42.33 -18.90 -38.11
N LYS B 144 -43.02 -19.56 -39.04
CA LYS B 144 -42.88 -19.19 -40.44
C LYS B 144 -43.38 -17.77 -40.68
N ILE B 145 -44.51 -17.40 -40.07
CA ILE B 145 -45.02 -16.04 -40.22
C ILE B 145 -44.04 -15.04 -39.64
N GLN B 146 -43.42 -15.37 -38.52
CA GLN B 146 -42.43 -14.47 -37.92
C GLN B 146 -41.24 -14.28 -38.86
N ASP B 147 -40.76 -15.37 -39.46
CA ASP B 147 -39.64 -15.25 -40.40
C ASP B 147 -40.02 -14.39 -41.59
N LEU B 148 -41.21 -14.61 -42.14
CA LEU B 148 -41.67 -13.80 -43.27
C LEU B 148 -41.72 -12.32 -42.88
N ARG B 149 -42.26 -12.03 -41.70
CA ARG B 149 -42.37 -10.65 -41.25
C ARG B 149 -41.00 -10.03 -41.08
N GLU B 150 -40.04 -10.77 -40.53
CA GLU B 150 -38.70 -10.22 -40.34
C GLU B 150 -38.02 -9.92 -41.66
N ILE B 151 -38.14 -10.82 -42.64
CA ILE B 151 -37.54 -10.56 -43.94
C ILE B 151 -38.20 -9.35 -44.59
N ARG B 152 -39.52 -9.25 -44.47
CA ARG B 152 -40.21 -8.08 -45.02
C ARG B 152 -39.75 -6.80 -44.34
N GLN B 153 -39.53 -6.85 -43.03
CA GLN B 153 -39.03 -5.67 -42.32
C GLN B 153 -37.66 -5.27 -42.84
N ILE B 154 -36.78 -6.25 -43.06
CA ILE B 154 -35.46 -5.94 -43.61
C ILE B 154 -35.60 -5.25 -44.95
N LYS B 155 -36.41 -5.82 -45.84
CA LYS B 155 -36.57 -5.24 -47.17
C LYS B 155 -37.17 -3.84 -47.10
N VAL B 156 -38.13 -3.63 -46.20
CA VAL B 156 -38.73 -2.31 -46.03
C VAL B 156 -37.68 -1.31 -45.57
N LEU B 157 -36.85 -1.69 -44.61
CA LEU B 157 -35.80 -0.80 -44.13
C LEU B 157 -34.84 -0.45 -45.25
N LYS B 158 -34.46 -1.43 -46.07
CA LYS B 158 -33.54 -1.15 -47.17
C LYS B 158 -34.18 -0.22 -48.20
N GLY B 159 -35.48 -0.37 -48.43
CA GLY B 159 -36.15 0.42 -49.45
C GLY B 159 -36.47 1.85 -49.05
N LEU B 160 -36.37 2.17 -47.76
CA LEU B 160 -36.69 3.52 -47.30
C LEU B 160 -35.62 4.53 -47.67
N LYS B 161 -34.48 4.09 -48.20
CA LYS B 161 -33.39 4.99 -48.53
C LYS B 161 -33.56 5.65 -49.89
N TYR B 162 -34.63 5.35 -50.63
CA TYR B 162 -34.82 5.85 -51.98
C TYR B 162 -35.99 6.83 -52.07
N LEU B 163 -36.34 7.49 -50.97
CA LEU B 163 -37.39 8.49 -51.01
C LEU B 163 -36.94 9.69 -51.85
N ASN B 164 -37.87 10.20 -52.66
CA ASN B 164 -37.58 11.32 -53.55
C ASN B 164 -38.80 12.24 -53.55
N GLU B 165 -38.77 13.23 -54.45
CA GLU B 165 -39.84 14.22 -54.55
C GLU B 165 -40.78 13.96 -55.73
N SER B 166 -40.70 12.78 -56.35
CA SER B 166 -41.53 12.46 -57.51
C SER B 166 -42.56 11.39 -57.20
N HIS B 167 -42.13 10.20 -56.78
CA HIS B 167 -43.05 9.14 -56.42
C HIS B 167 -42.28 7.93 -55.88
N LEU B 168 -43.01 6.90 -55.46
CA LEU B 168 -42.42 5.68 -54.95
C LEU B 168 -43.33 4.51 -55.30
N GLN B 169 -42.74 3.33 -55.43
CA GLN B 169 -43.47 2.12 -55.80
C GLN B 169 -43.12 1.00 -54.82
N LEU B 170 -44.15 0.37 -54.26
CA LEU B 170 -43.98 -0.78 -53.38
C LEU B 170 -45.03 -1.81 -53.80
N ASP B 171 -44.65 -2.66 -54.74
CA ASP B 171 -45.58 -3.67 -55.26
C ASP B 171 -45.83 -4.75 -54.23
N ASN B 172 -47.09 -5.17 -54.12
CA ASN B 172 -47.49 -6.28 -53.26
C ASN B 172 -46.96 -6.11 -51.84
N LEU B 173 -47.42 -5.04 -51.19
CA LEU B 173 -47.14 -4.79 -49.79
C LEU B 173 -48.45 -4.84 -49.01
N SER B 174 -48.44 -5.59 -47.91
CA SER B 174 -49.67 -5.80 -47.15
C SER B 174 -50.22 -4.48 -46.64
N LEU B 175 -51.49 -4.51 -46.24
CA LEU B 175 -52.15 -3.30 -45.75
C LEU B 175 -51.60 -2.90 -44.38
N LEU B 176 -51.26 -3.86 -43.53
CA LEU B 176 -50.79 -3.53 -42.19
C LEU B 176 -49.44 -2.80 -42.25
N GLU B 177 -48.53 -3.25 -43.11
CA GLU B 177 -47.24 -2.58 -43.23
C GLU B 177 -47.40 -1.17 -43.80
N ILE B 178 -48.28 -1.01 -44.78
CA ILE B 178 -48.55 0.31 -45.33
C ILE B 178 -49.11 1.22 -44.24
N ASN B 179 -50.01 0.70 -43.41
CA ASN B 179 -50.54 1.49 -42.30
C ASN B 179 -49.43 1.85 -41.31
N GLU B 180 -48.54 0.91 -41.04
CA GLU B 180 -47.40 1.19 -40.18
C GLU B 180 -46.59 2.37 -40.71
N LEU B 181 -46.28 2.34 -42.00
CA LEU B 181 -45.33 3.29 -42.59
C LEU B 181 -45.99 4.55 -43.12
N ARG B 182 -47.32 4.66 -43.07
CA ARG B 182 -47.98 5.80 -43.70
C ARG B 182 -47.52 7.14 -43.15
N PRO B 183 -47.47 7.37 -41.83
CA PRO B 183 -47.06 8.70 -41.35
C PRO B 183 -45.65 9.09 -41.77
N PHE B 184 -44.66 8.23 -41.48
CA PHE B 184 -43.27 8.61 -41.69
C PHE B 184 -42.97 8.88 -43.16
N ILE B 185 -43.33 7.93 -44.03
CA ILE B 185 -43.03 8.08 -45.45
C ILE B 185 -43.72 9.32 -46.01
N THR B 186 -45.01 9.47 -45.71
CA THR B 186 -45.77 10.60 -46.25
C THR B 186 -45.17 11.92 -45.79
N GLU B 187 -44.87 12.04 -44.50
CA GLU B 187 -44.35 13.31 -43.98
C GLU B 187 -42.99 13.63 -44.57
N ILE B 188 -42.08 12.64 -44.63
CA ILE B 188 -40.74 12.90 -45.16
C ILE B 188 -40.82 13.28 -46.63
N MET B 189 -41.62 12.55 -47.42
CA MET B 189 -41.75 12.88 -48.83
C MET B 189 -42.38 14.25 -49.01
N ASP B 190 -43.34 14.60 -48.16
CA ASP B 190 -43.95 15.92 -48.25
C ASP B 190 -42.93 17.02 -47.97
N LYS B 191 -42.08 16.82 -46.96
CA LYS B 191 -41.06 17.83 -46.67
C LYS B 191 -40.08 17.96 -47.83
N LEU B 192 -39.65 16.84 -48.39
CA LEU B 192 -38.73 16.91 -49.52
C LEU B 192 -39.37 17.60 -50.72
N ARG B 193 -40.64 17.31 -50.97
CA ARG B 193 -41.35 17.95 -52.08
C ARG B 193 -41.50 19.45 -51.84
N GLU B 194 -41.78 19.85 -50.59
CA GLU B 194 -41.87 21.27 -50.27
C GLU B 194 -40.54 21.97 -50.52
N ILE B 195 -39.44 21.35 -50.10
CA ILE B 195 -38.13 21.94 -50.33
C ILE B 195 -37.87 22.08 -51.83
N HIS B 196 -38.16 21.02 -52.59
CA HIS B 196 -37.93 21.08 -54.03
C HIS B 196 -38.78 22.16 -54.70
N THR B 197 -40.05 22.26 -54.31
CA THR B 197 -40.92 23.28 -54.88
C THR B 197 -40.42 24.67 -54.55
N ALA B 198 -39.96 24.88 -53.32
CA ALA B 198 -39.40 26.17 -52.96
C ALA B 198 -38.16 26.48 -53.78
N SER B 199 -37.36 25.46 -54.08
CA SER B 199 -36.12 25.70 -54.84
C SER B 199 -36.41 26.28 -56.21
N LEU B 200 -37.40 25.75 -56.91
CA LEU B 200 -37.73 26.21 -58.25
C LEU B 200 -38.15 27.67 -58.24
N GLY C 25 -49.88 27.12 -41.89
CA GLY C 25 -50.87 28.07 -42.32
C GLY C 25 -50.98 29.26 -41.38
N TYR C 26 -52.06 30.03 -41.51
CA TYR C 26 -52.24 31.18 -40.64
C TYR C 26 -52.36 30.77 -39.18
N TYR C 27 -53.25 29.81 -38.89
CA TYR C 27 -53.44 29.33 -37.52
C TYR C 27 -52.57 28.08 -37.34
N ASP C 28 -51.28 28.32 -37.12
CA ASP C 28 -50.33 27.24 -36.86
C ASP C 28 -49.28 27.77 -35.91
N ILE C 29 -49.22 27.21 -34.70
CA ILE C 29 -48.32 27.73 -33.67
C ILE C 29 -46.88 27.63 -34.13
N ASP C 30 -46.50 26.48 -34.69
CA ASP C 30 -45.12 26.29 -35.13
C ASP C 30 -44.77 27.28 -36.23
N ASP C 31 -45.70 27.50 -37.18
CA ASP C 31 -45.44 28.46 -38.23
C ASP C 31 -45.29 29.87 -37.67
N VAL C 32 -46.15 30.23 -36.71
CA VAL C 32 -46.09 31.57 -36.13
C VAL C 32 -44.75 31.79 -35.42
N LEU C 33 -44.33 30.80 -34.62
CA LEU C 33 -43.08 30.96 -33.88
C LEU C 33 -41.89 31.09 -34.82
N ALA C 34 -41.87 30.32 -35.90
CA ALA C 34 -40.73 30.36 -36.82
C ALA C 34 -40.53 31.76 -37.38
N ASP C 35 -41.63 32.44 -37.73
CA ASP C 35 -41.52 33.80 -38.24
C ASP C 35 -40.98 34.77 -37.20
N GLY C 36 -41.01 34.39 -35.92
CA GLY C 36 -40.57 35.28 -34.87
C GLY C 36 -39.07 35.33 -34.63
N THR C 37 -38.30 34.52 -35.34
CA THR C 37 -36.86 34.52 -35.16
C THR C 37 -36.25 35.81 -35.69
N GLU C 38 -35.04 36.10 -35.26
CA GLU C 38 -34.36 37.35 -35.55
C GLU C 38 -33.31 37.12 -36.64
N PHE C 39 -33.41 37.89 -37.73
CA PHE C 39 -32.46 37.82 -38.82
C PHE C 39 -31.67 39.11 -38.93
N PRO C 40 -30.39 39.06 -39.30
CA PRO C 40 -29.63 40.30 -39.48
C PRO C 40 -30.15 41.11 -40.65
N CYS C 41 -29.98 42.43 -40.56
CA CYS C 41 -30.46 43.34 -41.59
C CYS C 41 -29.53 44.54 -41.65
N LYS C 42 -29.59 45.25 -42.78
CA LYS C 42 -28.78 46.43 -43.00
C LYS C 42 -29.65 47.49 -43.66
N PHE C 43 -30.01 48.52 -42.90
CA PHE C 43 -30.76 49.64 -43.46
C PHE C 43 -29.85 50.46 -44.37
N GLN C 44 -30.32 50.73 -45.59
CA GLN C 44 -29.58 51.55 -46.54
C GLN C 44 -30.31 52.85 -46.86
N TYR C 45 -31.29 53.22 -46.02
CA TYR C 45 -31.96 54.50 -46.09
C TYR C 45 -31.74 55.26 -44.79
N ASP C 46 -32.19 56.52 -44.78
CA ASP C 46 -32.12 57.37 -43.60
C ASP C 46 -33.55 57.75 -43.21
N ILE C 47 -34.14 56.99 -42.29
CA ILE C 47 -35.53 57.19 -41.90
C ILE C 47 -35.56 57.73 -40.47
N PRO C 48 -36.34 58.76 -40.19
CA PRO C 48 -36.54 59.20 -38.80
C PRO C 48 -37.76 58.52 -38.18
N GLY C 49 -37.86 58.66 -36.86
CA GLY C 49 -38.97 58.10 -36.12
C GLY C 49 -38.92 56.59 -35.93
N LEU C 50 -38.03 55.89 -36.63
CA LEU C 50 -37.88 54.46 -36.48
C LEU C 50 -36.86 54.09 -35.40
N GLY C 51 -36.63 54.99 -34.45
CA GLY C 51 -35.62 54.73 -33.43
C GLY C 51 -35.91 53.45 -32.65
N TYR C 52 -37.18 53.23 -32.29
CA TYR C 52 -37.51 52.09 -31.45
C TYR C 52 -37.11 50.77 -32.10
N LEU C 53 -36.95 50.74 -33.42
CA LEU C 53 -36.51 49.51 -34.07
C LEU C 53 -35.12 49.11 -33.61
N GLU C 54 -34.22 50.08 -33.44
CA GLU C 54 -32.83 49.72 -33.14
C GLU C 54 -32.65 49.41 -31.66
N ASN C 55 -32.66 50.44 -30.80
CA ASN C 55 -32.81 50.17 -29.37
C ASN C 55 -33.44 51.30 -28.57
N ASN C 56 -33.84 52.43 -29.17
CA ASN C 56 -34.27 53.57 -28.37
C ASN C 56 -35.33 54.41 -29.11
N PRO C 57 -36.31 54.96 -28.39
CA PRO C 57 -37.31 55.80 -29.06
C PRO C 57 -36.77 57.18 -29.40
N GLY C 58 -37.44 57.83 -30.35
CA GLY C 58 -37.18 59.21 -30.68
C GLY C 58 -35.76 59.50 -31.14
N ARG C 59 -35.23 58.67 -32.03
CA ARG C 59 -33.92 58.91 -32.60
C ARG C 59 -33.89 58.44 -34.05
N PRO C 60 -33.59 59.32 -35.01
CA PRO C 60 -33.59 58.89 -36.41
C PRO C 60 -32.59 57.77 -36.65
N ILE C 61 -32.96 56.84 -37.54
CA ILE C 61 -32.09 55.73 -37.90
C ILE C 61 -31.23 56.16 -39.08
N THR C 62 -29.91 56.18 -38.87
CA THR C 62 -28.99 56.50 -39.95
C THR C 62 -29.05 55.43 -41.02
N LYS C 63 -28.31 55.61 -42.11
CA LYS C 63 -28.26 54.63 -43.19
C LYS C 63 -26.98 53.81 -43.09
N ASN C 64 -26.97 52.69 -43.81
CA ASN C 64 -25.84 51.75 -43.77
C ASN C 64 -25.56 51.30 -42.33
N THR C 65 -26.64 51.02 -41.59
CA THR C 65 -26.55 50.59 -40.20
C THR C 65 -27.12 49.20 -40.07
N LYS C 66 -26.41 48.32 -39.36
CA LYS C 66 -26.84 46.95 -39.16
C LYS C 66 -27.66 46.83 -37.90
N LEU C 67 -28.72 46.01 -37.97
CA LEU C 67 -29.57 45.75 -36.82
C LEU C 67 -30.26 44.41 -37.01
N SER C 68 -30.82 43.90 -35.92
CA SER C 68 -31.51 42.62 -35.92
C SER C 68 -33.01 42.86 -35.91
N LEU C 69 -33.72 42.24 -36.85
CA LEU C 69 -35.15 42.41 -37.00
C LEU C 69 -35.84 41.06 -37.06
N PRO C 70 -37.08 40.97 -36.60
CA PRO C 70 -37.85 39.74 -36.81
C PRO C 70 -38.12 39.51 -38.28
N LEU C 71 -38.30 38.23 -38.64
CA LEU C 71 -38.48 37.88 -40.04
C LEU C 71 -39.72 38.52 -40.63
N TRP C 72 -40.81 38.53 -39.87
CA TRP C 72 -42.08 39.03 -40.40
C TRP C 72 -41.99 40.50 -40.80
N LEU C 73 -41.01 41.24 -40.29
CA LEU C 73 -40.75 42.61 -40.73
C LEU C 73 -39.65 42.69 -41.76
N ALA C 74 -38.59 41.88 -41.60
CA ALA C 74 -37.47 41.95 -42.54
C ALA C 74 -37.90 41.54 -43.94
N ARG C 75 -38.71 40.50 -44.06
CA ARG C 75 -39.14 40.06 -45.39
C ARG C 75 -39.92 41.15 -46.11
N ILE C 76 -40.89 41.75 -45.42
CA ILE C 76 -41.71 42.78 -46.04
C ILE C 76 -40.87 44.00 -46.38
N LEU C 77 -39.95 44.39 -45.49
CA LEU C 77 -39.10 45.54 -45.79
C LEU C 77 -38.22 45.27 -46.99
N ALA C 78 -37.68 44.06 -47.11
CA ALA C 78 -36.82 43.74 -48.25
C ALA C 78 -37.61 43.74 -49.56
N ILE C 79 -38.80 43.13 -49.56
CA ILE C 79 -39.54 43.03 -50.83
C ILE C 79 -40.03 44.40 -51.26
N VAL C 80 -40.53 45.21 -50.33
CA VAL C 80 -41.17 46.49 -50.63
C VAL C 80 -40.17 47.62 -50.40
N GLY C 81 -40.11 48.54 -51.36
CA GLY C 81 -39.22 49.69 -51.26
C GLY C 81 -39.76 50.91 -51.98
N PRO C 91 -37.90 50.22 -56.28
CA PRO C 91 -36.59 50.49 -56.88
C PRO C 91 -35.44 50.05 -55.98
N VAL C 92 -35.46 50.47 -54.71
CA VAL C 92 -34.40 50.17 -53.76
C VAL C 92 -35.05 49.63 -52.49
N PRO C 93 -34.73 48.42 -52.05
CA PRO C 93 -35.32 47.91 -50.80
C PRO C 93 -34.91 48.77 -49.60
N PHE C 94 -35.79 48.82 -48.61
CA PHE C 94 -35.45 49.47 -47.35
C PHE C 94 -34.34 48.74 -46.62
N VAL C 95 -34.28 47.42 -46.75
CA VAL C 95 -33.35 46.59 -45.99
C VAL C 95 -32.65 45.63 -46.95
N GLU C 96 -31.43 45.25 -46.60
CA GLU C 96 -30.65 44.27 -47.35
C GLU C 96 -30.22 43.19 -46.37
N LEU C 97 -30.80 41.99 -46.52
CA LEU C 97 -30.57 40.91 -45.58
C LEU C 97 -29.16 40.36 -45.76
N LEU C 98 -28.33 40.53 -44.74
CA LEU C 98 -26.98 39.98 -44.76
C LEU C 98 -27.04 38.46 -44.59
N PRO C 99 -25.99 37.75 -45.01
CA PRO C 99 -25.97 36.29 -44.84
C PRO C 99 -26.20 35.90 -43.40
N PRO C 100 -27.23 35.09 -43.10
CA PRO C 100 -27.46 34.68 -41.71
C PRO C 100 -26.31 33.89 -41.12
N ASP C 101 -26.38 33.60 -39.82
CA ASP C 101 -25.32 32.87 -39.15
C ASP C 101 -25.55 31.36 -39.15
N MET C 102 -26.78 30.90 -39.38
CA MET C 102 -27.08 29.48 -39.41
C MET C 102 -26.91 28.86 -40.79
N PHE C 103 -26.67 29.67 -41.83
CA PHE C 103 -26.42 29.17 -43.17
C PHE C 103 -24.98 29.44 -43.61
N SER C 104 -24.07 29.71 -42.67
CA SER C 104 -22.70 30.00 -43.01
C SER C 104 -22.01 28.75 -43.53
N THR C 105 -20.80 28.95 -44.09
CA THR C 105 -20.06 27.83 -44.65
C THR C 105 -19.75 26.77 -43.60
N LYS C 106 -19.54 27.18 -42.35
CA LYS C 106 -19.25 26.21 -41.29
C LYS C 106 -20.39 25.22 -41.13
N VAL C 107 -21.63 25.73 -41.08
CA VAL C 107 -22.78 24.85 -40.88
C VAL C 107 -22.98 23.96 -42.10
N MET C 108 -22.76 24.49 -43.30
CA MET C 108 -22.89 23.68 -44.50
C MET C 108 -21.87 22.54 -44.50
N ASN C 109 -20.62 22.84 -44.14
CA ASN C 109 -19.59 21.80 -44.08
C ASN C 109 -19.94 20.78 -43.02
N ALA C 110 -20.42 21.22 -41.86
CA ALA C 110 -20.82 20.27 -40.82
C ALA C 110 -21.95 19.37 -41.29
N ILE C 111 -22.93 19.93 -41.98
CA ILE C 111 -24.05 19.14 -42.48
C ILE C 111 -23.57 18.11 -43.49
N LYS C 112 -22.69 18.53 -44.40
CA LYS C 112 -22.20 17.61 -45.43
C LYS C 112 -21.31 16.51 -44.83
N THR C 113 -20.53 16.84 -43.79
CA THR C 113 -19.58 15.87 -43.26
C THR C 113 -20.29 14.64 -42.71
N ASP C 114 -21.10 14.83 -41.66
CA ASP C 114 -21.80 13.72 -41.01
C ASP C 114 -23.16 14.21 -40.54
N PRO C 115 -24.22 14.01 -41.35
CA PRO C 115 -25.53 14.55 -40.97
C PRO C 115 -26.07 14.02 -39.66
N VAL C 116 -25.83 12.75 -39.34
CA VAL C 116 -26.56 12.12 -38.23
C VAL C 116 -26.16 12.75 -36.90
N ALA C 117 -24.86 12.89 -36.64
CA ALA C 117 -24.41 13.35 -35.34
C ALA C 117 -24.53 14.85 -35.15
N LEU C 118 -24.76 15.60 -36.23
CA LEU C 118 -24.94 17.05 -36.10
C LEU C 118 -26.13 17.35 -35.19
N ASP C 119 -25.96 18.36 -34.33
CA ASP C 119 -26.99 18.77 -33.39
C ASP C 119 -27.66 20.00 -33.98
N LEU C 120 -28.81 19.78 -34.63
CA LEU C 120 -29.54 20.89 -35.24
C LEU C 120 -30.29 21.72 -34.22
N HIS C 121 -30.67 21.12 -33.09
CA HIS C 121 -31.47 21.84 -32.09
C HIS C 121 -30.72 23.08 -31.58
N SER C 122 -29.42 22.93 -31.30
CA SER C 122 -28.65 24.07 -30.82
C SER C 122 -28.58 25.17 -31.88
N ILE C 123 -28.41 24.80 -33.15
CA ILE C 123 -28.30 25.80 -34.20
C ILE C 123 -29.58 26.63 -34.27
N ASN C 124 -30.73 25.96 -34.33
CA ASN C 124 -32.02 26.65 -34.34
C ASN C 124 -33.12 25.63 -34.15
N SER C 125 -34.09 25.96 -33.30
CA SER C 125 -35.19 25.05 -33.02
C SER C 125 -36.18 24.94 -34.17
N HIS C 126 -36.09 25.83 -35.16
CA HIS C 126 -36.97 25.83 -36.33
C HIS C 126 -36.15 25.88 -37.60
N PHE C 127 -35.12 25.01 -37.67
CA PHE C 127 -34.16 25.09 -38.75
C PHE C 127 -34.79 24.88 -40.12
N PHE C 128 -35.65 23.87 -40.24
CA PHE C 128 -36.15 23.49 -41.55
C PHE C 128 -37.13 24.52 -42.10
N SER C 129 -38.03 25.03 -41.26
CA SER C 129 -38.98 26.04 -41.72
C SER C 129 -38.25 27.30 -42.18
N LEU C 130 -37.29 27.77 -41.37
CA LEU C 130 -36.53 28.95 -41.75
C LEU C 130 -35.74 28.70 -43.03
N ALA C 131 -35.15 27.50 -43.16
CA ALA C 131 -34.43 27.18 -44.37
C ALA C 131 -35.34 27.25 -45.60
N ILE C 132 -36.52 26.65 -45.50
CA ILE C 132 -37.45 26.65 -46.62
C ILE C 132 -37.84 28.08 -46.97
N LYS C 133 -38.12 28.90 -45.96
CA LYS C 133 -38.46 30.30 -46.22
C LYS C 133 -37.31 31.01 -46.92
N TRP C 134 -36.08 30.73 -46.50
CA TRP C 134 -34.92 31.37 -47.12
C TRP C 134 -34.81 30.99 -48.60
N ILE C 135 -34.94 29.70 -48.92
CA ILE C 135 -34.85 29.29 -50.32
C ILE C 135 -35.97 29.92 -51.12
N MET C 136 -37.19 29.94 -50.58
CA MET C 136 -38.29 30.55 -51.30
C MET C 136 -38.02 32.02 -51.57
N LEU C 137 -37.49 32.73 -50.58
CA LEU C 137 -37.23 34.16 -50.74
C LEU C 137 -36.16 34.41 -51.79
N PHE C 138 -35.06 33.65 -51.75
CA PHE C 138 -33.92 33.90 -52.63
C PHE C 138 -33.79 32.89 -53.76
N SER C 139 -34.60 31.83 -53.77
CA SER C 139 -34.60 30.85 -54.85
C SER C 139 -33.17 30.38 -55.16
N GLU C 140 -32.44 30.04 -54.10
CA GLU C 140 -31.08 29.54 -54.23
C GLU C 140 -31.13 28.03 -54.39
N LYS C 141 -30.61 27.53 -55.50
CA LYS C 141 -30.67 26.11 -55.83
C LYS C 141 -29.51 25.32 -55.25
N GLU C 142 -28.62 25.97 -54.50
CA GLU C 142 -27.50 25.28 -53.86
C GLU C 142 -27.83 24.79 -52.46
N LEU C 143 -28.64 25.54 -51.71
CA LEU C 143 -29.01 25.11 -50.37
C LEU C 143 -30.03 23.99 -50.39
N ALA C 144 -30.84 23.91 -51.44
CA ALA C 144 -31.90 22.92 -51.50
C ALA C 144 -31.33 21.50 -51.47
N ASN C 145 -30.28 21.25 -52.25
CA ASN C 145 -29.69 19.91 -52.28
C ASN C 145 -29.16 19.52 -50.90
N VAL C 146 -28.44 20.44 -50.24
CA VAL C 146 -27.87 20.13 -48.93
C VAL C 146 -28.98 19.84 -47.93
N VAL C 147 -30.02 20.68 -47.94
CA VAL C 147 -31.12 20.49 -46.99
C VAL C 147 -31.83 19.16 -47.24
N SER C 148 -32.07 18.83 -48.51
CA SER C 148 -32.75 17.58 -48.82
C SER C 148 -31.92 16.38 -48.39
N GLU C 149 -30.61 16.39 -48.67
CA GLU C 149 -29.77 15.28 -48.27
C GLU C 149 -29.72 15.15 -46.75
N LEU C 150 -29.59 16.28 -46.05
CA LEU C 150 -29.57 16.24 -44.59
C LEU C 150 -30.87 15.66 -44.04
N LEU C 151 -32.00 16.10 -44.59
CA LEU C 151 -33.29 15.60 -44.12
C LEU C 151 -33.41 14.10 -44.35
N LEU C 152 -33.00 13.62 -45.53
CA LEU C 152 -33.10 12.20 -45.82
C LEU C 152 -32.23 11.39 -44.86
N GLN C 153 -30.97 11.82 -44.69
CA GLN C 153 -30.05 11.08 -43.82
C GLN C 153 -30.54 11.07 -42.39
N ARG C 154 -31.06 12.19 -41.90
CA ARG C 154 -31.58 12.23 -40.53
C ARG C 154 -32.84 11.38 -40.40
N ALA C 155 -33.67 11.35 -41.44
CA ALA C 155 -34.88 10.54 -41.39
C ALA C 155 -34.56 9.07 -41.33
N GLN C 156 -33.47 8.63 -41.96
CA GLN C 156 -33.07 7.23 -41.83
C GLN C 156 -32.92 6.84 -40.36
N GLU C 157 -32.11 7.61 -39.62
CA GLU C 157 -31.91 7.30 -38.20
C GLU C 157 -33.17 7.54 -37.39
N LEU C 158 -33.98 8.52 -37.79
CA LEU C 158 -35.24 8.76 -37.10
C LEU C 158 -36.14 7.53 -37.15
N ASN C 159 -36.27 6.95 -38.34
CA ASN C 159 -37.05 5.71 -38.47
C ASN C 159 -36.40 4.56 -37.73
N HIS C 160 -35.06 4.48 -37.78
CA HIS C 160 -34.38 3.42 -37.04
C HIS C 160 -34.73 3.48 -35.56
N HIS C 161 -34.70 4.67 -34.97
CA HIS C 161 -34.98 4.81 -33.55
C HIS C 161 -36.46 4.68 -33.23
N ALA C 162 -37.34 5.13 -34.13
CA ALA C 162 -38.77 5.09 -33.84
C ALA C 162 -39.30 3.66 -33.80
N SER C 163 -38.75 2.78 -34.64
CA SER C 163 -39.25 1.42 -34.74
C SER C 163 -38.74 0.51 -33.63
N SER C 164 -37.82 0.97 -32.80
CA SER C 164 -37.25 0.15 -31.73
C SER C 164 -38.09 0.34 -30.48
N LEU C 165 -38.97 -0.63 -30.21
CA LEU C 165 -39.85 -0.58 -29.06
C LEU C 165 -39.21 -1.30 -27.88
N SER C 166 -39.98 -1.51 -26.81
CA SER C 166 -39.51 -2.17 -25.61
C SER C 166 -40.32 -3.44 -25.35
N ILE C 167 -39.74 -4.32 -24.54
CA ILE C 167 -40.37 -5.60 -24.20
C ILE C 167 -40.23 -5.82 -22.70
N ASP C 168 -41.32 -6.24 -22.07
CA ASP C 168 -41.31 -6.56 -20.64
C ASP C 168 -41.16 -8.07 -20.46
N LEU C 169 -39.94 -8.55 -20.73
CA LEU C 169 -39.68 -9.98 -20.66
C LEU C 169 -39.82 -10.49 -19.23
N ASN C 170 -39.39 -9.70 -18.25
CA ASN C 170 -39.43 -10.16 -16.86
C ASN C 170 -40.85 -10.49 -16.43
N ALA C 171 -41.81 -9.64 -16.77
CA ALA C 171 -43.20 -9.87 -16.40
C ALA C 171 -43.76 -11.09 -17.12
N ASN C 182 -31.77 2.38 -24.86
CA ASN C 182 -32.55 3.57 -24.55
C ASN C 182 -31.64 4.78 -24.37
N ILE C 183 -30.41 4.53 -23.95
CA ILE C 183 -29.46 5.63 -23.76
C ILE C 183 -29.19 6.33 -25.08
N ALA C 184 -28.95 5.55 -26.13
CA ALA C 184 -28.76 6.14 -27.45
C ALA C 184 -30.02 6.82 -27.95
N THR C 185 -31.19 6.24 -27.66
CA THR C 185 -32.44 6.86 -28.06
C THR C 185 -32.58 8.26 -27.44
N SER C 186 -32.33 8.36 -26.14
CA SER C 186 -32.39 9.66 -25.48
C SER C 186 -31.32 10.61 -26.03
N THR C 187 -30.11 10.10 -26.26
CA THR C 187 -29.04 10.95 -26.76
C THR C 187 -29.41 11.55 -28.11
N PHE C 188 -29.98 10.75 -29.01
CA PHE C 188 -30.35 11.27 -30.32
C PHE C 188 -31.63 12.11 -30.26
N LEU C 189 -32.56 11.75 -29.37
CA LEU C 189 -33.83 12.47 -29.31
C LEU C 189 -33.63 13.93 -28.95
N LEU C 190 -32.61 14.25 -28.14
CA LEU C 190 -32.36 15.62 -27.75
C LEU C 190 -31.85 16.48 -28.89
N LYS C 191 -31.43 15.88 -30.00
CA LYS C 191 -30.87 16.61 -31.13
C LYS C 191 -31.84 16.76 -32.29
N LEU C 192 -33.14 16.72 -32.02
CA LEU C 192 -34.18 16.71 -33.05
C LEU C 192 -34.85 18.06 -33.15
N GLU C 193 -34.96 18.58 -34.36
CA GLU C 193 -35.72 19.79 -34.62
C GLU C 193 -37.19 19.56 -34.29
N GLU C 194 -37.96 20.66 -34.27
CA GLU C 194 -39.37 20.57 -33.91
C GLU C 194 -40.14 19.69 -34.90
N MET C 195 -39.92 19.92 -36.19
CA MET C 195 -40.60 19.11 -37.20
C MET C 195 -40.19 17.65 -37.09
N GLU C 196 -38.90 17.39 -36.91
CA GLU C 196 -38.43 16.02 -36.74
C GLU C 196 -39.03 15.40 -35.48
N LYS C 197 -39.16 16.19 -34.41
CA LYS C 197 -39.77 15.68 -33.19
C LYS C 197 -41.23 15.29 -33.42
N GLU C 198 -41.97 16.12 -34.15
CA GLU C 198 -43.37 15.79 -34.44
C GLU C 198 -43.48 14.53 -35.27
N ILE C 199 -42.64 14.42 -36.31
CA ILE C 199 -42.67 13.21 -37.15
C ILE C 199 -42.34 11.99 -36.33
N TYR C 200 -41.32 12.09 -35.47
CA TYR C 200 -40.93 10.97 -34.62
C TYR C 200 -42.07 10.56 -33.70
N LYS C 201 -42.73 11.55 -33.08
CA LYS C 201 -43.83 11.23 -32.18
C LYS C 201 -44.94 10.50 -32.92
N LYS C 202 -45.31 10.99 -34.11
CA LYS C 202 -46.38 10.36 -34.86
C LYS C 202 -46.01 8.93 -35.26
N SER C 203 -44.80 8.74 -35.77
CA SER C 203 -44.37 7.41 -36.19
C SER C 203 -44.30 6.45 -35.01
N HIS C 204 -43.78 6.93 -33.87
CA HIS C 204 -43.71 6.08 -32.69
C HIS C 204 -45.10 5.68 -32.22
N GLU C 205 -46.04 6.62 -32.23
CA GLU C 205 -47.40 6.28 -31.83
C GLU C 205 -48.00 5.24 -32.76
N SER C 206 -47.79 5.40 -34.07
CA SER C 206 -48.33 4.43 -35.02
C SER C 206 -47.74 3.04 -34.78
N TYR C 207 -46.41 2.95 -34.64
CA TYR C 207 -45.78 1.67 -34.40
C TYR C 207 -46.26 1.04 -33.11
N LYS C 208 -46.37 1.83 -32.04
CA LYS C 208 -46.81 1.31 -30.76
C LYS C 208 -48.22 0.79 -30.85
N ASP C 209 -49.12 1.53 -31.51
CA ASP C 209 -50.49 1.06 -31.67
C ASP C 209 -50.54 -0.25 -32.42
N THR C 210 -49.79 -0.35 -33.52
CA THR C 210 -49.81 -1.57 -34.31
C THR C 210 -49.28 -2.76 -33.49
N LYS C 211 -48.19 -2.56 -32.76
CA LYS C 211 -47.65 -3.63 -31.94
C LYS C 211 -48.64 -4.06 -30.87
N ARG C 212 -49.27 -3.09 -30.19
CA ARG C 212 -50.22 -3.41 -29.15
C ARG C 212 -51.40 -4.22 -29.70
N TRP C 213 -51.92 -3.82 -30.87
CA TRP C 213 -52.99 -4.59 -31.47
C TRP C 213 -52.52 -5.99 -31.85
N MET C 214 -51.32 -6.10 -32.44
CA MET C 214 -50.87 -7.39 -32.93
C MET C 214 -50.68 -8.39 -31.81
N PHE C 215 -50.06 -7.96 -30.71
CA PHE C 215 -49.72 -8.87 -29.62
C PHE C 215 -50.73 -8.84 -28.49
N LYS C 216 -51.88 -8.20 -28.68
CA LYS C 216 -52.92 -8.20 -27.66
C LYS C 216 -53.48 -9.60 -27.48
N LYS C 217 -53.69 -9.98 -26.22
CA LYS C 217 -54.24 -11.29 -25.90
C LYS C 217 -55.75 -11.31 -26.15
N ILE D 52 -77.50 4.90 -59.59
CA ILE D 52 -78.11 3.77 -60.28
C ILE D 52 -78.15 2.56 -59.34
N TYR D 53 -79.35 2.22 -58.88
CA TYR D 53 -79.49 1.12 -57.94
C TYR D 53 -79.06 -0.19 -58.58
N VAL D 54 -78.27 -0.97 -57.84
CA VAL D 54 -77.83 -2.29 -58.29
C VAL D 54 -78.25 -3.33 -57.26
N SER D 55 -77.75 -3.19 -56.04
CA SER D 55 -78.08 -4.11 -54.95
C SER D 55 -77.59 -3.49 -53.65
N PRO D 56 -78.15 -3.92 -52.51
CA PRO D 56 -77.67 -3.38 -51.23
C PRO D 56 -76.19 -3.58 -50.99
N GLN D 57 -75.64 -4.73 -51.40
CA GLN D 57 -74.21 -4.98 -51.22
C GLN D 57 -73.39 -4.00 -52.05
N GLN D 58 -73.83 -3.69 -53.26
CA GLN D 58 -73.14 -2.66 -54.05
C GLN D 58 -73.16 -1.33 -53.34
N ASP D 59 -74.29 -0.98 -52.70
CA ASP D 59 -74.36 0.26 -51.95
C ASP D 59 -73.37 0.26 -50.79
N PHE D 60 -73.27 -0.86 -50.08
CA PHE D 60 -72.32 -0.93 -48.97
C PHE D 60 -70.88 -0.82 -49.48
N SER D 61 -70.59 -1.44 -50.62
CA SER D 61 -69.25 -1.33 -51.19
C SER D 61 -68.94 0.11 -51.56
N ASP D 62 -69.89 0.81 -52.16
CA ASP D 62 -69.70 2.21 -52.48
C ASP D 62 -69.50 3.04 -51.23
N LEU D 63 -70.25 2.74 -50.17
CA LEU D 63 -70.08 3.44 -48.90
C LEU D 63 -68.68 3.25 -48.36
N MET D 64 -68.19 2.01 -48.38
CA MET D 64 -66.83 1.74 -47.88
C MET D 64 -65.79 2.47 -48.72
N LYS D 65 -65.96 2.45 -50.04
CA LYS D 65 -65.01 3.14 -50.91
C LYS D 65 -64.99 4.63 -50.61
N SER D 66 -66.17 5.24 -50.49
CA SER D 66 -66.25 6.66 -50.19
C SER D 66 -65.63 6.97 -48.83
N TRP D 67 -65.89 6.13 -47.83
CA TRP D 67 -65.33 6.35 -46.50
C TRP D 67 -63.81 6.33 -46.55
N LYS D 68 -63.23 5.33 -47.22
CA LYS D 68 -61.78 5.24 -47.29
C LYS D 68 -61.20 6.43 -48.05
N ASN D 69 -61.83 6.80 -49.17
CA ASN D 69 -61.33 7.93 -49.95
C ASN D 69 -61.36 9.22 -49.12
N GLU D 70 -62.46 9.45 -48.41
CA GLU D 70 -62.57 10.66 -47.59
C GLU D 70 -61.55 10.66 -46.47
N ARG D 71 -61.35 9.50 -45.82
CA ARG D 71 -60.39 9.45 -44.73
C ARG D 71 -58.98 9.73 -45.22
N CYS D 72 -58.60 9.18 -46.38
CA CYS D 72 -57.24 9.34 -46.87
C CYS D 72 -57.06 10.53 -47.80
N SER D 73 -58.14 11.17 -48.24
CA SER D 73 -58.03 12.25 -49.20
C SER D 73 -57.57 13.54 -48.52
N PRO D 74 -56.95 14.46 -49.26
CA PRO D 74 -56.55 15.74 -48.68
C PRO D 74 -57.55 16.86 -48.87
N GLU D 75 -58.60 16.66 -49.66
CA GLU D 75 -59.62 17.66 -49.91
C GLU D 75 -60.99 17.10 -49.55
N LEU D 76 -62.00 17.97 -49.60
CA LEU D 76 -63.37 17.59 -49.31
C LEU D 76 -64.02 17.12 -50.61
N LEU D 77 -64.30 15.83 -50.70
CA LEU D 77 -64.86 15.24 -51.90
C LEU D 77 -66.36 15.52 -52.00
N PRO D 78 -66.93 15.40 -53.20
CA PRO D 78 -68.38 15.63 -53.36
C PRO D 78 -69.19 14.62 -52.57
N TYR D 79 -70.37 15.05 -52.14
CA TYR D 79 -71.25 14.22 -51.32
C TYR D 79 -72.09 13.30 -52.21
N PRO D 80 -72.08 11.98 -51.96
CA PRO D 80 -72.99 11.09 -52.74
C PRO D 80 -74.41 11.09 -52.17
N HIS D 81 -75.19 12.08 -52.60
CA HIS D 81 -76.50 12.31 -51.99
C HIS D 81 -77.38 11.06 -52.06
N GLN D 82 -77.55 10.50 -53.27
CA GLN D 82 -78.50 9.42 -53.46
C GLN D 82 -78.12 8.21 -52.63
N LEU D 83 -76.84 7.87 -52.58
CA LEU D 83 -76.40 6.70 -51.84
C LEU D 83 -76.73 6.84 -50.36
N MET D 84 -76.48 8.01 -49.79
CA MET D 84 -76.76 8.21 -48.36
C MET D 84 -78.26 8.22 -48.10
N LYS D 85 -79.05 8.82 -48.98
CA LYS D 85 -80.50 8.76 -48.81
C LYS D 85 -80.98 7.31 -48.78
N ARG D 86 -80.54 6.52 -49.77
CA ARG D 86 -80.95 5.12 -49.83
C ARG D 86 -80.49 4.36 -48.58
N LEU D 87 -79.26 4.60 -48.14
CA LEU D 87 -78.73 3.86 -47.00
C LEU D 87 -79.49 4.21 -45.73
N LEU D 88 -79.80 5.50 -45.51
CA LEU D 88 -80.55 5.87 -44.33
C LEU D 88 -81.95 5.26 -44.35
N ASN D 89 -82.61 5.30 -45.52
CA ASN D 89 -83.93 4.68 -45.61
C ASN D 89 -83.86 3.19 -45.32
N ARG D 90 -82.84 2.52 -45.86
CA ARG D 90 -82.69 1.09 -45.63
C ARG D 90 -82.43 0.80 -44.16
N ILE D 91 -81.62 1.63 -43.50
CA ILE D 91 -81.33 1.42 -42.09
C ILE D 91 -82.62 1.55 -41.27
N SER D 92 -83.42 2.59 -41.57
CA SER D 92 -84.66 2.77 -40.84
C SER D 92 -85.60 1.58 -41.03
N MET D 93 -85.77 1.15 -42.28
CA MET D 93 -86.67 0.03 -42.54
C MET D 93 -86.16 -1.26 -41.90
N GLN D 94 -84.85 -1.48 -41.94
CA GLN D 94 -84.28 -2.67 -41.32
C GLN D 94 -84.46 -2.65 -39.81
N SER D 95 -84.31 -1.47 -39.20
CA SER D 95 -84.54 -1.38 -37.76
C SER D 95 -86.00 -1.68 -37.42
N GLN D 96 -86.93 -1.16 -38.22
CA GLN D 96 -88.33 -1.48 -38.00
C GLN D 96 -88.59 -2.98 -38.12
N LEU D 97 -87.99 -3.60 -39.14
CA LEU D 97 -88.16 -5.05 -39.33
C LEU D 97 -87.57 -5.82 -38.16
N ILE D 98 -86.42 -5.37 -37.65
CA ILE D 98 -85.81 -6.02 -36.50
C ILE D 98 -86.73 -5.93 -35.30
N GLU D 99 -87.32 -4.75 -35.08
CA GLU D 99 -88.25 -4.59 -33.96
C GLU D 99 -89.44 -5.54 -34.12
N ASN D 100 -89.99 -5.63 -35.33
CA ASN D 100 -91.12 -6.53 -35.56
C ASN D 100 -90.74 -7.98 -35.28
N ILE D 101 -89.57 -8.40 -35.75
CA ILE D 101 -89.14 -9.77 -35.55
C ILE D 101 -88.91 -10.05 -34.06
N SER D 102 -88.28 -9.11 -33.36
CA SER D 102 -88.01 -9.29 -31.94
C SER D 102 -89.27 -9.22 -31.08
N MET D 103 -90.34 -8.62 -31.59
CA MET D 103 -91.59 -8.59 -30.83
C MET D 103 -92.10 -10.00 -30.57
N GLY D 104 -92.04 -10.86 -31.58
CA GLY D 104 -92.48 -12.24 -31.43
C GLY D 104 -91.52 -13.07 -30.59
N ASN D 120 -85.06 -21.70 -30.19
CA ASN D 120 -83.98 -20.73 -30.16
C ASN D 120 -83.22 -20.69 -31.48
N GLU D 121 -83.90 -21.12 -32.56
CA GLU D 121 -83.26 -21.13 -33.86
C GLU D 121 -83.14 -19.73 -34.45
N SER D 122 -84.04 -18.83 -34.09
CA SER D 122 -84.07 -17.48 -34.64
C SER D 122 -83.19 -16.50 -33.85
N LYS D 123 -82.57 -16.95 -32.75
CA LYS D 123 -81.73 -16.05 -31.97
C LYS D 123 -80.50 -15.61 -32.75
N LEU D 124 -79.86 -16.54 -33.46
CA LEU D 124 -78.60 -16.23 -34.15
C LEU D 124 -78.85 -15.35 -35.36
N PRO D 125 -79.89 -15.62 -36.17
CA PRO D 125 -80.22 -14.66 -37.24
C PRO D 125 -80.41 -13.25 -36.73
N LEU D 126 -81.15 -13.07 -35.64
CA LEU D 126 -81.38 -11.73 -35.10
C LEU D 126 -80.08 -11.12 -34.57
N LEU D 127 -79.23 -11.94 -33.94
CA LEU D 127 -77.94 -11.44 -33.50
C LEU D 127 -77.12 -10.92 -34.67
N CYS D 128 -77.13 -11.66 -35.78
CA CYS D 128 -76.43 -11.20 -36.98
C CYS D 128 -77.04 -9.92 -37.51
N MET D 129 -78.37 -9.83 -37.51
CA MET D 129 -79.04 -8.58 -37.91
C MET D 129 -78.48 -7.41 -37.12
N GLU D 130 -78.49 -7.53 -35.79
CA GLU D 130 -78.07 -6.43 -34.94
C GLU D 130 -76.60 -6.08 -35.15
N THR D 131 -75.74 -7.10 -35.27
CA THR D 131 -74.33 -6.83 -35.49
C THR D 131 -74.11 -6.10 -36.81
N GLU D 132 -74.81 -6.55 -37.86
CA GLU D 132 -74.68 -5.89 -39.16
C GLU D 132 -75.16 -4.45 -39.10
N LEU D 133 -76.28 -4.21 -38.42
CA LEU D 133 -76.77 -2.84 -38.28
C LEU D 133 -75.77 -1.97 -37.54
N GLU D 134 -75.16 -2.51 -36.47
CA GLU D 134 -74.16 -1.74 -35.74
C GLU D 134 -72.97 -1.41 -36.62
N ARG D 135 -72.51 -2.36 -37.43
CA ARG D 135 -71.37 -2.10 -38.30
C ARG D 135 -71.69 -1.02 -39.33
N LEU D 136 -72.87 -1.11 -39.96
CA LEU D 136 -73.27 -0.10 -40.93
C LEU D 136 -73.38 1.27 -40.28
N LYS D 137 -73.97 1.33 -39.08
CA LYS D 137 -74.08 2.60 -38.38
C LYS D 137 -72.71 3.18 -38.06
N PHE D 138 -71.77 2.33 -37.65
CA PHE D 138 -70.42 2.82 -37.36
C PHE D 138 -69.79 3.40 -38.61
N VAL D 139 -69.92 2.72 -39.74
CA VAL D 139 -69.32 3.22 -40.98
C VAL D 139 -69.89 4.59 -41.33
N ILE D 140 -71.22 4.70 -41.28
CA ILE D 140 -71.85 5.98 -41.64
C ILE D 140 -71.41 7.08 -40.68
N ARG D 141 -71.38 6.78 -39.39
CA ARG D 141 -70.99 7.77 -38.39
C ARG D 141 -69.56 8.25 -38.63
N SER D 142 -68.64 7.32 -38.89
CA SER D 142 -67.26 7.72 -39.14
C SER D 142 -67.15 8.59 -40.38
N TYR D 143 -67.86 8.22 -41.45
CA TYR D 143 -67.82 9.04 -42.67
C TYR D 143 -68.33 10.44 -42.40
N ILE D 144 -69.45 10.56 -41.68
CA ILE D 144 -70.03 11.87 -41.41
C ILE D 144 -69.08 12.70 -40.56
N ARG D 145 -68.47 12.09 -39.54
CA ARG D 145 -67.55 12.85 -38.69
C ARG D 145 -66.34 13.33 -39.45
N CYS D 146 -65.79 12.49 -40.34
CA CYS D 146 -64.66 12.92 -41.15
C CYS D 146 -65.06 14.09 -42.04
N ARG D 147 -66.24 14.02 -42.66
CA ARG D 147 -66.70 15.13 -43.49
C ARG D 147 -66.85 16.40 -42.68
N LEU D 148 -67.40 16.29 -41.47
CA LEU D 148 -67.59 17.47 -40.62
C LEU D 148 -66.25 18.09 -40.24
N SER D 149 -65.27 17.26 -39.89
CA SER D 149 -63.96 17.79 -39.55
C SER D 149 -63.32 18.50 -40.74
N LYS D 150 -63.41 17.89 -41.92
CA LYS D 150 -62.86 18.53 -43.11
C LYS D 150 -63.54 19.87 -43.39
N ILE D 151 -64.86 19.92 -43.20
CA ILE D 151 -65.56 21.20 -43.34
C ILE D 151 -65.04 22.21 -42.33
N ASP D 152 -64.83 21.77 -41.08
CA ASP D 152 -64.35 22.67 -40.05
C ASP D 152 -63.02 23.29 -40.45
N LYS D 153 -62.08 22.48 -40.94
CA LYS D 153 -60.76 23.02 -41.25
C LYS D 153 -60.82 24.01 -42.41
N PHE D 154 -61.46 23.61 -43.51
CA PHE D 154 -61.59 24.48 -44.69
C PHE D 154 -62.95 25.16 -44.68
N SER D 155 -63.10 26.12 -43.76
CA SER D 155 -64.35 26.86 -43.64
C SER D 155 -64.35 28.12 -44.50
N LEU D 156 -63.35 28.98 -44.33
CA LEU D 156 -63.29 30.19 -45.13
C LEU D 156 -63.11 29.88 -46.61
N TYR D 157 -62.31 28.85 -46.92
CA TYR D 157 -62.10 28.49 -48.32
C TYR D 157 -63.41 28.07 -48.98
N LEU D 158 -64.25 27.31 -48.26
CA LEU D 158 -65.54 26.92 -48.82
C LEU D 158 -66.42 28.12 -49.08
N ARG D 159 -66.43 29.09 -48.15
CA ARG D 159 -67.22 30.29 -48.37
C ARG D 159 -66.73 31.07 -49.58
N GLN D 160 -65.41 31.20 -49.73
CA GLN D 160 -64.87 31.88 -50.90
C GLN D 160 -65.26 31.15 -52.18
N LEU D 161 -65.18 29.82 -52.18
CA LEU D 161 -65.56 29.05 -53.35
C LEU D 161 -67.03 29.26 -53.70
N ASN D 162 -67.89 29.27 -52.68
CA ASN D 162 -69.32 29.43 -52.93
C ASN D 162 -69.63 30.82 -53.47
N GLU D 163 -69.09 31.87 -52.84
CA GLU D 163 -69.33 33.22 -53.30
C GLU D 163 -68.76 33.44 -54.71
N ASP D 164 -67.57 32.91 -54.96
CA ASP D 164 -66.94 33.05 -56.27
C ASP D 164 -67.84 32.47 -57.35
N GLU D 165 -68.37 33.32 -58.22
CA GLU D 165 -69.31 32.86 -59.23
C GLU D 165 -68.61 32.11 -60.36
N ASN D 166 -67.34 32.42 -60.63
CA ASN D 166 -66.64 31.80 -61.75
C ASN D 166 -66.56 30.29 -61.58
N SER D 167 -66.21 29.83 -60.37
CA SER D 167 -66.09 28.40 -60.13
C SER D 167 -67.47 27.75 -60.12
N LEU D 168 -67.61 26.65 -60.85
CA LEU D 168 -68.89 25.97 -60.94
C LEU D 168 -69.24 25.25 -59.64
N ILE D 169 -68.27 25.04 -58.74
CA ILE D 169 -68.55 24.33 -57.50
C ILE D 169 -69.50 25.16 -56.65
N SER D 170 -70.48 24.47 -56.04
CA SER D 170 -71.43 25.09 -55.15
C SER D 170 -71.61 24.21 -53.91
N LEU D 171 -71.79 24.85 -52.76
CA LEU D 171 -71.96 24.08 -51.52
C LEU D 171 -73.15 23.15 -51.62
N THR D 172 -74.19 23.53 -52.35
CA THR D 172 -75.32 22.64 -52.56
C THR D 172 -74.91 21.39 -53.32
N ASP D 173 -73.91 21.50 -54.18
CA ASP D 173 -73.39 20.36 -54.94
C ASP D 173 -72.22 19.68 -54.24
N LEU D 174 -71.77 20.19 -53.11
CA LEU D 174 -70.64 19.63 -52.37
C LEU D 174 -70.98 19.15 -50.97
N LEU D 175 -72.11 19.59 -50.41
CA LEU D 175 -72.50 19.23 -49.05
C LEU D 175 -73.97 18.87 -49.01
N SER D 176 -74.39 18.29 -47.89
CA SER D 176 -75.78 17.96 -47.65
C SER D 176 -76.44 19.11 -46.90
N LYS D 177 -77.70 18.93 -46.50
CA LYS D 177 -78.40 19.97 -45.75
C LYS D 177 -77.82 20.09 -44.33
N ASP D 178 -77.56 18.96 -43.68
CA ASP D 178 -76.97 18.99 -42.35
C ASP D 178 -75.60 19.66 -42.38
N GLU D 179 -74.79 19.31 -43.39
CA GLU D 179 -73.46 19.90 -43.49
C GLU D 179 -73.53 21.40 -43.74
N ILE D 180 -74.45 21.84 -44.60
CA ILE D 180 -74.55 23.28 -44.87
C ILE D 180 -75.02 24.02 -43.63
N LYS D 181 -75.97 23.43 -42.88
CA LYS D 181 -76.40 24.04 -41.64
C LYS D 181 -75.24 24.17 -40.66
N TYR D 182 -74.45 23.09 -40.52
CA TYR D 182 -73.30 23.12 -39.62
C TYR D 182 -72.30 24.18 -40.05
N HIS D 183 -72.02 24.25 -41.35
CA HIS D 183 -71.08 25.25 -41.85
C HIS D 183 -71.55 26.66 -41.52
N ASP D 184 -72.80 26.98 -41.85
CA ASP D 184 -73.32 28.32 -41.60
C ASP D 184 -73.26 28.65 -40.11
N THR D 185 -73.78 27.75 -39.26
CA THR D 185 -73.85 28.06 -37.84
C THR D 185 -72.45 28.20 -37.23
N HIS D 186 -71.53 27.31 -37.59
CA HIS D 186 -70.19 27.40 -37.03
C HIS D 186 -69.49 28.68 -37.48
N SER D 187 -69.64 29.05 -38.75
CA SER D 187 -69.04 30.29 -39.22
C SER D 187 -69.59 31.48 -38.45
N LEU D 188 -70.92 31.51 -38.26
CA LEU D 188 -71.53 32.62 -37.53
C LEU D 188 -70.99 32.69 -36.11
N ILE D 189 -70.94 31.55 -35.42
CA ILE D 189 -70.53 31.54 -34.03
C ILE D 189 -69.08 31.98 -33.89
N TRP D 190 -68.21 31.45 -34.75
CA TRP D 190 -66.79 31.82 -34.66
C TRP D 190 -66.59 33.29 -34.99
N LEU D 191 -67.32 33.80 -35.99
CA LEU D 191 -67.22 35.22 -36.30
C LEU D 191 -67.66 36.07 -35.12
N LYS D 192 -68.75 35.68 -34.45
CA LYS D 192 -69.20 36.43 -33.28
C LYS D 192 -68.12 36.42 -32.20
N LEU D 193 -67.54 35.26 -31.94
CA LEU D 193 -66.53 35.16 -30.88
C LEU D 193 -65.32 36.05 -31.19
N VAL D 194 -64.82 35.96 -32.42
CA VAL D 194 -63.62 36.73 -32.78
C VAL D 194 -63.93 38.23 -32.78
N ASN D 195 -65.12 38.61 -33.22
CA ASN D 195 -65.50 40.02 -33.17
C ASN D 195 -65.57 40.52 -31.72
N ASP D 196 -66.13 39.69 -30.83
CA ASP D 196 -66.26 40.10 -29.44
C ASP D 196 -64.91 40.19 -28.74
N SER D 197 -63.96 39.33 -29.10
CA SER D 197 -62.69 39.24 -28.39
C SER D 197 -61.59 40.12 -28.98
N ILE D 198 -61.42 40.12 -30.30
CA ILE D 198 -60.22 40.64 -30.93
C ILE D 198 -60.55 41.69 -31.98
N LEU D 199 -61.37 41.32 -32.95
CA LEU D 199 -61.50 42.11 -34.17
C LEU D 199 -62.05 43.51 -33.90
N LYS D 200 -63.01 43.62 -32.97
CA LYS D 200 -63.65 44.91 -32.74
C LYS D 200 -62.67 45.99 -32.32
N TYR D 201 -61.51 45.60 -31.80
CA TYR D 201 -60.49 46.55 -31.36
C TYR D 201 -59.50 46.91 -32.46
N MET D 202 -59.56 46.26 -33.62
CA MET D 202 -58.64 46.53 -34.71
C MET D 202 -59.16 47.68 -35.58
N PRO D 203 -58.28 48.34 -36.33
CA PRO D 203 -58.75 49.39 -37.25
C PRO D 203 -59.50 48.82 -38.43
N GLU D 204 -60.01 49.69 -39.30
CA GLU D 204 -60.79 49.24 -40.45
C GLU D 204 -59.96 48.45 -41.45
N GLU D 205 -58.63 48.57 -41.41
CA GLU D 205 -57.78 47.85 -42.35
C GLU D 205 -57.44 46.43 -41.91
N LEU D 206 -57.71 46.07 -40.66
CA LEU D 206 -57.28 44.78 -40.12
C LEU D 206 -58.40 44.15 -39.29
N GLN D 207 -59.64 44.24 -39.78
CA GLN D 207 -60.77 43.58 -39.14
C GLN D 207 -61.42 42.54 -40.02
N ALA D 208 -60.92 42.33 -41.25
CA ALA D 208 -61.46 41.30 -42.12
C ALA D 208 -60.87 39.95 -41.73
N ILE D 209 -61.74 39.01 -41.37
CA ILE D 209 -61.29 37.69 -40.95
C ILE D 209 -60.74 36.87 -42.11
N ASN D 210 -60.97 37.29 -43.36
CA ASN D 210 -60.50 36.59 -44.55
C ASN D 210 -59.78 37.61 -45.43
N ASP D 211 -58.48 37.79 -45.18
CA ASP D 211 -57.65 38.71 -45.93
C ASP D 211 -56.66 37.92 -46.78
N THR D 212 -56.54 38.30 -48.06
CA THR D 212 -55.67 37.61 -49.01
C THR D 212 -54.62 38.56 -49.59
N GLU D 213 -54.25 39.60 -48.83
CA GLU D 213 -53.24 40.55 -49.27
C GLU D 213 -52.23 40.88 -48.17
N GLY D 214 -52.31 40.22 -47.03
CA GLY D 214 -51.41 40.47 -45.92
C GLY D 214 -50.14 39.65 -46.01
N SER D 215 -49.40 39.64 -44.91
CA SER D 215 -48.14 38.90 -44.87
C SER D 215 -48.39 37.40 -45.04
N VAL D 216 -49.40 36.87 -44.35
CA VAL D 216 -49.73 35.45 -44.40
C VAL D 216 -51.18 35.31 -44.79
N ASN D 217 -51.44 34.44 -45.77
CA ASN D 217 -52.80 34.21 -46.24
C ASN D 217 -53.67 33.71 -45.10
N MET D 218 -54.85 34.33 -44.95
CA MET D 218 -55.77 33.95 -43.88
C MET D 218 -56.66 32.77 -44.25
N ILE D 219 -56.67 32.36 -45.52
CA ILE D 219 -57.49 31.24 -45.97
C ILE D 219 -56.55 30.05 -46.17
N ASP D 220 -56.77 28.99 -45.40
CA ASP D 220 -55.98 27.77 -45.53
C ASP D 220 -56.62 26.87 -46.58
N GLU D 221 -55.95 26.73 -47.72
CA GLU D 221 -56.47 25.92 -48.81
C GLU D 221 -56.04 24.47 -48.67
N PRO D 222 -56.78 23.54 -49.27
CA PRO D 222 -56.34 22.14 -49.25
C PRO D 222 -54.98 21.99 -49.90
N ASP D 223 -54.17 21.09 -49.37
CA ASP D 223 -52.87 20.81 -49.95
C ASP D 223 -53.05 20.04 -51.25
N TRP D 224 -52.57 20.62 -52.35
CA TRP D 224 -52.78 20.06 -53.68
C TRP D 224 -51.66 19.11 -54.10
N ASN D 225 -50.71 18.81 -53.22
CA ASN D 225 -49.64 17.89 -53.55
C ASN D 225 -49.33 16.95 -52.38
N LYS D 226 -50.32 16.68 -51.54
CA LYS D 226 -50.13 15.72 -50.46
C LYS D 226 -49.95 14.32 -51.03
N PHE D 227 -49.04 13.56 -50.43
CA PHE D 227 -48.78 12.20 -50.88
C PHE D 227 -49.80 11.24 -50.27
N VAL D 228 -50.21 10.26 -51.07
CA VAL D 228 -51.22 9.30 -50.67
C VAL D 228 -50.91 7.96 -51.32
N PHE D 229 -51.24 6.88 -50.60
CA PHE D 229 -51.09 5.54 -51.14
C PHE D 229 -52.28 5.20 -52.03
N ILE D 230 -52.01 4.76 -53.25
CA ILE D 230 -53.05 4.49 -54.24
C ILE D 230 -52.86 3.07 -54.77
N HIS D 231 -53.96 2.36 -54.95
CA HIS D 231 -53.98 1.05 -55.58
C HIS D 231 -54.67 1.18 -56.93
N VAL D 232 -54.00 0.77 -57.99
CA VAL D 232 -54.49 0.94 -59.36
C VAL D 232 -55.46 -0.21 -59.64
N ASN D 233 -56.76 0.04 -59.45
CA ASN D 233 -57.74 -1.01 -59.66
C ASN D 233 -57.97 -1.29 -61.14
N GLY D 234 -58.02 -0.24 -61.95
CA GLY D 234 -58.35 -0.37 -63.36
C GLY D 234 -59.83 -0.21 -63.60
N PRO D 235 -60.24 -0.25 -64.87
CA PRO D 235 -61.66 -0.04 -65.18
C PRO D 235 -62.53 -1.11 -64.54
N PRO D 236 -63.75 -0.75 -64.10
CA PRO D 236 -64.65 -1.75 -63.51
C PRO D 236 -64.92 -2.93 -64.45
N ASP D 243 -61.59 3.00 -72.73
CA ASP D 243 -60.69 3.78 -71.88
C ASP D 243 -59.44 4.20 -72.65
N PRO D 244 -59.51 5.36 -73.31
CA PRO D 244 -58.34 5.84 -74.04
C PRO D 244 -57.13 6.07 -73.16
N LEU D 245 -57.33 6.25 -71.85
CA LEU D 245 -56.21 6.49 -70.94
C LEU D 245 -55.37 5.25 -70.69
N LEU D 246 -55.81 4.08 -71.16
CA LEU D 246 -55.11 2.82 -70.92
C LEU D 246 -54.21 2.51 -72.11
N GLN D 247 -52.91 2.44 -71.87
CA GLN D 247 -51.94 2.04 -72.88
C GLN D 247 -51.06 0.94 -72.31
N GLU D 248 -51.03 -0.21 -72.99
CA GLU D 248 -50.27 -1.35 -72.51
C GLU D 248 -48.77 -1.09 -72.62
N ASN D 249 -48.06 -1.33 -71.51
CA ASN D 249 -46.67 -0.94 -71.38
C ASN D 249 -45.75 -1.98 -72.04
N GLU D 250 -44.44 -1.84 -71.84
CA GLU D 250 -43.50 -2.73 -72.50
C GLU D 250 -43.48 -4.12 -71.86
N PHE D 251 -43.72 -4.22 -70.56
CA PHE D 251 -43.69 -5.50 -69.85
C PHE D 251 -45.08 -6.15 -69.81
N GLY D 252 -45.69 -6.32 -70.98
CA GLY D 252 -46.93 -7.08 -71.09
C GLY D 252 -47.96 -6.79 -70.02
N LYS D 253 -48.28 -5.52 -69.77
CA LYS D 253 -49.22 -5.18 -68.73
C LYS D 253 -49.91 -3.85 -69.01
N PRO D 254 -51.24 -3.78 -68.91
CA PRO D 254 -51.91 -2.48 -69.06
C PRO D 254 -51.47 -1.51 -67.96
N CYS D 255 -51.38 -0.23 -68.32
CA CYS D 255 -50.90 0.77 -67.38
C CYS D 255 -51.40 2.14 -67.79
N TYR D 256 -51.78 2.96 -66.80
CA TYR D 256 -52.13 4.35 -67.03
C TYR D 256 -50.87 5.20 -67.10
N THR D 257 -51.02 6.41 -67.64
CA THR D 257 -49.93 7.37 -67.75
C THR D 257 -50.37 8.70 -67.15
N VAL D 258 -49.49 9.28 -66.34
CA VAL D 258 -49.72 10.59 -65.73
C VAL D 258 -48.47 11.42 -65.89
N THR D 259 -48.64 12.74 -65.76
CA THR D 259 -47.55 13.69 -65.93
C THR D 259 -47.47 14.59 -64.71
N ILE D 260 -46.26 14.74 -64.16
CA ILE D 260 -46.01 15.67 -63.07
C ILE D 260 -45.51 16.98 -63.68
N PRO D 261 -46.26 18.08 -63.59
CA PRO D 261 -45.85 19.29 -64.31
C PRO D 261 -44.62 19.98 -63.71
N ASP D 262 -44.46 19.92 -62.39
CA ASP D 262 -43.32 20.60 -61.77
C ASP D 262 -41.99 20.01 -62.25
N LEU D 263 -41.91 18.68 -62.33
CA LEU D 263 -40.67 18.00 -62.68
C LEU D 263 -40.56 17.69 -64.17
N LYS D 264 -41.59 17.97 -64.96
CA LYS D 264 -41.59 17.62 -66.38
C LYS D 264 -41.34 16.13 -66.58
N GLU D 265 -41.93 15.32 -65.70
CA GLU D 265 -41.75 13.87 -65.70
C GLU D 265 -43.06 13.18 -66.05
N GLU D 266 -42.92 12.00 -66.66
CA GLU D 266 -44.07 11.16 -67.02
C GLU D 266 -43.95 9.85 -66.24
N VAL D 267 -45.01 9.52 -65.51
CA VAL D 267 -45.04 8.32 -64.67
C VAL D 267 -46.07 7.35 -65.23
N GLU D 268 -45.73 6.06 -65.16
CA GLU D 268 -46.57 4.99 -65.68
C GLU D 268 -47.07 4.15 -64.51
N LEU D 269 -48.38 4.01 -64.39
CA LEU D 269 -49.02 3.27 -63.31
C LEU D 269 -49.56 1.96 -63.88
N THR D 270 -48.98 0.84 -63.46
CA THR D 270 -49.43 -0.47 -63.92
C THR D 270 -50.47 -1.04 -62.96
N ILE D 271 -51.50 -1.66 -63.53
CA ILE D 271 -52.58 -2.20 -62.72
C ILE D 271 -52.02 -3.22 -61.73
N GLY D 272 -52.73 -3.40 -60.63
CA GLY D 272 -52.35 -4.35 -59.60
C GLY D 272 -51.04 -3.99 -58.92
N SER D 273 -50.90 -2.72 -58.53
CA SER D 273 -49.70 -2.26 -57.86
C SER D 273 -50.07 -1.10 -56.95
N ILE D 274 -49.16 -0.79 -56.02
CA ILE D 274 -49.35 0.27 -55.05
C ILE D 274 -48.27 1.32 -55.24
N TYR D 275 -48.69 2.58 -55.35
CA TYR D 275 -47.79 3.70 -55.56
C TYR D 275 -47.95 4.71 -54.43
N VAL D 276 -47.03 5.67 -54.40
CA VAL D 276 -47.09 6.81 -53.50
C VAL D 276 -46.99 8.05 -54.38
N MET D 277 -48.14 8.59 -54.80
CA MET D 277 -48.19 9.65 -55.79
C MET D 277 -48.77 10.92 -55.19
N ARG D 278 -48.55 12.03 -55.88
CA ARG D 278 -49.18 13.29 -55.51
C ARG D 278 -50.67 13.23 -55.81
N TYR D 279 -51.45 14.05 -55.08
CA TYR D 279 -52.90 13.99 -55.21
C TYR D 279 -53.38 14.62 -56.51
N GLU D 280 -52.78 15.75 -56.92
CA GLU D 280 -53.29 16.46 -58.09
C GLU D 280 -53.15 15.63 -59.36
N VAL D 281 -52.06 14.87 -59.49
CA VAL D 281 -51.82 14.13 -60.72
C VAL D 281 -52.88 13.05 -60.93
N ILE D 282 -53.32 12.42 -59.84
CA ILE D 282 -54.23 11.28 -59.94
C ILE D 282 -55.65 11.64 -59.54
N ARG D 283 -55.95 12.93 -59.36
CA ARG D 283 -57.28 13.31 -58.90
C ARG D 283 -58.35 12.91 -59.90
N ASP D 284 -58.08 13.12 -61.20
CA ASP D 284 -59.08 12.75 -62.21
C ASP D 284 -59.36 11.26 -62.20
N LEU D 285 -58.31 10.44 -62.06
CA LEU D 285 -58.51 9.00 -61.99
C LEU D 285 -59.35 8.62 -60.78
N LEU D 286 -59.06 9.24 -59.63
CA LEU D 286 -59.84 8.96 -58.43
C LEU D 286 -61.30 9.35 -58.62
N ARG D 287 -61.56 10.47 -59.29
CA ARG D 287 -62.92 10.84 -59.60
C ARG D 287 -63.59 9.80 -60.50
N ASP D 288 -62.85 9.30 -61.49
CA ASP D 288 -63.38 8.30 -62.41
C ASP D 288 -63.45 6.91 -61.81
N ASP D 289 -62.86 6.70 -60.63
CA ASP D 289 -62.88 5.43 -59.91
C ASP D 289 -61.89 4.42 -60.48
N LYS D 290 -60.98 4.84 -61.36
CA LYS D 290 -59.96 3.92 -61.86
C LYS D 290 -59.05 3.45 -60.74
N VAL D 291 -58.66 4.37 -59.86
CA VAL D 291 -57.78 4.05 -58.74
C VAL D 291 -58.51 4.36 -57.45
N ALA D 292 -58.08 3.69 -56.38
CA ALA D 292 -58.67 3.86 -55.06
C ALA D 292 -57.57 4.05 -54.03
N LEU D 293 -57.76 4.99 -53.12
CA LEU D 293 -56.79 5.24 -52.07
C LEU D 293 -56.86 4.15 -51.02
N ILE D 294 -55.70 3.82 -50.47
CA ILE D 294 -55.61 2.80 -49.43
C ILE D 294 -55.73 3.46 -48.07
N MET E 1 -88.30 -27.91 -3.59
CA MET E 1 -88.19 -29.34 -4.01
C MET E 1 -86.73 -29.68 -4.31
N TYR E 2 -86.40 -30.97 -4.27
CA TYR E 2 -85.04 -31.45 -4.47
C TYR E 2 -84.91 -32.06 -5.86
N TYR E 3 -83.88 -31.66 -6.58
CA TYR E 3 -83.58 -32.20 -7.91
C TYR E 3 -82.50 -33.26 -7.77
N GLY E 4 -82.82 -34.49 -8.16
CA GLY E 4 -81.84 -35.55 -8.11
C GLY E 4 -80.71 -35.34 -9.10
N ILE E 5 -79.66 -36.13 -8.95
CA ILE E 5 -78.49 -35.97 -9.80
C ILE E 5 -78.87 -36.19 -11.26
N SER E 6 -79.78 -37.12 -11.52
CA SER E 6 -80.27 -37.35 -12.88
C SER E 6 -81.21 -36.25 -13.36
N GLN E 7 -81.68 -35.38 -12.46
CA GLN E 7 -82.61 -34.32 -12.83
C GLN E 7 -81.95 -32.96 -13.01
N PHE E 8 -80.63 -32.88 -12.88
CA PHE E 8 -79.95 -31.60 -13.05
C PHE E 8 -80.18 -31.02 -14.43
N SER E 9 -80.15 -31.88 -15.46
CA SER E 9 -80.38 -31.41 -16.82
C SER E 9 -81.74 -30.77 -16.97
N GLU E 10 -82.76 -31.28 -16.27
CA GLU E 10 -84.09 -30.69 -16.37
C GLU E 10 -84.13 -29.28 -15.78
N ALA E 11 -83.46 -29.09 -14.63
CA ALA E 11 -83.40 -27.75 -14.05
C ALA E 11 -82.63 -26.80 -14.97
N TYR E 12 -81.54 -27.29 -15.56
CA TYR E 12 -80.79 -26.45 -16.49
C TYR E 12 -81.63 -26.07 -17.70
N ASN E 13 -82.42 -27.02 -18.21
CA ASN E 13 -83.30 -26.73 -19.34
C ASN E 13 -84.37 -25.72 -18.94
N LYS E 14 -84.90 -25.84 -17.73
CA LYS E 14 -85.87 -24.85 -17.25
C LYS E 14 -85.24 -23.46 -17.21
N ILE E 15 -84.03 -23.37 -16.68
CA ILE E 15 -83.33 -22.09 -16.64
C ILE E 15 -83.16 -21.53 -18.04
N LEU E 16 -82.71 -22.38 -18.97
CA LEU E 16 -82.51 -21.91 -20.34
C LEU E 16 -83.81 -21.50 -21.00
N ARG E 17 -84.92 -22.14 -20.63
CA ARG E 17 -86.21 -21.77 -21.20
C ARG E 17 -86.68 -20.42 -20.67
N ASN E 18 -86.53 -20.20 -19.36
CA ASN E 18 -87.04 -18.96 -18.76
C ASN E 18 -86.15 -17.78 -19.11
N SER E 19 -84.92 -17.79 -18.59
CA SER E 19 -84.00 -16.66 -18.76
C SER E 19 -83.03 -16.94 -19.92
N SER E 20 -83.54 -16.78 -21.13
CA SER E 20 -82.72 -16.89 -22.32
C SER E 20 -82.98 -15.82 -23.37
N SER E 21 -84.14 -15.19 -23.39
CA SER E 21 -84.44 -14.19 -24.41
C SER E 21 -83.45 -13.04 -24.33
N HIS E 22 -83.04 -12.54 -25.50
CA HIS E 22 -82.07 -11.46 -25.59
C HIS E 22 -82.66 -10.10 -25.24
N SER E 23 -83.89 -10.06 -24.72
CA SER E 23 -84.51 -8.77 -24.38
C SER E 23 -83.73 -8.05 -23.30
N SER E 24 -83.42 -8.74 -22.21
CA SER E 24 -82.73 -8.12 -21.08
C SER E 24 -82.21 -9.22 -20.16
N CYS E 25 -81.40 -8.82 -19.19
CA CYS E 25 -80.85 -9.76 -18.23
C CYS E 25 -81.94 -10.23 -17.27
N GLN E 26 -81.99 -11.55 -17.04
CA GLN E 26 -82.99 -12.12 -16.14
C GLN E 26 -82.42 -13.21 -15.24
N LEU E 27 -81.09 -13.30 -15.13
CA LEU E 27 -80.45 -14.30 -14.28
C LEU E 27 -79.48 -13.58 -13.35
N VAL E 28 -79.65 -13.79 -12.04
CA VAL E 28 -78.78 -13.21 -11.03
C VAL E 28 -78.19 -14.35 -10.22
N ILE E 29 -76.87 -14.37 -10.09
CA ILE E 29 -76.14 -15.41 -9.38
C ILE E 29 -75.60 -14.82 -8.10
N PHE E 30 -76.03 -15.35 -6.96
CA PHE E 30 -75.51 -14.95 -5.66
C PHE E 30 -74.45 -15.95 -5.21
N VAL E 31 -73.30 -15.44 -4.78
CA VAL E 31 -72.14 -16.26 -4.47
C VAL E 31 -71.63 -15.92 -3.08
N SER E 32 -71.32 -16.95 -2.30
CA SER E 32 -70.68 -16.73 -1.01
C SER E 32 -69.30 -16.09 -1.22
N CYS E 33 -69.01 -15.07 -0.40
CA CYS E 33 -67.82 -14.26 -0.61
C CYS E 33 -66.55 -14.93 -0.06
N LEU E 34 -66.67 -15.95 0.77
CA LEU E 34 -65.53 -16.59 1.42
C LEU E 34 -65.60 -18.10 1.26
N ASN E 35 -65.85 -18.55 0.03
CA ASN E 35 -65.91 -19.98 -0.27
C ASN E 35 -65.26 -20.20 -1.63
N ILE E 36 -64.17 -20.97 -1.65
CA ILE E 36 -63.47 -21.23 -2.90
C ILE E 36 -64.30 -22.15 -3.79
N ASP E 37 -64.92 -23.18 -3.21
CA ASP E 37 -65.73 -24.10 -3.99
C ASP E 37 -66.85 -23.36 -4.71
N ALA E 38 -67.50 -22.43 -4.01
CA ALA E 38 -68.52 -21.62 -4.65
C ALA E 38 -67.92 -20.77 -5.77
N LEU E 39 -66.69 -20.31 -5.59
CA LEU E 39 -66.04 -19.52 -6.63
C LEU E 39 -65.85 -20.35 -7.90
N CYS E 40 -65.34 -21.58 -7.76
CA CYS E 40 -65.17 -22.42 -8.93
C CYS E 40 -66.52 -22.76 -9.57
N ALA E 41 -67.53 -23.04 -8.75
CA ALA E 41 -68.84 -23.36 -9.30
C ALA E 41 -69.39 -22.18 -10.09
N THR E 42 -69.26 -20.97 -9.56
CA THR E 42 -69.74 -19.79 -10.26
C THR E 42 -68.96 -19.57 -11.55
N LYS E 43 -67.64 -19.77 -11.52
CA LYS E 43 -66.86 -19.60 -12.73
C LYS E 43 -67.29 -20.57 -13.82
N MET E 44 -67.49 -21.84 -13.46
CA MET E 44 -67.90 -22.82 -14.46
C MET E 44 -69.30 -22.53 -14.98
N LEU E 45 -70.21 -22.12 -14.10
CA LEU E 45 -71.56 -21.73 -14.55
C LEU E 45 -71.49 -20.53 -15.49
N SER E 46 -70.64 -19.56 -15.17
CA SER E 46 -70.49 -18.40 -16.03
C SER E 46 -69.96 -18.79 -17.40
N LEU E 47 -68.97 -19.69 -17.45
CA LEU E 47 -68.47 -20.15 -18.73
C LEU E 47 -69.56 -20.86 -19.54
N LEU E 48 -70.34 -21.71 -18.88
CA LEU E 48 -71.42 -22.40 -19.56
C LEU E 48 -72.42 -21.41 -20.15
N PHE E 49 -72.89 -20.47 -19.33
CA PHE E 49 -73.86 -19.50 -19.81
C PHE E 49 -73.28 -18.63 -20.92
N LYS E 50 -72.01 -18.27 -20.80
CA LYS E 50 -71.35 -17.50 -21.85
C LYS E 50 -71.38 -18.25 -23.17
N LYS E 51 -71.03 -19.53 -23.13
CA LYS E 51 -71.10 -20.32 -24.36
C LYS E 51 -72.52 -20.42 -24.87
N GLN E 52 -73.51 -20.42 -23.98
CA GLN E 52 -74.91 -20.47 -24.37
C GLN E 52 -75.50 -19.10 -24.66
N LEU E 53 -74.73 -18.02 -24.49
CA LEU E 53 -75.17 -16.68 -24.83
C LEU E 53 -76.44 -16.29 -24.06
N VAL E 54 -76.30 -16.23 -22.74
CA VAL E 54 -77.39 -15.88 -21.84
C VAL E 54 -76.98 -14.66 -21.02
N GLN E 55 -77.84 -13.65 -20.99
CA GLN E 55 -77.59 -12.48 -20.17
C GLN E 55 -77.62 -12.86 -18.70
N SER E 56 -76.73 -12.29 -17.91
CA SER E 56 -76.64 -12.64 -16.50
C SER E 56 -75.87 -11.56 -15.74
N GLN E 57 -76.04 -11.58 -14.42
CA GLN E 57 -75.29 -10.73 -13.51
C GLN E 57 -74.88 -11.57 -12.30
N ILE E 58 -73.71 -11.25 -11.74
CA ILE E 58 -73.16 -11.97 -10.60
C ILE E 58 -72.92 -10.97 -9.47
N VAL E 59 -73.39 -11.32 -8.28
CA VAL E 59 -73.29 -10.43 -7.12
C VAL E 59 -72.68 -11.19 -5.94
N PRO E 60 -71.43 -10.90 -5.56
CA PRO E 60 -70.89 -11.51 -4.34
C PRO E 60 -71.61 -11.03 -3.11
N ILE E 61 -71.80 -11.93 -2.15
CA ILE E 61 -72.50 -11.63 -0.90
C ILE E 61 -71.76 -12.29 0.25
N PHE E 62 -71.66 -11.57 1.36
CA PHE E 62 -71.09 -12.10 2.60
C PHE E 62 -72.13 -11.95 3.71
N GLY E 63 -72.42 -13.04 4.41
CA GLY E 63 -73.36 -13.01 5.50
C GLY E 63 -74.80 -13.10 5.03
N TYR E 64 -75.70 -13.09 6.01
CA TYR E 64 -77.12 -13.24 5.72
C TYR E 64 -77.85 -11.91 5.58
N SER E 65 -77.41 -10.87 6.29
CA SER E 65 -78.06 -9.58 6.17
C SER E 65 -77.97 -9.05 4.75
N GLU E 66 -76.78 -9.16 4.14
CA GLU E 66 -76.62 -8.70 2.77
C GLU E 66 -77.50 -9.49 1.80
N LEU E 67 -77.73 -10.78 2.08
CA LEU E 67 -78.61 -11.56 1.23
C LEU E 67 -80.02 -10.97 1.21
N ARG E 68 -80.58 -10.71 2.39
CA ARG E 68 -81.92 -10.13 2.46
C ARG E 68 -81.96 -8.75 1.82
N ARG E 69 -80.95 -7.93 2.11
CA ARG E 69 -80.90 -6.60 1.53
C ARG E 69 -80.92 -6.66 0.00
N HIS E 70 -80.04 -7.49 -0.58
CA HIS E 70 -79.96 -7.58 -2.02
C HIS E 70 -81.23 -8.15 -2.62
N TYR E 71 -81.82 -9.16 -1.98
CA TYR E 71 -83.06 -9.73 -2.50
C TYR E 71 -84.16 -8.69 -2.52
N SER E 72 -84.28 -7.91 -1.45
CA SER E 72 -85.25 -6.81 -1.46
C SER E 72 -84.91 -5.78 -2.52
N GLN E 73 -83.62 -5.67 -2.87
CA GLN E 73 -83.20 -4.73 -3.90
C GLN E 73 -83.54 -5.20 -5.31
N LEU E 74 -83.72 -6.51 -5.50
CA LEU E 74 -83.81 -7.07 -6.84
C LEU E 74 -85.07 -6.58 -7.56
N ASP E 75 -84.96 -6.51 -8.89
CA ASP E 75 -86.08 -6.11 -9.73
C ASP E 75 -87.01 -7.28 -9.97
N ASP E 76 -88.28 -6.96 -10.27
CA ASP E 76 -89.26 -8.00 -10.57
C ASP E 76 -88.96 -8.70 -11.89
N ASN E 77 -88.35 -7.98 -12.84
CA ASN E 77 -88.06 -8.58 -14.14
C ASN E 77 -87.18 -9.82 -14.01
N ILE E 78 -86.35 -9.89 -12.96
CA ILE E 78 -85.53 -11.07 -12.74
C ILE E 78 -86.43 -12.27 -12.50
N ASN E 79 -86.11 -13.38 -13.17
CA ASN E 79 -86.93 -14.59 -13.10
C ASN E 79 -86.19 -15.81 -12.57
N SER E 80 -84.87 -15.87 -12.69
CA SER E 80 -84.08 -16.99 -12.21
C SER E 80 -83.02 -16.48 -11.26
N LEU E 81 -83.01 -17.01 -10.04
CA LEU E 81 -82.06 -16.61 -9.01
C LEU E 81 -81.23 -17.81 -8.60
N LEU E 82 -79.91 -17.64 -8.55
CA LEU E 82 -78.98 -18.72 -8.25
C LEU E 82 -78.28 -18.42 -6.93
N LEU E 83 -78.35 -19.36 -5.99
CA LEU E 83 -77.61 -19.30 -4.74
C LEU E 83 -76.61 -20.45 -4.72
N VAL E 84 -75.33 -20.13 -4.57
CA VAL E 84 -74.27 -21.12 -4.51
C VAL E 84 -73.51 -20.94 -3.21
N GLY E 85 -73.42 -22.00 -2.41
CA GLY E 85 -72.65 -22.01 -1.20
C GLY E 85 -73.43 -21.77 0.07
N PHE E 86 -74.71 -21.45 -0.01
CA PHE E 86 -75.50 -21.17 1.18
C PHE E 86 -76.97 -21.45 0.89
N GLY E 87 -77.84 -21.08 1.83
CA GLY E 87 -79.26 -21.28 1.66
C GLY E 87 -79.74 -22.69 1.90
N GLY E 88 -78.96 -23.50 2.61
CA GLY E 88 -79.32 -24.90 2.83
C GLY E 88 -79.63 -25.24 4.28
N VAL E 89 -79.10 -24.45 5.21
CA VAL E 89 -79.26 -24.74 6.63
C VAL E 89 -80.15 -23.69 7.28
N ILE E 90 -81.01 -23.06 6.49
CA ILE E 90 -81.92 -22.03 6.98
C ILE E 90 -83.29 -22.25 6.33
N ASP E 91 -84.31 -21.65 6.93
CA ASP E 91 -85.67 -21.65 6.37
C ASP E 91 -85.77 -20.47 5.41
N LEU E 92 -85.34 -20.70 4.18
CA LEU E 92 -85.26 -19.61 3.20
C LEU E 92 -86.61 -18.96 2.96
N GLU E 93 -87.70 -19.74 3.05
CA GLU E 93 -89.02 -19.17 2.83
C GLU E 93 -89.30 -18.02 3.80
N ALA E 94 -89.05 -18.25 5.09
CA ALA E 94 -89.34 -17.22 6.08
C ALA E 94 -88.30 -16.10 6.04
N PHE E 95 -87.03 -16.44 5.83
CA PHE E 95 -85.97 -15.44 5.93
C PHE E 95 -86.15 -14.35 4.89
N LEU E 96 -86.48 -14.72 3.65
CA LEU E 96 -86.56 -13.77 2.55
C LEU E 96 -87.90 -13.02 2.51
N GLU E 97 -88.79 -13.26 3.47
CA GLU E 97 -90.10 -12.61 3.49
C GLU E 97 -90.87 -12.92 2.20
N ILE E 98 -90.89 -14.19 1.83
CA ILE E 98 -91.52 -14.66 0.62
C ILE E 98 -92.80 -15.40 1.00
N ASP E 99 -93.93 -14.87 0.55
CA ASP E 99 -95.19 -15.58 0.64
C ASP E 99 -95.59 -16.02 -0.77
N PRO E 100 -95.64 -17.31 -1.07
CA PRO E 100 -95.90 -17.72 -2.46
C PRO E 100 -97.18 -17.16 -3.03
N GLN E 101 -98.16 -16.84 -2.18
CA GLN E 101 -99.45 -16.36 -2.68
C GLN E 101 -99.27 -15.13 -3.57
N GLU E 102 -98.26 -14.30 -3.30
CA GLU E 102 -98.01 -13.14 -4.15
C GLU E 102 -97.33 -13.54 -5.46
N TYR E 103 -96.49 -14.57 -5.43
CA TYR E 103 -95.75 -14.96 -6.63
C TYR E 103 -96.58 -15.81 -7.58
N VAL E 104 -97.72 -16.34 -7.13
CA VAL E 104 -98.54 -17.17 -8.00
C VAL E 104 -99.14 -16.32 -9.11
N ILE E 105 -99.09 -16.83 -10.34
CA ILE E 105 -99.60 -16.12 -11.50
C ILE E 105 -100.72 -16.95 -12.13
N ASP E 106 -100.38 -18.15 -12.58
CA ASP E 106 -101.32 -19.04 -13.23
C ASP E 106 -101.62 -20.21 -12.30
N THR E 107 -102.89 -20.43 -12.02
CA THR E 107 -103.36 -21.51 -11.15
C THR E 107 -104.35 -22.35 -11.94
N ASP E 108 -103.88 -23.49 -12.45
CA ASP E 108 -104.70 -24.40 -13.24
C ASP E 108 -105.17 -25.54 -12.35
N GLU E 109 -106.49 -25.69 -12.22
CA GLU E 109 -107.04 -26.76 -11.40
C GLU E 109 -106.68 -28.13 -11.96
N LYS E 110 -106.69 -28.27 -13.28
CA LYS E 110 -106.39 -29.55 -13.89
C LYS E 110 -105.00 -30.03 -13.53
N SER E 111 -104.01 -29.12 -13.62
CA SER E 111 -102.64 -29.47 -13.28
C SER E 111 -102.36 -29.39 -11.79
N GLY E 112 -103.14 -28.60 -11.05
CA GLY E 112 -102.90 -28.46 -9.62
C GLY E 112 -101.55 -27.87 -9.30
N GLU E 113 -101.07 -26.96 -10.13
CA GLU E 113 -99.77 -26.32 -9.94
C GLU E 113 -99.91 -24.82 -10.16
N GLN E 114 -99.11 -24.05 -9.42
CA GLN E 114 -99.14 -22.60 -9.46
C GLN E 114 -97.78 -22.10 -9.96
N SER E 115 -97.74 -21.61 -11.18
CA SER E 115 -96.51 -21.05 -11.73
C SER E 115 -96.13 -19.78 -10.98
N PHE E 116 -94.84 -19.48 -10.96
CA PHE E 116 -94.31 -18.34 -10.22
C PHE E 116 -93.46 -17.49 -11.16
N ARG E 117 -93.33 -16.21 -10.80
CA ARG E 117 -92.55 -15.27 -11.60
C ARG E 117 -91.06 -15.33 -11.29
N ARG E 118 -90.65 -16.00 -10.21
CA ARG E 118 -89.25 -16.15 -9.87
C ARG E 118 -89.01 -17.55 -9.33
N ASP E 119 -87.89 -18.15 -9.73
CA ASP E 119 -87.46 -19.46 -9.26
C ASP E 119 -86.15 -19.30 -8.51
N ILE E 120 -86.08 -19.84 -7.30
CA ILE E 120 -84.89 -19.78 -6.48
C ILE E 120 -84.20 -21.14 -6.55
N TYR E 121 -82.94 -21.14 -6.97
CA TYR E 121 -82.14 -22.35 -7.11
C TYR E 121 -81.03 -22.33 -6.07
N VAL E 122 -80.93 -23.42 -5.31
CA VAL E 122 -79.98 -23.52 -4.21
C VAL E 122 -78.94 -24.57 -4.57
N LEU E 123 -77.68 -24.16 -4.58
CA LEU E 123 -76.54 -25.05 -4.83
C LEU E 123 -75.72 -25.06 -3.55
N ASP E 124 -76.06 -25.96 -2.63
CA ASP E 124 -75.44 -26.03 -1.32
C ASP E 124 -75.05 -27.47 -1.03
N ALA E 125 -73.97 -27.63 -0.26
CA ALA E 125 -73.49 -28.94 0.17
C ALA E 125 -73.67 -29.20 1.65
N HIS E 126 -73.85 -28.15 2.46
CA HIS E 126 -73.98 -28.33 3.89
C HIS E 126 -75.24 -29.12 4.22
N ARG E 127 -75.16 -29.91 5.28
CA ARG E 127 -76.26 -30.71 5.80
C ARG E 127 -76.36 -30.45 7.30
N PRO E 128 -77.53 -30.71 7.90
CA PRO E 128 -78.77 -31.27 7.32
C PRO E 128 -79.57 -30.27 6.49
N TRP E 129 -80.37 -30.77 5.55
CA TRP E 129 -81.28 -29.92 4.80
C TRP E 129 -82.38 -29.40 5.72
N ASN E 130 -82.98 -28.29 5.31
CA ASN E 130 -84.19 -27.78 5.97
C ASN E 130 -85.40 -28.33 5.25
N LEU E 131 -86.19 -29.16 5.94
CA LEU E 131 -87.29 -29.84 5.29
C LEU E 131 -88.24 -28.87 4.61
N ASP E 132 -88.45 -27.69 5.22
CA ASP E 132 -89.28 -26.68 4.59
C ASP E 132 -88.69 -26.21 3.26
N ASN E 133 -87.37 -26.35 3.10
CA ASN E 133 -86.72 -26.06 1.82
C ASN E 133 -86.58 -27.31 0.95
N ILE E 134 -87.10 -28.45 1.40
CA ILE E 134 -86.94 -29.71 0.68
C ILE E 134 -88.33 -30.28 0.38
N PHE E 135 -89.10 -30.55 1.42
CA PHE E 135 -90.43 -31.13 1.28
C PHE E 135 -91.54 -30.10 1.36
N GLY E 136 -91.22 -28.81 1.45
CA GLY E 136 -92.24 -27.79 1.65
C GLY E 136 -92.50 -26.93 0.44
N SER E 137 -91.95 -25.72 0.45
CA SER E 137 -92.29 -24.74 -0.57
C SER E 137 -91.85 -25.21 -1.95
N GLN E 138 -92.62 -24.80 -2.96
CA GLN E 138 -92.30 -25.09 -4.35
C GLN E 138 -91.47 -24.00 -5.01
N ILE E 139 -91.48 -22.77 -4.47
CA ILE E 139 -90.67 -21.69 -5.02
C ILE E 139 -89.19 -22.04 -4.89
N ILE E 140 -88.79 -22.55 -3.72
CA ILE E 140 -87.40 -22.89 -3.47
C ILE E 140 -87.10 -24.26 -4.09
N GLN E 141 -86.08 -24.31 -4.93
CA GLN E 141 -85.67 -25.53 -5.60
C GLN E 141 -84.23 -25.84 -5.20
N CYS E 142 -83.99 -27.06 -4.72
CA CYS E 142 -82.72 -27.45 -4.15
C CYS E 142 -82.03 -28.47 -5.04
N PHE E 143 -80.72 -28.29 -5.24
CA PHE E 143 -79.90 -29.26 -5.94
C PHE E 143 -79.35 -30.24 -4.90
N ASP E 144 -79.76 -31.51 -5.02
CA ASP E 144 -79.44 -32.52 -4.02
C ASP E 144 -78.47 -33.55 -4.61
N ASP E 145 -77.49 -33.94 -3.79
CA ASP E 145 -76.55 -34.98 -4.20
C ASP E 145 -77.16 -36.37 -4.10
N GLY E 146 -78.07 -36.58 -3.16
CA GLY E 146 -78.65 -37.89 -2.96
C GLY E 146 -78.93 -38.22 -1.50
N THR E 147 -78.50 -37.34 -0.59
CA THR E 147 -78.72 -37.57 0.84
C THR E 147 -80.20 -37.65 1.17
N VAL E 148 -81.02 -36.83 0.49
CA VAL E 148 -82.44 -36.74 0.85
C VAL E 148 -83.12 -38.09 0.70
N ASP E 149 -82.95 -38.73 -0.46
CA ASP E 149 -83.55 -40.04 -0.65
C ASP E 149 -82.81 -41.11 0.13
N ASP E 150 -81.52 -40.89 0.41
CA ASP E 150 -80.72 -41.92 1.06
C ASP E 150 -81.14 -42.10 2.52
N THR E 151 -81.25 -41.00 3.28
CA THR E 151 -81.37 -41.13 4.73
C THR E 151 -82.36 -40.14 5.34
N LEU E 152 -83.35 -39.68 4.57
CA LEU E 152 -84.37 -38.79 5.11
C LEU E 152 -85.78 -39.34 4.92
N GLY E 153 -85.94 -40.63 4.63
CA GLY E 153 -87.27 -41.17 4.42
C GLY E 153 -88.14 -41.09 5.67
N GLU E 154 -87.59 -41.51 6.81
CA GLU E 154 -88.35 -41.47 8.05
C GLU E 154 -88.73 -40.04 8.41
N GLN E 155 -87.77 -39.12 8.31
CA GLN E 155 -88.07 -37.72 8.56
C GLN E 155 -89.05 -37.17 7.54
N LYS E 156 -88.99 -37.64 6.30
CA LYS E 156 -89.96 -37.23 5.29
C LYS E 156 -91.37 -37.62 5.69
N GLU E 157 -91.55 -38.87 6.13
CA GLU E 157 -92.86 -39.31 6.57
C GLU E 157 -93.32 -38.54 7.80
N ALA E 158 -92.41 -38.30 8.74
CA ALA E 158 -92.77 -37.55 9.94
C ALA E 158 -93.23 -36.14 9.58
N TYR E 159 -92.51 -35.47 8.68
CA TYR E 159 -92.89 -34.12 8.28
C TYR E 159 -94.24 -34.12 7.57
N TYR E 160 -94.47 -35.10 6.68
CA TYR E 160 -95.75 -35.15 5.99
C TYR E 160 -96.90 -35.36 6.98
N LYS E 161 -96.72 -36.26 7.94
CA LYS E 161 -97.76 -36.50 8.93
C LYS E 161 -97.99 -35.27 9.79
N LEU E 162 -96.91 -34.56 10.17
CA LEU E 162 -97.07 -33.33 10.94
C LEU E 162 -97.85 -32.30 10.15
N LEU E 163 -97.55 -32.14 8.86
CA LEU E 163 -98.28 -31.19 8.04
C LEU E 163 -99.75 -31.59 7.93
N GLU E 164 -100.02 -32.89 7.77
CA GLU E 164 -101.41 -33.33 7.65
C GLU E 164 -102.19 -33.02 8.92
N LEU E 165 -101.60 -33.25 10.08
CA LEU E 165 -102.26 -32.98 11.36
C LEU E 165 -102.22 -31.49 11.68
N GLN E 225 -105.18 -39.37 22.19
CA GLN E 225 -104.91 -40.45 21.24
C GLN E 225 -104.00 -39.97 20.12
N ARG E 226 -104.56 -39.13 19.23
CA ARG E 226 -103.76 -38.57 18.15
C ARG E 226 -102.65 -37.67 18.66
N LYS E 227 -102.82 -37.11 19.87
CA LYS E 227 -101.80 -36.22 20.42
C LYS E 227 -100.47 -36.96 20.59
N LYS E 228 -100.53 -38.22 21.05
CA LYS E 228 -99.31 -38.99 21.21
C LYS E 228 -98.61 -39.21 19.87
N GLN E 229 -99.37 -39.50 18.82
CA GLN E 229 -98.77 -39.71 17.50
C GLN E 229 -98.13 -38.43 16.99
N ILE E 230 -98.83 -37.31 17.11
CA ILE E 230 -98.26 -36.04 16.68
C ILE E 230 -97.01 -35.72 17.51
N HIS E 231 -97.03 -36.05 18.79
CA HIS E 231 -95.88 -35.80 19.65
C HIS E 231 -94.69 -36.64 19.23
N GLU E 232 -94.90 -37.92 18.90
CA GLU E 232 -93.78 -38.74 18.46
C GLU E 232 -93.21 -38.24 17.14
N TYR E 233 -94.08 -37.84 16.20
CA TYR E 233 -93.57 -37.30 14.94
C TYR E 233 -92.78 -36.03 15.17
N GLU E 234 -93.29 -35.12 16.01
CA GLU E 234 -92.56 -33.89 16.29
C GLU E 234 -91.25 -34.20 17.00
N GLY E 235 -91.23 -35.22 17.85
CA GLY E 235 -89.99 -35.61 18.49
C GLY E 235 -88.95 -36.11 17.49
N VAL E 236 -89.39 -36.90 16.52
CA VAL E 236 -88.45 -37.34 15.48
C VAL E 236 -87.93 -36.14 14.70
N LEU E 237 -88.81 -35.20 14.37
CA LEU E 237 -88.38 -34.02 13.62
C LEU E 237 -87.37 -33.20 14.43
N GLU E 238 -87.64 -33.00 15.73
CA GLU E 238 -86.71 -32.25 16.56
C GLU E 238 -85.38 -32.99 16.69
N GLU E 239 -85.42 -34.30 16.81
CA GLU E 239 -84.19 -35.08 16.85
C GLU E 239 -83.37 -34.88 15.59
N TYR E 240 -84.03 -34.91 14.42
CA TYR E 240 -83.32 -34.70 13.17
C TYR E 240 -82.72 -33.30 13.11
N TYR E 241 -83.52 -32.28 13.44
CA TYR E 241 -83.03 -30.91 13.35
C TYR E 241 -81.91 -30.63 14.35
N SER E 242 -81.78 -31.44 15.39
CA SER E 242 -80.81 -31.19 16.45
C SER E 242 -79.57 -32.04 16.19
N GLN E 243 -78.75 -31.58 15.24
CA GLN E 243 -77.47 -32.21 14.98
C GLN E 243 -76.55 -31.19 14.32
N GLY E 244 -75.26 -31.50 14.34
CA GLY E 244 -74.28 -30.55 13.84
C GLY E 244 -74.34 -30.38 12.33
N THR E 245 -73.72 -29.29 11.88
CA THR E 245 -73.65 -28.96 10.47
C THR E 245 -72.30 -29.37 9.90
N THR E 246 -72.31 -30.05 8.76
CA THR E 246 -71.08 -30.53 8.14
C THR E 246 -71.25 -30.55 6.63
N VAL E 247 -70.13 -30.41 5.93
CA VAL E 247 -70.11 -30.44 4.47
C VAL E 247 -70.04 -31.89 4.00
N VAL E 248 -70.82 -32.21 2.97
CA VAL E 248 -70.93 -33.57 2.46
C VAL E 248 -70.33 -33.70 1.07
N ASN E 249 -70.46 -32.68 0.23
CA ASN E 249 -70.06 -32.78 -1.17
C ASN E 249 -69.48 -31.45 -1.62
N SER E 250 -68.85 -31.46 -2.79
CA SER E 250 -68.33 -30.27 -3.42
C SER E 250 -69.29 -29.82 -4.52
N ILE E 251 -69.61 -28.53 -4.53
CA ILE E 251 -70.57 -28.01 -5.51
C ILE E 251 -70.01 -28.15 -6.92
N SER E 252 -68.71 -28.00 -7.08
CA SER E 252 -68.10 -28.17 -8.39
C SER E 252 -68.40 -29.56 -8.95
N ALA E 253 -68.43 -30.58 -8.08
CA ALA E 253 -68.78 -31.91 -8.54
C ALA E 253 -70.20 -31.94 -9.09
N GLN E 254 -71.13 -31.26 -8.42
CA GLN E 254 -72.50 -31.22 -8.90
C GLN E 254 -72.59 -30.54 -10.27
N ILE E 255 -71.92 -29.39 -10.40
CA ILE E 255 -71.99 -28.68 -11.67
C ILE E 255 -71.32 -29.48 -12.78
N TYR E 256 -70.25 -30.20 -12.46
CA TYR E 256 -69.59 -31.00 -13.49
C TYR E 256 -70.41 -32.22 -13.86
N SER E 257 -71.17 -32.77 -12.90
CA SER E 257 -72.12 -33.82 -13.25
C SER E 257 -73.16 -33.28 -14.22
N LEU E 258 -73.66 -32.08 -13.97
CA LEU E 258 -74.57 -31.44 -14.93
C LEU E 258 -73.91 -31.30 -16.29
N LEU E 259 -72.67 -30.82 -16.31
CA LEU E 259 -71.96 -30.63 -17.57
C LEU E 259 -71.82 -31.94 -18.33
N SER E 260 -71.43 -33.00 -17.63
CA SER E 260 -71.30 -34.30 -18.27
C SER E 260 -72.66 -34.78 -18.80
N ALA E 261 -73.73 -34.52 -18.05
CA ALA E 261 -75.05 -34.87 -18.54
C ALA E 261 -75.35 -34.15 -19.85
N ILE E 262 -75.01 -32.87 -19.94
CA ILE E 262 -75.21 -32.12 -21.17
C ILE E 262 -74.02 -32.24 -22.13
N GLY E 263 -72.96 -32.93 -21.73
CA GLY E 263 -71.84 -33.20 -22.63
C GLY E 263 -71.10 -31.97 -23.10
N GLU E 264 -70.69 -31.11 -22.17
CA GLU E 264 -69.94 -29.90 -22.47
C GLU E 264 -68.67 -29.83 -21.61
N THR E 265 -67.95 -30.93 -21.55
CA THR E 265 -66.75 -31.04 -20.72
C THR E 265 -65.50 -30.79 -21.56
N ASN E 266 -64.50 -30.19 -20.92
CA ASN E 266 -63.21 -29.96 -21.53
C ASN E 266 -62.14 -29.94 -20.44
N LEU E 267 -60.92 -29.53 -20.79
CA LEU E 267 -59.85 -29.52 -19.82
C LEU E 267 -60.03 -28.41 -18.78
N SER E 268 -60.53 -27.24 -19.20
CA SER E 268 -60.70 -26.13 -18.27
C SER E 268 -61.71 -26.46 -17.20
N ASN E 269 -62.87 -27.03 -17.59
CA ASN E 269 -63.88 -27.37 -16.61
C ASN E 269 -63.39 -28.45 -15.66
N LEU E 270 -62.66 -29.44 -16.17
CA LEU E 270 -62.10 -30.47 -15.31
C LEU E 270 -61.10 -29.88 -14.32
N TRP E 271 -60.26 -28.95 -14.79
CA TRP E 271 -59.31 -28.31 -13.90
C TRP E 271 -60.02 -27.51 -12.81
N LEU E 272 -61.09 -26.80 -13.17
CA LEU E 272 -61.85 -26.06 -12.17
C LEU E 272 -62.50 -27.00 -11.16
N ASN E 273 -63.01 -28.15 -11.64
CA ASN E 273 -63.57 -29.13 -10.73
C ASN E 273 -62.51 -29.67 -9.78
N ILE E 274 -61.31 -29.93 -10.30
CA ILE E 274 -60.20 -30.39 -9.46
C ILE E 274 -59.89 -29.35 -8.39
N LEU E 275 -59.84 -28.08 -8.79
CA LEU E 275 -59.56 -27.00 -7.84
C LEU E 275 -60.63 -26.97 -6.75
N GLY E 276 -61.90 -27.07 -7.15
CA GLY E 276 -62.97 -27.01 -6.18
C GLY E 276 -62.94 -28.17 -5.19
N THR E 277 -62.74 -29.39 -5.71
CA THR E 277 -62.75 -30.56 -4.86
C THR E 277 -61.53 -30.60 -3.94
N THR E 278 -60.39 -30.07 -4.40
CA THR E 278 -59.19 -30.12 -3.58
C THR E 278 -59.27 -29.15 -2.40
N SER E 279 -60.06 -28.08 -2.52
CA SER E 279 -60.17 -27.11 -1.43
C SER E 279 -60.72 -27.75 -0.16
N LEU E 280 -61.49 -28.83 -0.28
CA LEU E 280 -62.02 -29.51 0.89
C LEU E 280 -61.02 -30.47 1.53
N ASP E 281 -59.85 -30.65 0.93
CA ASP E 281 -58.88 -31.61 1.47
C ASP E 281 -58.41 -31.21 2.85
N ILE E 282 -58.14 -29.92 3.06
CA ILE E 282 -57.55 -29.47 4.33
C ILE E 282 -58.52 -29.70 5.47
N ALA E 283 -59.82 -29.53 5.23
CA ALA E 283 -60.84 -29.63 6.28
C ALA E 283 -61.50 -30.99 6.31
N TYR E 284 -62.11 -31.40 5.20
CA TYR E 284 -62.88 -32.65 5.14
C TYR E 284 -62.14 -33.61 4.21
N ALA E 285 -61.35 -34.50 4.82
CA ALA E 285 -60.60 -35.48 4.04
C ALA E 285 -61.52 -36.57 3.49
N GLN E 286 -62.61 -36.87 4.19
CA GLN E 286 -63.51 -37.92 3.73
C GLN E 286 -64.12 -37.57 2.38
N VAL E 287 -64.55 -36.32 2.21
CA VAL E 287 -65.17 -35.92 0.95
C VAL E 287 -64.16 -36.02 -0.19
N TYR E 288 -62.94 -35.53 0.05
CA TYR E 288 -61.91 -35.59 -0.99
C TYR E 288 -61.60 -37.04 -1.36
N ASN E 289 -61.48 -37.91 -0.36
CA ASN E 289 -61.20 -39.32 -0.65
C ASN E 289 -62.34 -39.95 -1.44
N ARG E 290 -63.58 -39.64 -1.08
CA ARG E 290 -64.72 -40.21 -1.78
C ARG E 290 -64.78 -39.74 -3.22
N LEU E 291 -64.50 -38.46 -3.47
CA LEU E 291 -64.62 -37.88 -4.79
C LEU E 291 -63.33 -37.92 -5.60
N TYR E 292 -62.26 -38.54 -5.06
CA TYR E 292 -60.99 -38.55 -5.79
C TYR E 292 -60.99 -39.52 -6.96
N PRO E 293 -61.42 -40.78 -6.81
CA PRO E 293 -61.29 -41.73 -7.92
C PRO E 293 -61.93 -41.24 -9.21
N LEU E 294 -63.10 -40.60 -9.11
CA LEU E 294 -63.74 -40.09 -10.32
C LEU E 294 -62.84 -39.08 -11.02
N LEU E 295 -62.21 -38.19 -10.26
CA LEU E 295 -61.30 -37.22 -10.85
C LEU E 295 -60.16 -37.91 -11.58
N GLN E 296 -59.62 -38.98 -10.99
CA GLN E 296 -58.59 -39.76 -11.67
C GLN E 296 -59.10 -40.28 -13.00
N ASP E 297 -60.29 -40.88 -13.00
CA ASP E 297 -60.83 -41.44 -14.23
C ASP E 297 -61.02 -40.36 -15.30
N GLU E 298 -61.53 -39.20 -14.91
CA GLU E 298 -61.83 -38.16 -15.90
C GLU E 298 -60.53 -37.51 -16.41
N VAL E 299 -59.54 -37.36 -15.54
CA VAL E 299 -58.25 -36.86 -15.98
C VAL E 299 -57.63 -37.80 -17.00
N LYS E 300 -57.74 -39.12 -16.76
CA LYS E 300 -57.29 -40.07 -17.76
C LYS E 300 -58.09 -39.92 -19.05
N ARG E 301 -59.41 -39.76 -18.93
CA ARG E 301 -60.27 -39.73 -20.11
C ARG E 301 -59.94 -38.56 -21.02
N LEU E 302 -59.92 -37.34 -20.46
CA LEU E 302 -59.77 -36.15 -21.29
C LEU E 302 -58.33 -35.95 -21.78
N THR E 303 -57.34 -36.33 -20.97
CA THR E 303 -55.96 -36.06 -21.33
C THR E 303 -55.59 -36.83 -22.59
N PRO E 304 -54.99 -36.18 -23.59
CA PRO E 304 -54.56 -36.91 -24.79
C PRO E 304 -53.35 -37.80 -24.49
N SER E 305 -53.43 -39.05 -24.94
CA SER E 305 -52.33 -39.99 -24.69
C SER E 305 -51.06 -39.53 -25.38
N SER E 306 -51.16 -39.05 -26.62
CA SER E 306 -50.00 -38.66 -27.39
C SER E 306 -49.18 -37.59 -26.66
N ARG E 307 -47.97 -37.95 -26.24
CA ARG E 307 -47.10 -36.99 -25.56
C ARG E 307 -45.64 -37.13 -26.00
N ASN E 308 -45.35 -37.91 -27.05
CA ASN E 308 -43.97 -38.06 -27.49
C ASN E 308 -43.36 -36.73 -27.89
N SER E 309 -44.16 -35.80 -28.40
CA SER E 309 -43.65 -34.49 -28.77
C SER E 309 -43.10 -33.77 -27.56
N VAL E 310 -42.01 -33.03 -27.77
CA VAL E 310 -41.38 -32.25 -26.71
C VAL E 310 -42.26 -31.04 -26.42
N LYS E 311 -42.00 -30.35 -25.33
CA LYS E 311 -42.77 -29.18 -24.95
C LYS E 311 -42.83 -28.18 -26.10
N THR E 312 -44.05 -27.79 -26.47
CA THR E 312 -44.26 -26.71 -27.41
C THR E 312 -44.85 -25.51 -26.68
N PRO E 313 -44.65 -24.29 -27.18
CA PRO E 313 -45.15 -23.11 -26.46
C PRO E 313 -46.63 -23.19 -26.12
N ASP E 314 -47.45 -23.78 -26.99
CA ASP E 314 -48.88 -23.86 -26.78
C ASP E 314 -49.33 -25.15 -26.10
N THR E 315 -48.41 -26.03 -25.75
CA THR E 315 -48.78 -27.31 -25.17
C THR E 315 -49.38 -27.14 -23.78
N LEU E 316 -50.33 -28.01 -23.46
CA LEU E 316 -50.92 -28.09 -22.14
C LEU E 316 -50.96 -29.55 -21.70
N THR E 317 -50.62 -29.81 -20.44
CA THR E 317 -50.58 -31.17 -19.91
C THR E 317 -51.14 -31.16 -18.50
N LEU E 318 -52.25 -31.87 -18.30
CA LEU E 318 -52.86 -32.06 -16.99
C LEU E 318 -52.81 -33.55 -16.69
N ASN E 319 -51.87 -33.97 -15.84
CA ASN E 319 -51.64 -35.38 -15.57
C ASN E 319 -51.40 -35.56 -14.07
N ILE E 320 -51.35 -36.81 -13.65
CA ILE E 320 -51.16 -37.17 -12.25
C ILE E 320 -49.67 -37.33 -11.99
N GLN E 321 -49.17 -36.64 -10.97
CA GLN E 321 -47.78 -36.69 -10.54
C GLN E 321 -47.74 -36.84 -9.03
N PRO E 322 -46.63 -37.36 -8.49
CA PRO E 322 -46.52 -37.48 -7.03
C PRO E 322 -46.57 -36.11 -6.37
N ASP E 323 -47.60 -35.89 -5.56
CA ASP E 323 -47.78 -34.65 -4.83
C ASP E 323 -47.61 -34.91 -3.34
N TYR E 324 -46.95 -33.98 -2.65
CA TYR E 324 -46.60 -34.14 -1.24
C TYR E 324 -47.34 -33.11 -0.41
N TYR E 325 -47.60 -33.48 0.85
CA TYR E 325 -48.27 -32.58 1.79
C TYR E 325 -47.30 -31.51 2.29
N LEU E 326 -46.81 -30.72 1.33
CA LEU E 326 -45.84 -29.67 1.60
C LEU E 326 -46.38 -28.35 1.09
N PHE E 327 -45.85 -27.25 1.63
CA PHE E 327 -46.34 -25.91 1.35
C PHE E 327 -45.53 -25.30 0.22
N LEU E 328 -46.16 -25.12 -0.94
CA LEU E 328 -45.56 -24.47 -2.09
C LEU E 328 -44.16 -25.03 -2.37
N LEU E 329 -44.13 -26.33 -2.68
CA LEU E 329 -42.86 -26.98 -2.97
C LEU E 329 -42.23 -26.42 -4.24
N ARG E 330 -43.05 -26.14 -5.26
CA ARG E 330 -42.55 -25.71 -6.56
C ARG E 330 -42.38 -24.21 -6.69
N HIS E 331 -42.63 -23.45 -5.62
CA HIS E 331 -42.49 -22.00 -5.66
C HIS E 331 -41.69 -21.46 -4.49
N SER E 332 -41.00 -22.31 -3.74
CA SER E 332 -40.15 -21.88 -2.64
C SER E 332 -39.03 -22.90 -2.49
N SER E 333 -38.30 -22.82 -1.39
CA SER E 333 -37.22 -23.75 -1.12
C SER E 333 -37.74 -25.01 -0.43
N LEU E 334 -36.99 -26.10 -0.58
CA LEU E 334 -37.39 -27.36 0.04
C LEU E 334 -37.42 -27.24 1.56
N TYR E 335 -36.42 -26.56 2.13
CA TYR E 335 -36.39 -26.38 3.59
C TYR E 335 -37.62 -25.60 4.05
N ASP E 336 -37.97 -24.53 3.34
CA ASP E 336 -39.17 -23.78 3.69
C ASP E 336 -40.42 -24.64 3.49
N SER E 337 -40.42 -25.49 2.46
CA SER E 337 -41.57 -26.37 2.24
C SER E 337 -41.78 -27.30 3.42
N PHE E 338 -40.70 -27.87 3.95
CA PHE E 338 -40.81 -28.75 5.12
C PHE E 338 -41.03 -27.98 6.41
N TYR E 339 -40.70 -26.68 6.44
CA TYR E 339 -40.82 -25.91 7.66
C TYR E 339 -42.24 -25.42 7.87
N TYR E 340 -42.78 -24.64 6.93
CA TYR E 340 -44.12 -24.08 7.05
C TYR E 340 -45.15 -25.08 6.51
N SER E 341 -45.33 -26.16 7.27
CA SER E 341 -46.27 -27.20 6.91
C SER E 341 -47.03 -27.65 8.16
N ASN E 342 -48.34 -27.85 8.01
CA ASN E 342 -49.14 -28.30 9.13
C ASN E 342 -48.78 -29.72 9.55
N TYR E 343 -48.74 -30.64 8.59
CA TYR E 343 -48.51 -32.05 8.92
C TYR E 343 -47.09 -32.28 9.42
N VAL E 344 -46.10 -31.69 8.75
CA VAL E 344 -44.71 -31.88 9.15
C VAL E 344 -44.49 -31.36 10.55
N ASN E 345 -45.00 -30.16 10.84
CA ASN E 345 -44.83 -29.59 12.17
C ASN E 345 -45.56 -30.42 13.21
N ALA E 346 -46.78 -30.87 12.89
CA ALA E 346 -47.52 -31.69 13.84
C ALA E 346 -46.76 -32.96 14.18
N LYS E 347 -46.16 -33.60 13.17
CA LYS E 347 -45.42 -34.83 13.42
C LYS E 347 -44.13 -34.57 14.18
N LEU E 348 -43.42 -33.48 13.86
CA LEU E 348 -42.12 -33.19 14.43
C LEU E 348 -42.15 -32.08 15.47
N SER E 349 -43.26 -31.37 15.62
CA SER E 349 -43.37 -30.26 16.57
C SER E 349 -42.20 -29.28 16.40
N LEU E 350 -42.15 -28.66 15.22
CA LEU E 350 -41.06 -27.75 14.88
C LEU E 350 -41.10 -26.46 15.69
N TRP E 351 -42.17 -26.20 16.44
CA TRP E 351 -42.26 -24.95 17.18
C TRP E 351 -41.23 -24.86 18.31
N ASN E 352 -40.55 -25.96 18.64
CA ASN E 352 -39.47 -25.96 19.61
C ASN E 352 -38.16 -26.30 18.91
N GLU E 353 -37.06 -26.00 19.59
CA GLU E 353 -35.73 -26.16 18.98
C GLU E 353 -35.46 -27.62 18.63
N ASN E 354 -35.91 -28.55 19.48
CA ASN E 354 -35.65 -29.96 19.22
C ASN E 354 -36.26 -30.39 17.89
N GLY E 355 -37.42 -29.84 17.53
CA GLY E 355 -37.99 -30.14 16.23
C GLY E 355 -37.12 -29.66 15.08
N LYS E 356 -36.55 -28.47 15.21
CA LYS E 356 -35.64 -27.98 14.18
C LYS E 356 -34.40 -28.86 14.08
N LYS E 357 -33.88 -29.30 15.23
CA LYS E 357 -32.73 -30.20 15.20
C LYS E 357 -33.09 -31.51 14.51
N ARG E 358 -34.28 -32.04 14.77
CA ARG E 358 -34.71 -33.27 14.12
C ARG E 358 -34.83 -33.07 12.61
N LEU E 359 -35.37 -31.93 12.18
CA LEU E 359 -35.48 -31.65 10.76
C LEU E 359 -34.10 -31.56 10.12
N HIS E 360 -33.16 -30.89 10.79
CA HIS E 360 -31.81 -30.79 10.25
C HIS E 360 -31.17 -32.17 10.14
N LYS E 361 -31.36 -33.01 11.16
CA LYS E 361 -30.83 -34.37 11.11
C LYS E 361 -31.44 -35.16 9.96
N MET E 362 -32.74 -35.00 9.74
CA MET E 362 -33.39 -35.69 8.63
C MET E 362 -32.81 -35.25 7.30
N PHE E 363 -32.65 -33.93 7.12
CA PHE E 363 -32.10 -33.43 5.86
C PHE E 363 -30.67 -33.93 5.65
N ALA E 364 -29.86 -33.94 6.72
CA ALA E 364 -28.50 -34.45 6.61
C ALA E 364 -28.50 -35.93 6.23
N ARG E 365 -29.37 -36.72 6.85
CA ARG E 365 -29.42 -38.14 6.54
C ARG E 365 -29.85 -38.37 5.09
N MET E 366 -30.80 -37.58 4.60
CA MET E 366 -31.26 -37.75 3.22
C MET E 366 -30.16 -37.44 2.21
N GLY E 367 -29.07 -36.80 2.64
CA GLY E 367 -27.96 -36.50 1.76
C GLY E 367 -27.99 -35.13 1.11
N ILE E 368 -29.08 -34.39 1.28
CA ILE E 368 -29.16 -33.05 0.68
C ILE E 368 -28.47 -32.05 1.61
N PRO E 369 -27.48 -31.30 1.13
CA PRO E 369 -26.83 -30.30 1.99
C PRO E 369 -27.83 -29.27 2.49
N LEU E 370 -27.39 -28.47 3.46
CA LEU E 370 -28.23 -27.42 4.00
C LEU E 370 -28.32 -26.23 3.07
N SER E 371 -27.19 -25.81 2.48
CA SER E 371 -27.22 -24.70 1.54
C SER E 371 -28.04 -25.05 0.31
N THR E 372 -27.89 -26.28 -0.20
CA THR E 372 -28.66 -26.70 -1.36
C THR E 372 -30.15 -26.74 -1.04
N ALA E 373 -30.50 -27.23 0.15
CA ALA E 373 -31.91 -27.36 0.52
C ALA E 373 -32.62 -26.02 0.62
N GLN E 374 -31.90 -24.94 0.87
CA GLN E 374 -32.49 -23.62 1.01
C GLN E 374 -32.49 -22.82 -0.28
N GLU E 375 -31.94 -23.37 -1.36
CA GLU E 375 -31.94 -22.71 -2.69
C GLU E 375 -33.34 -22.85 -3.29
N THR E 376 -33.81 -21.84 -4.01
CA THR E 376 -35.13 -21.87 -4.64
C THR E 376 -35.28 -23.12 -5.50
N TRP E 377 -36.52 -23.55 -5.71
CA TRP E 377 -36.76 -24.81 -6.40
C TRP E 377 -36.23 -24.78 -7.83
N LEU E 378 -36.47 -23.67 -8.54
CA LEU E 378 -36.10 -23.61 -9.96
C LEU E 378 -34.59 -23.72 -10.13
N TYR E 379 -33.83 -22.99 -9.31
CA TYR E 379 -32.38 -22.94 -9.45
C TYR E 379 -31.67 -24.07 -8.70
N MET E 380 -32.40 -24.89 -7.95
CA MET E 380 -31.79 -25.99 -7.24
C MET E 380 -31.20 -27.01 -8.21
N ASP E 381 -30.18 -27.73 -7.75
CA ASP E 381 -29.53 -28.72 -8.60
C ASP E 381 -30.57 -29.72 -9.13
N HIS E 382 -30.47 -30.01 -10.43
CA HIS E 382 -31.48 -30.84 -11.08
C HIS E 382 -31.37 -32.30 -10.67
N SER E 383 -30.18 -32.76 -10.26
CA SER E 383 -30.02 -34.15 -9.89
C SER E 383 -30.89 -34.51 -8.69
N ILE E 384 -30.86 -33.67 -7.65
CA ILE E 384 -31.68 -33.93 -6.48
C ILE E 384 -33.16 -33.79 -6.83
N LYS E 385 -33.48 -32.83 -7.70
CA LYS E 385 -34.87 -32.69 -8.15
C LYS E 385 -35.35 -33.96 -8.84
N ARG E 386 -34.49 -34.62 -9.59
CA ARG E 386 -34.85 -35.86 -10.26
C ARG E 386 -34.95 -37.03 -9.28
N GLU E 387 -34.04 -37.09 -8.32
CA GLU E 387 -33.97 -38.21 -7.39
C GLU E 387 -34.79 -38.00 -6.13
N LEU E 388 -35.59 -36.93 -6.05
CA LEU E 388 -36.27 -36.59 -4.80
C LEU E 388 -37.21 -37.71 -4.36
N GLY E 389 -37.98 -38.28 -5.30
CA GLY E 389 -38.92 -39.31 -4.92
C GLY E 389 -38.25 -40.50 -4.26
N ILE E 390 -37.14 -40.96 -4.85
CA ILE E 390 -36.41 -42.09 -4.28
C ILE E 390 -35.89 -41.74 -2.89
N ILE E 391 -35.35 -40.51 -2.73
CA ILE E 391 -34.83 -40.10 -1.44
C ILE E 391 -35.93 -40.10 -0.39
N PHE E 392 -37.09 -39.55 -0.73
CA PHE E 392 -38.20 -39.51 0.21
C PHE E 392 -38.67 -40.92 0.57
N ASP E 393 -38.76 -41.81 -0.42
CA ASP E 393 -39.17 -43.17 -0.14
C ASP E 393 -38.19 -43.84 0.80
N LYS E 394 -36.89 -43.64 0.58
CA LYS E 394 -35.88 -44.35 1.34
C LYS E 394 -35.76 -43.89 2.78
N ASN E 395 -35.91 -42.58 3.03
CA ASN E 395 -35.55 -41.98 4.31
C ASN E 395 -36.70 -41.15 4.89
N LEU E 396 -37.93 -41.66 4.95
CA LEU E 396 -39.04 -40.90 5.63
C LEU E 396 -39.82 -41.80 6.59
N ASP E 397 -39.68 -43.11 6.47
CA ASP E 397 -40.34 -44.08 7.37
C ASP E 397 -39.81 -43.84 8.76
N ARG E 398 -38.50 -43.59 8.88
CA ARG E 398 -37.81 -43.45 10.18
C ARG E 398 -38.40 -42.34 11.01
N TYR E 399 -38.69 -41.19 10.41
CA TYR E 399 -39.18 -40.02 11.12
C TYR E 399 -40.69 -39.95 11.20
N GLY E 400 -41.40 -40.95 10.68
CA GLY E 400 -42.84 -41.02 10.79
C GLY E 400 -43.61 -40.29 9.73
N LEU E 401 -42.94 -39.57 8.83
CA LEU E 401 -43.62 -38.83 7.77
C LEU E 401 -43.82 -39.70 6.53
N GLN E 402 -44.41 -40.88 6.72
CA GLN E 402 -44.70 -41.76 5.61
C GLN E 402 -45.99 -41.41 4.89
N ASP E 403 -46.80 -40.52 5.46
CA ASP E 403 -48.04 -40.09 4.84
C ASP E 403 -47.87 -38.85 3.97
N ILE E 404 -46.65 -38.33 3.87
CA ILE E 404 -46.42 -37.14 3.04
C ILE E 404 -46.64 -37.47 1.57
N ILE E 405 -46.24 -38.66 1.14
CA ILE E 405 -46.35 -39.04 -0.27
C ILE E 405 -47.82 -39.19 -0.64
N ARG E 406 -48.19 -38.59 -1.76
CA ARG E 406 -49.57 -38.66 -2.24
C ARG E 406 -49.56 -38.40 -3.74
N ASP E 407 -50.68 -38.72 -4.38
CA ASP E 407 -50.88 -38.48 -5.81
C ASP E 407 -51.76 -37.25 -5.99
N GLY E 408 -51.23 -36.26 -6.71
CA GLY E 408 -51.96 -35.03 -6.95
C GLY E 408 -51.88 -34.61 -8.40
N PHE E 409 -52.80 -33.72 -8.77
CA PHE E 409 -52.88 -33.24 -10.14
C PHE E 409 -51.97 -32.03 -10.32
N VAL E 410 -51.21 -32.03 -11.42
CA VAL E 410 -50.28 -30.97 -11.75
C VAL E 410 -50.57 -30.50 -13.18
N ARG E 411 -50.76 -29.20 -13.34
CA ARG E 411 -51.06 -28.60 -14.63
C ARG E 411 -49.95 -27.64 -15.01
N THR E 412 -49.39 -27.82 -16.20
CA THR E 412 -48.27 -27.00 -16.67
C THR E 412 -48.55 -26.56 -18.10
N LEU E 413 -48.31 -25.28 -18.36
CA LEU E 413 -48.37 -24.72 -19.70
C LEU E 413 -46.96 -24.59 -20.25
N GLY E 414 -46.84 -24.71 -21.57
CA GLY E 414 -45.55 -24.78 -22.22
C GLY E 414 -44.59 -23.68 -21.81
N TYR E 415 -43.39 -24.06 -21.41
CA TYR E 415 -42.28 -23.17 -21.06
C TYR E 415 -42.51 -22.39 -19.76
N ARG E 416 -43.61 -22.64 -19.06
CA ARG E 416 -43.88 -22.01 -17.78
C ARG E 416 -43.90 -23.06 -16.68
N GLY E 417 -43.35 -22.71 -15.53
CA GLY E 417 -43.24 -23.64 -14.42
C GLY E 417 -44.56 -24.32 -14.08
N SER E 418 -44.47 -25.55 -13.58
CA SER E 418 -45.67 -26.30 -13.21
C SER E 418 -46.26 -25.76 -11.91
N ILE E 419 -47.51 -26.11 -11.67
CA ILE E 419 -48.22 -25.71 -10.46
C ILE E 419 -49.24 -26.79 -10.12
N SER E 420 -49.25 -27.22 -8.86
CA SER E 420 -50.15 -28.26 -8.41
C SER E 420 -51.46 -27.67 -7.93
N ALA E 421 -52.47 -28.53 -7.78
CA ALA E 421 -53.79 -28.06 -7.37
C ALA E 421 -53.74 -27.43 -5.99
N SER E 422 -53.01 -28.04 -5.05
CA SER E 422 -52.95 -27.50 -3.70
C SER E 422 -52.33 -26.11 -3.69
N GLU E 423 -51.26 -25.91 -4.46
CA GLU E 423 -50.63 -24.59 -4.51
C GLU E 423 -51.55 -23.55 -5.13
N PHE E 424 -52.27 -23.93 -6.19
CA PHE E 424 -53.22 -23.01 -6.80
C PHE E 424 -54.31 -22.61 -5.81
N VAL E 425 -54.84 -23.59 -5.07
CA VAL E 425 -55.88 -23.30 -4.09
C VAL E 425 -55.33 -22.40 -2.99
N GLU E 426 -54.10 -22.66 -2.54
CA GLU E 426 -53.49 -21.82 -1.52
C GLU E 426 -53.34 -20.38 -2.01
N ALA E 427 -52.91 -20.21 -3.26
CA ALA E 427 -52.77 -18.86 -3.81
C ALA E 427 -54.12 -18.16 -3.89
N LEU E 428 -55.15 -18.89 -4.34
CA LEU E 428 -56.48 -18.28 -4.42
C LEU E 428 -56.97 -17.86 -3.04
N THR E 429 -56.78 -18.72 -2.04
CA THR E 429 -57.22 -18.38 -0.69
C THR E 429 -56.44 -17.20 -0.14
N ALA E 430 -55.14 -17.13 -0.42
CA ALA E 430 -54.35 -16.00 0.04
C ALA E 430 -54.83 -14.70 -0.59
N LEU E 431 -55.13 -14.73 -1.89
CA LEU E 431 -55.67 -13.54 -2.54
C LEU E 431 -57.01 -13.15 -1.94
N LEU E 432 -57.85 -14.14 -1.63
CA LEU E 432 -59.13 -13.85 -0.99
C LEU E 432 -58.93 -13.20 0.37
N GLU E 433 -57.91 -13.65 1.11
CA GLU E 433 -57.71 -13.22 2.49
C GLU E 433 -57.05 -11.85 2.58
N VAL E 434 -55.82 -11.75 2.08
CA VAL E 434 -55.00 -10.56 2.29
C VAL E 434 -54.81 -9.73 1.04
N GLY E 435 -55.33 -10.16 -0.10
CA GLY E 435 -55.19 -9.38 -1.31
C GLY E 435 -55.90 -8.04 -1.22
N ASN E 436 -55.56 -7.16 -2.15
CA ASN E 436 -56.17 -5.83 -2.19
C ASN E 436 -55.80 -5.10 -3.48
N SER E 462 -67.81 2.97 13.70
CA SER E 462 -68.58 1.83 14.16
C SER E 462 -69.04 0.97 12.98
N ALA E 463 -70.28 1.19 12.54
CA ALA E 463 -70.80 0.42 11.40
C ALA E 463 -70.05 0.75 10.13
N GLN E 464 -69.49 1.95 10.01
CA GLN E 464 -68.74 2.32 8.82
C GLN E 464 -67.52 1.42 8.64
N LYS E 465 -66.81 1.13 9.73
CA LYS E 465 -65.65 0.25 9.63
C LYS E 465 -66.08 -1.15 9.20
N LEU E 466 -67.17 -1.65 9.76
CA LEU E 466 -67.67 -2.98 9.39
C LEU E 466 -68.02 -3.03 7.92
N THR E 467 -68.72 -2.01 7.42
CA THR E 467 -69.08 -1.97 6.02
C THR E 467 -67.84 -1.90 5.14
N ASN E 468 -66.85 -1.09 5.52
CA ASN E 468 -65.63 -0.99 4.74
C ASN E 468 -64.91 -2.32 4.68
N LEU E 469 -64.83 -3.03 5.81
CA LEU E 469 -64.16 -4.32 5.83
C LEU E 469 -64.89 -5.33 4.93
N ARG E 470 -66.21 -5.40 5.04
CA ARG E 470 -66.96 -6.35 4.23
C ARG E 470 -66.84 -6.03 2.74
N LYS E 471 -66.86 -4.74 2.39
CA LYS E 471 -66.73 -4.37 0.99
C LYS E 471 -65.32 -4.63 0.48
N ARG E 472 -64.30 -4.47 1.32
CA ARG E 472 -62.95 -4.85 0.92
C ARG E 472 -62.87 -6.34 0.63
N TRP E 473 -63.53 -7.16 1.47
CA TRP E 473 -63.55 -8.60 1.21
C TRP E 473 -64.28 -8.90 -0.09
N VAL E 474 -65.37 -8.18 -0.36
CA VAL E 474 -66.10 -8.36 -1.62
C VAL E 474 -65.20 -8.04 -2.80
N SER E 475 -64.42 -6.95 -2.70
CA SER E 475 -63.50 -6.61 -3.77
C SER E 475 -62.42 -7.67 -3.94
N ASN E 476 -61.93 -8.22 -2.82
CA ASN E 476 -60.94 -9.30 -2.90
C ASN E 476 -61.51 -10.51 -3.60
N PHE E 477 -62.82 -10.76 -3.45
CA PHE E 477 -63.43 -11.86 -4.18
C PHE E 477 -63.20 -11.71 -5.68
N TRP E 478 -63.46 -10.53 -6.23
CA TRP E 478 -63.24 -10.31 -7.65
C TRP E 478 -61.77 -10.32 -8.00
N LEU E 479 -60.91 -9.80 -7.12
CA LEU E 479 -59.49 -9.89 -7.36
C LEU E 479 -59.06 -11.34 -7.53
N SER E 480 -59.66 -12.25 -6.77
CA SER E 480 -59.35 -13.67 -6.91
C SER E 480 -60.00 -14.25 -8.16
N TRP E 481 -61.19 -13.77 -8.52
CA TRP E 481 -61.89 -14.32 -9.69
C TRP E 481 -61.04 -14.20 -10.94
N ASP E 482 -60.44 -13.04 -11.16
CA ASP E 482 -59.66 -12.83 -12.39
C ASP E 482 -58.45 -13.76 -12.43
N ALA E 483 -57.84 -14.02 -11.27
CA ALA E 483 -56.62 -14.83 -11.24
C ALA E 483 -56.85 -16.25 -11.73
N LEU E 484 -58.10 -16.70 -11.80
CA LEU E 484 -58.42 -18.06 -12.20
C LEU E 484 -58.32 -18.28 -13.70
N ASP E 485 -57.78 -17.32 -14.45
CA ASP E 485 -57.62 -17.42 -15.89
C ASP E 485 -56.15 -17.57 -16.25
N ASP E 486 -55.90 -17.95 -17.49
CA ASP E 486 -54.54 -18.16 -17.99
C ASP E 486 -53.88 -16.87 -18.47
N ARG E 487 -54.63 -15.78 -18.59
CA ARG E 487 -54.09 -14.50 -19.04
C ARG E 487 -53.70 -13.58 -17.89
N LYS E 488 -53.80 -14.05 -16.65
CA LYS E 488 -53.57 -13.23 -15.46
C LYS E 488 -52.57 -13.91 -14.53
N VAL E 489 -51.44 -14.36 -15.09
CA VAL E 489 -50.44 -15.05 -14.29
C VAL E 489 -49.85 -14.14 -13.23
N GLU E 490 -49.84 -12.82 -13.48
CA GLU E 490 -49.30 -11.90 -12.50
C GLU E 490 -50.07 -11.96 -11.19
N LEU E 491 -51.41 -12.04 -11.28
CA LEU E 491 -52.20 -12.19 -10.08
C LEU E 491 -51.87 -13.49 -9.36
N LEU E 492 -51.60 -14.56 -10.10
CA LEU E 492 -51.23 -15.82 -9.48
C LEU E 492 -49.92 -15.69 -8.72
N ASN E 493 -48.93 -15.03 -9.31
CA ASN E 493 -47.66 -14.84 -8.62
C ASN E 493 -47.84 -13.99 -7.36
N ARG E 494 -48.64 -12.92 -7.46
CA ARG E 494 -48.90 -12.10 -6.28
C ARG E 494 -49.59 -12.92 -5.19
N GLY E 495 -50.54 -13.77 -5.59
CA GLY E 495 -51.21 -14.61 -4.63
C GLY E 495 -50.27 -15.59 -3.96
N ILE E 496 -49.33 -16.14 -4.71
CA ILE E 496 -48.35 -17.06 -4.12
C ILE E 496 -47.50 -16.32 -3.09
N GLN E 497 -47.02 -15.13 -3.43
CA GLN E 497 -46.22 -14.35 -2.48
C GLN E 497 -47.03 -14.03 -1.23
N LEU E 498 -48.28 -13.62 -1.40
CA LEU E 498 -49.12 -13.31 -0.25
C LEU E 498 -49.38 -14.54 0.60
N ALA E 499 -49.53 -15.71 -0.05
CA ALA E 499 -49.71 -16.95 0.70
C ALA E 499 -48.48 -17.25 1.54
N GLN E 500 -47.28 -17.05 0.96
CA GLN E 500 -46.06 -17.25 1.74
C GLN E 500 -46.03 -16.33 2.95
N ASP E 501 -46.34 -15.05 2.75
CA ASP E 501 -46.32 -14.11 3.86
C ASP E 501 -47.33 -14.50 4.94
N LEU E 502 -48.54 -14.86 4.52
CA LEU E 502 -49.58 -15.22 5.49
C LEU E 502 -49.18 -16.47 6.27
N GLN E 503 -48.61 -17.46 5.58
CA GLN E 503 -48.20 -18.67 6.29
C GLN E 503 -47.10 -18.37 7.29
N ARG E 504 -46.15 -17.49 6.92
CA ARG E 504 -45.11 -17.11 7.85
C ARG E 504 -45.71 -16.45 9.10
N ALA E 505 -46.64 -15.51 8.89
CA ALA E 505 -47.24 -14.82 10.03
C ALA E 505 -48.02 -15.78 10.92
N ILE E 506 -48.80 -16.68 10.31
CA ILE E 506 -49.58 -17.64 11.10
C ILE E 506 -48.66 -18.58 11.85
N PHE E 507 -47.55 -18.99 11.23
CA PHE E 507 -46.60 -19.85 11.93
C PHE E 507 -46.01 -19.13 13.13
N ASN E 508 -45.65 -17.86 12.97
CA ASN E 508 -45.10 -17.10 14.10
C ASN E 508 -46.11 -17.02 15.23
N THR E 509 -47.36 -16.69 14.90
CA THR E 509 -48.39 -16.57 15.93
C THR E 509 -48.63 -17.89 16.63
N GLY E 510 -48.67 -18.99 15.87
CA GLY E 510 -48.86 -20.29 16.47
C GLY E 510 -47.70 -20.69 17.36
N VAL E 511 -46.48 -20.37 16.94
CA VAL E 511 -45.31 -20.63 17.78
C VAL E 511 -45.45 -19.89 19.11
N ALA E 512 -45.83 -18.61 19.04
CA ALA E 512 -46.00 -17.84 20.26
C ALA E 512 -47.06 -18.47 21.16
N ILE E 513 -48.21 -18.83 20.58
CA ILE E 513 -49.30 -19.37 21.38
C ILE E 513 -48.87 -20.68 22.05
N LEU E 514 -48.24 -21.57 21.28
CA LEU E 514 -47.84 -22.85 21.84
C LEU E 514 -46.76 -22.69 22.91
N GLU E 515 -45.80 -21.79 22.68
CA GLU E 515 -44.74 -21.59 23.66
C GLU E 515 -45.28 -21.03 24.96
N LYS E 516 -46.19 -20.05 24.88
CA LYS E 516 -46.73 -19.42 26.08
C LYS E 516 -47.84 -20.23 26.72
N LYS E 517 -48.29 -21.33 26.11
CA LYS E 517 -49.29 -22.22 26.68
C LYS E 517 -50.56 -21.45 27.07
N LEU E 518 -51.21 -20.88 26.06
CA LEU E 518 -52.44 -20.14 26.24
C LEU E 518 -53.68 -20.99 26.03
N ILE E 519 -53.53 -22.27 25.71
CA ILE E 519 -54.67 -23.14 25.40
C ILE E 519 -55.06 -23.83 26.71
N LYS E 520 -56.04 -23.23 27.39
CA LYS E 520 -56.60 -23.83 28.58
C LYS E 520 -57.52 -25.00 28.22
N HIS E 521 -57.52 -26.01 29.07
CA HIS E 521 -58.23 -27.26 28.81
C HIS E 521 -59.44 -27.38 29.73
N LEU E 522 -60.55 -27.82 29.17
CA LEU E 522 -61.76 -28.10 29.93
C LEU E 522 -62.32 -29.44 29.47
N ARG E 523 -63.09 -30.08 30.35
CA ARG E 523 -63.62 -31.41 30.05
C ARG E 523 -64.39 -31.44 28.73
N ILE E 524 -65.08 -30.35 28.40
CA ILE E 524 -65.94 -30.32 27.22
C ILE E 524 -65.24 -29.72 26.01
N TYR E 525 -64.50 -28.63 26.19
CA TYR E 525 -63.87 -27.95 25.07
C TYR E 525 -62.57 -27.31 25.53
N ARG E 526 -61.85 -26.72 24.58
CA ARG E 526 -60.60 -26.03 24.83
C ARG E 526 -60.72 -24.59 24.35
N LEU E 527 -60.08 -23.68 25.07
CA LEU E 527 -60.20 -22.25 24.83
C LEU E 527 -58.84 -21.65 24.50
N CYS E 528 -58.82 -20.77 23.50
CA CYS E 528 -57.63 -20.02 23.13
C CYS E 528 -58.07 -18.62 22.75
N VAL E 529 -57.76 -17.64 23.61
CA VAL E 529 -58.17 -16.26 23.42
C VAL E 529 -56.92 -15.41 23.21
N LEU E 530 -56.90 -14.66 22.11
CA LEU E 530 -55.80 -13.77 21.79
C LEU E 530 -56.17 -12.34 22.18
N GLN E 531 -55.23 -11.65 22.84
CA GLN E 531 -55.46 -10.29 23.28
C GLN E 531 -54.32 -9.35 22.96
N ASP E 532 -53.23 -9.83 22.38
CA ASP E 532 -52.11 -8.97 22.03
C ASP E 532 -51.29 -9.64 20.94
N GLY E 533 -50.48 -8.84 20.25
CA GLY E 533 -49.62 -9.34 19.21
C GLY E 533 -49.42 -8.33 18.09
N PRO E 534 -48.46 -8.58 17.21
CA PRO E 534 -48.22 -7.66 16.09
C PRO E 534 -49.06 -7.97 14.87
N ASP E 535 -49.58 -9.20 14.78
CA ASP E 535 -50.34 -9.65 13.63
C ASP E 535 -51.83 -9.75 13.92
N LEU E 536 -52.29 -9.16 15.03
CA LEU E 536 -53.71 -9.25 15.37
C LEU E 536 -54.60 -8.60 14.32
N ASP E 537 -54.04 -7.70 13.50
CA ASP E 537 -54.85 -7.06 12.47
C ASP E 537 -55.36 -8.08 11.45
N LEU E 538 -54.48 -9.02 11.04
CA LEU E 538 -54.87 -9.98 10.02
C LEU E 538 -56.04 -10.85 10.47
N TYR E 539 -56.17 -11.08 11.78
CA TYR E 539 -57.17 -12.02 12.28
C TYR E 539 -58.54 -11.36 12.40
N ARG E 540 -58.99 -10.73 11.32
CA ARG E 540 -60.38 -10.28 11.20
C ARG E 540 -61.12 -10.94 10.05
N ASN E 541 -60.42 -11.41 9.04
CA ASN E 541 -61.06 -12.19 7.97
C ASN E 541 -61.30 -13.62 8.48
N PRO E 542 -62.53 -14.14 8.36
CA PRO E 542 -62.78 -15.48 8.87
C PRO E 542 -61.86 -16.54 8.31
N LEU E 543 -61.43 -16.40 7.05
CA LEU E 543 -60.58 -17.42 6.44
C LEU E 543 -59.23 -17.51 7.15
N THR E 544 -58.63 -16.37 7.49
CA THR E 544 -57.34 -16.39 8.18
C THR E 544 -57.47 -17.00 9.58
N LEU E 545 -58.54 -16.65 10.29
CA LEU E 545 -58.76 -17.22 11.61
C LEU E 545 -58.97 -18.73 11.51
N LEU E 546 -59.68 -19.18 10.47
CA LEU E 546 -59.85 -20.62 10.26
C LEU E 546 -58.53 -21.28 9.92
N ARG E 547 -57.66 -20.59 9.17
CA ARG E 547 -56.33 -21.13 8.90
C ARG E 547 -55.57 -21.35 10.18
N LEU E 548 -55.58 -20.35 11.07
CA LEU E 548 -54.92 -20.51 12.36
C LEU E 548 -55.55 -21.64 13.17
N GLY E 549 -56.87 -21.74 13.12
CA GLY E 549 -57.54 -22.81 13.84
C GLY E 549 -57.14 -24.19 13.34
N ASN E 550 -57.07 -24.36 12.03
CA ASN E 550 -56.62 -25.63 11.47
C ASN E 550 -55.18 -25.92 11.87
N TRP E 551 -54.33 -24.89 11.80
CA TRP E 551 -52.93 -25.05 12.22
C TRP E 551 -52.85 -25.57 13.65
N LEU E 552 -53.61 -24.96 14.56
CA LEU E 552 -53.59 -25.40 15.95
C LEU E 552 -54.22 -26.78 16.12
N ILE E 553 -55.25 -27.08 15.34
CA ILE E 553 -55.92 -28.38 15.47
C ILE E 553 -54.97 -29.50 15.09
N GLU E 554 -54.21 -29.32 14.02
CA GLU E 554 -53.29 -30.37 13.60
C GLU E 554 -52.24 -30.64 14.66
N CYS E 555 -51.72 -29.59 15.30
CA CYS E 555 -50.59 -29.70 16.22
C CYS E 555 -51.10 -29.96 17.64
N CYS E 556 -50.89 -31.19 18.12
CA CYS E 556 -51.08 -31.54 19.52
C CYS E 556 -52.55 -31.60 19.93
N ALA E 557 -53.46 -31.21 19.03
CA ALA E 557 -54.89 -31.38 19.26
C ALA E 557 -55.47 -32.56 18.50
N GLU E 558 -54.80 -32.98 17.42
CA GLU E 558 -55.18 -34.19 16.69
C GLU E 558 -54.13 -35.29 16.82
N SER E 559 -52.90 -34.94 17.16
CA SER E 559 -51.81 -35.89 17.37
C SER E 559 -51.24 -35.69 18.77
N GLU E 560 -50.15 -36.42 19.05
CA GLU E 560 -49.43 -36.31 20.32
C GLU E 560 -50.26 -36.87 21.47
N ASP E 561 -51.05 -37.90 21.20
CA ASP E 561 -51.84 -38.61 22.22
C ASP E 561 -52.69 -37.62 23.02
N LYS E 562 -53.59 -36.94 22.32
CA LYS E 562 -54.49 -35.96 22.92
C LYS E 562 -55.91 -36.29 22.55
N GLN E 563 -56.82 -36.14 23.51
CA GLN E 563 -58.23 -36.37 23.27
C GLN E 563 -58.79 -35.31 22.34
N LEU E 564 -59.85 -35.67 21.63
CA LEU E 564 -60.47 -34.80 20.62
C LEU E 564 -61.62 -34.02 21.27
N LEU E 565 -61.42 -32.70 21.40
CA LEU E 565 -62.42 -31.81 21.95
C LEU E 565 -62.57 -30.62 21.01
N PRO E 566 -63.79 -30.10 20.84
CA PRO E 566 -63.94 -28.86 20.06
C PRO E 566 -63.14 -27.73 20.69
N MET E 567 -62.56 -26.90 19.84
CA MET E 567 -61.72 -25.78 20.27
C MET E 567 -62.38 -24.47 19.88
N VAL E 568 -62.49 -23.56 20.84
CA VAL E 568 -63.04 -22.22 20.62
C VAL E 568 -61.87 -21.25 20.59
N LEU E 569 -61.67 -20.60 19.44
CA LEU E 569 -60.58 -19.66 19.23
C LEU E 569 -61.16 -18.28 18.99
N ALA E 570 -60.62 -17.28 19.68
CA ALA E 570 -61.12 -15.92 19.60
C ALA E 570 -59.96 -14.95 19.42
N SER E 571 -60.24 -13.83 18.76
CA SER E 571 -59.26 -12.78 18.55
C SER E 571 -59.92 -11.42 18.72
N ILE E 572 -59.22 -10.52 19.41
CA ILE E 572 -59.75 -9.20 19.70
C ILE E 572 -59.40 -8.23 18.59
N ASP E 573 -60.13 -7.13 18.53
CA ASP E 573 -59.81 -6.03 17.62
C ASP E 573 -60.24 -4.74 18.32
N GLU E 574 -59.27 -4.05 18.94
CA GLU E 574 -59.59 -2.85 19.72
C GLU E 574 -60.29 -1.81 18.88
N ASN E 575 -60.06 -1.81 17.55
CA ASN E 575 -60.69 -0.83 16.69
C ASN E 575 -62.21 -0.96 16.68
N THR E 576 -62.75 -2.11 17.09
CA THR E 576 -64.19 -2.32 17.17
C THR E 576 -64.65 -2.95 18.46
N ASP E 577 -63.75 -3.42 19.33
CA ASP E 577 -64.09 -3.97 20.63
C ASP E 577 -65.06 -5.15 20.49
N THR E 578 -64.57 -6.20 19.85
CA THR E 578 -65.34 -7.43 19.70
C THR E 578 -64.39 -8.58 19.43
N TYR E 579 -64.88 -9.80 19.63
CA TYR E 579 -64.12 -11.01 19.42
C TYR E 579 -64.70 -11.79 18.24
N LEU E 580 -63.85 -12.13 17.27
CA LEU E 580 -64.25 -12.95 16.14
C LEU E 580 -64.20 -14.43 16.52
N VAL E 581 -65.05 -14.79 17.48
CA VAL E 581 -65.06 -16.15 18.01
C VAL E 581 -65.40 -17.14 16.89
N ALA E 582 -64.67 -18.24 16.85
CA ALA E 582 -64.87 -19.28 15.86
C ALA E 582 -64.90 -20.63 16.56
N GLY E 583 -65.92 -21.44 16.25
CA GLY E 583 -66.04 -22.76 16.85
C GLY E 583 -65.59 -23.86 15.91
N LEU E 584 -64.42 -24.41 16.16
CA LEU E 584 -63.81 -25.41 15.28
C LEU E 584 -64.09 -26.81 15.79
N THR E 585 -64.16 -27.77 14.85
CA THR E 585 -64.41 -29.16 15.19
C THR E 585 -63.09 -29.94 15.21
N PRO E 586 -62.98 -30.98 16.03
CA PRO E 586 -61.75 -31.78 16.07
C PRO E 586 -61.58 -32.61 14.81
N ARG E 587 -60.39 -33.20 14.68
CA ARG E 587 -60.04 -34.01 13.53
C ARG E 587 -59.26 -35.23 13.98
N TYR E 588 -59.54 -36.37 13.35
CA TYR E 588 -58.77 -37.57 13.59
C TYR E 588 -57.40 -37.44 12.94
N PRO E 589 -56.42 -38.24 13.38
CA PRO E 589 -55.09 -38.16 12.78
C PRO E 589 -55.14 -38.33 11.27
N ARG E 590 -54.41 -37.48 10.57
CA ARG E 590 -54.44 -37.49 9.11
C ARG E 590 -53.83 -38.77 8.56
N GLY E 591 -54.44 -39.29 7.50
CA GLY E 591 -53.92 -40.48 6.85
C GLY E 591 -53.96 -41.72 7.72
N LEU E 592 -55.06 -41.94 8.44
CA LEU E 592 -55.24 -43.11 9.29
C LEU E 592 -56.65 -43.66 9.01
N ASP E 593 -56.74 -44.55 8.03
CA ASP E 593 -58.03 -45.13 7.67
C ASP E 593 -58.53 -46.05 8.78
N THR E 594 -59.77 -45.85 9.22
CA THR E 594 -60.37 -46.68 10.24
C THR E 594 -61.88 -46.48 10.20
N ILE E 595 -62.61 -47.40 10.83
CA ILE E 595 -64.06 -47.32 10.86
C ILE E 595 -64.50 -46.02 11.53
N HIS E 596 -63.86 -45.67 12.64
CA HIS E 596 -64.19 -44.41 13.30
C HIS E 596 -63.83 -43.21 12.43
N THR E 597 -62.73 -43.31 11.69
CA THR E 597 -62.34 -42.23 10.78
C THR E 597 -63.38 -42.03 9.69
N LYS E 598 -64.05 -43.10 9.27
CA LYS E 598 -65.06 -42.98 8.22
C LYS E 598 -66.22 -42.09 8.67
N LYS E 599 -66.67 -42.26 9.91
CA LYS E 599 -67.80 -41.48 10.41
C LYS E 599 -67.39 -40.02 10.56
N PRO E 600 -68.10 -39.08 9.96
CA PRO E 600 -67.73 -37.67 10.11
C PRO E 600 -67.92 -37.18 11.52
N ILE E 601 -67.09 -36.22 11.91
CA ILE E 601 -67.19 -35.60 13.24
C ILE E 601 -68.07 -34.36 13.09
N LEU E 602 -69.32 -34.48 13.54
CA LEU E 602 -70.25 -33.37 13.43
C LEU E 602 -69.81 -32.20 14.30
N ASN E 603 -70.17 -30.99 13.86
CA ASN E 603 -69.86 -29.76 14.57
C ASN E 603 -71.14 -29.27 15.24
N ASN E 604 -71.18 -29.34 16.56
CA ASN E 604 -72.36 -28.99 17.34
C ASN E 604 -72.35 -27.55 17.83
N PHE E 605 -71.39 -26.74 17.37
CA PHE E 605 -71.28 -25.38 17.90
C PHE E 605 -72.50 -24.53 17.55
N SER E 606 -73.09 -24.76 16.38
CA SER E 606 -74.12 -23.85 15.89
C SER E 606 -75.32 -23.80 16.84
N MET E 607 -75.85 -24.95 17.22
CA MET E 607 -77.05 -24.98 18.03
C MET E 607 -76.80 -24.41 19.42
N ALA E 608 -75.68 -24.79 20.05
CA ALA E 608 -75.37 -24.26 21.37
C ALA E 608 -75.16 -22.75 21.32
N PHE E 609 -74.47 -22.26 20.28
CA PHE E 609 -74.28 -20.83 20.11
C PHE E 609 -75.62 -20.12 19.99
N GLN E 610 -76.52 -20.65 19.17
CA GLN E 610 -77.83 -20.03 19.00
C GLN E 610 -78.60 -20.01 20.31
N GLN E 611 -78.59 -21.13 21.05
CA GLN E 611 -79.33 -21.17 22.31
C GLN E 611 -78.75 -20.17 23.32
N ILE E 612 -77.42 -20.11 23.43
CA ILE E 612 -76.80 -19.18 24.38
C ILE E 612 -77.13 -17.74 24.00
N THR E 613 -77.06 -17.43 22.69
CA THR E 613 -77.41 -16.08 22.26
C THR E 613 -78.86 -15.76 22.59
N ALA E 614 -79.75 -16.72 22.39
CA ALA E 614 -81.17 -16.49 22.70
C ALA E 614 -81.38 -16.22 24.18
N GLU E 615 -80.72 -17.00 25.05
CA GLU E 615 -80.93 -16.85 26.48
C GLU E 615 -80.47 -15.47 26.96
N THR E 616 -79.24 -15.10 26.61
CA THR E 616 -78.66 -13.84 27.09
C THR E 616 -78.92 -12.74 26.07
N ASP E 617 -78.27 -11.58 26.27
CA ASP E 617 -78.38 -10.44 25.36
C ASP E 617 -77.01 -9.77 25.32
N ALA E 618 -76.20 -10.12 24.33
CA ALA E 618 -74.85 -9.57 24.18
C ALA E 618 -74.61 -9.03 22.79
N LYS E 619 -75.66 -8.82 22.00
CA LYS E 619 -75.54 -8.31 20.64
C LYS E 619 -74.62 -9.19 19.80
N VAL E 620 -74.86 -10.50 19.87
CA VAL E 620 -74.08 -11.44 19.08
C VAL E 620 -74.50 -11.33 17.62
N ARG E 621 -73.52 -11.21 16.72
CA ARG E 621 -73.78 -11.05 15.30
C ARG E 621 -73.73 -12.41 14.62
N ILE E 622 -74.85 -13.13 14.70
CA ILE E 622 -74.98 -14.42 14.02
C ILE E 622 -75.52 -14.12 12.63
N ASP E 623 -74.61 -13.82 11.71
CA ASP E 623 -75.00 -13.54 10.33
C ASP E 623 -74.11 -14.24 9.30
N ASN E 624 -72.94 -14.75 9.68
CA ASN E 624 -72.10 -15.47 8.75
C ASN E 624 -72.80 -16.77 8.34
N PHE E 625 -72.58 -17.18 7.08
CA PHE E 625 -73.20 -18.40 6.59
C PHE E 625 -72.77 -19.61 7.42
N GLU E 626 -71.48 -19.69 7.74
CA GLU E 626 -70.98 -20.70 8.66
C GLU E 626 -71.29 -20.25 10.09
N SER E 627 -72.18 -20.98 10.77
CA SER E 627 -72.56 -20.60 12.11
C SER E 627 -71.42 -20.70 13.11
N SER E 628 -70.32 -21.35 12.74
CA SER E 628 -69.19 -21.49 13.66
C SER E 628 -68.60 -20.16 14.08
N ILE E 629 -68.79 -19.10 13.29
CA ILE E 629 -68.17 -17.82 13.52
C ILE E 629 -69.24 -16.81 13.92
N ILE E 630 -68.95 -16.05 14.99
CA ILE E 630 -69.80 -14.97 15.46
C ILE E 630 -68.91 -13.80 15.87
N GLU E 631 -69.54 -12.73 16.35
CA GLU E 631 -68.83 -11.56 16.84
C GLU E 631 -69.46 -11.14 18.16
N ILE E 632 -68.69 -11.21 19.24
CA ILE E 632 -69.17 -10.91 20.58
C ILE E 632 -68.44 -9.67 21.10
N ARG E 633 -69.19 -8.78 21.75
CA ARG E 633 -68.61 -7.58 22.34
C ARG E 633 -67.49 -7.94 23.30
N ARG E 634 -66.57 -7.00 23.54
CA ARG E 634 -65.45 -7.27 24.43
C ARG E 634 -65.92 -7.50 25.86
N GLU E 635 -66.84 -6.66 26.33
CA GLU E 635 -67.28 -6.74 27.73
C GLU E 635 -68.12 -7.98 28.00
N ASP E 636 -68.61 -8.67 26.97
CA ASP E 636 -69.50 -9.81 27.15
C ASP E 636 -68.86 -11.12 26.70
N LEU E 637 -67.54 -11.17 26.54
CA LEU E 637 -66.90 -12.41 26.15
C LEU E 637 -66.92 -13.42 27.29
N SER E 638 -66.31 -13.07 28.42
CA SER E 638 -66.21 -14.03 29.53
C SER E 638 -67.58 -14.50 30.02
N PRO E 639 -68.59 -13.64 30.18
CA PRO E 639 -69.93 -14.17 30.51
C PRO E 639 -70.44 -15.17 29.48
N PHE E 640 -70.20 -14.92 28.19
CA PHE E 640 -70.63 -15.87 27.17
C PHE E 640 -69.88 -17.19 27.29
N LEU E 641 -68.58 -17.13 27.58
CA LEU E 641 -67.81 -18.36 27.77
C LEU E 641 -68.32 -19.13 28.97
N GLU E 642 -68.67 -18.44 30.05
CA GLU E 642 -69.24 -19.12 31.20
C GLU E 642 -70.57 -19.77 30.86
N LYS E 643 -71.41 -19.07 30.09
CA LYS E 643 -72.68 -19.64 29.66
C LYS E 643 -72.46 -20.86 28.79
N LEU E 644 -71.49 -20.80 27.89
CA LEU E 644 -71.17 -21.95 27.05
C LEU E 644 -70.69 -23.13 27.90
N THR E 645 -69.87 -22.85 28.92
CA THR E 645 -69.41 -23.91 29.81
C THR E 645 -70.60 -24.55 30.52
N LEU E 646 -71.54 -23.74 31.00
CA LEU E 646 -72.70 -24.27 31.69
C LEU E 646 -73.67 -24.96 30.74
N SER E 647 -73.61 -24.66 29.43
CA SER E 647 -74.60 -25.18 28.50
C SER E 647 -74.54 -26.71 28.43
N GLY E 648 -73.35 -27.27 28.35
CA GLY E 648 -73.21 -28.72 28.23
C GLY E 648 -73.91 -29.28 27.01
N LEU E 649 -73.84 -28.58 25.88
CA LEU E 649 -74.45 -29.03 24.64
C LEU E 649 -73.45 -29.36 23.55
N LEU E 650 -72.18 -29.01 23.73
CA LEU E 650 -71.16 -29.32 22.74
C LEU E 650 -70.98 -30.83 22.60
N ILE H 174 -4.42 -66.74 1.28
CA ILE H 174 -4.86 -65.43 1.76
C ILE H 174 -3.80 -64.38 1.42
N ASP H 175 -4.25 -63.18 1.10
CA ASP H 175 -3.33 -62.10 0.75
C ASP H 175 -2.52 -61.70 1.98
N PRO H 176 -1.18 -61.74 1.92
CA PRO H 176 -0.40 -61.29 3.08
C PRO H 176 -0.68 -59.86 3.47
N LEU H 177 -0.94 -58.98 2.51
CA LEU H 177 -1.18 -57.58 2.82
C LEU H 177 -2.47 -57.35 3.61
N ARG H 178 -3.36 -58.33 3.66
CA ARG H 178 -4.62 -58.19 4.37
C ARG H 178 -4.54 -58.64 5.83
N GLU H 179 -3.45 -59.29 6.22
CA GLU H 179 -3.32 -59.75 7.61
C GLU H 179 -3.20 -58.56 8.56
N GLU H 180 -3.77 -58.72 9.75
CA GLU H 180 -3.80 -57.68 10.77
C GLU H 180 -3.14 -58.19 12.04
N LEU H 181 -2.36 -57.34 12.68
CA LEU H 181 -1.66 -57.69 13.91
C LEU H 181 -2.62 -57.59 15.09
N THR H 182 -2.08 -57.69 16.30
CA THR H 182 -2.84 -57.52 17.53
C THR H 182 -2.58 -56.12 18.08
N LEU H 183 -3.20 -55.81 19.22
CA LEU H 183 -2.97 -54.51 19.85
C LEU H 183 -1.61 -54.43 20.51
N GLU H 184 -1.19 -55.50 21.18
CA GLU H 184 0.09 -55.48 21.88
C GLU H 184 1.24 -55.37 20.90
N SER H 185 1.15 -56.07 19.76
CA SER H 185 2.24 -56.05 18.79
C SER H 185 2.53 -54.64 18.30
N LEU H 186 1.52 -53.76 18.31
CA LEU H 186 1.73 -52.38 17.87
C LEU H 186 2.75 -51.68 18.75
N SER H 187 2.70 -51.93 20.07
CA SER H 187 3.66 -51.31 20.97
C SER H 187 5.08 -51.72 20.62
N ASN H 188 5.28 -53.00 20.29
CA ASN H 188 6.59 -53.50 19.87
C ASN H 188 6.88 -52.97 18.48
N VAL H 189 7.69 -51.92 18.39
CA VAL H 189 7.99 -51.26 17.12
C VAL H 189 9.22 -51.89 16.51
N LYS H 190 9.14 -52.21 15.21
CA LYS H 190 10.25 -52.79 14.45
C LYS H 190 10.44 -51.94 13.20
N ALA H 191 11.22 -50.87 13.32
CA ALA H 191 11.49 -49.96 12.22
C ALA H 191 12.45 -48.89 12.71
N ASN H 192 13.02 -48.15 11.75
CA ASN H 192 13.97 -47.10 12.11
C ASN H 192 13.27 -45.96 12.84
N SER H 193 12.06 -45.59 12.41
CA SER H 193 11.35 -44.46 12.97
C SER H 193 9.88 -44.79 13.09
N TYR H 194 9.16 -43.95 13.85
CA TYR H 194 7.74 -44.17 14.06
C TYR H 194 6.95 -44.07 12.76
N SER H 195 7.29 -43.11 11.91
CA SER H 195 6.56 -42.92 10.66
C SER H 195 6.67 -44.16 9.78
N GLU H 196 7.86 -44.75 9.70
CA GLU H 196 8.03 -45.96 8.90
C GLU H 196 7.18 -47.10 9.46
N TRP H 197 7.14 -47.22 10.79
CA TRP H 197 6.32 -48.27 11.40
C TRP H 197 4.84 -48.06 11.08
N ILE H 198 4.36 -46.82 11.17
CA ILE H 198 2.94 -46.56 10.94
C ILE H 198 2.59 -46.76 9.48
N THR H 199 3.47 -46.36 8.57
CA THR H 199 3.15 -46.40 7.14
C THR H 199 3.04 -47.81 6.59
N GLN H 200 3.49 -48.82 7.32
CA GLN H 200 3.43 -50.18 6.81
C GLN H 200 1.98 -50.60 6.61
N PRO H 201 1.67 -51.35 5.54
CA PRO H 201 0.26 -51.73 5.30
C PRO H 201 -0.42 -52.40 6.48
N ASN H 202 0.20 -53.46 7.03
CA ASN H 202 -0.45 -54.21 8.10
C ASN H 202 -0.67 -53.35 9.33
N VAL H 203 0.34 -52.57 9.71
CA VAL H 203 0.20 -51.69 10.88
C VAL H 203 -0.86 -50.64 10.60
N SER H 204 -0.93 -50.14 9.37
CA SER H 204 -1.95 -49.16 9.03
C SER H 204 -3.35 -49.74 9.19
N ARG H 205 -3.55 -50.96 8.71
CA ARG H 205 -4.86 -51.60 8.85
C ARG H 205 -5.19 -51.84 10.32
N THR H 206 -4.21 -52.29 11.11
CA THR H 206 -4.45 -52.50 12.52
C THR H 206 -4.83 -51.20 13.22
N ILE H 207 -4.12 -50.11 12.89
CA ILE H 207 -4.42 -48.82 13.50
C ILE H 207 -5.83 -48.37 13.12
N ALA H 208 -6.20 -48.55 11.85
CA ALA H 208 -7.54 -48.17 11.42
C ALA H 208 -8.60 -48.95 12.17
N ARG H 209 -8.39 -50.27 12.30
CA ARG H 209 -9.35 -51.08 13.03
C ARG H 209 -9.48 -50.64 14.48
N GLU H 210 -8.34 -50.38 15.14
CA GLU H 210 -8.38 -49.99 16.54
C GLU H 210 -9.03 -48.63 16.72
N LEU H 211 -8.76 -47.68 15.83
CA LEU H 211 -9.39 -46.37 15.92
C LEU H 211 -10.90 -46.49 15.72
N LYS H 212 -11.32 -47.30 14.75
CA LYS H 212 -12.76 -47.51 14.56
C LYS H 212 -13.40 -48.12 15.80
N SER H 213 -12.74 -49.11 16.39
CA SER H 213 -13.27 -49.72 17.61
C SER H 213 -13.38 -48.70 18.73
N PHE H 214 -12.36 -47.87 18.90
CA PHE H 214 -12.39 -46.84 19.94
C PHE H 214 -13.55 -45.88 19.71
N LEU H 215 -13.75 -45.44 18.46
CA LEU H 215 -14.84 -44.52 18.17
C LEU H 215 -16.19 -45.17 18.43
N LEU H 216 -16.34 -46.44 18.08
CA LEU H 216 -17.65 -47.10 18.13
C LEU H 216 -17.95 -47.75 19.47
N GLU H 217 -17.00 -47.78 20.41
CA GLU H 217 -17.19 -48.51 21.66
C GLU H 217 -16.79 -47.72 22.91
N TYR H 218 -16.46 -46.45 22.78
CA TYR H 218 -16.09 -45.65 23.94
C TYR H 218 -17.35 -45.16 24.66
N THR H 219 -17.38 -45.33 25.98
CA THR H 219 -18.49 -44.90 26.80
C THR H 219 -17.97 -44.15 28.02
N ASP H 220 -18.75 -43.17 28.47
CA ASP H 220 -18.39 -42.37 29.63
C ASP H 220 -18.96 -43.00 30.90
N GLU H 221 -18.94 -42.25 32.00
CA GLU H 221 -19.43 -42.78 33.27
C GLU H 221 -20.89 -43.23 33.14
N THR H 222 -21.73 -42.41 32.51
CA THR H 222 -23.13 -42.78 32.30
C THR H 222 -23.28 -43.93 31.32
N GLY H 223 -22.23 -44.29 30.59
CA GLY H 223 -22.31 -45.33 29.59
C GLY H 223 -22.74 -44.86 28.21
N ARG H 224 -23.08 -43.58 28.06
CA ARG H 224 -23.47 -43.07 26.75
C ARG H 224 -22.28 -43.09 25.80
N SER H 225 -22.51 -43.51 24.57
CA SER H 225 -21.49 -43.49 23.53
C SER H 225 -21.25 -42.05 23.12
N VAL H 226 -20.17 -41.45 23.64
CA VAL H 226 -19.94 -40.03 23.42
C VAL H 226 -19.81 -39.73 21.93
N TYR H 227 -18.99 -40.52 21.23
CA TYR H 227 -18.66 -40.19 19.85
C TYR H 227 -19.81 -40.46 18.88
N GLY H 228 -20.72 -41.39 19.21
CA GLY H 228 -21.91 -41.52 18.40
C GLY H 228 -22.73 -40.24 18.38
N ALA H 229 -22.96 -39.67 19.56
CA ALA H 229 -23.69 -38.40 19.65
C ALA H 229 -22.89 -37.28 19.00
N ARG H 230 -21.57 -37.28 19.17
CA ARG H 230 -20.76 -36.25 18.54
C ARG H 230 -20.88 -36.32 17.02
N ILE H 231 -20.86 -37.53 16.45
CA ILE H 231 -20.98 -37.68 15.01
C ILE H 231 -22.37 -37.28 14.53
N ARG H 232 -23.41 -37.62 15.31
CA ARG H 232 -24.75 -37.21 14.95
C ARG H 232 -24.87 -35.69 14.91
N THR H 233 -24.31 -35.02 15.92
CA THR H 233 -24.33 -33.56 15.93
C THR H 233 -23.52 -32.99 14.76
N LEU H 234 -22.37 -33.61 14.47
CA LEU H 234 -21.57 -33.18 13.32
C LEU H 234 -22.39 -33.23 12.04
N GLY H 235 -23.11 -34.33 11.83
CA GLY H 235 -23.95 -34.44 10.66
C GLY H 235 -25.10 -33.44 10.66
N GLU H 236 -25.63 -33.13 11.84
CA GLU H 236 -26.76 -32.21 11.92
C GLU H 236 -26.39 -30.83 11.39
N MET H 237 -25.22 -30.33 11.75
CA MET H 237 -24.78 -29.00 11.33
C MET H 237 -24.02 -29.00 10.02
N ASN H 238 -23.88 -30.14 9.36
CA ASN H 238 -23.12 -30.25 8.12
C ASN H 238 -21.68 -29.78 8.33
N SER H 239 -21.12 -30.08 9.48
CA SER H 239 -19.75 -29.71 9.81
C SER H 239 -18.79 -30.78 9.31
N GLU H 240 -17.54 -30.38 9.15
CA GLU H 240 -16.46 -31.26 8.70
C GLU H 240 -15.35 -31.34 9.74
N SER H 241 -15.74 -31.46 11.00
CA SER H 241 -14.77 -31.56 12.09
C SER H 241 -15.37 -32.39 13.21
N LEU H 242 -14.67 -33.45 13.61
CA LEU H 242 -15.09 -34.32 14.70
C LEU H 242 -14.07 -34.17 15.83
N GLU H 243 -14.42 -33.38 16.85
CA GLU H 243 -13.50 -33.16 17.96
C GLU H 243 -13.32 -34.44 18.76
N VAL H 244 -12.06 -34.78 19.04
CA VAL H 244 -11.71 -36.01 19.74
C VAL H 244 -10.86 -35.63 20.95
N ASN H 245 -11.23 -36.17 22.11
CA ASN H 245 -10.49 -35.90 23.35
C ASN H 245 -9.25 -36.78 23.42
N TYR H 246 -8.10 -36.16 23.66
CA TYR H 246 -6.86 -36.91 23.75
C TYR H 246 -6.87 -37.84 24.97
N ARG H 247 -7.45 -37.38 26.08
CA ARG H 247 -7.46 -38.21 27.28
C ARG H 247 -8.20 -39.51 27.05
N HIS H 248 -9.33 -39.46 26.34
CA HIS H 248 -10.08 -40.68 26.06
C HIS H 248 -9.25 -41.66 25.26
N LEU H 249 -8.55 -41.16 24.23
CA LEU H 249 -7.71 -42.03 23.43
C LEU H 249 -6.59 -42.64 24.26
N ALA H 250 -5.96 -41.83 25.12
CA ALA H 250 -4.89 -42.35 25.96
C ALA H 250 -5.40 -43.43 26.92
N GLU H 251 -6.57 -43.19 27.52
CA GLU H 251 -7.13 -44.18 28.44
C GLU H 251 -7.51 -45.46 27.72
N SER H 252 -8.09 -45.35 26.53
CA SER H 252 -8.55 -46.54 25.81
C SER H 252 -7.37 -47.31 25.21
N LYS H 253 -6.62 -46.67 24.32
CA LYS H 253 -5.45 -47.27 23.69
C LYS H 253 -4.28 -46.32 23.87
N ALA H 254 -3.41 -46.63 24.84
CA ALA H 254 -2.28 -45.75 25.12
C ALA H 254 -1.30 -45.70 23.95
N ILE H 255 -1.08 -46.84 23.30
CA ILE H 255 -0.09 -46.89 22.22
C ILE H 255 -0.52 -45.98 21.06
N LEU H 256 -1.82 -45.96 20.75
CA LEU H 256 -2.29 -45.10 19.68
C LEU H 256 -2.10 -43.63 20.03
N ALA H 257 -2.35 -43.26 21.28
CA ALA H 257 -2.11 -41.88 21.71
C ALA H 257 -0.64 -41.53 21.59
N LEU H 258 0.24 -42.45 21.99
CA LEU H 258 1.67 -42.20 21.87
C LEU H 258 2.08 -42.00 20.42
N PHE H 259 1.56 -42.85 19.53
CA PHE H 259 1.87 -42.71 18.11
C PHE H 259 1.36 -41.38 17.56
N LEU H 260 0.14 -41.00 17.94
CA LEU H 260 -0.40 -39.73 17.49
C LEU H 260 0.45 -38.56 17.97
N ALA H 261 0.94 -38.62 19.20
CA ALA H 261 1.81 -37.56 19.71
C ALA H 261 3.13 -37.52 18.94
N LYS H 262 3.74 -38.68 18.70
CA LYS H 262 5.06 -38.72 18.07
C LYS H 262 4.97 -38.42 16.58
N CYS H 263 3.99 -39.00 15.89
CA CYS H 263 3.85 -38.88 14.44
C CYS H 263 2.44 -38.40 14.12
N PRO H 264 2.21 -37.09 14.20
CA PRO H 264 0.83 -36.60 14.04
C PRO H 264 0.29 -36.71 12.63
N GLU H 265 1.12 -36.52 11.59
CA GLU H 265 0.59 -36.39 10.24
C GLU H 265 -0.08 -37.68 9.77
N GLU H 266 0.63 -38.81 9.85
CA GLU H 266 0.09 -40.05 9.31
C GLU H 266 -1.03 -40.59 10.20
N MET H 267 -0.87 -40.48 11.51
CA MET H 267 -1.93 -40.89 12.42
C MET H 267 -3.20 -40.09 12.17
N LEU H 268 -3.05 -38.78 11.94
CA LEU H 268 -4.22 -37.94 11.67
C LEU H 268 -4.85 -38.30 10.33
N LYS H 269 -4.04 -38.65 9.33
CA LYS H 269 -4.60 -39.09 8.05
C LYS H 269 -5.45 -40.35 8.23
N ILE H 270 -4.89 -41.34 8.94
CA ILE H 270 -5.63 -42.59 9.17
C ILE H 270 -6.88 -42.31 10.00
N PHE H 271 -6.76 -41.42 10.99
CA PHE H 271 -7.91 -41.07 11.82
C PHE H 271 -8.99 -40.38 11.01
N ASP H 272 -8.60 -39.52 10.06
CA ASP H 272 -9.58 -38.87 9.21
C ASP H 272 -10.32 -39.89 8.36
N LEU H 273 -9.60 -40.87 7.79
CA LEU H 273 -10.27 -41.91 7.03
C LEU H 273 -11.24 -42.71 7.91
N VAL H 274 -10.79 -43.08 9.11
CA VAL H 274 -11.66 -43.87 10.00
C VAL H 274 -12.88 -43.06 10.41
N ALA H 275 -12.70 -41.77 10.68
CA ALA H 275 -13.81 -40.92 11.08
C ALA H 275 -14.79 -40.75 9.92
N MET H 276 -14.32 -40.70 8.69
CA MET H 276 -15.22 -40.58 7.51
C MET H 276 -15.98 -41.88 7.36
N GLU H 277 -15.38 -43.03 7.65
CA GLU H 277 -16.12 -44.30 7.63
C GLU H 277 -17.19 -44.32 8.72
N ALA H 278 -16.82 -43.90 9.93
CA ALA H 278 -17.76 -43.91 11.04
C ALA H 278 -18.93 -42.98 10.77
N THR H 279 -18.65 -41.79 10.23
CA THR H 279 -19.72 -40.85 9.91
C THR H 279 -20.64 -41.42 8.85
N GLU H 280 -20.08 -42.04 7.81
CA GLU H 280 -20.90 -42.70 6.81
C GLU H 280 -21.74 -43.82 7.41
N LEU H 281 -21.27 -44.41 8.51
CA LEU H 281 -22.09 -45.43 9.19
C LEU H 281 -23.43 -44.84 9.63
N HIS H 282 -23.41 -43.63 10.20
CA HIS H 282 -24.66 -43.03 10.67
C HIS H 282 -25.44 -42.38 9.53
N TYR H 283 -24.76 -41.64 8.66
CA TYR H 283 -25.37 -40.97 7.51
C TYR H 283 -24.77 -41.56 6.25
N PRO H 284 -25.44 -42.55 5.62
CA PRO H 284 -24.81 -43.25 4.50
C PRO H 284 -24.38 -42.34 3.36
N ASP H 285 -25.16 -41.30 3.05
CA ASP H 285 -24.91 -40.45 1.89
C ASP H 285 -24.16 -39.17 2.25
N TYR H 286 -23.54 -39.12 3.43
CA TYR H 286 -22.86 -37.90 3.84
C TYR H 286 -21.74 -37.50 2.91
N ALA H 287 -21.22 -38.43 2.10
CA ALA H 287 -20.14 -38.10 1.19
C ALA H 287 -20.54 -36.98 0.23
N ARG H 288 -21.83 -36.88 -0.10
CA ARG H 288 -22.28 -35.84 -1.00
C ARG H 288 -22.09 -34.45 -0.39
N ILE H 289 -22.37 -34.32 0.91
CA ILE H 289 -22.24 -33.02 1.57
C ILE H 289 -20.76 -32.65 1.72
N HIS H 290 -19.99 -33.53 2.38
CA HIS H 290 -18.56 -33.34 2.55
C HIS H 290 -17.85 -34.65 2.28
N SER H 291 -16.68 -34.56 1.64
CA SER H 291 -15.88 -35.75 1.33
C SER H 291 -14.76 -35.99 2.33
N GLU H 292 -14.39 -34.99 3.11
CA GLU H 292 -13.31 -35.12 4.09
C GLU H 292 -13.80 -34.60 5.44
N ILE H 293 -13.59 -35.39 6.48
CA ILE H 293 -13.94 -35.01 7.85
C ILE H 293 -12.64 -34.99 8.64
N HIS H 294 -12.16 -33.80 8.96
CA HIS H 294 -10.92 -33.67 9.71
C HIS H 294 -11.15 -33.99 11.19
N VAL H 295 -10.17 -34.63 11.80
CA VAL H 295 -10.22 -34.97 13.22
C VAL H 295 -9.32 -34.02 13.98
N ARG H 296 -9.85 -33.42 15.04
CA ARG H 296 -9.16 -32.40 15.81
C ARG H 296 -8.97 -32.89 17.25
N ILE H 297 -7.73 -32.80 17.73
CA ILE H 297 -7.41 -33.17 19.11
C ILE H 297 -7.64 -31.97 20.00
N SER H 298 -8.35 -32.17 21.10
CA SER H 298 -8.82 -31.06 21.92
C SER H 298 -7.85 -30.71 23.06
N ASP H 299 -7.59 -31.65 23.95
CA ASP H 299 -6.88 -31.39 25.20
C ASP H 299 -5.56 -32.18 25.21
N PHE H 300 -4.50 -31.57 24.69
CA PHE H 300 -3.18 -32.16 24.76
C PHE H 300 -2.61 -31.95 26.16
N PRO H 301 -2.23 -33.00 26.90
CA PRO H 301 -1.75 -32.78 28.27
C PRO H 301 -0.54 -31.87 28.35
N THR H 302 0.38 -31.94 27.39
CA THR H 302 1.60 -31.15 27.42
C THR H 302 1.34 -29.79 26.79
N ILE H 303 1.60 -28.73 27.54
CA ILE H 303 1.44 -27.35 27.08
C ILE H 303 2.82 -26.72 27.02
N TYR H 304 3.15 -26.12 25.89
CA TYR H 304 4.43 -25.47 25.67
C TYR H 304 4.22 -23.97 25.53
N SER H 305 5.34 -23.25 25.44
CA SER H 305 5.33 -21.81 25.21
C SER H 305 6.23 -21.50 24.03
N LEU H 306 6.05 -20.30 23.48
CA LEU H 306 6.83 -19.90 22.31
C LEU H 306 8.32 -19.77 22.62
N ARG H 307 8.70 -19.75 23.89
CA ARG H 307 10.10 -19.64 24.27
C ARG H 307 10.79 -20.99 24.38
N GLU H 308 10.07 -22.03 24.78
CA GLU H 308 10.66 -23.33 25.07
C GLU H 308 10.65 -24.28 23.88
N LEU H 309 10.20 -23.83 22.72
CA LEU H 309 10.20 -24.68 21.54
C LEU H 309 11.62 -24.83 21.02
N ARG H 310 12.04 -26.09 20.79
CA ARG H 310 13.39 -26.38 20.33
C ARG H 310 13.35 -27.29 19.12
N GLU H 311 14.52 -27.79 18.69
CA GLU H 311 14.57 -28.66 17.52
C GLU H 311 13.94 -30.02 17.79
N SER H 312 13.95 -30.46 19.05
CA SER H 312 13.41 -31.78 19.36
C SER H 312 11.91 -31.87 19.14
N ASN H 313 11.20 -30.74 19.12
CA ASN H 313 9.76 -30.73 18.94
C ASN H 313 9.35 -30.74 17.47
N LEU H 314 10.30 -30.72 16.54
CA LEU H 314 9.96 -30.67 15.13
C LEU H 314 9.17 -31.90 14.72
N SER H 315 8.13 -31.68 13.91
CA SER H 315 7.29 -32.77 13.38
C SER H 315 6.68 -33.58 14.51
N SER H 316 5.94 -32.88 15.38
CA SER H 316 5.21 -33.52 16.46
C SER H 316 4.10 -32.59 16.91
N LEU H 317 3.12 -33.16 17.58
CA LEU H 317 1.99 -32.38 18.07
C LEU H 317 2.41 -31.56 19.28
N VAL H 318 2.14 -30.25 19.24
CA VAL H 318 2.52 -29.35 20.30
C VAL H 318 1.36 -28.41 20.58
N ARG H 319 1.14 -28.11 21.86
CA ARG H 319 0.09 -27.20 22.30
C ARG H 319 0.76 -25.96 22.89
N VAL H 320 0.44 -24.80 22.34
CA VAL H 320 1.07 -23.54 22.75
C VAL H 320 -0.02 -22.52 23.04
N THR H 321 0.33 -21.53 23.85
CA THR H 321 -0.57 -20.45 24.23
C THR H 321 0.03 -19.11 23.83
N GLY H 322 -0.82 -18.23 23.32
CA GLY H 322 -0.35 -16.93 22.90
C GLY H 322 -1.51 -16.00 22.60
N VAL H 323 -1.17 -14.83 22.07
CA VAL H 323 -2.14 -13.80 21.73
C VAL H 323 -1.96 -13.45 20.25
N VAL H 324 -3.07 -13.39 19.52
CA VAL H 324 -3.02 -13.09 18.09
C VAL H 324 -2.77 -11.60 17.92
N THR H 325 -1.78 -11.26 17.09
CA THR H 325 -1.45 -9.87 16.82
C THR H 325 -1.43 -9.55 15.32
N ARG H 326 -1.84 -10.50 14.49
CA ARG H 326 -1.85 -10.29 13.04
C ARG H 326 -2.81 -11.29 12.42
N ARG H 327 -3.27 -10.98 11.22
CA ARG H 327 -4.16 -11.88 10.49
C ARG H 327 -4.23 -11.43 9.05
N THR H 328 -4.37 -12.39 8.14
CA THR H 328 -4.47 -12.14 6.71
C THR H 328 -5.82 -12.61 6.20
N GLY H 329 -6.16 -12.17 5.00
CA GLY H 329 -7.43 -12.54 4.39
C GLY H 329 -7.47 -14.01 4.04
N VAL H 330 -8.67 -14.45 3.66
CA VAL H 330 -8.92 -15.85 3.29
C VAL H 330 -8.76 -15.99 1.79
N PHE H 331 -7.96 -16.95 1.37
CA PHE H 331 -7.67 -17.21 -0.03
C PHE H 331 -7.84 -18.69 -0.32
N PRO H 332 -8.14 -19.05 -1.57
CA PRO H 332 -8.15 -20.46 -1.96
C PRO H 332 -6.76 -20.95 -2.37
N GLN H 333 -6.42 -22.15 -1.89
CA GLN H 333 -5.13 -22.76 -2.17
C GLN H 333 -5.36 -24.13 -2.78
N LEU H 334 -4.55 -24.48 -3.78
CA LEU H 334 -4.70 -25.76 -4.46
C LEU H 334 -4.50 -26.91 -3.48
N LYS H 335 -5.39 -27.89 -3.55
CA LYS H 335 -5.28 -29.10 -2.74
C LYS H 335 -4.67 -30.26 -3.52
N TYR H 336 -4.90 -30.32 -4.83
CA TYR H 336 -4.28 -31.32 -5.69
C TYR H 336 -3.87 -30.65 -6.98
N VAL H 337 -2.58 -30.65 -7.27
CA VAL H 337 -2.05 -29.95 -8.42
C VAL H 337 -1.79 -30.94 -9.54
N LYS H 338 -1.58 -30.41 -10.75
CA LYS H 338 -1.31 -31.24 -11.92
C LYS H 338 -0.47 -30.41 -12.89
N PHE H 339 0.82 -30.74 -12.99
CA PHE H 339 1.76 -29.95 -13.75
C PHE H 339 1.79 -30.40 -15.21
N ASN H 340 2.64 -29.75 -16.00
CA ASN H 340 2.84 -30.12 -17.40
C ASN H 340 4.22 -29.65 -17.84
N CYS H 341 4.67 -30.19 -18.97
CA CYS H 341 5.97 -29.89 -19.52
C CYS H 341 5.86 -28.83 -20.61
N LEU H 342 7.00 -28.27 -20.99
CA LEU H 342 7.09 -27.30 -22.08
C LEU H 342 7.84 -27.83 -23.29
N LYS H 343 8.73 -28.80 -23.12
CA LYS H 343 9.45 -29.38 -24.26
C LYS H 343 8.56 -30.34 -25.04
N CYS H 344 7.95 -31.30 -24.34
CA CYS H 344 7.06 -32.27 -24.95
C CYS H 344 5.60 -31.96 -24.74
N GLY H 345 5.26 -31.17 -23.72
CA GLY H 345 3.87 -30.85 -23.43
C GLY H 345 3.15 -31.89 -22.61
N SER H 346 3.84 -32.90 -22.10
CA SER H 346 3.20 -33.92 -21.29
C SER H 346 2.66 -33.33 -20.00
N ILE H 347 1.61 -33.96 -19.47
CA ILE H 347 0.93 -33.51 -18.26
C ILE H 347 1.22 -34.50 -17.14
N LEU H 348 1.70 -34.00 -16.01
CA LEU H 348 2.03 -34.84 -14.87
C LEU H 348 0.77 -35.22 -14.10
N GLY H 349 0.92 -36.20 -13.21
CA GLY H 349 -0.20 -36.72 -12.46
C GLY H 349 -0.58 -35.82 -11.31
N PRO H 350 -1.56 -36.27 -10.53
CA PRO H 350 -1.96 -35.52 -9.33
C PRO H 350 -0.89 -35.58 -8.25
N PHE H 351 -0.85 -34.53 -7.44
CA PHE H 351 0.04 -34.47 -6.28
C PHE H 351 -0.73 -33.86 -5.11
N PHE H 352 -0.10 -33.91 -3.94
CA PHE H 352 -0.62 -33.25 -2.74
C PHE H 352 0.24 -32.04 -2.43
N GLN H 353 -0.39 -30.89 -2.20
CA GLN H 353 0.30 -29.63 -1.98
C GLN H 353 0.45 -29.40 -0.50
N ASP H 354 1.67 -29.54 0.01
CA ASP H 354 1.95 -29.22 1.40
C ASP H 354 1.76 -27.73 1.64
N SER H 355 1.19 -27.39 2.80
CA SER H 355 0.86 -26.00 3.09
C SER H 355 2.09 -25.12 3.24
N ASN H 356 3.25 -25.70 3.57
CA ASN H 356 4.45 -24.92 3.87
C ASN H 356 5.38 -24.75 2.69
N GLU H 357 5.48 -25.76 1.81
CA GLU H 357 6.40 -25.74 0.69
C GLU H 357 5.65 -26.03 -0.60
N GLU H 358 6.09 -25.37 -1.68
CA GLU H 358 5.49 -25.57 -2.98
C GLU H 358 6.06 -26.81 -3.66
N ILE H 359 5.23 -27.45 -4.48
CA ILE H 359 5.65 -28.67 -5.17
C ILE H 359 6.72 -28.33 -6.18
N ARG H 360 7.81 -29.09 -6.18
CA ARG H 360 8.92 -28.90 -7.10
C ARG H 360 9.16 -30.20 -7.86
N ILE H 361 9.32 -30.10 -9.17
CA ILE H 361 9.63 -31.23 -10.03
C ILE H 361 10.86 -30.87 -10.85
N SER H 362 11.88 -31.73 -10.79
CA SER H 362 13.14 -31.49 -11.50
C SER H 362 13.38 -32.48 -12.62
N PHE H 363 12.40 -33.32 -12.94
CA PHE H 363 12.56 -34.31 -14.00
C PHE H 363 11.19 -34.88 -14.35
N CYS H 364 10.94 -35.05 -15.64
CA CYS H 364 9.65 -35.56 -16.09
C CYS H 364 9.64 -37.08 -16.06
N THR H 365 8.50 -37.66 -16.48
CA THR H 365 8.35 -39.11 -16.53
C THR H 365 7.92 -39.55 -17.93
N ASN H 366 7.14 -38.72 -18.62
CA ASN H 366 6.69 -39.06 -19.96
C ASN H 366 7.79 -38.84 -20.99
N CYS H 367 8.23 -37.58 -21.14
CA CYS H 367 9.37 -37.29 -22.01
C CYS H 367 10.70 -37.48 -21.30
N LYS H 368 10.69 -37.57 -19.97
CA LYS H 368 11.88 -37.88 -19.18
C LYS H 368 13.01 -36.91 -19.50
N SER H 369 12.70 -35.62 -19.46
CA SER H 369 13.67 -34.57 -19.70
C SER H 369 13.62 -33.57 -18.54
N LYS H 370 14.73 -32.88 -18.33
CA LYS H 370 14.86 -31.89 -17.27
C LYS H 370 14.43 -30.50 -17.69
N GLY H 371 13.58 -30.38 -18.71
CA GLY H 371 13.17 -29.10 -19.21
C GLY H 371 12.19 -28.39 -18.28
N PRO H 372 11.85 -27.15 -18.61
CA PRO H 372 10.93 -26.39 -17.76
C PRO H 372 9.57 -27.08 -17.63
N PHE H 373 8.75 -26.52 -16.75
CA PHE H 373 7.42 -27.05 -16.48
C PHE H 373 6.46 -25.88 -16.31
N ARG H 374 5.18 -26.21 -16.08
CA ARG H 374 4.15 -25.21 -15.89
C ARG H 374 2.98 -25.85 -15.15
N VAL H 375 2.12 -25.00 -14.60
CA VAL H 375 0.91 -25.46 -13.93
C VAL H 375 -0.23 -25.48 -14.93
N ASN H 376 -0.90 -26.62 -15.04
CA ASN H 376 -2.01 -26.79 -15.98
C ASN H 376 -3.08 -27.62 -15.29
N GLY H 377 -4.04 -28.11 -16.08
CA GLY H 377 -5.13 -28.89 -15.52
C GLY H 377 -6.14 -28.00 -14.82
N GLU H 378 -6.84 -27.16 -15.58
CA GLU H 378 -7.77 -26.21 -14.99
C GLU H 378 -8.70 -26.86 -13.99
N LYS H 379 -8.97 -28.16 -14.16
CA LYS H 379 -9.76 -28.90 -13.17
C LYS H 379 -8.91 -29.11 -11.93
N THR H 380 -9.31 -28.47 -10.82
CA THR H 380 -8.60 -28.61 -9.56
C THR H 380 -9.59 -28.41 -8.42
N VAL H 381 -9.20 -28.87 -7.24
CA VAL H 381 -9.99 -28.73 -6.02
C VAL H 381 -9.21 -27.85 -5.06
N TYR H 382 -9.82 -26.77 -4.61
CA TYR H 382 -9.16 -25.78 -3.79
C TYR H 382 -9.56 -25.93 -2.33
N ARG H 383 -8.85 -25.21 -1.46
CA ARG H 383 -9.15 -25.19 -0.03
C ARG H 383 -8.81 -23.81 0.51
N ASN H 384 -9.51 -23.42 1.58
CA ASN H 384 -9.27 -22.14 2.20
C ASN H 384 -7.92 -22.14 2.91
N TYR H 385 -7.32 -20.95 3.02
CA TYR H 385 -5.99 -20.81 3.59
C TYR H 385 -5.88 -19.43 4.24
N GLN H 386 -5.37 -19.40 5.46
CA GLN H 386 -5.17 -18.16 6.18
C GLN H 386 -3.95 -18.30 7.09
N ARG H 387 -3.36 -17.15 7.43
CA ARG H 387 -2.16 -17.12 8.25
C ARG H 387 -2.31 -16.05 9.32
N VAL H 388 -1.95 -16.39 10.55
CA VAL H 388 -1.98 -15.46 11.68
C VAL H 388 -0.64 -15.53 12.40
N THR H 389 -0.32 -14.45 13.11
CA THR H 389 0.91 -14.35 13.88
C THR H 389 0.58 -14.49 15.36
N LEU H 390 1.08 -15.55 15.98
CA LEU H 390 0.84 -15.82 17.39
C LEU H 390 2.02 -15.31 18.21
N GLN H 391 1.73 -14.54 19.25
CA GLN H 391 2.74 -13.96 20.12
C GLN H 391 2.49 -14.39 21.56
N GLU H 392 3.57 -14.43 22.34
CA GLU H 392 3.47 -14.85 23.73
C GLU H 392 2.67 -13.83 24.54
N ALA H 393 1.94 -14.33 25.53
CA ALA H 393 1.16 -13.45 26.38
C ALA H 393 2.08 -12.53 27.16
N PRO H 394 1.78 -11.23 27.24
CA PRO H 394 2.70 -10.32 27.96
C PRO H 394 2.95 -10.74 29.40
N GLY H 395 1.93 -11.25 30.09
CA GLY H 395 2.12 -11.66 31.47
C GLY H 395 3.07 -12.83 31.62
N THR H 396 2.99 -13.80 30.70
CA THR H 396 3.81 -14.99 30.79
C THR H 396 5.29 -14.67 30.58
N VAL H 397 5.59 -13.60 29.85
CA VAL H 397 6.99 -13.29 29.53
C VAL H 397 7.74 -12.98 30.82
N PRO H 398 8.93 -13.54 31.04
CA PRO H 398 9.71 -13.17 32.24
C PRO H 398 9.93 -11.67 32.29
N PRO H 399 10.44 -11.16 33.42
CA PRO H 399 10.53 -9.71 33.59
C PRO H 399 11.29 -9.00 32.48
N GLY H 400 10.59 -8.18 31.70
CA GLY H 400 11.25 -7.33 30.72
C GLY H 400 12.06 -8.08 29.68
N ARG H 401 11.53 -9.17 29.15
CA ARG H 401 12.14 -9.89 28.04
C ARG H 401 11.29 -9.71 26.78
N LEU H 402 11.94 -9.89 25.63
CA LEU H 402 11.24 -9.75 24.36
C LEU H 402 10.27 -10.91 24.16
N PRO H 403 9.03 -10.65 23.74
CA PRO H 403 8.14 -11.75 23.41
C PRO H 403 8.57 -12.47 22.15
N ARG H 404 8.23 -13.76 22.08
CA ARG H 404 8.55 -14.60 20.94
C ARG H 404 7.29 -14.89 20.15
N HIS H 405 7.39 -14.81 18.82
CA HIS H 405 6.25 -14.96 17.93
C HIS H 405 6.53 -16.00 16.88
N ARG H 406 5.47 -16.67 16.44
CA ARG H 406 5.52 -17.63 15.34
C ARG H 406 4.36 -17.34 14.39
N GLU H 407 4.36 -18.03 13.26
CA GLU H 407 3.31 -17.90 12.26
C GLU H 407 2.52 -19.21 12.20
N VAL H 408 1.20 -19.10 12.26
CA VAL H 408 0.31 -20.25 12.27
C VAL H 408 -0.49 -20.25 10.97
N ILE H 409 -0.62 -21.43 10.37
CA ILE H 409 -1.33 -21.62 9.12
C ILE H 409 -2.66 -22.31 9.41
N LEU H 410 -3.76 -21.69 9.00
CA LEU H 410 -5.09 -22.24 9.20
C LEU H 410 -5.63 -22.67 7.83
N LEU H 411 -5.98 -23.95 7.73
CA LEU H 411 -6.51 -24.51 6.50
C LEU H 411 -8.04 -24.50 6.56
N ALA H 412 -8.69 -25.15 5.60
CA ALA H 412 -10.15 -25.15 5.52
C ALA H 412 -10.76 -25.56 6.85
N ASP H 413 -11.92 -24.97 7.15
CA ASP H 413 -12.74 -25.19 8.34
C ASP H 413 -12.16 -24.47 9.56
N LEU H 414 -11.00 -23.82 9.45
CA LEU H 414 -10.41 -23.11 10.57
C LEU H 414 -10.23 -21.62 10.32
N VAL H 415 -10.41 -21.16 9.08
CA VAL H 415 -10.24 -19.75 8.77
C VAL H 415 -11.33 -18.94 9.46
N ASP H 416 -11.00 -17.70 9.82
CA ASP H 416 -11.94 -16.78 10.45
C ASP H 416 -12.48 -17.36 11.76
N VAL H 417 -11.62 -18.06 12.50
CA VAL H 417 -11.98 -18.58 13.82
C VAL H 417 -11.43 -17.72 14.94
N SER H 418 -10.54 -16.76 14.64
CA SER H 418 -10.01 -15.86 15.64
C SER H 418 -9.67 -14.54 14.96
N LYS H 419 -9.66 -13.46 15.76
CA LYS H 419 -9.37 -12.11 15.25
C LYS H 419 -8.33 -11.49 16.16
N PRO H 420 -7.62 -10.45 15.73
CA PRO H 420 -6.52 -9.87 16.50
C PRO H 420 -6.97 -9.46 17.90
N GLY H 421 -6.05 -9.57 18.85
CA GLY H 421 -6.35 -9.22 20.23
C GLY H 421 -7.06 -10.30 21.02
N GLU H 422 -6.88 -11.56 20.65
CA GLU H 422 -7.48 -12.68 21.37
C GLU H 422 -6.38 -13.54 21.98
N GLU H 423 -6.71 -14.18 23.10
CA GLU H 423 -5.86 -15.18 23.71
C GLU H 423 -6.37 -16.56 23.29
N VAL H 424 -5.51 -17.34 22.64
CA VAL H 424 -5.91 -18.62 22.05
C VAL H 424 -4.89 -19.69 22.42
N GLU H 425 -5.31 -20.94 22.29
CA GLU H 425 -4.44 -22.10 22.43
C GLU H 425 -4.46 -22.85 21.10
N VAL H 426 -3.28 -23.11 20.55
CA VAL H 426 -3.14 -23.71 19.23
C VAL H 426 -2.49 -25.08 19.39
N THR H 427 -3.17 -26.11 18.91
CA THR H 427 -2.63 -27.46 18.84
C THR H 427 -2.41 -27.80 17.37
N GLY H 428 -1.16 -28.13 17.02
CA GLY H 428 -0.85 -28.40 15.64
C GLY H 428 0.51 -29.05 15.52
N ILE H 429 0.93 -29.22 14.26
CA ILE H 429 2.19 -29.87 13.95
C ILE H 429 3.25 -28.79 13.75
N TYR H 430 4.35 -28.90 14.49
CA TYR H 430 5.45 -27.94 14.39
C TYR H 430 6.38 -28.41 13.28
N LYS H 431 6.27 -27.78 12.12
CA LYS H 431 7.01 -28.18 10.93
C LYS H 431 8.09 -27.16 10.61
N ASN H 432 9.01 -27.57 9.75
CA ASN H 432 10.09 -26.72 9.28
C ASN H 432 10.34 -26.98 7.80
N ASN H 433 10.92 -25.99 7.13
CA ASN H 433 11.21 -26.09 5.71
C ASN H 433 12.39 -25.20 5.37
N TYR H 434 13.02 -25.49 4.23
CA TYR H 434 14.19 -24.75 3.80
C TYR H 434 13.78 -23.38 3.25
N ASP H 435 14.46 -22.34 3.70
CA ASP H 435 14.23 -20.97 3.24
C ASP H 435 15.56 -20.39 2.80
N GLY H 436 15.65 -20.02 1.52
CA GLY H 436 16.90 -19.47 1.01
C GLY H 436 17.22 -18.11 1.60
N ASN H 437 16.19 -17.28 1.81
CA ASN H 437 16.42 -15.93 2.32
C ASN H 437 17.06 -15.97 3.70
N LEU H 438 16.58 -16.85 4.58
CA LEU H 438 17.15 -16.94 5.91
C LEU H 438 18.61 -17.38 5.86
N ASN H 439 18.93 -18.36 5.01
CA ASN H 439 20.31 -18.80 4.89
C ASN H 439 21.20 -17.68 4.37
N ALA H 440 20.72 -16.93 3.37
CA ALA H 440 21.51 -15.83 2.83
C ALA H 440 21.73 -14.74 3.88
N LYS H 441 20.70 -14.47 4.69
CA LYS H 441 20.78 -13.38 5.67
C LYS H 441 21.65 -13.75 6.85
N ASN H 442 21.27 -14.79 7.59
CA ASN H 442 22.00 -15.15 8.81
C ASN H 442 23.41 -15.63 8.48
N GLY H 443 23.56 -16.41 7.42
CA GLY H 443 24.85 -16.95 7.05
C GLY H 443 25.09 -18.39 7.46
N PHE H 444 24.09 -19.06 8.00
CA PHE H 444 24.18 -20.45 8.41
C PHE H 444 22.97 -21.21 7.87
N PRO H 445 23.05 -22.54 7.80
CA PRO H 445 21.90 -23.30 7.28
C PRO H 445 20.76 -23.38 8.29
N VAL H 446 19.93 -22.33 8.34
CA VAL H 446 18.80 -22.27 9.25
C VAL H 446 17.53 -22.44 8.44
N PHE H 447 16.55 -23.11 9.05
CA PHE H 447 15.29 -23.43 8.40
C PHE H 447 14.15 -22.65 9.05
N ALA H 448 13.25 -22.13 8.23
CA ALA H 448 12.06 -21.47 8.73
C ALA H 448 11.13 -22.49 9.37
N THR H 449 10.40 -22.06 10.39
CA THR H 449 9.48 -22.92 11.13
C THR H 449 8.12 -22.25 11.24
N ILE H 450 7.07 -23.06 11.16
CA ILE H 450 5.69 -22.58 11.26
C ILE H 450 4.85 -23.73 11.79
N ILE H 451 3.71 -23.38 12.40
CA ILE H 451 2.82 -24.35 13.01
C ILE H 451 1.61 -24.52 12.10
N GLU H 452 1.39 -25.75 11.65
CA GLU H 452 0.19 -26.09 10.87
C GLU H 452 -0.93 -26.41 11.85
N ALA H 453 -1.87 -25.48 11.99
CA ALA H 453 -2.88 -25.61 13.03
C ALA H 453 -3.75 -26.85 12.82
N ASN H 454 -4.11 -27.49 13.93
CA ASN H 454 -5.05 -28.59 13.92
C ASN H 454 -6.30 -28.31 14.75
N SER H 455 -6.25 -27.34 15.67
CA SER H 455 -7.42 -26.93 16.44
C SER H 455 -7.07 -25.65 17.19
N ILE H 456 -8.04 -24.74 17.26
CA ILE H 456 -7.86 -23.46 17.94
C ILE H 456 -8.97 -23.32 18.98
N LYS H 457 -8.58 -22.91 20.19
CA LYS H 457 -9.52 -22.69 21.28
C LYS H 457 -9.23 -21.36 21.95
N ARG H 458 -10.27 -20.75 22.50
CA ARG H 458 -10.14 -19.48 23.19
C ARG H 458 -9.85 -19.69 24.67
N ARG H 459 -9.17 -18.73 25.27
CA ARG H 459 -8.83 -18.79 26.68
C ARG H 459 -9.30 -17.54 27.41
N GLU H 469 -15.20 -21.70 34.68
CA GLU H 469 -14.17 -21.86 33.65
C GLU H 469 -14.78 -22.42 32.37
N GLY H 470 -14.57 -23.70 32.10
CA GLY H 470 -15.13 -24.30 30.90
C GLY H 470 -14.65 -23.56 29.66
N LEU H 471 -15.60 -23.24 28.78
CA LEU H 471 -15.31 -22.51 27.55
C LEU H 471 -15.59 -21.02 27.66
N ASP H 472 -16.67 -20.64 28.33
CA ASP H 472 -17.03 -19.23 28.48
C ASP H 472 -18.03 -19.08 29.61
N VAL H 473 -17.73 -18.19 30.55
CA VAL H 473 -18.65 -17.95 31.66
C VAL H 473 -19.93 -17.29 31.17
N PHE H 474 -19.80 -16.36 30.21
CA PHE H 474 -20.97 -15.62 29.74
C PHE H 474 -22.02 -16.54 29.12
N SER H 475 -21.59 -17.66 28.54
CA SER H 475 -22.53 -18.61 27.98
C SER H 475 -23.39 -19.22 29.10
N TRP H 476 -24.68 -19.36 28.82
CA TRP H 476 -25.63 -19.92 29.77
C TRP H 476 -26.37 -21.08 29.11
N THR H 477 -27.09 -21.84 29.94
CA THR H 477 -27.83 -23.00 29.50
C THR H 477 -29.32 -22.80 29.75
N GLU H 478 -30.12 -23.71 29.20
CA GLU H 478 -31.56 -23.65 29.40
C GLU H 478 -31.89 -23.76 30.89
N GLU H 479 -31.16 -24.61 31.61
CA GLU H 479 -31.40 -24.77 33.04
C GLU H 479 -31.16 -23.45 33.77
N GLU H 480 -30.08 -22.75 33.43
CA GLU H 480 -29.78 -21.48 34.10
C GLU H 480 -30.82 -20.43 33.79
N GLU H 481 -31.32 -20.39 32.55
CA GLU H 481 -32.33 -19.40 32.18
C GLU H 481 -33.54 -19.49 33.08
N ARG H 482 -33.85 -20.68 33.61
CA ARG H 482 -34.95 -20.82 34.54
C ARG H 482 -34.63 -20.20 35.89
N GLU H 483 -33.36 -20.25 36.30
CA GLU H 483 -32.95 -19.64 37.57
C GLU H 483 -33.09 -18.12 37.52
N PHE H 484 -32.70 -17.52 36.39
CA PHE H 484 -32.76 -16.06 36.28
C PHE H 484 -34.20 -15.57 36.40
N ARG H 485 -35.14 -16.27 35.77
CA ARG H 485 -36.55 -15.88 35.88
C ARG H 485 -37.03 -15.96 37.32
N LYS H 486 -36.61 -17.00 38.04
CA LYS H 486 -36.98 -17.13 39.45
C LYS H 486 -36.40 -15.98 40.27
N ILE H 487 -35.13 -15.63 40.03
CA ILE H 487 -34.51 -14.55 40.79
C ILE H 487 -35.19 -13.22 40.50
N SER H 488 -35.51 -12.96 39.23
CA SER H 488 -36.13 -11.70 38.86
C SER H 488 -37.45 -11.49 39.58
N ARG H 489 -38.13 -12.57 39.96
CA ARG H 489 -39.40 -12.45 40.67
C ARG H 489 -39.23 -11.85 42.06
N ASP H 490 -38.00 -11.76 42.57
CA ASP H 490 -37.78 -11.15 43.87
C ASP H 490 -38.27 -9.71 43.87
N ARG H 491 -38.93 -9.31 44.95
CA ARG H 491 -39.53 -7.98 45.02
C ARG H 491 -38.47 -6.89 44.94
N GLY H 492 -37.34 -7.07 45.62
CA GLY H 492 -36.30 -6.08 45.65
C GLY H 492 -35.03 -6.51 44.95
N ILE H 493 -35.17 -7.17 43.80
CA ILE H 493 -34.00 -7.67 43.08
C ILE H 493 -33.08 -6.53 42.68
N ILE H 494 -33.65 -5.38 42.32
CA ILE H 494 -32.83 -4.24 41.90
C ILE H 494 -31.88 -3.82 43.01
N ASP H 495 -32.38 -3.75 44.24
CA ASP H 495 -31.53 -3.37 45.36
C ASP H 495 -30.41 -4.37 45.57
N LYS H 496 -30.72 -5.67 45.42
CA LYS H 496 -29.68 -6.69 45.56
C LYS H 496 -28.62 -6.55 44.48
N ILE H 497 -29.04 -6.28 43.24
CA ILE H 497 -28.09 -6.11 42.14
C ILE H 497 -27.17 -4.93 42.43
N ILE H 498 -27.75 -3.82 42.89
CA ILE H 498 -26.91 -2.64 43.19
C ILE H 498 -25.96 -2.95 44.33
N SER H 499 -26.46 -3.59 45.40
CA SER H 499 -25.62 -3.91 46.55
C SER H 499 -24.54 -4.92 46.17
N SER H 500 -24.88 -5.92 45.37
CA SER H 500 -23.93 -6.96 44.99
C SER H 500 -22.86 -6.46 44.04
N MET H 501 -22.87 -5.18 43.67
CA MET H 501 -21.91 -4.62 42.73
C MET H 501 -20.82 -3.91 43.50
N ALA H 502 -19.58 -4.37 43.31
CA ALA H 502 -18.42 -3.86 44.02
C ALA H 502 -18.63 -3.89 45.54
N PRO H 503 -19.03 -5.03 46.10
CA PRO H 503 -19.20 -5.10 47.56
C PRO H 503 -17.95 -4.77 48.35
N SER H 504 -16.76 -5.07 47.82
CA SER H 504 -15.53 -4.77 48.55
C SER H 504 -15.39 -3.28 48.85
N ILE H 505 -16.03 -2.42 48.07
CA ILE H 505 -16.07 -0.99 48.34
C ILE H 505 -17.27 -0.70 49.22
N TYR H 506 -17.06 0.06 50.30
CA TYR H 506 -18.09 0.24 51.30
C TYR H 506 -19.17 1.21 50.85
N GLY H 507 -18.80 2.46 50.62
CA GLY H 507 -19.75 3.53 50.34
C GLY H 507 -19.94 3.77 48.86
N HIS H 508 -20.33 5.01 48.53
CA HIS H 508 -20.55 5.42 47.14
C HIS H 508 -21.66 4.60 46.50
N ARG H 509 -22.83 4.64 47.12
CA ARG H 509 -23.99 3.96 46.55
C ARG H 509 -24.47 4.60 45.25
N ASP H 510 -24.33 5.93 45.13
CA ASP H 510 -24.68 6.59 43.87
C ASP H 510 -23.80 6.10 42.73
N ILE H 511 -22.51 5.93 42.99
CA ILE H 511 -21.61 5.36 41.98
C ILE H 511 -22.13 3.98 41.56
N LYS H 512 -22.48 3.14 42.54
CA LYS H 512 -22.93 1.80 42.22
C LYS H 512 -24.19 1.82 41.36
N THR H 513 -25.15 2.67 41.73
CA THR H 513 -26.37 2.77 40.93
C THR H 513 -26.06 3.19 39.51
N ALA H 514 -25.27 4.25 39.34
CA ALA H 514 -24.97 4.75 38.00
C ALA H 514 -24.25 3.70 37.17
N VAL H 515 -23.25 3.04 37.76
CA VAL H 515 -22.43 2.12 36.98
C VAL H 515 -23.22 0.87 36.63
N ALA H 516 -24.09 0.41 37.54
CA ALA H 516 -24.95 -0.72 37.22
C ALA H 516 -25.90 -0.37 36.08
N CYS H 517 -26.47 0.84 36.12
CA CYS H 517 -27.33 1.27 35.02
C CYS H 517 -26.56 1.29 33.71
N SER H 518 -25.33 1.79 33.74
CA SER H 518 -24.51 1.83 32.53
C SER H 518 -24.22 0.42 32.02
N LEU H 519 -23.87 -0.50 32.93
CA LEU H 519 -23.56 -1.86 32.53
C LEU H 519 -24.77 -2.53 31.89
N PHE H 520 -25.95 -2.37 32.50
CA PHE H 520 -27.14 -2.98 31.93
C PHE H 520 -27.51 -2.37 30.58
N GLY H 521 -27.33 -1.06 30.43
CA GLY H 521 -27.53 -0.41 29.14
C GLY H 521 -28.99 -0.15 28.82
N GLY H 522 -29.20 0.51 27.69
CA GLY H 522 -30.52 0.87 27.22
C GLY H 522 -30.91 0.15 25.95
N VAL H 523 -32.01 0.61 25.36
CA VAL H 523 -32.58 0.04 24.15
C VAL H 523 -32.43 1.08 23.04
N PRO H 524 -31.50 0.92 22.10
CA PRO H 524 -31.43 1.88 20.99
C PRO H 524 -32.70 1.86 20.17
N LYS H 525 -33.07 3.02 19.63
CA LYS H 525 -34.32 3.19 18.92
C LYS H 525 -34.07 3.88 17.58
N ASN H 526 -34.82 3.43 16.57
CA ASN H 526 -34.80 4.04 15.25
C ASN H 526 -36.24 4.27 14.80
N VAL H 527 -36.46 5.36 14.08
CA VAL H 527 -37.80 5.78 13.67
C VAL H 527 -37.78 5.91 12.15
N ASN H 528 -38.27 4.88 11.46
CA ASN H 528 -38.41 4.88 10.00
C ASN H 528 -37.10 5.21 9.29
N GLY H 529 -35.97 4.95 9.95
CA GLY H 529 -34.68 5.28 9.37
C GLY H 529 -34.41 6.75 9.24
N LYS H 530 -35.18 7.60 9.92
CA LYS H 530 -35.00 9.04 9.88
C LYS H 530 -34.47 9.63 11.17
N HIS H 531 -34.79 9.01 12.32
CA HIS H 531 -34.35 9.48 13.63
C HIS H 531 -33.70 8.33 14.37
N SER H 532 -32.50 8.56 14.89
CA SER H 532 -31.75 7.55 15.63
C SER H 532 -31.51 8.04 17.05
N ILE H 533 -31.78 7.18 18.02
CA ILE H 533 -31.60 7.49 19.43
C ILE H 533 -30.63 6.48 20.02
N ARG H 534 -29.57 6.98 20.65
CA ARG H 534 -28.57 6.09 21.24
C ARG H 534 -29.13 5.40 22.48
N GLY H 535 -28.69 4.17 22.69
CA GLY H 535 -29.12 3.40 23.84
C GLY H 535 -28.06 3.30 24.93
N ASP H 536 -26.85 3.75 24.62
CA ASP H 536 -25.76 3.67 25.58
C ASP H 536 -25.92 4.73 26.68
N ILE H 537 -25.33 4.45 27.84
CA ILE H 537 -25.38 5.34 28.98
C ILE H 537 -23.94 5.67 29.37
N ASN H 538 -23.62 6.96 29.43
CA ASN H 538 -22.28 7.43 29.77
C ASN H 538 -22.27 8.02 31.16
N VAL H 539 -21.26 7.64 31.95
CA VAL H 539 -21.12 8.07 33.33
C VAL H 539 -19.74 8.68 33.51
N LEU H 540 -19.69 9.88 34.08
CA LEU H 540 -18.43 10.57 34.37
C LEU H 540 -18.24 10.61 35.88
N LEU H 541 -17.09 10.11 36.35
CA LEU H 541 -16.78 10.05 37.76
C LEU H 541 -15.78 11.14 38.10
N LEU H 542 -16.10 11.95 39.11
CA LEU H 542 -15.30 13.11 39.49
C LEU H 542 -15.32 13.26 41.00
N GLY H 543 -14.14 13.47 41.59
CA GLY H 543 -14.07 13.64 43.03
C GLY H 543 -12.66 13.71 43.53
N ASP H 544 -12.53 13.57 44.85
CA ASP H 544 -11.26 13.72 45.53
C ASP H 544 -10.33 12.54 45.21
N PRO H 545 -9.03 12.69 45.49
CA PRO H 545 -8.06 11.67 45.04
C PRO H 545 -8.39 10.26 45.51
N GLY H 546 -8.45 10.03 46.82
CA GLY H 546 -8.73 8.69 47.32
C GLY H 546 -10.19 8.45 47.59
N THR H 547 -10.90 7.86 46.62
CA THR H 547 -12.33 7.64 46.75
C THR H 547 -12.80 6.33 46.12
N ALA H 548 -11.89 5.42 45.76
CA ALA H 548 -12.25 4.16 45.10
C ALA H 548 -12.93 4.43 43.76
N LYS H 549 -12.18 5.09 42.87
CA LYS H 549 -12.65 5.39 41.53
C LYS H 549 -12.09 4.41 40.49
N SER H 550 -10.76 4.28 40.43
CA SER H 550 -10.15 3.41 39.43
C SER H 550 -10.51 1.94 39.69
N GLN H 551 -10.62 1.55 40.97
CA GLN H 551 -10.91 0.17 41.29
C GLN H 551 -12.28 -0.25 40.76
N ILE H 552 -13.25 0.66 40.80
CA ILE H 552 -14.58 0.34 40.28
C ILE H 552 -14.54 0.12 38.77
N LEU H 553 -13.76 0.96 38.07
CA LEU H 553 -13.58 0.75 36.64
C LEU H 553 -12.92 -0.59 36.36
N LYS H 554 -11.91 -0.94 37.16
CA LYS H 554 -11.27 -2.24 36.99
C LYS H 554 -12.25 -3.38 37.21
N TYR H 555 -13.15 -3.24 38.19
CA TYR H 555 -14.15 -4.26 38.43
C TYR H 555 -15.09 -4.40 37.25
N VAL H 556 -15.63 -3.28 36.76
CA VAL H 556 -16.58 -3.35 35.66
C VAL H 556 -15.90 -3.86 34.39
N GLU H 557 -14.58 -3.66 34.27
CA GLU H 557 -13.86 -4.26 33.17
C GLU H 557 -14.01 -5.78 33.19
N LYS H 558 -13.81 -6.39 34.36
CA LYS H 558 -13.99 -7.83 34.48
C LYS H 558 -15.44 -8.23 34.25
N THR H 559 -16.38 -7.48 34.83
CA THR H 559 -17.78 -7.89 34.77
C THR H 559 -18.35 -7.75 33.36
N ALA H 560 -17.99 -6.69 32.65
CA ALA H 560 -18.58 -6.43 31.34
C ALA H 560 -18.18 -7.51 30.34
N HIS H 561 -19.08 -7.79 29.39
CA HIS H 561 -18.82 -8.81 28.38
C HIS H 561 -17.61 -8.45 27.53
N ARG H 562 -17.70 -7.36 26.77
CA ARG H 562 -16.62 -6.88 25.92
C ARG H 562 -16.23 -5.49 26.40
N ALA H 563 -15.07 -5.38 27.05
CA ALA H 563 -14.61 -4.13 27.63
C ALA H 563 -13.16 -3.90 27.24
N VAL H 564 -12.82 -2.62 27.05
CA VAL H 564 -11.46 -2.19 26.75
C VAL H 564 -11.10 -1.10 27.75
N PHE H 565 -9.93 -1.25 28.39
CA PHE H 565 -9.45 -0.33 29.40
C PHE H 565 -8.32 0.48 28.82
N ALA H 566 -8.45 1.81 28.84
CA ALA H 566 -7.42 2.72 28.36
C ALA H 566 -7.25 3.86 29.34
N THR H 567 -6.01 4.29 29.52
CA THR H 567 -5.70 5.39 30.41
C THR H 567 -5.48 6.66 29.59
N GLY H 568 -5.82 7.80 30.18
CA GLY H 568 -5.71 9.06 29.46
C GLY H 568 -4.30 9.32 28.96
N GLN H 569 -3.31 9.12 29.83
CA GLN H 569 -1.92 9.36 29.43
C GLN H 569 -1.50 8.40 28.33
N GLY H 570 -1.80 7.11 28.50
CA GLY H 570 -1.38 6.10 27.54
C GLY H 570 -2.41 5.80 26.48
N ALA H 571 -2.77 6.81 25.68
CA ALA H 571 -3.73 6.63 24.62
C ALA H 571 -3.47 7.67 23.53
N SER H 572 -3.96 7.37 22.33
CA SER H 572 -3.81 8.27 21.20
C SER H 572 -4.95 8.04 20.22
N ALA H 573 -5.21 9.05 19.39
CA ALA H 573 -6.33 8.96 18.45
C ALA H 573 -6.13 7.81 17.46
N VAL H 574 -4.88 7.61 17.00
CA VAL H 574 -4.61 6.53 16.07
C VAL H 574 -4.94 5.19 16.71
N GLY H 575 -4.65 5.03 17.99
CA GLY H 575 -4.99 3.82 18.71
C GLY H 575 -6.41 3.75 19.21
N LEU H 576 -7.17 4.85 19.09
CA LEU H 576 -8.57 4.86 19.48
C LEU H 576 -9.52 4.73 18.30
N THR H 577 -9.04 4.95 17.07
CA THR H 577 -9.88 4.84 15.88
C THR H 577 -9.49 3.65 15.03
N ALA H 578 -8.26 3.59 14.53
CA ALA H 578 -7.79 2.48 13.73
C ALA H 578 -6.34 2.72 13.34
N SER H 579 -5.68 1.65 12.91
CA SER H 579 -4.31 1.71 12.40
C SER H 579 -4.24 0.91 11.11
N VAL H 580 -3.39 1.36 10.19
CA VAL H 580 -3.29 0.77 8.86
C VAL H 580 -2.11 -0.19 8.82
N ARG H 581 -2.30 -1.36 8.20
CA ARG H 581 -1.18 -2.31 8.04
C ARG H 581 -1.10 -2.68 6.57
N LYS H 582 -0.08 -3.42 6.17
CA LYS H 582 0.14 -3.92 4.82
C LYS H 582 0.03 -5.43 4.86
N ASP H 583 -0.85 -5.99 4.02
CA ASP H 583 -1.08 -7.43 4.00
C ASP H 583 0.12 -8.13 3.39
N PRO H 584 0.76 -9.08 4.09
CA PRO H 584 1.93 -9.76 3.50
C PRO H 584 1.61 -10.56 2.25
N ILE H 585 0.36 -10.95 2.04
CA ILE H 585 0.00 -11.82 0.91
C ILE H 585 -0.36 -10.96 -0.30
N THR H 586 -1.41 -10.16 -0.18
CA THR H 586 -1.86 -9.33 -1.30
C THR H 586 -1.08 -8.03 -1.42
N LYS H 587 -0.30 -7.65 -0.42
CA LYS H 587 0.47 -6.41 -0.44
C LYS H 587 -0.42 -5.18 -0.60
N GLU H 588 -1.69 -5.31 -0.23
CA GLU H 588 -2.63 -4.20 -0.28
C GLU H 588 -2.93 -3.74 1.14
N TRP H 589 -2.96 -2.42 1.33
CA TRP H 589 -3.15 -1.86 2.66
C TRP H 589 -4.52 -2.22 3.20
N THR H 590 -4.55 -2.77 4.42
CA THR H 590 -5.77 -3.04 5.14
C THR H 590 -5.86 -2.05 6.31
N LEU H 591 -6.87 -2.22 7.16
CA LEU H 591 -7.12 -1.28 8.26
C LEU H 591 -7.44 -2.08 9.51
N GLU H 592 -6.78 -1.72 10.61
CA GLU H 592 -6.96 -2.41 11.89
C GLU H 592 -8.18 -1.86 12.62
N GLY H 593 -8.46 -2.43 13.77
CA GLY H 593 -9.50 -1.96 14.66
C GLY H 593 -8.91 -1.16 15.82
N GLY H 594 -9.66 -0.15 16.26
CA GLY H 594 -9.24 0.70 17.34
C GLY H 594 -9.81 0.27 18.68
N ALA H 595 -9.47 1.03 19.72
CA ALA H 595 -9.95 0.72 21.06
C ALA H 595 -11.47 0.82 21.13
N LEU H 596 -12.03 1.88 20.56
CA LEU H 596 -13.49 2.03 20.55
C LEU H 596 -14.14 0.94 19.72
N VAL H 597 -13.55 0.61 18.57
CA VAL H 597 -14.12 -0.42 17.70
C VAL H 597 -14.11 -1.78 18.40
N LEU H 598 -13.01 -2.10 19.09
CA LEU H 598 -12.90 -3.40 19.76
C LEU H 598 -13.94 -3.56 20.85
N ALA H 599 -14.52 -2.46 21.34
CA ALA H 599 -15.46 -2.49 22.45
C ALA H 599 -16.89 -2.18 21.99
N ASP H 600 -17.21 -2.43 20.73
CA ASP H 600 -18.55 -2.20 20.25
C ASP H 600 -19.54 -3.10 20.96
N LYS H 601 -20.74 -2.58 21.23
CA LYS H 601 -21.76 -3.29 21.98
C LYS H 601 -21.21 -3.73 23.35
N GLY H 602 -20.41 -2.87 23.96
CA GLY H 602 -19.79 -3.15 25.24
C GLY H 602 -19.60 -1.89 26.04
N VAL H 603 -18.43 -1.76 26.66
CA VAL H 603 -18.11 -0.59 27.48
C VAL H 603 -16.68 -0.17 27.18
N CYS H 604 -16.46 1.14 27.13
CA CYS H 604 -15.13 1.73 26.93
C CYS H 604 -14.78 2.52 28.18
N LEU H 605 -13.93 1.94 29.02
CA LEU H 605 -13.54 2.58 30.28
C LEU H 605 -12.31 3.45 30.05
N ILE H 606 -12.36 4.67 30.57
CA ILE H 606 -11.25 5.61 30.46
C ILE H 606 -10.91 6.11 31.86
N ASP H 607 -9.64 6.00 32.23
CA ASP H 607 -9.15 6.45 33.52
C ASP H 607 -8.19 7.61 33.32
N GLU H 608 -8.15 8.50 34.31
CA GLU H 608 -7.39 9.75 34.20
C GLU H 608 -7.82 10.50 32.95
N PHE H 609 -9.14 10.67 32.82
CA PHE H 609 -9.70 11.25 31.60
C PHE H 609 -9.21 12.68 31.38
N ASP H 610 -9.14 13.47 32.45
CA ASP H 610 -8.76 14.87 32.31
C ASP H 610 -7.36 15.04 31.75
N LYS H 611 -6.50 14.03 31.87
CA LYS H 611 -5.12 14.14 31.45
C LYS H 611 -4.94 13.99 29.94
N MET H 612 -5.96 13.52 29.22
CA MET H 612 -5.83 13.34 27.79
C MET H 612 -5.69 14.67 27.07
N ASN H 613 -5.00 14.64 25.94
CA ASN H 613 -4.80 15.85 25.14
C ASN H 613 -6.10 16.23 24.42
N ASP H 614 -6.10 17.45 23.87
CA ASP H 614 -7.31 17.97 23.24
C ASP H 614 -7.70 17.12 22.02
N GLN H 615 -6.72 16.72 21.21
CA GLN H 615 -7.04 15.98 19.99
C GLN H 615 -7.65 14.63 20.32
N ASP H 616 -7.07 13.92 21.28
CA ASP H 616 -7.65 12.63 21.68
C ASP H 616 -9.03 12.82 22.28
N ARG H 617 -9.22 13.87 23.07
CA ARG H 617 -10.54 14.15 23.63
C ARG H 617 -11.56 14.52 22.57
N THR H 618 -11.11 15.07 21.43
CA THR H 618 -12.01 15.28 20.32
C THR H 618 -12.32 13.97 19.60
N SER H 619 -11.35 13.05 19.54
CA SER H 619 -11.59 11.77 18.89
C SER H 619 -12.73 11.02 19.53
N ILE H 620 -13.01 11.26 20.82
CA ILE H 620 -14.09 10.56 21.52
C ILE H 620 -15.43 11.27 21.39
N HIS H 621 -15.42 12.56 21.05
CA HIS H 621 -16.69 13.30 20.82
C HIS H 621 -17.54 12.50 19.82
N GLU H 622 -16.97 12.07 18.68
CA GLU H 622 -17.75 11.40 17.65
C GLU H 622 -18.41 10.14 18.21
N ALA H 623 -17.62 9.28 18.88
CA ALA H 623 -18.16 8.04 19.41
C ALA H 623 -19.19 8.29 20.50
N MET H 624 -19.08 9.40 21.23
CA MET H 624 -20.02 9.65 22.32
C MET H 624 -21.44 9.83 21.80
N GLU H 625 -21.63 10.59 20.73
CA GLU H 625 -22.95 10.91 20.22
C GLU H 625 -23.22 10.35 18.83
N GLN H 626 -22.26 10.45 17.91
CA GLN H 626 -22.49 9.96 16.55
C GLN H 626 -22.50 8.44 16.49
N GLN H 627 -21.86 7.78 17.46
CA GLN H 627 -21.84 6.32 17.53
C GLN H 627 -21.18 5.71 16.29
N SER H 628 -20.29 6.47 15.66
CA SER H 628 -19.56 5.96 14.50
C SER H 628 -18.28 6.79 14.36
N ILE H 629 -17.24 6.15 13.83
CA ILE H 629 -15.94 6.77 13.65
C ILE H 629 -15.60 6.75 12.16
N SER H 630 -15.21 7.91 11.64
CA SER H 630 -14.86 8.06 10.23
C SER H 630 -13.35 8.11 10.07
N ILE H 631 -12.83 7.41 9.07
CA ILE H 631 -11.40 7.27 8.87
C ILE H 631 -11.08 7.55 7.41
N SER H 632 -9.95 8.23 7.17
CA SER H 632 -9.45 8.49 5.82
C SER H 632 -7.92 8.38 5.87
N LYS H 633 -7.40 7.19 5.57
CA LYS H 633 -5.98 6.95 5.49
C LYS H 633 -5.68 6.04 4.32
N ALA H 634 -4.63 6.37 3.56
CA ALA H 634 -4.12 5.50 2.51
C ALA H 634 -5.23 5.07 1.54
N GLY H 635 -6.12 6.00 1.23
CA GLY H 635 -7.19 5.70 0.29
C GLY H 635 -8.08 4.55 0.73
N ILE H 636 -8.40 4.49 2.03
CA ILE H 636 -9.28 3.45 2.57
C ILE H 636 -10.46 4.13 3.24
N VAL H 637 -10.90 5.26 2.67
CA VAL H 637 -12.01 6.03 3.22
C VAL H 637 -13.20 5.10 3.47
N THR H 638 -13.69 5.09 4.71
CA THR H 638 -14.83 4.27 5.08
C THR H 638 -15.32 4.75 6.45
N THR H 639 -16.48 4.22 6.86
CA THR H 639 -17.06 4.51 8.15
C THR H 639 -17.19 3.22 8.95
N LEU H 640 -16.79 3.29 10.22
CA LEU H 640 -16.78 2.14 11.11
C LEU H 640 -17.85 2.28 12.18
N GLN H 641 -18.34 1.13 12.65
CA GLN H 641 -19.39 1.10 13.65
C GLN H 641 -18.79 1.08 15.05
N ALA H 642 -19.21 2.03 15.89
CA ALA H 642 -18.75 2.13 17.28
C ALA H 642 -19.95 2.53 18.13
N ARG H 643 -20.64 1.53 18.67
CA ARG H 643 -21.80 1.73 19.55
C ARG H 643 -21.43 1.15 20.90
N CYS H 644 -20.79 1.97 21.74
CA CYS H 644 -20.31 1.53 23.04
C CYS H 644 -20.55 2.62 24.08
N SER H 645 -20.79 2.19 25.31
CA SER H 645 -20.96 3.10 26.43
C SER H 645 -19.58 3.42 27.03
N ILE H 646 -19.44 4.65 27.52
CA ILE H 646 -18.17 5.16 28.01
C ILE H 646 -18.34 5.52 29.48
N ILE H 647 -17.46 4.97 30.32
CA ILE H 647 -17.38 5.32 31.74
C ILE H 647 -16.02 5.96 31.96
N ALA H 648 -16.02 7.20 32.42
CA ALA H 648 -14.80 7.99 32.56
C ALA H 648 -14.61 8.41 34.01
N ALA H 649 -13.36 8.37 34.47
CA ALA H 649 -13.00 8.79 35.81
C ALA H 649 -11.91 9.85 35.73
N ALA H 650 -12.06 10.91 36.52
CA ALA H 650 -11.11 12.02 36.51
C ALA H 650 -11.17 12.73 37.85
N ASN H 651 -10.13 13.52 38.11
CA ASN H 651 -10.10 14.33 39.31
C ASN H 651 -10.22 15.82 38.96
N PRO H 652 -10.85 16.62 39.81
CA PRO H 652 -11.11 18.02 39.45
C PRO H 652 -9.82 18.80 39.24
N ASN H 653 -9.90 19.80 38.37
CA ASN H 653 -8.77 20.68 38.13
C ASN H 653 -8.31 21.32 39.43
N GLY H 654 -7.00 21.38 39.63
CA GLY H 654 -6.43 21.87 40.87
C GLY H 654 -6.25 20.81 41.94
N GLY H 655 -6.71 19.58 41.69
CA GLY H 655 -6.51 18.49 42.61
C GLY H 655 -7.62 18.26 43.61
N ARG H 656 -8.59 19.16 43.70
CA ARG H 656 -9.68 18.97 44.65
C ARG H 656 -10.91 19.74 44.19
N TYR H 657 -12.07 19.26 44.63
CA TYR H 657 -13.36 19.82 44.23
C TYR H 657 -13.74 20.91 45.23
N ASN H 658 -13.71 22.16 44.79
CA ASN H 658 -14.18 23.27 45.60
C ASN H 658 -15.71 23.31 45.54
N SER H 659 -16.37 22.91 46.63
CA SER H 659 -17.81 22.79 46.62
C SER H 659 -18.50 24.10 46.30
N THR H 660 -17.83 25.23 46.55
CA THR H 660 -18.47 26.53 46.32
C THR H 660 -18.62 26.81 44.83
N LEU H 661 -17.55 26.59 44.05
CA LEU H 661 -17.59 26.90 42.63
C LEU H 661 -18.38 25.84 41.88
N PRO H 662 -18.86 26.18 40.67
CA PRO H 662 -19.65 25.22 39.91
C PRO H 662 -18.78 24.22 39.17
N LEU H 663 -19.43 23.23 38.57
CA LEU H 663 -18.72 22.17 37.86
C LEU H 663 -17.99 22.69 36.62
N ALA H 664 -18.36 23.87 36.12
CA ALA H 664 -17.72 24.39 34.92
C ALA H 664 -16.23 24.63 35.13
N GLN H 665 -15.88 25.37 36.19
CA GLN H 665 -14.48 25.68 36.45
C GLN H 665 -13.73 24.51 37.08
N ASN H 666 -14.45 23.61 37.76
CA ASN H 666 -13.78 22.52 38.47
C ASN H 666 -13.01 21.62 37.52
N VAL H 667 -13.60 21.30 36.37
CA VAL H 667 -12.98 20.40 35.40
C VAL H 667 -12.76 21.15 34.10
N SER H 668 -11.65 20.82 33.44
CA SER H 668 -11.25 21.52 32.22
C SER H 668 -12.01 21.05 30.99
N LEU H 669 -12.84 20.03 31.09
CA LEU H 669 -13.61 19.56 29.94
C LEU H 669 -14.58 20.65 29.47
N THR H 670 -14.78 20.71 28.16
CA THR H 670 -15.62 21.74 27.58
C THR H 670 -17.09 21.43 27.80
N GLU H 671 -17.92 22.45 27.65
CA GLU H 671 -19.35 22.29 27.90
C GLU H 671 -19.98 21.18 27.06
N PRO H 672 -19.68 21.03 25.77
CA PRO H 672 -20.31 19.95 25.00
C PRO H 672 -20.15 18.57 25.62
N ILE H 673 -18.90 18.15 25.85
CA ILE H 673 -18.65 16.82 26.40
C ILE H 673 -19.34 16.66 27.75
N LEU H 674 -19.30 17.69 28.58
CA LEU H 674 -19.98 17.63 29.87
C LEU H 674 -21.47 17.39 29.68
N SER H 675 -22.07 18.05 28.68
CA SER H 675 -23.49 17.83 28.42
C SER H 675 -23.75 16.40 27.94
N ARG H 676 -22.84 15.85 27.13
CA ARG H 676 -23.07 14.53 26.56
C ARG H 676 -23.19 13.44 27.62
N PHE H 677 -22.64 13.66 28.81
CA PHE H 677 -22.71 12.65 29.86
C PHE H 677 -24.10 12.62 30.49
N ASP H 678 -24.60 11.41 30.75
CA ASP H 678 -25.94 11.25 31.29
C ASP H 678 -25.97 11.46 32.80
N ILE H 679 -25.24 10.61 33.53
CA ILE H 679 -25.18 10.67 34.99
C ILE H 679 -23.80 11.17 35.39
N LEU H 680 -23.76 12.20 36.24
CA LEU H 680 -22.52 12.81 36.69
C LEU H 680 -22.45 12.64 38.21
N CYS H 681 -21.81 11.57 38.65
CA CYS H 681 -21.72 11.24 40.07
C CYS H 681 -20.48 11.92 40.64
N VAL H 682 -20.66 13.12 41.16
CA VAL H 682 -19.58 13.85 41.80
C VAL H 682 -19.31 13.22 43.16
N VAL H 683 -18.05 12.98 43.45
CA VAL H 683 -17.63 12.34 44.70
C VAL H 683 -16.97 13.39 45.58
N ARG H 684 -17.30 13.36 46.87
CA ARG H 684 -16.81 14.34 47.82
C ARG H 684 -16.24 13.62 49.04
N ASP H 685 -15.05 14.03 49.45
CA ASP H 685 -14.30 13.39 50.54
C ASP H 685 -14.25 14.37 51.72
N LEU H 686 -15.25 14.29 52.59
CA LEU H 686 -15.31 15.08 53.81
C LEU H 686 -14.89 14.24 55.01
N VAL H 687 -14.96 14.85 56.19
CA VAL H 687 -14.52 14.23 57.43
C VAL H 687 -15.72 14.11 58.37
N ASP H 688 -15.95 12.91 58.87
CA ASP H 688 -17.03 12.66 59.81
C ASP H 688 -16.63 11.48 60.68
N GLU H 689 -16.85 11.61 61.99
CA GLU H 689 -16.36 10.60 62.93
C GLU H 689 -17.01 9.24 62.68
N GLU H 690 -18.35 9.20 62.64
CA GLU H 690 -19.04 7.93 62.48
C GLU H 690 -18.76 7.30 61.12
N ALA H 691 -18.82 8.11 60.06
CA ALA H 691 -18.56 7.58 58.72
C ALA H 691 -17.14 7.04 58.62
N ASP H 692 -16.17 7.76 59.18
CA ASP H 692 -14.79 7.28 59.16
C ASP H 692 -14.60 6.03 59.99
N GLU H 693 -15.28 5.92 61.15
CA GLU H 693 -15.22 4.68 61.91
C GLU H 693 -15.73 3.50 61.09
N ARG H 694 -16.90 3.67 60.46
CA ARG H 694 -17.45 2.59 59.65
C ARG H 694 -16.52 2.23 58.49
N LEU H 695 -15.97 3.25 57.83
CA LEU H 695 -15.09 3.01 56.70
C LEU H 695 -13.84 2.27 57.14
N ALA H 696 -13.24 2.67 58.26
CA ALA H 696 -12.05 1.99 58.74
C ALA H 696 -12.36 0.54 59.08
N THR H 697 -13.47 0.30 59.78
CA THR H 697 -13.83 -1.08 60.12
C THR H 697 -14.00 -1.92 58.85
N PHE H 698 -14.72 -1.40 57.86
CA PHE H 698 -14.95 -2.16 56.64
C PHE H 698 -13.64 -2.43 55.89
N VAL H 699 -12.77 -1.41 55.80
CA VAL H 699 -11.53 -1.59 55.06
C VAL H 699 -10.64 -2.62 55.74
N VAL H 700 -10.54 -2.55 57.06
CA VAL H 700 -9.70 -3.51 57.79
C VAL H 700 -10.26 -4.91 57.66
N ASP H 701 -11.59 -5.05 57.75
CA ASP H 701 -12.20 -6.36 57.57
C ASP H 701 -11.96 -6.90 56.16
N SER H 702 -12.03 -6.04 55.15
CA SER H 702 -11.73 -6.48 53.79
C SER H 702 -10.29 -6.93 53.65
N HIS H 703 -9.35 -6.20 54.26
CA HIS H 703 -7.94 -6.59 54.18
C HIS H 703 -7.69 -7.92 54.87
N VAL H 704 -8.26 -8.11 56.06
CA VAL H 704 -8.03 -9.36 56.78
C VAL H 704 -8.71 -10.52 56.06
N ARG H 705 -9.87 -10.27 55.46
CA ARG H 705 -10.62 -11.34 54.82
C ARG H 705 -9.91 -11.89 53.59
N SER H 706 -9.09 -11.07 52.93
CA SER H 706 -8.48 -11.42 51.66
C SER H 706 -7.02 -11.84 51.81
N HIS H 707 -6.59 -12.16 53.02
CA HIS H 707 -5.20 -12.57 53.21
C HIS H 707 -4.93 -13.85 52.44
N PRO H 708 -3.77 -13.98 51.78
CA PRO H 708 -3.50 -15.21 51.03
C PRO H 708 -3.60 -16.47 51.87
N GLU H 709 -3.20 -16.42 53.14
CA GLU H 709 -3.31 -17.58 54.00
C GLU H 709 -4.78 -17.94 54.26
N ASN H 710 -5.63 -16.94 54.43
CA ASN H 710 -7.05 -17.17 54.70
C ASN H 710 -7.85 -17.21 53.41
N ASN H 739 -13.35 -33.10 46.84
CA ASN H 739 -12.00 -32.80 46.38
C ASN H 739 -11.49 -31.50 47.00
N ALA H 740 -10.17 -31.31 46.96
CA ALA H 740 -9.60 -30.08 47.47
C ALA H 740 -10.09 -28.87 46.70
N ARG H 741 -10.19 -28.99 45.38
CA ARG H 741 -10.70 -27.89 44.57
C ARG H 741 -12.13 -27.55 44.96
N GLN H 742 -12.96 -28.56 45.21
CA GLN H 742 -14.33 -28.29 45.64
C GLN H 742 -14.38 -27.58 46.98
N ARG H 743 -13.51 -27.97 47.91
CA ARG H 743 -13.44 -27.30 49.21
C ARG H 743 -13.01 -25.85 49.06
N ARG H 744 -12.01 -25.60 48.20
CA ARG H 744 -11.59 -24.22 47.93
C ARG H 744 -12.74 -23.41 47.35
N LEU H 745 -13.48 -24.00 46.40
CA LEU H 745 -14.62 -23.32 45.82
C LEU H 745 -15.67 -23.01 46.88
N GLN H 746 -15.90 -23.97 47.79
CA GLN H 746 -16.92 -23.78 48.82
C GLN H 746 -16.55 -22.63 49.75
N ARG H 747 -15.29 -22.56 50.18
CA ARG H 747 -14.88 -21.47 51.07
C ARG H 747 -14.90 -20.14 50.32
N GLN H 748 -14.49 -20.14 49.05
CA GLN H 748 -14.58 -18.91 48.26
C GLN H 748 -16.02 -18.43 48.16
N ARG H 749 -16.96 -19.35 47.95
CA ARG H 749 -18.37 -19.01 47.94
C ARG H 749 -18.85 -18.50 49.29
N LYS H 750 -18.37 -19.08 50.39
CA LYS H 750 -18.70 -18.57 51.70
C LYS H 750 -18.34 -17.10 51.81
N LYS H 751 -17.10 -16.74 51.47
CA LYS H 751 -16.70 -15.34 51.55
C LYS H 751 -17.50 -14.46 50.59
N GLU H 752 -17.70 -14.94 49.36
CA GLU H 752 -18.42 -14.16 48.35
C GLU H 752 -19.83 -13.83 48.83
N GLU H 753 -20.55 -14.83 49.35
CA GLU H 753 -21.84 -14.57 49.95
C GLU H 753 -21.71 -13.72 51.20
N GLU H 754 -20.56 -13.76 51.87
CA GLU H 754 -20.35 -12.91 53.04
C GLU H 754 -20.44 -11.44 52.67
N ILE H 755 -19.84 -11.05 51.55
CA ILE H 755 -19.87 -9.64 51.14
C ILE H 755 -20.87 -9.36 50.03
N SER H 756 -21.42 -10.37 49.37
CA SER H 756 -22.33 -10.14 48.26
C SER H 756 -23.61 -10.95 48.46
N PRO H 757 -24.79 -10.32 48.49
CA PRO H 757 -26.03 -11.12 48.57
C PRO H 757 -26.25 -12.02 47.37
N ILE H 758 -25.65 -11.71 46.22
CA ILE H 758 -25.77 -12.54 45.03
C ILE H 758 -24.37 -12.93 44.56
N PRO H 759 -24.11 -14.20 44.23
CA PRO H 759 -22.78 -14.57 43.76
C PRO H 759 -22.39 -13.81 42.49
N GLN H 760 -21.09 -13.52 42.38
CA GLN H 760 -20.60 -12.80 41.22
C GLN H 760 -20.79 -13.60 39.94
N GLU H 761 -20.59 -14.92 40.01
CA GLU H 761 -20.71 -15.75 38.81
C GLU H 761 -22.10 -15.65 38.20
N LEU H 762 -23.14 -15.70 39.05
CA LEU H 762 -24.50 -15.56 38.54
C LEU H 762 -24.71 -14.19 37.93
N LEU H 763 -24.18 -13.14 38.56
CA LEU H 763 -24.37 -11.78 38.06
C LEU H 763 -23.74 -11.60 36.69
N MET H 764 -22.57 -12.20 36.47
CA MET H 764 -21.89 -12.04 35.19
C MET H 764 -22.75 -12.58 34.05
N LYS H 765 -23.35 -13.75 34.24
CA LYS H 765 -24.25 -14.30 33.22
C LYS H 765 -25.56 -13.52 33.17
N TYR H 766 -26.01 -12.99 34.30
CA TYR H 766 -27.24 -12.21 34.34
C TYR H 766 -27.14 -10.99 33.45
N ILE H 767 -25.99 -10.29 33.51
CA ILE H 767 -25.82 -9.10 32.69
C ILE H 767 -25.95 -9.45 31.22
N HIS H 768 -25.25 -10.51 30.79
CA HIS H 768 -25.29 -10.91 29.38
C HIS H 768 -26.70 -11.31 28.96
N TYR H 769 -27.38 -12.11 29.78
CA TYR H 769 -28.72 -12.55 29.42
C TYR H 769 -29.67 -11.37 29.30
N ALA H 770 -29.59 -10.42 30.25
CA ALA H 770 -30.48 -9.26 30.20
C ALA H 770 -30.18 -8.40 28.98
N ARG H 771 -28.90 -8.19 28.67
CA ARG H 771 -28.55 -7.38 27.51
C ARG H 771 -28.90 -8.07 26.20
N THR H 772 -29.00 -9.40 26.20
CA THR H 772 -29.26 -10.14 24.98
C THR H 772 -30.75 -10.32 24.69
N LYS H 773 -31.51 -10.86 25.64
CA LYS H 773 -32.85 -11.36 25.35
C LYS H 773 -33.97 -10.38 25.68
N ILE H 774 -33.73 -9.37 26.51
CA ILE H 774 -34.80 -8.49 27.00
C ILE H 774 -34.58 -7.10 26.44
N TYR H 775 -35.62 -6.55 25.83
CA TYR H 775 -35.62 -5.17 25.31
C TYR H 775 -36.87 -4.47 25.81
N PRO H 776 -36.85 -3.91 27.02
CA PRO H 776 -38.07 -3.32 27.57
C PRO H 776 -38.57 -2.16 26.72
N LYS H 777 -39.90 -2.00 26.70
CA LYS H 777 -40.54 -0.94 25.95
C LYS H 777 -41.58 -0.26 26.82
N LEU H 778 -41.82 1.02 26.54
CA LEU H 778 -42.77 1.83 27.31
C LEU H 778 -44.15 1.68 26.66
N HIS H 779 -45.02 0.90 27.32
CA HIS H 779 -46.36 0.69 26.79
C HIS H 779 -47.25 1.91 27.07
N GLN H 780 -47.48 2.22 28.34
CA GLN H 780 -48.28 3.36 28.71
C GLN H 780 -47.94 3.75 30.14
N MET H 781 -47.83 5.05 30.39
CA MET H 781 -47.41 5.55 31.68
C MET H 781 -47.71 7.04 31.71
N ASP H 782 -47.96 7.57 32.90
CA ASP H 782 -48.43 8.94 33.03
C ASP H 782 -47.33 9.92 32.64
N MET H 783 -47.26 10.25 31.36
CA MET H 783 -46.25 11.20 30.85
C MET H 783 -46.19 12.41 31.76
N ASP H 784 -47.33 12.96 32.19
CA ASP H 784 -47.37 14.24 32.89
C ASP H 784 -46.42 14.28 34.06
N LYS H 785 -46.12 13.14 34.69
CA LYS H 785 -45.17 13.14 35.79
C LYS H 785 -43.79 13.63 35.34
N VAL H 786 -43.24 12.99 34.30
CA VAL H 786 -41.91 13.37 33.83
C VAL H 786 -41.94 14.73 33.16
N SER H 787 -43.06 15.06 32.50
CA SER H 787 -43.19 16.40 31.93
C SER H 787 -43.13 17.47 33.01
N ARG H 788 -43.82 17.24 34.12
CA ARG H 788 -43.81 18.16 35.25
C ARG H 788 -42.40 18.27 35.83
N VAL H 789 -41.71 17.14 35.96
CA VAL H 789 -40.34 17.18 36.48
C VAL H 789 -39.46 18.01 35.55
N TYR H 790 -39.61 17.81 34.24
CA TYR H 790 -38.81 18.56 33.27
C TYR H 790 -39.10 20.05 33.37
N ALA H 791 -40.39 20.41 33.47
CA ALA H 791 -40.76 21.82 33.57
C ALA H 791 -40.18 22.44 34.84
N ASP H 792 -40.25 21.72 35.96
CA ASP H 792 -39.68 22.23 37.20
C ASP H 792 -38.17 22.37 37.10
N LEU H 793 -37.51 21.40 36.46
CA LEU H 793 -36.07 21.49 36.27
C LEU H 793 -35.70 22.74 35.49
N ARG H 794 -36.43 23.01 34.40
CA ARG H 794 -36.15 24.21 33.62
C ARG H 794 -36.45 25.48 34.43
N ARG H 795 -37.55 25.47 35.18
CA ARG H 795 -37.95 26.64 36.02
C ARG H 795 -36.85 26.95 37.03
N GLU H 796 -36.32 25.95 37.71
CA GLU H 796 -35.33 26.17 38.76
C GLU H 796 -33.90 26.24 38.23
N SER H 797 -33.67 25.90 36.95
CA SER H 797 -32.33 25.94 36.39
C SER H 797 -31.98 27.28 35.76
N ILE H 798 -32.94 28.21 35.67
CA ILE H 798 -32.65 29.51 35.08
C ILE H 798 -31.65 30.29 35.91
N SER H 799 -31.48 29.93 37.19
CA SER H 799 -30.54 30.63 38.05
C SER H 799 -29.14 30.59 37.46
N THR H 800 -28.44 31.72 37.53
CA THR H 800 -27.10 31.81 36.97
C THR H 800 -26.17 30.82 37.66
N GLY H 801 -25.23 30.28 36.88
CA GLY H 801 -24.31 29.27 37.37
C GLY H 801 -24.78 27.84 37.20
N SER H 802 -26.01 27.64 36.74
CA SER H 802 -26.56 26.31 36.49
C SER H 802 -26.73 26.12 34.99
N PHE H 803 -26.14 25.06 34.45
CA PHE H 803 -26.28 24.79 33.03
C PHE H 803 -27.75 24.57 32.70
N PRO H 804 -28.27 25.16 31.63
CA PRO H 804 -29.69 24.96 31.30
C PRO H 804 -30.02 23.49 31.14
N ILE H 805 -31.20 23.10 31.61
CA ILE H 805 -31.65 21.72 31.52
C ILE H 805 -32.20 21.47 30.12
N THR H 806 -31.33 21.02 29.22
CA THR H 806 -31.75 20.73 27.86
C THR H 806 -32.48 19.38 27.81
N VAL H 807 -33.10 19.12 26.66
CA VAL H 807 -33.89 17.90 26.50
C VAL H 807 -33.05 16.65 26.64
N ARG H 808 -31.73 16.82 26.58
CA ARG H 808 -30.80 15.67 26.75
C ARG H 808 -31.04 15.02 28.12
N HIS H 809 -31.43 15.77 29.16
CA HIS H 809 -31.76 15.22 30.46
C HIS H 809 -33.04 14.38 30.39
N LEU H 810 -34.03 14.87 29.64
CA LEU H 810 -35.26 14.10 29.48
C LEU H 810 -34.98 12.78 28.76
N GLU H 811 -34.13 12.81 27.74
CA GLU H 811 -33.75 11.56 27.07
C GLU H 811 -33.06 10.61 28.03
N SER H 812 -32.15 11.13 28.86
CA SER H 812 -31.43 10.30 29.81
C SER H 812 -32.40 9.68 30.82
N ILE H 813 -33.42 10.43 31.23
CA ILE H 813 -34.41 9.86 32.14
C ILE H 813 -35.02 8.59 31.55
N LEU H 814 -35.43 8.66 30.29
CA LEU H 814 -36.03 7.50 29.64
C LEU H 814 -35.03 6.37 29.52
N ARG H 815 -33.79 6.69 29.17
CA ARG H 815 -32.78 5.64 29.03
C ARG H 815 -32.55 4.91 30.35
N ILE H 816 -32.43 5.67 31.44
CA ILE H 816 -32.23 5.05 32.75
C ILE H 816 -33.47 4.26 33.15
N ALA H 817 -34.66 4.73 32.80
CA ALA H 817 -35.87 3.95 33.09
C ALA H 817 -35.84 2.61 32.37
N GLU H 818 -35.48 2.61 31.09
CA GLU H 818 -35.38 1.34 30.36
C GLU H 818 -34.36 0.42 30.99
N SER H 819 -33.20 0.96 31.37
CA SER H 819 -32.18 0.12 32.00
C SER H 819 -32.68 -0.47 33.31
N PHE H 820 -33.35 0.34 34.13
CA PHE H 820 -33.86 -0.15 35.40
C PHE H 820 -34.90 -1.24 35.20
N ALA H 821 -35.79 -1.07 34.22
CA ALA H 821 -36.75 -2.14 33.92
C ALA H 821 -36.02 -3.40 33.47
N LYS H 822 -34.88 -3.24 32.79
CA LYS H 822 -34.11 -4.41 32.36
C LYS H 822 -33.60 -5.22 33.54
N MET H 823 -33.45 -4.59 34.71
CA MET H 823 -32.96 -5.32 35.88
C MET H 823 -33.93 -6.43 36.28
N ARG H 824 -35.23 -6.14 36.24
CA ARG H 824 -36.24 -7.13 36.60
C ARG H 824 -36.52 -8.11 35.48
N LEU H 825 -35.93 -7.94 34.30
CA LEU H 825 -36.25 -8.76 33.14
C LEU H 825 -37.74 -8.65 32.80
N SER H 826 -38.28 -7.45 32.96
CA SER H 826 -39.67 -7.16 32.66
C SER H 826 -39.75 -6.23 31.46
N GLU H 827 -40.56 -6.61 30.48
CA GLU H 827 -40.74 -5.82 29.27
C GLU H 827 -41.78 -4.72 29.42
N PHE H 828 -42.20 -4.44 30.66
CA PHE H 828 -43.12 -3.35 30.95
C PHE H 828 -42.43 -2.40 31.92
N VAL H 829 -42.17 -1.17 31.48
CA VAL H 829 -41.54 -0.18 32.34
C VAL H 829 -42.59 0.36 33.30
N SER H 830 -42.56 -0.14 34.54
CA SER H 830 -43.56 0.24 35.53
C SER H 830 -43.29 1.65 36.04
N SER H 831 -44.13 2.10 36.97
CA SER H 831 -43.99 3.45 37.52
C SER H 831 -42.76 3.55 38.41
N TYR H 832 -42.53 2.54 39.26
CA TYR H 832 -41.45 2.61 40.24
C TYR H 832 -40.12 2.89 39.55
N ASP H 833 -39.85 2.21 38.44
CA ASP H 833 -38.59 2.41 37.73
C ASP H 833 -38.47 3.84 37.23
N LEU H 834 -39.56 4.40 36.70
CA LEU H 834 -39.52 5.77 36.19
C LEU H 834 -39.26 6.76 37.32
N ASP H 835 -39.92 6.58 38.47
CA ASP H 835 -39.66 7.48 39.59
C ASP H 835 -38.22 7.36 40.07
N ARG H 836 -37.69 6.14 40.10
CA ARG H 836 -36.31 5.96 40.53
C ARG H 836 -35.34 6.63 39.56
N ALA H 837 -35.61 6.53 38.26
CA ALA H 837 -34.78 7.21 37.28
C ALA H 837 -34.85 8.72 37.46
N ILE H 838 -36.05 9.24 37.73
CA ILE H 838 -36.19 10.67 38.01
C ILE H 838 -35.33 11.05 39.21
N LYS H 839 -35.38 10.24 40.27
CA LYS H 839 -34.54 10.50 41.43
C LYS H 839 -33.06 10.55 41.04
N VAL H 840 -32.61 9.56 40.27
CA VAL H 840 -31.20 9.50 39.90
C VAL H 840 -30.79 10.76 39.16
N VAL H 841 -31.56 11.14 38.13
CA VAL H 841 -31.17 12.27 37.31
C VAL H 841 -31.22 13.56 38.12
N VAL H 842 -32.26 13.72 38.95
CA VAL H 842 -32.40 14.95 39.72
C VAL H 842 -31.26 15.09 40.72
N ASP H 843 -30.90 13.99 41.40
CA ASP H 843 -29.77 14.05 42.33
C ASP H 843 -28.48 14.36 41.61
N SER H 844 -28.26 13.73 40.45
CA SER H 844 -27.04 13.98 39.70
C SER H 844 -26.93 15.44 39.31
N PHE H 845 -28.03 16.05 38.86
CA PHE H 845 -27.99 17.47 38.51
C PHE H 845 -27.79 18.34 39.75
N VAL H 846 -28.50 18.04 40.84
CA VAL H 846 -28.46 18.89 42.02
C VAL H 846 -27.05 18.93 42.60
N ASP H 847 -26.39 17.77 42.70
CA ASP H 847 -25.10 17.73 43.37
C ASP H 847 -24.05 18.54 42.62
N ALA H 848 -24.19 18.67 41.30
CA ALA H 848 -23.16 19.34 40.52
C ALA H 848 -23.13 20.85 40.73
N GLN H 849 -24.22 21.43 41.22
CA GLN H 849 -24.31 22.88 41.32
C GLN H 849 -23.65 23.39 42.60
N LYS H 850 -23.57 24.71 42.70
CA LYS H 850 -22.90 25.36 43.83
C LYS H 850 -23.73 25.19 45.11
N VAL H 851 -23.09 25.48 46.24
CA VAL H 851 -23.76 25.36 47.53
C VAL H 851 -24.94 26.33 47.61
N SER H 852 -24.73 27.58 47.20
CA SER H 852 -25.77 28.59 47.31
C SER H 852 -27.00 28.18 46.52
N VAL H 853 -26.81 27.69 45.30
CA VAL H 853 -27.94 27.17 44.53
C VAL H 853 -28.36 25.80 45.01
N ARG H 854 -27.44 25.05 45.64
CA ARG H 854 -27.78 23.73 46.14
C ARG H 854 -28.86 23.81 47.22
N ARG H 855 -28.77 24.79 48.11
CA ARG H 855 -29.78 24.92 49.16
C ARG H 855 -31.17 25.07 48.55
N GLN H 856 -31.33 26.02 47.63
CA GLN H 856 -32.63 26.25 47.01
C GLN H 856 -33.10 25.03 46.22
N LEU H 857 -32.19 24.40 45.47
CA LEU H 857 -32.58 23.25 44.67
C LEU H 857 -33.06 22.10 45.57
N ARG H 858 -32.34 21.84 46.66
CA ARG H 858 -32.76 20.79 47.58
C ARG H 858 -34.10 21.13 48.23
N ARG H 859 -34.31 22.40 48.59
CA ARG H 859 -35.59 22.79 49.16
C ARG H 859 -36.73 22.55 48.18
N SER H 860 -36.58 23.02 46.94
CA SER H 860 -37.67 22.92 45.98
C SER H 860 -38.00 21.47 45.66
N PHE H 861 -36.99 20.63 45.47
CA PHE H 861 -37.19 19.24 45.07
C PHE H 861 -37.24 18.38 46.32
N ALA H 862 -38.45 17.96 46.70
CA ALA H 862 -38.65 17.07 47.85
C ALA H 862 -39.35 15.78 47.47
N ILE H 863 -40.39 15.84 46.63
CA ILE H 863 -41.11 14.64 46.25
C ILE H 863 -40.22 13.71 45.45
N TYR H 864 -39.43 14.25 44.53
CA TYR H 864 -38.61 13.41 43.66
C TYR H 864 -37.45 12.77 44.41
N THR H 865 -36.81 13.52 45.30
CA THR H 865 -35.70 12.99 46.10
C THR H 865 -36.15 12.70 47.52
N ALA I 19 1.37 -1.54 -55.02
CA ALA I 19 0.16 -1.53 -55.84
C ALA I 19 -0.83 -0.49 -55.31
N VAL I 20 -1.43 -0.79 -54.16
CA VAL I 20 -2.37 0.16 -53.56
C VAL I 20 -1.65 1.42 -53.12
N PHE I 21 -0.44 1.27 -52.59
CA PHE I 21 0.35 2.43 -52.20
C PHE I 21 0.56 3.38 -53.36
N GLY I 22 0.95 2.84 -54.52
CA GLY I 22 1.15 3.68 -55.69
C GLY I 22 -0.12 4.35 -56.15
N ASP I 23 -1.24 3.61 -56.12
CA ASP I 23 -2.51 4.20 -56.52
C ASP I 23 -2.90 5.36 -55.62
N ARG I 24 -2.72 5.20 -54.31
CA ARG I 24 -3.07 6.27 -53.39
C ARG I 24 -2.11 7.46 -53.54
N VAL I 25 -0.83 7.20 -53.80
CA VAL I 25 0.12 8.28 -54.05
C VAL I 25 -0.30 9.07 -55.28
N ARG I 26 -0.67 8.37 -56.35
CA ARG I 26 -1.13 9.05 -57.56
C ARG I 26 -2.41 9.84 -57.30
N ARG I 27 -3.33 9.28 -56.52
CA ARG I 27 -4.57 9.99 -56.23
C ARG I 27 -4.29 11.28 -55.47
N PHE I 28 -3.41 11.23 -54.47
CA PHE I 28 -3.09 12.45 -53.73
C PHE I 28 -2.32 13.44 -54.59
N GLN I 29 -1.47 12.96 -55.50
CA GLN I 29 -0.80 13.86 -56.42
C GLN I 29 -1.81 14.60 -57.28
N GLU I 30 -2.80 13.88 -57.80
CA GLU I 30 -3.86 14.52 -58.59
C GLU I 30 -4.63 15.53 -57.74
N PHE I 31 -4.94 15.16 -56.50
CA PHE I 31 -5.67 16.08 -55.62
C PHE I 31 -4.87 17.36 -55.39
N LEU I 32 -3.57 17.23 -55.13
CA LEU I 32 -2.73 18.41 -54.95
C LEU I 32 -2.66 19.24 -56.21
N ASP I 33 -2.62 18.59 -57.37
CA ASP I 33 -2.61 19.32 -58.64
C ASP I 33 -3.89 20.11 -58.82
N THR I 34 -5.03 19.54 -58.43
CA THR I 34 -6.31 20.21 -58.61
C THR I 34 -6.36 21.51 -57.81
N PHE I 35 -5.97 21.46 -56.54
CA PHE I 35 -5.96 22.64 -55.68
C PHE I 35 -4.57 23.26 -55.71
N THR I 36 -4.46 24.47 -56.25
CA THR I 36 -3.18 25.14 -56.37
C THR I 36 -2.76 25.85 -55.09
N SER I 37 -3.65 25.97 -54.11
CA SER I 37 -3.30 26.67 -52.88
C SER I 37 -2.18 25.95 -52.14
N TYR I 38 -2.25 24.62 -52.06
CA TYR I 38 -1.22 23.87 -51.35
C TYR I 38 0.11 23.91 -52.09
N ARG I 39 0.08 23.83 -53.41
CA ARG I 39 1.31 23.97 -54.18
C ARG I 39 1.93 25.35 -53.97
N ASP I 40 1.09 26.38 -53.94
CA ASP I 40 1.59 27.73 -53.68
C ASP I 40 2.20 27.82 -52.29
N SER I 41 1.57 27.19 -51.30
CA SER I 41 2.10 27.23 -49.94
C SER I 41 3.46 26.54 -49.87
N VAL I 42 3.59 25.38 -50.52
CA VAL I 42 4.87 24.67 -50.52
C VAL I 42 5.93 25.52 -51.21
N ARG I 43 5.59 26.13 -52.35
CA ARG I 43 6.54 26.98 -53.04
C ARG I 43 6.96 28.16 -52.16
N SER I 44 6.00 28.77 -51.46
CA SER I 44 6.32 29.90 -50.61
C SER I 44 7.27 29.48 -49.48
N ILE I 45 7.00 28.34 -48.85
CA ILE I 45 7.88 27.86 -47.78
C ILE I 45 9.28 27.62 -48.33
N GLN I 46 9.38 26.96 -49.48
CA GLN I 46 10.69 26.67 -50.06
C GLN I 46 11.44 27.95 -50.41
N VAL I 47 10.76 28.92 -51.00
CA VAL I 47 11.41 30.18 -51.36
C VAL I 47 11.87 30.92 -50.13
N TYR I 48 11.04 30.97 -49.08
CA TYR I 48 11.45 31.64 -47.86
C TYR I 48 12.67 30.96 -47.24
N ASN I 49 12.67 29.62 -47.22
CA ASN I 49 13.82 28.91 -46.68
C ASN I 49 15.08 29.21 -47.49
N SER I 50 14.98 29.20 -48.82
CA SER I 50 16.14 29.44 -49.65
C SER I 50 16.66 30.86 -49.48
N ASN I 51 15.77 31.85 -49.46
CA ASN I 51 16.21 33.25 -49.37
C ASN I 51 16.91 33.51 -48.04
N ASN I 52 16.38 32.96 -46.95
CA ASN I 52 16.98 33.15 -45.63
C ASN I 52 18.13 32.14 -45.42
N ALA I 53 19.10 32.22 -46.32
CA ALA I 53 20.25 31.33 -46.28
C ALA I 53 21.53 32.10 -46.54
N ASN I 90 12.84 31.53 -37.86
CA ASN I 90 13.89 31.86 -38.82
C ASN I 90 13.90 30.86 -39.97
N ILE I 91 13.50 29.63 -39.69
CA ILE I 91 13.43 28.57 -40.69
C ILE I 91 12.01 27.99 -40.63
N LEU I 92 11.32 27.99 -41.77
CA LEU I 92 9.96 27.47 -41.82
C LEU I 92 9.97 25.95 -41.80
N PRO I 93 9.12 25.32 -41.00
CA PRO I 93 9.08 23.85 -40.98
C PRO I 93 8.45 23.29 -42.25
N HIS I 94 8.81 22.04 -42.54
CA HIS I 94 8.25 21.31 -43.68
C HIS I 94 6.91 20.73 -43.26
N ARG I 95 5.85 21.50 -43.48
CA ARG I 95 4.51 21.06 -43.10
C ARG I 95 3.48 21.83 -43.92
N ILE I 96 2.36 21.17 -44.19
CA ILE I 96 1.26 21.75 -44.95
C ILE I 96 -0.04 21.42 -44.24
N ILE I 97 -0.94 22.39 -44.18
CA ILE I 97 -2.23 22.24 -43.53
C ILE I 97 -3.30 22.09 -44.61
N ILE I 98 -3.96 20.93 -44.64
CA ILE I 98 -5.01 20.66 -45.60
C ILE I 98 -6.35 20.65 -44.89
N SER I 99 -7.40 21.02 -45.62
CA SER I 99 -8.75 21.06 -45.08
C SER I 99 -9.49 19.80 -45.49
N LEU I 100 -10.03 19.08 -44.50
CA LEU I 100 -10.73 17.85 -44.79
C LEU I 100 -11.95 18.09 -45.68
N ASP I 101 -12.53 19.28 -45.63
CA ASP I 101 -13.68 19.57 -46.47
C ASP I 101 -13.31 19.54 -47.95
N ASP I 102 -12.17 20.13 -48.31
CA ASP I 102 -11.74 20.12 -49.71
C ASP I 102 -11.48 18.70 -50.18
N LEU I 103 -10.83 17.88 -49.35
CA LEU I 103 -10.56 16.50 -49.73
C LEU I 103 -11.86 15.71 -49.87
N ARG I 104 -12.81 15.95 -48.97
CA ARG I 104 -14.12 15.30 -49.09
C ARG I 104 -14.80 15.68 -50.40
N GLU I 105 -14.74 16.97 -50.76
CA GLU I 105 -15.35 17.41 -52.01
C GLU I 105 -14.67 16.75 -53.20
N PHE I 106 -13.34 16.67 -53.19
CA PHE I 106 -12.61 16.14 -54.34
C PHE I 106 -12.83 14.65 -54.49
N ASP I 107 -12.68 13.88 -53.40
CA ASP I 107 -12.78 12.43 -53.47
C ASP I 107 -13.24 11.93 -52.11
N ARG I 108 -14.44 11.33 -52.07
CA ARG I 108 -14.98 10.85 -50.80
C ARG I 108 -14.22 9.64 -50.29
N SER I 109 -13.73 8.78 -51.18
CA SER I 109 -13.05 7.57 -50.75
C SER I 109 -11.79 7.89 -49.96
N PHE I 110 -10.97 8.81 -50.47
CA PHE I 110 -9.74 9.18 -49.77
C PHE I 110 -10.06 9.85 -48.43
N TRP I 111 -11.10 10.70 -48.41
CA TRP I 111 -11.49 11.35 -47.18
C TRP I 111 -11.90 10.34 -46.12
N SER I 112 -12.75 9.38 -46.50
CA SER I 112 -13.18 8.36 -45.56
C SER I 112 -12.00 7.50 -45.11
N GLY I 113 -11.09 7.18 -46.03
CA GLY I 113 -9.92 6.41 -45.65
C GLY I 113 -9.04 7.13 -44.63
N ILE I 114 -8.81 8.42 -44.84
CA ILE I 114 -8.02 9.19 -43.90
C ILE I 114 -8.74 9.25 -42.55
N LEU I 115 -10.06 9.41 -42.57
CA LEU I 115 -10.79 9.56 -41.31
C LEU I 115 -10.91 8.26 -40.54
N VAL I 116 -10.90 7.12 -41.22
CA VAL I 116 -11.19 5.85 -40.57
C VAL I 116 -9.96 4.94 -40.59
N GLU I 117 -9.11 5.09 -41.60
CA GLU I 117 -7.90 4.26 -41.75
C GLU I 117 -6.70 5.14 -42.01
N PRO I 118 -6.32 5.98 -41.05
CA PRO I 118 -5.16 6.87 -41.26
C PRO I 118 -3.86 6.11 -41.47
N ALA I 119 -3.70 4.94 -40.84
CA ALA I 119 -2.43 4.23 -40.96
C ALA I 119 -2.12 3.83 -42.39
N TYR I 120 -3.15 3.53 -43.18
CA TYR I 120 -2.96 3.07 -44.55
C TYR I 120 -3.14 4.18 -45.59
N PHE I 121 -3.61 5.35 -45.19
CA PHE I 121 -3.93 6.42 -46.13
C PHE I 121 -3.08 7.67 -45.96
N ILE I 122 -2.44 7.86 -44.82
CA ILE I 122 -1.67 9.07 -44.56
C ILE I 122 -0.29 8.98 -45.23
N PRO I 123 0.46 7.90 -45.05
CA PRO I 123 1.83 7.85 -45.58
C PRO I 123 1.86 8.10 -47.09
N PRO I 124 0.91 7.56 -47.85
CA PRO I 124 0.88 7.91 -49.29
C PRO I 124 0.77 9.41 -49.55
N ALA I 125 -0.04 10.11 -48.77
CA ALA I 125 -0.16 11.55 -48.94
C ALA I 125 1.15 12.24 -48.63
N GLU I 126 1.83 11.82 -47.57
CA GLU I 126 3.13 12.40 -47.24
C GLU I 126 4.13 12.17 -48.36
N LYS I 127 4.15 10.96 -48.94
CA LYS I 127 5.07 10.68 -50.04
C LYS I 127 4.75 11.52 -51.26
N ALA I 128 3.47 11.69 -51.57
CA ALA I 128 3.09 12.53 -52.70
C ALA I 128 3.54 13.96 -52.49
N LEU I 129 3.32 14.50 -51.30
CA LEU I 129 3.74 15.87 -51.01
C LEU I 129 5.27 16.00 -51.08
N THR I 130 5.99 14.99 -50.57
CA THR I 130 7.44 15.02 -50.63
C THR I 130 7.93 15.01 -52.07
N ASP I 131 7.32 14.17 -52.91
CA ASP I 131 7.70 14.13 -54.32
C ASP I 131 7.42 15.47 -54.99
N LEU I 132 6.27 16.07 -54.70
CA LEU I 132 5.95 17.37 -55.28
C LEU I 132 6.99 18.42 -54.86
N ALA I 133 7.34 18.43 -53.57
CA ALA I 133 8.31 19.41 -53.09
C ALA I 133 9.68 19.18 -53.72
N ASP I 134 10.11 17.92 -53.83
CA ASP I 134 11.42 17.63 -54.41
C ASP I 134 11.46 18.03 -55.87
N SER I 135 10.41 17.73 -56.63
CA SER I 135 10.37 18.16 -58.03
C SER I 135 10.36 19.67 -58.14
N MET I 136 9.61 20.33 -57.26
CA MET I 136 9.52 21.79 -57.30
C MET I 136 10.81 22.44 -56.82
N ASP I 137 11.63 21.73 -56.05
CA ASP I 137 12.86 22.29 -55.54
C ASP I 137 13.80 22.67 -56.67
N ASP I 138 14.49 23.81 -56.52
CA ASP I 138 15.41 24.32 -57.52
C ASP I 138 16.76 24.67 -56.90
N VAL I 139 17.12 24.01 -55.80
CA VAL I 139 18.39 24.28 -55.12
C VAL I 139 19.53 23.88 -56.04
N PRO I 140 20.45 24.79 -56.37
CA PRO I 140 21.53 24.41 -57.30
C PRO I 140 22.58 23.52 -56.66
N HIS I 141 23.00 23.84 -55.44
CA HIS I 141 24.07 23.10 -54.75
C HIS I 141 23.64 22.78 -53.33
N PRO I 142 23.35 21.52 -53.02
CA PRO I 142 23.01 21.16 -51.64
C PRO I 142 24.28 21.06 -50.79
N ASN I 143 24.09 20.64 -49.53
CA ASN I 143 25.17 20.48 -48.59
C ASN I 143 25.10 19.09 -47.98
N ALA I 144 26.25 18.63 -47.46
CA ALA I 144 26.31 17.30 -46.86
C ALA I 144 25.24 17.12 -45.80
N SER I 145 24.96 18.18 -45.04
CA SER I 145 23.88 18.11 -44.05
C SER I 145 22.53 17.89 -44.73
N ALA I 146 22.28 18.60 -45.83
CA ALA I 146 20.98 18.50 -46.50
C ALA I 146 20.83 17.18 -47.25
N VAL I 147 21.90 16.71 -47.90
CA VAL I 147 21.80 15.52 -48.74
C VAL I 147 21.39 14.31 -47.89
N SER I 148 22.01 14.15 -46.73
CA SER I 148 21.78 12.99 -45.89
C SER I 148 20.68 13.20 -44.86
N SER I 149 20.08 14.39 -44.80
CA SER I 149 19.03 14.64 -43.82
C SER I 149 17.77 13.88 -44.17
N ARG I 150 17.14 13.30 -43.15
CA ARG I 150 15.87 12.59 -43.31
C ARG I 150 14.74 13.55 -42.90
N HIS I 151 14.38 14.42 -43.83
CA HIS I 151 13.39 15.48 -43.59
C HIS I 151 12.30 15.38 -44.66
N PRO I 152 11.36 14.46 -44.49
CA PRO I 152 10.19 14.41 -45.38
C PRO I 152 9.22 15.53 -45.03
N TRP I 153 8.15 15.63 -45.82
CA TRP I 153 7.13 16.64 -45.62
C TRP I 153 5.96 16.04 -44.86
N LYS I 154 5.61 16.65 -43.74
CA LYS I 154 4.51 16.18 -42.90
C LYS I 154 3.20 16.85 -43.31
N LEU I 155 2.11 16.34 -42.77
CA LEU I 155 0.78 16.83 -43.08
C LEU I 155 0.03 17.14 -41.80
N SER I 156 -0.86 18.14 -41.90
CA SER I 156 -1.76 18.48 -40.80
C SER I 156 -3.13 18.77 -41.38
N PHE I 157 -4.15 18.60 -40.55
CA PHE I 157 -5.54 18.64 -41.00
C PHE I 157 -6.32 19.72 -40.27
N LYS I 158 -7.16 20.43 -41.03
CA LYS I 158 -8.10 21.38 -40.47
C LYS I 158 -9.50 21.04 -40.98
N GLY I 159 -10.47 21.91 -40.73
CA GLY I 159 -11.82 21.72 -41.22
C GLY I 159 -12.76 21.17 -40.18
N SER I 160 -13.79 20.50 -40.66
CA SER I 160 -14.87 19.98 -39.82
C SER I 160 -14.73 18.48 -39.68
N PHE I 161 -14.73 18.01 -38.43
CA PHE I 161 -14.76 16.58 -38.13
C PHE I 161 -16.19 16.17 -37.78
N GLY I 162 -16.48 14.89 -37.96
CA GLY I 162 -17.81 14.38 -37.67
C GLY I 162 -17.95 13.98 -36.22
N ALA I 163 -18.26 12.72 -35.98
CA ALA I 163 -18.28 12.20 -34.61
C ALA I 163 -16.90 11.98 -34.06
N HIS I 164 -15.85 12.32 -34.82
CA HIS I 164 -14.48 12.15 -34.39
C HIS I 164 -13.98 13.31 -33.54
N ALA I 165 -14.76 14.37 -33.39
CA ALA I 165 -14.41 15.49 -32.52
C ALA I 165 -14.83 15.12 -31.10
N LEU I 166 -13.90 14.57 -30.33
CA LEU I 166 -14.18 13.98 -29.03
C LEU I 166 -13.42 14.73 -27.94
N SER I 167 -13.49 14.19 -26.73
CA SER I 167 -12.78 14.70 -25.56
C SER I 167 -12.08 13.53 -24.89
N PRO I 168 -11.15 13.81 -23.98
CA PRO I 168 -10.40 12.71 -23.34
C PRO I 168 -11.30 11.70 -22.65
N ARG I 169 -12.46 12.10 -22.15
CA ARG I 169 -13.36 11.16 -21.50
C ARG I 169 -14.07 10.27 -22.51
N THR I 170 -14.41 10.80 -23.68
CA THR I 170 -15.20 10.06 -24.66
C THR I 170 -14.36 9.10 -25.48
N LEU I 171 -13.04 9.13 -25.36
CA LEU I 171 -12.18 8.24 -26.15
C LEU I 171 -12.24 6.84 -25.56
N THR I 172 -12.83 5.92 -26.31
CA THR I 172 -12.94 4.52 -25.90
C THR I 172 -12.21 3.63 -26.90
N ALA I 173 -12.34 2.32 -26.72
CA ALA I 173 -11.61 1.37 -27.56
C ALA I 173 -12.15 1.31 -28.98
N GLN I 174 -13.35 1.83 -29.23
CA GLN I 174 -13.93 1.77 -30.57
C GLN I 174 -13.37 2.83 -31.50
N HIS I 175 -12.60 3.78 -30.99
CA HIS I 175 -12.04 4.85 -31.80
C HIS I 175 -10.56 4.64 -32.13
N LEU I 176 -10.02 3.46 -31.84
CA LEU I 176 -8.63 3.20 -32.12
C LEU I 176 -8.38 3.12 -33.62
N ASN I 177 -7.16 3.46 -34.02
CA ASN I 177 -6.77 3.46 -35.43
C ASN I 177 -7.66 4.40 -36.25
N LYS I 178 -8.03 5.54 -35.65
CA LYS I 178 -8.85 6.54 -36.31
C LYS I 178 -8.30 7.91 -36.02
N LEU I 179 -8.53 8.85 -36.93
CA LEU I 179 -8.10 10.23 -36.76
C LEU I 179 -9.13 10.97 -35.93
N VAL I 180 -8.69 11.58 -34.82
CA VAL I 180 -9.58 12.23 -33.87
C VAL I 180 -9.04 13.61 -33.55
N SER I 181 -9.92 14.44 -32.99
CA SER I 181 -9.57 15.79 -32.54
C SER I 181 -9.95 15.90 -31.07
N VAL I 182 -8.96 16.03 -30.20
CA VAL I 182 -9.15 16.06 -28.76
C VAL I 182 -8.92 17.48 -28.27
N GLU I 183 -9.85 17.98 -27.45
CA GLU I 183 -9.76 19.31 -26.87
C GLU I 183 -9.70 19.18 -25.35
N GLY I 184 -8.75 19.86 -24.73
CA GLY I 184 -8.59 19.75 -23.30
C GLY I 184 -7.57 20.73 -22.76
N ILE I 185 -7.05 20.42 -21.59
CA ILE I 185 -6.11 21.28 -20.86
C ILE I 185 -4.82 20.50 -20.66
N VAL I 186 -3.70 21.16 -20.90
CA VAL I 186 -2.39 20.55 -20.69
C VAL I 186 -2.06 20.59 -19.21
N THR I 187 -1.66 19.45 -18.65
CA THR I 187 -1.28 19.35 -17.25
C THR I 187 0.19 18.98 -17.08
N LYS I 188 0.74 18.11 -17.93
CA LYS I 188 2.13 17.72 -17.88
C LYS I 188 2.79 18.01 -19.22
N THR I 189 4.11 18.20 -19.17
CA THR I 189 4.89 18.48 -20.38
C THR I 189 6.30 17.95 -20.15
N SER I 190 6.58 16.78 -20.71
CA SER I 190 7.90 16.17 -20.53
C SER I 190 8.97 17.00 -21.24
N LEU I 191 10.22 16.70 -20.91
CA LEU I 191 11.34 17.44 -21.47
C LEU I 191 11.51 17.10 -22.95
N VAL I 192 12.11 18.03 -23.68
CA VAL I 192 12.40 17.82 -25.09
C VAL I 192 13.69 17.03 -25.22
N ARG I 193 13.63 15.91 -25.94
CA ARG I 193 14.77 15.02 -26.09
C ARG I 193 14.96 14.68 -27.56
N PRO I 194 16.20 14.47 -28.01
CA PRO I 194 16.42 14.06 -29.39
C PRO I 194 16.17 12.57 -29.59
N LYS I 195 15.71 12.23 -30.79
CA LYS I 195 15.40 10.85 -31.15
C LYS I 195 16.14 10.50 -32.43
N LEU I 196 16.79 9.34 -32.44
CA LEU I 196 17.61 8.92 -33.57
C LEU I 196 16.73 8.25 -34.62
N ILE I 197 16.85 8.70 -35.88
CA ILE I 197 16.12 8.13 -36.99
C ILE I 197 17.01 7.80 -38.17
N ARG I 198 18.29 8.16 -38.14
CA ARG I 198 19.21 7.82 -39.21
C ARG I 198 20.63 8.10 -38.72
N SER I 199 21.54 7.17 -39.02
CA SER I 199 22.95 7.29 -38.68
C SER I 199 23.77 7.08 -39.93
N VAL I 200 24.72 7.98 -40.19
CA VAL I 200 25.59 7.92 -41.37
C VAL I 200 27.00 7.64 -40.88
N HIS I 201 27.63 6.63 -41.48
CA HIS I 201 28.99 6.22 -41.13
C HIS I 201 29.91 6.39 -42.32
N TYR I 202 31.21 6.40 -42.04
CA TYR I 202 32.24 6.59 -43.04
C TYR I 202 33.26 5.47 -42.94
N ALA I 203 33.58 4.86 -44.07
CA ALA I 203 34.57 3.79 -44.16
C ALA I 203 35.81 4.35 -44.84
N ALA I 204 36.87 4.57 -44.06
CA ALA I 204 38.07 5.20 -44.59
C ALA I 204 38.71 4.35 -45.68
N LYS I 205 38.79 3.04 -45.47
CA LYS I 205 39.49 2.18 -46.43
C LYS I 205 38.84 2.24 -47.80
N THR I 206 37.53 2.02 -47.87
CA THR I 206 36.82 2.07 -49.14
C THR I 206 36.40 3.48 -49.53
N GLY I 207 36.47 4.43 -48.60
CA GLY I 207 36.12 5.80 -48.93
C GLY I 207 34.68 5.98 -49.38
N ARG I 208 33.74 5.33 -48.69
CA ARG I 208 32.33 5.43 -49.04
C ARG I 208 31.52 5.69 -47.77
N PHE I 209 30.43 6.42 -47.94
CA PHE I 209 29.54 6.78 -46.84
C PHE I 209 28.37 5.79 -46.80
N HIS I 210 28.19 5.14 -45.66
CA HIS I 210 27.07 4.24 -45.45
C HIS I 210 26.04 4.88 -44.53
N TYR I 211 24.82 4.36 -44.57
CA TYR I 211 23.75 4.90 -43.73
C TYR I 211 22.81 3.77 -43.33
N ARG I 212 22.04 4.01 -42.28
CA ARG I 212 21.12 3.03 -41.74
C ARG I 212 19.95 3.77 -41.10
N ASP I 213 18.75 3.23 -41.26
CA ASP I 213 17.53 3.86 -40.77
C ASP I 213 16.94 3.06 -39.61
N TYR I 214 16.46 3.77 -38.61
CA TYR I 214 15.85 3.18 -37.43
C TYR I 214 14.35 3.47 -37.41
N THR I 215 13.62 2.72 -36.60
CA THR I 215 12.18 2.83 -36.52
C THR I 215 11.71 2.52 -35.11
N ASP I 216 10.64 3.17 -34.68
CA ASP I 216 10.06 2.97 -33.36
C ASP I 216 8.55 3.05 -33.46
N ALA I 217 7.88 2.46 -32.47
CA ALA I 217 6.42 2.40 -32.50
C ALA I 217 5.79 3.78 -32.46
N THR I 218 6.46 4.75 -31.85
CA THR I 218 5.93 6.09 -31.68
C THR I 218 6.32 7.03 -32.82
N THR I 219 6.99 6.53 -33.86
CA THR I 219 7.45 7.35 -34.97
C THR I 219 6.75 7.07 -36.29
N THR I 220 6.15 5.90 -36.46
CA THR I 220 5.50 5.53 -37.71
C THR I 220 4.09 5.02 -37.42
N LEU I 221 3.14 5.40 -38.29
CA LEU I 221 1.78 4.90 -38.16
C LEU I 221 1.70 3.41 -38.50
N THR I 222 2.52 2.94 -39.44
CA THR I 222 2.52 1.55 -39.85
C THR I 222 3.62 0.81 -39.10
N THR I 223 3.27 -0.35 -38.55
CA THR I 223 4.18 -1.09 -37.70
C THR I 223 5.27 -1.78 -38.52
N ARG I 224 6.47 -1.84 -37.94
CA ARG I 224 7.60 -2.54 -38.52
C ARG I 224 8.37 -3.21 -37.40
N ILE I 225 9.39 -3.98 -37.76
CA ILE I 225 10.21 -4.68 -36.78
C ILE I 225 11.07 -3.65 -36.05
N PRO I 226 11.03 -3.60 -34.72
CA PRO I 226 11.84 -2.60 -34.01
C PRO I 226 13.31 -2.72 -34.35
N THR I 227 13.98 -1.57 -34.49
CA THR I 227 15.40 -1.51 -34.80
C THR I 227 16.15 -0.98 -33.58
N PRO I 228 16.92 -1.81 -32.87
CA PRO I 228 17.60 -1.33 -31.67
C PRO I 228 18.63 -0.25 -32.00
N ALA I 229 18.83 0.66 -31.07
CA ALA I 229 19.73 1.80 -31.26
C ALA I 229 21.18 1.39 -30.99
N ILE I 230 21.68 0.53 -31.87
CA ILE I 230 23.07 0.08 -31.84
C ILE I 230 23.73 0.53 -33.14
N TYR I 231 24.73 1.38 -33.03
CA TYR I 231 25.38 1.92 -34.21
C TYR I 231 26.16 0.81 -34.92
N PRO I 232 26.01 0.64 -36.23
CA PRO I 232 26.88 -0.31 -36.94
C PRO I 232 28.35 0.02 -36.72
N THR I 233 29.14 -1.02 -36.49
CA THR I 233 30.56 -0.86 -36.18
C THR I 233 31.48 -1.31 -37.30
N GLU I 234 31.07 -2.28 -38.11
CA GLU I 234 31.89 -2.77 -39.21
C GLU I 234 31.03 -2.91 -40.45
N ASP I 235 31.66 -2.70 -41.60
CA ASP I 235 30.97 -2.81 -42.88
C ASP I 235 30.69 -4.28 -43.21
N THR I 236 29.81 -4.49 -44.20
CA THR I 236 29.50 -5.85 -44.63
C THR I 236 30.77 -6.56 -45.12
N GLU I 237 31.62 -5.84 -45.84
CA GLU I 237 32.89 -6.41 -46.29
C GLU I 237 33.89 -6.58 -45.17
N GLY I 238 33.61 -6.04 -43.98
CA GLY I 238 34.49 -6.18 -42.84
C GLY I 238 35.28 -4.94 -42.48
N ASN I 239 35.25 -3.91 -43.33
CA ASN I 239 35.99 -2.68 -43.03
C ASN I 239 35.38 -1.98 -41.82
N LYS I 240 36.25 -1.41 -41.00
CA LYS I 240 35.80 -0.71 -39.80
C LYS I 240 35.16 0.63 -40.17
N LEU I 241 34.08 0.97 -39.47
CA LEU I 241 33.31 2.18 -39.73
C LEU I 241 33.48 3.17 -38.59
N THR I 242 33.35 4.45 -38.92
CA THR I 242 33.39 5.53 -37.94
C THR I 242 32.14 6.38 -38.11
N THR I 243 31.39 6.56 -37.01
CA THR I 243 30.14 7.31 -37.07
C THR I 243 30.42 8.78 -37.37
N GLU I 244 29.65 9.33 -38.32
CA GLU I 244 29.71 10.75 -38.65
C GLU I 244 28.51 11.42 -37.98
N TYR I 245 28.75 12.04 -36.83
CA TYR I 245 27.67 12.56 -36.02
C TYR I 245 27.01 13.77 -36.67
N GLY I 246 27.78 14.60 -37.38
CA GLY I 246 27.22 15.80 -37.96
C GLY I 246 26.28 15.55 -39.12
N TYR I 247 26.40 14.41 -39.79
CA TYR I 247 25.58 14.08 -40.94
C TYR I 247 24.44 13.13 -40.61
N SER I 248 24.27 12.76 -39.35
CA SER I 248 23.13 11.94 -38.96
C SER I 248 21.87 12.81 -38.90
N THR I 249 20.78 12.21 -38.44
CA THR I 249 19.51 12.91 -38.35
C THR I 249 18.84 12.57 -37.03
N PHE I 250 18.61 13.59 -36.20
CA PHE I 250 17.92 13.45 -34.93
C PHE I 250 16.72 14.39 -34.93
N ILE I 251 15.58 13.90 -34.46
CA ILE I 251 14.37 14.71 -34.32
C ILE I 251 14.00 14.79 -32.85
N ASP I 252 13.30 15.85 -32.50
CA ASP I 252 12.90 16.06 -31.12
C ASP I 252 11.71 15.17 -30.77
N HIS I 253 11.44 15.07 -29.47
CA HIS I 253 10.37 14.21 -28.99
C HIS I 253 9.88 14.75 -27.66
N GLN I 254 8.55 14.87 -27.51
CA GLN I 254 7.96 15.38 -26.29
C GLN I 254 6.63 14.68 -26.05
N ARG I 255 6.38 14.29 -24.82
CA ARG I 255 5.13 13.66 -24.41
C ARG I 255 4.39 14.61 -23.48
N ILE I 256 3.14 14.92 -23.80
CA ILE I 256 2.30 15.77 -22.98
C ILE I 256 1.02 15.03 -22.65
N THR I 257 0.37 15.47 -21.57
CA THR I 257 -0.86 14.86 -21.09
C THR I 257 -1.96 15.93 -21.13
N VAL I 258 -3.04 15.63 -21.83
CA VAL I 258 -4.18 16.54 -21.97
C VAL I 258 -5.28 16.08 -21.04
N GLN I 259 -5.84 17.01 -20.27
CA GLN I 259 -6.87 16.72 -19.28
C GLN I 259 -8.20 17.31 -19.72
N GLU I 260 -9.28 16.60 -19.44
CA GLU I 260 -10.61 17.06 -19.82
C GLU I 260 -10.91 18.40 -19.18
N MET I 261 -11.63 19.25 -19.90
CA MET I 261 -12.01 20.55 -19.36
C MET I 261 -12.87 20.35 -18.11
N PRO I 262 -12.61 21.07 -17.01
CA PRO I 262 -13.36 20.79 -15.77
C PRO I 262 -14.87 20.91 -15.95
N GLU I 263 -15.34 21.88 -16.73
CA GLU I 263 -16.78 22.09 -16.85
C GLU I 263 -17.48 20.87 -17.43
N MET I 264 -16.89 20.27 -18.48
CA MET I 264 -17.52 19.11 -19.11
C MET I 264 -17.52 17.88 -18.22
N ALA I 265 -16.76 17.88 -17.13
CA ALA I 265 -16.69 16.70 -16.28
C ALA I 265 -18.06 16.41 -15.67
N PRO I 266 -18.57 15.19 -15.77
CA PRO I 266 -19.85 14.87 -15.11
C PRO I 266 -19.75 15.04 -13.60
N ALA I 267 -20.87 15.40 -12.99
CA ALA I 267 -20.91 15.60 -11.56
C ALA I 267 -20.49 14.34 -10.83
N GLY I 268 -19.64 14.51 -9.81
CA GLY I 268 -19.15 13.38 -9.04
C GLY I 268 -18.26 12.44 -9.83
N GLN I 269 -17.38 12.98 -10.66
CA GLN I 269 -16.44 12.18 -11.44
C GLN I 269 -15.13 12.94 -11.58
N LEU I 270 -14.02 12.24 -11.39
CA LEU I 270 -12.71 12.85 -11.55
C LEU I 270 -12.35 12.97 -13.03
N PRO I 271 -11.56 13.97 -13.39
CA PRO I 271 -11.21 14.14 -14.80
C PRO I 271 -10.34 13.01 -15.32
N ARG I 272 -10.48 12.73 -16.62
CA ARG I 272 -9.68 11.73 -17.30
C ARG I 272 -8.70 12.42 -18.25
N SER I 273 -7.57 11.78 -18.48
CA SER I 273 -6.49 12.35 -19.28
C SER I 273 -5.98 11.33 -20.28
N ILE I 274 -5.42 11.84 -21.38
CA ILE I 274 -4.86 11.02 -22.45
C ILE I 274 -3.50 11.58 -22.82
N ASP I 275 -2.53 10.69 -23.03
CA ASP I 275 -1.18 11.11 -23.39
C ASP I 275 -1.09 11.41 -24.89
N VAL I 276 -0.24 12.37 -25.22
CA VAL I 276 -0.03 12.78 -26.61
C VAL I 276 1.47 12.84 -26.87
N ILE I 277 1.88 12.40 -28.06
CA ILE I 277 3.28 12.41 -28.47
C ILE I 277 3.42 13.38 -29.63
N LEU I 278 4.39 14.30 -29.52
CA LEU I 278 4.67 15.28 -30.55
C LEU I 278 6.14 15.17 -30.95
N ASP I 279 6.41 15.34 -32.24
CA ASP I 279 7.75 15.18 -32.77
C ASP I 279 8.09 16.32 -33.73
N ASP I 280 9.37 16.64 -33.79
CA ASP I 280 9.91 17.59 -34.76
C ASP I 280 9.45 19.03 -34.45
N ASP I 281 8.82 19.70 -35.42
CA ASP I 281 8.50 21.11 -35.24
C ASP I 281 7.49 21.34 -34.12
N LEU I 282 6.53 20.44 -33.96
CA LEU I 282 5.52 20.60 -32.93
C LEU I 282 6.05 20.12 -31.58
N VAL I 283 7.21 20.64 -31.16
CA VAL I 283 7.87 20.13 -29.96
C VAL I 283 7.61 21.06 -28.79
N ASP I 284 7.90 22.36 -28.96
CA ASP I 284 7.71 23.36 -27.92
C ASP I 284 6.65 24.34 -28.40
N LYS I 285 5.38 23.99 -28.18
CA LYS I 285 4.27 24.83 -28.57
C LYS I 285 3.19 24.96 -27.51
N THR I 286 3.26 24.18 -26.43
CA THR I 286 2.26 24.23 -25.37
C THR I 286 2.95 24.23 -24.01
N LYS I 287 2.28 24.84 -23.04
CA LYS I 287 2.76 24.89 -21.67
C LYS I 287 1.64 24.46 -20.73
N PRO I 288 1.97 23.97 -19.54
CA PRO I 288 0.92 23.46 -18.64
C PRO I 288 -0.13 24.53 -18.37
N GLY I 289 -1.39 24.10 -18.34
CA GLY I 289 -2.51 24.97 -18.10
C GLY I 289 -3.16 25.55 -19.35
N ASP I 290 -2.48 25.49 -20.49
CA ASP I 290 -3.04 26.03 -21.72
C ASP I 290 -4.15 25.11 -22.24
N ARG I 291 -5.06 25.70 -23.02
CA ARG I 291 -6.14 24.96 -23.66
C ARG I 291 -5.78 24.74 -25.12
N VAL I 292 -5.81 23.48 -25.54
CA VAL I 292 -5.37 23.10 -26.88
C VAL I 292 -6.40 22.20 -27.53
N ASN I 293 -6.30 22.09 -28.85
CA ASN I 293 -7.12 21.18 -29.65
C ASN I 293 -6.17 20.37 -30.53
N VAL I 294 -5.81 19.18 -30.06
CA VAL I 294 -4.79 18.35 -30.71
C VAL I 294 -5.48 17.37 -31.64
N VAL I 295 -4.98 17.29 -32.87
CA VAL I 295 -5.45 16.33 -33.86
C VAL I 295 -4.37 15.28 -34.04
N GLY I 296 -4.76 14.01 -33.98
CA GLY I 296 -3.79 12.93 -34.09
C GLY I 296 -4.50 11.61 -34.33
N VAL I 297 -3.71 10.56 -34.38
CA VAL I 297 -4.19 9.20 -34.64
C VAL I 297 -4.14 8.43 -33.32
N PHE I 298 -5.30 7.95 -32.88
CA PHE I 298 -5.36 7.15 -31.66
C PHE I 298 -4.78 5.77 -31.94
N LYS I 299 -3.85 5.33 -31.09
CA LYS I 299 -3.10 4.09 -31.31
C LYS I 299 -2.97 3.33 -30.00
N SER I 300 -2.61 2.05 -30.12
CA SER I 300 -2.32 1.19 -28.99
C SER I 300 -0.90 0.65 -29.13
N LEU I 301 -0.16 0.66 -28.03
CA LEU I 301 1.26 0.33 -28.04
C LEU I 301 1.55 -0.79 -27.04
N GLY I 302 2.66 -1.49 -27.29
CA GLY I 302 3.15 -2.48 -26.36
C GLY I 302 2.42 -3.80 -26.44
N ALA I 303 2.94 -4.78 -25.71
CA ALA I 303 2.31 -6.09 -25.64
C ALA I 303 1.08 -6.07 -24.73
N GLY I 304 1.05 -5.17 -23.76
CA GLY I 304 -0.11 -5.05 -22.88
C GLY I 304 -0.39 -6.31 -22.09
N GLY I 305 0.66 -6.98 -21.63
CA GLY I 305 0.50 -8.19 -20.83
C GLY I 305 0.25 -9.45 -21.62
N MET I 306 0.07 -9.35 -22.94
CA MET I 306 -0.16 -10.54 -23.75
C MET I 306 1.05 -11.45 -23.80
N ASN I 307 2.25 -10.90 -23.61
CA ASN I 307 3.46 -11.71 -23.61
C ASN I 307 3.50 -12.59 -22.36
N GLN I 308 4.06 -13.79 -22.52
CA GLN I 308 4.07 -14.77 -21.43
C GLN I 308 4.82 -14.28 -20.20
N SER I 309 5.72 -13.31 -20.35
CA SER I 309 6.48 -12.82 -19.21
C SER I 309 5.55 -12.23 -18.15
N ASN I 310 4.58 -11.43 -18.58
CA ASN I 310 3.63 -10.84 -17.64
C ASN I 310 2.67 -11.90 -17.13
N SER I 311 2.12 -11.64 -15.94
CA SER I 311 1.21 -12.58 -15.28
C SER I 311 -0.08 -11.93 -14.78
N ASN I 312 -0.24 -10.61 -14.94
CA ASN I 312 -1.45 -9.97 -14.46
C ASN I 312 -2.68 -10.52 -15.19
N THR I 313 -2.62 -10.61 -16.51
CA THR I 313 -3.67 -11.19 -17.35
C THR I 313 -5.00 -10.44 -17.26
N LEU I 314 -5.02 -9.27 -16.61
CA LEU I 314 -6.23 -8.46 -16.52
C LEU I 314 -6.04 -7.05 -17.06
N ILE I 315 -4.88 -6.44 -16.84
CA ILE I 315 -4.65 -5.09 -17.31
C ILE I 315 -4.67 -5.06 -18.84
N GLY I 316 -5.06 -3.91 -19.40
CA GLY I 316 -5.17 -3.74 -20.82
C GLY I 316 -3.95 -3.09 -21.44
N PHE I 317 -4.07 -2.80 -22.73
CA PHE I 317 -2.97 -2.20 -23.49
C PHE I 317 -2.85 -0.72 -23.18
N LYS I 318 -1.72 -0.15 -23.59
CA LYS I 318 -1.44 1.27 -23.39
C LYS I 318 -1.81 2.02 -24.67
N THR I 319 -2.60 3.07 -24.53
CA THR I 319 -3.12 3.84 -25.65
C THR I 319 -2.73 5.31 -25.50
N LEU I 320 -2.27 5.88 -26.60
CA LEU I 320 -1.85 7.30 -26.65
C LEU I 320 -2.37 7.91 -27.95
N ILE I 321 -2.01 9.13 -28.27
CA ILE I 321 -2.33 9.81 -29.52
C ILE I 321 -1.03 10.29 -30.15
N LEU I 322 -0.88 10.02 -31.44
CA LEU I 322 0.25 10.53 -32.23
C LEU I 322 -0.16 11.87 -32.81
N GLY I 323 0.31 12.96 -32.21
CA GLY I 323 -0.15 14.27 -32.60
C GLY I 323 0.20 14.58 -34.04
N ASN I 324 -0.74 15.24 -34.73
CA ASN I 324 -0.52 15.79 -36.06
C ASN I 324 -0.43 17.31 -36.07
N THR I 325 -1.22 17.98 -35.23
CA THR I 325 -1.15 19.42 -35.09
C THR I 325 -1.77 19.82 -33.76
N VAL I 326 -1.46 21.03 -33.32
CA VAL I 326 -1.97 21.58 -32.08
C VAL I 326 -2.52 22.97 -32.37
N TYR I 327 -3.76 23.21 -31.96
CA TYR I 327 -4.43 24.50 -32.16
C TYR I 327 -4.67 25.15 -30.81
N PRO I 328 -3.99 26.24 -30.46
CA PRO I 328 -4.24 26.88 -29.16
C PRO I 328 -5.67 27.38 -29.06
N LEU I 329 -6.20 27.33 -27.84
CA LEU I 329 -7.54 27.83 -27.56
C LEU I 329 -7.48 29.00 -26.58
N ALA I 338 -0.97 41.25 -23.66
CA ALA I 338 0.47 41.40 -23.75
C ALA I 338 0.84 42.71 -24.42
N ARG I 339 0.84 42.73 -25.75
CA ARG I 339 1.19 43.92 -26.51
C ARG I 339 0.41 43.92 -27.81
N GLN I 340 0.01 45.12 -28.24
CA GLN I 340 -0.69 45.31 -29.51
C GLN I 340 0.18 46.19 -30.40
N MET I 341 0.60 45.65 -31.53
CA MET I 341 1.46 46.38 -32.46
C MET I 341 0.77 47.65 -32.95
N LEU I 342 1.31 48.81 -32.57
CA LEU I 342 0.72 50.07 -32.97
C LEU I 342 0.90 50.32 -34.47
N THR I 343 -0.13 50.82 -35.12
CA THR I 343 -0.10 51.12 -36.54
C THR I 343 0.31 52.57 -36.73
N ASP I 344 0.19 53.06 -37.97
CA ASP I 344 0.59 54.43 -38.27
C ASP I 344 -0.41 55.44 -37.72
N PHE I 345 -1.71 55.15 -37.86
CA PHE I 345 -2.73 56.11 -37.44
C PHE I 345 -3.10 55.98 -35.97
N ASP I 346 -2.75 54.88 -35.31
CA ASP I 346 -2.96 54.79 -33.87
C ASP I 346 -2.11 55.81 -33.13
N ILE I 347 -0.87 56.01 -33.58
CA ILE I 347 -0.01 57.04 -32.98
C ILE I 347 -0.62 58.42 -33.20
N ARG I 348 -1.18 58.66 -34.38
CA ARG I 348 -1.85 59.93 -34.64
C ARG I 348 -3.02 60.12 -33.68
N ASN I 349 -3.79 59.05 -33.45
CA ASN I 349 -4.92 59.14 -32.54
C ASN I 349 -4.46 59.45 -31.12
N ILE I 350 -3.41 58.78 -30.66
CA ILE I 350 -2.92 59.00 -29.30
C ILE I 350 -2.43 60.44 -29.16
N ASN I 351 -1.74 60.95 -30.18
CA ASN I 351 -1.32 62.35 -30.14
C ASN I 351 -2.52 63.28 -30.11
N LYS I 352 -3.55 62.98 -30.89
CA LYS I 352 -4.75 63.81 -30.91
C LYS I 352 -5.37 63.89 -29.52
N LEU I 353 -5.48 62.75 -28.83
CA LEU I 353 -6.00 62.77 -27.47
C LEU I 353 -5.07 63.53 -26.54
N SER I 354 -3.75 63.35 -26.70
CA SER I 354 -2.80 64.01 -25.80
C SER I 354 -2.92 65.52 -25.89
N LYS I 355 -3.09 66.06 -27.10
CA LYS I 355 -3.16 67.51 -27.24
C LYS I 355 -4.35 68.09 -26.48
N LYS I 356 -5.49 67.40 -26.48
CA LYS I 356 -6.66 67.87 -25.74
C LYS I 356 -6.30 68.12 -24.28
N LYS I 357 -6.53 69.33 -23.79
CA LYS I 357 -6.12 69.67 -22.44
C LYS I 357 -7.20 69.31 -21.43
N ASP I 358 -7.69 68.07 -21.52
CA ASP I 358 -8.52 67.48 -20.48
C ASP I 358 -8.29 65.98 -20.37
N ILE I 359 -7.26 65.46 -21.05
CA ILE I 359 -7.12 64.02 -21.25
C ILE I 359 -6.93 63.28 -19.93
N PHE I 360 -6.38 63.94 -18.92
CA PHE I 360 -6.12 63.25 -17.67
C PHE I 360 -7.41 62.73 -17.05
N ASP I 361 -8.45 63.58 -17.01
CA ASP I 361 -9.73 63.14 -16.48
C ASP I 361 -10.32 62.02 -17.32
N ILE I 362 -10.21 62.13 -18.65
CA ILE I 362 -10.77 61.11 -19.53
C ILE I 362 -10.13 59.77 -19.25
N LEU I 363 -8.79 59.72 -19.20
CA LEU I 363 -8.11 58.46 -18.94
C LEU I 363 -8.43 57.94 -17.54
N SER I 364 -8.44 58.84 -16.55
CA SER I 364 -8.68 58.40 -15.17
C SER I 364 -10.05 57.75 -15.03
N GLN I 365 -11.07 58.35 -15.64
CA GLN I 365 -12.42 57.87 -15.44
C GLN I 365 -12.84 56.82 -16.46
N SER I 366 -12.06 56.64 -17.53
CA SER I 366 -12.30 55.52 -18.44
C SER I 366 -12.08 54.20 -17.73
N LEU I 367 -11.03 54.10 -16.93
CA LEU I 367 -10.80 52.92 -16.11
C LEU I 367 -11.87 52.82 -15.04
N ALA I 368 -12.42 51.62 -14.87
CA ALA I 368 -13.44 51.37 -13.87
C ALA I 368 -14.55 52.43 -13.96
N PRO I 369 -15.25 52.51 -15.08
CA PRO I 369 -16.32 53.52 -15.19
C PRO I 369 -17.54 53.20 -14.34
N SER I 370 -17.77 51.93 -14.00
CA SER I 370 -18.95 51.58 -13.23
C SER I 370 -18.92 52.17 -11.84
N ILE I 371 -17.74 52.19 -11.20
CA ILE I 371 -17.66 52.55 -9.80
C ILE I 371 -18.06 54.00 -9.60
N TYR I 372 -18.89 54.24 -8.58
CA TYR I 372 -19.27 55.58 -8.17
C TYR I 372 -18.23 56.15 -7.21
N GLY I 373 -17.91 57.43 -7.39
CA GLY I 373 -16.98 58.08 -6.49
C GLY I 373 -15.58 57.52 -6.61
N HIS I 374 -14.78 57.82 -5.59
CA HIS I 374 -13.39 57.34 -5.52
C HIS I 374 -12.61 57.74 -6.77
N ASP I 375 -12.88 58.94 -7.28
CA ASP I 375 -12.22 59.39 -8.51
C ASP I 375 -10.72 59.58 -8.30
N HIS I 376 -10.32 60.12 -7.15
CA HIS I 376 -8.91 60.33 -6.89
C HIS I 376 -8.15 59.01 -6.90
N ILE I 377 -8.80 57.93 -6.43
CA ILE I 377 -8.16 56.62 -6.47
C ILE I 377 -7.93 56.18 -7.91
N LYS I 378 -8.90 56.42 -8.79
CA LYS I 378 -8.72 56.07 -10.20
C LYS I 378 -7.57 56.86 -10.81
N LYS I 379 -7.50 58.16 -10.51
CA LYS I 379 -6.40 58.98 -10.97
C LYS I 379 -5.06 58.41 -10.50
N ALA I 380 -4.96 58.09 -9.22
CA ALA I 380 -3.72 57.56 -8.66
C ALA I 380 -3.38 56.21 -9.26
N ILE I 381 -4.39 55.39 -9.57
CA ILE I 381 -4.14 54.07 -10.12
C ILE I 381 -3.58 54.20 -11.53
N LEU I 382 -4.12 55.11 -12.34
CA LEU I 382 -3.54 55.34 -13.65
C LEU I 382 -2.11 55.84 -13.52
N LEU I 383 -1.86 56.77 -12.60
CA LEU I 383 -0.50 57.28 -12.41
C LEU I 383 0.44 56.15 -12.02
N MET I 384 -0.01 55.24 -11.15
CA MET I 384 0.79 54.08 -10.80
C MET I 384 1.06 53.21 -12.03
N LEU I 385 0.02 52.95 -12.82
CA LEU I 385 0.18 52.11 -14.00
C LEU I 385 1.27 52.65 -14.91
N MET I 386 1.33 53.97 -15.09
CA MET I 386 2.34 54.51 -15.99
C MET I 386 3.67 54.76 -15.31
N GLY I 387 3.74 54.64 -13.98
CA GLY I 387 5.02 54.68 -13.27
C GLY I 387 5.84 55.93 -13.52
N GLY I 388 7.05 55.94 -12.97
CA GLY I 388 7.95 57.06 -13.15
C GLY I 388 9.33 56.59 -13.55
N VAL I 389 10.10 57.52 -14.12
CA VAL I 389 11.43 57.18 -14.61
C VAL I 389 12.27 56.64 -13.47
N GLU I 390 13.06 55.62 -13.76
CA GLU I 390 13.94 54.98 -12.78
C GLU I 390 15.37 55.42 -13.05
N LYS I 391 16.03 55.93 -12.01
CA LYS I 391 17.37 56.48 -12.14
C LYS I 391 18.40 55.50 -11.59
N ASN I 392 19.47 55.29 -12.36
CA ASN I 392 20.57 54.42 -11.97
C ASN I 392 21.84 55.27 -11.90
N LEU I 393 22.26 55.60 -10.69
CA LEU I 393 23.44 56.43 -10.50
C LEU I 393 24.72 55.64 -10.77
N GLU I 394 25.80 56.38 -11.04
CA GLU I 394 27.08 55.74 -11.32
C GLU I 394 27.63 54.99 -10.12
N ASN I 395 27.20 55.34 -8.90
CA ASN I 395 27.67 54.65 -7.70
C ASN I 395 26.97 53.31 -7.50
N GLY I 396 26.10 52.90 -8.41
CA GLY I 396 25.29 51.72 -8.23
C GLY I 396 24.01 51.96 -7.45
N SER I 397 23.80 53.17 -6.95
CA SER I 397 22.57 53.48 -6.23
C SER I 397 21.38 53.39 -7.18
N HIS I 398 20.24 52.94 -6.65
CA HIS I 398 19.05 52.66 -7.45
C HIS I 398 17.86 53.39 -6.80
N LEU I 399 17.53 54.57 -7.33
CA LEU I 399 16.40 55.33 -6.83
C LEU I 399 15.10 54.74 -7.36
N ARG I 400 14.25 54.28 -6.47
CA ARG I 400 13.01 53.63 -6.87
C ARG I 400 12.16 54.57 -7.72
N GLY I 401 11.57 54.03 -8.78
CA GLY I 401 10.74 54.80 -9.68
C GLY I 401 9.42 54.13 -9.98
N ASP I 402 8.87 53.41 -9.01
CA ASP I 402 7.60 52.72 -9.18
C ASP I 402 6.70 53.05 -8.00
N ILE I 403 5.52 53.60 -8.28
CA ILE I 403 4.61 54.02 -7.22
C ILE I 403 3.91 52.81 -6.63
N ASN I 404 3.51 52.93 -5.37
CA ASN I 404 2.76 51.91 -4.67
C ASN I 404 1.54 52.55 -4.01
N ILE I 405 0.46 51.78 -3.93
CA ILE I 405 -0.81 52.25 -3.38
C ILE I 405 -1.37 51.19 -2.45
N LEU I 406 -1.92 51.63 -1.32
CA LEU I 406 -2.59 50.75 -0.37
C LEU I 406 -3.97 51.29 -0.09
N MET I 407 -4.98 50.41 -0.17
CA MET I 407 -6.36 50.76 0.11
C MET I 407 -6.78 50.16 1.44
N VAL I 408 -7.35 50.99 2.31
CA VAL I 408 -7.95 50.55 3.57
C VAL I 408 -9.30 51.21 3.70
N GLY I 409 -10.32 50.41 4.01
CA GLY I 409 -11.66 50.95 4.14
C GLY I 409 -12.62 49.91 4.69
N ASP I 410 -13.82 50.39 5.01
CA ASP I 410 -14.87 49.53 5.53
C ASP I 410 -15.26 48.49 4.49
N PRO I 411 -16.07 47.50 4.84
CA PRO I 411 -16.48 46.50 3.85
C PRO I 411 -17.33 47.09 2.75
N SER I 412 -17.30 46.44 1.59
CA SER I 412 -18.16 46.77 0.46
C SER I 412 -17.92 48.21 -0.02
N THR I 413 -16.69 48.44 -0.52
CA THR I 413 -16.35 49.69 -1.18
C THR I 413 -15.66 49.43 -2.50
N ALA I 414 -15.97 48.29 -3.13
CA ALA I 414 -15.46 47.96 -4.46
C ALA I 414 -13.94 47.83 -4.49
N LYS I 415 -13.34 47.48 -3.36
CA LYS I 415 -11.90 47.24 -3.34
C LYS I 415 -11.54 46.11 -4.30
N SER I 416 -12.26 44.99 -4.21
CA SER I 416 -12.00 43.88 -5.12
C SER I 416 -12.33 44.27 -6.56
N GLN I 417 -13.34 45.11 -6.75
CA GLN I 417 -13.66 45.59 -8.09
C GLN I 417 -12.52 46.43 -8.67
N LEU I 418 -11.95 47.32 -7.85
CA LEU I 418 -10.81 48.10 -8.30
C LEU I 418 -9.62 47.19 -8.61
N LEU I 419 -9.39 46.19 -7.76
CA LEU I 419 -8.30 45.24 -8.02
C LEU I 419 -8.53 44.51 -9.35
N ARG I 420 -9.76 44.07 -9.59
CA ARG I 420 -10.07 43.38 -10.83
C ARG I 420 -9.85 44.30 -12.03
N PHE I 421 -10.27 45.56 -11.92
CA PHE I 421 -10.13 46.47 -13.06
C PHE I 421 -8.67 46.78 -13.35
N VAL I 422 -7.85 47.00 -12.31
CA VAL I 422 -6.43 47.21 -12.55
C VAL I 422 -5.79 45.95 -13.11
N LEU I 423 -6.25 44.78 -12.67
CA LEU I 423 -5.75 43.52 -13.22
C LEU I 423 -6.07 43.41 -14.71
N ASN I 424 -7.28 43.78 -15.10
CA ASN I 424 -7.68 43.68 -16.50
C ASN I 424 -6.96 44.71 -17.36
N THR I 425 -6.75 45.93 -16.84
CA THR I 425 -6.12 46.99 -17.61
C THR I 425 -4.60 46.98 -17.51
N ALA I 426 -4.03 46.25 -16.56
CA ALA I 426 -2.58 46.22 -16.40
C ALA I 426 -1.97 45.15 -17.31
N SER I 427 -0.80 45.46 -17.85
CA SER I 427 -0.11 44.51 -18.72
C SER I 427 0.24 43.24 -17.97
N LEU I 428 0.76 43.37 -16.75
CA LEU I 428 1.11 42.23 -15.91
C LEU I 428 0.45 42.40 -14.54
N ALA I 429 0.04 41.28 -13.96
CA ALA I 429 -0.62 41.32 -12.66
C ALA I 429 -0.78 39.89 -12.16
N ILE I 430 -0.72 39.73 -10.84
CA ILE I 430 -0.92 38.44 -10.18
C ILE I 430 -1.68 38.71 -8.89
N ALA I 431 -2.91 38.22 -8.80
CA ALA I 431 -3.77 38.47 -7.65
C ALA I 431 -3.57 37.40 -6.58
N THR I 432 -2.35 37.33 -6.07
CA THR I 432 -2.00 36.37 -5.02
C THR I 432 -2.42 36.97 -3.68
N THR I 433 -3.57 36.51 -3.18
CA THR I 433 -4.08 36.99 -1.91
C THR I 433 -3.08 36.72 -0.79
N GLY I 434 -3.03 37.62 0.18
CA GLY I 434 -2.10 37.49 1.29
C GLY I 434 -2.48 36.44 2.32
N ARG I 435 -3.69 35.89 2.24
CA ARG I 435 -4.15 34.88 3.19
C ARG I 435 -3.83 33.50 2.61
N GLY I 436 -2.75 32.89 3.09
CA GLY I 436 -2.38 31.56 2.65
C GLY I 436 -2.39 31.41 1.14
N SER I 437 -1.49 32.10 0.47
CA SER I 437 -1.49 32.13 -0.99
C SER I 437 -1.16 30.76 -1.57
N SER I 438 -2.11 29.83 -1.49
CA SER I 438 -1.91 28.53 -2.10
C SER I 438 -1.73 28.67 -3.61
N GLY I 439 -0.83 27.87 -4.16
CA GLY I 439 -0.48 27.98 -5.56
C GLY I 439 0.88 28.63 -5.74
N VAL I 440 0.90 29.90 -6.13
CA VAL I 440 2.13 30.68 -6.26
C VAL I 440 2.32 31.48 -4.97
N GLY I 441 3.47 31.31 -4.34
CA GLY I 441 3.75 32.05 -3.13
C GLY I 441 4.00 33.52 -3.39
N LEU I 442 3.86 34.31 -2.32
CA LEU I 442 4.06 35.75 -2.45
C LEU I 442 5.51 36.07 -2.79
N THR I 443 6.45 35.33 -2.21
CA THR I 443 7.87 35.52 -2.46
C THR I 443 8.53 34.17 -2.74
N ALA I 444 9.72 34.24 -3.34
CA ALA I 444 10.43 33.04 -3.73
C ALA I 444 10.80 32.20 -2.51
N ALA I 445 10.79 30.88 -2.69
CA ALA I 445 11.15 29.96 -1.61
C ALA I 445 11.51 28.62 -2.22
N VAL I 446 12.72 28.14 -1.94
CA VAL I 446 13.16 26.87 -2.50
C VAL I 446 12.29 25.75 -1.97
N THR I 447 12.21 24.66 -2.74
CA THR I 447 11.42 23.50 -2.37
C THR I 447 12.19 22.23 -2.70
N THR I 448 11.87 21.16 -1.98
CA THR I 448 12.51 19.87 -2.17
C THR I 448 11.45 18.77 -2.20
N ASP I 449 11.75 17.70 -2.92
CA ASP I 449 10.83 16.58 -3.01
C ASP I 449 10.81 15.79 -1.71
N ARG I 450 9.69 15.10 -1.46
CA ARG I 450 9.54 14.35 -0.23
C ARG I 450 10.57 13.24 -0.12
N GLU I 451 10.80 12.50 -1.21
CA GLU I 451 11.71 11.36 -1.21
C GLU I 451 13.00 11.64 -1.95
N THR I 452 12.92 12.17 -3.18
CA THR I 452 14.12 12.45 -3.96
C THR I 452 14.86 13.70 -3.49
N GLY I 453 14.19 14.57 -2.75
CA GLY I 453 14.83 15.79 -2.27
C GLY I 453 15.39 16.65 -3.38
N GLU I 454 14.60 16.85 -4.43
CA GLU I 454 15.04 17.63 -5.59
C GLU I 454 14.91 19.12 -5.28
N ARG I 455 16.02 19.74 -4.90
CA ARG I 455 16.01 21.17 -4.63
C ARG I 455 15.67 21.95 -5.90
N ARG I 456 14.92 23.03 -5.73
CA ARG I 456 14.54 23.89 -6.85
C ARG I 456 13.99 25.19 -6.30
N LEU I 457 14.39 26.31 -6.91
CA LEU I 457 13.96 27.63 -6.48
C LEU I 457 12.64 27.97 -7.15
N GLU I 458 11.56 27.97 -6.37
CA GLU I 458 10.22 28.27 -6.89
C GLU I 458 9.96 29.76 -6.74
N ALA I 459 9.79 30.45 -7.85
CA ALA I 459 9.57 31.89 -7.83
C ALA I 459 8.18 32.22 -7.30
N GLY I 460 8.11 33.27 -6.48
CA GLY I 460 6.87 33.75 -5.93
C GLY I 460 6.22 34.83 -6.78
N ALA I 461 5.15 35.41 -6.24
CA ALA I 461 4.40 36.41 -6.98
C ALA I 461 5.23 37.66 -7.24
N MET I 462 5.97 38.12 -6.24
CA MET I 462 6.73 39.36 -6.39
C MET I 462 7.77 39.23 -7.51
N VAL I 463 8.49 38.12 -7.53
CA VAL I 463 9.51 37.91 -8.55
C VAL I 463 8.89 37.78 -9.93
N LEU I 464 7.68 37.19 -10.03
CA LEU I 464 7.03 36.99 -11.32
C LEU I 464 6.34 38.25 -11.85
N ALA I 465 6.70 39.44 -11.36
CA ALA I 465 6.10 40.68 -11.82
C ALA I 465 7.17 41.72 -12.14
N ASP I 466 8.35 41.28 -12.58
CA ASP I 466 9.41 42.21 -12.89
C ASP I 466 8.96 43.19 -13.97
N ARG I 467 9.23 44.48 -13.73
CA ARG I 467 8.83 45.54 -14.66
C ARG I 467 7.34 45.50 -14.94
N GLY I 468 6.54 45.17 -13.94
CA GLY I 468 5.10 45.08 -14.10
C GLY I 468 4.34 45.56 -12.89
N VAL I 469 3.35 44.77 -12.46
CA VAL I 469 2.53 45.12 -11.30
C VAL I 469 2.10 43.84 -10.62
N VAL I 470 1.93 43.91 -9.30
CA VAL I 470 1.41 42.81 -8.51
C VAL I 470 0.26 43.36 -7.66
N CYS I 471 -0.91 42.73 -7.79
CA CYS I 471 -2.12 43.20 -7.10
C CYS I 471 -2.43 42.26 -5.95
N ILE I 472 -1.80 42.54 -4.81
CA ILE I 472 -2.08 41.75 -3.61
C ILE I 472 -3.50 42.02 -3.15
N ASP I 473 -4.08 41.04 -2.47
CA ASP I 473 -5.43 41.14 -1.93
C ASP I 473 -5.43 40.75 -0.46
N GLU I 474 -6.27 41.42 0.31
CA GLU I 474 -6.38 41.18 1.75
C GLU I 474 -5.01 41.24 2.42
N PHE I 475 -4.41 42.43 2.34
CA PHE I 475 -3.07 42.63 2.90
C PHE I 475 -3.03 42.44 4.41
N ASP I 476 -4.17 42.46 5.07
CA ASP I 476 -4.23 42.36 6.53
C ASP I 476 -4.13 40.93 7.04
N LYS I 477 -4.11 39.93 6.16
CA LYS I 477 -4.07 38.53 6.56
C LYS I 477 -2.66 37.94 6.45
N MET I 478 -1.65 38.77 6.28
CA MET I 478 -0.30 38.27 6.04
C MET I 478 0.32 37.73 7.31
N THR I 479 1.10 36.67 7.16
CA THR I 479 1.83 36.07 8.27
C THR I 479 3.22 36.71 8.38
N ASP I 480 3.82 36.58 9.56
CA ASP I 480 5.09 37.27 9.84
C ASP I 480 6.13 36.95 8.78
N VAL I 481 6.16 35.70 8.29
CA VAL I 481 7.13 35.35 7.26
C VAL I 481 6.93 36.22 6.02
N ASP I 482 5.68 36.35 5.59
CA ASP I 482 5.38 37.17 4.42
C ASP I 482 5.71 38.64 4.67
N ARG I 483 5.41 39.14 5.88
CA ARG I 483 5.73 40.53 6.19
C ARG I 483 7.23 40.78 6.09
N VAL I 484 8.03 39.91 6.70
CA VAL I 484 9.48 40.09 6.66
C VAL I 484 9.99 39.99 5.23
N ALA I 485 9.48 39.04 4.44
CA ALA I 485 9.91 38.91 3.06
C ALA I 485 9.57 40.17 2.26
N ILE I 486 8.34 40.67 2.41
CA ILE I 486 7.88 41.80 1.61
C ILE I 486 8.66 43.06 1.97
N HIS I 487 8.97 43.25 3.25
CA HIS I 487 9.74 44.42 3.63
C HIS I 487 11.05 44.47 2.85
N GLU I 488 11.81 43.38 2.88
CA GLU I 488 13.07 43.33 2.13
C GLU I 488 12.83 43.50 0.64
N VAL I 489 11.79 42.84 0.10
CA VAL I 489 11.57 42.88 -1.33
C VAL I 489 11.35 44.31 -1.80
N MET I 490 10.46 45.05 -1.13
CA MET I 490 10.21 46.43 -1.54
C MET I 490 11.41 47.32 -1.25
N GLU I 491 12.06 47.17 -0.09
CA GLU I 491 13.14 48.08 0.25
C GLU I 491 14.29 47.94 -0.74
N GLN I 492 14.64 46.72 -1.13
CA GLN I 492 15.79 46.47 -1.98
C GLN I 492 15.44 46.32 -3.45
N GLN I 493 14.19 46.00 -3.79
CA GLN I 493 13.71 45.77 -5.14
C GLN I 493 14.28 44.51 -5.77
N THR I 494 15.12 43.75 -5.05
CA THR I 494 15.68 42.52 -5.55
C THR I 494 15.72 41.49 -4.43
N VAL I 495 15.67 40.21 -4.80
CA VAL I 495 15.67 39.11 -3.86
C VAL I 495 16.92 38.27 -4.09
N THR I 496 17.69 38.04 -3.03
CA THR I 496 18.88 37.21 -3.08
C THR I 496 18.65 35.99 -2.21
N ILE I 497 18.61 34.81 -2.83
CA ILE I 497 18.37 33.56 -2.14
C ILE I 497 19.71 32.94 -1.79
N ALA I 498 19.90 32.58 -0.51
CA ALA I 498 21.13 31.97 -0.03
C ALA I 498 20.81 30.78 0.86
N LYS I 499 19.92 29.91 0.37
CA LYS I 499 19.43 28.78 1.14
C LYS I 499 19.65 27.48 0.37
N ALA I 500 19.79 26.39 1.12
CA ALA I 500 19.92 25.05 0.53
C ALA I 500 21.05 25.00 -0.50
N GLY I 501 22.17 25.63 -0.16
CA GLY I 501 23.31 25.64 -1.07
C GLY I 501 23.04 26.33 -2.38
N ILE I 502 22.05 27.20 -2.44
CA ILE I 502 21.69 27.95 -3.65
C ILE I 502 21.94 29.42 -3.39
N HIS I 503 22.78 30.03 -4.21
CA HIS I 503 23.11 31.45 -4.09
C HIS I 503 22.82 32.12 -5.42
N THR I 504 21.83 33.00 -5.44
CA THR I 504 21.44 33.68 -6.67
C THR I 504 20.70 34.96 -6.32
N THR I 505 20.60 35.85 -7.30
CA THR I 505 19.89 37.12 -7.17
C THR I 505 18.88 37.25 -8.29
N LEU I 506 17.64 37.59 -7.94
CA LEU I 506 16.56 37.72 -8.91
C LEU I 506 15.93 39.09 -8.76
N ASN I 507 15.82 39.82 -9.87
CA ASN I 507 15.24 41.15 -9.83
C ASN I 507 13.75 41.08 -9.48
N ALA I 508 13.27 42.13 -8.80
CA ALA I 508 11.87 42.21 -8.42
C ALA I 508 11.29 43.60 -8.67
N ARG I 509 11.86 44.37 -9.59
CA ARG I 509 11.38 45.71 -9.88
C ARG I 509 9.92 45.64 -10.33
N CYS I 510 9.02 46.22 -9.54
CA CYS I 510 7.59 46.17 -9.87
C CYS I 510 6.87 47.18 -9.00
N SER I 511 5.54 47.20 -9.13
CA SER I 511 4.67 48.08 -8.36
C SER I 511 3.63 47.23 -7.64
N VAL I 512 3.26 47.65 -6.42
CA VAL I 512 2.40 46.87 -5.55
C VAL I 512 1.15 47.68 -5.23
N ILE I 513 -0.01 47.07 -5.45
CA ILE I 513 -1.30 47.61 -5.01
C ILE I 513 -1.98 46.55 -4.16
N ALA I 514 -2.46 46.94 -2.98
CA ALA I 514 -3.04 46.00 -2.05
C ALA I 514 -4.21 46.64 -1.33
N ALA I 515 -5.11 45.79 -0.83
CA ALA I 515 -6.25 46.22 -0.03
C ALA I 515 -6.16 45.57 1.35
N ALA I 516 -6.59 46.31 2.37
CA ALA I 516 -6.50 45.83 3.74
C ALA I 516 -7.68 46.36 4.53
N ASN I 517 -8.48 45.45 5.07
CA ASN I 517 -9.59 45.82 5.92
C ASN I 517 -9.10 46.20 7.31
N PRO I 518 -9.88 46.97 8.06
CA PRO I 518 -9.46 47.33 9.43
C PRO I 518 -9.37 46.12 10.34
N VAL I 519 -8.93 46.34 11.58
CA VAL I 519 -8.80 45.24 12.53
C VAL I 519 -10.10 44.96 13.28
N PHE I 520 -10.92 46.00 13.51
CA PHE I 520 -12.18 45.84 14.21
C PHE I 520 -13.36 45.73 13.24
N GLY I 521 -13.10 45.59 11.95
CA GLY I 521 -14.15 45.43 10.97
C GLY I 521 -14.75 46.72 10.45
N GLN I 522 -14.33 47.85 10.99
CA GLN I 522 -14.88 49.17 10.59
C GLN I 522 -13.84 50.25 10.85
N TYR I 523 -13.74 51.22 9.96
CA TYR I 523 -12.72 52.27 10.08
C TYR I 523 -13.17 53.32 11.09
N ASP I 524 -12.29 53.64 12.03
CA ASP I 524 -12.55 54.66 13.03
C ASP I 524 -11.83 55.94 12.64
N VAL I 525 -12.59 57.03 12.48
CA VAL I 525 -11.99 58.29 12.07
C VAL I 525 -11.10 58.86 13.18
N ASN I 526 -11.51 58.68 14.43
CA ASN I 526 -10.77 59.27 15.54
C ASN I 526 -9.34 58.75 15.62
N ARG I 527 -9.08 57.57 15.07
CA ARG I 527 -7.75 56.96 15.11
C ARG I 527 -7.01 57.22 13.80
N ASP I 528 -5.68 57.17 13.88
CA ASP I 528 -4.86 57.33 12.70
C ASP I 528 -4.97 56.09 11.81
N PRO I 529 -4.72 56.23 10.52
CA PRO I 529 -4.75 55.03 9.65
C PRO I 529 -3.76 53.97 10.08
N HIS I 530 -2.63 54.37 10.67
CA HIS I 530 -1.68 53.41 11.19
C HIS I 530 -2.22 52.64 12.39
N GLN I 531 -3.28 53.13 13.03
CA GLN I 531 -3.92 52.40 14.12
C GLN I 531 -5.06 51.51 13.63
N ASN I 532 -5.82 51.97 12.64
CA ASN I 532 -6.87 51.13 12.06
C ASN I 532 -6.30 49.95 11.31
N ILE I 533 -5.06 50.04 10.86
CA ILE I 533 -4.33 48.89 10.32
C ILE I 533 -3.29 48.49 11.36
N ALA I 534 -2.95 47.20 11.38
CA ALA I 534 -2.04 46.69 12.39
C ALA I 534 -0.75 46.19 11.79
N LEU I 535 -0.18 46.94 10.84
CA LEU I 535 1.13 46.63 10.32
C LEU I 535 2.16 47.62 10.86
N PRO I 536 3.41 47.20 11.04
CA PRO I 536 4.42 48.12 11.56
C PRO I 536 4.72 49.23 10.57
N ASP I 537 5.26 50.33 11.10
CA ASP I 537 5.56 51.48 10.25
C ASP I 537 6.50 51.09 9.12
N SER I 538 7.31 50.05 9.30
CA SER I 538 8.23 49.64 8.24
C SER I 538 7.48 49.25 6.98
N LEU I 539 6.40 48.49 7.13
CA LEU I 539 5.64 48.05 5.96
C LEU I 539 4.86 49.19 5.34
N LEU I 540 4.18 50.00 6.16
CA LEU I 540 3.34 51.05 5.64
C LEU I 540 4.16 52.16 4.97
N SER I 541 5.35 52.43 5.50
CA SER I 541 6.18 53.50 4.93
C SER I 541 6.56 53.19 3.49
N ARG I 542 6.74 51.92 3.14
CA ARG I 542 7.13 51.57 1.78
C ARG I 542 6.06 52.01 0.78
N PHE I 543 4.79 51.82 1.12
CA PHE I 543 3.72 52.29 0.26
C PHE I 543 3.79 53.80 0.12
N ASP I 544 3.98 54.27 -1.11
CA ASP I 544 4.16 55.71 -1.34
C ASP I 544 2.91 56.49 -0.92
N LEU I 545 1.74 56.06 -1.37
CA LEU I 545 0.48 56.73 -1.08
C LEU I 545 -0.45 55.78 -0.35
N LEU I 546 -1.06 56.26 0.72
CA LEU I 546 -2.03 55.50 1.49
C LEU I 546 -3.38 56.19 1.39
N PHE I 547 -4.41 55.43 1.05
CA PHE I 547 -5.76 55.95 0.88
C PHE I 547 -6.68 55.31 1.90
N VAL I 548 -7.46 56.14 2.59
CA VAL I 548 -8.46 55.68 3.54
C VAL I 548 -9.84 56.02 2.96
N VAL I 549 -10.70 55.02 2.85
CA VAL I 549 -12.01 55.16 2.24
C VAL I 549 -13.05 54.58 3.18
N THR I 550 -14.15 55.31 3.36
CA THR I 550 -15.23 54.90 4.26
C THR I 550 -16.52 54.76 3.47
N ASP I 551 -17.38 53.85 3.93
CA ASP I 551 -18.67 53.60 3.32
C ASP I 551 -19.69 54.54 3.93
N ASP I 552 -20.10 55.56 3.17
CA ASP I 552 -21.10 56.53 3.61
C ASP I 552 -22.44 56.19 2.99
N ILE I 553 -23.51 56.43 3.73
CA ILE I 553 -24.86 56.07 3.32
C ILE I 553 -25.59 57.34 2.88
N ASN I 554 -25.94 57.41 1.60
CA ASN I 554 -26.74 58.48 1.04
C ASN I 554 -27.89 57.86 0.26
N GLU I 555 -29.10 58.38 0.48
CA GLU I 555 -30.29 57.75 -0.09
C GLU I 555 -30.15 57.58 -1.60
N ILE I 556 -29.82 58.67 -2.31
CA ILE I 556 -29.71 58.59 -3.77
C ILE I 556 -28.62 57.60 -4.17
N ARG I 557 -27.49 57.63 -3.46
CA ARG I 557 -26.43 56.67 -3.72
C ARG I 557 -26.92 55.25 -3.49
N ASP I 558 -27.70 55.03 -2.43
CA ASP I 558 -28.23 53.70 -2.16
C ASP I 558 -29.11 53.23 -3.30
N ARG I 559 -30.02 54.08 -3.78
CA ARG I 559 -30.88 53.69 -4.89
C ARG I 559 -30.05 53.37 -6.13
N SER I 560 -29.05 54.20 -6.43
CA SER I 560 -28.22 53.97 -7.61
C SER I 560 -27.52 52.62 -7.52
N ILE I 561 -26.85 52.36 -6.40
CA ILE I 561 -26.14 51.09 -6.25
C ILE I 561 -27.11 49.92 -6.33
N SER I 562 -28.25 50.03 -5.65
CA SER I 562 -29.23 48.95 -5.65
C SER I 562 -29.68 48.63 -7.06
N GLU I 563 -30.09 49.65 -7.82
CA GLU I 563 -30.59 49.42 -9.17
C GLU I 563 -29.49 48.85 -10.06
N HIS I 564 -28.27 49.37 -9.95
CA HIS I 564 -27.19 48.89 -10.79
C HIS I 564 -26.91 47.42 -10.51
N VAL I 565 -26.90 47.03 -9.24
CA VAL I 565 -26.67 45.62 -8.91
C VAL I 565 -27.84 44.76 -9.37
N LEU I 566 -29.07 45.29 -9.25
CA LEU I 566 -30.24 44.51 -9.62
C LEU I 566 -30.27 44.23 -11.12
N ARG I 567 -29.81 45.19 -11.94
CA ARG I 567 -29.91 45.03 -13.38
C ARG I 567 -29.32 43.70 -13.84
N THR I 568 -28.17 43.31 -13.30
CA THR I 568 -27.48 42.12 -13.78
C THR I 568 -28.32 40.86 -13.54
N HIS I 569 -28.96 40.76 -12.38
CA HIS I 569 -29.69 39.55 -12.04
C HIS I 569 -30.78 39.25 -13.06
N ARG I 570 -31.46 40.30 -13.53
CA ARG I 570 -32.58 40.16 -14.49
C ARG I 570 -31.91 40.06 -15.85
N TYR I 571 -30.66 40.51 -15.97
CA TYR I 571 -29.92 40.34 -17.23
C TYR I 571 -29.78 38.84 -17.36
N LEU I 572 -29.78 38.32 -18.57
CA LEU I 572 -29.87 36.86 -18.82
C LEU I 572 -28.84 36.37 -19.79
N PRO I 573 -28.65 35.03 -19.91
CA PRO I 573 -27.87 34.48 -21.00
C PRO I 573 -28.84 34.45 -22.19
N PRO I 574 -28.95 35.52 -23.02
CA PRO I 574 -29.75 35.46 -24.24
C PRO I 574 -29.35 34.24 -25.07
N GLY I 575 -30.32 33.47 -25.58
CA GLY I 575 -30.04 32.29 -26.43
C GLY I 575 -31.05 31.18 -26.23
N TYR I 576 -31.50 30.96 -25.00
CA TYR I 576 -32.50 29.90 -24.67
C TYR I 576 -33.67 30.54 -23.95
N LEU I 577 -34.82 29.86 -23.90
CA LEU I 577 -36.02 30.39 -23.21
C LEU I 577 -35.52 31.23 -22.03
N GLU I 578 -35.76 32.54 -22.06
CA GLU I 578 -35.24 33.47 -21.02
C GLU I 578 -35.46 32.89 -19.62
N GLY I 579 -34.42 32.86 -18.78
CA GLY I 579 -34.52 32.37 -17.40
C GLY I 579 -34.94 30.92 -17.31
N GLU I 580 -34.08 29.97 -17.68
CA GLU I 580 -34.38 28.51 -17.63
C GLU I 580 -33.09 27.76 -17.26
N PRO I 581 -33.05 26.42 -17.15
CA PRO I 581 -31.79 25.71 -16.90
C PRO I 581 -30.69 26.33 -17.78
N VAL I 582 -29.68 26.94 -17.16
CA VAL I 582 -28.60 27.67 -17.90
C VAL I 582 -27.44 26.72 -18.21
N ARG I 583 -26.87 26.78 -19.42
CA ARG I 583 -25.74 25.95 -19.82
C ARG I 583 -24.42 26.67 -19.57
N SER I 589 -11.55 28.87 -31.57
CA SER I 589 -11.25 29.87 -32.58
C SER I 589 -11.31 29.25 -33.98
N LEU I 590 -11.74 30.03 -34.96
CA LEU I 590 -11.85 29.53 -36.32
C LEU I 590 -10.47 29.32 -36.94
N ALA I 591 -9.52 30.20 -36.64
CA ALA I 591 -8.18 30.12 -37.20
C ALA I 591 -7.16 30.36 -36.09
N VAL I 592 -5.96 29.83 -36.30
CA VAL I 592 -4.87 29.95 -35.35
C VAL I 592 -3.73 30.81 -35.89
N GLY I 593 -3.44 30.69 -37.19
CA GLY I 593 -2.35 31.47 -37.76
C GLY I 593 -2.57 32.96 -37.64
N GLU I 594 -3.79 33.42 -37.91
CA GLU I 594 -4.11 34.84 -37.83
C GLU I 594 -3.25 35.66 -38.78
N GLU I 618 -15.70 57.53 -35.19
CA GLU I 618 -14.73 56.47 -34.93
C GLU I 618 -14.96 55.84 -33.55
N ASP I 619 -15.81 54.82 -33.51
CA ASP I 619 -16.09 54.12 -32.26
C ASP I 619 -14.92 53.28 -31.78
N HIS I 620 -13.90 53.09 -32.61
CA HIS I 620 -12.75 52.28 -32.19
C HIS I 620 -12.03 52.92 -31.00
N VAL I 621 -11.87 54.23 -31.03
CA VAL I 621 -11.15 54.93 -29.97
C VAL I 621 -12.10 55.31 -28.85
N PHE I 622 -13.12 56.09 -29.18
CA PHE I 622 -14.08 56.54 -28.17
C PHE I 622 -15.11 55.44 -27.91
N GLU I 623 -15.91 55.66 -26.86
CA GLU I 623 -16.91 54.69 -26.42
C GLU I 623 -18.28 55.35 -26.41
N LYS I 624 -19.26 54.67 -27.01
CA LYS I 624 -20.64 55.12 -26.94
C LYS I 624 -21.16 54.95 -25.52
N PHE I 625 -21.93 55.93 -25.06
CA PHE I 625 -22.41 55.91 -23.68
C PHE I 625 -23.35 54.73 -23.47
N ASN I 626 -23.18 54.07 -22.33
CA ASN I 626 -24.03 52.94 -21.95
C ASN I 626 -24.52 53.16 -20.51
N PRO I 627 -25.81 53.42 -20.31
CA PRO I 627 -26.29 53.60 -18.93
C PRO I 627 -26.06 52.39 -18.05
N LEU I 628 -26.09 51.18 -18.62
CA LEU I 628 -25.98 49.98 -17.82
C LEU I 628 -24.60 49.87 -17.16
N LEU I 629 -23.53 50.13 -17.94
CA LEU I 629 -22.17 49.93 -17.46
C LEU I 629 -21.59 51.19 -16.83
N GLN I 630 -21.51 52.28 -17.60
CA GLN I 630 -20.84 53.48 -17.12
C GLN I 630 -21.52 54.03 -15.88
N ALA I 631 -22.78 54.47 -16.02
CA ALA I 631 -23.54 54.94 -14.88
C ALA I 631 -22.84 56.10 -14.18
N GLY I 632 -22.07 55.78 -13.12
CA GLY I 632 -21.42 56.81 -12.35
C GLY I 632 -20.45 57.67 -13.13
N ALA I 633 -19.90 57.15 -14.22
CA ALA I 633 -18.98 57.93 -15.03
C ALA I 633 -19.63 59.24 -15.48
N LYS I 634 -20.94 59.23 -15.72
CA LYS I 634 -21.63 60.49 -16.02
C LYS I 634 -21.61 61.42 -14.82
N LEU I 635 -21.84 60.89 -13.62
CA LEU I 635 -21.75 61.72 -12.42
C LEU I 635 -20.37 62.33 -12.29
N ALA I 636 -19.33 61.61 -12.73
CA ALA I 636 -17.98 62.13 -12.64
C ALA I 636 -17.83 63.44 -13.40
N LYS I 637 -18.26 63.46 -14.66
CA LYS I 637 -18.19 64.70 -15.43
C LYS I 637 -19.19 65.72 -14.92
N ASN I 638 -20.30 65.26 -14.33
CA ASN I 638 -21.26 66.17 -13.72
C ASN I 638 -20.76 66.77 -12.41
N LYS I 639 -19.63 66.28 -11.89
CA LYS I 639 -19.04 66.80 -10.65
C LYS I 639 -19.97 66.54 -9.46
N GLY I 640 -20.40 65.29 -9.32
CA GLY I 640 -21.24 64.91 -8.21
C GLY I 640 -22.69 65.32 -8.34
N ASN I 641 -23.10 65.83 -9.50
CA ASN I 641 -24.47 66.27 -9.73
C ASN I 641 -25.22 65.18 -10.48
N TYR I 642 -26.18 64.53 -9.81
CA TYR I 642 -26.97 63.51 -10.47
C TYR I 642 -27.81 64.09 -11.60
N ASN I 643 -28.35 65.30 -11.41
CA ASN I 643 -29.17 65.91 -12.43
C ASN I 643 -28.39 66.17 -13.71
N GLY I 644 -27.09 66.42 -13.60
CA GLY I 644 -26.27 66.70 -14.76
C GLY I 644 -26.31 65.60 -15.79
N THR I 645 -26.56 65.96 -17.05
CA THR I 645 -26.66 65.01 -18.15
C THR I 645 -25.50 65.16 -19.14
N GLU I 646 -24.33 65.51 -18.63
CA GLU I 646 -23.14 65.69 -19.47
C GLU I 646 -22.60 64.31 -19.83
N ILE I 647 -22.93 63.84 -21.03
CA ILE I 647 -22.36 62.56 -21.48
C ILE I 647 -20.85 62.71 -21.62
N PRO I 648 -20.05 61.88 -20.96
CA PRO I 648 -18.59 62.07 -20.98
C PRO I 648 -17.94 61.39 -22.19
N LYS I 649 -16.69 61.79 -22.44
CA LYS I 649 -15.93 61.29 -23.59
C LYS I 649 -15.04 60.11 -23.16
N LEU I 650 -15.70 59.07 -22.68
CA LEU I 650 -14.96 57.90 -22.20
C LEU I 650 -14.29 57.16 -23.36
N VAL I 651 -13.30 56.36 -23.01
CA VAL I 651 -12.47 55.65 -23.97
C VAL I 651 -12.50 54.16 -23.64
N THR I 652 -12.58 53.33 -24.68
CA THR I 652 -12.63 51.89 -24.47
C THR I 652 -11.33 51.38 -23.87
N ILE I 653 -11.44 50.35 -23.04
CA ILE I 653 -10.27 49.78 -22.38
C ILE I 653 -9.23 49.30 -23.39
N PRO I 654 -9.58 48.62 -24.47
CA PRO I 654 -8.54 48.15 -25.41
C PRO I 654 -7.63 49.26 -25.91
N PHE I 655 -8.17 50.44 -26.18
CA PHE I 655 -7.31 51.54 -26.63
C PHE I 655 -6.56 52.17 -25.47
N LEU I 656 -7.15 52.15 -24.26
CA LEU I 656 -6.45 52.69 -23.10
C LEU I 656 -5.20 51.88 -22.81
N ARG I 657 -5.28 50.56 -22.98
CA ARG I 657 -4.09 49.73 -22.83
C ARG I 657 -3.02 50.14 -23.85
N LYS I 658 -3.42 50.41 -25.09
CA LYS I 658 -2.45 50.88 -26.09
C LYS I 658 -1.84 52.21 -25.66
N TYR I 659 -2.66 53.11 -25.10
CA TYR I 659 -2.16 54.40 -24.65
C TYR I 659 -1.09 54.23 -23.59
N VAL I 660 -1.39 53.42 -22.57
CA VAL I 660 -0.42 53.18 -21.50
C VAL I 660 0.84 52.54 -22.07
N GLN I 661 0.67 51.59 -22.98
CA GLN I 661 1.83 50.93 -23.59
C GLN I 661 2.71 51.94 -24.31
N TYR I 662 2.12 52.79 -25.15
CA TYR I 662 2.92 53.75 -25.91
C TYR I 662 3.61 54.74 -24.98
N ALA I 663 2.90 55.24 -23.97
CA ALA I 663 3.49 56.20 -23.05
C ALA I 663 4.65 55.59 -22.27
N LYS I 664 4.48 54.35 -21.82
CA LYS I 664 5.48 53.72 -20.97
C LYS I 664 6.74 53.31 -21.73
N GLU I 665 6.65 53.15 -23.05
CA GLU I 665 7.74 52.62 -23.84
C GLU I 665 8.44 53.67 -24.70
N ARG I 666 8.01 54.93 -24.67
CA ARG I 666 8.56 55.95 -25.53
C ARG I 666 8.91 57.26 -24.83
N VAL I 667 8.36 57.54 -23.65
CA VAL I 667 8.52 58.82 -22.98
C VAL I 667 9.44 58.65 -21.78
N ILE I 668 10.46 59.50 -21.69
CA ILE I 668 11.37 59.53 -20.55
C ILE I 668 11.48 60.97 -20.08
N PRO I 669 10.51 61.49 -19.33
CA PRO I 669 10.54 62.90 -18.96
C PRO I 669 11.74 63.24 -18.08
N GLN I 670 12.20 64.47 -18.22
CA GLN I 670 13.31 65.00 -17.43
C GLN I 670 12.81 66.18 -16.60
N LEU I 671 13.19 66.22 -15.33
CA LEU I 671 12.70 67.27 -14.44
C LEU I 671 13.15 68.64 -14.94
N THR I 672 12.30 69.64 -14.72
CA THR I 672 12.52 71.00 -15.18
C THR I 672 12.47 71.96 -14.00
N GLN I 673 13.17 73.09 -14.15
CA GLN I 673 13.27 74.06 -13.07
C GLN I 673 11.91 74.64 -12.70
N GLU I 674 11.06 74.90 -13.70
CA GLU I 674 9.77 75.51 -13.42
C GLU I 674 8.94 74.62 -12.50
N ALA I 675 8.89 73.33 -12.78
CA ALA I 675 8.21 72.40 -11.89
C ALA I 675 8.95 72.22 -10.57
N ILE I 676 10.25 72.47 -10.56
CA ILE I 676 11.06 72.13 -9.41
C ILE I 676 10.95 73.17 -8.32
N ASN I 677 10.80 74.44 -8.71
CA ASN I 677 10.51 75.47 -7.72
C ASN I 677 9.26 75.11 -6.93
N VAL I 678 8.18 74.74 -7.63
CA VAL I 678 6.93 74.41 -6.95
C VAL I 678 7.08 73.12 -6.15
N ILE I 679 7.84 72.16 -6.66
CA ILE I 679 8.07 70.94 -5.89
C ILE I 679 8.70 71.27 -4.54
N VAL I 680 9.78 72.06 -4.56
CA VAL I 680 10.47 72.41 -3.33
C VAL I 680 9.54 73.19 -2.40
N LYS I 681 8.82 74.16 -2.95
CA LYS I 681 7.95 75.00 -2.12
C LYS I 681 6.85 74.15 -1.47
N ASN I 682 6.23 73.27 -2.24
CA ASN I 682 5.16 72.43 -1.69
C ASN I 682 5.69 71.49 -0.62
N TYR I 683 6.85 70.88 -0.86
CA TYR I 683 7.40 69.98 0.15
C TYR I 683 7.72 70.73 1.44
N THR I 684 8.32 71.93 1.31
CA THR I 684 8.63 72.72 2.51
C THR I 684 7.36 73.11 3.24
N ASP I 685 6.32 73.52 2.51
CA ASP I 685 5.06 73.89 3.15
C ASP I 685 4.46 72.71 3.89
N LEU I 686 4.48 71.53 3.27
CA LEU I 686 3.95 70.34 3.94
C LEU I 686 4.73 70.05 5.22
N ARG I 687 6.06 70.01 5.13
CA ARG I 687 6.86 69.60 6.28
C ARG I 687 6.73 70.60 7.43
N ASN I 688 6.95 71.87 7.15
CA ASN I 688 7.02 72.87 8.22
C ASN I 688 5.67 73.40 8.65
N ASP I 689 4.61 73.17 7.88
CA ASP I 689 3.29 73.69 8.20
C ASP I 689 2.23 72.64 7.91
N ASP I 690 1.11 72.74 8.61
CA ASP I 690 0.01 71.79 8.46
C ASP I 690 -0.42 71.68 7.00
N PRO I 696 3.59 61.48 10.79
CA PRO I 696 4.66 62.46 10.62
C PRO I 696 5.16 62.55 9.18
N ILE I 697 5.07 63.73 8.58
CA ILE I 697 5.58 63.90 7.23
C ILE I 697 7.08 63.68 7.22
N THR I 698 7.55 62.92 6.24
CA THR I 698 8.94 62.48 6.17
C THR I 698 9.55 62.91 4.85
N ALA I 699 10.89 62.96 4.83
CA ALA I 699 11.60 63.38 3.63
C ALA I 699 11.30 62.49 2.43
N ARG I 700 10.85 61.24 2.66
CA ARG I 700 10.53 60.36 1.55
C ARG I 700 9.35 60.87 0.74
N THR I 701 8.49 61.71 1.32
CA THR I 701 7.38 62.28 0.56
C THR I 701 7.87 63.17 -0.57
N LEU I 702 9.10 63.69 -0.47
CA LEU I 702 9.66 64.44 -1.59
C LEU I 702 9.82 63.52 -2.81
N GLU I 703 10.30 62.30 -2.59
CA GLU I 703 10.40 61.35 -3.70
C GLU I 703 9.05 61.14 -4.37
N THR I 704 7.98 61.11 -3.58
CA THR I 704 6.65 60.93 -4.15
C THR I 704 6.29 62.07 -5.10
N LEU I 705 6.62 63.31 -4.72
CA LEU I 705 6.27 64.44 -5.56
C LEU I 705 6.96 64.34 -6.92
N ILE I 706 8.26 64.06 -6.93
CA ILE I 706 9.00 63.97 -8.18
C ILE I 706 8.49 62.78 -9.01
N ARG I 707 8.28 61.64 -8.35
CA ARG I 707 7.80 60.46 -9.06
C ARG I 707 6.47 60.74 -9.76
N LEU I 708 5.52 61.33 -9.02
CA LEU I 708 4.20 61.60 -9.61
C LEU I 708 4.28 62.71 -10.64
N ALA I 709 5.17 63.69 -10.47
CA ALA I 709 5.34 64.72 -11.48
C ALA I 709 5.79 64.11 -12.80
N THR I 710 6.78 63.22 -12.75
CA THR I 710 7.23 62.56 -13.98
C THR I 710 6.13 61.69 -14.55
N ALA I 711 5.41 60.96 -13.69
CA ALA I 711 4.33 60.09 -14.18
C ALA I 711 3.27 60.90 -14.91
N HIS I 712 2.87 62.04 -14.34
CA HIS I 712 1.86 62.88 -14.98
C HIS I 712 2.40 63.48 -16.28
N ALA I 713 3.65 63.94 -16.26
CA ALA I 713 4.25 64.44 -17.49
C ALA I 713 4.22 63.40 -18.59
N LYS I 714 4.33 62.12 -18.22
CA LYS I 714 4.21 61.06 -19.22
C LYS I 714 2.80 61.03 -19.83
N VAL I 715 1.77 61.36 -19.05
CA VAL I 715 0.42 61.40 -19.59
C VAL I 715 0.30 62.48 -20.66
N ARG I 716 0.88 63.65 -20.41
CA ARG I 716 0.83 64.75 -21.36
C ARG I 716 1.71 64.52 -22.57
N LEU I 717 2.39 63.37 -22.65
CA LEU I 717 3.22 63.04 -23.81
C LEU I 717 4.26 64.13 -24.06
N SER I 718 4.96 64.53 -23.00
CA SER I 718 6.01 65.52 -23.08
C SER I 718 7.27 64.98 -22.42
N LYS I 719 8.42 65.36 -22.98
CA LYS I 719 9.71 64.90 -22.48
C LYS I 719 10.23 65.75 -21.33
N THR I 720 9.52 66.80 -20.94
CA THR I 720 9.93 67.69 -19.86
C THR I 720 8.78 67.84 -18.88
N VAL I 721 9.08 67.71 -17.59
CA VAL I 721 8.07 67.89 -16.55
C VAL I 721 7.81 69.38 -16.39
N ASN I 722 6.53 69.77 -16.41
CA ASN I 722 6.13 71.16 -16.35
C ASN I 722 5.42 71.45 -15.04
N LYS I 723 5.11 72.74 -14.84
CA LYS I 723 4.52 73.19 -13.59
C LYS I 723 3.17 72.53 -13.35
N VAL I 724 2.40 72.30 -14.43
CA VAL I 724 1.08 71.72 -14.27
C VAL I 724 1.18 70.33 -13.64
N ASP I 725 2.13 69.51 -14.12
CA ASP I 725 2.29 68.17 -13.58
C ASP I 725 2.65 68.21 -12.10
N ALA I 726 3.58 69.08 -11.72
CA ALA I 726 3.96 69.17 -10.33
C ALA I 726 2.80 69.62 -9.47
N LYS I 727 2.02 70.61 -9.94
CA LYS I 727 0.91 71.11 -9.15
C LYS I 727 -0.16 70.04 -8.96
N VAL I 728 -0.51 69.32 -10.03
CA VAL I 728 -1.55 68.31 -9.91
C VAL I 728 -1.06 67.15 -9.02
N ALA I 729 0.21 66.75 -9.16
CA ALA I 729 0.74 65.72 -8.28
C ALA I 729 0.72 66.16 -6.82
N ALA I 730 1.06 67.43 -6.57
CA ALA I 730 1.03 67.95 -5.20
C ALA I 730 -0.39 67.93 -4.65
N ASN I 731 -1.38 68.32 -5.47
CA ASN I 731 -2.76 68.28 -5.02
C ASN I 731 -3.20 66.85 -4.70
N LEU I 732 -2.83 65.90 -5.55
CA LEU I 732 -3.19 64.51 -5.29
C LEU I 732 -2.54 64.02 -4.00
N LEU I 733 -1.28 64.35 -3.77
CA LEU I 733 -0.63 63.96 -2.53
C LEU I 733 -1.30 64.61 -1.32
N ARG I 734 -1.68 65.88 -1.46
CA ARG I 734 -2.36 66.57 -0.37
C ARG I 734 -3.66 65.85 -0.01
N PHE I 735 -4.43 65.45 -1.02
CA PHE I 735 -5.63 64.68 -0.73
C PHE I 735 -5.29 63.34 -0.09
N ALA I 736 -4.25 62.68 -0.58
CA ALA I 736 -3.86 61.38 -0.03
C ALA I 736 -3.39 61.49 1.41
N LEU I 737 -2.93 62.66 1.85
CA LEU I 737 -2.48 62.86 3.22
C LEU I 737 -3.59 63.42 4.11
N LEU I 738 -4.15 64.57 3.73
CA LEU I 738 -5.23 65.21 4.48
C LEU I 738 -6.51 65.15 3.66
N GLY I 739 -7.59 64.69 4.29
CA GLY I 739 -8.88 64.57 3.61
C GLY I 739 -9.32 65.86 2.96
N GLU J 175 73.18 -15.66 -16.08
CA GLU J 175 72.95 -14.79 -14.94
C GLU J 175 71.87 -13.75 -15.26
N PRO J 176 70.61 -14.17 -15.20
CA PRO J 176 69.52 -13.22 -15.46
C PRO J 176 69.56 -12.04 -14.50
N LEU J 177 69.21 -10.86 -15.01
CA LEU J 177 69.29 -9.62 -14.26
C LEU J 177 67.87 -9.18 -13.91
N ARG J 178 67.61 -9.04 -12.61
CA ARG J 178 66.30 -8.56 -12.16
C ARG J 178 66.20 -7.06 -12.36
N ILE J 179 65.09 -6.62 -12.96
CA ILE J 179 64.88 -5.21 -13.28
C ILE J 179 63.42 -4.86 -13.02
N ILE J 180 63.18 -3.67 -12.48
CA ILE J 180 61.82 -3.21 -12.27
C ILE J 180 61.15 -2.96 -13.61
N TRP J 181 59.90 -3.40 -13.73
CA TRP J 181 59.19 -3.31 -14.99
C TRP J 181 59.04 -1.85 -15.43
N GLY J 182 59.22 -1.62 -16.73
CA GLY J 182 59.03 -0.29 -17.29
C GLY J 182 60.16 0.69 -17.01
N THR J 183 61.28 0.23 -16.46
CA THR J 183 62.37 1.12 -16.07
C THR J 183 63.69 0.40 -16.33
N ASN J 184 64.79 0.99 -15.86
CA ASN J 184 66.12 0.43 -16.03
C ASN J 184 66.90 0.42 -14.72
N VAL J 185 66.21 0.26 -13.59
CA VAL J 185 66.85 0.22 -12.28
C VAL J 185 67.05 -1.23 -11.88
N SER J 186 68.29 -1.60 -11.57
CA SER J 186 68.61 -2.95 -11.14
C SER J 186 68.23 -3.13 -9.68
N ILE J 187 67.43 -4.16 -9.40
CA ILE J 187 66.94 -4.37 -8.04
C ILE J 187 68.08 -4.71 -7.10
N GLN J 188 69.08 -5.45 -7.58
CA GLN J 188 70.23 -5.78 -6.73
C GLN J 188 70.96 -4.51 -6.31
N GLU J 189 71.08 -3.53 -7.21
CA GLU J 189 71.69 -2.27 -6.85
C GLU J 189 70.89 -1.58 -5.73
N CYS J 190 69.57 -1.57 -5.85
CA CYS J 190 68.75 -0.98 -4.80
C CYS J 190 68.97 -1.68 -3.47
N THR J 191 68.98 -3.00 -3.48
CA THR J 191 69.12 -3.76 -2.24
C THR J 191 70.47 -3.48 -1.59
N THR J 192 71.56 -3.54 -2.37
CA THR J 192 72.88 -3.31 -1.80
C THR J 192 73.02 -1.88 -1.30
N ASN J 193 72.50 -0.90 -2.05
CA ASN J 193 72.60 0.49 -1.61
C ASN J 193 71.83 0.71 -0.32
N PHE J 194 70.62 0.15 -0.22
CA PHE J 194 69.85 0.32 1.02
C PHE J 194 70.52 -0.37 2.19
N ARG J 195 71.09 -1.56 1.96
CA ARG J 195 71.79 -2.25 3.03
C ARG J 195 72.99 -1.45 3.51
N ASN J 196 73.75 -0.88 2.57
CA ASN J 196 74.88 -0.05 2.96
C ASN J 196 74.42 1.18 3.73
N PHE J 197 73.34 1.82 3.28
CA PHE J 197 72.84 3.01 3.96
C PHE J 197 72.43 2.68 5.38
N LEU J 198 71.70 1.58 5.57
CA LEU J 198 71.30 1.19 6.92
C LEU J 198 72.50 0.83 7.77
N MET J 199 73.45 0.09 7.19
CA MET J 199 74.62 -0.37 7.94
C MET J 199 75.43 0.80 8.48
N SER J 200 75.68 1.81 7.64
CA SER J 200 76.57 2.93 7.99
C SER J 200 75.86 4.24 7.66
N PHE J 201 75.10 4.75 8.63
CA PHE J 201 74.48 6.07 8.51
C PHE J 201 74.58 6.77 9.86
N LYS J 202 75.08 8.00 9.86
CA LYS J 202 75.19 8.82 11.05
C LYS J 202 74.39 10.09 10.85
N TYR J 203 73.68 10.52 11.89
CA TYR J 203 72.78 11.65 11.77
C TYR J 203 73.52 12.93 11.39
N LYS J 204 74.83 12.99 11.58
CA LYS J 204 75.57 14.19 11.22
C LYS J 204 75.39 14.55 9.75
N PHE J 205 75.22 13.54 8.89
CA PHE J 205 75.00 13.82 7.47
C PHE J 205 73.71 14.61 7.27
N ARG J 206 72.65 14.26 8.01
CA ARG J 206 71.39 14.99 7.90
C ARG J 206 71.58 16.45 8.26
N LYS J 207 72.33 16.72 9.34
CA LYS J 207 72.59 18.10 9.72
C LYS J 207 73.42 18.83 8.67
N ILE J 208 74.42 18.14 8.11
CA ILE J 208 75.25 18.75 7.07
C ILE J 208 74.40 19.14 5.88
N LEU J 209 73.46 18.28 5.49
CA LEU J 209 72.65 18.55 4.31
C LEU J 209 71.82 19.82 4.49
N ASP J 210 71.25 20.02 5.69
CA ASP J 210 70.37 21.15 5.94
C ASP J 210 71.10 22.43 6.32
N GLU J 211 72.40 22.51 6.03
CA GLU J 211 73.20 23.70 6.37
C GLU J 211 73.15 23.98 7.87
N ARG J 212 73.23 22.92 8.67
CA ARG J 212 73.26 23.00 10.12
C ARG J 212 74.55 22.39 10.66
N GLU J 213 75.68 22.71 10.02
CA GLU J 213 76.95 22.09 10.38
C GLU J 213 77.34 22.42 11.81
N GLU J 214 77.12 23.66 12.25
CA GLU J 214 77.59 24.08 13.57
C GLU J 214 76.81 23.45 14.71
N PHE J 215 75.70 22.75 14.43
CA PHE J 215 74.90 22.11 15.47
C PHE J 215 75.31 20.67 15.72
N ILE J 216 76.38 20.20 15.09
CA ILE J 216 76.78 18.79 15.20
C ILE J 216 77.46 18.56 16.55
N ASN J 217 76.94 17.59 17.30
CA ASN J 217 77.55 17.18 18.55
C ASN J 217 78.50 16.02 18.29
N ASN J 218 78.96 15.35 19.35
CA ASN J 218 79.93 14.27 19.23
C ASN J 218 79.46 12.94 19.79
N THR J 219 78.21 12.86 20.29
CA THR J 219 77.68 11.63 20.86
C THR J 219 76.54 11.06 20.03
N THR J 220 75.48 11.84 19.80
CA THR J 220 74.35 11.33 19.05
C THR J 220 74.63 11.28 17.55
N ASP J 221 75.34 12.28 17.03
CA ASP J 221 75.60 12.37 15.60
C ASP J 221 76.78 11.52 15.14
N GLU J 222 77.51 10.89 16.07
CA GLU J 222 78.63 10.03 15.73
C GLU J 222 78.30 8.55 15.93
N GLU J 223 77.02 8.20 15.94
CA GLU J 223 76.57 6.85 16.22
C GLU J 223 75.73 6.32 15.06
N LEU J 224 75.75 5.01 14.89
CA LEU J 224 75.01 4.35 13.82
C LEU J 224 73.53 4.39 14.15
N TYR J 225 72.80 5.31 13.52
CA TYR J 225 71.40 5.54 13.86
C TYR J 225 70.56 4.27 13.71
N TYR J 226 70.46 3.76 12.48
CA TYR J 226 69.54 2.66 12.21
C TYR J 226 69.95 1.37 12.90
N ILE J 227 71.24 1.20 13.24
CA ILE J 227 71.64 0.04 14.02
C ILE J 227 70.99 0.09 15.39
N LYS J 228 71.01 1.25 16.04
CA LYS J 228 70.32 1.40 17.31
C LYS J 228 68.82 1.23 17.15
N GLN J 229 68.26 1.75 16.05
CA GLN J 229 66.83 1.57 15.83
C GLN J 229 66.47 0.08 15.73
N LEU J 230 67.25 -0.68 14.96
CA LEU J 230 66.97 -2.11 14.80
C LEU J 230 67.19 -2.86 16.10
N ASN J 231 68.23 -2.51 16.85
CA ASN J 231 68.46 -3.17 18.13
C ASN J 231 67.31 -2.92 19.10
N GLU J 232 66.83 -1.67 19.16
CA GLU J 232 65.67 -1.37 20.00
C GLU J 232 64.44 -2.13 19.53
N MET J 233 64.25 -2.23 18.21
CA MET J 233 63.17 -3.05 17.67
C MET J 233 63.26 -4.47 18.22
N ARG J 234 64.44 -5.08 18.13
CA ARG J 234 64.61 -6.45 18.57
C ARG J 234 64.33 -6.59 20.06
N GLU J 235 64.90 -5.70 20.87
CA GLU J 235 64.70 -5.80 22.32
C GLU J 235 63.23 -5.64 22.67
N LEU J 236 62.54 -4.70 22.04
CA LEU J 236 61.12 -4.50 22.29
C LEU J 236 60.23 -5.46 21.50
N GLY J 237 60.80 -6.24 20.59
CA GLY J 237 60.02 -7.17 19.80
C GLY J 237 59.02 -6.47 18.91
N THR J 238 59.50 -5.66 17.98
CA THR J 238 58.66 -4.92 17.06
C THR J 238 59.13 -5.17 15.63
N SER J 239 58.22 -4.97 14.68
CA SER J 239 58.48 -5.21 13.26
C SER J 239 58.14 -3.96 12.45
N ASN J 240 58.64 -2.82 12.90
CA ASN J 240 58.37 -1.56 12.22
C ASN J 240 59.58 -0.64 12.37
N LEU J 241 59.95 0.01 11.27
CA LEU J 241 61.04 0.98 11.26
C LEU J 241 60.59 2.19 10.46
N ASN J 242 60.33 3.30 11.14
CA ASN J 242 59.95 4.52 10.45
C ASN J 242 61.17 5.12 9.76
N LEU J 243 60.99 5.55 8.51
CA LEU J 243 62.09 6.03 7.68
C LEU J 243 61.82 7.47 7.24
N ASP J 244 62.89 8.23 7.11
CA ASP J 244 62.84 9.61 6.65
C ASP J 244 63.55 9.72 5.31
N ALA J 245 62.85 10.24 4.30
CA ALA J 245 63.43 10.34 2.97
C ALA J 245 64.59 11.33 2.94
N ARG J 246 64.50 12.37 3.75
CA ARG J 246 65.56 13.39 3.80
C ARG J 246 66.84 12.70 4.28
N ASN J 247 66.76 11.66 5.12
CA ASN J 247 67.93 10.90 5.51
C ASN J 247 68.53 10.19 4.31
N LEU J 248 67.69 9.63 3.44
CA LEU J 248 68.20 9.03 2.22
C LEU J 248 68.92 10.06 1.36
N LEU J 249 68.34 11.26 1.25
CA LEU J 249 69.01 12.31 0.48
C LEU J 249 70.34 12.71 1.11
N ALA J 250 70.46 12.61 2.43
CA ALA J 250 71.69 13.01 3.10
C ALA J 250 72.87 12.14 2.68
N TYR J 251 72.65 10.83 2.59
CA TYR J 251 73.73 9.90 2.27
C TYR J 251 74.17 10.09 0.82
N LYS J 252 75.28 9.43 0.48
CA LYS J 252 75.89 9.57 -0.85
C LYS J 252 75.39 8.51 -1.83
N GLN J 253 75.32 7.25 -1.40
CA GLN J 253 74.96 6.16 -2.30
C GLN J 253 73.47 6.06 -2.56
N THR J 254 72.62 6.76 -1.78
CA THR J 254 71.18 6.62 -1.88
C THR J 254 70.51 7.91 -2.37
N GLU J 255 71.21 8.69 -3.19
CA GLU J 255 70.57 9.86 -3.79
C GLU J 255 69.55 9.44 -4.86
N ASP J 256 69.91 8.47 -5.70
CA ASP J 256 68.98 7.99 -6.71
C ASP J 256 67.87 7.16 -6.10
N LEU J 257 68.14 6.53 -4.94
CA LEU J 257 67.12 5.72 -4.29
C LEU J 257 65.94 6.57 -3.86
N TYR J 258 66.17 7.84 -3.54
CA TYR J 258 65.07 8.73 -3.18
C TYR J 258 64.11 8.90 -4.36
N HIS J 259 64.65 9.20 -5.54
CA HIS J 259 63.81 9.34 -6.72
C HIS J 259 63.13 8.02 -7.06
N GLN J 260 63.85 6.91 -6.94
CA GLN J 260 63.24 5.61 -7.22
C GLN J 260 62.07 5.34 -6.28
N LEU J 261 62.24 5.63 -4.99
CA LEU J 261 61.16 5.46 -4.04
C LEU J 261 59.98 6.37 -4.38
N LEU J 262 60.25 7.60 -4.79
CA LEU J 262 59.17 8.53 -5.12
C LEU J 262 58.39 8.04 -6.34
N ASN J 263 59.08 7.51 -7.35
CA ASN J 263 58.44 7.20 -8.62
C ASN J 263 57.89 5.78 -8.70
N TYR J 264 58.51 4.83 -8.00
CA TYR J 264 58.10 3.42 -8.05
C TYR J 264 57.95 2.92 -6.62
N PRO J 265 56.95 3.42 -5.89
CA PRO J 265 56.89 3.13 -4.44
C PRO J 265 56.76 1.66 -4.10
N GLN J 266 55.99 0.89 -4.86
CA GLN J 266 55.67 -0.49 -4.46
C GLN J 266 56.92 -1.36 -4.45
N GLU J 267 57.65 -1.40 -5.56
CA GLU J 267 58.82 -2.26 -5.65
C GLU J 267 59.88 -1.83 -4.65
N VAL J 268 60.13 -0.52 -4.53
CA VAL J 268 61.15 -0.03 -3.62
C VAL J 268 60.77 -0.35 -2.18
N ILE J 269 59.49 -0.22 -1.84
CA ILE J 269 59.05 -0.51 -0.48
C ILE J 269 59.26 -1.99 -0.17
N SER J 270 58.89 -2.87 -1.12
CA SER J 270 59.10 -4.30 -0.89
C SER J 270 60.59 -4.62 -0.72
N ILE J 271 61.42 -4.02 -1.56
CA ILE J 271 62.87 -4.25 -1.46
C ILE J 271 63.38 -3.77 -0.11
N MET J 272 62.91 -2.61 0.35
CA MET J 272 63.36 -2.08 1.63
C MET J 272 62.93 -2.99 2.77
N ASP J 273 61.70 -3.52 2.72
CA ASP J 273 61.26 -4.45 3.77
C ASP J 273 62.15 -5.68 3.81
N GLN J 274 62.41 -6.28 2.65
CA GLN J 274 63.23 -7.48 2.62
C GLN J 274 64.65 -7.17 3.09
N THR J 275 65.19 -6.01 2.72
CA THR J 275 66.53 -5.64 3.15
C THR J 275 66.58 -5.41 4.65
N ILE J 276 65.51 -4.85 5.23
CA ILE J 276 65.47 -4.67 6.67
C ILE J 276 65.49 -6.02 7.37
N LYS J 277 64.69 -6.97 6.87
CA LYS J 277 64.69 -8.30 7.48
C LYS J 277 66.07 -8.95 7.37
N ASP J 278 66.70 -8.82 6.20
CA ASP J 278 68.04 -9.40 6.01
C ASP J 278 69.04 -8.73 6.95
N CYS J 279 68.95 -7.42 7.12
CA CYS J 279 69.85 -6.71 8.01
C CYS J 279 69.68 -7.20 9.45
N MET J 280 68.44 -7.39 9.90
CA MET J 280 68.22 -7.89 11.25
C MET J 280 68.83 -9.28 11.41
N VAL J 281 68.58 -10.16 10.43
CA VAL J 281 69.11 -11.52 10.52
C VAL J 281 70.64 -11.49 10.56
N SER J 282 71.25 -10.68 9.71
CA SER J 282 72.72 -10.59 9.68
C SER J 282 73.27 -10.02 10.98
N LEU J 283 72.58 -9.02 11.54
CA LEU J 283 73.01 -8.46 12.82
C LEU J 283 72.99 -9.53 13.91
N ILE J 284 71.92 -10.32 13.95
CA ILE J 284 71.84 -11.35 14.98
C ILE J 284 72.92 -12.40 14.79
N VAL J 285 73.12 -12.85 13.54
CA VAL J 285 74.08 -13.93 13.30
C VAL J 285 75.50 -13.47 13.55
N ASP J 286 75.88 -12.31 13.01
CA ASP J 286 77.26 -11.85 13.11
C ASP J 286 77.62 -11.48 14.54
N ASN J 287 76.70 -10.85 15.26
CA ASN J 287 76.97 -10.43 16.63
C ASN J 287 77.11 -11.61 17.59
N ASN J 288 76.77 -12.82 17.17
CA ASN J 288 76.90 -14.01 18.00
C ASN J 288 76.06 -13.91 19.27
N LEU J 289 74.90 -13.24 19.16
CA LEU J 289 74.02 -13.13 20.31
C LEU J 289 73.32 -14.46 20.58
N ASP J 290 72.76 -14.57 21.79
CA ASP J 290 72.02 -15.76 22.19
C ASP J 290 70.56 -15.70 21.78
N TYR J 291 70.13 -14.62 21.13
CA TYR J 291 68.71 -14.47 20.70
C TYR J 291 68.37 -15.60 19.77
N ASP J 292 67.25 -16.29 20.00
CA ASP J 292 66.82 -17.37 19.12
C ASP J 292 66.39 -16.83 17.77
N LEU J 293 66.80 -17.51 16.71
CA LEU J 293 66.50 -17.06 15.35
C LEU J 293 65.04 -17.28 14.97
N ASP J 294 64.31 -18.11 15.70
CA ASP J 294 62.94 -18.45 15.30
C ASP J 294 62.05 -17.22 15.30
N GLU J 295 62.14 -16.38 16.34
CA GLU J 295 61.23 -15.24 16.44
C GLU J 295 61.42 -14.28 15.28
N ILE J 296 62.68 -13.98 14.93
CA ILE J 296 62.93 -13.04 13.84
C ILE J 296 62.56 -13.66 12.50
N GLU J 297 62.82 -14.96 12.33
CA GLU J 297 62.61 -15.61 11.04
C GLU J 297 61.14 -15.55 10.62
N THR J 298 60.22 -15.76 11.55
CA THR J 298 58.80 -15.83 11.24
C THR J 298 58.10 -14.49 11.35
N LYS J 299 58.83 -13.40 11.59
CA LYS J 299 58.25 -12.08 11.73
C LYS J 299 58.32 -11.31 10.42
N PHE J 300 57.21 -10.68 10.05
CA PHE J 300 57.16 -9.83 8.87
C PHE J 300 57.60 -8.43 9.24
N TYR J 301 58.56 -7.89 8.49
CA TYR J 301 59.11 -6.56 8.75
C TYR J 301 58.66 -5.60 7.66
N LYS J 302 58.25 -4.41 8.09
CA LYS J 302 57.70 -3.41 7.18
C LYS J 302 58.31 -2.05 7.48
N VAL J 303 58.58 -1.28 6.44
CA VAL J 303 59.12 0.07 6.58
C VAL J 303 58.00 1.06 6.28
N ARG J 304 58.04 2.19 6.98
CA ARG J 304 57.00 3.22 6.89
C ARG J 304 57.66 4.57 6.62
N PRO J 305 58.02 4.85 5.37
CA PRO J 305 58.64 6.15 5.07
C PRO J 305 57.66 7.29 5.25
N TYR J 306 58.20 8.44 5.65
CA TYR J 306 57.41 9.65 5.80
C TYR J 306 58.30 10.84 5.43
N ASN J 307 57.74 12.04 5.50
CA ASN J 307 58.43 13.27 5.13
C ASN J 307 59.08 13.09 3.75
N VAL J 308 58.23 12.81 2.76
CA VAL J 308 58.68 12.44 1.43
C VAL J 308 58.60 13.60 0.44
N GLY J 309 58.36 14.80 0.93
CA GLY J 309 58.30 15.98 0.09
C GLY J 309 57.17 16.89 0.53
N SER J 310 56.85 17.86 -0.33
CA SER J 310 55.79 18.80 -0.03
C SER J 310 54.44 18.09 0.03
N CYS J 311 53.55 18.61 0.88
CA CYS J 311 52.22 18.04 1.06
C CYS J 311 51.31 18.52 -0.05
N LYS J 312 50.93 17.62 -0.95
CA LYS J 312 50.01 17.96 -2.02
C LYS J 312 48.62 18.22 -1.46
N GLY J 313 47.84 19.00 -2.22
CA GLY J 313 46.47 19.26 -1.85
C GLY J 313 45.53 18.21 -2.41
N MET J 314 44.39 18.02 -1.73
CA MET J 314 43.40 17.06 -2.18
C MET J 314 42.77 17.47 -3.51
N ARG J 315 42.94 18.73 -3.92
CA ARG J 315 42.38 19.24 -5.16
C ARG J 315 43.46 19.44 -6.22
N GLU J 316 44.61 18.78 -6.09
CA GLU J 316 45.71 18.93 -7.03
C GLU J 316 46.27 17.59 -7.49
N LEU J 317 45.52 16.51 -7.27
CA LEU J 317 45.95 15.17 -7.69
C LEU J 317 45.41 14.90 -9.08
N ASN J 318 46.31 14.79 -10.05
CA ASN J 318 45.98 14.58 -11.46
C ASN J 318 46.28 13.14 -11.87
N PRO J 319 45.82 12.72 -13.04
CA PRO J 319 46.18 11.38 -13.52
C PRO J 319 47.67 11.18 -13.67
N ASN J 320 48.44 12.25 -13.89
CA ASN J 320 49.88 12.12 -14.01
C ASN J 320 50.48 11.52 -12.75
N ASP J 321 49.91 11.82 -11.59
CA ASP J 321 50.45 11.39 -10.30
C ASP J 321 49.89 10.06 -9.84
N ILE J 322 49.53 9.16 -10.75
CA ILE J 322 49.03 7.85 -10.39
C ILE J 322 50.20 6.91 -10.17
N ASP J 323 50.10 6.06 -9.14
CA ASP J 323 51.15 5.10 -8.81
C ASP J 323 52.45 5.80 -8.43
N LYS J 324 52.34 6.85 -7.60
CA LYS J 324 53.50 7.55 -7.08
C LYS J 324 53.25 7.89 -5.62
N LEU J 325 54.34 8.01 -4.87
CA LEU J 325 54.27 8.28 -3.42
C LEU J 325 53.95 9.76 -3.22
N ILE J 326 52.85 10.04 -2.52
CA ILE J 326 52.42 11.41 -2.25
C ILE J 326 52.25 11.57 -0.75
N ASN J 327 52.09 12.82 -0.32
CA ASN J 327 51.90 13.17 1.07
C ASN J 327 50.65 14.02 1.19
N LEU J 328 49.75 13.65 2.10
CA LEU J 328 48.48 14.33 2.28
C LEU J 328 48.26 14.68 3.73
N LYS J 329 47.39 15.67 3.96
CA LYS J 329 46.94 16.03 5.30
C LYS J 329 45.46 16.38 5.23
N GLY J 330 44.72 15.93 6.23
CA GLY J 330 43.29 16.17 6.24
C GLY J 330 42.68 15.80 7.58
N LEU J 331 41.35 15.79 7.60
CA LEU J 331 40.58 15.49 8.80
C LEU J 331 39.82 14.20 8.59
N VAL J 332 39.97 13.25 9.52
CA VAL J 332 39.27 11.98 9.42
C VAL J 332 37.78 12.20 9.64
N LEU J 333 36.96 11.66 8.75
CA LEU J 333 35.51 11.81 8.81
C LEU J 333 34.79 10.54 9.26
N ARG J 334 35.26 9.37 8.85
CA ARG J 334 34.58 8.13 9.18
C ARG J 334 35.46 6.96 8.77
N SER J 335 35.46 5.91 9.59
CA SER J 335 36.26 4.71 9.34
C SER J 335 35.39 3.48 9.51
N THR J 336 35.53 2.54 8.57
CA THR J 336 34.77 1.31 8.63
C THR J 336 35.39 0.35 9.65
N PRO J 337 34.63 -0.62 10.14
CA PRO J 337 35.20 -1.61 11.05
C PRO J 337 36.26 -2.46 10.36
N VAL J 338 36.91 -3.30 11.15
CA VAL J 338 37.97 -4.15 10.62
C VAL J 338 37.40 -5.09 9.57
N ILE J 339 38.10 -5.21 8.45
CA ILE J 339 37.72 -6.08 7.35
C ILE J 339 38.80 -7.14 7.19
N PRO J 340 38.47 -8.43 7.24
CA PRO J 340 39.51 -9.46 7.05
C PRO J 340 39.86 -9.60 5.58
N ASP J 341 41.14 -9.51 5.27
CA ASP J 341 41.66 -9.64 3.91
C ASP J 341 42.49 -10.91 3.82
N MET J 342 42.16 -11.77 2.87
CA MET J 342 42.85 -13.05 2.75
C MET J 342 44.29 -12.84 2.31
N LYS J 343 45.19 -13.66 2.86
CA LYS J 343 46.60 -13.67 2.48
C LYS J 343 47.03 -14.99 1.87
N VAL J 344 46.75 -16.11 2.55
CA VAL J 344 47.12 -17.44 2.08
C VAL J 344 45.89 -18.34 2.17
N ALA J 345 45.53 -18.96 1.06
CA ALA J 345 44.37 -19.82 1.02
C ALA J 345 44.73 -21.25 1.45
N PHE J 346 43.71 -22.00 1.85
CA PHE J 346 43.89 -23.36 2.35
C PHE J 346 42.92 -24.27 1.61
N PHE J 347 43.44 -25.31 0.98
CA PHE J 347 42.64 -26.26 0.20
C PHE J 347 42.81 -27.67 0.77
N LYS J 348 41.73 -28.43 0.77
CA LYS J 348 41.72 -29.80 1.25
C LYS J 348 41.05 -30.69 0.22
N CYS J 349 41.70 -31.81 -0.11
CA CYS J 349 41.14 -32.76 -1.06
C CYS J 349 40.01 -33.53 -0.41
N ASN J 350 38.85 -33.58 -1.08
CA ASN J 350 37.70 -34.26 -0.53
C ASN J 350 37.88 -35.78 -0.48
N VAL J 351 38.79 -36.33 -1.28
CA VAL J 351 38.93 -37.78 -1.41
C VAL J 351 39.99 -38.28 -0.45
N CYS J 352 41.23 -37.82 -0.60
CA CYS J 352 42.34 -38.30 0.19
C CYS J 352 42.60 -37.45 1.43
N ASP J 353 41.81 -36.40 1.67
CA ASP J 353 41.96 -35.55 2.85
C ASP J 353 43.38 -34.98 2.93
N HIS J 354 43.91 -34.59 1.78
CA HIS J 354 45.24 -33.97 1.72
C HIS J 354 45.09 -32.45 1.72
N THR J 355 45.90 -31.79 2.54
CA THR J 355 45.80 -30.34 2.73
C THR J 355 47.02 -29.65 2.12
N MET J 356 46.76 -28.58 1.37
CA MET J 356 47.82 -27.75 0.81
C MET J 356 47.40 -26.28 0.91
N ALA J 357 48.41 -25.41 1.00
CA ALA J 357 48.20 -23.97 1.09
C ALA J 357 48.75 -23.31 -0.16
N VAL J 358 47.96 -22.40 -0.74
CA VAL J 358 48.34 -21.69 -1.95
C VAL J 358 48.24 -20.20 -1.70
N GLU J 359 49.11 -19.43 -2.35
CA GLU J 359 49.18 -18.00 -2.17
C GLU J 359 48.16 -17.29 -3.05
N ILE J 360 47.95 -16.00 -2.77
CA ILE J 360 47.03 -15.15 -3.50
C ILE J 360 47.83 -14.03 -4.14
N ASP J 361 47.63 -13.83 -5.44
CA ASP J 361 48.32 -12.79 -6.20
C ASP J 361 47.29 -11.87 -6.84
N ARG J 362 47.42 -10.57 -6.57
CA ARG J 362 46.55 -9.55 -7.16
C ARG J 362 45.08 -9.87 -6.90
N GLY J 363 44.76 -10.38 -5.72
CA GLY J 363 43.39 -10.68 -5.38
C GLY J 363 42.82 -11.88 -6.09
N VAL J 364 43.67 -12.79 -6.56
CA VAL J 364 43.24 -13.99 -7.28
C VAL J 364 43.86 -15.21 -6.60
N ILE J 365 43.03 -16.22 -6.36
CA ILE J 365 43.50 -17.45 -5.74
C ILE J 365 44.08 -18.36 -6.82
N GLN J 366 45.34 -18.76 -6.66
CA GLN J 366 45.96 -19.68 -7.59
C GLN J 366 45.48 -21.10 -7.30
N GLU J 367 44.21 -21.36 -7.55
CA GLU J 367 43.62 -22.63 -7.17
C GLU J 367 44.23 -23.76 -8.01
N PRO J 368 44.31 -24.98 -7.46
CA PRO J 368 44.80 -26.11 -8.26
C PRO J 368 43.67 -26.81 -9.00
N ALA J 369 44.02 -27.33 -10.19
CA ALA J 369 43.03 -28.04 -10.99
C ALA J 369 42.73 -29.41 -10.42
N ARG J 370 43.76 -30.11 -9.94
CA ARG J 370 43.59 -31.45 -9.38
C ARG J 370 44.53 -31.61 -8.20
N CYS J 371 44.27 -32.64 -7.39
CA CYS J 371 45.06 -32.87 -6.19
C CYS J 371 46.53 -33.01 -6.54
N GLU J 372 47.39 -32.38 -5.73
CA GLU J 372 48.82 -32.36 -6.03
C GLU J 372 49.49 -33.69 -5.74
N ARG J 373 48.84 -34.58 -5.00
CA ARG J 373 49.44 -35.89 -4.73
C ARG J 373 49.48 -36.72 -5.99
N ILE J 374 50.40 -37.70 -6.01
CA ILE J 374 50.59 -38.52 -7.20
C ILE J 374 49.61 -39.67 -7.22
N ASP J 375 49.45 -40.36 -6.09
CA ASP J 375 48.52 -41.49 -6.03
C ASP J 375 47.09 -41.04 -6.30
N CYS J 376 46.69 -39.92 -5.71
CA CYS J 376 45.36 -39.36 -5.90
C CYS J 376 45.46 -38.18 -6.85
N ASN J 377 44.69 -38.21 -7.93
CA ASN J 377 44.70 -37.15 -8.93
C ASN J 377 43.29 -36.77 -9.37
N GLU J 378 42.29 -36.99 -8.51
CA GLU J 378 40.91 -36.71 -8.87
C GLU J 378 40.76 -35.23 -9.18
N PRO J 379 40.30 -34.85 -10.37
CA PRO J 379 40.18 -33.44 -10.70
C PRO J 379 38.96 -32.79 -10.06
N ASN J 380 39.11 -31.50 -9.75
CA ASN J 380 38.01 -30.68 -9.25
C ASN J 380 37.46 -31.21 -7.92
N SER J 381 38.30 -31.92 -7.16
CA SER J 381 37.92 -32.45 -5.86
C SER J 381 38.44 -31.61 -4.71
N MET J 382 39.07 -30.48 -4.98
CA MET J 382 39.63 -29.63 -3.93
C MET J 382 38.59 -28.62 -3.48
N SER J 383 38.52 -28.38 -2.18
CA SER J 383 37.57 -27.45 -1.59
C SER J 383 38.30 -26.50 -0.64
N LEU J 384 37.76 -25.29 -0.52
CA LEU J 384 38.37 -24.25 0.31
C LEU J 384 37.83 -24.35 1.74
N ILE J 385 38.74 -24.50 2.70
CA ILE J 385 38.38 -24.49 4.11
C ILE J 385 38.50 -23.04 4.57
N HIS J 386 37.35 -22.40 4.78
CA HIS J 386 37.32 -20.95 5.00
C HIS J 386 38.05 -20.56 6.28
N ASN J 387 37.97 -21.40 7.31
CA ASN J 387 38.41 -21.02 8.64
C ASN J 387 39.86 -21.39 8.94
N ARG J 388 40.61 -21.87 7.95
CA ARG J 388 42.01 -22.19 8.14
C ARG J 388 42.93 -21.36 7.27
N CYS J 389 42.40 -20.42 6.48
CA CYS J 389 43.22 -19.54 5.67
C CYS J 389 43.75 -18.39 6.50
N SER J 390 45.00 -18.02 6.25
CA SER J 390 45.58 -16.87 6.92
C SER J 390 44.91 -15.59 6.45
N PHE J 391 44.77 -14.62 7.36
CA PHE J 391 44.08 -13.38 7.07
C PHE J 391 44.90 -12.20 7.59
N ALA J 392 44.62 -11.04 7.02
CA ALA J 392 45.24 -9.78 7.43
C ALA J 392 44.13 -8.79 7.76
N ASP J 393 44.54 -7.60 8.20
CA ASP J 393 43.60 -6.56 8.62
C ASP J 393 43.48 -5.49 7.55
N LYS J 394 42.25 -5.08 7.26
CA LYS J 394 41.97 -4.03 6.29
C LYS J 394 40.95 -3.07 6.88
N GLN J 395 41.10 -1.79 6.55
CA GLN J 395 40.18 -0.76 7.00
C GLN J 395 40.14 0.36 5.98
N VAL J 396 38.98 0.98 5.82
CA VAL J 396 38.77 2.05 4.85
C VAL J 396 38.41 3.31 5.61
N ILE J 397 39.11 4.40 5.32
CA ILE J 397 38.91 5.68 5.98
C ILE J 397 38.55 6.72 4.93
N LYS J 398 37.78 7.72 5.35
CA LYS J 398 37.43 8.87 4.51
C LYS J 398 38.12 10.11 5.08
N LEU J 399 38.86 10.80 4.23
CA LEU J 399 39.62 11.99 4.62
C LEU J 399 39.01 13.21 3.95
N GLN J 400 38.69 14.22 4.75
CA GLN J 400 38.20 15.50 4.25
C GLN J 400 39.31 16.53 4.35
N GLU J 401 39.50 17.30 3.28
CA GLU J 401 40.57 18.30 3.28
C GLU J 401 40.33 19.34 4.35
N THR J 402 41.41 19.97 4.80
CA THR J 402 41.29 20.97 5.85
C THR J 402 40.44 22.14 5.36
N PRO J 403 39.66 22.77 6.26
CA PRO J 403 38.81 23.88 5.81
C PRO J 403 39.58 25.01 5.16
N ASP J 404 40.85 25.21 5.52
CA ASP J 404 41.62 26.31 4.95
C ASP J 404 41.78 26.15 3.44
N PHE J 405 41.98 24.91 2.98
CA PHE J 405 42.26 24.69 1.57
C PHE J 405 41.07 25.03 0.67
N VAL J 406 39.87 25.17 1.23
CA VAL J 406 38.68 25.43 0.42
C VAL J 406 38.84 26.78 -0.26
N PRO J 407 38.78 26.84 -1.60
CA PRO J 407 39.04 28.12 -2.29
C PRO J 407 37.97 29.17 -2.09
N ASP J 408 36.70 28.81 -2.34
CA ASP J 408 35.62 29.80 -2.40
C ASP J 408 34.40 29.30 -1.63
N GLY J 409 34.62 28.61 -0.52
CA GLY J 409 33.52 28.17 0.33
C GLY J 409 32.54 27.26 -0.35
N GLN J 410 32.98 26.05 -0.71
CA GLN J 410 32.12 25.01 -1.24
C GLN J 410 32.23 23.78 -0.36
N THR J 411 31.60 22.69 -0.78
CA THR J 411 31.67 21.45 -0.02
C THR J 411 33.07 20.87 -0.15
N PRO J 412 33.81 20.70 0.95
CA PRO J 412 35.17 20.16 0.83
C PRO J 412 35.17 18.78 0.20
N HIS J 413 36.20 18.51 -0.60
CA HIS J 413 36.34 17.21 -1.22
C HIS J 413 36.82 16.17 -0.21
N SER J 414 36.67 14.90 -0.59
CA SER J 414 37.08 13.80 0.26
C SER J 414 37.81 12.76 -0.58
N ILE J 415 38.75 12.06 0.06
CA ILE J 415 39.54 11.01 -0.57
C ILE J 415 39.56 9.81 0.35
N SER J 416 39.39 8.61 -0.22
CA SER J 416 39.37 7.39 0.56
C SER J 416 40.78 6.86 0.78
N LEU J 417 41.00 6.24 1.93
CA LEU J 417 42.29 5.68 2.29
C LEU J 417 42.11 4.23 2.75
N CYS J 418 43.16 3.44 2.55
CA CYS J 418 43.20 2.05 2.99
C CYS J 418 44.44 1.85 3.86
N VAL J 419 44.25 1.23 5.02
CA VAL J 419 45.33 0.95 5.95
C VAL J 419 45.25 -0.51 6.36
N TYR J 420 46.41 -1.17 6.46
CA TYR J 420 46.47 -2.60 6.74
C TYR J 420 47.42 -2.87 7.90
N ASP J 421 47.15 -3.96 8.60
CA ASP J 421 48.04 -4.50 9.65
C ASP J 421 48.11 -3.48 10.77
N GLU J 422 49.29 -2.92 11.08
CA GLU J 422 49.45 -2.12 12.30
C GLU J 422 48.63 -0.84 12.25
N LEU J 423 48.60 -0.17 11.10
CA LEU J 423 47.93 1.13 11.00
C LEU J 423 46.42 1.04 11.18
N VAL J 424 45.86 -0.16 11.34
CA VAL J 424 44.43 -0.28 11.57
C VAL J 424 44.10 0.23 12.97
N ASP J 425 42.98 0.95 13.09
CA ASP J 425 42.56 1.52 14.36
C ASP J 425 43.64 2.43 14.93
N SER J 426 44.29 3.19 14.06
CA SER J 426 45.31 4.14 14.47
C SER J 426 44.83 5.58 14.48
N CYS J 427 43.82 5.90 13.67
CA CYS J 427 43.25 7.24 13.62
C CYS J 427 41.76 7.16 13.90
N ARG J 428 41.28 8.00 14.82
CA ARG J 428 39.88 8.03 15.18
C ARG J 428 39.13 9.04 14.31
N ALA J 429 37.80 9.02 14.43
CA ALA J 429 36.97 9.96 13.70
C ALA J 429 37.12 11.36 14.28
N GLY J 430 37.34 12.34 13.41
CA GLY J 430 37.47 13.72 13.85
C GLY J 430 38.86 14.05 14.33
N ASP J 431 39.88 13.64 13.58
CA ASP J 431 41.26 13.93 13.93
C ASP J 431 42.01 14.41 12.70
N ARG J 432 43.00 15.27 12.92
CA ARG J 432 43.83 15.81 11.85
C ARG J 432 45.10 14.96 11.74
N ILE J 433 45.32 14.37 10.57
CA ILE J 433 46.42 13.46 10.35
C ILE J 433 47.17 13.84 9.09
N GLU J 434 48.42 13.39 9.00
CA GLU J 434 49.24 13.51 7.81
C GLU J 434 49.62 12.10 7.37
N VAL J 435 49.25 11.75 6.15
CA VAL J 435 49.36 10.37 5.66
C VAL J 435 50.22 10.35 4.41
N THR J 436 51.16 9.42 4.37
CA THR J 436 51.99 9.17 3.19
C THR J 436 51.58 7.83 2.60
N GLY J 437 51.35 7.80 1.29
CA GLY J 437 50.91 6.56 0.66
C GLY J 437 50.98 6.68 -0.85
N THR J 438 50.58 5.61 -1.52
CA THR J 438 50.59 5.54 -2.97
C THR J 438 49.21 5.91 -3.51
N PHE J 439 49.19 6.84 -4.46
CA PHE J 439 47.95 7.28 -5.09
C PHE J 439 47.58 6.28 -6.17
N ARG J 440 46.76 5.30 -5.79
CA ARG J 440 46.40 4.21 -6.68
C ARG J 440 45.13 4.50 -7.44
N SER J 441 44.89 3.71 -8.49
CA SER J 441 43.68 3.77 -9.28
C SER J 441 43.19 2.34 -9.53
N ILE J 442 41.88 2.16 -9.59
CA ILE J 442 41.32 0.81 -9.73
C ILE J 442 40.01 0.89 -10.51
N PRO J 443 39.71 -0.08 -11.37
CA PRO J 443 38.45 -0.05 -12.12
C PRO J 443 37.25 -0.33 -11.22
N ILE J 444 36.07 0.03 -11.72
CA ILE J 444 34.80 -0.30 -11.08
C ILE J 444 34.00 -1.14 -12.05
N ARG J 445 33.50 -2.29 -11.59
CA ARG J 445 32.70 -3.15 -12.44
C ARG J 445 31.33 -2.54 -12.68
N ALA J 446 30.89 -2.58 -13.94
CA ALA J 446 29.59 -2.01 -14.29
C ALA J 446 28.45 -2.73 -13.59
N ASN J 447 28.51 -4.06 -13.52
CA ASN J 447 27.47 -4.84 -12.87
C ASN J 447 28.13 -6.04 -12.19
N SER J 448 27.38 -6.64 -11.26
CA SER J 448 27.94 -7.70 -10.43
C SER J 448 28.29 -8.95 -11.23
N ARG J 449 27.47 -9.29 -12.23
CA ARG J 449 27.55 -10.58 -12.89
C ARG J 449 28.26 -10.54 -14.24
N GLN J 450 29.22 -9.63 -14.43
CA GLN J 450 29.97 -9.57 -15.67
C GLN J 450 31.36 -9.00 -15.40
N ARG J 451 32.30 -9.34 -16.29
CA ARG J 451 33.65 -8.78 -16.24
C ARG J 451 33.70 -7.36 -16.77
N VAL J 452 32.60 -6.86 -17.33
CA VAL J 452 32.61 -5.53 -17.93
C VAL J 452 32.97 -4.49 -16.87
N LEU J 453 33.72 -3.48 -17.29
CA LEU J 453 34.24 -2.44 -16.40
C LEU J 453 33.84 -1.06 -16.90
N LYS J 454 33.64 -0.14 -15.97
CA LYS J 454 33.42 1.26 -16.33
C LYS J 454 34.72 1.89 -16.78
N SER J 455 34.62 2.88 -17.67
CA SER J 455 35.81 3.56 -18.15
C SER J 455 36.40 4.49 -17.10
N LEU J 456 35.58 4.99 -16.18
CA LEU J 456 36.06 5.88 -15.14
C LEU J 456 36.61 5.06 -13.97
N TYR J 457 37.84 5.37 -13.56
CA TYR J 457 38.51 4.64 -12.50
C TYR J 457 38.30 5.33 -11.17
N LYS J 458 38.24 4.54 -10.10
CA LYS J 458 38.15 5.08 -8.75
C LYS J 458 39.55 5.36 -8.22
N THR J 459 39.72 6.52 -7.61
CA THR J 459 41.01 6.91 -7.04
C THR J 459 40.98 6.77 -5.52
N TYR J 460 42.10 6.30 -4.97
CA TYR J 460 42.24 6.14 -3.54
C TYR J 460 43.73 6.12 -3.21
N VAL J 461 44.04 6.10 -1.92
CA VAL J 461 45.42 6.18 -1.42
C VAL J 461 45.72 4.94 -0.60
N ASP J 462 46.86 4.31 -0.90
CA ASP J 462 47.33 3.15 -0.14
C ASP J 462 48.31 3.66 0.91
N VAL J 463 47.85 3.71 2.16
CA VAL J 463 48.61 4.35 3.23
C VAL J 463 49.74 3.43 3.68
N VAL J 464 50.93 4.01 3.83
CA VAL J 464 52.07 3.30 4.40
C VAL J 464 52.60 3.94 5.68
N HIS J 465 52.14 5.15 6.01
CA HIS J 465 52.54 5.80 7.25
C HIS J 465 51.46 6.78 7.66
N VAL J 466 51.25 6.90 8.97
CA VAL J 466 50.24 7.81 9.53
C VAL J 466 50.86 8.52 10.72
N LYS J 467 50.69 9.83 10.78
CA LYS J 467 51.16 10.65 11.90
C LYS J 467 50.03 11.58 12.32
N LYS J 468 49.59 11.46 13.57
CA LYS J 468 48.47 12.24 14.07
C LYS J 468 48.94 13.65 14.41
N VAL J 469 48.51 14.62 13.61
CA VAL J 469 48.88 16.01 13.83
C VAL J 469 47.80 16.70 14.67
N ILE J 501 57.95 10.39 29.37
CA ILE J 501 58.80 11.45 29.89
C ILE J 501 60.21 10.91 30.09
N THR J 502 61.21 11.73 29.75
CA THR J 502 62.60 11.34 29.91
C THR J 502 63.08 11.65 31.32
N ASP J 503 64.14 10.94 31.73
CA ASP J 503 64.70 11.17 33.04
C ASP J 503 65.24 12.59 33.19
N GLN J 504 65.76 13.16 32.10
CA GLN J 504 66.26 14.53 32.16
C GLN J 504 65.14 15.52 32.51
N ASP J 505 63.97 15.34 31.91
CA ASP J 505 62.85 16.22 32.21
C ASP J 505 62.42 16.06 33.67
N LEU J 506 62.37 14.82 34.17
CA LEU J 506 62.00 14.60 35.56
C LEU J 506 63.00 15.27 36.50
N ALA J 507 64.30 15.15 36.20
CA ALA J 507 65.30 15.86 36.98
C ALA J 507 65.09 17.37 36.90
N LYS J 508 64.64 17.86 35.74
CA LYS J 508 64.37 19.28 35.58
C LYS J 508 63.12 19.68 36.35
N ILE J 509 62.04 18.88 36.25
CA ILE J 509 60.80 19.21 36.91
C ILE J 509 60.99 19.25 38.42
N ARG J 510 61.70 18.26 38.96
CA ARG J 510 61.94 18.22 40.40
C ARG J 510 62.74 19.44 40.88
N GLU J 511 63.43 20.12 39.97
CA GLU J 511 64.17 21.32 40.36
C GLU J 511 63.22 22.49 40.61
N VAL J 512 62.18 22.62 39.79
CA VAL J 512 61.23 23.72 39.97
C VAL J 512 60.52 23.58 41.31
N ALA J 513 60.10 22.35 41.65
CA ALA J 513 59.36 22.15 42.89
C ALA J 513 60.13 22.66 44.11
N ALA J 514 61.46 22.60 44.07
CA ALA J 514 62.27 23.12 45.17
C ALA J 514 62.18 24.64 45.26
N ARG J 515 61.81 25.32 44.18
CA ARG J 515 61.72 26.77 44.22
C ARG J 515 60.70 27.21 45.26
N GLU J 516 61.10 28.15 46.11
CA GLU J 516 60.20 28.61 47.16
C GLU J 516 58.98 29.33 46.59
N ASP J 517 59.18 30.17 45.57
CA ASP J 517 58.06 30.91 44.96
C ASP J 517 57.48 30.16 43.76
N LEU J 518 57.17 28.88 43.95
CA LEU J 518 56.56 28.10 42.88
C LEU J 518 55.12 28.52 42.63
N TYR J 519 54.37 28.77 43.70
CA TYR J 519 52.97 29.18 43.55
C TYR J 519 52.85 30.40 42.66
N SER J 520 53.62 31.45 42.97
CA SER J 520 53.60 32.66 42.16
C SER J 520 54.06 32.41 40.74
N LEU J 521 55.09 31.60 40.55
CA LEU J 521 55.58 31.31 39.21
C LEU J 521 54.49 30.69 38.35
N LEU J 522 53.84 29.64 38.85
CA LEU J 522 52.79 28.98 38.07
C LEU J 522 51.60 29.91 37.86
N ALA J 523 51.21 30.65 38.91
CA ALA J 523 50.06 31.54 38.78
C ALA J 523 50.32 32.65 37.78
N ARG J 524 51.57 33.08 37.66
CA ARG J 524 51.95 34.11 36.70
C ARG J 524 52.16 33.56 35.29
N SER J 525 52.47 32.27 35.16
CA SER J 525 52.68 31.67 33.86
C SER J 525 51.42 31.09 33.23
N ILE J 526 50.39 30.78 34.04
CA ILE J 526 49.17 30.22 33.46
C ILE J 526 48.53 31.20 32.49
N ALA J 527 48.44 32.47 32.88
CA ALA J 527 47.84 33.53 32.07
C ALA J 527 48.80 34.72 32.03
N PRO J 528 49.81 34.68 31.15
CA PRO J 528 50.80 35.77 31.14
C PRO J 528 50.20 37.14 30.93
N SER J 529 49.19 37.27 30.07
CA SER J 529 48.74 38.59 29.66
C SER J 529 47.93 39.27 30.76
N ILE J 530 47.03 38.54 31.42
CA ILE J 530 46.18 39.15 32.43
C ILE J 530 47.04 39.77 33.51
N TYR J 531 46.65 40.97 33.93
CA TYR J 531 47.45 41.78 34.85
C TYR J 531 46.76 41.92 36.18
N GLU J 532 47.51 41.70 37.27
CA GLU J 532 47.04 41.93 38.63
C GLU J 532 45.70 41.23 38.88
N LEU J 533 45.71 39.91 38.68
CA LEU J 533 44.60 39.05 39.07
C LEU J 533 45.13 37.81 39.77
N GLU J 534 46.12 37.98 40.66
CA GLU J 534 46.88 36.84 41.17
C GLU J 534 45.97 35.84 41.88
N ASP J 535 44.99 36.33 42.64
CA ASP J 535 44.10 35.41 43.35
C ASP J 535 43.22 34.65 42.37
N VAL J 536 42.71 35.34 41.35
CA VAL J 536 41.90 34.66 40.34
C VAL J 536 42.73 33.61 39.61
N LYS J 537 43.95 33.97 39.23
CA LYS J 537 44.83 33.02 38.57
C LYS J 537 45.10 31.81 39.44
N LYS J 538 45.39 32.06 40.73
CA LYS J 538 45.65 30.96 41.66
C LYS J 538 44.46 30.03 41.75
N GLY J 539 43.26 30.60 41.89
CA GLY J 539 42.07 29.77 41.92
C GLY J 539 41.90 28.96 40.64
N ILE J 540 42.16 29.59 39.49
CA ILE J 540 42.04 28.89 38.22
C ILE J 540 43.05 27.74 38.15
N LEU J 541 44.28 28.00 38.60
CA LEU J 541 45.32 26.97 38.52
C LEU J 541 44.93 25.74 39.33
N LEU J 542 44.44 25.93 40.55
CA LEU J 542 44.10 24.80 41.40
C LEU J 542 43.01 23.93 40.79
N GLN J 543 42.22 24.48 39.86
CA GLN J 543 41.23 23.68 39.17
C GLN J 543 41.87 22.72 38.17
N LEU J 544 42.94 23.16 37.50
CA LEU J 544 43.60 22.29 36.53
C LEU J 544 44.19 21.07 37.22
N PHE J 545 44.87 21.25 38.35
CA PHE J 545 45.44 20.13 39.07
C PHE J 545 44.35 19.18 39.57
N GLY J 546 43.29 19.74 40.15
CA GLY J 546 42.20 18.94 40.67
C GLY J 546 42.53 18.33 42.02
N GLY J 547 41.48 17.88 42.70
CA GLY J 547 41.64 17.22 43.99
C GLY J 547 42.26 15.85 43.84
N THR J 548 42.04 14.98 44.82
CA THR J 548 42.59 13.63 44.80
C THR J 548 41.47 12.63 44.57
N ASN J 549 41.77 11.62 43.75
CA ASN J 549 40.78 10.60 43.43
C ASN J 549 40.75 9.53 44.51
N LYS J 550 39.55 9.07 44.83
CA LYS J 550 39.35 8.03 45.83
C LYS J 550 38.43 6.95 45.27
N THR J 551 38.93 5.71 45.26
CA THR J 551 38.09 4.55 45.00
C THR J 551 37.55 4.03 46.32
N PHE J 552 36.24 3.84 46.41
CA PHE J 552 35.58 3.68 47.70
C PHE J 552 34.44 2.69 47.53
N THR J 553 34.65 1.45 47.98
CA THR J 553 33.56 0.49 48.10
C THR J 553 32.82 0.72 49.41
N LYS J 554 31.77 -0.05 49.66
CA LYS J 554 30.87 0.19 50.78
C LYS J 554 30.26 1.58 50.70
N GLY J 555 30.07 2.08 49.47
CA GLY J 555 29.58 3.43 49.26
C GLY J 555 29.70 3.84 47.81
N GLY J 556 30.27 5.02 47.57
CA GLY J 556 30.46 5.50 46.22
C GLY J 556 31.78 6.23 46.08
N ARG J 557 32.23 6.35 44.83
CA ARG J 557 33.50 7.00 44.55
C ARG J 557 33.43 8.49 44.90
N TYR J 558 34.54 9.02 45.41
CA TYR J 558 34.68 10.44 45.71
C TYR J 558 35.71 11.04 44.77
N ARG J 559 35.31 12.09 44.07
CA ARG J 559 36.13 12.68 43.01
C ARG J 559 36.59 14.07 43.44
N GLY J 560 37.88 14.35 43.25
CA GLY J 560 38.43 15.65 43.59
C GLY J 560 38.42 16.61 42.43
N ASP J 561 37.23 17.06 42.03
CA ASP J 561 37.06 18.03 40.96
C ASP J 561 36.53 19.33 41.53
N ILE J 562 37.11 20.45 41.09
CA ILE J 562 36.83 21.77 41.64
C ILE J 562 36.02 22.57 40.62
N ASN J 563 34.99 23.24 41.11
CA ASN J 563 34.13 24.09 40.28
C ASN J 563 34.31 25.54 40.71
N ILE J 564 34.53 26.43 39.74
CA ILE J 564 34.83 27.83 40.01
C ILE J 564 33.85 28.70 39.23
N LEU J 565 33.36 29.75 39.88
CA LEU J 565 32.47 30.73 39.26
C LEU J 565 33.18 32.08 39.25
N LEU J 566 33.19 32.73 38.09
CA LEU J 566 33.83 34.03 37.90
C LEU J 566 32.75 35.02 37.48
N CYS J 567 32.14 35.68 38.46
CA CYS J 567 31.08 36.66 38.22
C CYS J 567 31.55 38.03 38.68
N GLY J 568 31.38 39.03 37.83
CA GLY J 568 31.86 40.36 38.15
C GLY J 568 31.47 41.36 37.08
N ASP J 569 32.11 42.52 37.15
CA ASP J 569 31.78 43.60 36.23
C ASP J 569 32.17 43.23 34.80
N PRO J 570 31.50 43.79 33.80
CA PRO J 570 31.68 43.32 32.42
C PRO J 570 33.11 43.42 31.89
N SER J 571 33.69 44.62 31.90
CA SER J 571 34.93 44.84 31.17
C SER J 571 36.11 44.07 31.75
N THR J 572 36.01 43.52 32.95
CA THR J 572 37.11 42.77 33.52
C THR J 572 37.36 41.50 32.72
N SER J 573 38.60 41.02 32.79
CA SER J 573 39.03 39.87 31.98
C SER J 573 38.44 38.60 32.55
N LYS J 574 37.22 38.28 32.12
CA LYS J 574 36.59 37.00 32.43
C LYS J 574 36.67 36.05 31.25
N SER J 575 36.16 36.46 30.09
CA SER J 575 36.20 35.58 28.92
C SER J 575 37.63 35.29 28.49
N GLN J 576 38.54 36.24 28.67
CA GLN J 576 39.94 36.01 28.32
C GLN J 576 40.52 34.86 29.12
N ILE J 577 40.24 34.83 30.43
CA ILE J 577 40.71 33.72 31.25
C ILE J 577 40.04 32.43 30.82
N LEU J 578 38.75 32.49 30.45
CA LEU J 578 38.07 31.29 29.98
C LEU J 578 38.77 30.70 28.77
N GLN J 579 39.10 31.53 27.79
CA GLN J 579 39.82 31.04 26.60
C GLN J 579 41.20 30.54 26.97
N TYR J 580 41.91 31.26 27.85
CA TYR J 580 43.25 30.85 28.23
C TYR J 580 43.26 29.46 28.85
N VAL J 581 42.33 29.19 29.77
CA VAL J 581 42.26 27.85 30.35
C VAL J 581 41.77 26.84 29.32
N HIS J 582 40.84 27.24 28.44
CA HIS J 582 40.37 26.32 27.42
C HIS J 582 41.51 25.81 26.55
N LYS J 583 42.50 26.67 26.28
CA LYS J 583 43.65 26.21 25.51
C LYS J 583 44.46 25.17 26.27
N ILE J 584 44.70 25.39 27.56
CA ILE J 584 45.64 24.54 28.30
C ILE J 584 45.09 23.13 28.46
N THR J 585 43.83 23.00 28.86
CA THR J 585 43.29 21.71 29.23
C THR J 585 43.30 20.77 28.01
N PRO J 586 43.54 19.47 28.22
CA PRO J 586 43.56 18.56 27.07
C PRO J 586 42.17 18.33 26.47
N ARG J 587 41.13 18.39 27.28
CA ARG J 587 39.76 18.21 26.81
C ARG J 587 38.88 19.31 27.38
N GLY J 588 37.92 19.75 26.59
CA GLY J 588 37.00 20.79 27.01
C GLY J 588 36.17 21.34 25.87
N VAL J 589 34.98 21.84 26.19
CA VAL J 589 34.07 22.40 25.20
C VAL J 589 33.72 23.82 25.62
N TYR J 590 33.90 24.77 24.71
CA TYR J 590 33.57 26.17 24.98
C TYR J 590 32.10 26.42 24.65
N THR J 591 31.25 25.94 25.55
CA THR J 591 29.83 26.22 25.45
C THR J 591 29.54 27.60 26.03
N SER J 592 28.51 28.25 25.47
CA SER J 592 28.14 29.60 25.86
C SER J 592 26.71 29.61 26.38
N GLY J 593 26.21 30.80 26.69
CA GLY J 593 24.84 30.96 27.15
C GLY J 593 23.91 31.26 25.98
N LYS J 594 22.75 30.61 26.00
CA LYS J 594 21.72 30.68 24.97
C LYS J 594 22.16 30.02 23.67
N GLY J 595 23.39 29.55 23.57
CA GLY J 595 23.86 28.76 22.44
C GLY J 595 23.95 27.28 22.73
N SER J 596 23.46 26.83 23.88
CA SER J 596 23.49 25.42 24.25
C SER J 596 22.13 25.03 24.81
N SER J 597 21.81 23.75 24.70
CA SER J 597 20.52 23.21 25.13
C SER J 597 20.73 22.19 26.24
N ALA J 598 19.63 21.89 26.95
CA ALA J 598 19.70 20.90 28.02
C ALA J 598 20.17 19.55 27.48
N VAL J 599 19.55 19.08 26.40
CA VAL J 599 19.97 17.83 25.79
C VAL J 599 21.36 17.99 25.18
N GLY J 600 21.63 19.13 24.55
CA GLY J 600 22.91 19.32 23.90
C GLY J 600 24.09 19.20 24.84
N LEU J 601 23.90 19.60 26.10
CA LEU J 601 25.00 19.51 27.07
C LEU J 601 25.25 18.06 27.48
N THR J 602 24.19 17.31 27.77
CA THR J 602 24.35 15.97 28.32
C THR J 602 24.59 14.93 27.22
N ALA J 603 23.60 14.71 26.36
CA ALA J 603 23.67 13.64 25.38
C ALA J 603 22.43 13.70 24.51
N TYR J 604 22.58 13.26 23.26
CA TYR J 604 21.51 13.30 22.27
C TYR J 604 21.25 11.89 21.75
N ILE J 605 19.99 11.48 21.76
CA ILE J 605 19.59 10.18 21.25
C ILE J 605 19.40 10.27 19.74
N THR J 606 20.04 9.37 19.00
CA THR J 606 19.98 9.38 17.55
C THR J 606 20.02 7.94 17.05
N ARG J 607 20.13 7.79 15.73
CA ARG J 607 20.22 6.49 15.08
C ARG J 607 21.39 6.51 14.09
N ASP J 608 22.06 5.37 13.97
CA ASP J 608 23.18 5.22 13.05
C ASP J 608 22.66 4.71 11.72
N VAL J 609 22.80 5.52 10.67
CA VAL J 609 22.30 5.15 9.35
C VAL J 609 23.05 3.94 8.83
N ASP J 610 24.38 3.92 8.99
CA ASP J 610 25.18 2.82 8.46
C ASP J 610 24.78 1.49 9.08
N THR J 611 24.60 1.46 10.41
CA THR J 611 24.25 0.24 11.12
C THR J 611 22.76 0.11 11.38
N LYS J 612 21.98 1.19 11.23
CA LYS J 612 20.54 1.16 11.49
C LYS J 612 20.25 0.67 12.90
N GLN J 613 20.93 1.27 13.88
CA GLN J 613 20.76 0.94 15.28
C GLN J 613 20.65 2.23 16.09
N LEU J 614 19.99 2.13 17.24
CA LEU J 614 19.80 3.28 18.11
C LEU J 614 21.07 3.55 18.90
N VAL J 615 21.65 4.73 18.71
CA VAL J 615 22.87 5.15 19.38
C VAL J 615 22.65 6.52 19.99
N LEU J 616 23.58 6.91 20.86
CA LEU J 616 23.51 8.19 21.54
C LEU J 616 24.84 8.92 21.40
N GLU J 617 24.76 10.23 21.15
CA GLU J 617 25.94 11.05 21.03
C GLU J 617 26.33 11.63 22.39
N SER J 618 27.51 12.22 22.45
CA SER J 618 28.04 12.80 23.67
C SER J 618 27.88 14.31 23.63
N GLY J 619 27.23 14.87 24.66
CA GLY J 619 27.03 16.29 24.75
C GLY J 619 28.28 17.01 25.21
N ALA J 620 28.14 18.32 25.42
CA ALA J 620 29.28 19.14 25.79
C ALA J 620 29.88 18.67 27.11
N LEU J 621 29.02 18.40 28.11
CA LEU J 621 29.53 17.98 29.41
C LEU J 621 30.17 16.59 29.32
N VAL J 622 29.54 15.66 28.59
CA VAL J 622 30.10 14.33 28.48
C VAL J 622 31.41 14.36 27.70
N LEU J 623 31.48 15.19 26.66
CA LEU J 623 32.71 15.27 25.86
C LEU J 623 33.88 15.82 26.66
N SER J 624 33.63 16.42 27.82
CA SER J 624 34.67 17.01 28.65
C SER J 624 35.12 16.09 29.77
N ASP J 625 34.76 14.81 29.71
CA ASP J 625 35.13 13.87 30.75
C ASP J 625 36.63 13.94 31.04
N GLY J 626 36.97 14.31 32.27
CA GLY J 626 38.35 14.43 32.68
C GLY J 626 39.00 15.76 32.41
N GLY J 627 38.32 16.67 31.73
CA GLY J 627 38.84 17.99 31.42
C GLY J 627 38.25 19.06 32.31
N VAL J 628 37.95 20.21 31.72
CA VAL J 628 37.34 21.32 32.43
C VAL J 628 36.37 22.00 31.47
N CYS J 629 35.08 21.93 31.76
CA CYS J 629 34.08 22.60 30.95
C CYS J 629 34.10 24.10 31.19
N CYS J 630 33.76 24.86 30.15
CA CYS J 630 33.77 26.31 30.20
C CYS J 630 32.43 26.86 29.73
N ILE J 631 31.85 27.74 30.55
CA ILE J 631 30.59 28.39 30.22
C ILE J 631 30.79 29.90 30.36
N ASP J 632 30.30 30.66 29.38
CA ASP J 632 30.56 32.09 29.32
C ASP J 632 29.46 32.90 30.00
N GLU J 633 28.23 32.78 29.52
CA GLU J 633 27.10 33.57 30.02
C GLU J 633 26.20 32.63 30.81
N PHE J 634 26.49 32.50 32.11
CA PHE J 634 25.69 31.61 32.95
C PHE J 634 24.34 32.23 33.28
N ASP J 635 24.30 33.55 33.52
CA ASP J 635 23.03 34.20 33.82
C ASP J 635 22.07 34.12 32.63
N LYS J 636 22.59 34.30 31.43
CA LYS J 636 21.77 34.26 30.21
C LYS J 636 21.55 32.80 29.78
N MET J 637 20.99 32.02 30.68
CA MET J 637 20.70 30.61 30.43
C MET J 637 19.42 30.23 31.15
N SER J 638 18.48 29.63 30.42
CA SER J 638 17.21 29.24 31.01
C SER J 638 17.43 28.24 32.14
N ASP J 639 16.65 28.39 33.22
CA ASP J 639 16.79 27.49 34.35
C ASP J 639 16.50 26.04 34.00
N SER J 640 15.79 25.80 32.90
CA SER J 640 15.53 24.43 32.48
C SER J 640 16.83 23.69 32.17
N THR J 641 17.76 24.37 31.49
CA THR J 641 19.04 23.75 31.17
C THR J 641 19.96 23.71 32.39
N ARG J 642 19.89 24.73 33.26
CA ARG J 642 20.75 24.76 34.43
C ARG J 642 20.50 23.58 35.35
N SER J 643 19.25 23.07 35.38
CA SER J 643 18.95 21.93 36.23
C SER J 643 19.79 20.71 35.89
N VAL J 644 20.30 20.62 34.67
CA VAL J 644 21.19 19.53 34.31
C VAL J 644 22.45 19.56 35.16
N LEU J 645 23.02 20.75 35.37
CA LEU J 645 24.27 20.87 36.10
C LEU J 645 24.14 20.48 37.56
N HIS J 646 22.91 20.34 38.09
CA HIS J 646 22.76 19.94 39.48
C HIS J 646 23.37 18.56 39.72
N GLU J 647 23.12 17.61 38.82
CA GLU J 647 23.66 16.27 38.99
C GLU J 647 25.13 16.18 38.64
N VAL J 648 25.61 16.97 37.67
CA VAL J 648 27.00 16.87 37.25
C VAL J 648 27.92 17.27 38.41
N MET J 649 27.61 18.36 39.09
CA MET J 649 28.48 18.87 40.15
C MET J 649 28.36 18.06 41.44
N GLU J 650 27.34 17.23 41.57
CA GLU J 650 27.07 16.49 42.80
C GLU J 650 27.45 15.03 42.71
N GLN J 651 27.04 14.34 41.66
CA GLN J 651 27.29 12.91 41.49
C GLN J 651 28.33 12.59 40.43
N GLN J 652 28.73 13.58 39.62
CA GLN J 652 29.70 13.36 38.55
C GLN J 652 29.21 12.32 37.55
N THR J 653 27.91 12.28 37.32
CA THR J 653 27.32 11.33 36.38
C THR J 653 25.99 11.87 35.88
N ILE J 654 25.58 11.38 34.71
CA ILE J 654 24.30 11.75 34.11
C ILE J 654 23.58 10.46 33.73
N SER J 655 22.33 10.33 34.18
CA SER J 655 21.51 9.17 33.90
C SER J 655 20.35 9.57 32.99
N ILE J 656 20.17 8.83 31.90
CA ILE J 656 19.14 9.11 30.90
C ILE J 656 18.24 7.90 30.78
N ALA J 657 16.93 8.13 30.77
CA ALA J 657 15.96 7.05 30.63
C ALA J 657 14.81 7.58 29.77
N LYS J 658 14.84 7.29 28.47
CA LYS J 658 13.82 7.78 27.56
C LYS J 658 13.94 7.06 26.24
N ALA J 659 12.78 6.71 25.66
CA ALA J 659 12.73 6.07 24.34
C ALA J 659 13.58 4.81 24.29
N GLY J 660 13.48 3.99 25.33
CA GLY J 660 14.10 2.69 25.35
C GLY J 660 15.57 2.67 25.69
N ILE J 661 16.20 3.82 25.94
CA ILE J 661 17.60 3.90 26.31
C ILE J 661 17.66 4.25 27.80
N ILE J 662 18.25 3.36 28.59
CA ILE J 662 18.39 3.53 30.03
C ILE J 662 19.84 3.23 30.36
N THR J 663 20.66 4.26 30.44
CA THR J 663 22.09 4.09 30.73
C THR J 663 22.62 5.39 31.31
N THR J 664 23.79 5.29 31.93
CA THR J 664 24.43 6.43 32.59
C THR J 664 25.78 6.69 31.93
N LEU J 665 26.06 7.95 31.62
CA LEU J 665 27.31 8.37 31.01
C LEU J 665 28.11 9.15 32.04
N ASN J 666 29.39 8.80 32.19
CA ASN J 666 30.25 9.51 33.12
C ASN J 666 30.58 10.89 32.59
N ALA J 667 30.50 11.89 33.46
CA ALA J 667 30.77 13.28 33.13
C ALA J 667 31.73 13.89 34.15
N ARG J 668 32.80 13.16 34.44
CA ARG J 668 33.74 13.56 35.50
C ARG J 668 34.56 14.76 35.05
N SER J 669 33.93 15.93 34.98
CA SER J 669 34.56 17.13 34.45
C SER J 669 34.37 18.29 35.43
N SER J 670 35.29 19.24 35.34
CA SER J 670 35.23 20.46 36.14
C SER J 670 34.51 21.54 35.36
N ILE J 671 33.74 22.36 36.07
CA ILE J 671 32.91 23.40 35.47
C ILE J 671 33.50 24.75 35.86
N LEU J 672 33.67 25.61 34.85
CA LEU J 672 34.19 26.97 35.03
C LEU J 672 33.24 27.92 34.30
N ALA J 673 32.37 28.59 35.07
CA ALA J 673 31.34 29.45 34.51
C ALA J 673 31.55 30.89 34.92
N SER J 674 30.99 31.80 34.13
CA SER J 674 31.04 33.22 34.40
C SER J 674 29.66 33.83 34.25
N ALA J 675 29.41 34.89 35.01
CA ALA J 675 28.12 35.57 35.00
C ALA J 675 28.34 37.07 35.10
N ASN J 676 27.35 37.83 34.64
CA ASN J 676 27.41 39.28 34.68
C ASN J 676 26.27 39.85 35.52
N PRO J 677 26.45 41.02 36.10
CA PRO J 677 25.42 41.57 36.99
C PRO J 677 24.16 41.94 36.24
N ILE J 678 23.04 41.98 36.99
CA ILE J 678 21.76 42.35 36.39
C ILE J 678 21.87 43.74 35.78
N GLY J 679 22.42 44.69 36.53
CA GLY J 679 22.61 46.03 36.04
C GLY J 679 23.83 46.14 35.16
N SER J 680 24.09 47.37 34.69
CA SER J 680 25.25 47.61 33.86
C SER J 680 26.56 47.37 34.61
N ARG J 681 26.53 47.42 35.94
CA ARG J 681 27.72 47.18 36.75
C ARG J 681 27.30 46.45 38.02
N TYR J 682 28.27 46.24 38.90
CA TYR J 682 28.02 45.64 40.21
C TYR J 682 27.90 46.76 41.24
N ASN J 683 26.83 46.70 42.05
CA ASN J 683 26.62 47.70 43.09
C ASN J 683 27.01 47.08 44.42
N PRO J 684 28.05 47.58 45.10
CA PRO J 684 28.44 46.96 46.38
C PRO J 684 27.34 46.98 47.43
N ASN J 685 26.43 47.95 47.39
CA ASN J 685 25.50 48.14 48.51
C ASN J 685 24.62 46.91 48.71
N LEU J 686 24.00 46.41 47.65
CA LEU J 686 23.10 45.27 47.79
C LEU J 686 23.89 43.98 47.96
N PRO J 687 23.27 42.95 48.54
CA PRO J 687 24.00 41.70 48.79
C PRO J 687 24.27 40.95 47.50
N VAL J 688 25.11 39.91 47.63
CA VAL J 688 25.57 39.19 46.45
C VAL J 688 24.42 38.50 45.74
N THR J 689 23.50 37.90 46.51
CA THR J 689 22.43 37.12 45.91
C THR J 689 21.55 37.96 44.98
N GLU J 690 21.57 39.29 45.13
CA GLU J 690 20.75 40.16 44.30
C GLU J 690 21.48 40.62 43.04
N ASN J 691 22.77 40.89 43.15
CA ASN J 691 23.49 41.53 42.05
C ASN J 691 23.73 40.60 40.87
N ILE J 692 23.94 39.31 41.13
CA ILE J 692 24.42 38.38 40.10
C ILE J 692 23.32 37.51 39.52
N ASP J 693 22.12 37.52 40.09
CA ASP J 693 21.06 36.59 39.68
C ASP J 693 21.40 35.19 40.16
N LEU J 694 20.91 34.17 39.44
CA LEU J 694 21.14 32.77 39.79
C LEU J 694 20.44 32.45 41.10
N PRO J 695 19.89 31.25 41.26
CA PRO J 695 19.28 30.88 42.55
C PRO J 695 20.31 30.94 43.67
N PRO J 696 19.94 31.40 44.86
CA PRO J 696 20.89 31.39 45.98
C PRO J 696 21.48 30.01 46.23
N PRO J 697 20.67 28.95 46.20
CA PRO J 697 21.26 27.61 46.45
C PRO J 697 22.32 27.22 45.46
N LEU J 698 22.18 27.62 44.19
CA LEU J 698 23.17 27.23 43.19
C LEU J 698 24.54 27.80 43.51
N LEU J 699 24.59 29.06 43.96
CA LEU J 699 25.86 29.68 44.30
C LEU J 699 26.60 28.91 45.39
N SER J 700 25.89 28.16 46.23
CA SER J 700 26.53 27.39 47.28
C SER J 700 27.23 26.15 46.73
N ARG J 701 26.73 25.60 45.61
CA ARG J 701 27.34 24.40 45.05
C ARG J 701 28.77 24.66 44.60
N PHE J 702 29.02 25.81 43.97
CA PHE J 702 30.34 26.11 43.44
C PHE J 702 31.39 26.09 44.54
N ASP J 703 32.52 25.44 44.25
CA ASP J 703 33.59 25.34 45.25
C ASP J 703 34.11 26.71 45.62
N LEU J 704 34.49 27.51 44.61
CA LEU J 704 34.89 28.89 44.80
C LEU J 704 34.01 29.79 43.93
N VAL J 705 33.61 30.93 44.49
CA VAL J 705 32.83 31.93 43.77
C VAL J 705 33.58 33.24 43.92
N TYR J 706 34.28 33.65 42.86
CA TYR J 706 35.05 34.89 42.89
C TYR J 706 34.16 36.08 42.57
N LEU J 707 34.68 37.27 42.88
CA LEU J 707 33.98 38.53 42.58
C LEU J 707 35.04 39.54 42.17
N VAL J 708 35.12 39.83 40.88
CA VAL J 708 36.08 40.77 40.32
C VAL J 708 35.30 41.99 39.84
N LEU J 709 35.67 43.16 40.34
CA LEU J 709 34.99 44.41 40.03
C LEU J 709 35.99 45.44 39.52
N ASP J 710 35.53 46.25 38.57
CA ASP J 710 36.38 47.25 37.93
C ASP J 710 36.21 48.61 38.60
N LYS J 711 36.78 48.74 39.79
CA LYS J 711 36.77 50.02 40.50
C LYS J 711 37.51 51.06 39.69
N VAL J 712 37.27 52.34 39.99
CA VAL J 712 37.87 53.46 39.27
C VAL J 712 38.90 54.11 40.18
N ASP J 713 40.13 54.21 39.69
CA ASP J 713 41.21 54.80 40.46
C ASP J 713 42.18 55.48 39.51
N GLU J 714 42.95 56.42 40.05
CA GLU J 714 43.92 57.17 39.26
C GLU J 714 45.21 56.40 39.02
N LYS J 715 45.46 55.32 39.76
CA LYS J 715 46.66 54.51 39.61
C LYS J 715 46.39 53.13 39.02
N ASN J 716 45.33 52.45 39.45
CA ASN J 716 45.00 51.15 38.87
C ASN J 716 44.70 51.29 37.39
N ASP J 717 43.88 52.27 37.03
CA ASP J 717 43.56 52.49 35.62
C ASP J 717 44.81 52.87 34.83
N ARG J 718 45.68 53.70 35.42
CA ARG J 718 46.90 54.10 34.74
C ARG J 718 47.78 52.88 34.43
N GLU J 719 48.00 52.03 35.43
CA GLU J 719 48.83 50.86 35.22
C GLU J 719 48.18 49.89 34.24
N LEU J 720 46.87 49.71 34.31
CA LEU J 720 46.19 48.82 33.37
C LEU J 720 46.33 49.34 31.94
N ALA J 721 46.15 50.65 31.76
CA ALA J 721 46.29 51.24 30.43
C ALA J 721 47.71 51.07 29.89
N LYS J 722 48.71 51.30 30.75
CA LYS J 722 50.09 51.08 30.31
C LYS J 722 50.35 49.63 29.96
N HIS J 723 49.63 48.69 30.59
CA HIS J 723 49.82 47.23 30.34
C HIS J 723 49.10 46.73 29.09
N LEU J 724 47.96 47.30 28.72
CA LEU J 724 47.17 46.83 27.57
C LEU J 724 47.56 47.59 26.31
N THR J 725 48.47 48.55 26.38
CA THR J 725 48.89 49.38 25.22
C THR J 725 50.28 49.00 24.78
N ASN J 726 51.05 48.33 25.63
CA ASN J 726 52.41 47.87 25.30
C ASN J 726 52.30 46.81 24.20
N LEU J 727 51.15 46.17 24.05
CA LEU J 727 50.94 45.08 23.07
C LEU J 727 51.32 45.57 21.67
N TYR J 728 51.23 46.87 21.39
CA TYR J 728 51.55 47.45 20.06
C TYR J 728 52.91 48.16 20.13
N ASP J 739 59.79 38.77 36.38
CA ASP J 739 58.42 38.54 35.94
C ASP J 739 58.37 37.51 34.82
N ASP J 740 59.32 36.57 34.84
CA ASP J 740 59.37 35.53 33.83
C ASP J 740 58.19 34.56 33.98
N VAL J 741 57.85 33.89 32.89
CA VAL J 741 56.74 32.94 32.85
C VAL J 741 57.24 31.65 32.22
N LEU J 742 56.91 30.53 32.85
CA LEU J 742 57.33 29.24 32.33
C LEU J 742 56.73 29.02 30.95
N PRO J 743 57.47 28.45 30.00
CA PRO J 743 56.87 28.11 28.71
C PRO J 743 55.70 27.15 28.89
N VAL J 744 54.66 27.36 28.07
CA VAL J 744 53.45 26.56 28.21
C VAL J 744 53.75 25.08 27.97
N GLU J 745 54.66 24.79 27.04
CA GLU J 745 54.96 23.40 26.72
C GLU J 745 55.45 22.65 27.95
N PHE J 746 56.30 23.28 28.75
CA PHE J 746 56.79 22.64 29.97
C PHE J 746 55.72 22.62 31.06
N LEU J 747 54.90 23.67 31.12
CA LEU J 747 53.87 23.75 32.14
C LEU J 747 52.85 22.63 31.98
N THR J 748 52.46 22.33 30.74
CA THR J 748 51.52 21.25 30.50
C THR J 748 52.09 19.92 30.99
N MET J 749 53.36 19.67 30.70
CA MET J 749 54.00 18.45 31.19
C MET J 749 54.03 18.43 32.72
N TYR J 750 54.33 19.56 33.34
CA TYR J 750 54.34 19.64 34.80
C TYR J 750 52.98 19.23 35.36
N ILE J 751 51.91 19.84 34.87
CA ILE J 751 50.59 19.56 35.42
C ILE J 751 50.18 18.13 35.13
N SER J 752 50.54 17.61 33.95
CA SER J 752 50.19 16.22 33.64
C SER J 752 50.90 15.25 34.57
N TYR J 753 52.19 15.46 34.80
CA TYR J 753 52.94 14.59 35.71
C TYR J 753 52.36 14.65 37.11
N ALA J 754 52.06 15.86 37.59
CA ALA J 754 51.50 15.99 38.93
C ALA J 754 50.14 15.31 39.03
N LYS J 755 49.33 15.42 37.98
CA LYS J 755 47.95 14.87 37.99
C LYS J 755 48.02 13.35 37.91
N GLU J 756 49.01 12.77 37.22
CA GLU J 756 49.10 11.33 37.06
C GLU J 756 49.76 10.63 38.25
N HIS J 757 50.95 11.08 38.65
CA HIS J 757 51.72 10.32 39.65
C HIS J 757 51.27 10.64 41.07
N ILE J 758 51.32 11.92 41.46
CA ILE J 758 51.14 12.26 42.87
C ILE J 758 49.72 11.93 43.32
N HIS J 759 49.58 11.57 44.59
CA HIS J 759 48.28 11.28 45.19
C HIS J 759 48.36 11.61 46.67
N PRO J 760 48.00 12.84 47.05
CA PRO J 760 48.13 13.23 48.47
C PRO J 760 47.20 12.43 49.37
N ILE J 761 47.64 12.27 50.62
CA ILE J 761 46.85 11.62 51.66
C ILE J 761 46.81 12.54 52.87
N ILE J 762 45.61 12.79 53.39
CA ILE J 762 45.46 13.72 54.49
C ILE J 762 46.18 13.20 55.74
N THR J 763 46.60 14.12 56.60
CA THR J 763 47.26 13.80 57.85
C THR J 763 46.39 14.22 59.03
N GLU J 764 46.77 13.75 60.22
CA GLU J 764 46.01 14.07 61.42
C GLU J 764 46.01 15.57 61.70
N ALA J 765 47.17 16.23 61.53
CA ALA J 765 47.23 17.67 61.74
C ALA J 765 46.24 18.39 60.85
N ALA J 766 46.01 17.87 59.63
CA ALA J 766 45.06 18.50 58.73
C ALA J 766 43.65 18.43 59.29
N LYS J 767 43.23 17.24 59.73
CA LYS J 767 41.88 17.07 60.28
C LYS J 767 41.67 17.90 61.53
N THR J 768 42.65 17.91 62.43
CA THR J 768 42.50 18.59 63.72
C THR J 768 42.07 20.04 63.52
N GLU J 769 42.64 20.71 62.51
CA GLU J 769 42.31 22.10 62.26
C GLU J 769 41.25 22.27 61.18
N LEU J 770 40.99 21.26 60.35
CA LEU J 770 39.91 21.35 59.38
C LEU J 770 38.55 21.35 60.08
N VAL J 771 38.40 20.53 61.12
CA VAL J 771 37.18 20.59 61.90
C VAL J 771 37.00 21.99 62.48
N ARG J 772 38.07 22.56 63.02
CA ARG J 772 38.02 23.92 63.56
C ARG J 772 37.61 24.91 62.50
N ALA J 773 38.23 24.83 61.32
CA ALA J 773 37.94 25.80 60.26
C ALA J 773 36.48 25.72 59.83
N TYR J 774 35.98 24.51 59.62
CA TYR J 774 34.60 24.37 59.18
C TYR J 774 33.62 24.86 60.24
N VAL J 775 33.86 24.50 61.50
CA VAL J 775 32.94 24.91 62.56
C VAL J 775 32.98 26.42 62.74
N GLY J 776 34.16 27.03 62.57
CA GLY J 776 34.25 28.48 62.63
C GLY J 776 33.53 29.14 61.48
N MET J 777 33.64 28.58 60.28
CA MET J 777 32.91 29.12 59.13
C MET J 777 31.41 29.07 59.38
N ARG J 778 30.92 27.97 59.93
CA ARG J 778 29.48 27.87 60.20
C ARG J 778 29.05 28.78 61.35
N LYS J 779 29.95 29.01 62.32
CA LYS J 779 29.56 29.78 63.50
C LYS J 779 29.20 31.21 63.12
N MET J 780 29.96 31.83 62.22
CA MET J 780 29.73 33.23 61.84
C MET J 780 28.50 33.33 60.94
N GLY J 781 27.34 33.06 61.54
CA GLY J 781 26.08 33.11 60.82
C GLY J 781 24.99 32.32 61.51
N THR J 792 24.19 29.60 54.48
CA THR J 792 25.11 29.70 53.35
C THR J 792 26.27 28.73 53.52
N ALA J 793 26.81 28.65 54.74
CA ALA J 793 27.91 27.76 55.04
C ALA J 793 27.35 26.37 55.33
N THR J 794 27.65 25.41 54.46
CA THR J 794 27.14 24.05 54.58
C THR J 794 28.28 23.07 54.41
N THR J 795 27.95 21.77 54.45
CA THR J 795 28.97 20.74 54.34
C THR J 795 29.73 20.84 53.02
N ARG J 796 29.09 21.34 51.98
CA ARG J 796 29.78 21.52 50.71
C ARG J 796 31.01 22.40 50.86
N GLN J 797 30.98 23.37 51.76
CA GLN J 797 32.15 24.21 51.99
C GLN J 797 33.29 23.41 52.60
N LEU J 798 32.98 22.51 53.53
CA LEU J 798 34.02 21.67 54.11
C LEU J 798 34.62 20.74 53.07
N GLU J 799 33.76 20.14 52.23
CA GLU J 799 34.27 19.29 51.17
C GLU J 799 35.12 20.09 50.19
N SER J 800 34.73 21.34 49.91
CA SER J 800 35.55 22.20 49.06
C SER J 800 36.89 22.48 49.70
N MET J 801 36.92 22.71 51.01
CA MET J 801 38.19 22.92 51.69
C MET J 801 39.07 21.68 51.56
N ILE J 802 38.49 20.49 51.74
CA ILE J 802 39.25 19.26 51.60
C ILE J 802 39.84 19.15 50.19
N ARG J 803 39.00 19.37 49.18
CA ARG J 803 39.45 19.26 47.80
C ARG J 803 40.56 20.26 47.50
N LEU J 804 40.40 21.51 47.97
CA LEU J 804 41.40 22.53 47.69
C LEU J 804 42.71 22.22 48.39
N ALA J 805 42.65 21.76 49.64
CA ALA J 805 43.86 21.38 50.35
C ALA J 805 44.59 20.25 49.64
N GLU J 806 43.83 19.25 49.16
CA GLU J 806 44.45 18.17 48.40
C GLU J 806 45.06 18.69 47.11
N ALA J 807 44.37 19.60 46.42
CA ALA J 807 44.87 20.10 45.14
C ALA J 807 46.15 20.88 45.32
N HIS J 808 46.22 21.74 46.34
CA HIS J 808 47.41 22.55 46.54
C HIS J 808 48.62 21.67 46.84
N ALA J 809 48.43 20.62 47.63
CA ALA J 809 49.54 19.70 47.90
C ALA J 809 50.03 19.06 46.61
N LYS J 810 49.12 18.78 45.67
CA LYS J 810 49.53 18.24 44.38
C LYS J 810 50.52 19.16 43.68
N MET J 811 50.36 20.46 43.85
CA MET J 811 51.22 21.41 43.15
C MET J 811 52.68 21.26 43.58
N LYS J 812 52.92 21.06 44.87
CA LYS J 812 54.28 20.94 45.40
C LYS J 812 54.81 19.53 45.35
N LEU J 813 54.06 18.59 44.77
CA LEU J 813 54.48 17.19 44.64
C LEU J 813 54.78 16.60 46.03
N LYS J 814 53.73 16.53 46.84
CA LYS J 814 53.80 15.92 48.15
C LYS J 814 52.70 14.87 48.27
N ASN J 815 53.03 13.76 48.94
CA ASN J 815 52.08 12.69 49.19
C ASN J 815 51.33 12.85 50.49
N VAL J 816 51.57 13.95 51.22
CA VAL J 816 50.88 14.23 52.47
C VAL J 816 50.46 15.70 52.46
N VAL J 817 49.22 15.96 52.86
CA VAL J 817 48.69 17.32 52.93
C VAL J 817 49.07 17.90 54.28
N GLU J 818 49.76 19.03 54.28
CA GLU J 818 50.26 19.66 55.49
C GLU J 818 49.32 20.76 55.96
N LEU J 819 49.63 21.31 57.14
CA LEU J 819 48.83 22.40 57.69
C LEU J 819 48.87 23.63 56.79
N GLU J 820 50.03 23.90 56.19
CA GLU J 820 50.18 25.10 55.38
C GLU J 820 49.24 25.07 54.17
N ASP J 821 49.10 23.93 53.53
CA ASP J 821 48.26 23.84 52.33
C ASP J 821 46.80 24.09 52.67
N VAL J 822 46.31 23.49 53.75
CA VAL J 822 44.92 23.71 54.14
C VAL J 822 44.72 25.15 54.59
N GLN J 823 45.73 25.73 55.26
CA GLN J 823 45.65 27.15 55.61
C GLN J 823 45.51 28.00 54.35
N GLU J 824 46.29 27.68 53.31
CA GLU J 824 46.16 28.41 52.05
C GLU J 824 44.79 28.22 51.44
N ALA J 825 44.24 27.01 51.52
CA ALA J 825 42.91 26.77 50.96
C ALA J 825 41.86 27.64 51.65
N VAL J 826 41.86 27.64 52.99
CA VAL J 826 40.87 28.44 53.72
C VAL J 826 41.10 29.91 53.46
N ARG J 827 42.37 30.31 53.31
CA ARG J 827 42.74 31.71 53.02
C ARG J 827 42.11 32.08 51.68
N LEU J 828 42.23 31.23 50.67
CA LEU J 828 41.67 31.50 49.35
C LEU J 828 40.15 31.63 49.42
N ILE J 829 39.51 30.68 50.12
CA ILE J 829 38.04 30.72 50.20
C ILE J 829 37.57 32.00 50.85
N ARG J 830 38.08 32.40 51.98
CA ARG J 830 37.52 33.62 52.61
C ARG J 830 37.75 34.79 51.65
N SER J 831 38.91 34.91 50.99
CA SER J 831 39.28 36.12 50.20
C SER J 831 38.74 36.11 48.78
N ALA J 832 37.93 35.12 48.38
CA ALA J 832 37.30 35.07 47.04
C ALA J 832 36.04 35.93 47.06
N ILE J 833 35.01 35.47 47.77
CA ILE J 833 33.77 36.26 47.92
C ILE J 833 34.27 37.66 48.27
N LYS J 834 35.37 37.77 49.02
CA LYS J 834 36.04 39.05 49.37
C LYS J 834 35.80 39.31 50.86
N ASP J 835 36.83 39.73 51.58
CA ASP J 835 36.77 40.02 53.04
C ASP J 835 36.36 41.48 53.24
N TYR J 836 35.05 41.78 53.17
CA TYR J 836 34.53 43.16 53.29
C TYR J 836 35.39 43.89 54.33
N ASP K 22 -18.00 -30.76 -32.78
CA ASP K 22 -19.07 -31.72 -32.60
C ASP K 22 -20.02 -31.28 -31.48
N ASP K 23 -19.57 -31.44 -30.24
CA ASP K 23 -20.40 -31.03 -29.11
C ASP K 23 -20.64 -29.52 -29.11
N ASN K 24 -19.61 -28.74 -29.46
CA ASN K 24 -19.78 -27.29 -29.49
C ASN K 24 -20.85 -26.88 -30.49
N THR K 25 -20.84 -27.51 -31.67
CA THR K 25 -21.87 -27.20 -32.67
C THR K 25 -23.25 -27.58 -32.17
N GLU K 26 -23.37 -28.71 -31.46
CA GLU K 26 -24.66 -29.11 -30.91
C GLU K 26 -25.15 -28.09 -29.89
N ILE K 27 -24.26 -27.61 -29.02
CA ILE K 27 -24.67 -26.61 -28.03
C ILE K 27 -25.07 -25.31 -28.72
N ILE K 28 -24.33 -24.91 -29.75
CA ILE K 28 -24.67 -23.70 -30.48
C ILE K 28 -26.05 -23.84 -31.11
N LYS K 29 -26.33 -25.00 -31.72
CA LYS K 29 -27.65 -25.21 -32.31
C LYS K 29 -28.74 -25.20 -31.24
N SER K 30 -28.46 -25.76 -30.07
CA SER K 30 -29.45 -25.74 -28.99
C SER K 30 -29.76 -24.31 -28.58
N PHE K 31 -28.73 -23.48 -28.43
CA PHE K 31 -28.96 -22.09 -28.07
C PHE K 31 -29.73 -21.36 -29.16
N LYS K 32 -29.38 -21.62 -30.42
CA LYS K 32 -30.08 -20.98 -31.53
C LYS K 32 -31.56 -21.34 -31.51
N ASN K 33 -31.86 -22.62 -31.31
CA ASN K 33 -33.25 -23.05 -31.27
C ASN K 33 -33.98 -22.44 -30.08
N PHE K 34 -33.31 -22.35 -28.94
CA PHE K 34 -33.93 -21.70 -27.78
C PHE K 34 -34.30 -20.26 -28.10
N ILE K 35 -33.39 -19.53 -28.71
CA ILE K 35 -33.65 -18.12 -29.02
C ILE K 35 -34.79 -18.02 -30.04
N LEU K 36 -34.76 -18.85 -31.08
CA LEU K 36 -35.70 -18.69 -32.19
C LEU K 36 -37.07 -19.30 -31.91
N GLU K 37 -37.21 -20.14 -30.89
CA GLU K 37 -38.46 -20.85 -30.65
C GLU K 37 -39.22 -20.39 -29.40
N PHE K 38 -38.55 -19.74 -28.45
CA PHE K 38 -39.20 -19.38 -27.21
C PHE K 38 -40.30 -18.34 -27.47
N ARG K 39 -41.42 -18.52 -26.78
CA ARG K 39 -42.55 -17.61 -26.88
C ARG K 39 -43.53 -17.89 -25.75
N LEU K 40 -43.96 -16.86 -25.03
CA LEU K 40 -44.79 -17.06 -23.85
C LEU K 40 -46.27 -17.14 -24.19
N ASP K 41 -46.84 -16.05 -24.73
CA ASP K 41 -48.25 -16.04 -25.12
C ASP K 41 -48.43 -15.85 -26.61
N SER K 42 -47.92 -14.77 -27.18
CA SER K 42 -48.00 -14.56 -28.63
C SER K 42 -46.77 -13.89 -29.22
N GLN K 43 -45.89 -13.31 -28.41
CA GLN K 43 -44.76 -12.52 -28.90
C GLN K 43 -43.46 -13.28 -28.63
N PHE K 44 -42.62 -13.37 -29.66
CA PHE K 44 -41.29 -13.95 -29.52
C PHE K 44 -40.43 -12.94 -28.77
N ILE K 45 -40.21 -13.18 -27.49
CA ILE K 45 -39.56 -12.19 -26.63
C ILE K 45 -38.16 -11.88 -27.14
N TYR K 46 -37.30 -12.91 -27.17
CA TYR K 46 -35.90 -12.68 -27.43
C TYR K 46 -35.62 -12.31 -28.89
N ARG K 47 -36.39 -12.85 -29.84
CA ARG K 47 -36.22 -12.45 -31.23
C ARG K 47 -36.48 -10.97 -31.41
N ASP K 48 -37.63 -10.49 -30.90
CA ASP K 48 -37.95 -9.07 -31.00
C ASP K 48 -36.95 -8.22 -30.24
N GLN K 49 -36.52 -8.68 -29.07
CA GLN K 49 -35.53 -7.92 -28.30
C GLN K 49 -34.23 -7.78 -29.08
N LEU K 50 -33.78 -8.87 -29.70
CA LEU K 50 -32.55 -8.81 -30.50
C LEU K 50 -32.70 -7.86 -31.67
N ARG K 51 -33.85 -7.91 -32.37
CA ARG K 51 -34.06 -7.00 -33.47
C ARG K 51 -34.02 -5.54 -33.01
N ASN K 52 -34.73 -5.24 -31.93
CA ASN K 52 -34.77 -3.88 -31.42
C ASN K 52 -33.37 -3.41 -31.00
N ASN K 53 -32.62 -4.28 -30.32
CA ASN K 53 -31.27 -3.91 -29.89
C ASN K 53 -30.37 -3.66 -31.10
N ILE K 54 -30.50 -4.47 -32.14
CA ILE K 54 -29.68 -4.29 -33.33
C ILE K 54 -30.03 -2.97 -34.01
N LEU K 55 -31.31 -2.58 -33.99
CA LEU K 55 -31.72 -1.39 -34.71
C LEU K 55 -31.00 -0.14 -34.20
N VAL K 56 -30.80 -0.04 -32.88
CA VAL K 56 -30.22 1.15 -32.28
C VAL K 56 -28.72 0.97 -32.01
N LYS K 57 -28.06 0.05 -32.72
CA LYS K 57 -26.62 -0.17 -32.57
C LYS K 57 -26.26 -0.56 -31.14
N ASN K 58 -27.10 -1.38 -30.52
CA ASN K 58 -26.84 -1.97 -29.22
C ASN K 58 -26.65 -3.46 -29.42
N TYR K 59 -25.41 -3.93 -29.31
CA TYR K 59 -25.07 -5.32 -29.57
C TYR K 59 -24.98 -6.06 -28.25
N SER K 60 -26.15 -6.46 -27.75
CA SER K 60 -26.23 -7.23 -26.51
C SER K 60 -27.59 -7.89 -26.43
N LEU K 61 -27.68 -8.89 -25.55
CA LEU K 61 -28.93 -9.61 -25.33
C LEU K 61 -29.03 -9.94 -23.85
N THR K 62 -30.16 -9.60 -23.24
CA THR K 62 -30.43 -9.90 -21.84
C THR K 62 -31.39 -11.09 -21.76
N VAL K 63 -30.99 -12.12 -21.05
CA VAL K 63 -31.74 -13.37 -20.95
C VAL K 63 -32.06 -13.63 -19.49
N ASN K 64 -33.34 -13.87 -19.20
CA ASN K 64 -33.76 -14.24 -17.86
C ASN K 64 -33.56 -15.73 -17.66
N MET K 65 -32.76 -16.11 -16.67
CA MET K 65 -32.43 -17.51 -16.48
C MET K 65 -33.67 -18.35 -16.24
N GLU K 66 -34.74 -17.76 -15.70
CA GLU K 66 -35.97 -18.51 -15.47
C GLU K 66 -36.52 -19.06 -16.78
N HIS K 67 -36.52 -18.25 -17.84
CA HIS K 67 -36.99 -18.73 -19.14
C HIS K 67 -36.10 -19.85 -19.65
N LEU K 68 -34.78 -19.72 -19.47
CA LEU K 68 -33.87 -20.76 -19.93
C LEU K 68 -34.13 -22.08 -19.22
N ILE K 69 -34.35 -22.04 -17.90
CA ILE K 69 -34.68 -23.26 -17.17
C ILE K 69 -36.00 -23.83 -17.66
N GLY K 70 -37.00 -22.97 -17.86
CA GLY K 70 -38.29 -23.46 -18.31
C GLY K 70 -38.24 -24.14 -19.66
N TYR K 71 -37.51 -23.56 -20.60
CA TYR K 71 -37.46 -24.10 -21.95
C TYR K 71 -36.82 -25.49 -21.96
N ASN K 72 -35.64 -25.62 -21.37
CA ASN K 72 -34.92 -26.89 -21.38
C ASN K 72 -33.92 -26.86 -20.22
N GLU K 73 -34.10 -27.75 -19.25
CA GLU K 73 -33.26 -27.75 -18.06
C GLU K 73 -31.83 -28.18 -18.36
N ASP K 74 -31.62 -28.99 -19.40
CA ASP K 74 -30.27 -29.45 -19.71
C ASP K 74 -29.37 -28.30 -20.12
N ILE K 75 -29.90 -27.34 -20.88
CA ILE K 75 -29.09 -26.20 -21.31
C ILE K 75 -28.63 -25.40 -20.09
N TYR K 76 -29.54 -25.16 -19.14
CA TYR K 76 -29.15 -24.44 -17.94
C TYR K 76 -28.17 -25.24 -17.10
N LYS K 77 -28.36 -26.57 -17.05
CA LYS K 77 -27.41 -27.41 -16.33
C LYS K 77 -26.01 -27.24 -16.90
N LYS K 78 -25.88 -27.32 -18.22
CA LYS K 78 -24.57 -27.13 -18.85
C LYS K 78 -24.03 -25.73 -18.60
N LEU K 79 -24.89 -24.72 -18.69
CA LEU K 79 -24.45 -23.34 -18.49
C LEU K 79 -23.91 -23.13 -17.09
N SER K 80 -24.60 -23.68 -16.08
CA SER K 80 -24.17 -23.50 -14.70
C SER K 80 -22.97 -24.38 -14.35
N ASP K 81 -22.83 -25.54 -15.01
CA ASP K 81 -21.73 -26.43 -14.69
C ASP K 81 -20.38 -25.76 -14.94
N GLU K 82 -20.11 -25.39 -16.19
CA GLU K 82 -18.85 -24.78 -16.59
C GLU K 82 -19.14 -23.50 -17.38
N PRO K 83 -19.53 -22.43 -16.69
CA PRO K 83 -19.89 -21.20 -17.43
C PRO K 83 -18.78 -20.67 -18.31
N SER K 84 -17.52 -20.74 -17.85
CA SER K 84 -16.42 -20.17 -18.61
C SER K 84 -16.30 -20.81 -19.99
N ASP K 85 -16.74 -22.06 -20.13
CA ASP K 85 -16.64 -22.76 -21.41
C ASP K 85 -17.90 -22.62 -22.24
N ILE K 86 -19.06 -22.50 -21.60
CA ILE K 86 -20.34 -22.51 -22.32
C ILE K 86 -20.74 -21.11 -22.77
N ILE K 87 -20.48 -20.08 -21.96
CA ILE K 87 -20.98 -18.75 -22.29
C ILE K 87 -20.49 -18.28 -23.65
N PRO K 88 -19.22 -18.44 -24.03
CA PRO K 88 -18.81 -17.99 -25.37
C PRO K 88 -19.62 -18.61 -26.49
N LEU K 89 -20.01 -19.87 -26.36
CA LEU K 89 -20.86 -20.49 -27.37
C LEU K 89 -22.21 -19.79 -27.44
N PHE K 90 -22.74 -19.36 -26.29
CA PHE K 90 -23.98 -18.60 -26.29
C PHE K 90 -23.81 -17.30 -27.07
N GLU K 91 -22.68 -16.61 -26.88
CA GLU K 91 -22.44 -15.39 -27.64
C GLU K 91 -22.34 -15.67 -29.12
N THR K 92 -21.69 -16.77 -29.50
CA THR K 92 -21.60 -17.12 -30.92
C THR K 92 -22.97 -17.37 -31.51
N ALA K 93 -23.82 -18.11 -30.77
CA ALA K 93 -25.18 -18.38 -31.26
C ALA K 93 -25.97 -17.08 -31.38
N ILE K 94 -25.83 -16.18 -30.41
CA ILE K 94 -26.53 -14.91 -30.46
C ILE K 94 -26.09 -14.11 -31.68
N THR K 95 -24.78 -14.09 -31.95
CA THR K 95 -24.29 -13.36 -33.11
C THR K 95 -24.82 -13.95 -34.41
N GLN K 96 -24.84 -15.28 -34.51
CA GLN K 96 -25.35 -15.91 -35.71
C GLN K 96 -26.82 -15.59 -35.93
N VAL K 97 -27.62 -15.65 -34.87
CA VAL K 97 -29.04 -15.32 -34.99
C VAL K 97 -29.22 -13.86 -35.35
N ALA K 98 -28.40 -12.98 -34.78
CA ALA K 98 -28.49 -11.56 -35.12
C ALA K 98 -28.19 -11.32 -36.59
N LYS K 99 -27.15 -11.97 -37.11
CA LYS K 99 -26.84 -11.84 -38.53
C LYS K 99 -27.97 -12.38 -39.39
N ARG K 100 -28.58 -13.50 -38.97
CA ARG K 100 -29.70 -14.04 -39.73
C ARG K 100 -30.88 -13.08 -39.73
N ILE K 101 -31.09 -12.38 -38.61
CA ILE K 101 -32.30 -11.57 -38.47
C ILE K 101 -32.13 -10.18 -39.07
N SER K 102 -30.89 -9.68 -39.17
CA SER K 102 -30.64 -8.30 -39.56
C SER K 102 -30.11 -8.14 -40.98
N ILE K 103 -29.37 -9.11 -41.50
CA ILE K 103 -28.73 -9.01 -42.81
C ILE K 103 -29.43 -9.96 -43.77
N LEU K 104 -29.83 -9.43 -44.93
CA LEU K 104 -30.50 -10.23 -45.93
C LEU K 104 -29.50 -11.15 -46.62
N SER K 105 -29.82 -12.44 -46.70
CA SER K 105 -28.94 -13.42 -47.29
C SER K 105 -28.58 -13.04 -48.73
N LEU K 132 -21.06 -7.45 -38.04
CA LEU K 132 -21.41 -7.15 -36.65
C LEU K 132 -20.43 -7.80 -35.69
N PRO K 133 -20.06 -7.10 -34.62
CA PRO K 133 -19.15 -7.68 -33.64
C PRO K 133 -19.83 -8.76 -32.81
N THR K 134 -19.01 -9.61 -32.20
CA THR K 134 -19.54 -10.66 -31.33
C THR K 134 -20.39 -10.04 -30.22
N PHE K 135 -21.65 -10.45 -30.15
CA PHE K 135 -22.56 -9.87 -29.18
C PHE K 135 -22.12 -10.23 -27.75
N GLN K 136 -22.81 -9.62 -26.79
CA GLN K 136 -22.53 -9.82 -25.37
C GLN K 136 -23.76 -10.36 -24.68
N LEU K 137 -23.54 -11.29 -23.74
CA LEU K 137 -24.63 -11.93 -23.01
C LEU K 137 -24.73 -11.33 -21.61
N ILE K 138 -25.93 -10.86 -21.27
CA ILE K 138 -26.22 -10.31 -19.95
C ILE K 138 -27.28 -11.20 -19.31
N LEU K 139 -27.06 -11.59 -18.06
CA LEU K 139 -27.90 -12.57 -17.39
C LEU K 139 -28.64 -11.92 -16.22
N ASN K 140 -29.93 -12.24 -16.10
CA ASN K 140 -30.73 -11.89 -14.95
C ASN K 140 -31.16 -13.16 -14.24
N SER K 141 -31.09 -13.15 -12.90
CA SER K 141 -31.39 -14.34 -12.13
C SER K 141 -32.08 -13.94 -10.83
N ASN K 142 -32.74 -14.92 -10.22
CA ASN K 142 -33.45 -14.73 -8.96
C ASN K 142 -33.06 -15.81 -7.95
N ALA K 143 -31.83 -16.29 -8.02
CA ALA K 143 -31.35 -17.32 -7.11
C ALA K 143 -31.04 -16.71 -5.74
N ASN K 144 -30.91 -17.58 -4.74
CA ASN K 144 -30.58 -17.13 -3.40
C ASN K 144 -29.24 -16.40 -3.40
N GLN K 145 -29.21 -15.24 -2.75
CA GLN K 145 -27.99 -14.46 -2.69
C GLN K 145 -27.00 -15.07 -1.70
N ILE K 146 -25.73 -15.08 -2.09
CA ILE K 146 -24.65 -15.59 -1.25
C ILE K 146 -23.98 -14.40 -0.59
N PRO K 147 -23.91 -14.33 0.74
CA PRO K 147 -23.25 -13.19 1.38
C PRO K 147 -21.80 -13.07 0.91
N LEU K 148 -21.34 -11.83 0.76
CA LEU K 148 -19.99 -11.60 0.26
C LEU K 148 -18.95 -12.24 1.15
N ARG K 149 -19.10 -12.09 2.47
CA ARG K 149 -18.13 -12.65 3.40
C ARG K 149 -18.09 -14.18 3.36
N ASP K 150 -19.15 -14.82 2.88
CA ASP K 150 -19.24 -16.28 2.88
C ASP K 150 -18.67 -16.92 1.63
N LEU K 151 -18.25 -16.14 0.64
CA LEU K 151 -17.62 -16.71 -0.54
C LEU K 151 -16.33 -17.42 -0.15
N ASP K 152 -16.12 -18.62 -0.67
CA ASP K 152 -14.95 -19.42 -0.32
C ASP K 152 -14.60 -20.31 -1.52
N SER K 153 -13.64 -21.21 -1.30
CA SER K 153 -13.16 -22.06 -2.39
C SER K 153 -14.26 -22.94 -2.97
N GLU K 154 -15.30 -23.23 -2.21
CA GLU K 154 -16.36 -24.10 -2.71
C GLU K 154 -17.07 -23.50 -3.92
N HIS K 155 -17.02 -22.18 -4.09
CA HIS K 155 -17.72 -21.49 -5.17
C HIS K 155 -16.78 -21.03 -6.27
N VAL K 156 -15.68 -21.73 -6.48
CA VAL K 156 -14.71 -21.35 -7.51
C VAL K 156 -15.25 -21.80 -8.87
N SER K 157 -15.34 -20.85 -9.81
CA SER K 157 -15.79 -21.14 -11.17
C SER K 157 -17.26 -21.54 -11.21
N LYS K 158 -18.09 -20.82 -10.45
CA LYS K 158 -19.53 -21.05 -10.44
C LYS K 158 -20.25 -19.70 -10.49
N ILE K 159 -21.45 -19.72 -11.05
CA ILE K 159 -22.27 -18.51 -11.14
C ILE K 159 -22.93 -18.27 -9.79
N VAL K 160 -22.67 -17.09 -9.21
CA VAL K 160 -23.20 -16.73 -7.91
C VAL K 160 -23.82 -15.35 -7.99
N ARG K 161 -24.78 -15.10 -7.10
CA ARG K 161 -25.46 -13.81 -7.00
C ARG K 161 -25.22 -13.24 -5.61
N LEU K 162 -24.76 -12.00 -5.56
CA LEU K 162 -24.43 -11.33 -4.30
C LEU K 162 -24.84 -9.87 -4.40
N SER K 163 -24.65 -9.15 -3.29
CA SER K 163 -24.99 -7.74 -3.21
C SER K 163 -23.94 -7.02 -2.39
N GLY K 164 -23.84 -5.71 -2.61
CA GLY K 164 -22.87 -4.91 -1.91
C GLY K 164 -22.96 -3.47 -2.33
N ILE K 165 -21.99 -2.67 -1.87
CA ILE K 165 -21.92 -1.24 -2.15
C ILE K 165 -20.60 -0.97 -2.86
N ILE K 166 -20.67 -0.28 -4.00
CA ILE K 166 -19.47 0.06 -4.74
C ILE K 166 -18.73 1.18 -4.02
N ILE K 167 -17.41 1.03 -3.89
CA ILE K 167 -16.59 2.02 -3.20
C ILE K 167 -15.58 2.69 -4.10
N SER K 168 -15.23 2.10 -5.25
CA SER K 168 -14.26 2.73 -6.15
C SER K 168 -14.40 2.11 -7.53
N THR K 169 -14.19 2.95 -8.55
CA THR K 169 -14.23 2.51 -9.93
C THR K 169 -13.00 3.06 -10.67
N SER K 170 -12.51 2.28 -11.62
CA SER K 170 -11.32 2.63 -12.38
C SER K 170 -11.71 3.32 -13.68
N VAL K 171 -10.71 3.60 -14.51
CA VAL K 171 -10.91 4.18 -15.82
C VAL K 171 -10.88 3.07 -16.86
N LEU K 172 -11.59 3.29 -17.96
CA LEU K 172 -11.73 2.24 -18.97
C LEU K 172 -10.37 1.84 -19.52
N SER K 173 -10.13 0.53 -19.55
CA SER K 173 -8.94 -0.03 -20.18
C SER K 173 -9.27 -0.40 -21.63
N SER K 174 -8.38 -1.15 -22.28
CA SER K 174 -8.58 -1.59 -23.67
C SER K 174 -8.08 -3.02 -23.79
N ARG K 175 -9.00 -3.98 -23.63
CA ARG K 175 -8.67 -5.38 -23.79
C ARG K 175 -8.63 -5.75 -25.28
N ALA K 176 -8.04 -6.89 -25.57
CA ALA K 176 -7.88 -7.36 -26.94
C ALA K 176 -8.92 -8.42 -27.28
N THR K 177 -9.36 -8.40 -28.53
CA THR K 177 -10.31 -9.38 -29.05
C THR K 177 -9.89 -10.02 -30.36
N TYR K 178 -8.99 -9.40 -31.13
CA TYR K 178 -8.54 -9.98 -32.38
C TYR K 178 -7.17 -9.38 -32.68
N LEU K 179 -6.12 -10.19 -32.54
CA LEU K 179 -4.74 -9.73 -32.66
C LEU K 179 -4.14 -10.22 -33.97
N SER K 180 -3.49 -9.33 -34.69
CA SER K 180 -2.69 -9.68 -35.86
C SER K 180 -1.23 -9.75 -35.46
N ILE K 181 -0.57 -10.86 -35.79
CA ILE K 181 0.79 -11.14 -35.33
C ILE K 181 1.66 -11.45 -36.53
N MET K 182 2.88 -10.91 -36.52
CA MET K 182 3.87 -11.15 -37.56
C MET K 182 5.17 -11.59 -36.91
N CYS K 183 5.87 -12.51 -37.56
CA CYS K 183 7.10 -13.08 -37.00
C CYS K 183 8.28 -12.18 -37.32
N ARG K 184 9.21 -12.08 -36.36
CA ARG K 184 10.35 -11.17 -36.51
C ARG K 184 11.23 -11.57 -37.69
N ASN K 185 11.53 -12.85 -37.82
CA ASN K 185 12.55 -13.31 -38.77
C ASN K 185 11.97 -13.63 -40.14
N CYS K 186 11.06 -14.60 -40.21
CA CYS K 186 10.49 -15.03 -41.47
C CYS K 186 9.26 -14.23 -41.87
N ARG K 187 8.74 -13.38 -40.99
CA ARG K 187 7.63 -12.48 -41.31
C ARG K 187 6.42 -13.25 -41.81
N HIS K 188 5.87 -14.08 -40.93
CA HIS K 188 4.67 -14.85 -41.20
C HIS K 188 3.47 -14.16 -40.54
N THR K 189 2.45 -13.86 -41.34
CA THR K 189 1.27 -13.17 -40.84
C THR K 189 0.25 -14.18 -40.34
N THR K 190 -0.32 -13.89 -39.17
CA THR K 190 -1.31 -14.76 -38.56
C THR K 190 -2.21 -13.94 -37.64
N SER K 191 -3.36 -14.50 -37.31
CA SER K 191 -4.33 -13.85 -36.44
C SER K 191 -4.84 -14.85 -35.42
N ILE K 192 -5.03 -14.38 -34.18
CA ILE K 192 -5.56 -15.20 -33.10
C ILE K 192 -6.71 -14.44 -32.44
N THR K 193 -7.83 -15.12 -32.25
CA THR K 193 -8.98 -14.54 -31.58
C THR K 193 -8.96 -14.87 -30.10
N ILE K 194 -9.46 -13.94 -29.29
CA ILE K 194 -9.41 -14.05 -27.83
C ILE K 194 -10.81 -13.82 -27.27
N ASN K 195 -11.17 -14.62 -26.26
CA ASN K 195 -12.41 -14.45 -25.51
C ASN K 195 -12.07 -14.11 -24.07
N ASN K 196 -12.88 -13.23 -23.48
CA ASN K 196 -12.56 -12.70 -22.15
C ASN K 196 -12.55 -13.80 -21.09
N PHE K 197 -13.37 -14.82 -21.25
CA PHE K 197 -13.57 -15.82 -20.21
C PHE K 197 -12.38 -16.76 -20.12
N ASN K 198 -12.00 -17.11 -18.89
CA ASN K 198 -10.91 -18.03 -18.61
C ASN K 198 -11.43 -19.17 -17.75
N SER K 199 -10.93 -20.38 -18.00
CA SER K 199 -11.36 -21.55 -17.25
C SER K 199 -10.46 -21.77 -16.05
N VAL K 205 -5.23 -16.02 -23.29
CA VAL K 205 -4.39 -16.40 -24.42
C VAL K 205 -3.10 -15.59 -24.41
N SER K 206 -2.04 -16.15 -24.98
CA SER K 206 -0.75 -15.49 -25.04
C SER K 206 -0.14 -15.70 -26.41
N LEU K 207 0.84 -14.86 -26.74
CA LEU K 207 1.46 -14.93 -28.05
C LEU K 207 2.12 -16.30 -28.24
N PRO K 208 2.07 -16.88 -29.44
CA PRO K 208 2.70 -18.18 -29.66
C PRO K 208 4.19 -18.13 -29.36
N ARG K 209 4.70 -19.20 -28.75
CA ARG K 209 6.13 -19.35 -28.51
C ARG K 209 6.85 -20.04 -29.64
N SER K 210 6.14 -20.80 -30.47
CA SER K 210 6.73 -21.52 -31.59
C SER K 210 6.14 -20.97 -32.89
N CYS K 211 7.01 -20.62 -33.83
CA CYS K 211 6.56 -20.06 -35.09
C CYS K 211 5.74 -21.09 -35.87
N LEU K 212 4.70 -20.62 -36.54
CA LEU K 212 3.81 -21.50 -37.29
C LEU K 212 4.17 -21.49 -38.77
N ASN K 235 16.27 -20.08 -38.35
CA ASN K 235 14.95 -20.35 -37.79
C ASN K 235 14.52 -19.20 -36.86
N CYS K 236 13.39 -19.38 -36.19
CA CYS K 236 12.81 -18.38 -35.31
C CYS K 236 12.88 -18.86 -33.86
N GLY K 237 13.41 -18.01 -32.99
CA GLY K 237 13.58 -18.36 -31.60
C GLY K 237 12.33 -18.15 -30.78
N PRO K 238 12.45 -18.23 -29.45
CA PRO K 238 11.27 -18.07 -28.60
C PRO K 238 10.71 -16.66 -28.69
N ASP K 239 9.39 -16.57 -28.52
CA ASP K 239 8.66 -15.32 -28.63
C ASP K 239 9.03 -14.57 -29.91
N PRO K 240 8.82 -15.17 -31.07
CA PRO K 240 9.20 -14.52 -32.33
C PRO K 240 8.14 -13.61 -32.93
N TYR K 241 6.96 -13.53 -32.33
CA TYR K 241 5.83 -12.81 -32.91
C TYR K 241 5.69 -11.44 -32.27
N ILE K 242 5.33 -10.45 -33.09
CA ILE K 242 5.00 -9.11 -32.62
C ILE K 242 3.64 -8.75 -33.18
N ILE K 243 2.96 -7.83 -32.49
CA ILE K 243 1.57 -7.50 -32.79
C ILE K 243 1.53 -6.33 -33.76
N ILE K 244 0.74 -6.48 -34.82
CA ILE K 244 0.46 -5.40 -35.75
C ILE K 244 -0.77 -4.67 -35.23
N HIS K 245 -0.56 -3.51 -34.61
CA HIS K 245 -1.64 -2.82 -33.90
C HIS K 245 -2.57 -2.06 -34.83
N GLU K 246 -2.23 -1.90 -36.11
CA GLU K 246 -3.07 -1.15 -37.04
C GLU K 246 -4.19 -2.01 -37.63
N SER K 247 -4.20 -3.31 -37.35
CA SER K 247 -5.22 -4.20 -37.88
C SER K 247 -5.81 -5.09 -36.79
N SER K 248 -5.89 -4.57 -35.56
CA SER K 248 -6.43 -5.31 -34.43
C SER K 248 -7.65 -4.58 -33.88
N LYS K 249 -8.44 -5.32 -33.10
CA LYS K 249 -9.65 -4.79 -32.49
C LYS K 249 -9.59 -4.96 -30.98
N PHE K 250 -10.15 -4.00 -30.26
CA PHE K 250 -10.11 -3.98 -28.81
C PHE K 250 -11.49 -3.67 -28.25
N ILE K 251 -11.68 -4.00 -26.97
CA ILE K 251 -12.93 -3.76 -26.27
C ILE K 251 -12.62 -3.10 -24.93
N ASP K 252 -13.65 -2.48 -24.35
CA ASP K 252 -13.49 -1.74 -23.11
C ASP K 252 -13.53 -2.67 -21.91
N GLN K 253 -12.83 -2.26 -20.85
CA GLN K 253 -12.79 -3.01 -19.60
C GLN K 253 -12.76 -2.02 -18.44
N GLN K 254 -13.27 -2.45 -17.29
CA GLN K 254 -13.31 -1.58 -16.11
C GLN K 254 -13.22 -2.44 -14.86
N PHE K 255 -12.58 -1.89 -13.84
CA PHE K 255 -12.40 -2.56 -12.55
C PHE K 255 -13.20 -1.83 -11.48
N LEU K 256 -13.99 -2.58 -10.72
CA LEU K 256 -14.77 -2.04 -9.61
C LEU K 256 -14.40 -2.77 -8.33
N LYS K 257 -14.73 -2.14 -7.20
CA LYS K 257 -14.51 -2.72 -5.89
C LYS K 257 -15.85 -2.80 -5.15
N LEU K 258 -16.12 -3.95 -4.55
CA LEU K 258 -17.37 -4.23 -3.89
C LEU K 258 -17.13 -4.44 -2.40
N GLN K 259 -17.91 -3.77 -1.56
CA GLN K 259 -17.80 -3.86 -0.12
C GLN K 259 -19.07 -4.45 0.44
N GLU K 260 -18.93 -5.33 1.43
CA GLU K 260 -20.11 -5.99 1.99
C GLU K 260 -21.01 -4.98 2.68
N ILE K 261 -22.31 -5.29 2.70
CA ILE K 261 -23.28 -4.34 3.22
C ILE K 261 -23.01 -4.08 4.70
N PRO K 262 -23.17 -2.86 5.21
CA PRO K 262 -22.87 -2.62 6.62
C PRO K 262 -23.65 -3.51 7.58
N GLU K 263 -24.90 -3.84 7.24
CA GLU K 263 -25.73 -4.63 8.16
C GLU K 263 -25.14 -6.00 8.40
N LEU K 264 -24.63 -6.64 7.36
CA LEU K 264 -24.17 -8.02 7.45
C LEU K 264 -22.79 -8.15 8.09
N VAL K 265 -22.10 -7.05 8.36
CA VAL K 265 -20.77 -7.11 8.96
C VAL K 265 -20.92 -7.56 10.41
N PRO K 266 -20.30 -8.68 10.80
CA PRO K 266 -20.38 -9.10 12.22
C PRO K 266 -19.69 -8.10 13.14
N VAL K 267 -20.18 -8.04 14.38
CA VAL K 267 -19.69 -7.06 15.33
C VAL K 267 -18.21 -7.30 15.62
N GLY K 268 -17.45 -6.21 15.66
CA GLY K 268 -16.03 -6.26 15.96
C GLY K 268 -15.15 -6.66 14.80
N GLU K 269 -15.73 -6.96 13.64
CA GLU K 269 -14.99 -7.27 12.43
C GLU K 269 -15.03 -6.07 11.48
N MET K 270 -14.42 -6.26 10.31
CA MET K 270 -14.24 -5.18 9.37
C MET K 270 -14.80 -5.55 7.99
N PRO K 271 -15.25 -4.57 7.22
CA PRO K 271 -15.79 -4.89 5.88
C PRO K 271 -14.70 -5.44 4.97
N ARG K 272 -15.07 -6.46 4.20
CA ARG K 272 -14.17 -7.09 3.25
C ARG K 272 -14.52 -6.65 1.84
N ASN K 273 -13.49 -6.51 1.01
CA ASN K 273 -13.63 -6.01 -0.36
C ASN K 273 -13.37 -7.13 -1.36
N LEU K 274 -13.92 -6.96 -2.56
CA LEU K 274 -13.77 -7.94 -3.63
C LEU K 274 -13.67 -7.20 -4.96
N THR K 275 -12.64 -7.53 -5.74
CA THR K 275 -12.46 -6.90 -7.04
C THR K 275 -13.36 -7.56 -8.08
N MET K 276 -13.81 -6.75 -9.04
CA MET K 276 -14.74 -7.19 -10.07
C MET K 276 -14.36 -6.57 -11.40
N THR K 277 -14.77 -7.22 -12.48
CA THR K 277 -14.44 -6.80 -13.83
C THR K 277 -15.68 -6.84 -14.71
N CYS K 278 -15.83 -5.83 -15.56
CA CYS K 278 -16.93 -5.75 -16.51
C CYS K 278 -16.39 -5.32 -17.87
N ASP K 279 -17.08 -5.73 -18.92
CA ASP K 279 -16.64 -5.47 -20.29
C ASP K 279 -17.80 -4.96 -21.14
N ARG K 280 -17.45 -4.20 -22.17
CA ARG K 280 -18.37 -3.76 -23.22
C ARG K 280 -19.53 -3.02 -22.56
N TYR K 281 -20.78 -3.42 -22.79
CA TYR K 281 -21.94 -2.61 -22.44
C TYR K 281 -22.28 -2.62 -20.96
N LEU K 282 -21.43 -3.20 -20.11
CA LEU K 282 -21.63 -3.16 -18.67
C LEU K 282 -20.72 -2.15 -17.99
N THR K 283 -19.99 -1.35 -18.74
CA THR K 283 -19.11 -0.33 -18.19
C THR K 283 -19.86 0.99 -18.02
N ASN K 284 -19.36 1.82 -17.11
CA ASN K 284 -19.97 3.11 -16.82
C ASN K 284 -21.44 2.96 -16.45
N LYS K 285 -21.74 1.95 -15.63
CA LYS K 285 -23.11 1.67 -15.21
C LYS K 285 -23.37 1.97 -13.75
N VAL K 286 -22.34 2.25 -12.96
CA VAL K 286 -22.49 2.52 -11.53
C VAL K 286 -21.47 3.58 -11.12
N ILE K 287 -21.69 4.15 -9.94
CA ILE K 287 -20.77 5.12 -9.36
C ILE K 287 -20.57 4.75 -7.90
N PRO K 288 -19.49 5.25 -7.28
CA PRO K 288 -19.24 4.90 -5.88
C PRO K 288 -20.40 5.29 -4.98
N GLY K 289 -20.69 4.42 -4.01
CA GLY K 289 -21.74 4.68 -3.05
C GLY K 289 -23.11 4.18 -3.43
N THR K 290 -23.23 3.36 -4.48
CA THR K 290 -24.52 2.86 -4.94
C THR K 290 -24.62 1.37 -4.60
N ARG K 291 -25.75 1.00 -4.00
CA ARG K 291 -26.03 -0.41 -3.72
C ARG K 291 -26.35 -1.14 -5.02
N VAL K 292 -25.70 -2.29 -5.24
CA VAL K 292 -25.82 -3.03 -6.48
C VAL K 292 -26.02 -4.51 -6.17
N THR K 293 -26.60 -5.22 -7.13
CA THR K 293 -26.71 -6.67 -7.10
C THR K 293 -25.99 -7.21 -8.33
N ILE K 294 -25.08 -8.16 -8.12
CA ILE K 294 -24.16 -8.62 -9.14
C ILE K 294 -24.40 -10.10 -9.40
N VAL K 295 -24.45 -10.47 -10.68
CA VAL K 295 -24.47 -11.86 -11.11
C VAL K 295 -23.24 -12.07 -11.97
N GLY K 296 -22.36 -12.99 -11.55
CA GLY K 296 -21.12 -13.18 -12.26
C GLY K 296 -20.45 -14.48 -11.84
N ILE K 297 -19.26 -14.68 -12.39
CA ILE K 297 -18.47 -15.89 -12.16
C ILE K 297 -17.41 -15.58 -11.10
N TYR K 298 -17.35 -16.42 -10.08
CA TYR K 298 -16.34 -16.28 -9.02
C TYR K 298 -15.10 -17.06 -9.45
N SER K 299 -14.16 -16.37 -10.07
CA SER K 299 -12.94 -16.97 -10.60
C SER K 299 -11.73 -16.45 -9.86
N ILE K 300 -10.58 -17.07 -10.14
CA ILE K 300 -9.32 -16.75 -9.48
C ILE K 300 -8.25 -16.53 -10.54
N TYR K 301 -7.44 -15.49 -10.33
CA TYR K 301 -6.34 -15.15 -11.24
C TYR K 301 -5.04 -15.09 -10.47
N ASN K 302 -4.00 -15.72 -11.01
CA ASN K 302 -2.70 -15.71 -10.36
C ASN K 302 -2.10 -14.31 -10.42
N SER K 303 -1.58 -13.85 -9.28
CA SER K 303 -0.98 -12.52 -9.20
C SER K 303 0.53 -12.60 -9.34
N VAL K 321 2.24 -19.35 -0.64
CA VAL K 321 2.93 -20.50 -1.20
C VAL K 321 2.36 -20.84 -2.57
N ALA K 322 1.12 -21.32 -2.58
CA ALA K 322 0.40 -21.69 -3.80
C ALA K 322 -1.00 -21.11 -3.78
N ILE K 323 -1.11 -19.82 -3.46
CA ILE K 323 -2.39 -19.18 -3.25
C ILE K 323 -2.77 -18.41 -4.52
N ARG K 324 -4.05 -18.07 -4.63
CA ARG K 324 -4.58 -17.32 -5.76
C ARG K 324 -5.50 -16.23 -5.24
N THR K 325 -5.62 -15.15 -6.02
CA THR K 325 -6.39 -13.99 -5.62
C THR K 325 -7.80 -14.08 -6.19
N PRO K 326 -8.84 -14.17 -5.37
CA PRO K 326 -10.20 -14.27 -5.92
C PRO K 326 -10.68 -12.95 -6.52
N TYR K 327 -11.58 -13.07 -7.48
CA TYR K 327 -12.25 -11.92 -8.08
C TYR K 327 -13.48 -12.41 -8.81
N ILE K 328 -14.31 -11.47 -9.25
CA ILE K 328 -15.60 -11.75 -9.85
C ILE K 328 -15.63 -11.20 -11.27
N LYS K 329 -16.19 -11.97 -12.18
CA LYS K 329 -16.40 -11.57 -13.57
C LYS K 329 -17.88 -11.25 -13.73
N ILE K 330 -18.19 -9.96 -13.91
CA ILE K 330 -19.59 -9.53 -13.90
C ILE K 330 -20.29 -10.00 -15.17
N LEU K 331 -21.53 -10.48 -15.01
CA LEU K 331 -22.40 -10.80 -16.13
C LEU K 331 -23.70 -10.01 -16.12
N GLY K 332 -24.08 -9.40 -15.01
CA GLY K 332 -25.29 -8.60 -14.93
C GLY K 332 -25.29 -7.67 -13.74
N ILE K 333 -25.72 -6.42 -13.95
CA ILE K 333 -25.75 -5.41 -12.91
C ILE K 333 -27.18 -4.92 -12.76
N GLN K 334 -27.67 -4.89 -11.52
CA GLN K 334 -29.03 -4.43 -11.21
C GLN K 334 -28.94 -3.54 -9.97
N SER K 335 -28.81 -2.24 -10.20
CA SER K 335 -28.69 -1.28 -9.11
C SER K 335 -30.08 -0.85 -8.64
N ASP K 336 -30.20 -0.60 -7.34
CA ASP K 336 -31.47 -0.17 -6.78
C ASP K 336 -31.91 1.17 -7.35
N VAL K 337 -30.97 2.01 -7.77
CA VAL K 337 -31.29 3.32 -8.33
C VAL K 337 -32.25 3.15 -9.51
N THR K 350 -39.74 7.89 -16.61
CA THR K 350 -40.97 7.55 -17.32
C THR K 350 -41.95 8.72 -17.30
N GLU K 351 -43.22 8.45 -17.58
CA GLU K 351 -44.24 9.48 -17.62
C GLU K 351 -45.18 9.46 -16.42
N GLU K 352 -45.44 8.29 -15.84
CA GLU K 352 -46.39 8.20 -14.73
C GLU K 352 -45.91 9.02 -13.54
N GLU K 353 -44.62 8.90 -13.19
CA GLU K 353 -44.09 9.69 -12.09
C GLU K 353 -44.17 11.18 -12.39
N GLU K 354 -44.04 11.56 -13.67
CA GLU K 354 -44.21 12.97 -14.04
C GLU K 354 -45.62 13.43 -13.73
N GLU K 355 -46.63 12.63 -14.06
CA GLU K 355 -48.00 13.00 -13.74
C GLU K 355 -48.21 13.10 -12.24
N GLU K 356 -47.67 12.14 -11.48
CA GLU K 356 -47.82 12.19 -10.02
C GLU K 356 -47.17 13.44 -9.45
N PHE K 357 -45.96 13.77 -9.91
CA PHE K 357 -45.28 14.96 -9.40
C PHE K 357 -46.03 16.23 -9.79
N LEU K 358 -46.57 16.28 -11.01
CA LEU K 358 -47.33 17.46 -11.42
C LEU K 358 -48.58 17.61 -10.58
N GLN K 359 -49.27 16.51 -10.28
CA GLN K 359 -50.43 16.59 -9.40
C GLN K 359 -50.02 17.05 -8.01
N LEU K 360 -48.89 16.56 -7.51
CA LEU K 360 -48.41 17.00 -6.20
C LEU K 360 -48.13 18.49 -6.20
N SER K 361 -47.51 19.01 -7.26
CA SER K 361 -47.21 20.44 -7.33
C SER K 361 -48.49 21.27 -7.34
N ARG K 362 -49.60 20.71 -7.80
CA ARG K 362 -50.87 21.42 -7.85
C ARG K 362 -51.51 21.59 -6.48
N ASN K 363 -50.98 20.95 -5.45
CA ASN K 363 -51.54 21.11 -4.12
C ASN K 363 -51.42 22.56 -3.67
N PRO K 364 -52.42 23.12 -3.00
CA PRO K 364 -52.37 24.55 -2.65
C PRO K 364 -51.50 24.87 -1.45
N LYS K 365 -51.02 23.87 -0.72
CA LYS K 365 -50.17 24.06 0.46
C LYS K 365 -48.88 23.27 0.32
N LEU K 366 -48.29 23.33 -0.87
CA LEU K 366 -47.05 22.59 -1.12
C LEU K 366 -45.91 23.08 -0.23
N TYR K 367 -45.80 24.39 -0.05
CA TYR K 367 -44.74 24.95 0.79
C TYR K 367 -44.85 24.43 2.21
N GLU K 368 -46.06 24.42 2.77
CA GLU K 368 -46.24 23.99 4.15
C GLU K 368 -45.93 22.52 4.32
N ILE K 369 -46.37 21.67 3.38
CA ILE K 369 -46.08 20.24 3.49
C ILE K 369 -44.59 19.99 3.37
N LEU K 370 -43.91 20.69 2.46
CA LEU K 370 -42.48 20.51 2.32
C LEU K 370 -41.75 20.97 3.59
N THR K 371 -42.20 22.07 4.20
CA THR K 371 -41.58 22.52 5.44
C THR K 371 -41.91 21.57 6.59
N ASN K 372 -43.02 20.84 6.48
CA ASN K 372 -43.35 19.86 7.51
C ASN K 372 -42.48 18.62 7.37
N SER K 373 -42.21 18.19 6.14
CA SER K 373 -41.40 17.00 5.93
C SER K 373 -39.96 17.21 6.40
N ILE K 374 -39.51 18.46 6.43
CA ILE K 374 -38.14 18.75 6.90
C ILE K 374 -38.11 18.48 8.40
N ALA K 375 -37.34 17.47 8.80
CA ALA K 375 -37.21 17.09 10.20
C ALA K 375 -38.57 16.96 10.89
N PRO K 376 -39.35 15.93 10.55
CA PRO K 376 -40.66 15.76 11.23
C PRO K 376 -40.52 15.51 12.72
N SER K 377 -39.36 15.02 13.17
CA SER K 377 -39.18 14.59 14.55
C SER K 377 -38.66 15.70 15.47
N ILE K 378 -38.35 16.87 14.94
CA ILE K 378 -37.80 17.98 15.72
C ILE K 378 -38.86 19.06 15.84
N PHE K 379 -39.12 19.49 17.07
CA PHE K 379 -40.17 20.45 17.36
C PHE K 379 -39.66 21.88 17.26
N GLY K 380 -40.54 22.78 16.85
CA GLY K 380 -40.19 24.19 16.76
C GLY K 380 -39.19 24.46 15.65
N ASN K 381 -38.52 25.61 15.80
CA ASN K 381 -37.49 26.03 14.85
C ASN K 381 -38.04 26.07 13.43
N GLU K 382 -39.22 26.68 13.29
CA GLU K 382 -39.89 26.72 11.99
C GLU K 382 -39.08 27.53 10.98
N ASP K 383 -38.49 28.64 11.41
CA ASP K 383 -37.70 29.46 10.50
C ASP K 383 -36.50 28.68 9.97
N ILE K 384 -35.82 27.93 10.85
CA ILE K 384 -34.71 27.09 10.40
C ILE K 384 -35.22 26.03 9.42
N LYS K 385 -36.42 25.50 9.68
CA LYS K 385 -36.98 24.51 8.77
C LYS K 385 -37.19 25.09 7.37
N LYS K 386 -37.76 26.30 7.29
CA LYS K 386 -37.97 26.94 6.00
C LYS K 386 -36.64 27.26 5.32
N ALA K 387 -35.67 27.74 6.09
CA ALA K 387 -34.35 28.03 5.51
C ALA K 387 -33.70 26.77 4.96
N ILE K 388 -33.85 25.65 5.67
CA ILE K 388 -33.27 24.39 5.20
C ILE K 388 -33.98 23.93 3.94
N VAL K 389 -35.30 24.13 3.86
CA VAL K 389 -36.02 23.81 2.63
C VAL K 389 -35.46 24.63 1.47
N CYS K 390 -35.29 25.94 1.68
CA CYS K 390 -34.74 26.79 0.63
C CYS K 390 -33.35 26.31 0.21
N LEU K 391 -32.51 25.97 1.19
CA LEU K 391 -31.18 25.47 0.87
C LEU K 391 -31.26 24.18 0.06
N LEU K 392 -32.17 23.28 0.43
CA LEU K 392 -32.32 22.02 -0.29
C LEU K 392 -32.67 22.28 -1.75
N MET K 393 -33.64 23.17 -1.99
CA MET K 393 -34.01 23.45 -3.38
C MET K 393 -32.94 24.30 -4.07
N GLY K 394 -32.37 25.28 -3.37
CA GLY K 394 -31.31 26.09 -3.94
C GLY K 394 -31.83 27.21 -4.80
N GLY K 395 -30.88 27.91 -5.42
CA GLY K 395 -31.19 29.05 -6.27
C GLY K 395 -30.77 28.80 -7.70
N SER K 396 -31.45 29.47 -8.63
CA SER K 396 -31.18 29.30 -10.05
C SER K 396 -29.79 29.85 -10.40
N LYS K 397 -29.12 29.16 -11.30
CA LYS K 397 -27.79 29.57 -11.72
C LYS K 397 -27.84 30.83 -12.58
N LYS K 398 -26.79 31.64 -12.50
CA LYS K 398 -26.64 32.84 -13.29
C LYS K 398 -25.30 32.83 -13.98
N ILE K 399 -25.29 33.10 -15.29
CA ILE K 399 -24.07 33.15 -16.10
C ILE K 399 -24.15 34.36 -17.01
N LEU K 400 -23.06 35.10 -17.10
CA LEU K 400 -23.00 36.29 -17.95
C LEU K 400 -21.96 36.09 -19.05
N PRO K 401 -22.21 36.62 -20.26
CA PRO K 401 -21.25 36.42 -21.35
C PRO K 401 -19.88 37.01 -21.06
N ASP K 402 -19.81 38.11 -20.31
CA ASP K 402 -18.52 38.73 -20.05
C ASP K 402 -17.59 37.79 -19.30
N GLY K 403 -18.11 37.07 -18.31
CA GLY K 403 -17.30 36.14 -17.55
C GLY K 403 -17.64 36.13 -16.07
N MET K 404 -18.33 37.17 -15.61
CA MET K 404 -18.72 37.30 -14.21
C MET K 404 -20.06 36.60 -14.03
N ARG K 405 -20.03 35.36 -13.57
CA ARG K 405 -21.23 34.57 -13.32
C ARG K 405 -21.52 34.56 -11.82
N LEU K 406 -22.71 35.01 -11.44
CA LEU K 406 -23.07 35.10 -10.04
C LEU K 406 -23.40 33.73 -9.47
N ARG K 407 -23.19 33.60 -8.16
CA ARG K 407 -23.50 32.35 -7.48
C ARG K 407 -25.01 32.18 -7.33
N GLY K 408 -25.44 30.92 -7.31
CA GLY K 408 -26.85 30.61 -7.17
C GLY K 408 -27.15 29.74 -5.97
N ASP K 409 -26.15 29.04 -5.46
CA ASP K 409 -26.34 28.16 -4.32
C ASP K 409 -26.54 28.96 -3.03
N ILE K 410 -27.04 28.28 -2.01
CA ILE K 410 -27.41 28.90 -0.74
C ILE K 410 -26.68 28.18 0.39
N ASN K 411 -26.16 28.97 1.33
CA ASN K 411 -25.52 28.43 2.53
C ASN K 411 -26.20 29.03 3.75
N VAL K 412 -26.24 28.24 4.83
CA VAL K 412 -26.92 28.62 6.07
C VAL K 412 -25.99 28.37 7.24
N LEU K 413 -26.15 29.16 8.30
CA LEU K 413 -25.36 29.05 9.52
C LEU K 413 -26.30 28.89 10.69
N LEU K 414 -26.12 27.81 11.45
CA LEU K 414 -26.85 27.56 12.68
C LEU K 414 -25.88 27.72 13.85
N LEU K 415 -26.12 28.73 14.69
CA LEU K 415 -25.21 29.07 15.79
C LEU K 415 -26.05 29.24 17.05
N GLY K 416 -26.19 28.14 17.81
CA GLY K 416 -26.96 28.15 19.03
C GLY K 416 -26.28 27.30 20.10
N ASP K 417 -26.84 27.35 21.30
CA ASP K 417 -26.29 26.62 22.43
C ASP K 417 -26.56 25.13 22.29
N PRO K 418 -25.81 24.28 23.00
CA PRO K 418 -26.00 22.84 22.89
C PRO K 418 -27.43 22.39 23.16
N GLY K 419 -27.76 21.15 22.82
CA GLY K 419 -29.08 20.62 23.06
C GLY K 419 -30.15 21.31 22.25
N THR K 420 -29.91 21.51 20.95
CA THR K 420 -30.83 22.22 20.09
C THR K 420 -31.18 21.47 18.82
N ALA K 421 -30.67 20.25 18.64
CA ALA K 421 -30.96 19.39 17.49
C ALA K 421 -30.39 19.94 16.18
N LYS K 422 -29.33 20.76 16.24
CA LYS K 422 -28.68 21.18 15.02
C LYS K 422 -28.08 19.99 14.27
N SER K 423 -27.44 19.08 15.00
CA SER K 423 -26.85 17.91 14.36
C SER K 423 -27.92 17.02 13.77
N GLN K 424 -29.07 16.88 14.44
CA GLN K 424 -30.17 16.09 13.88
C GLN K 424 -30.68 16.71 12.59
N LEU K 425 -30.81 18.05 12.57
CA LEU K 425 -31.21 18.73 11.35
C LEU K 425 -30.21 18.46 10.22
N LEU K 426 -28.92 18.54 10.54
CA LEU K 426 -27.90 18.29 9.52
C LEU K 426 -27.97 16.85 9.01
N LYS K 427 -28.19 15.90 9.91
CA LYS K 427 -28.32 14.50 9.48
C LYS K 427 -29.51 14.33 8.56
N PHE K 428 -30.65 14.94 8.89
CA PHE K 428 -31.82 14.80 8.03
C PHE K 428 -31.57 15.44 6.67
N VAL K 429 -30.92 16.61 6.67
CA VAL K 429 -30.59 17.26 5.40
C VAL K 429 -29.70 16.35 4.56
N GLU K 430 -28.72 15.72 5.19
CA GLU K 430 -27.84 14.81 4.46
C GLU K 430 -28.64 13.65 3.86
N LYS K 431 -29.52 13.05 4.65
CA LYS K 431 -30.25 11.88 4.18
C LYS K 431 -31.22 12.24 3.06
N VAL K 432 -31.92 13.37 3.19
CA VAL K 432 -33.00 13.68 2.25
C VAL K 432 -32.44 14.04 0.88
N SER K 433 -31.38 14.83 0.83
CA SER K 433 -30.87 15.31 -0.45
C SER K 433 -30.37 14.15 -1.30
N PRO K 434 -30.61 14.16 -2.61
CA PRO K 434 -30.12 13.05 -3.44
C PRO K 434 -28.62 12.84 -3.35
N ILE K 435 -27.85 13.93 -3.30
CA ILE K 435 -26.41 13.88 -3.13
C ILE K 435 -26.07 14.71 -1.90
N ALA K 436 -25.40 14.09 -0.93
CA ALA K 436 -25.07 14.78 0.31
C ALA K 436 -23.87 14.12 0.96
N VAL K 437 -23.12 14.92 1.71
CA VAL K 437 -21.97 14.46 2.46
C VAL K 437 -22.06 15.03 3.87
N TYR K 438 -22.07 14.16 4.87
CA TYR K 438 -22.06 14.56 6.27
C TYR K 438 -20.63 14.42 6.79
N THR K 439 -20.04 15.53 7.21
CA THR K 439 -18.65 15.55 7.65
C THR K 439 -18.54 16.32 8.95
N SER K 440 -17.75 15.79 9.88
CA SER K 440 -17.45 16.49 11.13
C SER K 440 -16.21 17.33 10.94
N GLY K 441 -16.30 18.61 11.29
CA GLY K 441 -15.19 19.52 11.02
C GLY K 441 -13.89 19.07 11.69
N LYS K 442 -13.98 18.66 12.96
CA LYS K 442 -12.79 18.24 13.68
C LYS K 442 -12.30 16.87 13.25
N GLY K 443 -13.22 15.97 12.88
CA GLY K 443 -12.82 14.65 12.47
C GLY K 443 -11.92 14.65 11.25
N SER K 444 -12.23 15.50 10.28
CA SER K 444 -11.45 15.61 9.05
C SER K 444 -10.47 16.78 9.17
N SER K 445 -9.78 17.08 8.07
CA SER K 445 -8.79 18.15 8.04
C SER K 445 -8.85 18.80 6.66
N ALA K 446 -7.83 19.62 6.36
CA ALA K 446 -7.79 20.27 5.05
C ALA K 446 -7.88 19.26 3.92
N ALA K 447 -7.29 18.07 4.10
CA ALA K 447 -7.40 17.04 3.08
C ALA K 447 -8.84 16.56 2.94
N GLY K 448 -9.55 16.43 4.05
CA GLY K 448 -10.92 15.96 3.98
C GLY K 448 -11.83 16.87 3.16
N LEU K 449 -11.71 18.18 3.39
CA LEU K 449 -12.49 19.16 2.66
C LEU K 449 -11.70 19.71 1.48
N THR K 450 -12.39 20.47 0.63
CA THR K 450 -11.78 21.05 -0.56
C THR K 450 -11.00 19.99 -1.33
N ALA K 451 -9.66 20.07 -1.28
CA ALA K 451 -8.83 19.11 -1.99
C ALA K 451 -7.43 19.14 -1.39
N SER K 452 -6.66 18.10 -1.70
CA SER K 452 -5.28 17.98 -1.25
C SER K 452 -4.45 17.36 -2.35
N VAL K 453 -3.23 17.86 -2.51
CA VAL K 453 -2.31 17.35 -3.54
C VAL K 453 -1.54 16.17 -2.95
N GLN K 454 -1.65 15.01 -3.59
CA GLN K 454 -0.96 13.82 -3.14
C GLN K 454 -0.17 13.21 -4.29
N ARG K 455 0.38 12.01 -4.07
CA ARG K 455 1.19 11.32 -5.06
C ARG K 455 0.63 9.92 -5.28
N ASP K 456 0.57 9.50 -6.54
CA ASP K 456 0.10 8.16 -6.85
C ASP K 456 1.18 7.14 -6.50
N PRO K 457 0.93 6.21 -5.58
CA PRO K 457 2.00 5.27 -5.20
C PRO K 457 2.46 4.39 -6.36
N MET K 458 1.52 3.81 -7.11
CA MET K 458 1.89 2.86 -8.15
C MET K 458 2.75 3.52 -9.21
N THR K 459 2.38 4.72 -9.66
CA THR K 459 3.10 5.40 -10.73
C THR K 459 4.03 6.50 -10.24
N ARG K 460 3.94 6.89 -8.97
CA ARG K 460 4.78 7.93 -8.39
C ARG K 460 4.71 9.21 -9.23
N GLU K 461 3.51 9.74 -9.33
CA GLU K 461 3.27 11.03 -9.98
C GLU K 461 2.34 11.85 -9.11
N PHE K 462 2.67 13.14 -8.95
CA PHE K 462 1.83 14.02 -8.15
C PHE K 462 0.46 14.18 -8.81
N TYR K 463 -0.59 13.96 -8.03
CA TYR K 463 -1.95 14.07 -8.52
C TYR K 463 -2.78 14.82 -7.49
N LEU K 464 -4.01 15.16 -7.86
CA LEU K 464 -4.91 15.90 -7.00
C LEU K 464 -6.10 15.02 -6.64
N GLU K 465 -6.41 14.97 -5.34
CA GLU K 465 -7.56 14.22 -4.84
C GLU K 465 -8.51 15.18 -4.16
N GLY K 466 -9.78 15.15 -4.57
CA GLY K 466 -10.76 16.06 -4.01
C GLY K 466 -11.14 15.69 -2.59
N GLY K 467 -11.69 16.68 -1.90
CA GLY K 467 -12.15 16.53 -0.53
C GLY K 467 -13.65 16.31 -0.46
N ALA K 468 -14.23 16.69 0.69
CA ALA K 468 -15.67 16.53 0.87
C ALA K 468 -16.44 17.39 -0.13
N MET K 469 -15.99 18.62 -0.34
CA MET K 469 -16.69 19.51 -1.27
C MET K 469 -16.66 18.95 -2.68
N VAL K 470 -15.50 18.44 -3.12
CA VAL K 470 -15.41 17.86 -4.46
C VAL K 470 -16.36 16.68 -4.59
N LEU K 471 -16.36 15.79 -3.59
CA LEU K 471 -17.29 14.67 -3.60
C LEU K 471 -18.73 15.13 -3.48
N ALA K 472 -18.96 16.37 -3.02
CA ALA K 472 -20.29 16.92 -2.86
C ALA K 472 -20.71 17.81 -4.02
N ASP K 473 -19.91 17.87 -5.08
CA ASP K 473 -20.23 18.73 -6.21
C ASP K 473 -21.61 18.40 -6.75
N GLY K 474 -22.43 19.43 -6.94
CA GLY K 474 -23.80 19.24 -7.37
C GLY K 474 -24.77 18.85 -6.29
N GLY K 475 -24.33 18.80 -5.03
CA GLY K 475 -25.16 18.41 -3.92
C GLY K 475 -25.02 19.37 -2.76
N VAL K 476 -25.13 18.82 -1.56
CA VAL K 476 -25.10 19.59 -0.32
C VAL K 476 -24.09 18.95 0.63
N VAL K 477 -23.28 19.79 1.27
CA VAL K 477 -22.31 19.34 2.26
C VAL K 477 -22.74 19.89 3.62
N CYS K 478 -22.97 19.00 4.57
CA CYS K 478 -23.39 19.36 5.92
C CYS K 478 -22.18 19.28 6.83
N ILE K 479 -21.59 20.43 7.13
CA ILE K 479 -20.42 20.50 8.01
C ILE K 479 -20.90 20.77 9.43
N ASP K 480 -20.44 19.95 10.37
CA ASP K 480 -20.80 20.06 11.78
C ASP K 480 -19.59 20.52 12.59
N GLU K 481 -19.87 21.22 13.69
CA GLU K 481 -18.82 21.73 14.57
C GLU K 481 -17.87 22.63 13.80
N PHE K 482 -18.43 23.72 13.27
CA PHE K 482 -17.64 24.68 12.51
C PHE K 482 -16.52 25.28 13.36
N ASP K 483 -16.72 25.32 14.68
CA ASP K 483 -15.73 25.99 15.55
C ASP K 483 -14.44 25.19 15.63
N LYS K 484 -14.53 23.87 15.87
CA LYS K 484 -13.34 23.08 16.10
C LYS K 484 -12.47 22.95 14.85
N MET K 485 -13.04 23.21 13.67
CA MET K 485 -12.27 23.14 12.44
C MET K 485 -11.15 24.20 12.46
N ARG K 486 -9.97 23.80 12.01
CA ARG K 486 -8.81 24.68 12.09
C ARG K 486 -8.97 25.89 11.16
N ASP K 487 -8.29 26.97 11.54
CA ASP K 487 -8.44 28.23 10.81
C ASP K 487 -8.02 28.10 9.35
N GLU K 488 -6.94 27.37 9.08
CA GLU K 488 -6.52 27.17 7.70
C GLU K 488 -7.60 26.45 6.90
N ASP K 489 -8.24 25.43 7.48
CA ASP K 489 -9.34 24.77 6.80
C ASP K 489 -10.52 25.70 6.62
N ARG K 490 -10.75 26.60 7.60
CA ARG K 490 -11.85 27.54 7.47
C ARG K 490 -11.62 28.50 6.31
N VAL K 491 -10.39 29.00 6.14
CA VAL K 491 -10.12 29.89 5.01
C VAL K 491 -10.17 29.13 3.70
N ALA K 492 -9.74 27.86 3.70
CA ALA K 492 -9.90 27.03 2.51
C ALA K 492 -11.36 26.92 2.13
N ILE K 493 -12.24 26.69 3.11
CA ILE K 493 -13.67 26.63 2.84
C ILE K 493 -14.18 27.98 2.37
N HIS K 494 -13.67 29.07 2.95
CA HIS K 494 -14.03 30.41 2.50
C HIS K 494 -13.77 30.54 1.00
N GLU K 495 -12.57 30.19 0.56
CA GLU K 495 -12.26 30.27 -0.86
C GLU K 495 -13.15 29.35 -1.68
N ALA K 496 -13.37 28.13 -1.20
CA ALA K 496 -14.15 27.16 -1.96
C ALA K 496 -15.57 27.66 -2.19
N MET K 497 -16.20 28.22 -1.16
CA MET K 497 -17.54 28.75 -1.33
C MET K 497 -17.53 30.05 -2.11
N GLU K 498 -16.43 30.81 -2.04
CA GLU K 498 -16.34 32.06 -2.80
C GLU K 498 -16.34 31.78 -4.30
N GLN K 499 -15.59 30.79 -4.75
CA GLN K 499 -15.45 30.51 -6.17
C GLN K 499 -16.03 29.17 -6.62
N GLN K 500 -16.36 28.27 -5.70
CA GLN K 500 -16.94 26.98 -6.05
C GLN K 500 -16.04 26.20 -7.01
N THR K 501 -14.75 26.52 -7.03
CA THR K 501 -13.78 25.81 -7.87
C THR K 501 -12.46 25.78 -7.10
N ILE K 502 -12.23 24.69 -6.38
CA ILE K 502 -11.04 24.57 -5.55
C ILE K 502 -9.81 24.65 -6.46
N SER K 503 -9.02 25.71 -6.27
CA SER K 503 -7.89 26.01 -7.14
C SER K 503 -6.60 25.49 -6.49
N ILE K 504 -6.34 24.20 -6.71
CA ILE K 504 -5.07 23.58 -6.32
C ILE K 504 -4.46 23.06 -7.62
N ALA K 505 -3.66 23.90 -8.28
CA ALA K 505 -3.03 23.54 -9.56
C ALA K 505 -1.57 23.98 -9.51
N LYS K 506 -0.73 23.11 -8.94
CA LYS K 506 0.70 23.35 -8.79
C LYS K 506 1.35 22.01 -8.41
N ALA K 507 2.65 22.04 -8.10
CA ALA K 507 3.37 20.88 -7.58
C ALA K 507 3.30 19.71 -8.57
N GLY K 508 3.88 19.93 -9.74
CA GLY K 508 3.98 18.91 -10.77
C GLY K 508 2.80 18.85 -11.71
N ILE K 509 1.63 19.35 -11.27
CA ILE K 509 0.42 19.35 -12.07
C ILE K 509 -0.22 20.72 -11.98
N THR K 510 -1.12 20.99 -12.91
CA THR K 510 -1.85 22.26 -12.96
C THR K 510 -3.32 22.02 -13.24
N THR K 511 -3.92 21.08 -12.50
CA THR K 511 -5.32 20.72 -12.67
C THR K 511 -6.18 21.42 -11.62
N VAL K 512 -7.40 21.77 -12.02
CA VAL K 512 -8.36 22.44 -11.14
C VAL K 512 -9.67 21.66 -11.18
N LEU K 513 -10.43 21.74 -10.09
CA LEU K 513 -11.68 21.01 -9.94
C LEU K 513 -12.79 21.96 -9.54
N ASN K 514 -14.02 21.58 -9.91
CA ASN K 514 -15.20 22.37 -9.58
C ASN K 514 -15.82 21.89 -8.29
N SER K 515 -16.32 22.83 -7.49
CA SER K 515 -16.89 22.53 -6.18
C SER K 515 -18.20 23.28 -5.99
N ARG K 516 -19.07 23.22 -7.00
CA ARG K 516 -20.39 23.84 -6.90
C ARG K 516 -21.20 23.08 -5.85
N THR K 517 -21.35 23.67 -4.67
CA THR K 517 -21.97 22.99 -3.55
C THR K 517 -22.65 24.01 -2.64
N SER K 518 -23.54 23.50 -1.79
CA SER K 518 -24.22 24.28 -0.77
C SER K 518 -23.74 23.82 0.60
N VAL K 519 -23.40 24.77 1.46
CA VAL K 519 -22.78 24.50 2.75
C VAL K 519 -23.78 24.84 3.85
N LEU K 520 -24.07 23.85 4.69
CA LEU K 520 -24.89 24.03 5.89
C LEU K 520 -23.97 23.88 7.10
N ALA K 521 -23.76 24.96 7.84
CA ALA K 521 -22.78 25.02 8.91
C ALA K 521 -23.48 25.15 10.25
N ALA K 522 -23.17 24.25 11.18
CA ALA K 522 -23.64 24.32 12.55
C ALA K 522 -22.44 24.58 13.45
N ALA K 523 -22.48 25.68 14.19
CA ALA K 523 -21.35 26.13 14.99
C ALA K 523 -21.77 26.33 16.44
N ASN K 524 -20.88 25.96 17.36
CA ASN K 524 -21.14 26.21 18.76
C ASN K 524 -21.09 27.70 19.05
N PRO K 525 -21.70 28.15 20.15
CA PRO K 525 -21.71 29.58 20.45
C PRO K 525 -20.29 30.13 20.58
N ILE K 526 -20.14 31.40 20.20
CA ILE K 526 -18.84 32.05 20.29
C ILE K 526 -18.32 31.98 21.73
N TYR K 527 -19.20 32.22 22.70
CA TYR K 527 -18.84 32.09 24.11
C TYR K 527 -18.67 30.63 24.47
N ILE K 540 -11.31 38.14 16.81
CA ILE K 540 -12.22 37.03 17.04
C ILE K 540 -12.01 35.96 15.98
N ASP K 541 -11.82 34.71 16.42
CA ASP K 541 -11.70 33.61 15.46
C ASP K 541 -12.97 33.47 14.63
N PHE K 542 -14.13 33.60 15.27
CA PHE K 542 -15.40 33.63 14.56
C PHE K 542 -15.73 35.07 14.15
N GLN K 543 -14.84 35.62 13.33
CA GLN K 543 -14.98 37.01 12.91
C GLN K 543 -16.24 37.20 12.08
N THR K 544 -16.77 38.42 12.11
CA THR K 544 -18.01 38.71 11.40
C THR K 544 -17.85 38.62 9.89
N THR K 545 -16.62 38.55 9.38
CA THR K 545 -16.42 38.44 7.93
C THR K 545 -16.93 37.11 7.42
N ILE K 546 -16.51 36.01 8.04
CA ILE K 546 -16.97 34.69 7.60
C ILE K 546 -18.48 34.58 7.77
N LEU K 547 -19.03 35.21 8.81
CA LEU K 547 -20.48 35.27 8.95
C LEU K 547 -21.11 36.03 7.79
N SER K 548 -20.49 37.13 7.36
CA SER K 548 -20.99 37.88 6.22
C SER K 548 -20.97 37.04 4.96
N ARG K 549 -20.00 36.14 4.83
CA ARG K 549 -20.00 35.21 3.70
C ARG K 549 -21.26 34.35 3.70
N PHE K 550 -21.70 33.93 4.88
CA PHE K 550 -22.91 33.12 4.98
C PHE K 550 -24.13 33.93 4.57
N ASP K 551 -24.98 33.33 3.74
CA ASP K 551 -26.20 34.01 3.31
C ASP K 551 -27.14 34.26 4.49
N MET K 552 -27.29 33.27 5.36
CA MET K 552 -28.27 33.31 6.44
C MET K 552 -27.60 32.90 7.75
N ILE K 553 -27.88 33.65 8.81
CA ILE K 553 -27.37 33.38 10.15
C ILE K 553 -28.54 33.17 11.08
N PHE K 554 -28.51 32.08 11.85
CA PHE K 554 -29.59 31.72 12.76
C PHE K 554 -29.03 31.52 14.15
N ILE K 555 -29.69 32.14 15.14
CA ILE K 555 -29.34 31.98 16.54
C ILE K 555 -30.53 31.32 17.21
N VAL K 556 -30.43 30.03 17.47
CA VAL K 556 -31.53 29.27 18.06
C VAL K 556 -31.51 29.45 19.57
N LYS K 557 -32.64 29.87 20.14
CA LYS K 557 -32.76 30.09 21.57
C LYS K 557 -34.16 29.70 21.99
N ASP K 558 -34.27 28.60 22.73
CA ASP K 558 -35.56 28.17 23.25
C ASP K 558 -35.96 29.06 24.42
N ASP K 559 -37.15 29.65 24.35
CA ASP K 559 -37.66 30.51 25.40
C ASP K 559 -38.27 29.66 26.51
N HIS K 560 -38.01 30.06 27.76
CA HIS K 560 -38.47 29.30 28.92
C HIS K 560 -39.94 29.61 29.19
N ASN K 561 -40.79 29.07 28.34
CA ASN K 561 -42.23 29.13 28.50
C ASN K 561 -42.72 27.75 28.94
N GLU K 562 -43.45 27.70 30.06
CA GLU K 562 -43.92 26.42 30.58
C GLU K 562 -44.67 25.64 29.51
N GLU K 563 -45.52 26.32 28.73
CA GLU K 563 -46.24 25.64 27.67
C GLU K 563 -45.27 25.02 26.67
N ARG K 564 -44.23 25.77 26.28
CA ARG K 564 -43.26 25.25 25.34
C ARG K 564 -42.53 24.04 25.90
N ASP K 565 -42.12 24.12 27.17
CA ASP K 565 -41.40 23.00 27.77
C ASP K 565 -42.26 21.75 27.82
N ILE K 566 -43.52 21.89 28.23
CA ILE K 566 -44.40 20.74 28.28
C ILE K 566 -44.65 20.19 26.88
N SER K 567 -44.77 21.08 25.88
CA SER K 567 -45.00 20.62 24.52
C SER K 567 -43.82 19.79 24.02
N ILE K 568 -42.60 20.28 24.25
CA ILE K 568 -41.42 19.52 23.81
C ILE K 568 -41.32 18.20 24.56
N ALA K 569 -41.60 18.21 25.87
CA ALA K 569 -41.56 16.97 26.62
C ALA K 569 -42.54 15.95 26.05
N ASN K 570 -43.77 16.40 25.76
CA ASN K 570 -44.76 15.50 25.17
C ASN K 570 -44.31 14.98 23.81
N HIS K 571 -43.70 15.84 22.99
CA HIS K 571 -43.23 15.40 21.68
C HIS K 571 -42.16 14.32 21.82
N VAL K 572 -41.20 14.53 22.71
CA VAL K 572 -40.13 13.54 22.86
C VAL K 572 -40.67 12.24 23.43
N ILE K 573 -41.62 12.32 24.36
CA ILE K 573 -42.18 11.10 24.94
C ILE K 573 -42.98 10.35 23.88
N ASN K 574 -43.69 11.08 23.01
CA ASN K 574 -44.37 10.44 21.89
C ASN K 574 -43.37 9.76 20.96
N ILE K 575 -42.23 10.40 20.72
CA ILE K 575 -41.18 9.77 19.93
C ILE K 575 -40.78 8.44 20.56
N HIS K 576 -40.51 8.46 21.87
CA HIS K 576 -40.04 7.25 22.54
C HIS K 576 -41.09 6.14 22.51
N THR K 577 -42.35 6.51 22.75
CA THR K 577 -43.43 5.52 22.77
C THR K 577 -43.88 5.08 21.38
N GLY K 578 -43.40 5.73 20.33
CA GLY K 578 -43.79 5.37 18.97
C GLY K 578 -43.01 4.18 18.45
N GLN K 587 -47.25 9.62 11.65
CA GLN K 587 -47.15 9.00 10.33
C GLN K 587 -48.39 9.29 9.51
N GLU K 588 -48.72 10.58 9.36
CA GLU K 588 -49.91 10.96 8.60
C GLU K 588 -49.79 10.53 7.14
N GLU K 589 -48.79 11.07 6.44
CA GLU K 589 -48.54 10.77 5.03
C GLU K 589 -49.83 10.64 4.24
N ASN K 590 -50.80 11.52 4.50
CA ASN K 590 -52.08 11.51 3.81
C ASN K 590 -52.48 12.94 3.43
N GLY K 591 -51.52 13.70 2.91
CA GLY K 591 -51.76 15.09 2.52
C GLY K 591 -51.06 16.12 3.38
N SER K 592 -50.20 15.70 4.32
CA SER K 592 -49.48 16.64 5.17
C SER K 592 -47.99 16.36 5.24
N GLU K 593 -47.50 15.22 4.74
CA GLU K 593 -46.08 14.93 4.76
C GLU K 593 -45.78 13.90 3.67
N ILE K 594 -44.51 13.83 3.29
CA ILE K 594 -44.04 12.90 2.27
C ILE K 594 -42.74 12.27 2.73
N SER K 595 -42.57 10.98 2.44
CA SER K 595 -41.40 10.26 2.89
C SER K 595 -40.14 10.77 2.21
N ILE K 596 -39.00 10.21 2.60
CA ILE K 596 -37.71 10.69 2.10
C ILE K 596 -37.55 10.37 0.62
N GLU K 597 -38.03 9.21 0.18
CA GLU K 597 -37.85 8.81 -1.22
C GLU K 597 -38.55 9.80 -2.16
N LYS K 598 -39.83 10.07 -1.90
CA LYS K 598 -40.57 10.98 -2.74
C LYS K 598 -39.97 12.38 -2.72
N MET K 599 -39.55 12.84 -1.54
CA MET K 599 -38.95 14.16 -1.44
C MET K 599 -37.64 14.23 -2.21
N LYS K 600 -36.85 13.16 -2.17
CA LYS K 600 -35.58 13.13 -2.90
C LYS K 600 -35.81 13.20 -4.40
N ARG K 601 -36.76 12.39 -4.89
CA ARG K 601 -37.07 12.43 -6.32
C ARG K 601 -37.64 13.79 -6.71
N TYR K 602 -38.45 14.39 -5.83
CA TYR K 602 -38.96 15.74 -6.04
C TYR K 602 -37.81 16.74 -6.19
N ILE K 603 -36.84 16.67 -5.29
CA ILE K 603 -35.71 17.59 -5.34
C ILE K 603 -34.94 17.42 -6.65
N THR K 604 -34.71 16.16 -7.04
CA THR K 604 -34.01 15.92 -8.31
C THR K 604 -34.78 16.53 -9.47
N TYR K 605 -36.09 16.28 -9.55
CA TYR K 605 -36.89 16.79 -10.65
C TYR K 605 -36.86 18.31 -10.70
N CYS K 606 -37.07 18.96 -9.56
CA CYS K 606 -37.14 20.41 -9.55
C CYS K 606 -35.78 21.05 -9.82
N ARG K 607 -34.69 20.42 -9.37
CA ARG K 607 -33.37 20.99 -9.63
C ARG K 607 -32.96 20.80 -11.08
N LEU K 608 -33.41 19.72 -11.74
CA LEU K 608 -32.99 19.45 -13.10
C LEU K 608 -33.92 20.02 -14.17
N LYS K 609 -35.16 20.35 -13.83
CA LYS K 609 -36.13 20.78 -14.83
C LYS K 609 -36.38 22.28 -14.82
N CYS K 610 -36.74 22.85 -13.67
CA CYS K 610 -37.16 24.24 -13.57
C CYS K 610 -36.04 25.09 -13.02
N ALA K 611 -35.78 26.23 -13.67
CA ALA K 611 -34.83 27.24 -13.20
C ALA K 611 -35.49 28.60 -13.31
N PRO K 612 -36.46 28.89 -12.43
CA PRO K 612 -37.26 30.11 -12.58
C PRO K 612 -36.44 31.37 -12.31
N ARG K 613 -37.00 32.50 -12.77
CA ARG K 613 -36.39 33.80 -12.61
C ARG K 613 -37.43 34.77 -12.06
N LEU K 614 -36.95 35.79 -11.35
CA LEU K 614 -37.84 36.76 -10.72
C LEU K 614 -38.59 37.58 -11.77
N SER K 615 -39.47 38.47 -11.28
CA SER K 615 -40.33 39.28 -12.12
C SER K 615 -40.00 40.77 -11.99
N PRO K 616 -40.30 41.57 -13.02
CA PRO K 616 -39.98 43.01 -12.92
C PRO K 616 -40.63 43.70 -11.73
N GLN K 617 -41.93 43.48 -11.52
CA GLN K 617 -42.60 44.09 -10.38
C GLN K 617 -41.98 43.61 -9.07
N ALA K 618 -41.70 42.32 -8.98
CA ALA K 618 -41.02 41.79 -7.80
C ALA K 618 -39.65 42.42 -7.63
N ALA K 619 -38.93 42.64 -8.74
CA ALA K 619 -37.61 43.27 -8.65
C ALA K 619 -37.70 44.67 -8.09
N GLU K 620 -38.63 45.48 -8.60
CA GLU K 620 -38.80 46.83 -8.09
C GLU K 620 -39.23 46.82 -6.64
N LYS K 621 -40.12 45.88 -6.27
CA LYS K 621 -40.56 45.78 -4.89
C LYS K 621 -39.41 45.43 -3.97
N LEU K 622 -38.52 44.53 -4.41
CA LEU K 622 -37.37 44.16 -3.58
C LEU K 622 -36.38 45.30 -3.45
N SER K 623 -36.19 46.07 -4.53
CA SER K 623 -35.35 47.26 -4.44
C SER K 623 -35.92 48.25 -3.42
N SER K 624 -37.24 48.47 -3.49
CA SER K 624 -37.88 49.33 -2.50
C SER K 624 -37.76 48.75 -1.10
N ASN K 625 -37.76 47.42 -0.97
CA ASN K 625 -37.60 46.80 0.34
C ASN K 625 -36.22 47.07 0.91
N PHE K 626 -35.18 46.98 0.07
CA PHE K 626 -33.84 47.32 0.54
C PHE K 626 -33.76 48.80 0.91
N VAL K 627 -34.38 49.66 0.10
CA VAL K 627 -34.44 51.09 0.45
C VAL K 627 -35.08 51.27 1.81
N THR K 628 -36.18 50.55 2.06
CA THR K 628 -36.88 50.67 3.34
C THR K 628 -36.03 50.13 4.49
N ILE K 629 -35.20 49.13 4.21
CA ILE K 629 -34.32 48.61 5.26
C ILE K 629 -33.26 49.63 5.62
N ARG K 630 -32.65 50.27 4.62
CA ARG K 630 -31.68 51.33 4.89
C ARG K 630 -32.35 52.48 5.64
N LYS K 631 -33.57 52.85 5.25
CA LYS K 631 -34.32 53.87 5.97
C LYS K 631 -34.68 53.40 7.38
N GLN K 632 -34.89 52.10 7.56
CA GLN K 632 -35.18 51.57 8.89
C GLN K 632 -33.97 51.76 9.81
N LEU K 633 -32.77 51.49 9.31
CA LEU K 633 -31.59 51.81 10.11
C LEU K 633 -31.46 53.31 10.33
N LEU K 634 -31.73 54.11 9.30
CA LEU K 634 -31.71 55.56 9.46
C LEU K 634 -32.60 56.00 10.61
N ILE K 635 -33.76 55.35 10.75
CA ILE K 635 -34.62 55.60 11.90
C ILE K 635 -33.97 55.07 13.17
N ASN K 636 -33.32 53.91 13.09
CA ASN K 636 -32.73 53.28 14.26
C ASN K 636 -31.62 54.15 14.85
N GLU K 637 -30.81 54.78 14.01
CA GLU K 637 -29.66 55.55 14.47
C GLU K 637 -30.10 56.88 15.07
N LEU K 638 -30.92 56.78 16.13
CA LEU K 638 -31.29 57.96 16.89
C LEU K 638 -30.08 58.57 17.60
N GLU K 639 -29.04 57.77 17.83
CA GLU K 639 -27.81 58.28 18.42
C GLU K 639 -27.18 59.33 17.53
N SER K 640 -26.57 60.34 18.14
CA SER K 640 -25.94 61.43 17.40
C SER K 640 -24.48 61.14 17.09
N THR K 641 -23.69 60.81 18.11
CA THR K 641 -22.26 60.56 17.92
C THR K 641 -21.97 59.10 17.60
N GLU K 642 -22.69 58.17 18.23
CA GLU K 642 -22.45 56.76 17.97
C GLU K 642 -22.83 56.39 16.55
N ARG K 643 -22.08 55.47 15.96
CA ARG K 643 -22.26 55.05 14.57
C ARG K 643 -22.84 53.65 14.52
N SER K 644 -23.85 53.46 13.67
CA SER K 644 -24.41 52.13 13.45
C SER K 644 -23.38 51.24 12.78
N SER K 645 -23.36 49.96 13.19
CA SER K 645 -22.39 49.02 12.65
C SER K 645 -22.60 48.85 11.15
N ILE K 646 -23.72 48.24 10.76
CA ILE K 646 -24.07 48.05 9.36
C ILE K 646 -25.59 47.95 9.25
N PRO K 647 -26.25 48.70 8.36
CA PRO K 647 -27.64 48.36 8.03
C PRO K 647 -27.73 47.08 7.24
N ILE K 648 -27.03 47.04 6.11
CA ILE K 648 -27.00 45.89 5.22
C ILE K 648 -25.76 46.04 4.35
N THR K 649 -25.30 44.93 3.77
CA THR K 649 -24.22 44.93 2.80
C THR K 649 -24.75 44.44 1.45
N ILE K 650 -24.01 44.77 0.39
CA ILE K 650 -24.44 44.39 -0.95
C ILE K 650 -24.43 42.87 -1.08
N ARG K 651 -23.47 42.21 -0.43
CA ARG K 651 -23.48 40.75 -0.42
C ARG K 651 -24.76 40.22 0.23
N GLN K 652 -25.18 40.85 1.32
CA GLN K 652 -26.45 40.49 1.93
C GLN K 652 -27.61 40.76 0.97
N LEU K 653 -27.51 41.82 0.18
CA LEU K 653 -28.54 42.09 -0.82
C LEU K 653 -28.64 40.94 -1.81
N GLU K 654 -27.50 40.50 -2.35
CA GLU K 654 -27.51 39.34 -3.23
C GLU K 654 -28.06 38.12 -2.52
N ALA K 655 -27.79 37.99 -1.22
CA ALA K 655 -28.33 36.88 -0.45
C ALA K 655 -29.85 36.92 -0.41
N ILE K 656 -30.43 38.12 -0.26
CA ILE K 656 -31.89 38.23 -0.25
C ILE K 656 -32.47 37.67 -1.53
N ILE K 657 -31.83 37.93 -2.66
CA ILE K 657 -32.19 37.27 -3.91
C ILE K 657 -31.59 35.87 -3.92
N ARG K 658 -32.11 35.03 -4.81
CA ARG K 658 -31.75 33.62 -5.00
C ARG K 658 -32.43 32.70 -4.00
N ILE K 659 -33.21 33.24 -3.06
CA ILE K 659 -34.05 32.41 -2.20
C ILE K 659 -35.48 32.52 -2.70
N THR K 660 -35.82 33.68 -3.28
CA THR K 660 -37.09 33.79 -3.97
C THR K 660 -37.17 32.82 -5.15
N GLU K 661 -36.08 32.71 -5.90
CA GLU K 661 -36.02 31.72 -6.97
C GLU K 661 -36.13 30.31 -6.41
N SER K 662 -35.62 30.09 -5.19
CA SER K 662 -35.77 28.80 -4.55
C SER K 662 -37.24 28.48 -4.31
N LEU K 663 -38.01 29.45 -3.81
CA LEU K 663 -39.44 29.24 -3.61
C LEU K 663 -40.15 29.01 -4.93
N ALA K 664 -39.77 29.78 -5.96
CA ALA K 664 -40.39 29.60 -7.28
C ALA K 664 -40.13 28.19 -7.81
N LYS K 665 -38.90 27.71 -7.68
CA LYS K 665 -38.57 26.37 -8.12
C LYS K 665 -39.28 25.32 -7.27
N LEU K 666 -39.55 25.64 -6.01
CA LEU K 666 -40.29 24.72 -5.15
C LEU K 666 -41.69 24.46 -5.72
N GLU K 667 -42.36 25.52 -6.19
CA GLU K 667 -43.70 25.42 -6.72
C GLU K 667 -43.72 25.30 -8.24
N LEU K 668 -42.55 25.15 -8.87
CA LEU K 668 -42.44 25.07 -10.33
C LEU K 668 -42.98 26.32 -11.02
N SER K 669 -43.05 27.43 -10.29
CA SER K 669 -43.56 28.67 -10.88
C SER K 669 -42.52 29.26 -11.82
N PRO K 670 -42.82 29.46 -13.10
CA PRO K 670 -41.80 30.00 -14.01
C PRO K 670 -41.30 31.38 -13.60
N ILE K 671 -42.15 32.21 -13.02
CA ILE K 671 -41.80 33.56 -12.61
C ILE K 671 -42.18 33.73 -11.15
N ALA K 672 -41.25 34.25 -10.34
CA ALA K 672 -41.49 34.46 -8.93
C ALA K 672 -42.36 35.70 -8.74
N GLN K 673 -43.46 35.55 -8.00
CA GLN K 673 -44.38 36.64 -7.76
C GLN K 673 -44.05 37.34 -6.44
N GLU K 674 -44.89 38.30 -6.05
CA GLU K 674 -44.65 39.06 -4.85
C GLU K 674 -44.72 38.20 -3.59
N ARG K 675 -45.50 37.11 -3.64
CA ARG K 675 -45.58 36.21 -2.49
C ARG K 675 -44.19 35.71 -2.09
N HIS K 676 -43.41 35.27 -3.07
CA HIS K 676 -42.05 34.83 -2.78
C HIS K 676 -41.21 35.97 -2.23
N VAL K 677 -41.42 37.19 -2.73
CA VAL K 677 -40.65 38.33 -2.26
C VAL K 677 -40.90 38.55 -0.77
N ASP K 678 -42.16 38.60 -0.35
CA ASP K 678 -42.45 38.84 1.05
C ASP K 678 -41.99 37.67 1.92
N GLU K 679 -42.15 36.44 1.43
CA GLU K 679 -41.67 35.29 2.19
C GLU K 679 -40.17 35.39 2.43
N ALA K 680 -39.41 35.71 1.39
CA ALA K 680 -37.96 35.83 1.53
C ALA K 680 -37.59 36.97 2.48
N ILE K 681 -38.31 38.10 2.37
CA ILE K 681 -38.03 39.24 3.24
C ILE K 681 -38.22 38.84 4.70
N ARG K 682 -39.33 38.17 5.01
CA ARG K 682 -39.59 37.75 6.38
C ARG K 682 -38.53 36.76 6.84
N LEU K 683 -38.17 35.80 5.99
CA LEU K 683 -37.19 34.79 6.39
C LEU K 683 -35.85 35.43 6.70
N PHE K 684 -35.38 36.35 5.85
CA PHE K 684 -34.11 37.01 6.11
C PHE K 684 -34.17 37.87 7.36
N GLN K 685 -35.27 38.62 7.54
CA GLN K 685 -35.38 39.49 8.70
C GLN K 685 -35.39 38.70 10.00
N ALA K 686 -36.02 37.52 10.00
CA ALA K 686 -36.08 36.69 11.19
C ALA K 686 -34.77 36.02 11.53
N SER K 687 -33.77 36.05 10.64
CA SER K 687 -32.53 35.33 10.86
C SER K 687 -31.33 36.26 11.00
N THR K 688 -31.07 37.12 10.02
CA THR K 688 -29.78 37.82 9.95
C THR K 688 -29.79 39.16 10.68
N MET K 689 -30.79 40.00 10.44
CA MET K 689 -30.80 41.33 11.05
C MET K 689 -30.81 41.22 12.57
N ASP K 690 -31.72 40.42 13.11
CA ASP K 690 -31.77 40.24 14.55
C ASP K 690 -30.49 39.63 15.08
N ALA K 691 -29.98 38.58 14.41
CA ALA K 691 -28.76 37.93 14.86
C ALA K 691 -27.59 38.90 14.85
N ALA K 692 -27.48 39.72 13.80
CA ALA K 692 -26.43 40.74 13.78
C ALA K 692 -26.60 41.72 14.94
N SER K 693 -27.84 42.14 15.20
CA SER K 693 -28.07 43.05 16.33
C SER K 693 -27.96 42.32 17.66
N GLN K 694 -28.23 41.02 17.68
CA GLN K 694 -28.13 40.24 18.92
C GLN K 694 -26.75 40.37 19.54
N THR K 706 -19.02 53.44 21.33
CA THR K 706 -19.05 53.20 22.77
C THR K 706 -17.99 52.17 23.17
N SER K 707 -18.20 50.93 22.74
CA SER K 707 -17.27 49.85 23.09
C SER K 707 -15.88 50.14 22.54
N LEU K 708 -15.80 50.67 21.32
CA LEU K 708 -14.49 50.96 20.72
C LEU K 708 -13.76 52.03 21.51
N SER K 709 -14.48 53.04 21.98
CA SER K 709 -13.85 54.05 22.83
C SER K 709 -13.31 53.42 24.11
N GLU K 710 -14.06 52.46 24.68
CA GLU K 710 -13.58 51.75 25.86
C GLU K 710 -12.32 50.94 25.54
N ILE K 711 -12.28 50.33 24.35
CA ILE K 711 -11.08 49.61 23.93
C ILE K 711 -9.90 50.56 23.84
N ARG K 712 -10.13 51.79 23.39
CA ARG K 712 -9.05 52.77 23.34
C ARG K 712 -8.46 53.00 24.73
N ARG K 713 -9.31 53.21 25.73
CA ARG K 713 -8.82 53.41 27.09
C ARG K 713 -8.11 52.17 27.60
N PHE K 714 -8.65 50.98 27.32
CA PHE K 714 -8.04 49.75 27.76
C PHE K 714 -6.64 49.59 27.16
N GLU K 715 -6.51 49.88 25.86
CA GLU K 715 -5.20 49.79 25.21
C GLU K 715 -4.23 50.80 25.80
N GLN K 716 -4.68 52.02 26.04
CA GLN K 716 -3.79 53.02 26.63
C GLN K 716 -3.32 52.58 28.00
N GLU K 717 -4.23 52.05 28.82
CA GLU K 717 -3.84 51.61 30.16
C GLU K 717 -2.87 50.45 30.09
N LEU K 718 -3.10 49.50 29.19
CA LEU K 718 -2.18 48.37 29.05
C LEU K 718 -0.80 48.83 28.60
N LYS K 719 -0.75 49.76 27.64
CA LYS K 719 0.55 50.26 27.18
C LYS K 719 1.28 51.00 28.30
N ARG K 720 0.56 51.84 29.04
CA ARG K 720 1.19 52.60 30.11
C ARG K 720 1.69 51.68 31.23
N ARG K 721 0.90 50.66 31.57
CA ARG K 721 1.27 49.78 32.68
C ARG K 721 2.57 49.05 32.41
N LEU K 722 2.73 48.51 31.21
CA LEU K 722 3.87 47.66 30.90
C LEU K 722 4.97 48.49 30.24
N PRO K 723 6.15 48.63 30.85
CA PRO K 723 7.28 49.24 30.13
C PRO K 723 7.77 48.33 29.02
N ILE K 724 8.82 48.74 28.31
CA ILE K 724 9.37 47.93 27.24
C ILE K 724 10.24 46.83 27.84
N GLY K 725 9.99 45.59 27.44
CA GLY K 725 10.74 44.45 27.92
C GLY K 725 10.20 43.80 29.17
N TRP K 726 9.18 44.37 29.80
CA TRP K 726 8.59 43.84 31.02
C TRP K 726 7.36 43.01 30.66
N SER K 727 7.29 41.80 31.21
CA SER K 727 6.22 40.86 30.92
C SER K 727 5.37 40.63 32.17
N THR K 728 4.05 40.61 31.99
CA THR K 728 3.11 40.33 33.05
C THR K 728 2.12 39.27 32.56
N SER K 729 1.71 38.40 33.49
CA SER K 729 0.85 37.28 33.11
C SER K 729 -0.49 37.79 32.58
N TYR K 730 -0.99 37.11 31.55
CA TYR K 730 -2.30 37.46 30.99
C TYR K 730 -3.39 37.28 32.04
N GLN K 731 -3.28 36.24 32.86
CA GLN K 731 -4.24 36.05 33.95
C GLN K 731 -4.18 37.22 34.93
N THR K 732 -2.98 37.72 35.20
CA THR K 732 -2.85 38.88 36.09
C THR K 732 -3.54 40.11 35.49
N LEU K 733 -3.38 40.32 34.19
CA LEU K 733 -4.07 41.44 33.55
C LEU K 733 -5.58 41.27 33.60
N ARG K 734 -6.06 40.05 33.38
CA ARG K 734 -7.49 39.78 33.48
C ARG K 734 -7.99 40.08 34.89
N ARG K 735 -7.21 39.69 35.90
CA ARG K 735 -7.57 40.00 37.27
C ARG K 735 -7.60 41.51 37.50
N GLU K 736 -6.62 42.22 36.94
CA GLU K 736 -6.53 43.67 37.14
C GLU K 736 -7.73 44.38 36.52
N PHE K 737 -8.16 43.94 35.33
CA PHE K 737 -9.18 44.65 34.58
C PHE K 737 -10.50 43.89 34.50
N VAL K 738 -10.50 42.66 34.01
CA VAL K 738 -11.76 41.94 33.80
C VAL K 738 -12.46 41.68 35.13
N ASP K 739 -11.72 41.15 36.11
CA ASP K 739 -12.32 40.89 37.41
C ASP K 739 -12.74 42.20 38.08
N THR K 740 -11.94 43.26 37.92
CA THR K 740 -12.31 44.56 38.46
C THR K 740 -13.54 45.14 37.78
N HIS K 741 -13.92 44.61 36.62
CA HIS K 741 -15.11 44.96 35.85
C HIS K 741 -14.95 46.26 35.08
N ARG K 742 -13.77 46.90 35.14
CA ARG K 742 -13.59 48.14 34.37
C ARG K 742 -13.69 47.89 32.87
N PHE K 743 -13.37 46.68 32.42
CA PHE K 743 -13.49 46.33 31.01
C PHE K 743 -13.93 44.87 30.91
N SER K 744 -14.93 44.62 30.06
CA SER K 744 -15.46 43.28 29.91
C SER K 744 -14.47 42.37 29.20
N GLN K 745 -14.69 41.07 29.32
CA GLN K 745 -13.77 40.10 28.72
C GLN K 745 -13.78 40.21 27.19
N LEU K 746 -14.95 40.45 26.60
CA LEU K 746 -15.01 40.58 25.14
C LEU K 746 -14.18 41.76 24.67
N ALA K 747 -13.94 42.75 25.53
CA ALA K 747 -13.07 43.87 25.22
C ALA K 747 -11.61 43.58 25.53
N LEU K 748 -11.32 42.48 26.22
CA LEU K 748 -9.93 42.11 26.51
C LEU K 748 -9.30 41.42 25.31
N ASP K 749 -9.94 40.35 24.82
CA ASP K 749 -9.37 39.61 23.70
C ASP K 749 -9.26 40.47 22.45
N LYS K 750 -10.28 41.31 22.20
CA LYS K 750 -10.24 42.17 21.02
C LYS K 750 -9.05 43.12 21.06
N ALA K 751 -8.88 43.82 22.20
CA ALA K 751 -7.77 44.75 22.32
C ALA K 751 -6.43 44.02 22.27
N LEU K 752 -6.34 42.85 22.90
CA LEU K 752 -5.09 42.10 22.89
C LEU K 752 -4.73 41.68 21.47
N TYR K 753 -5.71 41.20 20.69
CA TYR K 753 -5.46 40.84 19.31
C TYR K 753 -5.03 42.06 18.50
N ALA K 754 -5.71 43.19 18.69
CA ALA K 754 -5.35 44.39 17.95
C ALA K 754 -3.93 44.83 18.26
N LEU K 755 -3.52 44.71 19.53
CA LEU K 755 -2.17 45.13 19.92
C LEU K 755 -1.12 44.15 19.40
N GLU K 756 -1.40 42.85 19.53
CA GLU K 756 -0.43 41.84 19.09
C GLU K 756 -0.22 41.90 17.58
N LYS K 757 -1.31 42.10 16.82
CA LYS K 757 -1.19 42.11 15.37
C LYS K 757 -0.27 43.23 14.90
N HIS K 758 -0.08 44.27 15.70
CA HIS K 758 0.79 45.39 15.36
C HIS K 758 2.21 45.25 15.90
N GLU K 759 2.53 44.13 16.55
CA GLU K 759 3.85 43.80 17.06
C GLU K 759 4.21 44.60 18.30
N THR K 760 3.34 45.47 18.80
CA THR K 760 3.63 46.20 20.03
C THR K 760 3.62 45.31 21.26
N ILE K 761 2.95 44.16 21.19
CA ILE K 761 2.87 43.22 22.31
C ILE K 761 3.07 41.82 21.75
N GLN K 762 3.39 40.88 22.63
CA GLN K 762 3.61 39.49 22.24
C GLN K 762 2.90 38.56 23.22
N LEU K 763 2.34 37.48 22.69
CA LEU K 763 1.68 36.47 23.50
C LEU K 763 2.64 35.32 23.77
N ARG K 764 2.75 34.91 25.03
CA ARG K 764 3.65 33.86 25.44
C ARG K 764 2.93 32.88 26.35
N HIS K 765 3.40 31.64 26.37
CA HIS K 765 2.78 30.58 27.17
C HIS K 765 1.32 30.38 26.76
N GLN K 766 1.10 30.23 25.45
CA GLN K 766 -0.24 30.08 24.90
C GLN K 766 -1.13 31.26 25.30
N GLY K 767 -0.56 32.45 25.29
CA GLY K 767 -1.29 33.64 25.65
C GLY K 767 -1.44 33.87 27.14
N GLN K 768 -0.75 33.09 27.98
CA GLN K 768 -0.83 33.27 29.43
C GLN K 768 0.16 34.29 29.95
N ASN K 769 1.08 34.77 29.13
CA ASN K 769 2.01 35.82 29.52
C ASN K 769 2.11 36.85 28.40
N ILE K 770 2.06 38.12 28.77
CA ILE K 770 2.07 39.22 27.82
C ILE K 770 3.41 39.95 27.94
N TYR K 771 4.11 40.09 26.81
CA TYR K 771 5.43 40.71 26.78
C TYR K 771 5.42 41.84 25.74
N ARG K 772 5.78 43.03 26.18
CA ARG K 772 5.84 44.18 25.28
C ARG K 772 7.08 44.09 24.39
N SER K 773 6.93 44.47 23.12
CA SER K 773 7.99 44.32 22.13
C SER K 773 8.24 45.62 21.38
N GLY K 774 8.00 46.77 22.01
CA GLY K 774 8.29 48.04 21.38
C GLY K 774 7.20 49.08 21.55
N VAL K 775 7.38 50.24 20.93
CA VAL K 775 6.41 51.32 21.02
C VAL K 775 5.09 50.87 20.40
N SER L 91 27.68 -53.79 -18.30
CA SER L 91 26.54 -52.98 -18.68
C SER L 91 26.79 -51.51 -18.43
N PHE L 92 27.72 -51.21 -17.51
CA PHE L 92 28.07 -49.84 -17.18
C PHE L 92 29.51 -49.79 -16.74
N LYS L 93 30.11 -48.60 -16.81
CA LYS L 93 31.48 -48.36 -16.39
C LYS L 93 31.48 -47.62 -15.08
N SER L 94 32.19 -48.15 -14.09
CA SER L 94 32.25 -47.56 -12.76
C SER L 94 33.67 -47.67 -12.20
N ARG L 95 34.03 -46.69 -11.38
CA ARG L 95 35.30 -46.69 -10.67
C ARG L 95 35.03 -46.38 -9.20
N ALA L 96 35.91 -46.91 -8.34
CA ALA L 96 35.67 -46.88 -6.90
C ALA L 96 36.84 -46.22 -6.19
N LEU L 97 36.53 -45.40 -5.15
CA LEU L 97 37.52 -44.70 -4.30
C LEU L 97 37.35 -45.24 -2.89
N ASN L 98 38.40 -45.74 -2.23
CA ASN L 98 38.34 -46.42 -0.94
C ASN L 98 38.65 -45.45 0.20
N HIS L 99 37.95 -45.63 1.31
CA HIS L 99 38.14 -44.77 2.47
C HIS L 99 39.51 -44.97 3.09
N VAL L 100 40.05 -46.17 3.04
CA VAL L 100 41.38 -46.42 3.60
C VAL L 100 42.44 -45.59 2.89
N LYS L 101 42.14 -45.10 1.69
CA LYS L 101 43.12 -44.30 0.96
C LYS L 101 43.37 -42.95 1.62
N LYS L 102 42.55 -42.55 2.59
CA LYS L 102 42.68 -41.23 3.18
C LYS L 102 43.97 -41.11 3.99
N VAL L 103 44.55 -39.92 3.97
CA VAL L 103 45.74 -39.63 4.77
C VAL L 103 45.28 -39.06 6.11
N ASP L 104 45.73 -39.69 7.19
CA ASP L 104 45.32 -39.28 8.53
C ASP L 104 46.23 -38.18 9.05
N ASP L 105 45.69 -37.39 9.98
CA ASP L 105 46.42 -36.29 10.59
C ASP L 105 47.10 -36.80 11.86
N VAL L 106 48.42 -36.94 11.82
CA VAL L 106 49.15 -37.49 12.96
C VAL L 106 49.04 -36.56 14.15
N THR L 107 49.21 -35.26 13.93
CA THR L 107 49.14 -34.31 15.03
C THR L 107 47.77 -34.32 15.68
N GLY L 108 46.71 -34.39 14.88
CA GLY L 108 45.37 -34.45 15.43
C GLY L 108 45.17 -35.68 16.31
N GLU L 109 45.64 -36.84 15.85
CA GLU L 109 45.50 -38.05 16.64
C GLU L 109 46.30 -37.98 17.94
N LYS L 110 47.51 -37.40 17.87
CA LYS L 110 48.30 -37.24 19.08
C LYS L 110 47.61 -36.31 20.07
N VAL L 111 47.04 -35.21 19.58
CA VAL L 111 46.30 -34.31 20.46
C VAL L 111 45.09 -35.03 21.05
N ARG L 112 44.44 -35.88 20.25
CA ARG L 112 43.32 -36.66 20.77
C ARG L 112 43.75 -37.56 21.91
N GLU L 113 44.88 -38.26 21.73
CA GLU L 113 45.37 -39.13 22.78
C GLU L 113 45.72 -38.35 24.04
N ALA L 114 46.38 -37.19 23.87
CA ALA L 114 46.72 -36.37 25.03
C ALA L 114 45.48 -35.90 25.76
N PHE L 115 44.46 -35.45 25.01
CA PHE L 115 43.22 -35.02 25.63
C PHE L 115 42.54 -36.16 26.36
N GLU L 116 42.55 -37.36 25.78
CA GLU L 116 41.97 -38.51 26.46
C GLU L 116 42.69 -38.78 27.77
N GLN L 117 44.02 -38.77 27.74
CA GLN L 117 44.78 -39.02 28.97
C GLN L 117 44.49 -37.97 30.02
N PHE L 118 44.42 -36.69 29.62
CA PHE L 118 44.13 -35.63 30.57
C PHE L 118 42.74 -35.79 31.17
N LEU L 119 41.75 -36.09 30.33
CA LEU L 119 40.39 -36.26 30.83
C LEU L 119 40.28 -37.47 31.74
N GLU L 120 41.13 -38.48 31.53
CA GLU L 120 41.03 -39.70 32.31
C GLU L 120 41.74 -39.57 33.66
N ASP L 121 43.03 -39.25 33.64
CA ASP L 121 43.85 -39.36 34.83
C ASP L 121 43.91 -38.09 35.68
N PHE L 122 43.34 -36.99 35.22
CA PHE L 122 43.44 -35.74 35.96
C PHE L 122 42.68 -35.83 37.28
N SER L 123 43.27 -35.28 38.34
CA SER L 123 42.64 -35.23 39.64
C SER L 123 43.16 -34.00 40.39
N VAL L 124 42.36 -33.52 41.35
CA VAL L 124 42.69 -32.37 42.16
C VAL L 124 42.50 -32.73 43.62
N GLN L 125 43.44 -32.32 44.47
CA GLN L 125 43.36 -32.63 45.89
C GLN L 125 42.20 -31.86 46.52
N SER L 126 41.30 -32.59 47.18
CA SER L 126 40.16 -31.98 47.86
C SER L 126 40.55 -31.70 49.32
N THR L 127 39.56 -31.42 50.16
CA THR L 127 39.82 -31.09 51.55
C THR L 127 40.66 -32.17 52.22
N GLU L 131 40.83 -35.60 50.48
CA GLU L 131 40.87 -36.72 49.55
C GLU L 131 41.20 -36.21 48.16
N VAL L 132 41.62 -37.13 47.29
CA VAL L 132 41.90 -36.84 45.90
C VAL L 132 40.91 -37.60 45.04
N GLU L 133 40.21 -36.88 44.16
CA GLU L 133 39.18 -37.46 43.31
C GLU L 133 39.38 -36.99 41.87
N LYS L 134 38.99 -37.86 40.93
CA LYS L 134 39.10 -37.53 39.52
C LYS L 134 37.99 -36.56 39.15
N VAL L 135 38.36 -35.31 38.84
CA VAL L 135 37.36 -34.28 38.60
C VAL L 135 36.51 -34.63 37.39
N TYR L 136 37.15 -35.03 36.29
CA TYR L 136 36.44 -35.19 35.03
C TYR L 136 35.76 -36.54 34.89
N ARG L 137 36.34 -37.62 35.45
CA ARG L 137 35.61 -38.87 35.51
C ARG L 137 34.37 -38.73 36.38
N ALA L 138 34.50 -38.02 37.51
CA ALA L 138 33.34 -37.74 38.35
C ALA L 138 32.32 -36.90 37.60
N GLN L 139 32.77 -35.91 36.84
CA GLN L 139 31.85 -35.10 36.05
C GLN L 139 31.12 -35.92 35.01
N ILE L 140 31.83 -36.85 34.36
CA ILE L 140 31.20 -37.71 33.37
C ILE L 140 30.16 -38.61 34.03
N GLU L 141 30.47 -39.14 35.21
CA GLU L 141 29.47 -39.91 35.95
C GLU L 141 28.27 -39.05 36.28
N PHE L 142 28.51 -37.79 36.67
CA PHE L 142 27.42 -36.87 36.98
C PHE L 142 26.52 -36.68 35.77
N MET L 143 27.12 -36.48 34.60
CA MET L 143 26.33 -36.34 33.38
C MET L 143 25.55 -37.61 33.08
N LYS L 144 26.19 -38.76 33.26
CA LYS L 144 25.52 -40.03 32.99
C LYS L 144 24.28 -40.18 33.86
N ILE L 145 24.39 -39.83 35.14
CA ILE L 145 23.23 -39.95 36.03
C ILE L 145 22.18 -38.91 35.67
N TYR L 146 22.58 -37.67 35.42
CA TYR L 146 21.64 -36.57 35.22
C TYR L 146 21.35 -36.25 33.77
N ASP L 147 21.92 -37.01 32.82
CA ASP L 147 21.61 -36.86 31.40
C ASP L 147 21.92 -35.42 30.95
N LEU L 148 23.21 -35.12 30.89
CA LEU L 148 23.71 -33.84 30.42
C LEU L 148 24.57 -34.04 29.17
N ASN L 149 24.55 -33.04 28.29
CA ASN L 149 25.34 -33.09 27.06
C ASN L 149 26.68 -32.39 27.21
N THR L 150 26.70 -31.20 27.82
CA THR L 150 27.91 -30.39 27.90
C THR L 150 28.78 -30.82 29.07
N ILE L 151 30.08 -30.88 28.83
CA ILE L 151 31.08 -31.19 29.85
C ILE L 151 32.00 -29.99 29.97
N TYR L 152 31.99 -29.35 31.13
CA TYR L 152 32.78 -28.14 31.34
C TYR L 152 34.21 -28.51 31.72
N ILE L 153 35.16 -27.81 31.10
CA ILE L 153 36.58 -28.07 31.31
C ILE L 153 37.25 -26.75 31.68
N ASP L 154 38.01 -26.75 32.78
CA ASP L 154 38.73 -25.57 33.22
C ASP L 154 40.03 -25.45 32.44
N TYR L 155 40.31 -24.25 31.91
CA TYR L 155 41.50 -24.06 31.10
C TYR L 155 42.77 -24.09 31.93
N GLN L 156 42.70 -23.65 33.19
CA GLN L 156 43.89 -23.69 34.05
C GLN L 156 44.35 -25.12 34.26
N HIS L 157 43.40 -26.05 34.45
CA HIS L 157 43.76 -27.46 34.57
C HIS L 157 44.46 -27.95 33.31
N LEU L 158 43.95 -27.54 32.14
CA LEU L 158 44.59 -27.92 30.88
C LEU L 158 46.02 -27.41 30.83
N SER L 159 46.22 -26.15 31.22
CA SER L 159 47.55 -25.57 31.17
C SER L 159 48.50 -26.25 32.15
N MET L 160 48.00 -26.68 33.30
CA MET L 160 48.87 -27.27 34.32
C MET L 160 49.51 -28.56 33.80
N ARG L 161 48.74 -29.40 33.10
CA ARG L 161 49.19 -30.74 32.74
C ARG L 161 49.93 -30.75 31.42
N GLU L 162 50.94 -31.62 31.33
CA GLU L 162 51.66 -31.89 30.10
C GLU L 162 52.51 -30.71 29.65
N ASN L 163 53.03 -29.93 30.61
CA ASN L 163 53.93 -28.81 30.34
C ASN L 163 53.25 -27.69 29.56
N GLY L 164 51.93 -27.73 29.41
CA GLY L 164 51.21 -26.71 28.68
C GLY L 164 51.21 -26.87 27.18
N ALA L 165 51.87 -27.90 26.66
CA ALA L 165 51.86 -28.12 25.21
C ALA L 165 50.45 -28.39 24.70
N LEU L 166 49.68 -29.19 25.45
CA LEU L 166 48.29 -29.43 25.07
C LEU L 166 47.49 -28.13 25.07
N ALA L 167 47.68 -27.30 26.10
CA ALA L 167 46.97 -26.02 26.15
C ALA L 167 47.34 -25.15 24.96
N MET L 168 48.62 -25.08 24.63
CA MET L 168 49.04 -24.28 23.47
C MET L 168 48.41 -24.81 22.19
N ALA L 169 48.40 -26.13 22.02
CA ALA L 169 47.85 -26.72 20.81
C ALA L 169 46.36 -26.41 20.68
N ILE L 170 45.61 -26.56 21.78
CA ILE L 170 44.18 -26.31 21.71
C ILE L 170 43.89 -24.83 21.51
N SER L 171 44.66 -23.95 22.14
CA SER L 171 44.34 -22.52 22.09
C SER L 171 44.74 -21.90 20.76
N GLU L 172 45.97 -22.14 20.30
CA GLU L 172 46.44 -21.51 19.08
C GLU L 172 45.62 -21.94 17.88
N GLN L 173 45.27 -23.23 17.79
CA GLN L 173 44.51 -23.79 16.68
C GLN L 173 43.38 -24.62 17.26
N TYR L 174 42.23 -23.98 17.48
CA TYR L 174 41.07 -24.64 18.06
C TYR L 174 40.11 -25.20 17.01
N TYR L 175 39.87 -24.44 15.94
CA TYR L 175 39.00 -24.94 14.87
C TYR L 175 39.55 -26.23 14.28
N ARG L 176 40.88 -26.31 14.14
CA ARG L 176 41.49 -27.51 13.56
C ARG L 176 41.32 -28.71 14.48
N PHE L 177 41.57 -28.54 15.77
CA PHE L 177 41.66 -29.65 16.71
C PHE L 177 40.33 -29.98 17.38
N LEU L 178 39.27 -29.20 17.14
CA LEU L 178 38.01 -29.45 17.84
C LEU L 178 37.46 -30.85 17.59
N PRO L 179 37.38 -31.35 16.35
CA PRO L 179 36.83 -32.70 16.16
C PRO L 179 37.59 -33.78 16.90
N PHE L 180 38.92 -33.66 16.98
CA PHE L 180 39.72 -34.67 17.67
C PHE L 180 39.44 -34.67 19.16
N LEU L 181 39.22 -33.49 19.75
CA LEU L 181 38.84 -33.44 21.16
C LEU L 181 37.52 -34.14 21.40
N GLN L 182 36.55 -33.95 20.50
CA GLN L 182 35.28 -34.64 20.64
C GLN L 182 35.45 -36.15 20.49
N LYS L 183 36.31 -36.57 19.56
CA LYS L 183 36.57 -38.01 19.42
C LYS L 183 37.17 -38.57 20.71
N GLY L 184 38.12 -37.88 21.30
CA GLY L 184 38.69 -38.34 22.56
C GLY L 184 37.67 -38.40 23.67
N LEU L 185 36.82 -37.37 23.78
CA LEU L 185 35.77 -37.38 24.79
C LEU L 185 34.83 -38.56 24.58
N ARG L 186 34.46 -38.83 23.33
CA ARG L 186 33.56 -39.95 23.05
C ARG L 186 34.23 -41.28 23.42
N ARG L 187 35.52 -41.43 23.13
CA ARG L 187 36.22 -42.66 23.48
C ARG L 187 36.24 -42.84 25.00
N VAL L 188 36.52 -41.77 25.74
CA VAL L 188 36.54 -41.87 27.20
C VAL L 188 35.16 -42.23 27.72
N VAL L 189 34.12 -41.60 27.18
CA VAL L 189 32.75 -41.90 27.61
C VAL L 189 32.43 -43.37 27.35
N ARG L 190 32.79 -43.87 26.18
CA ARG L 190 32.59 -45.28 25.89
C ARG L 190 33.31 -46.15 26.90
N LYS L 191 34.55 -45.78 27.24
CA LYS L 191 35.33 -46.59 28.17
C LYS L 191 34.67 -46.65 29.54
N TYR L 192 34.15 -45.51 30.02
CA TYR L 192 33.65 -45.43 31.39
C TYR L 192 32.13 -45.43 31.50
N ALA L 193 31.43 -44.68 30.65
CA ALA L 193 29.97 -44.56 30.72
C ALA L 193 29.40 -44.88 29.35
N PRO L 194 29.32 -46.15 28.98
CA PRO L 194 28.87 -46.50 27.62
C PRO L 194 27.49 -45.97 27.29
N GLU L 195 26.56 -45.98 28.24
CA GLU L 195 25.18 -45.63 27.93
C GLU L 195 25.00 -44.15 27.58
N LEU L 196 25.93 -43.30 28.01
CA LEU L 196 25.81 -41.88 27.72
C LEU L 196 25.95 -41.57 26.24
N LEU L 197 26.52 -42.49 25.46
CA LEU L 197 26.75 -42.23 24.04
C LEU L 197 25.44 -42.01 23.30
N ASN L 198 24.45 -42.86 23.56
CA ASN L 198 23.18 -42.77 22.86
C ASN L 198 22.26 -41.74 23.51
N THR L 199 21.43 -41.12 22.68
CA THR L 199 20.48 -40.13 23.19
C THR L 199 19.39 -40.82 24.00
N SER L 200 18.95 -40.15 25.06
CA SER L 200 17.89 -40.67 25.92
C SER L 200 16.66 -39.78 25.86
N THR L 252 6.71 -49.37 28.77
CA THR L 252 5.43 -49.81 28.27
C THR L 252 5.49 -50.12 26.78
N SER L 253 6.43 -49.48 26.08
CA SER L 253 6.59 -49.69 24.65
C SER L 253 8.03 -49.37 24.27
N THR L 254 8.43 -49.87 23.12
CA THR L 254 9.79 -49.65 22.61
C THR L 254 9.85 -48.35 21.81
N SER L 255 11.03 -47.73 21.83
CA SER L 255 11.26 -46.47 21.13
C SER L 255 12.41 -46.66 20.16
N PRO L 256 12.21 -46.51 18.84
CA PRO L 256 13.33 -46.67 17.90
C PRO L 256 14.20 -45.44 17.75
N GLU L 257 13.78 -44.29 18.29
CA GLU L 257 14.52 -43.05 18.15
C GLU L 257 15.67 -43.06 19.15
N GLN L 258 16.81 -43.61 18.74
CA GLN L 258 18.03 -43.65 19.54
C GLN L 258 19.16 -43.12 18.66
N THR L 259 19.32 -41.80 18.64
CA THR L 259 20.35 -41.15 17.85
C THR L 259 21.61 -40.93 18.67
N GLU L 260 22.71 -40.69 17.97
CA GLU L 260 23.98 -40.42 18.64
C GLU L 260 23.89 -39.09 19.38
N ARG L 261 24.43 -39.08 20.61
CA ARG L 261 24.45 -37.87 21.41
C ARG L 261 25.54 -36.94 20.90
N VAL L 262 25.20 -35.67 20.70
CA VAL L 262 26.14 -34.67 20.18
C VAL L 262 26.73 -33.97 21.40
N PHE L 263 27.86 -34.49 21.87
CA PHE L 263 28.54 -33.88 23.00
C PHE L 263 29.10 -32.52 22.62
N GLN L 264 29.18 -31.64 23.62
CA GLN L 264 29.75 -30.31 23.46
C GLN L 264 30.73 -30.04 24.58
N ILE L 265 31.87 -29.46 24.24
CA ILE L 265 32.93 -29.16 25.20
C ILE L 265 32.96 -27.65 25.42
N SER L 266 32.90 -27.25 26.69
CA SER L 266 32.89 -25.85 27.07
C SER L 266 34.17 -25.54 27.83
N PHE L 267 34.91 -24.54 27.37
CA PHE L 267 36.14 -24.09 28.03
C PHE L 267 35.89 -22.75 28.71
N PHE L 268 36.42 -22.61 29.91
CA PHE L 268 36.21 -21.39 30.69
C PHE L 268 37.43 -21.14 31.56
N ASN L 269 37.45 -19.97 32.20
CA ASN L 269 38.55 -19.56 33.08
C ASN L 269 39.79 -19.24 32.28
N LEU L 270 39.62 -18.65 31.10
CA LEU L 270 40.77 -18.26 30.30
C LEU L 270 41.60 -17.23 31.05
N PRO L 271 42.93 -17.30 30.98
CA PRO L 271 43.76 -16.35 31.74
C PRO L 271 43.58 -14.90 31.32
N THR L 272 43.11 -14.65 30.11
CA THR L 272 42.99 -13.29 29.59
C THR L 272 41.61 -13.07 29.00
N VAL L 273 41.14 -11.82 29.08
CA VAL L 273 39.85 -11.42 28.54
C VAL L 273 40.08 -10.26 27.58
N HIS L 274 39.49 -10.34 26.40
CA HIS L 274 39.69 -9.35 25.35
C HIS L 274 38.47 -8.44 25.25
N ARG L 275 38.52 -7.52 24.29
CA ARG L 275 37.43 -6.60 24.02
C ARG L 275 37.10 -6.64 22.53
N ILE L 276 35.90 -6.17 22.20
CA ILE L 276 35.46 -6.22 20.80
C ILE L 276 36.41 -5.44 19.91
N ARG L 277 37.01 -4.37 20.43
CA ARG L 277 37.96 -3.59 19.65
C ARG L 277 39.30 -4.30 19.48
N ASP L 278 39.65 -5.20 20.39
CA ASP L 278 40.91 -5.92 20.31
C ASP L 278 40.85 -7.14 19.39
N ILE L 279 39.68 -7.45 18.83
CA ILE L 279 39.57 -8.59 17.93
C ILE L 279 40.31 -8.28 16.64
N ARG L 280 41.16 -9.21 16.21
CA ARG L 280 42.00 -9.04 15.04
C ARG L 280 41.85 -10.26 14.14
N SER L 281 42.30 -10.09 12.89
CA SER L 281 42.27 -11.19 11.94
C SER L 281 43.43 -12.16 12.11
N GLU L 282 44.44 -11.79 12.89
CA GLU L 282 45.56 -12.70 13.13
C GLU L 282 45.18 -13.86 14.04
N LYS L 283 44.06 -13.76 14.75
CA LYS L 283 43.64 -14.77 15.72
C LYS L 283 42.33 -15.41 15.31
N ILE L 284 42.17 -15.70 14.02
CA ILE L 284 41.00 -16.43 13.55
C ILE L 284 41.25 -17.91 13.77
N GLY L 285 40.30 -18.57 14.45
CA GLY L 285 40.46 -19.96 14.80
C GLY L 285 41.18 -20.20 16.11
N SER L 286 41.27 -19.20 16.97
CA SER L 286 41.94 -19.31 18.26
C SER L 286 40.92 -19.25 19.39
N LEU L 287 41.27 -19.88 20.50
CA LEU L 287 40.40 -19.91 21.68
C LEU L 287 40.67 -18.67 22.52
N LEU L 288 39.67 -17.80 22.63
CA LEU L 288 39.82 -16.56 23.38
C LEU L 288 38.47 -16.18 23.97
N SER L 289 38.51 -15.36 25.01
CA SER L 289 37.33 -14.92 25.73
C SER L 289 37.15 -13.42 25.56
N ILE L 290 35.89 -12.98 25.44
CA ILE L 290 35.55 -11.58 25.26
C ILE L 290 34.42 -11.21 26.19
N SER L 291 34.22 -9.90 26.37
CA SER L 291 33.15 -9.37 27.20
C SER L 291 32.41 -8.29 26.44
N GLY L 292 31.11 -8.19 26.69
CA GLY L 292 30.29 -7.20 26.01
C GLY L 292 28.91 -7.13 26.62
N THR L 293 28.09 -6.26 26.04
CA THR L 293 26.72 -6.03 26.50
C THR L 293 25.76 -6.52 25.44
N VAL L 294 24.79 -7.33 25.85
CA VAL L 294 23.84 -7.92 24.91
C VAL L 294 22.86 -6.85 24.45
N THR L 295 22.88 -6.53 23.16
CA THR L 295 21.98 -5.54 22.58
C THR L 295 20.78 -6.16 21.89
N ARG L 296 20.86 -7.41 21.49
CA ARG L 296 19.77 -8.08 20.79
C ARG L 296 19.95 -9.58 20.92
N THR L 297 18.87 -10.32 20.68
CA THR L 297 18.90 -11.78 20.81
C THR L 297 17.85 -12.35 19.87
N SER L 298 18.30 -12.97 18.78
CA SER L 298 17.38 -13.57 17.83
C SER L 298 16.74 -14.81 18.41
N GLU L 299 15.63 -15.23 17.79
CA GLU L 299 14.90 -16.39 18.27
C GLU L 299 15.69 -17.67 18.00
N VAL L 300 15.30 -18.72 18.71
CA VAL L 300 15.95 -20.02 18.56
C VAL L 300 15.48 -20.67 17.27
N ARG L 301 16.43 -21.11 16.45
CA ARG L 301 16.14 -21.72 15.16
C ARG L 301 16.81 -23.07 15.04
N PRO L 302 16.26 -23.98 14.24
CA PRO L 302 16.97 -25.24 13.97
C PRO L 302 17.98 -25.11 12.86
N GLU L 303 19.17 -25.66 13.06
CA GLU L 303 20.26 -25.57 12.10
C GLU L 303 20.57 -26.96 11.56
N LEU L 304 20.66 -27.08 10.23
CA LEU L 304 20.93 -28.36 9.61
C LEU L 304 22.35 -28.80 9.92
N TYR L 305 22.49 -29.88 10.68
CA TYR L 305 23.79 -30.39 11.11
C TYR L 305 24.33 -31.47 10.18
N LYS L 306 23.58 -32.56 10.02
CA LYS L 306 23.98 -33.68 9.17
C LYS L 306 22.75 -34.12 8.38
N ALA L 307 22.71 -33.74 7.11
CA ALA L 307 21.54 -33.98 6.29
C ALA L 307 21.50 -35.46 5.85
N SER L 308 20.45 -35.79 5.09
CA SER L 308 20.29 -37.12 4.53
C SER L 308 19.37 -37.02 3.33
N PHE L 309 19.89 -37.32 2.14
CA PHE L 309 19.17 -37.10 0.89
C PHE L 309 18.84 -38.43 0.24
N THR L 310 17.82 -38.40 -0.62
CA THR L 310 17.38 -39.56 -1.38
C THR L 310 17.38 -39.21 -2.86
N CYS L 311 17.98 -40.07 -3.67
CA CYS L 311 18.03 -39.83 -5.11
C CYS L 311 16.64 -39.78 -5.70
N ASP L 312 16.42 -38.87 -6.64
CA ASP L 312 15.14 -38.75 -7.31
C ASP L 312 14.97 -39.75 -8.45
N MET L 313 16.03 -40.46 -8.84
CA MET L 313 15.98 -41.40 -9.95
C MET L 313 15.78 -42.83 -9.46
N CYS L 314 16.68 -43.32 -8.62
CA CYS L 314 16.62 -44.69 -8.11
C CYS L 314 16.13 -44.76 -6.67
N ARG L 315 15.87 -43.63 -6.03
CA ARG L 315 15.39 -43.60 -4.64
C ARG L 315 16.38 -44.30 -3.70
N ALA L 316 17.65 -43.94 -3.84
CA ALA L 316 18.69 -44.40 -2.93
C ALA L 316 18.71 -43.47 -1.72
N ILE L 317 19.73 -43.60 -0.86
CA ILE L 317 19.88 -42.76 0.31
C ILE L 317 21.35 -42.41 0.49
N VAL L 318 21.63 -41.13 0.71
CA VAL L 318 22.97 -40.66 1.05
C VAL L 318 22.86 -39.88 2.35
N ASP L 319 23.55 -40.36 3.39
CA ASP L 319 23.41 -39.81 4.73
C ASP L 319 24.74 -39.28 5.23
N ASN L 320 24.67 -38.51 6.32
CA ASN L 320 25.85 -37.94 6.97
C ASN L 320 26.58 -36.97 6.04
N VAL L 321 25.83 -36.01 5.51
CA VAL L 321 26.40 -34.95 4.69
C VAL L 321 26.64 -33.74 5.58
N GLU L 322 27.86 -33.22 5.56
CA GLU L 322 28.26 -32.13 6.43
C GLU L 322 28.00 -30.80 5.73
N GLN L 323 27.24 -29.92 6.39
CA GLN L 323 26.97 -28.59 5.89
C GLN L 323 27.94 -27.61 6.53
N SER L 324 28.73 -26.92 5.70
CA SER L 324 29.73 -25.99 6.22
C SER L 324 29.11 -24.64 6.55
N PHE L 325 28.59 -23.95 5.54
CA PHE L 325 27.96 -22.65 5.75
C PHE L 325 26.69 -22.44 4.94
N LYS L 326 26.42 -23.27 3.94
CA LYS L 326 25.24 -23.12 3.10
C LYS L 326 24.60 -24.50 2.89
N TYR L 327 23.45 -24.49 2.22
CA TYR L 327 22.75 -25.73 1.90
C TYR L 327 23.60 -26.53 0.91
N THR L 328 24.21 -27.60 1.38
CA THR L 328 25.09 -28.43 0.58
C THR L 328 24.39 -29.74 0.26
N GLU L 329 24.33 -30.07 -1.03
CA GLU L 329 23.73 -31.30 -1.51
C GLU L 329 24.79 -32.22 -2.10
N PRO L 330 24.56 -33.54 -2.12
CA PRO L 330 25.55 -34.45 -2.70
C PRO L 330 25.76 -34.18 -4.18
N THR L 331 26.76 -34.82 -4.77
CA THR L 331 27.08 -34.65 -6.19
C THR L 331 26.97 -35.94 -6.98
N PHE L 332 27.49 -37.05 -6.45
CA PHE L 332 27.50 -38.32 -7.16
C PHE L 332 26.64 -39.32 -6.41
N CYS L 333 25.80 -40.04 -7.14
CA CYS L 333 24.96 -41.06 -6.52
C CYS L 333 25.80 -42.27 -6.16
N PRO L 334 25.65 -42.82 -4.94
CA PRO L 334 26.44 -44.00 -4.59
C PRO L 334 26.13 -45.23 -5.42
N ASN L 335 24.96 -45.29 -6.06
CA ASN L 335 24.59 -46.44 -6.86
C ASN L 335 25.41 -46.46 -8.15
N PRO L 336 26.15 -47.54 -8.45
CA PRO L 336 26.98 -47.53 -9.66
C PRO L 336 26.19 -47.32 -10.94
N SER L 337 24.95 -47.82 -11.02
CA SER L 337 24.21 -47.77 -12.27
C SER L 337 23.56 -46.40 -12.48
N CYS L 338 23.13 -45.73 -11.42
CA CYS L 338 22.40 -44.49 -11.56
C CYS L 338 23.26 -43.41 -12.18
N GLU L 339 22.62 -42.54 -12.96
CA GLU L 339 23.29 -41.42 -13.63
C GLU L 339 22.99 -40.08 -12.98
N ASN L 340 22.26 -40.06 -11.88
CA ASN L 340 21.90 -38.80 -11.23
C ASN L 340 23.14 -38.11 -10.68
N ARG L 341 23.20 -36.79 -10.86
CA ARG L 341 24.31 -35.99 -10.37
C ARG L 341 23.92 -34.71 -9.66
N ALA L 342 22.72 -34.18 -9.88
CA ALA L 342 22.35 -32.90 -9.27
C ALA L 342 20.90 -32.85 -8.78
N PHE L 343 20.15 -33.96 -8.86
CA PHE L 343 18.74 -33.98 -8.48
C PHE L 343 18.59 -34.81 -7.20
N TRP L 344 18.28 -34.14 -6.10
CA TRP L 344 18.15 -34.79 -4.81
C TRP L 344 16.98 -34.18 -4.05
N THR L 345 16.45 -34.96 -3.10
CA THR L 345 15.38 -34.52 -2.23
C THR L 345 15.80 -34.72 -0.79
N LEU L 346 15.67 -33.67 0.02
CA LEU L 346 16.08 -33.72 1.42
C LEU L 346 15.08 -34.52 2.24
N ASN L 347 15.58 -35.45 3.03
CA ASN L 347 14.75 -36.23 3.95
C ASN L 347 14.70 -35.49 5.28
N VAL L 348 13.74 -34.59 5.41
CA VAL L 348 13.64 -33.74 6.59
C VAL L 348 13.35 -34.55 7.85
N THR L 349 12.89 -35.79 7.72
CA THR L 349 12.59 -36.61 8.89
C THR L 349 13.81 -37.32 9.44
N ARG L 350 14.70 -37.80 8.57
CA ARG L 350 15.88 -38.54 9.01
C ARG L 350 17.09 -37.64 9.27
N SER L 351 16.99 -36.34 8.95
CA SER L 351 18.10 -35.44 9.18
C SER L 351 18.25 -35.17 10.67
N ARG L 352 19.26 -34.37 11.01
CA ARG L 352 19.52 -33.95 12.38
C ARG L 352 19.68 -32.45 12.43
N PHE L 353 19.21 -31.83 13.51
CA PHE L 353 19.22 -30.39 13.66
C PHE L 353 19.83 -30.01 14.99
N LEU L 354 20.33 -28.77 15.06
CA LEU L 354 20.89 -28.21 16.28
C LEU L 354 20.23 -26.87 16.56
N ASP L 355 20.09 -26.55 17.84
CA ASP L 355 19.56 -25.26 18.24
C ASP L 355 20.54 -24.16 17.88
N TRP L 356 20.01 -23.03 17.40
CA TRP L 356 20.84 -21.94 16.89
C TRP L 356 20.25 -20.62 17.35
N GLN L 357 21.10 -19.74 17.86
CA GLN L 357 20.69 -18.41 18.30
C GLN L 357 21.81 -17.42 18.01
N LYS L 358 21.45 -16.28 17.43
CA LYS L 358 22.41 -15.22 17.13
C LYS L 358 22.22 -14.08 18.13
N VAL L 359 23.33 -13.66 18.75
CA VAL L 359 23.32 -12.62 19.76
C VAL L 359 24.29 -11.53 19.34
N ARG L 360 23.82 -10.29 19.37
CA ARG L 360 24.65 -9.12 19.06
C ARG L 360 25.11 -8.47 20.35
N ILE L 361 26.40 -8.14 20.42
CA ILE L 361 26.99 -7.54 21.60
C ILE L 361 27.80 -6.32 21.20
N GLN L 362 27.73 -5.27 22.00
CA GLN L 362 28.51 -4.06 21.80
C GLN L 362 29.43 -3.86 22.98
N GLU L 363 30.59 -3.25 22.71
CA GLU L 363 31.59 -3.05 23.76
C GLU L 363 31.02 -2.21 24.89
N ASN L 364 31.43 -2.53 26.12
CA ASN L 364 30.92 -1.83 27.29
C ASN L 364 31.28 -0.35 27.21
N ALA L 365 30.37 0.49 27.71
CA ALA L 365 30.50 1.93 27.50
C ALA L 365 31.79 2.48 28.10
N ASN L 366 32.12 2.07 29.33
CA ASN L 366 33.30 2.64 29.99
C ASN L 366 34.57 2.31 29.22
N GLU L 367 34.66 1.11 28.64
CA GLU L 367 35.84 0.74 27.87
C GLU L 367 36.01 1.59 26.62
N ILE L 368 34.92 2.18 26.12
CA ILE L 368 34.96 2.92 24.85
C ILE L 368 35.80 4.18 25.02
N PRO L 369 36.51 4.62 23.99
CA PRO L 369 37.12 5.96 24.04
C PRO L 369 36.06 7.03 24.06
N THR L 370 36.45 8.19 24.59
CA THR L 370 35.51 9.30 24.72
C THR L 370 34.92 9.66 23.35
N GLY L 371 33.60 9.79 23.30
CA GLY L 371 32.91 10.21 22.10
C GLY L 371 33.16 9.33 20.89
N SER L 372 33.04 8.02 21.08
CA SER L 372 33.24 7.06 20.00
C SER L 372 32.02 6.15 19.89
N MET L 373 31.70 5.78 18.65
CA MET L 373 30.57 4.89 18.41
C MET L 373 30.94 3.47 18.85
N PRO L 374 30.12 2.81 19.68
CA PRO L 374 30.45 1.45 20.08
C PRO L 374 30.51 0.51 18.88
N ARG L 375 31.40 -0.47 18.97
CA ARG L 375 31.58 -1.46 17.92
C ARG L 375 30.78 -2.72 18.26
N THR L 376 30.06 -3.23 17.27
CA THR L 376 29.18 -4.38 17.47
C THR L 376 29.82 -5.65 16.91
N LEU L 377 29.31 -6.78 17.37
CA LEU L 377 29.77 -8.09 16.92
C LEU L 377 28.62 -9.07 17.02
N ASP L 378 28.69 -10.13 16.23
CA ASP L 378 27.68 -11.18 16.21
C ASP L 378 28.23 -12.43 16.87
N VAL L 379 27.44 -13.02 17.76
CA VAL L 379 27.85 -14.21 18.52
C VAL L 379 26.82 -15.30 18.29
N ILE L 380 27.30 -16.52 18.08
CA ILE L 380 26.44 -17.67 17.77
C ILE L 380 26.51 -18.65 18.94
N LEU L 381 25.35 -19.04 19.43
CA LEU L 381 25.23 -20.02 20.51
C LEU L 381 24.51 -21.25 19.99
N ARG L 382 24.98 -22.43 20.40
CA ARG L 382 24.42 -23.70 19.96
C ARG L 382 24.26 -24.61 21.15
N GLY L 383 23.49 -25.68 20.95
CA GLY L 383 23.35 -26.69 21.99
C GLY L 383 22.63 -26.16 23.21
N ASP L 384 23.19 -26.45 24.38
CA ASP L 384 22.55 -26.12 25.64
C ASP L 384 22.81 -24.69 26.09
N SER L 385 23.59 -23.91 25.35
CA SER L 385 23.90 -22.54 25.70
C SER L 385 23.00 -21.54 24.98
N VAL L 386 21.76 -21.93 24.70
CA VAL L 386 20.80 -21.05 24.03
C VAL L 386 19.89 -20.45 25.09
N GLU L 387 19.46 -19.21 24.85
CA GLU L 387 18.60 -18.48 25.78
C GLU L 387 19.24 -18.39 27.16
N ARG L 388 20.56 -18.24 27.19
CA ARG L 388 21.30 -17.95 28.40
C ARG L 388 21.66 -16.48 28.50
N ALA L 389 22.17 -15.89 27.43
CA ALA L 389 22.39 -14.46 27.37
C ALA L 389 21.06 -13.75 27.15
N LYS L 390 20.88 -12.61 27.82
CA LYS L 390 19.65 -11.85 27.77
C LYS L 390 19.95 -10.40 27.45
N PRO L 391 19.00 -9.69 26.82
CA PRO L 391 19.27 -8.30 26.43
C PRO L 391 19.60 -7.43 27.62
N GLY L 392 20.49 -6.48 27.41
CA GLY L 392 20.84 -5.49 28.42
C GLY L 392 22.00 -5.86 29.32
N ASP L 393 21.98 -7.07 29.88
CA ASP L 393 23.00 -7.47 30.83
C ASP L 393 24.36 -7.63 30.14
N ARG L 394 25.39 -7.79 30.95
CA ARG L 394 26.77 -7.90 30.49
C ARG L 394 27.26 -9.32 30.75
N CYS L 395 27.79 -9.96 29.71
CA CYS L 395 28.16 -11.37 29.77
C CYS L 395 29.59 -11.56 29.27
N LYS L 396 30.21 -12.65 29.70
CA LYS L 396 31.56 -13.03 29.30
C LYS L 396 31.46 -14.31 28.48
N PHE L 397 31.80 -14.22 27.20
CA PHE L 397 31.78 -15.37 26.30
C PHE L 397 33.19 -15.94 26.14
N THR L 398 33.26 -17.24 25.94
CA THR L 398 34.49 -17.94 25.60
C THR L 398 34.21 -18.84 24.41
N GLY L 399 35.07 -18.78 23.40
CA GLY L 399 34.87 -19.58 22.21
C GLY L 399 35.95 -19.40 21.17
N VAL L 400 35.58 -19.54 19.89
CA VAL L 400 36.52 -19.50 18.78
C VAL L 400 36.08 -18.40 17.82
N GLU L 401 37.03 -17.58 17.40
CA GLU L 401 36.76 -16.51 16.46
C GLU L 401 36.75 -17.09 15.05
N ILE L 402 35.59 -17.04 14.39
CA ILE L 402 35.44 -17.58 13.05
C ILE L 402 35.13 -16.44 12.09
N VAL L 403 35.13 -16.75 10.80
CA VAL L 403 34.84 -15.81 9.73
C VAL L 403 33.80 -16.42 8.82
N VAL L 404 32.74 -15.67 8.55
CA VAL L 404 31.58 -16.16 7.79
C VAL L 404 31.67 -15.60 6.38
N PRO L 405 31.62 -16.45 5.34
CA PRO L 405 31.64 -15.93 3.97
C PRO L 405 30.26 -15.48 3.53
N ASP L 406 30.24 -14.81 2.37
CA ASP L 406 28.99 -14.36 1.75
C ASP L 406 28.43 -15.57 0.99
N VAL L 407 27.51 -16.29 1.65
CA VAL L 407 27.04 -17.56 1.11
C VAL L 407 26.31 -17.36 -0.21
N THR L 408 25.74 -16.18 -0.45
CA THR L 408 24.99 -15.95 -1.67
C THR L 408 25.88 -16.16 -2.90
N GLN L 409 27.13 -15.69 -2.84
CA GLN L 409 28.04 -15.87 -3.96
C GLN L 409 28.36 -17.34 -4.19
N LEU L 410 28.53 -18.12 -3.13
CA LEU L 410 28.91 -19.52 -3.27
C LEU L 410 27.87 -20.31 -4.06
N GLY L 411 26.62 -19.86 -4.04
CA GLY L 411 25.56 -20.54 -4.77
C GLY L 411 24.55 -21.20 -3.85
N LEU L 412 23.39 -20.55 -3.69
CA LEU L 412 22.31 -21.07 -2.87
C LEU L 412 21.09 -21.34 -3.73
N PRO L 413 20.46 -22.51 -3.64
CA PRO L 413 19.25 -22.75 -4.43
C PRO L 413 18.19 -21.68 -4.17
N GLY L 414 17.60 -21.18 -5.24
CA GLY L 414 16.56 -20.18 -5.17
C GLY L 414 17.04 -18.75 -5.07
N VAL L 415 18.04 -18.50 -4.24
CA VAL L 415 18.55 -17.15 -4.03
C VAL L 415 19.43 -16.76 -5.21
N LYS L 416 19.48 -15.46 -5.49
CA LYS L 416 20.32 -14.95 -6.57
C LYS L 416 21.55 -14.24 -6.00
N PRO L 417 22.70 -14.29 -6.68
CA PRO L 417 23.93 -13.71 -6.10
C PRO L 417 23.80 -12.23 -5.78
N SER L 418 24.50 -11.80 -4.73
CA SER L 418 24.53 -10.40 -4.34
C SER L 418 23.12 -9.86 -4.08
N THR L 429 29.38 3.42 2.66
CA THR L 429 30.68 3.39 3.32
C THR L 429 31.80 3.27 2.28
N THR L 430 32.35 2.06 2.12
CA THR L 430 33.41 1.86 1.15
C THR L 430 32.90 2.14 -0.26
N GLU L 431 33.68 2.91 -1.02
CA GLU L 431 33.28 3.32 -2.36
C GLU L 431 33.90 2.41 -3.42
N GLY L 432 33.49 1.14 -3.37
CA GLY L 432 33.98 0.14 -4.30
C GLY L 432 35.30 -0.48 -3.93
N LEU L 433 35.92 -0.06 -2.81
CA LEU L 433 37.19 -0.62 -2.40
C LEU L 433 37.05 -1.97 -1.71
N ASN L 434 35.85 -2.32 -1.26
CA ASN L 434 35.62 -3.59 -0.57
C ASN L 434 35.33 -4.70 -1.58
N SER L 435 36.35 -5.03 -2.35
CA SER L 435 36.29 -6.12 -3.33
C SER L 435 36.86 -7.38 -2.72
N GLY L 436 36.11 -8.47 -2.79
CA GLY L 436 36.51 -9.71 -2.15
C GLY L 436 37.61 -10.43 -2.89
N VAL L 437 37.65 -11.76 -2.75
CA VAL L 437 38.66 -12.61 -3.38
C VAL L 437 37.96 -13.46 -4.43
N THR L 438 38.57 -13.57 -5.60
CA THR L 438 38.02 -14.32 -6.72
C THR L 438 39.03 -15.35 -7.20
N GLY L 439 38.54 -16.37 -7.90
CA GLY L 439 39.40 -17.38 -8.47
C GLY L 439 38.83 -18.78 -8.39
N LEU L 440 37.95 -19.03 -7.43
CA LEU L 440 37.38 -20.36 -7.27
C LEU L 440 36.53 -20.73 -8.48
N ARG L 441 36.41 -22.05 -8.70
CA ARG L 441 35.56 -22.53 -9.79
C ARG L 441 34.08 -22.22 -9.51
N SER L 442 33.67 -22.30 -8.25
CA SER L 442 32.30 -21.99 -7.90
C SER L 442 31.98 -20.54 -8.24
N LEU L 443 32.89 -19.62 -7.94
CA LEU L 443 32.75 -18.21 -8.29
C LEU L 443 33.28 -18.02 -9.70
N GLY L 444 32.41 -18.20 -10.69
CA GLY L 444 32.86 -18.09 -12.07
C GLY L 444 33.43 -16.73 -12.39
N VAL L 445 32.69 -15.67 -12.03
CA VAL L 445 33.16 -14.30 -12.19
C VAL L 445 32.93 -13.45 -10.95
N ARG L 446 32.36 -14.02 -9.91
CA ARG L 446 31.98 -13.22 -8.73
C ARG L 446 33.13 -13.27 -7.74
N ASP L 447 33.15 -12.42 -6.72
CA ASP L 447 34.17 -12.32 -5.69
C ASP L 447 33.54 -12.51 -4.33
N LEU L 448 34.29 -13.13 -3.42
CA LEU L 448 33.78 -13.52 -2.11
C LEU L 448 34.32 -12.56 -1.06
N THR L 449 33.42 -11.94 -0.30
CA THR L 449 33.77 -11.06 0.80
C THR L 449 33.44 -11.74 2.12
N TYR L 450 34.23 -11.43 3.15
CA TYR L 450 34.14 -12.09 4.44
C TYR L 450 33.65 -11.13 5.51
N LYS L 451 33.18 -11.72 6.62
CA LYS L 451 32.65 -10.94 7.73
C LYS L 451 32.94 -11.71 9.01
N ILE L 452 33.60 -11.05 9.98
CA ILE L 452 34.02 -11.72 11.20
C ILE L 452 32.80 -12.02 12.06
N SER L 453 32.84 -13.16 12.76
CA SER L 453 31.79 -13.55 13.69
C SER L 453 32.48 -14.22 14.89
N PHE L 454 31.68 -14.86 15.74
CA PHE L 454 32.20 -15.47 16.96
C PHE L 454 31.34 -16.68 17.31
N LEU L 455 31.96 -17.84 17.42
CA LEU L 455 31.29 -19.06 17.90
C LEU L 455 31.64 -19.25 19.36
N ALA L 456 30.64 -19.10 20.23
CA ALA L 456 30.84 -19.13 21.67
C ALA L 456 30.41 -20.47 22.24
N CYS L 457 31.25 -21.04 23.10
CA CYS L 457 30.96 -22.32 23.74
C CYS L 457 30.60 -22.19 25.21
N HIS L 458 30.94 -21.07 25.85
CA HIS L 458 30.62 -20.84 27.25
C HIS L 458 30.12 -19.43 27.43
N VAL L 459 29.18 -19.24 28.35
CA VAL L 459 28.59 -17.93 28.63
C VAL L 459 28.47 -17.76 30.14
N ILE L 460 28.88 -16.60 30.64
CA ILE L 460 28.78 -16.27 32.05
C ILE L 460 28.14 -14.89 32.18
N SER L 461 27.27 -14.73 33.17
CA SER L 461 26.55 -13.49 33.41
C SER L 461 27.32 -12.67 34.45
N ILE L 462 28.07 -11.68 33.98
CA ILE L 462 28.78 -10.79 34.90
C ILE L 462 27.78 -9.99 35.74
N GLY L 463 26.73 -9.47 35.10
CA GLY L 463 25.73 -8.70 35.79
C GLY L 463 24.62 -8.20 34.88
N ARG L 499 10.17 -19.45 46.44
CA ARG L 499 8.83 -18.94 46.65
C ARG L 499 8.48 -18.93 48.15
N ASP L 500 8.02 -20.06 48.66
CA ASP L 500 7.66 -20.16 50.06
C ASP L 500 8.92 -20.31 50.92
N GLN L 501 8.72 -20.39 52.24
CA GLN L 501 9.84 -20.41 53.16
C GLN L 501 10.72 -21.65 52.94
N GLU L 502 10.09 -22.82 52.77
CA GLU L 502 10.86 -24.05 52.69
C GLU L 502 11.78 -24.06 51.47
N VAL L 503 11.30 -23.55 50.33
CA VAL L 503 12.11 -23.55 49.13
C VAL L 503 13.38 -22.75 49.34
N PHE L 504 13.27 -21.56 49.92
CA PHE L 504 14.45 -20.75 50.19
C PHE L 504 15.35 -21.40 51.23
N LEU L 505 14.76 -21.97 52.28
CA LEU L 505 15.55 -22.56 53.34
C LEU L 505 16.37 -23.74 52.82
N ASN L 506 15.80 -24.53 51.92
CA ASN L 506 16.54 -25.64 51.35
C ASN L 506 17.80 -25.16 50.63
N SER L 507 17.69 -24.06 49.89
CA SER L 507 18.86 -23.52 49.19
C SER L 507 19.94 -23.10 50.18
N LEU L 508 19.56 -22.47 51.28
CA LEU L 508 20.52 -22.05 52.28
C LEU L 508 21.22 -23.26 52.91
N SER L 509 22.51 -23.13 53.13
CA SER L 509 23.30 -24.19 53.72
C SER L 509 23.16 -24.19 55.24
N SER L 510 23.70 -25.23 55.87
CA SER L 510 23.57 -25.37 57.32
C SER L 510 24.28 -24.24 58.06
N ASP L 511 25.48 -23.88 57.63
CA ASP L 511 26.22 -22.81 58.30
C ASP L 511 25.53 -21.47 58.13
N GLU L 512 25.07 -21.18 56.91
CA GLU L 512 24.34 -19.94 56.68
C GLU L 512 23.04 -19.93 57.45
N ILE L 513 22.37 -21.09 57.55
CA ILE L 513 21.15 -21.17 58.35
C ILE L 513 21.46 -20.89 59.82
N ASN L 514 22.58 -21.41 60.32
CA ASN L 514 22.98 -21.15 61.69
C ASN L 514 23.20 -19.65 61.91
N GLU L 515 23.90 -19.01 60.98
CA GLU L 515 24.10 -17.57 61.08
C GLU L 515 22.77 -16.82 61.07
N LEU L 516 21.85 -17.25 60.20
CA LEU L 516 20.56 -16.60 60.10
C LEU L 516 19.77 -16.72 61.40
N LYS L 517 19.75 -17.91 61.99
CA LYS L 517 19.04 -18.09 63.25
C LYS L 517 19.72 -17.33 64.38
N GLU L 518 21.04 -17.22 64.36
CA GLU L 518 21.73 -16.38 65.33
C GLU L 518 21.31 -14.92 65.16
N MET L 519 21.18 -14.47 63.90
CA MET L 519 20.70 -13.12 63.63
C MET L 519 19.33 -12.91 64.24
N VAL L 520 18.42 -13.84 64.00
CA VAL L 520 17.05 -13.70 64.49
C VAL L 520 17.01 -13.73 66.02
N LYS L 521 17.88 -14.53 66.63
CA LYS L 521 17.85 -14.70 68.08
C LYS L 521 18.06 -13.38 68.81
N ASP L 522 18.87 -12.48 68.25
CA ASP L 522 19.15 -11.21 68.91
C ASP L 522 17.87 -10.42 69.11
N GLU L 523 17.74 -9.82 70.29
CA GLU L 523 16.57 -9.00 70.63
C GLU L 523 16.73 -7.54 70.26
N HIS L 524 17.90 -7.15 69.74
CA HIS L 524 18.14 -5.79 69.26
C HIS L 524 18.30 -5.77 67.74
N ILE L 525 17.58 -6.65 67.04
CA ILE L 525 17.75 -6.77 65.60
C ILE L 525 17.27 -5.50 64.90
N TYR L 526 16.12 -4.96 65.34
CA TYR L 526 15.51 -3.87 64.59
C TYR L 526 16.43 -2.66 64.50
N ASP L 527 16.93 -2.18 65.63
CA ASP L 527 17.86 -1.07 65.63
C ASP L 527 19.19 -1.42 64.98
N LYS L 528 19.61 -2.68 65.04
CA LYS L 528 20.84 -3.07 64.36
C LYS L 528 20.69 -2.90 62.86
N LEU L 529 19.60 -3.39 62.28
CA LEU L 529 19.35 -3.18 60.86
C LEU L 529 19.20 -1.69 60.54
N VAL L 530 18.52 -0.93 61.40
CA VAL L 530 18.38 0.50 61.14
C VAL L 530 19.75 1.17 61.08
N ARG L 531 20.64 0.83 62.01
CA ARG L 531 21.98 1.40 62.00
C ARG L 531 22.78 0.96 60.78
N SER L 532 22.65 -0.30 60.38
CA SER L 532 23.45 -0.82 59.28
C SER L 532 23.10 -0.14 57.95
N ILE L 533 21.81 0.14 57.73
CA ILE L 533 21.40 0.69 56.44
C ILE L 533 22.08 2.02 56.18
N ALA L 534 22.55 2.20 54.95
CA ALA L 534 23.20 3.44 54.53
C ALA L 534 24.30 3.84 55.51
N PRO L 535 25.31 2.99 55.70
CA PRO L 535 26.33 3.30 56.72
C PRO L 535 27.08 4.59 56.47
N ALA L 536 27.27 4.97 55.20
CA ALA L 536 28.05 6.16 54.91
C ALA L 536 27.41 7.42 55.49
N VAL L 537 26.08 7.52 55.38
CA VAL L 537 25.40 8.72 55.88
C VAL L 537 25.42 8.73 57.41
N PHE L 538 25.32 9.93 57.97
CA PHE L 538 25.46 10.14 59.41
C PHE L 538 24.11 10.33 60.06
N GLY L 539 23.77 9.43 60.98
CA GLY L 539 22.67 9.64 61.91
C GLY L 539 21.40 10.21 61.33
N HIS L 540 20.74 9.48 60.45
CA HIS L 540 19.39 9.80 59.99
C HIS L 540 18.55 8.54 60.22
N GLU L 541 18.03 8.41 61.45
CA GLU L 541 17.38 7.17 61.84
C GLU L 541 16.04 7.00 61.13
N ALA L 542 15.25 8.06 61.05
CA ALA L 542 13.92 7.95 60.46
C ALA L 542 14.00 7.55 58.98
N VAL L 543 14.91 8.19 58.24
CA VAL L 543 15.02 7.90 56.81
C VAL L 543 15.52 6.48 56.58
N LYS L 544 16.49 6.05 57.39
CA LYS L 544 16.98 4.68 57.28
C LYS L 544 15.88 3.67 57.60
N LYS L 545 15.08 3.96 58.63
CA LYS L 545 13.95 3.08 58.96
C LYS L 545 12.97 3.02 57.79
N GLY L 546 12.68 4.16 57.17
CA GLY L 546 11.78 4.16 56.03
C GLY L 546 12.33 3.34 54.87
N ILE L 547 13.63 3.49 54.59
CA ILE L 547 14.25 2.72 53.51
C ILE L 547 14.16 1.22 53.81
N LEU L 548 14.44 0.85 55.06
CA LEU L 548 14.36 -0.57 55.43
C LEU L 548 12.94 -1.11 55.23
N LEU L 549 11.94 -0.39 55.75
CA LEU L 549 10.57 -0.86 55.60
C LEU L 549 10.16 -0.92 54.14
N GLN L 550 10.60 0.03 53.33
CA GLN L 550 10.34 -0.05 51.90
C GLN L 550 10.96 -1.29 51.29
N MET L 551 12.20 -1.61 51.68
CA MET L 551 12.87 -2.78 51.12
C MET L 551 12.12 -4.06 51.49
N LEU L 552 11.66 -4.17 52.74
CA LEU L 552 10.91 -5.37 53.13
C LEU L 552 9.61 -5.48 52.35
N GLY L 553 8.87 -4.38 52.22
CA GLY L 553 7.62 -4.40 51.49
C GLY L 553 6.46 -4.89 52.32
N GLY L 554 5.29 -4.94 51.68
CA GLY L 554 4.08 -5.39 52.34
C GLY L 554 3.37 -6.45 51.52
N VAL L 555 2.49 -7.18 52.20
CA VAL L 555 1.77 -8.28 51.56
C VAL L 555 0.74 -7.73 50.59
N HIS L 556 0.74 -8.24 49.37
CA HIS L 556 -0.24 -7.88 48.36
C HIS L 556 -1.33 -8.94 48.34
N LYS L 557 -2.58 -8.49 48.25
CA LYS L 557 -3.74 -9.36 48.36
C LYS L 557 -4.74 -9.04 47.26
N SER L 558 -5.52 -10.06 46.89
CA SER L 558 -6.60 -9.93 45.93
C SER L 558 -7.89 -10.41 46.59
N THR L 559 -8.88 -9.52 46.67
CA THR L 559 -10.13 -9.86 47.34
C THR L 559 -10.89 -10.91 46.53
N VAL L 560 -12.00 -11.38 47.11
CA VAL L 560 -12.87 -12.29 46.38
C VAL L 560 -13.39 -11.63 45.11
N GLU L 561 -13.51 -10.30 45.11
CA GLU L 561 -13.88 -9.56 43.92
C GLU L 561 -13.02 -9.98 42.73
N GLY L 562 -11.71 -9.74 42.84
CA GLY L 562 -10.81 -9.82 41.72
C GLY L 562 -10.01 -8.53 41.60
N ILE L 563 -10.39 -7.53 42.38
CA ILE L 563 -9.65 -6.27 42.44
C ILE L 563 -8.45 -6.44 43.35
N LYS L 564 -7.34 -5.81 42.99
CA LYS L 564 -6.06 -6.02 43.66
C LYS L 564 -5.75 -4.86 44.59
N LEU L 565 -5.36 -5.18 45.82
CA LEU L 565 -4.93 -4.19 46.80
C LEU L 565 -3.41 -4.10 46.78
N ARG L 566 -2.89 -2.89 46.69
CA ARG L 566 -1.45 -2.70 46.58
C ARG L 566 -0.74 -3.24 47.81
N GLY L 567 0.51 -3.64 47.63
CA GLY L 567 1.31 -4.19 48.70
C GLY L 567 2.71 -3.63 48.78
N ASP L 568 3.00 -2.63 47.95
CA ASP L 568 4.30 -1.98 47.92
C ASP L 568 4.25 -0.64 48.63
N ILE L 569 5.43 -0.12 48.97
CA ILE L 569 5.56 1.09 49.77
C ILE L 569 6.36 2.12 48.98
N ASN L 570 5.86 3.36 48.97
CA ASN L 570 6.52 4.48 48.30
C ASN L 570 6.95 5.50 49.34
N ILE L 571 8.18 6.01 49.19
CA ILE L 571 8.73 6.99 50.12
C ILE L 571 9.36 8.11 49.32
N CYS L 572 9.08 9.35 49.73
CA CYS L 572 9.65 10.54 49.11
C CYS L 572 10.40 11.33 50.18
N VAL L 573 11.68 11.59 49.93
CA VAL L 573 12.53 12.32 50.87
C VAL L 573 12.72 13.72 50.31
N VAL L 574 12.18 14.73 51.00
CA VAL L 574 12.29 16.12 50.61
C VAL L 574 13.26 16.81 51.54
N GLY L 575 14.15 17.62 50.96
CA GLY L 575 15.15 18.30 51.76
C GLY L 575 15.80 19.43 51.00
N ASP L 576 16.47 20.30 51.74
CA ASP L 576 17.22 21.38 51.13
C ASP L 576 18.44 20.83 50.40
N PRO L 577 18.90 21.51 49.35
CA PRO L 577 20.14 21.07 48.71
C PRO L 577 21.30 21.07 49.68
N SER L 578 22.35 20.33 49.33
CA SER L 578 23.56 20.11 50.11
C SER L 578 23.33 19.10 51.22
N THR L 579 22.11 18.60 51.42
CA THR L 579 21.85 17.59 52.43
C THR L 579 22.07 16.19 51.84
N SER L 580 21.97 15.18 52.70
CA SER L 580 22.26 13.81 52.30
C SER L 580 21.00 13.12 51.76
N LYS L 581 20.55 13.61 50.60
CA LYS L 581 19.41 12.98 49.93
C LYS L 581 19.87 11.93 48.93
N SER L 582 20.69 12.34 47.96
CA SER L 582 21.09 11.43 46.89
C SER L 582 21.96 10.29 47.42
N GLN L 583 22.59 10.45 48.57
CA GLN L 583 23.40 9.38 49.14
C GLN L 583 22.54 8.15 49.41
N PHE L 584 21.35 8.36 50.00
CA PHE L 584 20.44 7.25 50.24
C PHE L 584 20.09 6.55 48.94
N LEU L 585 19.76 7.33 47.90
CA LEU L 585 19.35 6.74 46.63
C LEU L 585 20.49 5.92 46.04
N LYS L 586 21.71 6.45 46.06
CA LYS L 586 22.84 5.71 45.53
C LYS L 586 23.07 4.43 46.32
N TYR L 587 22.91 4.48 47.64
CA TYR L 587 23.03 3.26 48.43
C TYR L 587 22.01 2.23 48.02
N VAL L 588 20.75 2.65 47.84
CA VAL L 588 19.70 1.70 47.47
C VAL L 588 20.02 1.09 46.11
N VAL L 589 20.45 1.91 45.16
CA VAL L 589 20.78 1.38 43.83
C VAL L 589 21.91 0.37 43.93
N GLY L 590 22.87 0.61 44.81
CA GLY L 590 24.00 -0.28 44.98
C GLY L 590 23.79 -1.46 45.90
N PHE L 591 22.60 -1.61 46.45
CA PHE L 591 22.32 -2.70 47.39
C PHE L 591 21.12 -3.53 47.01
N ALA L 592 20.07 -2.92 46.45
CA ALA L 592 18.83 -3.64 46.22
C ALA L 592 19.03 -4.72 45.15
N PRO L 593 18.25 -5.80 45.21
CA PRO L 593 18.39 -6.86 44.19
C PRO L 593 18.07 -6.36 42.80
N ARG L 594 16.90 -5.77 42.62
CA ARG L 594 16.48 -5.19 41.34
C ARG L 594 16.19 -3.72 41.55
N SER L 595 16.80 -2.86 40.75
CA SER L 595 16.60 -1.43 40.91
C SER L 595 17.26 -0.70 39.75
N VAL L 596 16.78 0.52 39.49
CA VAL L 596 17.33 1.39 38.46
C VAL L 596 17.46 2.79 39.03
N TYR L 597 18.29 3.60 38.39
CA TYR L 597 18.48 4.99 38.77
C TYR L 597 18.06 5.88 37.60
N THR L 598 17.24 6.89 37.91
CA THR L 598 16.74 7.80 36.90
C THR L 598 16.77 9.22 37.43
N SER L 599 16.84 10.18 36.52
CA SER L 599 16.84 11.59 36.85
C SER L 599 15.55 12.24 36.37
N GLY L 600 15.08 13.23 37.11
CA GLY L 600 13.82 13.88 36.77
C GLY L 600 13.89 14.59 35.43
N LYS L 601 14.95 15.36 35.21
CA LYS L 601 15.05 16.12 33.96
C LYS L 601 15.27 15.20 32.76
N ALA L 602 16.18 14.24 32.89
CA ALA L 602 16.48 13.35 31.77
C ALA L 602 15.28 12.46 31.43
N SER L 603 14.61 11.93 32.45
CA SER L 603 13.53 10.99 32.21
C SER L 603 12.36 11.66 31.48
N SER L 604 11.61 10.86 30.74
CA SER L 604 10.46 11.33 29.98
C SER L 604 9.29 10.39 30.24
N ALA L 605 8.14 10.72 29.65
CA ALA L 605 6.96 9.88 29.81
C ALA L 605 7.26 8.45 29.37
N ALA L 606 7.81 8.29 28.17
CA ALA L 606 8.36 7.00 27.77
C ALA L 606 9.72 6.80 28.42
N GLY L 607 10.16 5.55 28.46
CA GLY L 607 11.38 5.21 29.17
C GLY L 607 11.10 5.02 30.65
N LEU L 608 10.34 5.93 31.24
CA LEU L 608 9.79 5.74 32.57
C LEU L 608 8.56 4.84 32.56
N THR L 609 8.06 4.50 31.38
CA THR L 609 6.89 3.64 31.22
C THR L 609 7.07 2.84 29.94
N ALA L 610 6.03 2.14 29.53
CA ALA L 610 6.10 1.38 28.28
C ALA L 610 6.25 2.33 27.10
N ALA L 611 7.07 1.94 26.14
CA ALA L 611 7.34 2.74 24.96
C ALA L 611 7.06 1.91 23.70
N VAL L 612 6.58 2.59 22.67
CA VAL L 612 6.24 1.96 21.40
C VAL L 612 7.25 2.44 20.36
N VAL L 613 8.09 1.53 19.86
CA VAL L 613 9.14 1.87 18.87
C VAL L 613 9.06 0.81 17.77
N ARG L 614 9.28 1.18 16.51
CA ARG L 614 9.13 0.22 15.38
C ARG L 614 10.16 -0.88 15.55
N ASP L 615 9.80 -2.13 15.25
CA ASP L 615 10.68 -3.31 15.44
C ASP L 615 11.89 -3.20 14.53
N GLU L 616 13.06 -3.61 15.03
CA GLU L 616 14.29 -3.59 14.20
C GLU L 616 14.09 -4.58 13.05
N GLU L 617 14.41 -4.17 11.83
CA GLU L 617 14.27 -5.01 10.63
C GLU L 617 12.80 -5.45 10.56
N GLY L 618 11.88 -4.59 10.98
CA GLY L 618 10.43 -4.89 10.95
C GLY L 618 9.62 -3.65 10.64
N GLY L 619 8.44 -3.81 10.02
CA GLY L 619 7.51 -2.68 9.81
C GLY L 619 6.48 -2.60 10.93
N ASP L 620 6.53 -3.51 11.90
CA ASP L 620 5.49 -3.61 12.95
C ASP L 620 5.99 -2.99 14.25
N TYR L 621 5.11 -2.31 15.00
CA TYR L 621 5.45 -1.71 16.27
C TYR L 621 5.50 -2.76 17.37
N THR L 622 6.27 -2.46 18.42
CA THR L 622 6.40 -3.36 19.55
C THR L 622 6.65 -2.54 20.81
N ILE L 623 6.36 -3.14 21.96
CA ILE L 623 6.48 -2.46 23.24
C ILE L 623 7.89 -2.66 23.77
N GLU L 624 8.57 -1.56 24.09
CA GLU L 624 9.89 -1.59 24.71
C GLU L 624 9.76 -1.24 26.18
N ALA L 625 10.41 -2.03 27.03
CA ALA L 625 10.32 -1.82 28.46
C ALA L 625 10.83 -0.43 28.84
N GLY L 626 10.52 -0.03 30.07
CA GLY L 626 10.95 1.25 30.59
C GLY L 626 11.54 1.12 31.98
N ALA L 627 11.74 2.25 32.67
CA ALA L 627 12.32 2.22 34.00
C ALA L 627 11.41 1.49 34.97
N LEU L 628 10.11 1.72 34.89
CA LEU L 628 9.16 1.08 35.78
C LEU L 628 8.88 -0.37 35.41
N MET L 629 9.35 -0.83 34.25
CA MET L 629 9.20 -2.22 33.87
C MET L 629 10.41 -3.06 34.24
N LEU L 630 11.61 -2.53 34.01
CA LEU L 630 12.82 -3.24 34.42
C LEU L 630 12.93 -3.38 35.93
N ALA L 631 12.19 -2.56 36.69
CA ALA L 631 12.22 -2.60 38.14
C ALA L 631 11.03 -3.36 38.73
N ASP L 632 10.45 -4.28 37.97
CA ASP L 632 9.34 -5.07 38.48
C ASP L 632 9.77 -5.82 39.74
N ASN L 633 8.91 -5.77 40.76
CA ASN L 633 9.20 -6.37 42.05
C ASN L 633 10.50 -5.83 42.63
N GLY L 634 10.77 -4.54 42.42
CA GLY L 634 12.00 -3.93 42.86
C GLY L 634 11.79 -2.47 43.21
N ILE L 635 12.90 -1.80 43.50
CA ILE L 635 12.88 -0.41 43.94
C ILE L 635 13.42 0.47 42.82
N CYS L 636 12.65 1.51 42.48
CA CYS L 636 13.05 2.49 41.47
C CYS L 636 13.38 3.81 42.16
N CYS L 637 14.44 4.47 41.69
CA CYS L 637 14.95 5.68 42.30
C CYS L 637 14.86 6.84 41.33
N ILE L 638 14.32 7.97 41.81
CA ILE L 638 14.26 9.22 41.07
C ILE L 638 14.95 10.28 41.91
N ASP L 639 15.92 10.99 41.32
CA ASP L 639 16.78 11.88 42.09
C ASP L 639 16.18 13.26 42.27
N GLU L 640 15.65 13.87 41.21
CA GLU L 640 15.12 15.23 41.26
C GLU L 640 13.66 15.19 40.77
N PHE L 641 12.74 14.90 41.69
CA PHE L 641 11.34 14.77 41.31
C PHE L 641 10.78 16.10 40.81
N ASP L 642 11.13 17.21 41.46
CA ASP L 642 10.54 18.49 41.12
C ASP L 642 10.88 18.91 39.69
N LYS L 643 12.13 18.70 39.29
CA LYS L 643 12.57 19.14 37.96
C LYS L 643 11.85 18.40 36.83
N MET L 644 11.20 17.29 37.12
CA MET L 644 10.45 16.57 36.09
C MET L 644 9.27 17.39 35.61
N ASP L 645 8.99 17.31 34.31
CA ASP L 645 7.89 18.05 33.74
C ASP L 645 6.55 17.51 34.25
N ILE L 646 5.52 18.34 34.15
CA ILE L 646 4.19 17.92 34.57
C ILE L 646 3.68 16.79 33.69
N SER L 647 3.99 16.83 32.40
CA SER L 647 3.55 15.78 31.49
C SER L 647 4.11 14.43 31.92
N ASP L 648 5.37 14.39 32.32
CA ASP L 648 5.99 13.14 32.76
C ASP L 648 5.53 12.73 34.15
N GLN L 649 5.23 13.71 35.02
CA GLN L 649 4.82 13.38 36.38
C GLN L 649 3.55 12.53 36.38
N VAL L 650 2.56 12.92 35.57
CA VAL L 650 1.31 12.17 35.52
C VAL L 650 1.46 10.81 34.88
N ALA L 651 2.60 10.53 34.23
CA ALA L 651 2.82 9.22 33.65
C ALA L 651 2.82 8.15 34.73
N ILE L 652 3.47 8.40 35.85
CA ILE L 652 3.50 7.45 36.97
C ILE L 652 2.33 7.81 37.88
N HIS L 653 1.13 7.41 37.46
CA HIS L 653 -0.05 7.55 38.29
C HIS L 653 -0.75 6.21 38.43
N GLU L 654 -0.77 5.42 37.35
CA GLU L 654 -1.37 4.09 37.42
C GLU L 654 -0.41 3.09 38.02
N ALA L 655 0.88 3.22 37.74
CA ALA L 655 1.87 2.31 38.28
C ALA L 655 2.02 2.45 39.79
N MET L 656 1.71 3.61 40.35
CA MET L 656 1.88 3.82 41.78
C MET L 656 0.83 3.08 42.59
N GLU L 657 -0.43 3.09 42.15
CA GLU L 657 -1.52 2.50 42.89
C GLU L 657 -2.08 1.26 42.21
N GLN L 658 -2.50 1.37 40.95
CA GLN L 658 -3.05 0.20 40.25
C GLN L 658 -1.98 -0.85 39.97
N GLN L 659 -0.71 -0.46 39.92
CA GLN L 659 0.39 -1.39 39.68
C GLN L 659 0.30 -2.03 38.30
N THR L 660 -0.34 -1.34 37.35
CA THR L 660 -0.43 -1.82 35.98
C THR L 660 -0.32 -0.63 35.04
N ILE L 661 0.21 -0.88 33.85
CA ILE L 661 0.36 0.13 32.81
C ILE L 661 -0.49 -0.30 31.63
N SER L 662 -1.41 0.57 31.21
CA SER L 662 -2.29 0.30 30.08
C SER L 662 -1.99 1.31 28.99
N ILE L 663 -1.61 0.81 27.81
CA ILE L 663 -1.32 1.65 26.65
C ILE L 663 -2.21 1.21 25.51
N ALA L 664 -2.77 2.18 24.80
CA ALA L 664 -3.64 1.93 23.66
C ALA L 664 -3.12 2.68 22.43
N LYS L 665 -1.82 2.56 22.20
CA LYS L 665 -1.17 3.21 21.06
C LYS L 665 -1.34 2.33 19.82
N ALA L 666 -0.63 2.66 18.75
CA ALA L 666 -0.84 2.03 17.45
C ALA L 666 -0.90 0.51 17.53
N GLY L 667 -2.08 -0.04 17.26
CA GLY L 667 -2.28 -1.48 17.17
C GLY L 667 -1.53 -2.28 18.20
N ILE L 668 -1.40 -1.75 19.41
CA ILE L 668 -0.58 -2.38 20.45
C ILE L 668 -1.39 -2.50 21.74
N HIS L 669 -2.71 -2.65 21.61
CA HIS L 669 -3.60 -2.68 22.78
C HIS L 669 -3.12 -3.75 23.76
N ALA L 670 -2.70 -3.31 24.94
CA ALA L 670 -2.13 -4.23 25.92
C ALA L 670 -2.29 -3.65 27.32
N THR L 671 -2.10 -4.50 28.33
CA THR L 671 -2.18 -4.10 29.73
C THR L 671 -1.01 -4.77 30.45
N LEU L 672 0.10 -4.04 30.57
CA LEU L 672 1.29 -4.57 31.21
C LEU L 672 1.16 -4.44 32.74
N ASN L 673 2.11 -5.05 33.46
CA ASN L 673 2.12 -5.02 34.91
C ASN L 673 3.47 -4.51 35.39
N ALA L 674 3.45 -3.56 36.31
CA ALA L 674 4.65 -2.98 36.90
C ALA L 674 4.42 -2.89 38.42
N ARG L 675 4.77 -3.95 39.13
CA ARG L 675 4.62 -4.00 40.58
C ARG L 675 5.92 -3.54 41.24
N THR L 676 6.17 -2.24 41.14
CA THR L 676 7.42 -1.65 41.61
C THR L 676 7.15 -0.66 42.72
N SER L 677 8.10 -0.58 43.64
CA SER L 677 8.12 0.44 44.68
C SER L 677 9.02 1.58 44.22
N ILE L 678 8.51 2.81 44.30
CA ILE L 678 9.20 3.98 43.79
C ILE L 678 9.64 4.83 44.97
N LEU L 679 10.92 5.19 44.99
CA LEU L 679 11.50 6.06 46.01
C LEU L 679 12.13 7.26 45.32
N ALA L 680 11.80 8.46 45.80
CA ALA L 680 12.19 9.69 45.11
C ALA L 680 12.73 10.70 46.11
N ALA L 681 13.53 11.63 45.58
CA ALA L 681 14.07 12.75 46.35
C ALA L 681 13.68 14.04 45.64
N ALA L 682 13.20 15.01 46.42
CA ALA L 682 12.67 16.26 45.87
C ALA L 682 13.23 17.45 46.64
N ASN L 683 13.37 18.56 45.94
CA ASN L 683 13.77 19.84 46.52
C ASN L 683 12.54 20.72 46.75
N PRO L 684 12.65 21.73 47.61
CA PRO L 684 11.51 22.61 47.86
C PRO L 684 11.21 23.46 46.64
N VAL L 685 10.09 24.19 46.73
CA VAL L 685 9.69 25.07 45.63
C VAL L 685 10.75 26.14 45.38
N GLY L 686 11.27 26.74 46.44
CA GLY L 686 12.31 27.74 46.32
C GLY L 686 13.68 27.13 46.45
N GLY L 687 14.48 27.66 47.36
CA GLY L 687 15.83 27.15 47.58
C GLY L 687 15.94 26.33 48.85
N ARG L 688 15.27 26.77 49.90
CA ARG L 688 15.31 26.12 51.20
C ARG L 688 13.90 25.86 51.69
N TYR L 689 13.78 24.88 52.59
CA TYR L 689 12.49 24.54 53.16
C TYR L 689 11.98 25.68 54.04
N ASN L 690 10.74 26.09 53.81
CA ASN L 690 10.12 27.15 54.59
C ASN L 690 9.37 26.53 55.76
N ARG L 691 9.74 26.91 56.98
CA ARG L 691 9.10 26.34 58.17
C ARG L 691 7.63 26.72 58.23
N LYS L 692 7.30 27.97 57.91
CA LYS L 692 5.92 28.44 58.06
C LYS L 692 4.99 27.74 57.09
N LEU L 693 5.39 27.63 55.82
CA LEU L 693 4.52 27.03 54.81
C LEU L 693 4.35 25.54 55.08
N SER L 694 3.20 25.01 54.68
CA SER L 694 2.89 23.61 54.85
C SER L 694 3.64 22.76 53.82
N LEU L 695 3.60 21.43 54.03
CA LEU L 695 4.27 20.53 53.10
C LEU L 695 3.81 20.75 51.67
N ARG L 696 2.49 20.74 51.46
CA ARG L 696 1.96 21.00 50.13
C ARG L 696 2.39 22.37 49.61
N GLY L 697 2.54 23.34 50.51
CA GLY L 697 3.01 24.65 50.09
C GLY L 697 4.45 24.63 49.61
N ASN L 698 5.30 23.87 50.30
CA ASN L 698 6.72 23.83 49.94
C ASN L 698 6.95 23.11 48.62
N LEU L 699 6.16 22.08 48.32
CA LEU L 699 6.32 21.30 47.10
C LEU L 699 5.25 21.68 46.08
N ASN L 700 5.65 21.76 44.82
CA ASN L 700 4.71 22.03 43.74
C ASN L 700 3.81 20.84 43.45
N MET L 701 4.09 19.67 44.02
CA MET L 701 3.24 18.50 43.82
C MET L 701 1.85 18.75 44.40
N THR L 702 0.84 18.31 43.66
CA THR L 702 -0.55 18.54 44.04
C THR L 702 -1.06 17.42 44.93
N ALA L 703 -2.35 17.48 45.26
CA ALA L 703 -2.93 16.55 46.23
C ALA L 703 -2.82 15.09 45.81
N PRO L 704 -3.13 14.71 44.57
CA PRO L 704 -3.12 13.27 44.24
C PRO L 704 -1.77 12.61 44.46
N ILE L 705 -0.70 13.21 43.95
CA ILE L 705 0.62 12.59 44.08
C ILE L 705 1.01 12.47 45.54
N MET L 706 0.77 13.52 46.33
CA MET L 706 1.09 13.47 47.75
C MET L 706 0.29 12.36 48.45
N SER L 707 -0.99 12.24 48.12
CA SER L 707 -1.80 11.20 48.72
C SER L 707 -1.27 9.81 48.36
N ARG L 708 -0.78 9.66 47.13
CA ARG L 708 -0.25 8.37 46.71
C ARG L 708 0.96 7.96 47.55
N PHE L 709 1.84 8.90 47.87
CA PHE L 709 3.06 8.58 48.57
C PHE L 709 2.76 8.05 49.98
N ASP L 710 3.47 6.99 50.37
CA ASP L 710 3.25 6.37 51.66
C ASP L 710 3.78 7.25 52.80
N LEU L 711 5.00 7.75 52.66
CA LEU L 711 5.65 8.52 53.71
C LEU L 711 6.35 9.73 53.13
N PHE L 712 6.52 10.76 53.96
CA PHE L 712 7.28 11.94 53.63
C PHE L 712 8.28 12.20 54.74
N PHE L 713 9.56 12.35 54.38
CA PHE L 713 10.63 12.57 55.35
C PHE L 713 11.31 13.90 55.02
N VAL L 714 10.89 14.96 55.71
CA VAL L 714 11.53 16.26 55.55
C VAL L 714 12.80 16.30 56.39
N ILE L 715 13.91 16.71 55.78
CA ILE L 715 15.20 16.78 56.46
C ILE L 715 15.60 18.25 56.52
N LEU L 716 15.84 18.74 57.73
CA LEU L 716 16.21 20.14 57.96
C LEU L 716 17.66 20.21 58.42
N ASP L 717 18.42 21.12 57.82
CA ASP L 717 19.83 21.31 58.17
C ASP L 717 19.95 22.28 59.35
N ASP L 718 19.39 21.86 60.47
CA ASP L 718 19.44 22.69 61.68
C ASP L 718 20.88 22.84 62.16
N CYS L 719 21.20 24.01 62.70
CA CYS L 719 22.55 24.34 63.10
C CYS L 719 22.74 24.08 64.59
N ASN L 720 23.78 23.33 64.92
CA ASN L 720 24.14 23.07 66.31
C ASN L 720 25.62 22.74 66.36
N GLU L 721 26.31 23.30 67.37
CA GLU L 721 27.75 23.17 67.45
C GLU L 721 28.19 21.72 67.54
N LYS L 722 27.57 20.95 68.45
CA LYS L 722 28.01 19.59 68.70
C LYS L 722 27.82 18.71 67.48
N ILE L 723 26.63 18.71 66.89
CA ILE L 723 26.37 17.89 65.71
C ILE L 723 27.17 18.38 64.52
N ASP L 724 27.41 19.68 64.41
CA ASP L 724 28.29 20.19 63.38
C ASP L 724 29.68 19.58 63.50
N THR L 725 30.25 19.58 64.71
CA THR L 725 31.56 18.99 64.90
C THR L 725 31.55 17.49 64.58
N GLU L 726 30.50 16.79 65.02
CA GLU L 726 30.41 15.37 64.74
C GLU L 726 30.39 15.09 63.23
N LEU L 727 29.56 15.84 62.50
CA LEU L 727 29.46 15.63 61.06
C LEU L 727 30.77 15.95 60.36
N ALA L 728 31.42 17.05 60.75
CA ALA L 728 32.71 17.39 60.16
C ALA L 728 33.74 16.29 60.41
N SER L 729 33.79 15.80 61.65
CA SER L 729 34.75 14.75 61.98
C SER L 729 34.48 13.50 61.14
N HIS L 730 33.21 13.10 61.03
CA HIS L 730 32.88 11.90 60.28
C HIS L 730 33.22 12.05 58.80
N ILE L 731 32.88 13.19 58.20
CA ILE L 731 33.11 13.35 56.77
C ILE L 731 34.61 13.42 56.49
N VAL L 732 35.38 14.03 57.39
CA VAL L 732 36.84 14.04 57.20
C VAL L 732 37.41 12.64 57.39
N ASP L 733 36.86 11.87 58.33
CA ASP L 733 37.32 10.51 58.53
C ASP L 733 37.08 9.67 57.29
N LEU L 734 35.95 9.89 56.61
CA LEU L 734 35.69 9.15 55.38
C LEU L 734 36.80 9.36 54.37
N HIS L 735 37.24 10.60 54.19
CA HIS L 735 38.29 10.90 53.22
C HIS L 735 39.67 10.49 53.69
N MET L 736 39.91 10.40 55.01
CA MET L 736 41.22 10.00 55.50
C MET L 736 41.39 8.48 55.54
N LYS L 737 40.48 7.76 56.17
CA LYS L 737 40.63 6.33 56.40
C LYS L 737 40.00 5.47 55.32
N ARG L 738 39.45 6.07 54.26
CA ARG L 738 38.79 5.31 53.20
C ARG L 738 37.58 4.57 53.77
N ASP L 739 37.62 3.23 53.79
CA ASP L 739 36.46 2.43 54.17
C ASP L 739 36.46 2.02 55.63
N GLU L 740 37.63 1.80 56.24
CA GLU L 740 37.67 1.27 57.59
C GLU L 740 36.99 2.19 58.59
N ALA L 741 36.80 3.47 58.25
CA ALA L 741 36.07 4.38 59.11
C ALA L 741 34.58 4.09 59.17
N ILE L 742 34.09 3.19 58.33
CA ILE L 742 32.67 2.83 58.27
C ILE L 742 32.52 1.41 58.81
N GLU L 743 31.74 1.27 59.88
CA GLU L 743 31.64 0.01 60.61
C GLU L 743 30.19 -0.36 60.85
N PRO L 744 29.47 -0.76 59.80
CA PRO L 744 28.09 -1.23 59.99
C PRO L 744 28.07 -2.46 60.87
N PRO L 745 27.05 -2.60 61.74
CA PRO L 745 26.97 -3.84 62.54
C PRO L 745 26.88 -5.09 61.70
N PHE L 746 26.18 -5.03 60.57
CA PHE L 746 25.99 -6.17 59.69
C PHE L 746 26.57 -5.87 58.33
N SER L 747 27.33 -6.82 57.79
CA SER L 747 27.91 -6.64 56.46
C SER L 747 26.83 -6.65 55.40
N ALA L 748 27.21 -6.22 54.19
CA ALA L 748 26.23 -6.14 53.10
C ALA L 748 25.66 -7.51 52.78
N GLU L 749 26.51 -8.54 52.72
CA GLU L 749 26.03 -9.88 52.41
C GLU L 749 25.08 -10.38 53.49
N GLN L 750 25.43 -10.18 54.76
CA GLN L 750 24.55 -10.61 55.85
C GLN L 750 23.22 -9.87 55.79
N LEU L 751 23.25 -8.57 55.52
CA LEU L 751 22.01 -7.81 55.43
C LEU L 751 21.14 -8.31 54.29
N ARG L 752 21.72 -8.65 53.14
CA ARG L 752 20.95 -9.09 51.95
C ARG L 752 20.44 -10.50 52.19
N ARG L 753 21.12 -11.34 52.96
CA ARG L 753 20.59 -12.64 53.34
C ARG L 753 19.43 -12.50 54.32
N TYR L 754 19.60 -11.67 55.35
CA TYR L 754 18.55 -11.50 56.34
C TYR L 754 17.29 -10.92 55.71
N ILE L 755 17.45 -9.92 54.84
CA ILE L 755 16.29 -9.35 54.17
C ILE L 755 15.59 -10.41 53.33
N LYS L 756 16.36 -11.22 52.60
CA LYS L 756 15.75 -12.28 51.80
C LYS L 756 14.95 -13.23 52.67
N TYR L 757 15.47 -13.56 53.86
CA TYR L 757 14.73 -14.47 54.73
C TYR L 757 13.38 -13.90 55.13
N ALA L 758 13.35 -12.62 55.50
CA ALA L 758 12.13 -12.02 56.05
C ALA L 758 11.01 -11.98 55.02
N ARG L 759 11.35 -11.71 53.76
CA ARG L 759 10.32 -11.49 52.75
C ARG L 759 9.44 -12.71 52.52
N THR L 760 9.88 -13.89 52.96
CA THR L 760 9.06 -15.09 52.77
C THR L 760 7.87 -15.13 53.73
N PHE L 761 7.97 -14.46 54.88
CA PHE L 761 6.88 -14.47 55.85
C PHE L 761 5.72 -13.61 55.37
N LYS L 762 4.51 -13.98 55.80
CA LYS L 762 3.29 -13.28 55.42
C LYS L 762 2.46 -13.03 56.68
N PRO L 763 2.83 -12.04 57.49
CA PRO L 763 2.12 -11.80 58.76
C PRO L 763 0.62 -11.65 58.59
N ILE L 764 -0.12 -11.79 59.70
CA ILE L 764 -1.56 -11.61 59.73
C ILE L 764 -1.91 -10.70 60.90
N LEU L 765 -3.11 -10.13 60.86
CA LEU L 765 -3.57 -9.15 61.82
C LEU L 765 -4.31 -9.81 62.97
N THR L 766 -4.13 -9.25 64.17
CA THR L 766 -4.86 -9.69 65.35
C THR L 766 -6.07 -8.77 65.59
N LYS L 767 -7.06 -9.33 66.30
CA LYS L 767 -8.31 -8.60 66.52
C LYS L 767 -8.07 -7.28 67.25
N GLU L 768 -7.36 -7.34 68.38
CA GLU L 768 -7.04 -6.12 69.11
C GLU L 768 -6.25 -5.16 68.24
N ALA L 769 -5.36 -5.69 67.39
CA ALA L 769 -4.62 -4.84 66.47
C ALA L 769 -5.58 -4.16 65.49
N ARG L 770 -6.60 -4.88 65.03
CA ARG L 770 -7.57 -4.29 64.11
C ARG L 770 -8.30 -3.13 64.76
N SER L 771 -8.79 -3.33 66.00
CA SER L 771 -9.49 -2.26 66.70
C SER L 771 -8.56 -1.08 66.93
N TYR L 772 -7.32 -1.35 67.33
CA TYR L 772 -6.36 -0.28 67.58
C TYR L 772 -6.09 0.51 66.30
N LEU L 773 -5.97 -0.20 65.17
CA LEU L 773 -5.74 0.48 63.90
C LEU L 773 -6.92 1.36 63.53
N VAL L 774 -8.15 0.88 63.76
CA VAL L 774 -9.32 1.72 63.51
C VAL L 774 -9.26 2.98 64.35
N GLU L 775 -8.90 2.83 65.63
CA GLU L 775 -8.82 3.99 66.51
C GLU L 775 -7.77 4.99 66.01
N LYS L 776 -6.61 4.49 65.58
CA LYS L 776 -5.55 5.38 65.12
C LYS L 776 -5.94 6.08 63.82
N TYR L 777 -6.63 5.39 62.92
CA TYR L 777 -7.11 6.06 61.71
C TYR L 777 -8.11 7.15 62.06
N LYS L 778 -9.01 6.88 63.00
CA LYS L 778 -9.93 7.93 63.44
C LYS L 778 -9.15 9.11 64.00
N GLU L 779 -8.11 8.85 64.78
CA GLU L 779 -7.30 9.94 65.33
C GLU L 779 -6.65 10.76 64.23
N LEU L 780 -6.09 10.10 63.21
CA LEU L 780 -5.46 10.82 62.12
C LEU L 780 -6.47 11.69 61.37
N ARG L 781 -7.64 11.13 61.07
CA ARG L 781 -8.65 11.90 60.35
C ARG L 781 -9.11 13.10 61.18
N LYS L 782 -9.29 12.91 62.49
CA LYS L 782 -9.66 14.03 63.34
C LYS L 782 -8.57 15.09 63.35
N ASP L 783 -7.30 14.66 63.44
CA ASP L 783 -6.21 15.62 63.48
C ASP L 783 -6.15 16.45 62.20
N ASP L 784 -6.30 15.79 61.04
CA ASP L 784 -6.26 16.54 59.78
C ASP L 784 -7.39 17.55 59.70
N ALA L 785 -8.59 17.15 60.11
CA ALA L 785 -9.75 18.05 60.12
C ALA L 785 -9.92 18.74 58.77
N ARG L 790 -14.47 21.37 56.10
CA ARG L 790 -14.33 20.07 56.73
C ARG L 790 -13.84 19.02 55.73
N SER L 791 -12.57 19.15 55.33
CA SER L 791 -11.95 18.24 54.37
C SER L 791 -10.62 17.75 54.94
N SER L 792 -10.01 16.79 54.26
CA SER L 792 -8.76 16.18 54.69
C SER L 792 -7.78 16.20 53.53
N TYR L 793 -6.89 17.19 53.52
CA TYR L 793 -5.95 17.38 52.41
C TYR L 793 -4.81 16.39 52.43
N ARG L 794 -4.30 16.05 53.62
CA ARG L 794 -3.13 15.18 53.74
C ARG L 794 -3.47 13.73 54.02
N ILE L 795 -4.67 13.45 54.54
CA ILE L 795 -5.06 12.10 54.93
C ILE L 795 -6.22 11.66 54.06
N THR L 796 -6.09 10.50 53.43
CA THR L 796 -7.13 9.87 52.64
C THR L 796 -7.29 8.44 53.10
N VAL L 797 -8.19 7.70 52.44
CA VAL L 797 -8.39 6.30 52.79
C VAL L 797 -7.13 5.49 52.55
N ARG L 798 -6.27 5.96 51.65
CA ARG L 798 -5.00 5.28 51.40
C ARG L 798 -4.19 5.14 52.69
N GLN L 799 -4.25 6.16 53.55
CA GLN L 799 -3.37 6.18 54.71
C GLN L 799 -3.64 5.01 55.64
N LEU L 800 -4.89 4.55 55.72
CA LEU L 800 -5.18 3.35 56.50
C LEU L 800 -4.41 2.14 55.94
N GLU L 801 -4.50 1.93 54.63
CA GLU L 801 -3.72 0.87 54.01
C GLU L 801 -2.24 1.11 54.18
N SER L 802 -1.82 2.38 54.21
CA SER L 802 -0.42 2.70 54.44
C SER L 802 0.02 2.20 55.81
N MET L 803 -0.78 2.46 56.84
CA MET L 803 -0.46 1.95 58.16
C MET L 803 -0.45 0.42 58.18
N ILE L 804 -1.39 -0.21 57.48
CA ILE L 804 -1.40 -1.66 57.42
C ILE L 804 -0.10 -2.19 56.81
N ARG L 805 0.32 -1.61 55.69
CA ARG L 805 1.55 -2.06 55.03
C ARG L 805 2.76 -1.83 55.91
N LEU L 806 2.84 -0.67 56.56
CA LEU L 806 3.98 -0.39 57.43
C LEU L 806 4.03 -1.36 58.60
N SER L 807 2.87 -1.67 59.19
CA SER L 807 2.82 -2.62 60.29
C SER L 807 3.27 -4.01 59.83
N GLU L 808 2.80 -4.43 58.65
CA GLU L 808 3.20 -5.74 58.14
C GLU L 808 4.69 -5.79 57.88
N ALA L 809 5.26 -4.72 57.32
CA ALA L 809 6.70 -4.69 57.08
C ALA L 809 7.48 -4.72 58.39
N ILE L 810 7.02 -3.98 59.39
CA ILE L 810 7.70 -3.99 60.68
C ILE L 810 7.65 -5.38 61.30
N ALA L 811 6.49 -6.04 61.19
CA ALA L 811 6.39 -7.41 61.69
C ALA L 811 7.34 -8.33 60.95
N ARG L 812 7.50 -8.13 59.64
CA ARG L 812 8.48 -8.90 58.89
C ARG L 812 9.88 -8.67 59.41
N ALA L 813 10.21 -7.41 59.74
CA ALA L 813 11.55 -7.09 60.20
C ALA L 813 11.94 -7.90 61.43
N ASN L 814 11.00 -8.13 62.34
CA ASN L 814 11.27 -8.93 63.53
C ASN L 814 11.15 -10.43 63.28
N CYS L 815 10.73 -10.84 62.09
CA CYS L 815 10.56 -12.26 61.76
C CYS L 815 9.48 -12.90 62.63
N VAL L 816 8.29 -12.30 62.59
CA VAL L 816 7.12 -12.82 63.28
C VAL L 816 5.97 -12.89 62.29
N ASP L 817 5.01 -13.75 62.59
CA ASP L 817 3.87 -14.01 61.71
C ASP L 817 2.56 -13.54 62.34
N GLU L 818 2.61 -12.42 63.07
CA GLU L 818 1.42 -11.82 63.65
C GLU L 818 1.78 -10.43 64.14
N ILE L 819 0.90 -9.47 63.86
CA ILE L 819 1.17 -8.06 64.11
C ILE L 819 0.59 -7.68 65.46
N THR L 820 1.46 -7.36 66.42
CA THR L 820 1.02 -6.89 67.72
C THR L 820 0.73 -5.39 67.67
N PRO L 821 -0.02 -4.87 68.64
CA PRO L 821 -0.32 -3.43 68.62
C PRO L 821 0.91 -2.55 68.65
N SER L 822 2.03 -3.03 69.18
CA SER L 822 3.24 -2.21 69.26
C SER L 822 3.73 -1.85 67.86
N PHE L 823 3.68 -2.80 66.92
CA PHE L 823 4.07 -2.49 65.55
C PHE L 823 3.15 -1.43 64.95
N ILE L 824 1.86 -1.51 65.25
CA ILE L 824 0.93 -0.50 64.74
C ILE L 824 1.27 0.86 65.31
N ALA L 825 1.59 0.91 66.60
CA ALA L 825 1.96 2.19 67.21
C ALA L 825 3.22 2.75 66.57
N GLU L 826 4.22 1.91 66.32
CA GLU L 826 5.44 2.38 65.69
C GLU L 826 5.17 2.89 64.28
N ALA L 827 4.32 2.18 63.53
CA ALA L 827 3.97 2.63 62.18
C ALA L 827 3.23 3.97 62.24
N TYR L 828 2.34 4.15 63.21
CA TYR L 828 1.66 5.43 63.37
C TYR L 828 2.66 6.53 63.68
N ASP L 829 3.63 6.25 64.56
CA ASP L 829 4.67 7.23 64.84
C ASP L 829 5.40 7.63 63.57
N LEU L 830 5.74 6.64 62.73
CA LEU L 830 6.43 6.95 61.48
C LEU L 830 5.55 7.80 60.57
N LEU L 831 4.26 7.47 60.47
CA LEU L 831 3.37 8.23 59.59
C LEU L 831 3.13 9.63 60.14
N ARG L 832 2.87 9.74 61.44
CA ARG L 832 2.54 11.04 62.03
C ARG L 832 3.69 12.03 61.89
N GLN L 833 4.94 11.53 61.83
CA GLN L 833 6.08 12.42 61.82
C GLN L 833 6.03 13.37 60.64
N SER L 834 5.55 12.89 59.49
CA SER L 834 5.55 13.74 58.29
C SER L 834 4.68 14.97 58.49
N ILE L 835 3.52 14.81 59.12
CA ILE L 835 2.62 15.93 59.35
C ILE L 835 3.26 16.91 60.33
N LEU M 5 23.64 -1.97 -45.51
CA LEU M 5 24.23 -0.64 -45.37
C LEU M 5 24.29 0.08 -46.72
N PRO M 6 23.14 0.56 -47.19
CA PRO M 6 23.15 1.35 -48.44
C PRO M 6 24.01 2.60 -48.29
N SER M 7 24.66 2.97 -49.39
CA SER M 7 25.63 4.05 -49.40
C SER M 7 25.05 5.29 -50.08
N ILE M 8 25.49 6.45 -49.60
CA ILE M 8 25.09 7.73 -50.17
C ILE M 8 26.34 8.43 -50.70
N GLN M 9 26.12 9.35 -51.64
CA GLN M 9 27.20 10.12 -52.26
C GLN M 9 27.18 11.52 -51.66
N LEU M 10 27.86 11.67 -50.52
CA LEU M 10 27.94 12.97 -49.89
C LEU M 10 28.96 13.86 -50.62
N PRO M 11 28.73 15.18 -50.65
CA PRO M 11 29.64 16.10 -51.35
C PRO M 11 30.81 16.57 -50.49
N VAL M 12 31.50 15.63 -49.86
CA VAL M 12 32.66 15.93 -49.03
C VAL M 12 33.75 14.91 -49.33
N ASP M 13 34.97 15.39 -49.53
CA ASP M 13 36.13 14.54 -49.79
C ASP M 13 37.11 14.72 -48.64
N TYR M 14 37.50 13.61 -48.01
CA TYR M 14 38.37 13.68 -46.84
C TYR M 14 39.85 13.71 -47.19
N ASN M 15 40.25 13.13 -48.34
CA ASN M 15 41.64 13.20 -48.75
C ASN M 15 42.04 14.64 -49.05
N ASN M 16 41.20 15.36 -49.80
CA ASN M 16 41.50 16.74 -50.12
C ASN M 16 41.52 17.61 -48.87
N LEU M 17 40.56 17.39 -47.97
CA LEU M 17 40.53 18.17 -46.73
C LEU M 17 41.75 17.88 -45.87
N PHE M 18 42.18 16.62 -45.80
CA PHE M 18 43.38 16.29 -45.05
C PHE M 18 44.61 16.94 -45.66
N ASN M 19 44.71 16.95 -46.99
CA ASN M 19 45.82 17.64 -47.64
C ASN M 19 45.80 19.13 -47.32
N GLU M 20 44.61 19.74 -47.35
CA GLU M 20 44.50 21.16 -47.02
C GLU M 20 44.93 21.41 -45.58
N ILE M 21 44.51 20.55 -44.65
CA ILE M 21 44.89 20.70 -43.25
C ILE M 21 46.41 20.60 -43.10
N THR M 22 47.01 19.61 -43.77
CA THR M 22 48.45 19.44 -43.71
C THR M 22 49.16 20.68 -44.24
N ASP M 23 48.66 21.25 -45.34
CA ASP M 23 49.25 22.48 -45.86
C ASP M 23 49.03 23.65 -44.91
N PHE M 24 47.89 23.68 -44.22
CA PHE M 24 47.60 24.79 -43.31
C PHE M 24 48.61 24.85 -42.18
N LEU M 25 48.93 23.70 -41.59
CA LEU M 25 49.84 23.67 -40.44
C LEU M 25 51.28 23.97 -40.80
N VAL M 26 51.61 24.02 -42.09
CA VAL M 26 52.98 24.23 -42.54
C VAL M 26 53.16 25.49 -43.37
N THR M 27 52.08 26.26 -43.59
CA THR M 27 52.15 27.42 -44.46
C THR M 27 51.61 28.68 -43.79
N PHE M 28 50.70 28.52 -42.84
CA PHE M 28 50.08 29.68 -42.22
C PHE M 28 51.12 30.52 -41.48
N LYS M 29 50.91 31.83 -41.51
CA LYS M 29 51.84 32.77 -40.86
C LYS M 29 51.03 33.98 -40.44
N GLN M 30 50.68 34.05 -39.16
CA GLN M 30 49.90 35.16 -38.63
C GLN M 30 50.64 36.48 -38.78
N LYS M 59 59.29 35.68 -37.65
CA LYS M 59 59.01 34.38 -37.06
C LYS M 59 58.47 33.42 -38.11
N GLY M 60 58.85 32.14 -38.00
CA GLY M 60 58.40 31.13 -38.92
C GLY M 60 56.91 30.87 -38.80
N PRO M 61 56.43 29.78 -39.39
CA PRO M 61 55.00 29.47 -39.30
C PRO M 61 54.57 29.32 -37.85
N LYS M 62 53.36 29.81 -37.57
CA LYS M 62 52.87 29.84 -36.19
C LYS M 62 52.74 28.43 -35.62
N TYR M 63 52.03 27.55 -36.33
CA TYR M 63 51.74 26.24 -35.80
C TYR M 63 52.96 25.33 -35.82
N MET M 64 53.89 25.54 -36.75
CA MET M 64 55.15 24.81 -36.69
C MET M 64 55.90 25.14 -35.41
N ALA M 65 55.95 26.42 -35.03
CA ALA M 65 56.58 26.79 -33.77
C ALA M 65 55.83 26.21 -32.58
N MET M 66 54.49 26.24 -32.64
CA MET M 66 53.70 25.68 -31.55
C MET M 66 54.01 24.20 -31.35
N LEU M 67 54.08 23.45 -32.45
CA LEU M 67 54.42 22.03 -32.35
C LEU M 67 55.85 21.84 -31.86
N GLN M 68 56.78 22.68 -32.33
CA GLN M 68 58.16 22.60 -31.85
C GLN M 68 58.21 22.76 -30.34
N LYS M 69 57.41 23.67 -29.79
CA LYS M 69 57.36 23.82 -28.34
C LYS M 69 56.84 22.55 -27.68
N VAL M 70 55.84 21.91 -28.28
CA VAL M 70 55.28 20.70 -27.69
C VAL M 70 56.32 19.59 -27.66
N ALA M 71 57.08 19.42 -28.73
CA ALA M 71 58.08 18.37 -28.79
C ALA M 71 59.15 18.53 -27.71
N ASN M 72 59.31 19.72 -27.17
CA ASN M 72 60.21 19.97 -26.06
C ASN M 72 59.54 19.80 -24.71
N ARG M 73 58.28 19.36 -24.69
CA ARG M 73 57.52 19.15 -23.46
C ARG M 73 57.21 20.45 -22.73
N GLU M 74 57.22 21.57 -23.43
CA GLU M 74 56.92 22.86 -22.83
C GLU M 74 55.45 23.25 -22.95
N LEU M 75 54.72 22.67 -23.91
CA LEU M 75 53.31 22.94 -24.12
C LEU M 75 52.58 21.61 -24.23
N ASN M 76 51.38 21.55 -23.65
CA ASN M 76 50.56 20.34 -23.69
C ASN M 76 49.14 20.65 -24.16
N SER M 77 48.98 21.67 -25.00
CA SER M 77 47.67 22.02 -25.53
C SER M 77 47.86 22.87 -26.77
N VAL M 78 47.41 22.37 -27.91
CA VAL M 78 47.43 23.10 -29.17
C VAL M 78 46.01 23.53 -29.48
N ILE M 79 45.82 24.84 -29.65
CA ILE M 79 44.50 25.42 -29.91
C ILE M 79 44.49 25.92 -31.35
N ILE M 80 43.57 25.37 -32.14
CA ILE M 80 43.43 25.75 -33.55
C ILE M 80 42.38 26.84 -33.63
N ASP M 81 42.78 28.02 -34.12
CA ASP M 81 41.88 29.17 -34.24
C ASP M 81 41.23 29.13 -35.62
N LEU M 82 39.91 28.96 -35.65
CA LEU M 82 39.20 28.93 -36.92
C LEU M 82 39.32 30.26 -37.66
N ASP M 83 39.59 31.36 -36.95
CA ASP M 83 39.88 32.61 -37.62
C ASP M 83 41.11 32.49 -38.51
N ASP M 84 42.13 31.78 -38.03
CA ASP M 84 43.31 31.53 -38.85
C ASP M 84 42.95 30.72 -40.08
N ILE M 85 42.07 29.72 -39.94
CA ILE M 85 41.66 28.93 -41.09
C ILE M 85 40.95 29.80 -42.11
N LEU M 86 40.05 30.68 -41.64
CA LEU M 86 39.35 31.57 -42.55
C LEU M 86 40.33 32.50 -43.26
N GLN M 87 41.30 33.04 -42.53
CA GLN M 87 42.29 33.92 -43.14
C GLN M 87 43.10 33.18 -44.20
N TYR M 88 43.52 31.96 -43.90
CA TYR M 88 44.27 31.17 -44.87
C TYR M 88 43.43 30.87 -46.11
N GLN M 89 42.16 30.53 -45.90
CA GLN M 89 41.28 30.25 -47.04
C GLN M 89 41.12 31.47 -47.92
N ASN M 90 40.90 32.64 -47.31
CA ASN M 90 40.73 33.85 -48.10
C ASN M 90 42.02 34.23 -48.81
N GLU M 91 43.16 34.04 -48.16
CA GLU M 91 44.43 34.32 -48.82
C GLU M 91 44.63 33.41 -50.03
N LYS M 92 44.31 32.12 -49.89
CA LYS M 92 44.43 31.20 -51.01
C LYS M 92 43.48 31.58 -52.15
N PHE M 93 42.24 31.93 -51.81
CA PHE M 93 41.27 32.30 -52.84
C PHE M 93 41.70 33.56 -53.57
N LEU M 94 42.23 34.54 -52.84
CA LEU M 94 42.67 35.78 -53.47
C LEU M 94 43.71 35.50 -54.55
N GLN M 95 44.63 34.58 -54.28
CA GLN M 95 45.62 34.19 -55.28
C GLN M 95 45.00 33.47 -56.46
N GLY M 96 43.75 33.02 -56.36
CA GLY M 96 43.08 32.31 -57.43
C GLY M 96 43.04 30.81 -57.26
N THR M 97 43.82 30.25 -56.34
CA THR M 97 43.83 28.81 -56.10
C THR M 97 42.79 28.47 -55.02
N GLN M 98 41.52 28.59 -55.42
CA GLN M 98 40.42 28.32 -54.51
C GLN M 98 40.44 26.86 -54.06
N ALA M 99 40.11 26.64 -52.79
CA ALA M 99 40.08 25.31 -52.20
C ALA M 99 38.77 25.13 -51.46
N ASP M 100 38.59 23.94 -50.88
CA ASP M 100 37.35 23.62 -50.17
C ASP M 100 37.22 24.48 -48.91
N ASP M 101 35.97 24.71 -48.52
CA ASP M 101 35.65 25.50 -47.33
C ASP M 101 35.90 24.63 -46.10
N LEU M 102 37.09 24.75 -45.53
CA LEU M 102 37.44 23.94 -44.37
C LEU M 102 36.68 24.39 -43.12
N VAL M 103 36.45 25.70 -42.97
CA VAL M 103 35.81 26.20 -41.77
C VAL M 103 34.41 25.62 -41.64
N SER M 104 33.63 25.65 -42.72
CA SER M 104 32.28 25.10 -42.67
C SER M 104 32.30 23.60 -42.42
N ALA M 105 33.28 22.90 -43.01
CA ALA M 105 33.39 21.46 -42.78
C ALA M 105 33.65 21.16 -41.31
N ILE M 106 34.54 21.93 -40.67
CA ILE M 106 34.91 21.68 -39.25
C ILE M 106 33.64 21.82 -38.41
N GLN M 107 32.91 22.94 -38.51
CA GLN M 107 31.72 23.14 -37.66
C GLN M 107 30.65 22.10 -37.95
N GLN M 108 30.38 21.75 -39.20
CA GLN M 108 29.25 20.85 -39.52
C GLN M 108 29.50 19.50 -38.87
N ASN M 109 30.72 18.97 -38.89
CA ASN M 109 31.12 17.69 -38.26
C ASN M 109 32.47 17.93 -37.62
N ALA M 110 32.54 18.22 -36.33
CA ALA M 110 33.77 18.52 -35.61
C ALA M 110 34.42 17.30 -34.99
N ASN M 111 33.65 16.26 -34.65
CA ASN M 111 34.24 15.09 -34.01
C ASN M 111 35.20 14.34 -34.92
N HIS M 112 35.10 14.53 -36.23
CA HIS M 112 35.99 13.84 -37.16
C HIS M 112 37.26 14.62 -37.43
N PHE M 113 37.20 15.95 -37.41
CA PHE M 113 38.38 16.75 -37.74
C PHE M 113 39.39 16.79 -36.60
N THR M 114 38.99 16.43 -35.38
CA THR M 114 39.97 16.27 -34.31
C THR M 114 40.97 15.19 -34.69
N GLU M 115 40.48 14.05 -35.19
CA GLU M 115 41.36 12.97 -35.61
C GLU M 115 42.24 13.41 -36.77
N LEU M 116 41.67 14.13 -37.73
CA LEU M 116 42.45 14.58 -38.89
C LEU M 116 43.58 15.51 -38.45
N PHE M 117 43.27 16.47 -37.56
CA PHE M 117 44.30 17.38 -37.08
C PHE M 117 45.36 16.65 -36.28
N CYS M 118 44.96 15.70 -35.44
CA CYS M 118 45.94 14.94 -34.68
C CYS M 118 46.86 14.14 -35.60
N ARG M 119 46.28 13.51 -36.63
CA ARG M 119 47.09 12.74 -37.57
C ARG M 119 48.04 13.64 -38.33
N ALA M 120 47.58 14.82 -38.76
CA ALA M 120 48.45 15.74 -39.46
C ALA M 120 49.60 16.20 -38.57
N ILE M 121 49.30 16.50 -37.31
CA ILE M 121 50.35 16.92 -36.37
C ILE M 121 51.36 15.80 -36.18
N ASP M 122 50.88 14.56 -36.03
CA ASP M 122 51.79 13.44 -35.88
C ASP M 122 52.67 13.28 -37.11
N ASN M 123 52.09 13.41 -38.30
CA ASN M 123 52.87 13.26 -39.52
C ASN M 123 53.93 14.34 -39.66
N ASN M 124 53.58 15.58 -39.35
CA ASN M 124 54.47 16.72 -39.53
C ASN M 124 55.19 17.12 -38.25
N MET M 125 55.20 16.25 -37.25
CA MET M 125 55.83 16.60 -35.99
C MET M 125 57.34 16.79 -36.18
N PRO M 126 57.96 17.79 -35.56
CA PRO M 126 59.40 17.97 -35.68
C PRO M 126 60.18 17.25 -34.58
N LEU M 127 61.45 17.03 -34.86
CA LEU M 127 62.32 16.40 -33.87
C LEU M 127 62.65 17.38 -32.76
N PRO M 128 62.80 16.92 -31.52
CA PRO M 128 63.09 17.84 -30.42
C PRO M 128 64.45 18.50 -30.60
N THR M 129 64.55 19.74 -30.11
CA THR M 129 65.80 20.49 -30.13
C THR M 129 66.46 20.58 -28.76
N LYS M 130 65.66 20.78 -27.71
CA LYS M 130 66.19 20.80 -26.35
C LYS M 130 66.31 19.37 -25.81
N GLU M 131 67.44 19.09 -25.17
CA GLU M 131 67.68 17.75 -24.66
C GLU M 131 66.62 17.38 -23.63
N ILE M 132 65.89 16.29 -23.91
CA ILE M 132 64.83 15.82 -23.02
C ILE M 132 65.44 14.89 -21.98
N ASP M 133 64.68 14.63 -20.91
CA ASP M 133 65.19 13.79 -19.83
C ASP M 133 65.31 12.33 -20.27
N TYR M 134 64.20 11.73 -20.69
CA TYR M 134 64.13 10.34 -21.14
C TYR M 134 64.44 9.35 -20.02
N LYS M 135 64.54 9.80 -18.77
CA LYS M 135 64.92 8.91 -17.69
C LYS M 135 63.72 8.10 -17.18
N ASP M 136 62.73 8.78 -16.64
CA ASP M 136 61.53 8.12 -16.10
C ASP M 136 60.39 8.19 -17.12
N ASP M 137 60.60 7.51 -18.26
CA ASP M 137 59.63 7.43 -19.34
C ASP M 137 59.22 5.98 -19.50
N VAL M 138 58.14 5.60 -18.81
CA VAL M 138 57.66 4.22 -18.89
C VAL M 138 57.32 3.86 -20.33
N LEU M 139 56.54 4.70 -21.00
CA LEU M 139 56.27 4.51 -22.42
C LEU M 139 57.37 5.09 -23.30
N ASP M 140 58.60 4.82 -22.93
CA ASP M 140 59.77 4.84 -23.81
C ASP M 140 60.58 3.58 -23.64
N VAL M 141 60.73 3.09 -22.41
CA VAL M 141 61.34 1.78 -22.20
C VAL M 141 60.44 0.69 -22.78
N ILE M 142 59.12 0.81 -22.55
CA ILE M 142 58.21 -0.19 -23.10
C ILE M 142 58.33 -0.25 -24.62
N LEU M 143 58.34 0.91 -25.26
CA LEU M 143 58.38 0.95 -26.72
C LEU M 143 59.73 0.50 -27.25
N ASN M 144 60.83 0.86 -26.57
CA ASN M 144 62.15 0.42 -27.00
C ASN M 144 62.26 -1.10 -26.92
N GLN M 145 61.80 -1.69 -25.82
CA GLN M 145 61.85 -3.13 -25.68
C GLN M 145 60.94 -3.81 -26.71
N ARG M 146 59.82 -3.17 -27.04
CA ARG M 146 58.84 -3.74 -27.98
C ARG M 146 59.43 -3.69 -29.37
N ARG M 147 60.18 -2.64 -29.70
CA ARG M 147 60.85 -2.57 -31.00
C ARG M 147 61.98 -3.59 -31.08
N LEU M 148 62.76 -3.73 -30.02
CA LEU M 148 63.85 -4.70 -30.03
C LEU M 148 63.32 -6.11 -30.23
N ARG M 149 62.28 -6.48 -29.47
CA ARG M 149 61.71 -7.82 -29.58
C ARG M 149 61.13 -8.07 -30.96
N ASN M 150 60.40 -7.09 -31.50
CA ASN M 150 59.82 -7.26 -32.83
C ASN M 150 60.89 -7.41 -33.89
N GLU M 151 61.95 -6.60 -33.81
CA GLU M 151 63.03 -6.70 -34.78
C GLU M 151 63.72 -8.05 -34.69
N ARG M 152 63.99 -8.52 -33.48
CA ARG M 152 64.66 -9.81 -33.32
C ARG M 152 63.79 -10.95 -33.84
N MET M 153 62.47 -10.88 -33.58
CA MET M 153 61.60 -11.95 -34.04
C MET M 153 61.48 -11.95 -35.56
N LEU M 154 61.25 -10.79 -36.16
CA LEU M 154 61.09 -10.72 -37.61
C LEU M 154 62.38 -11.10 -38.32
N SER M 155 63.52 -10.62 -37.82
CA SER M 155 64.80 -10.92 -38.46
C SER M 155 65.08 -12.42 -38.48
N ASP M 156 64.81 -13.09 -37.36
CA ASP M 156 65.02 -14.53 -37.27
C ASP M 156 64.06 -15.29 -38.17
N LEU M 191 52.76 -0.97 -34.54
CA LEU M 191 53.07 -1.56 -33.25
C LEU M 191 52.06 -1.12 -32.19
N PHE M 192 52.27 0.08 -31.64
CA PHE M 192 51.39 0.61 -30.62
C PHE M 192 50.40 1.60 -31.22
N PRO M 193 49.23 1.78 -30.61
CA PRO M 193 48.26 2.71 -31.17
C PRO M 193 48.81 4.13 -31.19
N PRO M 194 48.45 4.94 -32.19
CA PRO M 194 49.00 6.30 -32.24
C PRO M 194 48.64 7.15 -31.04
N ASN M 195 47.43 6.97 -30.48
CA ASN M 195 46.99 7.83 -29.39
C ASN M 195 47.86 7.66 -28.15
N LEU M 196 48.46 6.48 -27.98
CA LEU M 196 49.23 6.22 -26.77
C LEU M 196 50.43 7.17 -26.66
N THR M 197 51.15 7.39 -27.76
CA THR M 197 52.32 8.25 -27.72
C THR M 197 51.98 9.73 -27.64
N ARG M 198 50.77 10.11 -28.06
CA ARG M 198 50.39 11.51 -28.01
C ARG M 198 50.43 12.03 -26.58
N ARG M 199 50.99 13.23 -26.41
CA ARG M 199 51.00 13.90 -25.12
C ARG M 199 50.52 15.34 -25.24
N TYR M 200 49.69 15.64 -26.23
CA TYR M 200 49.10 16.96 -26.41
C TYR M 200 47.61 16.81 -26.61
N PHE M 201 46.88 17.90 -26.35
CA PHE M 201 45.44 17.95 -26.52
C PHE M 201 45.10 19.02 -27.55
N LEU M 202 44.20 18.67 -28.48
CA LEU M 202 43.80 19.57 -29.55
C LEU M 202 42.43 20.15 -29.24
N TYR M 203 42.33 21.47 -29.28
CA TYR M 203 41.09 22.18 -29.01
C TYR M 203 40.82 23.16 -30.15
N PHE M 204 39.54 23.48 -30.34
CA PHE M 204 39.09 24.38 -31.40
C PHE M 204 38.59 25.67 -30.79
N LYS M 205 39.10 26.81 -31.28
CA LYS M 205 38.61 28.11 -30.87
C LYS M 205 37.54 28.58 -31.85
N PRO M 206 36.35 28.97 -31.38
CA PRO M 206 35.28 29.32 -32.33
C PRO M 206 35.66 30.49 -33.21
N LEU M 207 34.82 30.73 -34.21
CA LEU M 207 35.04 31.80 -35.18
C LEU M 207 34.45 33.09 -34.63
N SER M 208 35.31 34.05 -34.29
CA SER M 208 34.86 35.29 -33.70
C SER M 208 34.00 36.08 -34.67
N GLN M 209 33.05 36.84 -34.13
CA GLN M 209 32.13 37.61 -34.96
C GLN M 209 32.88 38.64 -35.81
N ASN M 210 33.91 39.26 -35.24
CA ASN M 210 34.65 40.27 -35.98
C ASN M 210 35.29 39.68 -37.22
N CYS M 211 35.90 38.50 -37.10
CA CYS M 211 36.50 37.86 -38.26
C CYS M 211 35.44 37.51 -39.31
N ALA M 212 34.30 37.01 -38.87
CA ALA M 212 33.24 36.65 -39.81
C ALA M 212 32.73 37.86 -40.58
N ARG M 213 32.50 38.98 -39.87
CA ARG M 213 32.02 40.17 -40.55
C ARG M 213 33.10 40.79 -41.44
N ARG M 214 34.38 40.65 -41.04
CA ARG M 214 35.45 41.19 -41.86
C ARG M 214 35.48 40.55 -43.23
N TYR M 215 35.30 39.22 -43.29
CA TYR M 215 35.45 38.46 -44.53
C TYR M 215 34.11 38.04 -45.12
N ARG M 216 33.02 38.69 -44.70
CA ARG M 216 31.70 38.46 -45.28
C ARG M 216 31.27 36.99 -45.13
N LYS M 217 31.12 36.57 -43.88
CA LYS M 217 30.65 35.25 -43.55
C LYS M 217 29.83 35.31 -42.27
N LYS M 218 29.05 34.26 -42.02
CA LYS M 218 28.22 34.16 -40.82
C LYS M 218 28.83 33.13 -39.88
N ALA M 219 28.94 33.49 -38.60
CA ALA M 219 29.54 32.63 -37.59
C ALA M 219 28.43 31.90 -36.84
N ILE M 220 28.38 30.58 -36.99
CA ILE M 220 27.40 29.78 -36.27
C ILE M 220 27.95 29.28 -34.94
N SER M 221 29.25 29.01 -34.86
CA SER M 221 29.83 28.44 -33.65
C SER M 221 29.87 29.47 -32.53
N SER M 222 30.33 30.69 -32.83
CA SER M 222 30.50 31.70 -31.78
C SER M 222 29.17 32.27 -31.31
N LYS M 223 28.16 32.28 -32.17
CA LYS M 223 26.87 32.85 -31.83
C LYS M 223 26.34 32.20 -30.55
N PRO M 224 26.29 32.92 -29.43
CA PRO M 224 25.83 32.29 -28.19
C PRO M 224 24.38 31.83 -28.30
N LEU M 225 24.09 30.73 -27.63
CA LEU M 225 22.75 30.15 -27.58
C LEU M 225 22.35 29.95 -26.13
N SER M 226 21.20 29.33 -25.92
CA SER M 226 20.71 28.96 -24.60
C SER M 226 20.33 27.49 -24.61
N VAL M 227 20.29 26.89 -23.43
CA VAL M 227 20.01 25.47 -23.29
C VAL M 227 18.68 25.15 -23.96
N ARG M 228 17.79 26.14 -24.03
CA ARG M 228 16.50 25.94 -24.69
C ARG M 228 16.67 25.75 -26.19
N GLN M 229 17.60 26.50 -26.80
CA GLN M 229 17.76 26.49 -28.25
C GLN M 229 18.64 25.34 -28.75
N ILE M 230 19.33 24.63 -27.86
CA ILE M 230 20.18 23.51 -28.26
C ILE M 230 19.24 22.32 -28.50
N LYS M 231 18.88 22.09 -29.77
CA LYS M 231 17.98 21.03 -30.17
C LYS M 231 18.77 19.90 -30.82
N GLY M 232 18.05 18.89 -31.32
CA GLY M 232 18.70 17.76 -31.95
C GLY M 232 19.35 18.09 -33.28
N ASP M 233 18.95 19.18 -33.93
CA ASP M 233 19.53 19.54 -35.22
C ASP M 233 20.99 19.96 -35.09
N PHE M 234 21.41 20.43 -33.91
CA PHE M 234 22.77 20.91 -33.70
C PHE M 234 23.73 19.80 -33.30
N LEU M 235 23.26 18.56 -33.20
CA LEU M 235 24.13 17.48 -32.77
C LEU M 235 25.29 17.31 -33.72
N GLY M 236 26.50 17.18 -33.17
CA GLY M 236 27.68 16.97 -33.98
C GLY M 236 28.31 18.22 -34.54
N GLN M 237 27.99 19.38 -33.99
CA GLN M 237 28.52 20.65 -34.47
C GLN M 237 29.25 21.37 -33.33
N LEU M 238 30.02 22.38 -33.71
CA LEU M 238 30.74 23.22 -32.77
C LEU M 238 29.91 24.47 -32.51
N ILE M 239 29.38 24.59 -31.30
CA ILE M 239 28.46 25.66 -30.93
C ILE M 239 28.91 26.26 -29.60
N THR M 240 28.34 27.43 -29.28
CA THR M 240 28.61 28.12 -28.04
C THR M 240 27.34 28.21 -27.21
N VAL M 241 27.48 28.07 -25.89
CA VAL M 241 26.35 28.08 -24.97
C VAL M 241 26.64 29.08 -23.86
N ARG M 242 25.65 29.91 -23.56
CA ARG M 242 25.75 30.91 -22.50
C ARG M 242 24.85 30.50 -21.34
N GLY M 243 25.42 30.47 -20.14
CA GLY M 243 24.66 30.04 -18.98
C GLY M 243 25.48 30.18 -17.72
N ILE M 244 24.93 29.66 -16.63
CA ILE M 244 25.55 29.73 -15.31
C ILE M 244 25.83 28.31 -14.84
N ILE M 245 27.06 28.07 -14.39
CA ILE M 245 27.43 26.75 -13.89
C ILE M 245 26.78 26.54 -12.53
N THR M 246 26.17 25.36 -12.34
CA THR M 246 25.46 25.06 -11.11
C THR M 246 25.94 23.78 -10.44
N ARG M 247 26.94 23.10 -10.98
CA ARG M 247 27.47 21.89 -10.36
C ARG M 247 28.76 21.50 -11.05
N VAL M 248 29.76 21.11 -10.26
CA VAL M 248 31.04 20.64 -10.76
C VAL M 248 31.43 19.39 -9.99
N SER M 249 32.21 18.54 -10.63
CA SER M 249 32.63 17.27 -10.05
C SER M 249 34.14 17.25 -9.87
N ASP M 250 34.60 16.33 -9.03
CA ASP M 250 36.02 16.19 -8.76
C ASP M 250 36.73 15.58 -9.96
N VAL M 251 37.99 15.97 -10.17
CA VAL M 251 38.76 15.44 -11.29
C VAL M 251 38.96 13.95 -11.07
N LYS M 252 38.63 13.15 -12.10
CA LYS M 252 38.82 11.72 -12.06
C LYS M 252 39.53 11.26 -13.32
N PRO M 253 40.32 10.19 -13.25
CA PRO M 253 41.05 9.73 -14.44
C PRO M 253 40.17 8.84 -15.31
N ALA M 254 39.95 9.26 -16.55
CA ALA M 254 39.23 8.48 -17.53
C ALA M 254 40.24 7.78 -18.44
N VAL M 255 40.19 6.46 -18.48
CA VAL M 255 41.20 5.70 -19.21
C VAL M 255 40.95 5.83 -20.70
N GLU M 256 42.04 5.99 -21.46
CA GLU M 256 41.98 6.10 -22.92
C GLU M 256 42.60 4.92 -23.63
N VAL M 257 43.72 4.39 -23.13
CA VAL M 257 44.39 3.25 -23.72
C VAL M 257 44.88 2.37 -22.57
N ILE M 258 44.35 1.15 -22.48
CA ILE M 258 44.75 0.23 -21.42
C ILE M 258 45.94 -0.59 -21.89
N ALA M 259 46.88 -0.84 -20.98
CA ALA M 259 48.06 -1.64 -21.27
C ALA M 259 48.05 -2.90 -20.43
N TYR M 260 48.23 -4.04 -21.08
CA TYR M 260 48.30 -5.34 -20.41
C TYR M 260 49.69 -5.93 -20.58
N THR M 261 50.01 -6.92 -19.75
CA THR M 261 51.28 -7.62 -19.80
C THR M 261 51.04 -9.12 -19.71
N CYS M 262 51.61 -9.87 -20.64
CA CYS M 262 51.50 -11.33 -20.63
C CYS M 262 52.62 -11.89 -19.76
N ASP M 263 52.25 -12.72 -18.78
CA ASP M 263 53.26 -13.30 -17.89
C ASP M 263 54.14 -14.32 -18.60
N GLN M 264 53.77 -14.74 -19.80
CA GLN M 264 54.54 -15.74 -20.55
C GLN M 264 55.41 -15.10 -21.64
N CYS M 265 54.79 -14.35 -22.55
CA CYS M 265 55.54 -13.76 -23.65
C CYS M 265 56.55 -12.74 -23.16
N GLY M 266 56.13 -11.89 -22.21
CA GLY M 266 56.83 -10.65 -21.97
C GLY M 266 56.41 -9.54 -22.91
N TYR M 267 55.26 -9.68 -23.56
CA TYR M 267 54.76 -8.74 -24.55
C TYR M 267 53.60 -7.95 -23.97
N GLU M 268 53.47 -6.70 -24.40
CA GLU M 268 52.42 -5.81 -23.92
C GLU M 268 51.35 -5.67 -24.99
N VAL M 269 50.09 -5.66 -24.55
CA VAL M 269 48.94 -5.55 -25.44
C VAL M 269 48.19 -4.29 -25.07
N PHE M 270 47.94 -3.44 -26.06
CA PHE M 270 47.26 -2.16 -25.85
C PHE M 270 45.87 -2.21 -26.44
N GLN M 271 44.88 -1.74 -25.67
CA GLN M 271 43.48 -1.72 -26.07
C GLN M 271 42.98 -0.29 -26.01
N GLU M 272 42.37 0.17 -27.10
CA GLU M 272 41.73 1.49 -27.11
C GLU M 272 40.32 1.40 -26.54
N VAL M 273 39.98 2.38 -25.71
CA VAL M 273 38.64 2.50 -25.14
C VAL M 273 38.09 3.86 -25.55
N ASN M 274 36.95 3.85 -26.22
CA ASN M 274 36.32 5.07 -26.73
C ASN M 274 34.82 5.04 -26.47
N SER M 275 34.43 4.58 -25.28
CA SER M 275 33.03 4.51 -24.91
C SER M 275 32.92 4.55 -23.39
N ARG M 276 31.68 4.67 -22.92
CA ARG M 276 31.45 4.73 -21.48
C ARG M 276 31.75 3.42 -20.78
N THR M 277 31.94 2.34 -21.53
CA THR M 277 32.19 1.03 -20.94
C THR M 277 33.05 0.20 -21.87
N PHE M 278 33.77 -0.77 -21.31
CA PHE M 278 34.66 -1.62 -22.08
C PHE M 278 34.77 -2.99 -21.40
N THR M 279 35.24 -3.98 -22.17
CA THR M 279 35.39 -5.33 -21.69
C THR M 279 36.88 -5.67 -21.62
N PRO M 280 37.42 -6.03 -20.45
CA PRO M 280 38.86 -6.30 -20.36
C PRO M 280 39.24 -7.56 -21.12
N LEU M 281 40.48 -7.57 -21.61
CA LEU M 281 41.00 -8.75 -22.29
C LEU M 281 41.44 -9.80 -21.28
N SER M 282 41.36 -11.06 -21.68
CA SER M 282 41.73 -12.18 -20.82
C SER M 282 42.92 -12.95 -21.35
N GLU M 283 42.88 -13.42 -22.59
CA GLU M 283 43.93 -14.23 -23.17
C GLU M 283 44.82 -13.40 -24.09
N CYS M 284 46.12 -13.69 -24.06
CA CYS M 284 47.07 -12.95 -24.89
C CYS M 284 46.80 -13.20 -26.37
N THR M 285 46.94 -12.15 -27.17
CA THR M 285 46.80 -12.23 -28.61
C THR M 285 48.12 -12.07 -29.35
N SER M 286 49.24 -12.10 -28.64
CA SER M 286 50.53 -11.90 -29.27
C SER M 286 50.85 -13.06 -30.21
N GLU M 287 51.67 -12.77 -31.22
CA GLU M 287 52.12 -13.80 -32.14
C GLU M 287 52.88 -14.91 -31.43
N GLU M 288 53.53 -14.60 -30.30
CA GLU M 288 54.20 -15.65 -29.53
C GLU M 288 53.19 -16.61 -28.93
N CYS M 289 52.12 -16.08 -28.32
CA CYS M 289 51.05 -16.93 -27.79
C CYS M 289 50.24 -17.60 -28.89
N SER M 290 50.42 -17.20 -30.15
CA SER M 290 49.71 -17.82 -31.26
C SER M 290 50.52 -18.97 -31.86
N GLN M 291 51.79 -18.70 -32.20
CA GLN M 291 52.64 -19.75 -32.75
C GLN M 291 52.80 -20.89 -31.76
N ASN M 292 53.05 -20.57 -30.49
CA ASN M 292 53.12 -21.59 -29.45
C ASN M 292 51.74 -21.99 -28.94
N GLN M 293 50.71 -21.19 -29.25
CA GLN M 293 49.35 -21.47 -28.78
C GLN M 293 49.31 -21.61 -27.27
N THR M 294 50.17 -20.87 -26.58
CA THR M 294 50.12 -20.83 -25.12
C THR M 294 48.93 -19.99 -24.66
N LYS M 295 48.28 -20.43 -23.59
CA LYS M 295 47.12 -19.73 -23.06
C LYS M 295 47.54 -18.73 -21.99
N GLY M 296 48.45 -17.83 -22.34
CA GLY M 296 48.90 -16.84 -21.38
C GLY M 296 47.78 -15.90 -20.98
N GLN M 297 47.85 -15.39 -19.75
CA GLN M 297 46.81 -14.52 -19.20
C GLN M 297 47.31 -13.08 -19.20
N LEU M 298 46.45 -12.18 -19.67
CA LEU M 298 46.77 -10.76 -19.64
C LEU M 298 46.31 -10.14 -18.33
N PHE M 299 47.15 -9.29 -17.74
CA PHE M 299 46.86 -8.62 -16.49
C PHE M 299 47.04 -7.13 -16.66
N MET M 300 46.08 -6.36 -16.16
CA MET M 300 46.11 -4.91 -16.35
C MET M 300 47.25 -4.29 -15.55
N SER M 301 47.86 -3.25 -16.13
CA SER M 301 48.96 -2.53 -15.51
C SER M 301 48.70 -1.04 -15.66
N THR M 302 48.34 -0.39 -14.55
CA THR M 302 48.01 1.03 -14.59
C THR M 302 49.23 1.93 -14.72
N ARG M 303 50.45 1.37 -14.57
CA ARG M 303 51.65 2.19 -14.69
C ARG M 303 51.96 2.56 -16.13
N ALA M 304 51.48 1.79 -17.10
CA ALA M 304 51.76 2.04 -18.51
C ALA M 304 50.56 2.53 -19.30
N SER M 305 49.37 2.56 -18.70
CA SER M 305 48.19 3.00 -19.41
C SER M 305 48.24 4.51 -19.65
N LYS M 306 47.25 5.02 -20.36
CA LYS M 306 47.10 6.44 -20.61
C LYS M 306 45.80 6.94 -19.97
N PHE M 307 45.89 8.05 -19.26
CA PHE M 307 44.75 8.63 -18.57
C PHE M 307 44.61 10.09 -18.96
N SER M 308 43.37 10.59 -18.89
CA SER M 308 43.07 11.99 -19.14
C SER M 308 42.13 12.49 -18.05
N ALA M 309 42.45 13.66 -17.49
CA ALA M 309 41.62 14.24 -16.44
C ALA M 309 40.19 14.45 -16.96
N PHE M 310 39.21 14.09 -16.12
CA PHE M 310 37.81 14.14 -16.51
C PHE M 310 37.01 14.91 -15.46
N GLN M 311 36.12 15.77 -15.92
CA GLN M 311 35.21 16.51 -15.05
C GLN M 311 33.84 16.58 -15.70
N GLU M 312 32.80 16.45 -14.89
CA GLU M 312 31.41 16.57 -15.35
C GLU M 312 30.77 17.74 -14.62
N CYS M 313 30.18 18.66 -15.39
CA CYS M 313 29.57 19.87 -14.85
C CYS M 313 28.16 20.03 -15.41
N LYS M 314 27.44 21.00 -14.85
CA LYS M 314 26.10 21.34 -15.31
C LYS M 314 26.05 22.84 -15.56
N ILE M 315 25.39 23.22 -16.64
CA ILE M 315 25.18 24.63 -17.00
C ILE M 315 23.68 24.87 -17.10
N GLN M 316 23.23 26.00 -16.55
CA GLN M 316 21.82 26.33 -16.50
C GLN M 316 21.59 27.68 -17.14
N GLU M 317 20.35 27.91 -17.57
CA GLU M 317 20.00 29.15 -18.24
C GLU M 317 19.94 30.30 -17.25
N LEU M 318 20.28 31.50 -17.72
CA LEU M 318 20.13 32.69 -16.91
C LEU M 318 18.66 33.06 -16.78
N SER M 319 18.36 33.95 -15.84
CA SER M 319 16.99 34.40 -15.65
C SER M 319 16.48 35.21 -16.84
N GLN M 320 17.36 35.66 -17.72
CA GLN M 320 16.99 36.49 -18.85
C GLN M 320 16.64 35.67 -20.10
N GLN M 321 16.70 34.34 -20.01
CA GLN M 321 16.43 33.49 -21.17
C GLN M 321 15.25 32.55 -20.99
N VAL M 322 14.66 32.47 -19.80
CA VAL M 322 13.54 31.57 -19.55
C VAL M 322 12.25 32.27 -19.98
N PRO M 323 11.48 31.69 -20.89
CA PRO M 323 10.18 32.29 -21.23
C PRO M 323 9.21 32.23 -20.06
N VAL M 324 8.27 33.18 -20.08
CA VAL M 324 7.28 33.24 -19.01
C VAL M 324 6.52 31.93 -18.93
N GLY M 325 6.35 31.43 -17.70
CA GLY M 325 5.65 30.18 -17.48
C GLY M 325 6.49 28.93 -17.68
N HIS M 326 7.80 29.08 -17.93
CA HIS M 326 8.68 27.95 -18.15
C HIS M 326 9.77 27.94 -17.09
N ILE M 327 10.32 26.76 -16.84
CA ILE M 327 11.34 26.56 -15.81
C ILE M 327 12.71 26.45 -16.49
N PRO M 328 13.79 26.84 -15.83
CA PRO M 328 15.12 26.73 -16.46
C PRO M 328 15.51 25.29 -16.69
N ARG M 329 16.30 25.08 -17.75
CA ARG M 329 16.81 23.78 -18.11
C ARG M 329 18.32 23.72 -17.88
N SER M 330 18.84 22.50 -17.80
CA SER M 330 20.25 22.25 -17.53
C SER M 330 20.86 21.38 -18.62
N LEU M 331 22.12 21.66 -18.93
CA LEU M 331 22.85 20.92 -19.95
C LEU M 331 24.16 20.41 -19.36
N ASN M 332 24.41 19.12 -19.50
CA ASN M 332 25.64 18.52 -18.99
C ASN M 332 26.82 18.92 -19.84
N ILE M 333 27.98 19.11 -19.20
CA ILE M 333 29.21 19.47 -19.88
C ILE M 333 30.29 18.48 -19.46
N HIS M 334 31.03 17.96 -20.42
CA HIS M 334 32.18 17.10 -20.16
C HIS M 334 33.46 17.86 -20.52
N VAL M 335 34.43 17.85 -19.60
CA VAL M 335 35.69 18.53 -19.78
C VAL M 335 36.80 17.49 -19.73
N ASN M 336 37.65 17.48 -20.75
CA ASN M 336 38.75 16.53 -20.84
C ASN M 336 40.02 17.29 -21.19
N GLY M 337 41.16 16.77 -20.71
CA GLY M 337 42.45 17.35 -21.03
C GLY M 337 42.84 18.41 -20.04
N THR M 338 43.31 19.57 -20.54
CA THR M 338 43.81 20.63 -19.69
C THR M 338 42.74 21.66 -19.33
N LEU M 339 41.60 21.65 -20.01
CA LEU M 339 40.53 22.58 -19.67
C LEU M 339 39.91 22.26 -18.32
N VAL M 340 40.19 21.09 -17.74
CA VAL M 340 39.65 20.75 -16.45
C VAL M 340 40.05 21.81 -15.43
N ARG M 341 39.16 22.07 -14.48
CA ARG M 341 39.32 23.03 -13.38
C ARG M 341 39.13 24.47 -13.84
N SER M 342 38.80 24.71 -15.11
CA SER M 342 38.53 26.06 -15.59
C SER M 342 37.11 26.51 -15.34
N LEU M 343 36.23 25.61 -14.92
CA LEU M 343 34.85 25.93 -14.59
C LEU M 343 34.61 25.69 -13.11
N SER M 344 34.00 26.65 -12.44
CA SER M 344 33.70 26.55 -11.03
C SER M 344 32.23 26.85 -10.78
N PRO M 345 31.64 26.35 -9.70
CA PRO M 345 30.22 26.58 -9.45
C PRO M 345 29.92 28.06 -9.32
N GLY M 346 28.71 28.43 -9.75
CA GLY M 346 28.28 29.81 -9.67
C GLY M 346 29.13 30.74 -10.51
N ASP M 347 29.07 30.59 -11.82
CA ASP M 347 29.87 31.39 -12.73
C ASP M 347 29.16 31.48 -14.07
N ILE M 348 29.24 32.65 -14.70
CA ILE M 348 28.65 32.89 -16.01
C ILE M 348 29.75 32.74 -17.04
N VAL M 349 29.57 31.83 -18.00
CA VAL M 349 30.60 31.48 -18.97
C VAL M 349 30.00 31.36 -20.36
N ASP M 350 30.86 31.44 -21.36
CA ASP M 350 30.53 31.17 -22.76
C ASP M 350 31.38 30.00 -23.20
N VAL M 351 30.81 28.79 -23.17
CA VAL M 351 31.54 27.55 -23.41
C VAL M 351 31.25 27.08 -24.81
N THR M 352 32.31 26.81 -25.58
CA THR M 352 32.20 26.28 -26.93
C THR M 352 32.65 24.81 -26.90
N GLY M 353 31.84 23.94 -27.50
CA GLY M 353 32.16 22.53 -27.49
C GLY M 353 31.39 21.79 -28.57
N ILE M 354 31.62 20.49 -28.63
CA ILE M 354 30.98 19.61 -29.59
C ILE M 354 29.79 18.95 -28.91
N PHE M 355 28.61 19.09 -29.53
CA PHE M 355 27.38 18.51 -28.99
C PHE M 355 27.25 17.10 -29.57
N LEU M 356 27.50 16.09 -28.73
CA LEU M 356 27.53 14.70 -29.13
C LEU M 356 26.57 13.87 -28.32
N PRO M 357 26.10 12.75 -28.85
CA PRO M 357 25.31 11.80 -28.06
C PRO M 357 26.21 10.80 -27.36
N ALA M 358 25.60 10.03 -26.46
CA ALA M 358 26.30 9.01 -25.68
C ALA M 358 25.57 7.69 -25.86
N PRO M 359 25.88 6.95 -26.94
CA PRO M 359 25.16 5.70 -27.19
C PRO M 359 25.28 4.73 -26.02
N TYR M 360 24.18 4.06 -25.72
CA TYR M 360 24.17 3.08 -24.65
C TYR M 360 24.82 1.77 -25.11
N THR M 361 25.23 0.96 -24.14
CA THR M 361 25.93 -0.29 -24.42
C THR M 361 25.29 -1.41 -23.61
N GLY M 362 25.47 -2.64 -24.09
CA GLY M 362 24.93 -3.79 -23.41
C GLY M 362 23.43 -3.93 -23.61
N PHE M 363 22.79 -4.63 -22.67
CA PHE M 363 21.35 -4.83 -22.75
C PHE M 363 20.60 -3.51 -22.65
N LYS M 364 21.19 -2.51 -21.98
CA LYS M 364 20.52 -1.23 -21.83
C LYS M 364 20.16 -0.63 -23.19
N ALA M 365 20.97 -0.90 -24.21
CA ALA M 365 20.70 -0.35 -25.53
C ALA M 365 19.37 -0.83 -26.08
N LEU M 366 19.07 -2.12 -25.89
CA LEU M 366 17.84 -2.68 -26.45
C LEU M 366 16.60 -2.12 -25.75
N LYS M 367 16.63 -2.05 -24.41
CA LYS M 367 15.48 -1.60 -23.64
C LYS M 367 15.39 -0.08 -23.54
N ALA M 368 16.48 0.64 -23.83
CA ALA M 368 16.45 2.10 -23.70
C ALA M 368 15.58 2.72 -24.79
N GLY M 369 15.70 2.25 -26.01
CA GLY M 369 14.98 2.82 -27.13
C GLY M 369 15.87 3.71 -27.98
N LEU M 370 15.20 4.50 -28.83
CA LEU M 370 15.93 5.38 -29.73
C LEU M 370 16.31 6.71 -29.08
N LEU M 371 15.75 7.03 -27.92
CA LEU M 371 16.11 8.27 -27.25
C LEU M 371 17.59 8.25 -26.88
N THR M 372 18.28 9.36 -27.15
CA THR M 372 19.72 9.46 -26.97
C THR M 372 20.05 10.48 -25.90
N GLU M 373 20.91 10.10 -24.95
CA GLU M 373 21.42 11.02 -23.96
C GLU M 373 22.63 11.75 -24.54
N THR M 374 22.58 13.08 -24.53
CA THR M 374 23.61 13.89 -25.14
C THR M 374 24.41 14.64 -24.07
N TYR M 375 25.47 15.31 -24.52
CA TYR M 375 26.34 16.06 -23.64
C TYR M 375 27.16 17.01 -24.49
N LEU M 376 27.91 17.88 -23.83
CA LEU M 376 28.76 18.87 -24.49
C LEU M 376 30.22 18.59 -24.12
N GLU M 377 31.09 18.54 -25.14
CA GLU M 377 32.52 18.34 -24.95
C GLU M 377 33.19 19.71 -25.01
N ALA M 378 33.53 20.25 -23.85
CA ALA M 378 34.08 21.60 -23.78
C ALA M 378 35.36 21.70 -24.59
N GLN M 379 35.50 22.81 -25.33
CA GLN M 379 36.69 23.05 -26.14
C GLN M 379 37.30 24.41 -25.81
N PHE M 380 36.46 25.36 -25.41
CA PHE M 380 36.91 26.71 -25.10
C PHE M 380 35.96 27.31 -24.07
N VAL M 381 36.52 28.12 -23.17
CA VAL M 381 35.74 28.76 -22.11
C VAL M 381 36.12 30.24 -22.07
N ARG M 382 35.10 31.11 -22.09
CA ARG M 382 35.27 32.55 -21.96
C ARG M 382 34.50 33.01 -20.73
N GLN M 383 35.15 33.83 -19.90
CA GLN M 383 34.60 34.25 -18.63
C GLN M 383 34.03 35.66 -18.74
N HIS M 384 32.80 35.84 -18.25
CA HIS M 384 32.16 37.15 -18.21
C HIS M 384 32.54 37.81 -16.90
N LYS M 385 33.60 38.62 -16.93
CA LYS M 385 34.08 39.30 -15.74
C LYS M 385 32.98 40.17 -15.13
N ASP M 409 44.04 65.79 1.86
CA ASP M 409 42.78 65.76 2.63
C ASP M 409 42.05 64.47 2.30
N VAL M 410 42.77 63.44 1.89
CA VAL M 410 42.12 62.18 1.46
C VAL M 410 40.98 61.89 2.45
N TYR M 411 41.14 62.19 3.72
CA TYR M 411 40.12 61.80 4.71
C TYR M 411 38.79 62.39 4.33
N ASN M 412 38.70 63.71 4.14
CA ASN M 412 37.42 64.41 3.83
C ASN M 412 36.90 63.96 2.48
N ARG M 413 37.74 63.81 1.47
CA ARG M 413 37.34 63.42 0.09
C ARG M 413 36.78 62.01 0.06
N LEU M 414 37.47 61.06 0.66
CA LEU M 414 37.04 59.65 0.64
C LEU M 414 35.90 59.46 1.67
N ALA M 415 35.47 60.51 2.35
CA ALA M 415 34.34 60.45 3.32
C ALA M 415 33.08 60.98 2.65
N LYS M 416 33.15 62.14 2.01
CA LYS M 416 32.00 62.75 1.31
C LYS M 416 31.62 61.89 0.11
N SER M 417 32.39 60.83 -0.18
CA SER M 417 32.13 59.90 -1.31
C SER M 417 31.61 58.55 -0.82
N ILE M 418 31.07 58.43 0.40
CA ILE M 418 30.49 57.15 0.89
C ILE M 418 29.16 56.96 0.17
N ALA M 419 28.41 58.01 -0.06
CA ALA M 419 27.14 57.95 -0.82
C ALA M 419 26.89 59.35 -1.34
N PRO M 420 27.65 59.82 -2.35
CA PRO M 420 27.51 61.20 -2.79
C PRO M 420 26.05 61.66 -2.79
N GLU M 421 25.09 60.83 -3.21
CA GLU M 421 23.66 61.21 -3.30
C GLU M 421 23.13 61.72 -1.95
N ILE M 422 23.37 61.03 -0.83
CA ILE M 422 22.97 61.50 0.52
C ILE M 422 23.65 62.85 0.73
N TYR M 423 23.03 63.79 1.45
CA TYR M 423 23.55 65.18 1.58
C TYR M 423 24.31 65.40 2.87
N GLY M 424 23.65 65.30 4.00
CA GLY M 424 24.25 65.62 5.29
C GLY M 424 25.02 64.46 5.89
N ASN M 425 25.23 64.55 7.20
CA ASN M 425 25.87 63.48 7.97
C ASN M 425 27.31 63.25 7.50
N LEU M 426 28.13 64.30 7.61
CA LEU M 426 29.53 64.19 7.22
C LEU M 426 30.32 63.34 8.22
N ASP M 427 30.15 63.62 9.51
CA ASP M 427 30.89 62.86 10.53
C ASP M 427 30.49 61.39 10.50
N VAL M 428 29.21 61.11 10.31
CA VAL M 428 28.76 59.74 10.18
C VAL M 428 29.46 59.07 9.02
N LYS M 429 29.56 59.76 7.89
CA LYS M 429 30.23 59.19 6.72
C LYS M 429 31.71 58.93 7.00
N LYS M 430 32.35 59.82 7.76
CA LYS M 430 33.72 59.56 8.18
C LYS M 430 33.80 58.27 8.99
N ALA M 431 32.86 58.07 9.91
CA ALA M 431 32.85 56.85 10.71
C ALA M 431 32.66 55.61 9.84
N LEU M 432 31.77 55.68 8.86
CA LEU M 432 31.58 54.54 7.95
C LEU M 432 32.84 54.28 7.13
N LEU M 433 33.55 55.32 6.72
CA LEU M 433 34.81 55.10 6.03
C LEU M 433 35.80 54.37 6.94
N LEU M 434 35.88 54.79 8.20
CA LEU M 434 36.75 54.09 9.15
C LEU M 434 36.34 52.63 9.28
N LEU M 435 35.03 52.36 9.31
CA LEU M 435 34.55 50.99 9.32
C LEU M 435 35.04 50.23 8.09
N LEU M 436 34.93 50.84 6.92
CA LEU M 436 35.38 50.19 5.69
C LEU M 436 36.85 49.80 5.80
N VAL M 437 37.69 50.74 6.23
CA VAL M 437 39.11 50.42 6.33
C VAL M 437 39.33 49.26 7.29
N GLY M 438 38.44 49.09 8.26
CA GLY M 438 38.60 48.04 9.23
C GLY M 438 39.93 48.17 9.95
N GLY M 439 40.25 49.41 10.34
CA GLY M 439 41.56 49.72 10.88
C GLY M 439 41.95 48.92 12.10
N VAL M 440 42.88 47.99 11.94
CA VAL M 440 43.45 47.25 13.05
C VAL M 440 44.71 46.55 12.56
N ASP M 441 45.56 46.17 13.50
CA ASP M 441 46.80 45.44 13.25
C ASP M 441 46.81 44.18 14.08
N LYS M 442 45.75 43.38 13.96
CA LYS M 442 45.37 42.36 14.94
C LYS M 442 46.58 41.76 15.64
N ARG M 443 46.56 41.78 16.97
CA ARG M 443 47.70 41.39 17.78
C ARG M 443 47.40 40.06 18.46
N VAL M 444 48.30 39.09 18.26
CA VAL M 444 48.23 37.80 18.91
C VAL M 444 49.60 37.53 19.54
N GLY M 445 49.63 37.43 20.87
CA GLY M 445 50.88 37.20 21.56
C GLY M 445 51.08 35.73 21.90
N ASP M 446 50.92 35.39 23.18
CA ASP M 446 51.00 34.00 23.63
C ASP M 446 49.64 33.32 23.66
N GLY M 447 48.67 33.84 22.92
CA GLY M 447 47.34 33.26 22.88
C GLY M 447 46.23 34.29 22.90
N MET M 448 46.49 35.44 23.51
CA MET M 448 45.46 36.47 23.61
C MET M 448 45.10 36.99 22.22
N LYS M 449 43.80 37.13 21.98
CA LYS M 449 43.29 37.66 20.72
C LYS M 449 42.41 38.88 21.01
N ILE M 450 42.71 39.98 20.34
CA ILE M 450 41.95 41.22 20.45
C ILE M 450 41.19 41.41 19.14
N ARG M 451 39.88 41.62 19.24
CA ARG M 451 39.07 41.80 18.04
C ARG M 451 39.56 43.00 17.27
N GLY M 452 39.48 42.90 15.94
CA GLY M 452 39.92 43.97 15.07
C GLY M 452 38.82 44.50 14.19
N ASP M 453 37.63 44.64 14.75
CA ASP M 453 36.45 45.07 14.02
C ASP M 453 35.81 46.26 14.70
N ILE M 454 35.50 47.29 13.92
CA ILE M 454 34.96 48.55 14.45
C ILE M 454 33.45 48.49 14.23
N ASN M 455 32.74 47.99 15.24
CA ASN M 455 31.29 47.96 15.18
C ASN M 455 30.72 49.37 15.38
N VAL M 456 29.59 49.63 14.73
CA VAL M 456 28.95 50.93 14.79
C VAL M 456 27.45 50.75 14.63
N CYS M 457 26.69 51.61 15.31
CA CYS M 457 25.23 51.60 15.25
C CYS M 457 24.73 52.99 14.89
N LEU M 458 23.55 53.03 14.27
CA LEU M 458 22.92 54.28 13.82
C LEU M 458 21.47 54.28 14.26
N MET M 459 21.21 54.87 15.43
CA MET M 459 19.84 55.04 15.92
C MET M 459 19.29 56.38 15.45
N GLY M 460 18.00 56.58 15.70
CA GLY M 460 17.35 57.83 15.35
C GLY M 460 15.86 57.72 15.16
N ASP M 461 15.33 58.43 14.17
CA ASP M 461 13.92 58.42 13.85
C ASP M 461 13.74 58.19 12.35
N PRO M 462 12.59 57.67 11.93
CA PRO M 462 12.41 57.40 10.50
C PRO M 462 12.50 58.68 9.68
N GLY M 463 13.11 58.56 8.50
CA GLY M 463 13.25 59.69 7.60
C GLY M 463 14.68 60.07 7.32
N VAL M 464 15.54 60.04 8.34
CA VAL M 464 16.95 60.30 8.13
C VAL M 464 17.54 59.17 7.30
N ALA M 465 18.52 59.50 6.47
CA ALA M 465 19.05 58.55 5.50
C ALA M 465 19.92 57.49 6.17
N LYS M 466 19.29 56.44 6.70
CA LYS M 466 20.02 55.32 7.29
C LYS M 466 20.09 54.13 6.35
N SER M 467 18.93 53.66 5.87
CA SER M 467 18.91 52.48 5.01
C SER M 467 19.65 52.73 3.71
N GLN M 468 19.47 53.91 3.11
CA GLN M 468 20.23 54.25 1.91
C GLN M 468 21.71 54.25 2.20
N LEU M 469 22.11 54.88 3.31
CA LEU M 469 23.50 54.82 3.72
C LEU M 469 23.95 53.38 3.93
N LEU M 470 23.10 52.56 4.55
CA LEU M 470 23.49 51.18 4.85
C LEU M 470 23.77 50.41 3.56
N LYS M 471 22.87 50.52 2.58
CA LYS M 471 23.09 49.77 1.35
C LYS M 471 24.26 50.32 0.55
N ALA M 472 24.47 51.64 0.55
CA ALA M 472 25.64 52.18 -0.16
C ALA M 472 26.94 51.70 0.49
N ILE M 473 27.07 51.91 1.81
CA ILE M 473 28.29 51.50 2.52
C ILE M 473 28.49 50.01 2.38
N CYS M 474 27.41 49.24 2.23
CA CYS M 474 27.49 47.80 2.25
C CYS M 474 27.73 47.22 0.87
N LYS M 475 27.41 47.98 -0.18
CA LYS M 475 27.84 47.67 -1.54
C LYS M 475 29.29 48.07 -1.80
N ILE M 476 29.78 49.12 -1.15
CA ILE M 476 31.14 49.58 -1.43
C ILE M 476 32.15 48.46 -1.18
N SER M 477 31.98 47.73 -0.07
CA SER M 477 32.97 46.72 0.27
C SER M 477 32.93 45.58 -0.75
N PRO M 478 34.05 44.89 -1.00
CA PRO M 478 34.01 43.74 -1.90
C PRO M 478 33.05 42.66 -1.44
N ARG M 479 32.87 42.48 -0.13
CA ARG M 479 31.97 41.44 0.44
C ARG M 479 30.99 42.06 1.43
N GLY M 480 29.69 41.79 1.32
CA GLY M 480 28.69 42.37 2.20
C GLY M 480 27.41 41.57 2.13
N VAL M 481 26.60 41.72 3.18
CA VAL M 481 25.34 41.00 3.28
C VAL M 481 24.29 41.87 3.94
N TYR M 482 23.27 42.28 3.18
CA TYR M 482 22.20 43.12 3.69
C TYR M 482 21.05 42.24 4.13
N THR M 483 20.67 42.36 5.41
CA THR M 483 19.60 41.54 5.95
C THR M 483 18.88 42.33 7.05
N THR M 484 17.65 41.92 7.33
CA THR M 484 16.88 42.53 8.39
C THR M 484 17.28 41.94 9.74
N GLY M 485 16.79 42.57 10.82
CA GLY M 485 17.07 42.06 12.15
C GLY M 485 16.55 40.66 12.39
N LYS M 486 15.51 40.25 11.65
CA LYS M 486 15.00 38.90 11.81
C LYS M 486 16.05 37.86 11.42
N GLY M 487 16.78 38.10 10.34
CA GLY M 487 17.82 37.21 9.88
C GLY M 487 17.64 36.85 8.42
N SER M 488 18.50 35.94 7.95
CA SER M 488 18.48 35.48 6.58
C SER M 488 17.45 34.36 6.45
N SER M 489 16.20 34.75 6.19
CA SER M 489 15.12 33.78 5.96
C SER M 489 14.88 33.02 7.26
N GLY M 490 14.69 31.70 7.21
CA GLY M 490 14.33 30.97 8.41
C GLY M 490 15.40 31.01 9.47
N VAL M 491 16.66 30.83 9.08
CA VAL M 491 17.76 30.81 10.03
C VAL M 491 18.07 32.23 10.47
N GLY M 492 18.15 32.45 11.78
CA GLY M 492 18.28 33.78 12.32
C GLY M 492 19.71 34.21 12.63
N LEU M 493 20.21 35.18 11.86
CA LEU M 493 21.50 35.82 12.11
C LEU M 493 22.59 34.82 12.48
N THR M 494 22.69 34.47 13.76
CA THR M 494 23.83 33.70 14.25
C THR M 494 23.88 32.31 13.63
N ALA M 495 22.91 31.46 13.96
CA ALA M 495 22.89 30.09 13.46
C ALA M 495 21.67 29.39 14.04
N ALA M 496 21.33 28.24 13.47
CA ALA M 496 20.23 27.43 13.96
C ALA M 496 20.35 26.03 13.40
N VAL M 497 19.93 25.05 14.19
CA VAL M 497 19.96 23.64 13.81
C VAL M 497 18.55 23.21 13.43
N MET M 498 18.41 22.63 12.25
CA MET M 498 17.11 22.23 11.72
C MET M 498 17.13 20.76 11.34
N LYS M 499 15.99 20.10 11.52
CA LYS M 499 15.85 18.70 11.12
C LYS M 499 15.84 18.61 9.60
N ASP M 500 16.63 17.69 9.06
CA ASP M 500 16.73 17.57 7.61
C ASP M 500 15.41 17.04 7.05
N PRO M 501 14.84 17.69 6.03
CA PRO M 501 13.55 17.20 5.50
C PRO M 501 13.61 15.76 5.00
N VAL M 502 14.73 15.35 4.41
CA VAL M 502 14.83 14.05 3.75
C VAL M 502 15.61 13.05 4.60
N THR M 503 16.79 13.42 5.08
CA THR M 503 17.63 12.50 5.85
C THR M 503 17.26 12.47 7.33
N ASP M 504 16.43 13.41 7.80
CA ASP M 504 16.00 13.43 9.19
C ASP M 504 17.19 13.46 10.14
N GLU M 505 18.24 14.20 9.75
CA GLU M 505 19.43 14.38 10.56
C GLU M 505 19.58 15.85 10.91
N MET M 506 19.80 16.14 12.19
CA MET M 506 19.99 17.51 12.62
C MET M 506 21.23 18.10 11.96
N ILE M 507 21.02 19.15 11.17
CA ILE M 507 22.09 19.79 10.40
C ILE M 507 22.14 21.25 10.80
N LEU M 508 23.35 21.74 11.10
CA LEU M 508 23.54 23.14 11.45
C LEU M 508 23.70 23.96 10.18
N GLU M 509 22.87 24.99 10.03
CA GLU M 509 22.96 25.91 8.91
C GLU M 509 23.27 27.30 9.45
N GLY M 510 24.35 27.89 8.96
CA GLY M 510 24.73 29.22 9.41
C GLY M 510 23.75 30.27 8.94
N GLY M 511 23.75 31.40 9.65
CA GLY M 511 22.87 32.51 9.36
C GLY M 511 23.60 33.67 8.71
N ALA M 512 23.01 34.85 8.85
CA ALA M 512 23.52 36.02 8.14
C ALA M 512 24.96 36.35 8.55
N LEU M 513 25.26 36.22 9.85
CA LEU M 513 26.58 36.64 10.33
C LEU M 513 27.70 35.87 9.65
N VAL M 514 27.55 34.55 9.54
CA VAL M 514 28.62 33.73 8.98
C VAL M 514 28.84 34.06 7.51
N LEU M 515 27.77 34.38 6.77
CA LEU M 515 27.93 34.71 5.36
C LEU M 515 28.78 35.95 5.16
N ALA M 516 28.95 36.77 6.20
CA ALA M 516 29.73 37.99 6.12
C ALA M 516 31.15 37.81 6.66
N ASP M 517 31.60 36.57 6.84
CA ASP M 517 32.94 36.34 7.35
C ASP M 517 33.95 37.02 6.44
N ASN M 518 34.94 37.66 7.06
CA ASN M 518 35.95 38.44 6.33
C ASN M 518 35.31 39.61 5.59
N GLY M 519 34.22 40.14 6.14
CA GLY M 519 33.53 41.26 5.52
C GLY M 519 32.68 41.98 6.54
N ILE M 520 31.88 42.92 6.06
CA ILE M 520 31.00 43.73 6.91
C ILE M 520 29.58 43.22 6.73
N CYS M 521 28.99 42.69 7.81
CA CYS M 521 27.58 42.35 7.78
C CYS M 521 26.76 43.63 7.85
N CYS M 522 25.54 43.56 7.30
CA CYS M 522 24.74 44.75 7.03
C CYS M 522 23.34 44.49 7.58
N ILE M 523 23.01 45.08 8.72
CA ILE M 523 21.79 44.79 9.44
C ILE M 523 20.92 46.04 9.50
N ASP M 524 19.65 45.89 9.13
CA ASP M 524 18.63 46.92 9.29
C ASP M 524 17.51 46.36 10.15
N GLU M 525 16.78 47.26 10.80
CA GLU M 525 15.76 46.88 11.78
C GLU M 525 16.39 46.04 12.89
N PHE M 526 17.46 46.58 13.49
CA PHE M 526 18.19 45.87 14.52
C PHE M 526 17.32 45.57 15.74
N ASP M 527 16.20 46.27 15.89
CA ASP M 527 15.35 46.08 17.05
C ASP M 527 14.64 44.73 17.02
N LYS M 528 14.32 44.23 15.83
CA LYS M 528 13.44 43.07 15.67
C LYS M 528 14.13 41.74 15.95
N MET M 529 15.31 41.74 16.57
CA MET M 529 15.96 40.47 16.91
C MET M 529 15.19 39.74 17.99
N ASP M 530 15.19 38.40 17.91
CA ASP M 530 14.56 37.59 18.94
C ASP M 530 15.51 37.44 20.13
N GLU M 531 15.07 36.69 21.15
CA GLU M 531 15.89 36.51 22.34
C GLU M 531 17.19 35.81 22.01
N SER M 532 17.14 34.77 21.18
CA SER M 532 18.33 33.98 20.88
C SER M 532 19.43 34.86 20.29
N ASP M 533 19.08 35.67 19.28
CA ASP M 533 20.08 36.56 18.70
C ASP M 533 20.44 37.70 19.67
N ARG M 534 19.46 38.19 20.43
CA ARG M 534 19.76 39.22 21.42
C ARG M 534 20.87 38.78 22.36
N THR M 535 20.91 37.50 22.70
CA THR M 535 21.94 36.98 23.61
C THR M 535 23.19 36.49 22.88
N ALA M 536 23.04 35.93 21.67
CA ALA M 536 24.18 35.34 20.98
C ALA M 536 24.98 36.35 20.18
N ILE M 537 24.44 37.54 19.92
CA ILE M 537 25.22 38.56 19.23
C ILE M 537 26.36 39.05 20.08
N HIS M 538 26.27 38.88 21.40
CA HIS M 538 27.38 39.27 22.27
C HIS M 538 28.62 38.44 21.98
N GLU M 539 28.44 37.14 21.72
CA GLU M 539 29.58 36.28 21.40
C GLU M 539 30.35 36.83 20.21
N VAL M 540 29.65 37.08 19.10
CA VAL M 540 30.31 37.54 17.89
C VAL M 540 30.99 38.88 18.13
N MET M 541 30.31 39.80 18.82
CA MET M 541 30.87 41.12 19.04
C MET M 541 32.13 41.05 19.89
N GLU M 542 32.15 40.18 20.91
CA GLU M 542 33.30 40.08 21.78
C GLU M 542 34.37 39.16 21.16
N GLN M 543 34.03 37.91 20.94
CA GLN M 543 34.94 36.93 20.36
C GLN M 543 34.42 36.53 18.98
N GLN M 544 35.26 36.66 17.96
CA GLN M 544 34.85 36.45 16.58
C GLN M 544 34.65 34.95 16.34
N THR M 545 33.55 34.44 16.87
CA THR M 545 33.19 33.03 16.71
C THR M 545 31.80 32.81 17.29
N ILE M 546 31.06 31.88 16.69
CA ILE M 546 29.76 31.45 17.18
C ILE M 546 29.89 30.01 17.65
N SER M 547 29.49 29.76 18.89
CA SER M 547 29.62 28.45 19.52
C SER M 547 28.23 27.89 19.79
N ILE M 548 27.95 26.71 19.26
CA ILE M 548 26.68 26.03 19.45
C ILE M 548 26.96 24.62 19.94
N SER M 549 26.26 24.21 21.00
CA SER M 549 26.39 22.88 21.60
C SER M 549 25.02 22.24 21.73
N LYS M 550 24.25 22.29 20.66
CA LYS M 550 22.87 21.79 20.66
C LYS M 550 22.90 20.27 20.43
N ALA M 551 21.73 19.71 20.10
CA ALA M 551 21.53 18.27 20.12
C ALA M 551 22.68 17.47 19.53
N GLY M 552 22.98 17.69 18.25
CA GLY M 552 23.96 16.86 17.56
C GLY M 552 25.23 17.57 17.20
N ILE M 553 25.21 18.90 17.21
CA ILE M 553 26.34 19.71 16.75
C ILE M 553 26.96 20.40 17.96
N ASN M 554 28.25 20.16 18.17
CA ASN M 554 29.01 20.76 19.26
C ASN M 554 30.23 21.49 18.73
N THR M 555 30.09 22.13 17.57
CA THR M 555 31.18 22.83 16.91
C THR M 555 31.02 24.33 17.10
N THR M 556 31.99 25.08 16.58
CA THR M 556 31.99 26.55 16.66
C THR M 556 32.13 27.12 15.26
N LEU M 557 31.27 28.05 14.91
CA LEU M 557 31.28 28.69 13.60
C LEU M 557 32.22 29.88 13.63
N ASN M 558 33.06 30.00 12.61
CA ASN M 558 34.03 31.08 12.51
C ASN M 558 33.40 32.25 11.77
N ALA M 559 33.24 33.38 12.46
CA ALA M 559 32.60 34.58 11.89
C ALA M 559 33.39 35.80 12.33
N ARG M 560 34.36 36.20 11.51
CA ARG M 560 35.16 37.39 11.77
C ARG M 560 34.60 38.57 10.96
N THR M 561 33.40 38.98 11.36
CA THR M 561 32.64 40.01 10.63
C THR M 561 32.33 41.18 11.55
N SER M 562 32.64 42.39 11.09
CA SER M 562 32.20 43.60 11.78
C SER M 562 30.73 43.86 11.47
N ILE M 563 30.04 44.46 12.44
CA ILE M 563 28.59 44.61 12.40
C ILE M 563 28.24 46.08 12.26
N LEU M 564 27.36 46.39 11.32
CA LEU M 564 26.74 47.71 11.19
C LEU M 564 25.25 47.53 11.36
N ALA M 565 24.65 48.30 12.27
CA ALA M 565 23.26 48.11 12.65
C ALA M 565 22.54 49.45 12.72
N ALA M 566 21.23 49.39 12.58
CA ALA M 566 20.38 50.57 12.67
C ALA M 566 19.01 50.15 13.21
N ALA M 567 18.30 51.11 13.78
CA ALA M 567 16.96 50.85 14.31
C ALA M 567 16.18 52.16 14.33
N ASN M 568 14.86 52.04 14.37
CA ASN M 568 13.97 53.18 14.37
C ASN M 568 12.79 52.92 15.29
N PRO M 569 12.17 53.97 15.82
CA PRO M 569 10.93 53.78 16.60
C PRO M 569 9.87 53.08 15.76
N LEU M 570 9.09 52.22 16.43
CA LEU M 570 8.10 51.43 15.72
C LEU M 570 6.97 52.28 15.17
N TYR M 571 6.58 53.34 15.87
CA TYR M 571 5.38 54.10 15.52
C TYR M 571 5.69 55.49 14.98
N GLY M 572 6.42 56.31 15.74
CA GLY M 572 6.62 57.70 15.37
C GLY M 572 8.06 58.14 15.42
N ARG M 573 8.30 59.30 16.01
CA ARG M 573 9.63 59.89 16.09
C ARG M 573 10.24 59.64 17.46
N TYR M 574 11.54 59.92 17.57
CA TYR M 574 12.24 59.77 18.82
C TYR M 574 11.84 60.89 19.79
N ASN M 575 12.00 60.59 21.08
CA ASN M 575 11.75 61.56 22.15
C ASN M 575 13.05 61.71 22.93
N PRO M 576 13.85 62.74 22.62
CA PRO M 576 15.14 62.88 23.31
C PRO M 576 15.01 62.95 24.82
N ARG M 577 13.91 63.51 25.33
CA ARG M 577 13.74 63.60 26.78
C ARG M 577 13.70 62.22 27.41
N LEU M 578 13.01 61.28 26.77
CA LEU M 578 12.95 59.91 27.29
C LEU M 578 14.25 59.19 27.02
N SER M 579 14.53 58.19 27.85
CA SER M 579 15.79 57.46 27.73
C SER M 579 15.85 56.70 26.42
N PRO M 580 17.05 56.46 25.88
CA PRO M 580 17.14 55.72 24.61
C PRO M 580 16.50 54.35 24.67
N LEU M 581 16.59 53.66 25.81
CA LEU M 581 15.96 52.36 25.94
C LEU M 581 14.44 52.44 26.03
N ASP M 582 13.89 53.65 26.18
CA ASP M 582 12.45 53.82 26.29
C ASP M 582 11.73 53.84 24.94
N ASN M 583 12.47 53.85 23.83
CA ASN M 583 11.87 53.88 22.51
C ASN M 583 12.15 52.63 21.67
N ILE M 584 13.16 51.84 22.01
CA ILE M 584 13.48 50.63 21.27
C ILE M 584 13.69 49.49 22.25
N ASN M 585 13.64 48.27 21.73
CA ASN M 585 13.68 47.07 22.57
C ASN M 585 15.10 46.59 22.86
N LEU M 586 16.12 47.18 22.26
CA LEU M 586 17.47 46.70 22.47
C LEU M 586 17.85 46.82 23.94
N PRO M 587 18.49 45.81 24.52
CA PRO M 587 18.88 45.89 25.93
C PRO M 587 20.04 46.87 26.11
N ALA M 588 20.20 47.31 27.36
CA ALA M 588 21.24 48.28 27.68
C ALA M 588 22.63 47.71 27.41
N ALA M 589 22.81 46.41 27.67
CA ALA M 589 24.14 45.81 27.50
C ALA M 589 24.60 45.87 26.05
N LEU M 590 23.68 45.60 25.11
CA LEU M 590 24.08 45.51 23.71
C LEU M 590 24.67 46.82 23.21
N LEU M 591 24.01 47.94 23.50
CA LEU M 591 24.48 49.22 22.99
C LEU M 591 25.86 49.59 23.52
N SER M 592 26.26 49.02 24.67
CA SER M 592 27.57 49.36 25.23
C SER M 592 28.70 48.85 24.34
N ARG M 593 28.55 47.66 23.78
CA ARG M 593 29.67 47.04 23.06
C ARG M 593 30.04 47.82 21.81
N PHE M 594 29.08 48.51 21.19
CA PHE M 594 29.36 49.22 19.95
C PHE M 594 30.46 50.25 20.15
N ASP M 595 31.42 50.28 19.23
CA ASP M 595 32.53 51.23 19.33
C ASP M 595 32.04 52.65 19.19
N ILE M 596 31.25 52.93 18.16
CA ILE M 596 30.69 54.26 17.91
C ILE M 596 29.18 54.13 17.85
N LEU M 597 28.49 55.01 18.57
CA LEU M 597 27.03 55.03 18.62
C LEU M 597 26.53 56.40 18.20
N PHE M 598 25.62 56.43 17.23
CA PHE M 598 25.12 57.66 16.66
C PHE M 598 23.61 57.73 16.81
N LEU M 599 23.11 58.85 17.32
CA LEU M 599 21.69 59.12 17.39
C LEU M 599 21.37 60.21 16.38
N MET M 600 20.68 59.83 15.30
CA MET M 600 20.34 60.75 14.23
C MET M 600 18.92 61.27 14.46
N LEU M 601 18.76 62.58 14.37
CA LEU M 601 17.49 63.24 14.65
C LEU M 601 17.00 63.99 13.41
N ASP M 602 15.68 64.09 13.28
CA ASP M 602 15.04 64.78 12.17
C ASP M 602 14.13 65.85 12.78
N ILE M 603 14.68 67.05 12.94
CA ILE M 603 13.96 68.19 13.52
C ILE M 603 13.49 69.06 12.36
N PRO M 604 12.17 69.19 12.14
CA PRO M 604 11.72 70.02 11.02
C PRO M 604 12.24 71.44 11.12
N SER M 605 12.60 72.00 9.97
CA SER M 605 13.08 73.37 9.90
C SER M 605 13.15 73.83 8.45
N ARG M 606 12.68 75.06 8.18
CA ARG M 606 12.55 75.52 6.80
C ARG M 606 13.90 75.55 6.10
N ASP M 607 14.90 76.16 6.74
CA ASP M 607 16.20 76.31 6.10
C ASP M 607 16.80 74.95 5.76
N ASP M 608 16.82 74.02 6.73
CA ASP M 608 17.46 72.72 6.50
C ASP M 608 16.74 71.96 5.39
N ASP M 609 15.41 71.89 5.46
CA ASP M 609 14.66 71.16 4.45
C ASP M 609 14.80 71.78 3.07
N GLU M 610 14.95 73.10 2.98
CA GLU M 610 15.14 73.72 1.68
C GLU M 610 16.39 73.17 1.00
N LYS M 611 17.53 73.16 1.71
CA LYS M 611 18.76 72.66 1.11
C LYS M 611 18.69 71.16 0.87
N LEU M 612 18.06 70.40 1.77
CA LEU M 612 17.94 68.96 1.56
C LEU M 612 17.16 68.68 0.27
N ALA M 613 16.03 69.36 0.09
CA ALA M 613 15.24 69.18 -1.12
C ALA M 613 16.01 69.60 -2.34
N GLU M 614 16.72 70.74 -2.27
CA GLU M 614 17.50 71.18 -3.42
C GLU M 614 18.58 70.19 -3.80
N HIS M 615 19.24 69.58 -2.82
CA HIS M 615 20.30 68.60 -3.12
C HIS M 615 19.73 67.34 -3.73
N VAL M 616 18.70 66.75 -3.11
CA VAL M 616 18.08 65.56 -3.69
C VAL M 616 17.58 65.88 -5.08
N THR M 617 17.14 67.12 -5.28
CA THR M 617 16.60 67.54 -6.56
C THR M 617 17.67 67.62 -7.63
N TYR M 618 18.80 68.23 -7.31
CA TYR M 618 19.91 68.31 -8.25
C TYR M 618 20.39 66.91 -8.62
N VAL M 619 20.40 66.00 -7.64
CA VAL M 619 20.76 64.62 -7.93
C VAL M 619 19.76 63.99 -8.89
N HIS M 620 18.46 64.15 -8.63
CA HIS M 620 17.44 63.61 -9.51
C HIS M 620 17.49 64.22 -10.91
N MET M 621 17.99 65.45 -11.04
CA MET M 621 18.10 66.11 -12.34
C MET M 621 19.30 65.65 -13.15
N HIS M 622 20.50 65.68 -12.57
CA HIS M 622 21.71 65.39 -13.32
C HIS M 622 22.54 64.22 -12.81
N ASN M 623 22.17 63.59 -11.70
CA ASN M 623 22.86 62.41 -11.19
C ASN M 623 24.29 62.74 -10.74
N LYS M 624 24.49 63.93 -10.19
CA LYS M 624 25.78 64.31 -9.63
C LYS M 624 25.56 65.43 -8.62
N GLN M 625 26.62 65.77 -7.90
CA GLN M 625 26.51 66.68 -6.78
C GLN M 625 26.28 68.11 -7.27
N PRO M 626 25.52 68.92 -6.52
CA PRO M 626 25.35 70.33 -6.89
C PRO M 626 26.63 71.13 -6.67
N ASP M 627 27.21 71.01 -5.48
CA ASP M 627 28.40 71.75 -5.15
C ASP M 627 29.57 71.32 -6.02
N LEU M 628 30.33 72.29 -6.53
CA LEU M 628 31.47 72.03 -7.38
C LEU M 628 32.80 72.26 -6.65
N ASP M 629 32.76 72.49 -5.34
CA ASP M 629 34.00 72.72 -4.60
C ASP M 629 34.89 71.49 -4.63
N PHE M 630 34.30 70.30 -4.69
CA PHE M 630 35.06 69.06 -4.75
C PHE M 630 34.43 68.14 -5.80
N THR M 631 35.27 67.28 -6.38
CA THR M 631 34.81 66.32 -7.38
C THR M 631 34.69 64.96 -6.72
N PRO M 632 33.53 64.32 -6.72
CA PRO M 632 33.41 63.01 -6.05
C PRO M 632 34.42 62.02 -6.60
N VAL M 633 35.02 61.24 -5.71
CA VAL M 633 36.04 60.27 -6.12
C VAL M 633 35.35 59.11 -6.82
N GLU M 634 36.02 58.57 -7.85
CA GLU M 634 35.44 57.49 -8.62
C GLU M 634 35.30 56.25 -7.74
N PRO M 635 34.31 55.39 -8.03
CA PRO M 635 34.06 54.24 -7.14
C PRO M 635 35.17 53.22 -7.14
N SER M 636 35.61 52.79 -8.33
CA SER M 636 36.63 51.76 -8.42
C SER M 636 37.95 52.24 -7.80
N LYS M 637 38.31 53.49 -8.04
CA LYS M 637 39.53 54.03 -7.45
C LYS M 637 39.45 54.03 -5.93
N MET M 638 38.28 54.40 -5.39
CA MET M 638 38.11 54.39 -3.94
C MET M 638 38.22 52.97 -3.40
N ARG M 639 37.64 52.00 -4.10
CA ARG M 639 37.78 50.61 -3.65
C ARG M 639 39.23 50.16 -3.69
N GLU M 640 39.97 50.54 -4.72
CA GLU M 640 41.40 50.23 -4.77
C GLU M 640 42.13 50.84 -3.58
N TYR M 641 41.82 52.10 -3.26
CA TYR M 641 42.45 52.74 -2.13
C TYR M 641 42.12 52.02 -0.83
N ILE M 642 40.87 51.59 -0.66
CA ILE M 642 40.49 50.88 0.55
C ILE M 642 41.26 49.58 0.67
N ALA M 643 41.38 48.84 -0.44
CA ALA M 643 42.14 47.59 -0.40
C ALA M 643 43.60 47.85 -0.04
N TYR M 644 44.22 48.85 -0.67
CA TYR M 644 45.61 49.15 -0.38
C TYR M 644 45.79 49.55 1.07
N ALA M 645 44.86 50.35 1.62
CA ALA M 645 44.95 50.73 3.01
C ALA M 645 44.81 49.52 3.93
N LYS M 646 43.90 48.61 3.63
CA LYS M 646 43.67 47.43 4.50
C LYS M 646 44.90 46.51 4.39
N THR M 647 45.68 46.59 3.31
CA THR M 647 46.90 45.78 3.25
C THR M 647 47.91 46.23 4.32
N LYS M 648 48.04 47.52 4.54
CA LYS M 648 49.05 48.04 5.45
C LYS M 648 48.72 47.67 6.91
N ARG M 649 49.77 47.64 7.73
CA ARG M 649 49.66 47.31 9.15
C ARG M 649 50.53 48.26 9.96
N PRO M 650 49.97 49.30 10.56
CA PRO M 650 50.76 50.25 11.35
C PRO M 650 51.05 49.70 12.74
N VAL M 651 51.84 50.48 13.50
CA VAL M 651 52.19 50.15 14.88
C VAL M 651 52.19 51.43 15.70
N MET M 652 52.23 51.27 17.01
CA MET M 652 52.19 52.38 17.96
C MET M 652 53.58 52.62 18.53
N SER M 653 53.65 53.55 19.49
CA SER M 653 54.92 53.89 20.12
C SER M 653 54.64 54.49 21.49
N GLU M 654 55.71 54.64 22.28
CA GLU M 654 55.57 55.15 23.65
C GLU M 654 55.03 56.57 23.66
N ALA M 655 55.49 57.40 22.72
CA ALA M 655 55.08 58.80 22.71
C ALA M 655 53.56 58.94 22.58
N VAL M 656 52.98 58.25 21.59
CA VAL M 656 51.53 58.29 21.43
C VAL M 656 50.85 57.49 22.53
N ASN M 657 51.52 56.47 23.06
CA ASN M 657 50.95 55.69 24.14
C ASN M 657 50.68 56.57 25.35
N ASP M 658 51.60 57.49 25.66
CA ASP M 658 51.38 58.40 26.78
C ASP M 658 50.11 59.23 26.57
N TYR M 659 49.93 59.77 25.37
CA TYR M 659 48.73 60.56 25.08
C TYR M 659 47.48 59.71 25.24
N VAL M 660 47.50 58.48 24.71
CA VAL M 660 46.33 57.62 24.79
C VAL M 660 45.99 57.32 26.25
N VAL M 661 46.99 57.01 27.06
CA VAL M 661 46.72 56.65 28.45
C VAL M 661 46.21 57.85 29.24
N GLN M 662 46.78 59.04 28.99
CA GLN M 662 46.27 60.23 29.66
C GLN M 662 44.83 60.51 29.27
N ALA M 663 44.51 60.37 27.98
CA ALA M 663 43.13 60.58 27.54
C ALA M 663 42.19 59.56 28.18
N TYR M 664 42.64 58.30 28.28
CA TYR M 664 41.80 57.29 28.92
C TYR M 664 41.58 57.61 30.40
N ILE M 665 42.62 58.11 31.06
CA ILE M 665 42.47 58.51 32.47
C ILE M 665 41.42 59.61 32.58
N ARG M 666 41.50 60.62 31.72
CA ARG M 666 40.52 61.70 31.76
C ARG M 666 39.12 61.17 31.51
N LEU M 667 38.97 60.27 30.54
CA LEU M 667 37.65 59.71 30.24
C LEU M 667 37.10 58.93 31.42
N ARG M 668 37.94 58.12 32.08
CA ARG M 668 37.49 57.37 33.25
C ARG M 668 37.06 58.32 34.35
N GLN M 669 37.84 59.37 34.61
CA GLN M 669 37.48 60.30 35.66
C GLN M 669 36.17 61.01 35.35
N ASP M 670 35.95 61.37 34.09
CA ASP M 670 34.72 62.07 33.72
C ASP M 670 33.49 61.22 34.02
N SER M 671 33.56 59.92 33.73
CA SER M 671 32.41 59.05 33.97
C SER M 671 32.11 58.88 35.45
N LYS M 672 33.05 59.26 36.33
CA LYS M 672 32.80 59.14 37.76
C LYS M 672 31.64 60.03 38.20
N ARG M 673 31.37 61.10 37.46
CA ARG M 673 30.27 62.00 37.77
C ARG M 673 29.03 61.74 36.92
N GLU M 674 29.20 61.21 35.71
CA GLU M 674 28.08 60.97 34.81
C GLU M 674 27.31 59.70 35.16
N MET M 675 27.78 58.92 36.13
CA MET M 675 27.12 57.66 36.46
C MET M 675 25.70 57.87 36.98
N ASP M 676 25.34 59.10 37.36
CA ASP M 676 23.99 59.34 37.89
C ASP M 676 22.93 59.03 36.84
N SER M 677 23.15 59.42 35.57
CA SER M 677 22.15 59.18 34.48
C SER M 677 22.04 57.67 34.28
N LYS M 678 20.83 57.14 34.15
CA LYS M 678 20.61 55.68 34.05
C LYS M 678 20.86 55.24 32.61
N PHE M 679 20.84 56.17 31.66
CA PHE M 679 21.08 55.87 30.25
C PHE M 679 22.54 56.04 29.87
N SER M 680 23.45 56.02 30.84
CA SER M 680 24.89 56.19 30.56
C SER M 680 25.56 54.85 30.33
N PHE M 681 25.03 54.07 29.39
CA PHE M 681 25.66 52.81 29.02
C PHE M 681 26.99 53.02 28.30
N GLY M 682 27.31 54.25 27.92
CA GLY M 682 28.58 54.54 27.28
C GLY M 682 29.68 54.83 28.29
N GLN M 683 29.46 54.42 29.54
CA GLN M 683 30.45 54.63 30.59
C GLN M 683 31.79 54.06 30.17
N ALA M 684 32.85 54.84 30.37
CA ALA M 684 34.17 54.46 29.89
C ALA M 684 34.65 53.17 30.55
N THR M 685 35.16 52.26 29.73
CA THR M 685 35.75 51.01 30.19
C THR M 685 36.94 50.69 29.30
N PRO M 686 37.85 49.83 29.75
CA PRO M 686 39.00 49.44 28.91
C PRO M 686 38.62 49.18 27.46
N ARG M 687 37.42 48.66 27.21
CA ARG M 687 36.95 48.51 25.84
C ARG M 687 37.02 49.84 25.09
N THR M 688 36.72 50.94 25.78
CA THR M 688 36.83 52.26 25.15
C THR M 688 38.27 52.58 24.79
N LEU M 689 39.22 52.22 25.66
CA LEU M 689 40.62 52.43 25.34
C LEU M 689 41.02 51.66 24.09
N LEU M 690 40.62 50.38 24.02
CA LEU M 690 40.94 49.59 22.83
C LEU M 690 40.25 50.15 21.59
N GLY M 691 39.03 50.67 21.73
CA GLY M 691 38.37 51.30 20.60
C GLY M 691 39.09 52.54 20.11
N ILE M 692 39.60 53.35 21.05
CA ILE M 692 40.40 54.51 20.67
C ILE M 692 41.62 54.07 19.89
N ILE M 693 42.31 53.03 20.38
CA ILE M 693 43.49 52.53 19.67
C ILE M 693 43.10 52.07 18.27
N ARG M 694 41.98 51.36 18.16
CA ARG M 694 41.55 50.83 16.86
C ARG M 694 41.26 51.97 15.89
N LEU M 695 40.55 53.00 16.34
CA LEU M 695 40.24 54.12 15.47
C LEU M 695 41.50 54.86 15.05
N SER M 696 42.44 55.03 15.98
CA SER M 696 43.70 55.68 15.63
C SER M 696 44.44 54.89 14.55
N GLN M 697 44.46 53.56 14.70
CA GLN M 697 45.11 52.74 13.69
C GLN M 697 44.38 52.84 12.35
N ALA M 698 43.06 52.95 12.37
CA ALA M 698 42.31 53.14 11.13
C ALA M 698 42.74 54.43 10.43
N LEU M 699 42.79 55.53 11.17
CA LEU M 699 43.21 56.79 10.59
C LEU M 699 44.63 56.69 10.04
N ALA M 700 45.51 56.01 10.78
CA ALA M 700 46.88 55.81 10.29
C ALA M 700 46.87 55.01 8.99
N LYS M 701 46.02 54.00 8.90
CA LYS M 701 45.92 53.22 7.67
C LYS M 701 45.51 54.09 6.50
N LEU M 702 44.53 54.97 6.71
CA LEU M 702 44.10 55.84 5.62
C LEU M 702 45.26 56.70 5.10
N ARG M 703 46.18 57.08 6.00
CA ARG M 703 47.34 57.84 5.57
C ARG M 703 48.39 56.98 4.87
N LEU M 704 48.21 55.65 4.86
CA LEU M 704 49.13 54.70 4.25
C LEU M 704 50.48 54.65 4.95
N ALA M 705 50.64 55.32 6.08
CA ALA M 705 51.89 55.31 6.82
C ALA M 705 51.96 54.06 7.69
N ASP M 706 53.05 53.93 8.43
CA ASP M 706 53.26 52.82 9.35
C ASP M 706 53.31 53.23 10.81
N MET M 707 53.69 54.46 11.10
CA MET M 707 53.81 54.95 12.48
C MET M 707 52.64 55.89 12.76
N VAL M 708 51.86 55.55 13.79
CA VAL M 708 50.72 56.37 14.16
C VAL M 708 51.21 57.61 14.91
N ASP M 709 50.69 58.77 14.54
CA ASP M 709 51.10 60.03 15.13
C ASP M 709 49.99 60.58 16.01
N ILE M 710 50.32 61.66 16.75
CA ILE M 710 49.36 62.28 17.66
C ILE M 710 48.11 62.73 16.93
N ASP M 711 48.22 63.08 15.65
CA ASP M 711 47.07 63.57 14.90
C ASP M 711 45.98 62.51 14.82
N ASP M 712 46.34 61.26 14.51
CA ASP M 712 45.34 60.22 14.37
C ASP M 712 44.60 60.00 15.68
N VAL M 713 45.33 59.96 16.80
CA VAL M 713 44.69 59.69 18.09
C VAL M 713 43.78 60.85 18.47
N GLU M 714 44.20 62.09 18.23
CA GLU M 714 43.32 63.20 18.58
C GLU M 714 42.06 63.21 17.72
N GLU M 715 42.19 62.89 16.42
CA GLU M 715 41.00 62.80 15.58
C GLU M 715 40.07 61.70 16.04
N ALA M 716 40.59 60.53 16.34
CA ALA M 716 39.74 59.40 16.75
C ALA M 716 39.00 59.78 18.04
N LEU M 717 39.66 60.41 18.99
CA LEU M 717 39.05 60.76 20.31
C LEU M 717 37.88 61.72 20.06
N ARG M 718 37.94 62.51 18.98
CA ARG M 718 36.84 63.45 18.60
C ARG M 718 35.65 62.64 18.13
N LEU M 719 35.86 61.56 17.40
CA LEU M 719 34.74 60.78 16.83
C LEU M 719 34.07 60.00 17.96
N VAL M 720 34.79 59.58 19.00
CA VAL M 720 34.15 58.88 20.16
C VAL M 720 33.43 59.93 21.00
N ARG M 721 33.97 61.14 21.11
CA ARG M 721 33.33 62.24 21.87
C ARG M 721 32.07 62.73 21.15
N VAL M 722 32.15 63.12 19.89
CA VAL M 722 31.02 63.74 19.15
C VAL M 722 29.92 62.71 18.95
N SER M 723 30.19 61.45 19.21
CA SER M 723 29.19 60.37 18.99
C SER M 723 28.36 60.16 20.24
N LYS M 724 28.85 60.54 21.42
CA LYS M 724 28.06 60.42 22.68
C LYS M 724 27.52 61.80 23.03
N GLU M 725 28.37 62.82 23.08
CA GLU M 725 27.96 64.18 23.50
C GLU M 725 26.72 64.60 22.74
N SER M 726 26.77 64.60 21.42
CA SER M 726 25.66 65.14 20.59
C SER M 726 24.48 64.17 20.59
N LEU M 727 24.67 62.97 21.10
CA LEU M 727 23.64 61.91 20.99
C LEU M 727 23.30 61.37 22.37
N TYR M 728 23.64 62.11 23.41
CA TYR M 728 23.29 61.77 24.82
C TYR M 728 22.76 63.06 25.45
N GLN M 729 23.40 64.19 25.17
CA GLN M 729 22.93 65.51 25.65
C GLN M 729 21.75 65.93 24.78
N GLU M 730 21.64 65.34 23.59
CA GLU M 730 20.53 65.64 22.65
C GLU M 730 20.24 64.40 21.81
N ALA N 12 4.35 -56.00 -11.61
CA ALA N 12 4.28 -57.28 -10.92
C ALA N 12 5.50 -57.49 -10.03
N ALA N 13 6.68 -57.15 -10.55
CA ALA N 13 7.90 -57.31 -9.78
C ALA N 13 7.87 -56.43 -8.53
N ASP N 14 7.43 -55.18 -8.68
CA ASP N 14 7.32 -54.30 -7.51
C ASP N 14 6.28 -54.82 -6.53
N PHE N 15 5.15 -55.32 -7.03
CA PHE N 15 4.15 -55.91 -6.15
C PHE N 15 4.69 -57.15 -5.46
N SER N 16 5.47 -57.96 -6.18
CA SER N 16 6.08 -59.14 -5.56
C SER N 16 7.04 -58.73 -4.46
N LEU N 17 7.84 -57.69 -4.69
CA LEU N 17 8.75 -57.20 -3.65
C LEU N 17 7.98 -56.69 -2.44
N THR N 18 6.88 -55.97 -2.67
CA THR N 18 6.08 -55.49 -1.57
C THR N 18 5.49 -56.64 -0.76
N VAL N 19 5.00 -57.67 -1.45
CA VAL N 19 4.44 -58.83 -0.75
C VAL N 19 5.53 -59.54 0.05
N LEU N 20 6.72 -59.67 -0.53
CA LEU N 20 7.84 -60.30 0.18
C LEU N 20 8.17 -59.51 1.44
N ARG N 21 8.22 -58.18 1.33
CA ARG N 21 8.53 -57.35 2.48
C ARG N 21 7.46 -57.49 3.56
N ALA N 22 6.19 -57.49 3.15
CA ALA N 22 5.10 -57.63 4.12
C ALA N 22 5.17 -58.97 4.83
N ARG N 23 5.43 -60.05 4.09
CA ARG N 23 5.54 -61.37 4.71
C ARG N 23 6.71 -61.43 5.68
N ILE N 24 7.85 -60.85 5.31
CA ILE N 24 9.00 -60.87 6.19
C ILE N 24 8.72 -60.06 7.46
N ALA N 25 8.04 -58.92 7.31
CA ALA N 25 7.68 -58.14 8.49
C ALA N 25 6.74 -58.90 9.41
N LEU N 26 5.73 -59.57 8.83
CA LEU N 26 4.81 -60.36 9.64
C LEU N 26 5.55 -61.47 10.37
N LEU N 27 6.49 -62.13 9.69
CA LEU N 27 7.31 -63.14 10.35
C LEU N 27 8.12 -62.52 11.49
N ALA N 28 8.68 -61.33 11.27
CA ALA N 28 9.48 -60.68 12.30
C ALA N 28 8.65 -60.40 13.55
N THR N 29 7.42 -59.92 13.36
CA THR N 29 6.57 -59.66 14.51
C THR N 29 6.17 -60.94 15.23
N ALA N 30 6.28 -62.09 14.59
CA ALA N 30 5.87 -63.36 15.17
C ALA N 30 6.98 -64.08 15.91
N ILE N 31 8.23 -63.58 15.83
CA ILE N 31 9.32 -64.23 16.53
C ILE N 31 9.13 -64.11 18.05
N GLY N 32 8.78 -62.91 18.51
CA GLY N 32 8.61 -62.69 19.93
C GLY N 32 8.59 -61.20 20.23
N GLY N 33 8.83 -60.87 21.50
CA GLY N 33 8.89 -59.49 21.91
C GLY N 33 9.13 -59.33 23.40
N PRO N 34 9.55 -58.14 23.82
CA PRO N 34 9.76 -57.90 25.25
C PRO N 34 8.49 -58.07 26.05
N ASP N 35 8.64 -58.58 27.27
CA ASP N 35 7.50 -58.81 28.17
C ASP N 35 7.27 -57.55 29.00
N TYR N 36 6.68 -56.54 28.35
CA TYR N 36 6.37 -55.30 29.05
C TYR N 36 5.35 -55.51 30.15
N THR N 37 4.53 -56.57 30.06
CA THR N 37 3.52 -56.81 31.09
C THR N 37 4.15 -57.12 32.44
N SER N 38 5.26 -57.86 32.43
CA SER N 38 5.88 -58.29 33.68
C SER N 38 6.35 -57.08 34.49
N GLN N 39 6.24 -57.19 35.82
CA GLN N 39 6.64 -56.08 36.68
C GLN N 39 8.13 -55.79 36.55
N ILE N 40 8.96 -56.83 36.49
CA ILE N 40 10.40 -56.69 36.29
C ILE N 40 10.60 -55.80 35.07
N ASP N 41 11.35 -54.70 35.23
CA ASP N 41 11.49 -53.77 34.11
C ASP N 41 12.95 -53.52 33.74
N PRO N 42 13.80 -54.55 33.77
CA PRO N 42 14.76 -54.74 32.68
C PRO N 42 14.15 -55.67 31.65
N PRO N 43 13.19 -55.18 30.86
CA PRO N 43 12.24 -56.07 30.18
C PRO N 43 12.94 -57.24 29.51
N PRO N 44 12.70 -58.46 29.99
CA PRO N 44 13.25 -59.64 29.30
C PRO N 44 12.51 -59.91 28.01
N TYR N 45 13.21 -60.58 27.08
CA TYR N 45 12.64 -60.90 25.78
C TYR N 45 11.99 -62.28 25.86
N LYS N 46 10.67 -62.29 26.01
CA LYS N 46 9.94 -63.54 25.98
C LYS N 46 9.87 -64.08 24.55
N LEU N 47 9.76 -65.40 24.45
CA LEU N 47 9.75 -66.08 23.16
C LEU N 47 8.33 -66.46 22.79
N GLY N 48 8.03 -66.36 21.49
CA GLY N 48 6.72 -66.76 21.02
C GLY N 48 6.52 -68.26 21.07
N ASP N 49 5.26 -68.67 21.02
CA ASP N 49 4.94 -70.10 21.11
C ASP N 49 5.53 -70.88 19.93
N ASP N 50 5.72 -70.23 18.79
CA ASP N 50 6.23 -70.88 17.59
C ASP N 50 7.53 -70.22 17.12
N CYS N 51 8.35 -69.73 18.05
CA CYS N 51 9.55 -69.00 17.66
C CYS N 51 10.45 -69.83 16.76
N LEU N 52 10.68 -71.10 17.11
CA LEU N 52 11.50 -71.96 16.28
C LEU N 52 10.91 -72.11 14.89
N ALA N 53 9.58 -72.10 14.78
CA ALA N 53 8.95 -72.14 13.47
C ALA N 53 9.32 -70.91 12.66
N CYS N 54 9.31 -69.73 13.27
CA CYS N 54 9.72 -68.52 12.56
C CYS N 54 11.18 -68.58 12.16
N LEU N 55 12.04 -69.11 13.03
CA LEU N 55 13.46 -69.24 12.68
C LEU N 55 13.63 -70.15 11.48
N LYS N 56 12.95 -71.29 11.47
CA LYS N 56 13.03 -72.19 10.32
C LYS N 56 12.47 -71.54 9.07
N ASP N 57 11.39 -70.77 9.21
CA ASP N 57 10.82 -70.09 8.05
C ASP N 57 11.80 -69.07 7.47
N LEU N 58 12.49 -68.34 8.35
CA LEU N 58 13.49 -67.38 7.87
C LEU N 58 14.66 -68.09 7.20
N LYS N 59 15.08 -69.23 7.76
CA LYS N 59 16.13 -70.02 7.12
C LYS N 59 15.70 -70.45 5.71
N ARG N 60 14.46 -70.93 5.59
CA ARG N 60 13.95 -71.32 4.28
C ARG N 60 13.88 -70.14 3.34
N TRP N 61 13.45 -68.98 3.85
CA TRP N 61 13.42 -67.78 3.03
C TRP N 61 14.80 -67.46 2.47
N PHE N 62 15.81 -67.43 3.33
CA PHE N 62 17.17 -67.18 2.88
C PHE N 62 17.58 -68.18 1.82
N LYS N 63 17.44 -69.47 2.13
CA LYS N 63 17.86 -70.51 1.19
C LYS N 63 17.20 -70.32 -0.16
N LEU N 64 15.88 -70.19 -0.19
CA LEU N 64 15.15 -70.18 -1.44
C LEU N 64 15.41 -68.91 -2.25
N VAL N 65 15.50 -67.75 -1.60
CA VAL N 65 15.56 -66.49 -2.32
C VAL N 65 16.99 -66.02 -2.53
N ASP N 66 17.76 -65.87 -1.45
CA ASP N 66 19.06 -65.21 -1.55
C ASP N 66 20.00 -65.97 -2.48
N ASP N 67 20.03 -67.29 -2.35
CA ASP N 67 21.01 -68.11 -3.07
C ASP N 67 20.47 -68.61 -4.41
N GLN N 68 19.37 -69.36 -4.38
CA GLN N 68 18.88 -70.00 -5.60
C GLN N 68 18.45 -68.97 -6.64
N GLN N 69 17.74 -67.94 -6.20
CA GLN N 69 17.22 -66.92 -7.12
C GLN N 69 18.22 -65.81 -7.42
N LYS N 70 19.41 -65.86 -6.82
CA LYS N 70 20.44 -64.84 -7.05
C LYS N 70 19.89 -63.44 -6.75
N ARG N 71 19.34 -63.28 -5.55
CA ARG N 71 18.76 -62.02 -5.10
C ARG N 71 19.30 -61.67 -3.73
N TRP N 72 19.05 -60.43 -3.32
CA TRP N 72 19.42 -59.95 -1.99
C TRP N 72 18.30 -59.16 -1.34
N ASP N 73 17.11 -59.12 -1.95
CA ASP N 73 16.01 -58.37 -1.37
C ASP N 73 15.62 -58.90 0.00
N VAL N 74 15.78 -60.20 0.22
CA VAL N 74 15.41 -60.79 1.52
C VAL N 74 16.29 -60.21 2.63
N ALA N 75 17.60 -60.10 2.38
CA ALA N 75 18.49 -59.55 3.39
C ALA N 75 18.16 -58.10 3.69
N MET N 76 17.87 -57.31 2.66
CA MET N 76 17.51 -55.91 2.88
C MET N 76 16.20 -55.81 3.66
N ALA N 77 15.22 -56.66 3.35
CA ALA N 77 13.97 -56.65 4.09
C ALA N 77 14.19 -57.02 5.55
N VAL N 78 15.04 -58.02 5.80
CA VAL N 78 15.33 -58.41 7.17
C VAL N 78 16.01 -57.27 7.92
N ALA N 79 16.96 -56.60 7.28
CA ALA N 79 17.67 -55.51 7.94
C ALA N 79 16.74 -54.31 8.19
N GLU N 80 15.83 -54.05 7.26
CA GLU N 80 14.98 -52.86 7.38
C GLU N 80 14.15 -52.88 8.65
N TYR N 81 13.79 -54.07 9.15
CA TYR N 81 12.93 -54.22 10.30
C TYR N 81 13.70 -54.55 11.57
N ARG N 82 15.03 -54.33 11.56
CA ARG N 82 15.85 -54.49 12.77
C ARG N 82 15.64 -55.87 13.40
N ILE N 83 15.59 -56.89 12.56
CA ILE N 83 15.41 -58.25 13.07
C ILE N 83 16.60 -58.66 13.92
N LEU N 84 17.82 -58.46 13.40
CA LEU N 84 19.01 -58.89 14.12
C LEU N 84 19.18 -58.10 15.42
N THR N 85 19.10 -56.78 15.33
CA THR N 85 19.45 -55.94 16.48
C THR N 85 18.37 -55.95 17.56
N ASP N 86 17.14 -56.33 17.22
CA ASP N 86 16.04 -56.26 18.17
C ASP N 86 15.45 -57.61 18.55
N ASP N 87 15.71 -58.68 17.78
CA ASP N 87 15.21 -60.00 18.13
C ASP N 87 16.32 -60.98 18.45
N LEU N 88 17.19 -61.29 17.48
CA LEU N 88 18.12 -62.42 17.67
C LEU N 88 19.06 -62.18 18.84
N LEU N 89 19.61 -60.98 18.95
CA LEU N 89 20.46 -60.68 20.10
C LEU N 89 19.69 -60.84 21.41
N PRO N 90 18.46 -60.36 21.54
CA PRO N 90 17.70 -60.65 22.78
C PRO N 90 17.64 -62.13 23.14
N ILE N 91 17.15 -63.00 22.24
CA ILE N 91 17.03 -64.41 22.62
C ILE N 91 18.39 -65.00 22.93
N LEU N 92 19.41 -64.66 22.13
CA LEU N 92 20.72 -65.25 22.34
C LEU N 92 21.29 -64.84 23.70
N ILE N 93 21.19 -63.56 24.05
CA ILE N 93 21.72 -63.10 25.33
C ILE N 93 20.91 -63.66 26.48
N ASP N 94 19.59 -63.77 26.32
CA ASP N 94 18.77 -64.35 27.37
C ASP N 94 19.09 -65.83 27.56
N TRP N 95 19.37 -66.55 26.48
CA TRP N 95 19.80 -67.93 26.59
C TRP N 95 21.13 -68.04 27.32
N GLU N 96 22.05 -67.13 27.00
CA GLU N 96 23.33 -67.10 27.72
C GLU N 96 23.10 -66.88 29.20
N ASN N 97 22.24 -65.92 29.54
CA ASN N 97 21.96 -65.62 30.94
C ASN N 97 21.32 -66.81 31.64
N LYS N 98 20.37 -67.48 30.97
CA LYS N 98 19.73 -68.65 31.56
C LYS N 98 20.73 -69.75 31.80
N CYS N 99 21.63 -69.99 30.85
CA CYS N 99 22.68 -70.99 31.05
C CYS N 99 23.59 -70.60 32.20
N SER N 100 23.88 -69.31 32.36
CA SER N 100 24.71 -68.86 33.46
C SER N 100 24.03 -69.15 34.80
N LEU N 101 22.73 -68.85 34.90
CA LEU N 101 22.00 -69.16 36.13
C LEU N 101 21.96 -70.66 36.38
N ALA N 102 21.80 -71.45 35.32
CA ALA N 102 21.77 -72.90 35.47
C ALA N 102 23.11 -73.42 35.99
N ALA N 103 24.21 -72.90 35.45
CA ALA N 103 25.53 -73.29 35.93
C ALA N 103 25.72 -72.87 37.38
N LYS N 104 25.27 -71.68 37.74
CA LYS N 104 25.34 -71.24 39.12
C LYS N 104 24.61 -72.20 40.04
N LEU N 105 23.38 -72.57 39.67
CA LEU N 105 22.60 -73.49 40.50
C LEU N 105 23.27 -74.85 40.58
N ALA N 106 23.78 -75.36 39.46
CA ALA N 106 24.43 -76.67 39.46
C ALA N 106 25.66 -76.67 40.37
N LYS N 107 26.48 -75.62 40.29
CA LYS N 107 27.64 -75.55 41.15
C LYS N 107 27.23 -75.43 42.61
N ASN N 108 26.22 -74.60 42.91
CA ASN N 108 25.76 -74.47 44.28
C ASN N 108 25.15 -75.77 44.79
N ASN N 109 24.36 -76.44 43.96
CA ASN N 109 23.72 -77.69 44.34
C ASN N 109 23.60 -78.61 43.13
N PRO N 110 24.27 -79.77 43.13
CA PRO N 110 24.17 -80.66 41.97
C PRO N 110 22.75 -81.12 41.68
N ASP N 111 21.92 -81.29 42.72
CA ASP N 111 20.57 -81.79 42.50
C ASP N 111 19.67 -80.75 41.83
N HIS N 112 19.96 -79.47 42.03
CA HIS N 112 19.13 -78.43 41.46
C HIS N 112 19.13 -78.51 39.94
N GLU N 113 17.94 -78.56 39.34
CA GLU N 113 17.81 -78.67 37.89
C GLU N 113 16.53 -77.96 37.49
N GLU N 114 16.66 -76.72 37.01
CA GLU N 114 15.53 -75.93 36.50
C GLU N 114 15.93 -75.40 35.12
N PHE N 115 15.75 -76.23 34.10
CA PHE N 115 15.98 -75.84 32.72
C PHE N 115 14.93 -76.47 31.81
N ARG N 116 13.66 -76.39 32.24
CA ARG N 116 12.56 -76.96 31.48
C ARG N 116 12.72 -76.67 29.99
N ASN N 117 12.48 -77.69 29.17
CA ASN N 117 12.67 -77.60 27.73
C ASN N 117 14.11 -77.18 27.40
N LYS N 118 15.06 -77.80 28.10
CA LYS N 118 16.46 -77.50 27.86
C LYS N 118 16.83 -77.74 26.40
N ALA N 119 16.47 -78.90 25.87
CA ALA N 119 16.77 -79.21 24.47
C ALA N 119 16.21 -78.14 23.55
N TYR N 120 14.97 -77.70 23.81
CA TYR N 120 14.35 -76.67 23.00
C TYR N 120 15.18 -75.39 23.02
N TYR N 121 15.66 -75.00 24.22
CA TYR N 121 16.49 -73.81 24.32
C TYR N 121 17.78 -73.95 23.51
N ASP N 122 18.42 -75.12 23.59
CA ASP N 122 19.66 -75.29 22.82
C ASP N 122 19.39 -75.26 21.32
N LYS N 123 18.31 -75.89 20.86
CA LYS N 123 18.00 -75.85 19.43
C LYS N 123 17.74 -74.42 18.99
N ILE N 124 16.99 -73.66 19.79
CA ILE N 124 16.70 -72.28 19.44
C ILE N 124 18.00 -71.48 19.35
N ALA N 125 18.87 -71.64 20.34
CA ALA N 125 20.12 -70.89 20.34
C ALA N 125 20.96 -71.24 19.12
N LEU N 126 21.04 -72.52 18.78
CA LEU N 126 21.81 -72.91 17.60
C LEU N 126 21.20 -72.31 16.34
N ASN N 127 19.88 -72.30 16.23
CA ASN N 127 19.23 -71.73 15.06
C ASN N 127 19.52 -70.24 14.94
N CYS N 128 19.44 -69.50 16.06
CA CYS N 128 19.75 -68.07 16.00
C CYS N 128 21.22 -67.85 15.63
N LEU N 129 22.12 -68.66 16.16
CA LEU N 129 23.53 -68.50 15.81
C LEU N 129 23.76 -68.74 14.32
N GLN N 130 23.13 -69.78 13.77
CA GLN N 130 23.29 -70.05 12.34
C GLN N 130 22.69 -68.93 11.51
N LEU N 131 21.53 -68.42 11.90
CA LEU N 131 20.93 -67.30 11.18
C LEU N 131 21.84 -66.08 11.21
N LEU N 132 22.41 -65.77 12.38
CA LEU N 132 23.32 -64.64 12.48
C LEU N 132 24.54 -64.83 11.59
N VAL N 133 25.10 -66.04 11.58
CA VAL N 133 26.23 -66.31 10.70
C VAL N 133 25.85 -66.09 9.26
N LEU N 134 24.67 -66.56 8.86
CA LEU N 134 24.21 -66.37 7.49
C LEU N 134 24.09 -64.89 7.15
N MET N 135 23.60 -64.09 8.10
CA MET N 135 23.38 -62.67 7.84
C MET N 135 24.66 -61.85 7.86
N THR N 136 25.78 -62.41 8.33
CA THR N 136 27.05 -61.68 8.41
C THR N 136 28.10 -62.23 7.46
N TRP N 137 27.70 -62.99 6.45
CA TRP N 137 28.66 -63.52 5.49
C TRP N 137 29.26 -62.38 4.66
N PRO N 138 30.52 -62.49 4.26
CA PRO N 138 31.11 -61.45 3.41
C PRO N 138 30.37 -61.34 2.09
N LEU N 139 30.32 -60.11 1.58
CA LEU N 139 29.66 -59.81 0.32
C LEU N 139 30.72 -59.45 -0.72
N ILE N 140 30.77 -60.21 -1.81
CA ILE N 140 31.74 -60.02 -2.88
C ILE N 140 30.98 -59.77 -4.17
N VAL N 141 31.38 -58.72 -4.89
CA VAL N 141 30.79 -58.38 -6.18
C VAL N 141 31.63 -59.00 -7.27
N THR N 142 30.98 -59.76 -8.16
CA THR N 142 31.66 -60.45 -9.24
C THR N 142 31.03 -60.05 -10.58
N GLU N 143 31.72 -60.41 -11.66
CA GLU N 143 31.23 -60.05 -12.99
C GLU N 143 29.94 -60.78 -13.34
N GLN N 144 29.73 -61.98 -12.80
CA GLN N 144 28.53 -62.74 -13.10
C GLN N 144 27.35 -62.37 -12.21
N SER N 145 27.55 -61.48 -11.23
CA SER N 145 26.46 -61.09 -10.36
C SER N 145 25.41 -60.31 -11.14
N SER N 146 24.15 -60.50 -10.75
CA SER N 146 23.04 -59.85 -11.43
C SER N 146 23.03 -58.35 -11.12
N SER N 147 22.29 -57.62 -11.95
CA SER N 147 22.14 -56.18 -11.72
C SER N 147 21.51 -55.89 -10.37
N ASN N 148 20.55 -56.72 -9.96
CA ASN N 148 19.97 -56.59 -8.63
C ASN N 148 21.02 -56.84 -7.56
N GLN N 149 21.90 -57.82 -7.78
CA GLN N 149 22.97 -58.09 -6.83
C GLN N 149 23.92 -56.91 -6.71
N ILE N 150 24.01 -56.08 -7.75
CA ILE N 150 24.95 -54.96 -7.76
C ILE N 150 24.31 -53.71 -7.16
N THR N 151 23.04 -53.46 -7.48
CA THR N 151 22.39 -52.22 -7.05
C THR N 151 22.19 -52.17 -5.54
N LEU N 152 22.33 -53.30 -4.84
CA LEU N 152 22.07 -53.38 -3.40
C LEU N 152 23.34 -53.73 -2.63
N TYR N 153 24.46 -53.10 -2.98
CA TYR N 153 25.73 -53.37 -2.32
C TYR N 153 25.99 -52.43 -1.15
N GLY N 154 25.91 -51.13 -1.39
CA GLY N 154 26.18 -50.17 -0.33
C GLY N 154 25.19 -50.29 0.83
N GLU N 155 23.92 -50.48 0.52
CA GLU N 155 22.92 -50.61 1.57
C GLU N 155 23.22 -51.82 2.45
N LEU N 156 23.54 -52.94 1.83
CA LEU N 156 23.86 -54.15 2.60
C LEU N 156 25.12 -53.96 3.42
N LYS N 157 26.12 -53.28 2.86
CA LYS N 157 27.34 -53.03 3.63
C LYS N 157 27.06 -52.17 4.84
N LYS N 158 26.25 -51.12 4.68
CA LYS N 158 25.91 -50.27 5.82
C LYS N 158 25.11 -51.04 6.86
N HIS N 159 24.18 -51.89 6.42
CA HIS N 159 23.42 -52.71 7.35
C HIS N 159 24.34 -53.65 8.13
N GLN N 160 25.34 -54.22 7.46
CA GLN N 160 26.28 -55.09 8.14
C GLN N 160 27.16 -54.30 9.12
N LEU N 161 27.51 -53.06 8.78
CA LEU N 161 28.23 -52.21 9.73
C LEU N 161 27.40 -52.00 10.99
N VAL N 162 26.10 -51.70 10.81
CA VAL N 162 25.23 -51.53 11.97
C VAL N 162 25.15 -52.82 12.77
N TYR N 163 25.09 -53.96 12.07
CA TYR N 163 25.08 -55.26 12.75
C TYR N 163 26.32 -55.43 13.61
N LYS N 164 27.49 -55.10 13.06
CA LYS N 164 28.73 -55.22 13.81
C LYS N 164 28.72 -54.33 15.04
N LYS N 165 28.26 -53.08 14.87
CA LYS N 165 28.22 -52.17 16.01
C LYS N 165 27.32 -52.71 17.11
N THR N 166 26.13 -53.17 16.75
CA THR N 166 25.22 -53.72 17.75
C THR N 166 25.80 -54.96 18.41
N ILE N 167 26.46 -55.82 17.63
CA ILE N 167 27.06 -57.04 18.19
C ILE N 167 28.10 -56.67 19.24
N LEU N 168 28.97 -55.71 18.91
CA LEU N 168 30.05 -55.34 19.82
C LEU N 168 29.57 -54.50 21.00
N SER N 169 28.40 -53.85 20.88
CA SER N 169 27.92 -52.94 21.92
C SER N 169 26.84 -53.56 22.80
N MET N 170 25.91 -54.32 22.22
CA MET N 170 24.76 -54.81 22.98
C MET N 170 25.22 -55.64 24.18
N GLU N 171 24.90 -55.16 25.38
CA GLU N 171 25.21 -55.86 26.62
C GLU N 171 26.69 -56.23 26.69
N SER N 172 27.54 -55.29 26.26
CA SER N 172 28.99 -55.46 26.29
C SER N 172 29.41 -56.70 25.50
N GLY N 173 28.71 -57.00 24.42
CA GLY N 173 29.08 -58.09 23.54
C GLY N 173 29.04 -59.46 24.18
N LYS N 174 27.96 -59.76 24.90
CA LYS N 174 27.78 -61.10 25.46
C LYS N 174 27.44 -62.15 24.40
N VAL N 175 27.17 -61.72 23.16
CA VAL N 175 26.98 -62.68 22.08
C VAL N 175 28.23 -63.53 21.91
N LEU N 176 29.41 -62.91 22.03
CA LEU N 176 30.66 -63.66 21.94
C LEU N 176 30.74 -64.69 23.06
N ARG N 177 30.32 -64.31 24.27
CA ARG N 177 30.32 -65.25 25.37
C ARG N 177 29.37 -66.42 25.12
N ALA N 178 28.21 -66.13 24.52
CA ALA N 178 27.27 -67.21 24.19
C ALA N 178 27.86 -68.16 23.16
N ALA N 179 28.51 -67.62 22.13
CA ALA N 179 29.18 -68.47 21.15
C ALA N 179 30.27 -69.31 21.80
N ILE N 180 31.03 -68.71 22.71
CA ILE N 180 32.05 -69.46 23.43
C ILE N 180 31.42 -70.58 24.24
N ARG N 181 30.27 -70.31 24.87
CA ARG N 181 29.58 -71.33 25.64
C ARG N 181 29.15 -72.49 24.75
N LEU N 182 28.64 -72.18 23.56
CA LEU N 182 28.32 -73.25 22.61
C LEU N 182 29.58 -74.05 22.27
N ALA N 183 30.72 -73.36 22.11
CA ALA N 183 31.96 -74.06 21.84
C ALA N 183 32.34 -74.99 22.98
N LEU N 184 32.17 -74.53 24.22
CA LEU N 184 32.47 -75.40 25.37
C LEU N 184 31.56 -76.62 25.37
N ASP N 185 30.27 -76.41 25.10
CA ASP N 185 29.34 -77.54 25.06
C ASP N 185 29.76 -78.54 23.99
N VAL N 186 30.25 -78.06 22.85
CA VAL N 186 30.67 -78.95 21.79
C VAL N 186 31.92 -79.72 22.20
N ILE N 187 32.92 -79.01 22.75
CA ILE N 187 34.21 -79.64 23.04
C ILE N 187 34.09 -80.62 24.19
N LYS N 188 33.16 -80.40 25.12
CA LYS N 188 33.08 -81.22 26.32
C LYS N 188 33.07 -82.71 25.98
N ILE N 189 32.29 -83.10 24.95
CA ILE N 189 32.24 -84.51 24.59
C ILE N 189 33.61 -84.95 24.06
N ASP N 190 33.81 -86.27 24.06
CA ASP N 190 35.11 -86.83 23.76
C ASP N 190 35.43 -86.76 22.27
N ARG N 191 36.72 -86.83 21.96
CA ARG N 191 37.16 -86.72 20.56
C ARG N 191 36.64 -87.89 19.74
N LEU N 192 36.86 -89.13 20.20
CA LEU N 192 36.40 -90.28 19.44
C LEU N 192 34.89 -90.38 19.40
N SER N 193 34.19 -89.73 20.34
CA SER N 193 32.74 -89.69 20.35
C SER N 193 32.17 -88.53 19.55
N ARG N 194 33.01 -87.64 19.04
CA ARG N 194 32.52 -86.48 18.30
C ARG N 194 31.98 -86.90 16.95
N THR N 195 30.79 -86.41 16.61
CA THR N 195 30.13 -86.65 15.34
C THR N 195 30.36 -85.48 14.40
N PRO N 196 30.06 -85.65 13.11
CA PRO N 196 30.25 -84.52 12.18
C PRO N 196 29.49 -83.28 12.58
N ARG N 197 28.35 -83.41 13.25
CA ARG N 197 27.57 -82.24 13.64
C ARG N 197 28.36 -81.34 14.59
N ASP N 198 29.13 -81.94 15.49
CA ASP N 198 29.94 -81.15 16.40
C ASP N 198 30.99 -80.33 15.63
N ASN N 199 31.61 -80.95 14.63
CA ASN N 199 32.57 -80.22 13.80
C ASN N 199 31.87 -79.11 13.02
N MET N 200 30.65 -79.37 12.54
CA MET N 200 29.87 -78.32 11.90
C MET N 200 29.65 -77.15 12.83
N VAL N 201 29.31 -77.43 14.09
CA VAL N 201 29.05 -76.35 15.05
C VAL N 201 30.34 -75.58 15.32
N LEU N 202 31.47 -76.28 15.46
CA LEU N 202 32.74 -75.59 15.66
C LEU N 202 33.07 -74.69 14.48
N LYS N 203 32.87 -75.19 13.26
CA LYS N 203 33.10 -74.39 12.07
C LYS N 203 32.18 -73.19 12.05
N LEU N 204 30.93 -73.37 12.48
CA LEU N 204 29.99 -72.26 12.54
C LEU N 204 30.45 -71.18 13.50
N VAL N 205 30.95 -71.58 14.67
CA VAL N 205 31.44 -70.60 15.64
C VAL N 205 32.64 -69.85 15.08
N LEU N 206 33.57 -70.58 14.48
CA LEU N 206 34.75 -69.93 13.91
C LEU N 206 34.36 -68.97 12.79
N ASN N 207 33.41 -69.37 11.95
CA ASN N 207 32.94 -68.49 10.88
C ASN N 207 32.26 -67.26 11.47
N PHE N 208 31.54 -67.43 12.57
CA PHE N 208 30.91 -66.28 13.23
C PHE N 208 31.98 -65.28 13.68
N PHE N 209 33.03 -65.78 14.33
CA PHE N 209 34.09 -64.88 14.77
C PHE N 209 34.78 -64.20 13.58
N ARG N 210 35.03 -64.96 12.52
CA ARG N 210 35.65 -64.38 11.33
C ARG N 210 34.76 -63.29 10.74
N ASN N 211 33.45 -63.54 10.67
CA ASN N 211 32.53 -62.54 10.13
C ASN N 211 32.53 -61.30 10.99
N VAL N 212 32.51 -61.46 12.31
CA VAL N 212 32.51 -60.31 13.21
C VAL N 212 33.76 -59.47 13.00
N ILE N 213 34.91 -60.13 12.90
CA ILE N 213 36.17 -59.39 12.75
C ILE N 213 36.25 -58.72 11.38
N ALA N 214 35.74 -59.40 10.34
CA ALA N 214 36.03 -58.98 8.97
C ALA N 214 35.21 -57.76 8.53
N ILE N 215 34.01 -57.58 9.08
CA ILE N 215 33.12 -56.54 8.57
C ILE N 215 33.83 -55.19 8.65
N GLU N 216 33.87 -54.49 7.52
CA GLU N 216 34.55 -53.21 7.42
C GLU N 216 33.76 -52.34 6.46
N PRO N 217 33.96 -51.01 6.50
CA PRO N 217 33.18 -50.13 5.63
C PRO N 217 33.41 -50.45 4.16
N GLY N 218 32.36 -50.24 3.36
CA GLY N 218 32.42 -50.53 1.95
C GLY N 218 33.26 -49.56 1.16
N GLU N 219 32.95 -49.40 -0.13
CA GLU N 219 33.70 -48.52 -1.02
C GLU N 219 32.73 -47.66 -1.82
N PHE N 220 33.21 -46.49 -2.23
CA PHE N 220 32.39 -45.52 -2.95
C PHE N 220 32.56 -45.74 -4.44
N THR N 221 31.53 -46.32 -5.06
CA THR N 221 31.50 -46.56 -6.50
C THR N 221 30.65 -45.50 -7.18
N ILE N 222 31.15 -44.95 -8.29
CA ILE N 222 30.49 -43.85 -8.99
C ILE N 222 30.45 -44.18 -10.48
N ASN N 223 29.31 -43.91 -11.11
CA ASN N 223 29.19 -44.10 -12.55
C ASN N 223 30.10 -43.12 -13.29
N THR N 224 30.61 -43.56 -14.44
CA THR N 224 31.53 -42.76 -15.24
C THR N 224 31.08 -42.69 -16.70
N LYS N 225 29.76 -42.62 -16.94
CA LYS N 225 29.27 -42.56 -18.31
C LYS N 225 29.75 -41.28 -19.01
N LYS N 226 29.70 -40.15 -18.31
CA LYS N 226 30.07 -38.86 -18.86
C LYS N 226 31.27 -38.29 -18.09
N SER N 227 31.67 -37.09 -18.50
CA SER N 227 32.88 -36.48 -17.97
C SER N 227 32.67 -36.01 -16.52
N MET N 228 33.79 -35.81 -15.83
CA MET N 228 33.74 -35.30 -14.47
C MET N 228 33.19 -33.88 -14.46
N PRO N 229 32.13 -33.59 -13.70
CA PRO N 229 31.63 -32.22 -13.64
C PRO N 229 32.60 -31.31 -12.90
N LYS N 230 32.52 -30.02 -13.23
CA LYS N 230 33.39 -29.06 -12.56
C LYS N 230 33.08 -28.92 -11.08
N LYS N 231 31.91 -29.39 -10.63
CA LYS N 231 31.63 -29.45 -9.19
C LYS N 231 32.53 -30.47 -8.52
N GLY N 232 32.69 -31.65 -9.12
CA GLY N 232 33.56 -32.66 -8.59
C GLY N 232 32.95 -33.43 -7.43
N ILE N 233 33.78 -34.30 -6.86
CA ILE N 233 33.35 -35.11 -5.71
C ILE N 233 33.37 -34.25 -4.45
N THR N 234 32.29 -34.29 -3.69
CA THR N 234 32.20 -33.54 -2.44
C THR N 234 32.70 -34.35 -1.26
N SER N 235 32.26 -35.60 -1.15
CA SER N 235 32.70 -36.48 -0.06
C SER N 235 32.56 -37.93 -0.51
N ILE N 236 33.36 -38.79 0.11
CA ILE N 236 33.30 -40.22 -0.16
C ILE N 236 32.86 -41.00 1.07
N ASP N 237 32.26 -40.33 2.05
CA ASP N 237 31.81 -41.00 3.25
C ASP N 237 30.77 -42.06 2.90
N THR N 238 30.94 -43.25 3.46
CA THR N 238 30.06 -44.40 3.20
C THR N 238 29.71 -45.10 4.49
N LEU N 239 29.34 -44.31 5.51
CA LEU N 239 28.97 -44.84 6.81
C LEU N 239 27.46 -44.72 7.02
N PRO N 240 26.87 -45.58 7.84
CA PRO N 240 25.44 -45.43 8.16
C PRO N 240 25.21 -44.14 8.93
N PRO N 241 23.94 -43.79 9.20
CA PRO N 241 23.68 -42.54 9.91
C PRO N 241 24.23 -42.53 11.33
N ASN N 242 23.95 -43.56 12.11
CA ASN N 242 24.25 -43.56 13.54
C ASN N 242 25.60 -44.17 13.88
N VAL N 243 26.37 -44.64 12.88
CA VAL N 243 27.62 -45.34 13.12
C VAL N 243 28.78 -44.43 12.77
N SER N 244 29.74 -44.32 13.69
CA SER N 244 30.98 -43.59 13.46
C SER N 244 32.13 -44.56 13.32
N MET N 245 33.28 -44.04 12.89
CA MET N 245 34.43 -44.90 12.61
C MET N 245 34.90 -45.64 13.85
N ASP N 246 34.96 -44.95 14.99
CA ASP N 246 35.50 -45.55 16.21
C ASP N 246 34.64 -46.71 16.70
N ASP N 247 33.34 -46.72 16.39
CA ASP N 247 32.48 -47.79 16.89
C ASP N 247 32.92 -49.15 16.34
N ILE N 248 33.26 -49.20 15.05
CA ILE N 248 33.64 -50.45 14.40
C ILE N 248 35.14 -50.59 14.25
N SER N 249 35.91 -49.75 14.95
CA SER N 249 37.37 -49.83 14.87
C SER N 249 37.86 -51.11 15.57
N LEU N 250 39.08 -51.52 15.19
CA LEU N 250 39.65 -52.72 15.78
C LEU N 250 39.84 -52.58 17.29
N ASN N 251 40.00 -51.36 17.78
CA ASN N 251 40.17 -51.14 19.20
C ASN N 251 38.95 -51.64 19.99
N THR N 252 37.75 -51.32 19.49
CA THR N 252 36.54 -51.79 20.15
C THR N 252 36.46 -53.31 20.11
N VAL N 253 36.85 -53.91 18.99
CA VAL N 253 36.83 -55.37 18.88
C VAL N 253 37.75 -55.98 19.92
N ILE N 254 38.96 -55.44 20.07
CA ILE N 254 39.92 -55.97 21.03
C ILE N 254 39.37 -55.83 22.44
N SER N 255 38.82 -54.65 22.76
CA SER N 255 38.30 -54.42 24.10
C SER N 255 37.17 -55.39 24.42
N SER N 256 36.24 -55.55 23.48
CA SER N 256 35.12 -56.47 23.70
C SER N 256 35.60 -57.90 23.85
N PHE N 257 36.55 -58.31 23.01
CA PHE N 257 37.05 -59.68 23.10
C PHE N 257 37.72 -59.93 24.45
N HIS N 258 38.53 -58.98 24.92
CA HIS N 258 39.17 -59.16 26.21
C HIS N 258 38.14 -59.20 27.34
N LYS N 259 37.14 -58.31 27.28
CA LYS N 259 36.14 -58.28 28.35
C LYS N 259 35.37 -59.58 28.43
N ASN N 260 35.17 -60.26 27.30
CA ASN N 260 34.42 -61.51 27.25
C ASN N 260 35.32 -62.74 27.29
N LYS N 261 36.64 -62.55 27.45
CA LYS N 261 37.58 -63.67 27.53
C LYS N 261 37.49 -64.54 26.28
N VAL N 262 37.57 -63.89 25.12
CA VAL N 262 37.47 -64.62 23.86
C VAL N 262 38.81 -65.20 23.44
N PHE N 263 39.90 -64.48 23.71
CA PHE N 263 41.22 -64.94 23.29
C PHE N 263 41.56 -66.30 23.89
N GLY N 264 41.07 -66.58 25.10
CA GLY N 264 41.34 -67.87 25.71
C GLY N 264 40.80 -69.03 24.90
N PHE N 265 39.60 -68.86 24.34
CA PHE N 265 38.99 -69.92 23.54
C PHE N 265 39.85 -70.23 22.32
N LEU N 266 40.28 -69.19 21.60
CA LEU N 266 41.12 -69.41 20.43
C LEU N 266 42.46 -70.01 20.81
N LEU N 267 43.04 -69.57 21.94
CA LEU N 267 44.31 -70.14 22.38
C LEU N 267 44.15 -71.63 22.68
N THR N 268 43.07 -72.00 23.36
CA THR N 268 42.83 -73.41 23.64
C THR N 268 42.63 -74.20 22.36
N LEU N 269 41.87 -73.65 21.41
CA LEU N 269 41.62 -74.36 20.16
C LEU N 269 42.91 -74.59 19.39
N THR N 270 43.78 -73.58 19.31
CA THR N 270 45.00 -73.73 18.54
C THR N 270 46.01 -74.63 19.26
N SER N 271 46.07 -74.53 20.59
CA SER N 271 47.04 -75.33 21.34
C SER N 271 46.74 -76.83 21.20
N SER N 272 45.47 -77.22 21.26
CA SER N 272 45.08 -78.61 21.22
C SER N 272 44.94 -79.16 19.81
N LEU N 273 45.15 -78.34 18.79
CA LEU N 273 45.04 -78.81 17.41
C LEU N 273 46.00 -79.97 17.17
N SER N 274 45.51 -80.98 16.46
CA SER N 274 46.24 -82.20 16.13
C SER N 274 46.32 -83.15 17.32
N LYS N 275 45.67 -82.83 18.43
CA LYS N 275 45.71 -83.69 19.61
C LYS N 275 44.31 -83.96 20.13
N GLU N 276 43.36 -83.06 19.87
CA GLU N 276 42.00 -83.22 20.34
C GLU N 276 40.93 -82.87 19.30
N PHE N 277 41.32 -82.46 18.09
CA PHE N 277 40.36 -82.06 17.07
C PHE N 277 40.80 -82.57 15.72
N ASP N 278 39.86 -82.63 14.79
CA ASP N 278 40.18 -82.85 13.40
C ASP N 278 40.80 -81.59 12.80
N GLN N 279 41.45 -81.76 11.65
CA GLN N 279 42.18 -80.67 11.02
C GLN N 279 41.45 -80.04 9.85
N ASP N 280 40.55 -80.76 9.19
CA ASP N 280 39.90 -80.23 8.00
C ASP N 280 38.86 -79.16 8.35
N PHE N 281 38.20 -79.30 9.49
CA PHE N 281 37.21 -78.30 9.91
C PHE N 281 37.81 -77.23 10.81
N ILE N 282 39.13 -77.23 11.02
CA ILE N 282 39.77 -76.31 11.95
C ILE N 282 40.77 -75.40 11.25
N ASN N 283 41.59 -75.94 10.34
CA ASN N 283 42.72 -75.19 9.81
C ASN N 283 42.27 -73.87 9.20
N ILE N 284 41.47 -73.93 8.13
CA ILE N 284 41.13 -72.71 7.39
C ILE N 284 40.39 -71.71 8.27
N PRO N 285 39.43 -72.09 9.11
CA PRO N 285 38.76 -71.09 9.96
C PRO N 285 39.74 -70.27 10.81
N LEU N 286 40.57 -70.93 11.63
CA LEU N 286 41.49 -70.18 12.47
C LEU N 286 42.49 -69.41 11.63
N LEU N 287 42.96 -70.00 10.54
CA LEU N 287 43.92 -69.30 9.69
C LEU N 287 43.34 -67.99 9.18
N GLU N 288 42.12 -68.03 8.66
CA GLU N 288 41.49 -66.82 8.15
C GLU N 288 41.19 -65.84 9.27
N ILE N 289 40.75 -66.34 10.43
CA ILE N 289 40.48 -65.46 11.56
C ILE N 289 41.74 -64.68 11.91
N MET N 290 42.87 -65.36 11.97
CA MET N 290 44.09 -64.71 12.41
C MET N 290 44.69 -63.83 11.31
N PHE N 291 44.46 -64.16 10.04
CA PHE N 291 44.83 -63.23 8.98
C PHE N 291 44.02 -61.94 9.11
N TYR N 292 42.72 -62.06 9.37
CA TYR N 292 41.90 -60.87 9.56
C TYR N 292 42.33 -60.09 10.80
N PHE N 293 42.79 -60.78 11.84
CA PHE N 293 43.18 -60.11 13.07
C PHE N 293 44.35 -59.16 12.82
N THR N 294 45.32 -59.58 12.01
CA THR N 294 46.49 -58.77 11.70
C THR N 294 46.44 -58.21 10.28
N LYS N 295 45.24 -58.06 9.72
CA LYS N 295 45.13 -57.58 8.34
C LYS N 295 45.69 -56.18 8.20
N ASP N 296 45.39 -55.29 9.14
CA ASP N 296 45.82 -53.90 9.07
C ASP N 296 46.81 -53.49 10.15
N VAL N 297 47.10 -54.37 11.11
CA VAL N 297 48.03 -54.03 12.18
C VAL N 297 49.43 -53.93 11.62
N ASN N 298 50.21 -52.98 12.14
CA ASN N 298 51.60 -52.79 11.77
C ASN N 298 52.47 -53.14 12.97
N GLN N 299 53.46 -54.02 12.74
CA GLN N 299 54.27 -54.52 13.85
C GLN N 299 55.07 -53.43 14.53
N GLU N 300 55.34 -52.31 13.85
CA GLU N 300 56.15 -51.25 14.45
C GLU N 300 55.49 -50.69 15.70
N LEU N 301 54.18 -50.49 15.66
CA LEU N 301 53.48 -49.94 16.82
C LEU N 301 53.62 -50.83 18.03
N LEU N 302 53.61 -52.15 17.82
CA LEU N 302 53.62 -53.08 18.95
C LEU N 302 54.87 -52.89 19.81
N PHE N 303 56.02 -52.73 19.17
CA PHE N 303 57.29 -52.58 19.88
C PHE N 303 57.82 -51.17 19.69
N PRO N 304 57.92 -50.34 20.74
CA PRO N 304 58.46 -48.98 20.54
C PRO N 304 59.94 -48.98 20.21
N THR N 329 53.97 -37.27 30.04
CA THR N 329 53.58 -38.53 29.42
C THR N 329 54.21 -38.67 28.03
N SER N 330 54.17 -39.89 27.49
CA SER N 330 54.69 -40.11 26.14
C SER N 330 53.90 -39.31 25.11
N ALA N 331 52.58 -39.24 25.29
CA ALA N 331 51.76 -38.46 24.36
C ALA N 331 52.18 -37.00 24.36
N GLY N 332 52.50 -36.45 25.53
CA GLY N 332 52.93 -35.06 25.58
C GLY N 332 54.22 -34.84 24.83
N PHE N 333 55.20 -35.72 25.03
CA PHE N 333 56.48 -35.59 24.32
C PHE N 333 56.29 -35.69 22.82
N GLU N 334 55.49 -36.67 22.38
CA GLU N 334 55.23 -36.82 20.95
C GLU N 334 54.52 -35.59 20.39
N LEU N 335 53.55 -35.06 21.12
CA LEU N 335 52.85 -33.87 20.67
C LEU N 335 53.80 -32.68 20.56
N SER N 336 54.72 -32.54 21.53
CA SER N 336 55.69 -31.45 21.47
C SER N 336 56.58 -31.60 20.25
N LYS N 337 57.04 -32.82 19.97
CA LYS N 337 57.88 -33.03 18.79
C LYS N 337 57.13 -32.69 17.51
N LEU N 338 55.87 -33.15 17.41
CA LEU N 338 55.09 -32.87 16.21
C LEU N 338 54.83 -31.38 16.05
N LEU N 339 54.57 -30.68 17.16
CA LEU N 339 54.37 -29.24 17.09
C LEU N 339 55.64 -28.52 16.66
N GLN N 340 56.79 -29.03 17.11
CA GLN N 340 58.10 -28.44 16.74
C GLN N 340 58.32 -28.65 15.25
N LYS N 341 57.94 -29.80 14.68
CA LYS N 341 58.05 -30.05 13.25
C LYS N 341 57.13 -29.14 12.46
N GLU N 342 55.88 -29.00 12.93
CA GLU N 342 54.93 -28.12 12.25
C GLU N 342 55.40 -26.67 12.30
N HIS N 343 56.02 -26.26 13.40
CA HIS N 343 56.55 -24.91 13.50
C HIS N 343 57.67 -24.69 12.48
N GLN N 344 58.56 -25.67 12.32
CA GLN N 344 59.60 -25.54 11.31
C GLN N 344 59.00 -25.44 9.91
N MET N 345 57.98 -26.27 9.63
CA MET N 345 57.33 -26.18 8.33
C MET N 345 56.69 -24.81 8.11
N ARG N 346 56.03 -24.28 9.14
CA ARG N 346 55.42 -22.96 9.04
C ARG N 346 56.48 -21.89 8.79
N LYS N 347 57.61 -21.97 9.50
CA LYS N 347 58.68 -21.01 9.29
C LYS N 347 59.17 -21.07 7.85
N ASN N 348 59.34 -22.27 7.30
CA ASN N 348 59.76 -22.39 5.92
C ASN N 348 58.71 -21.81 4.96
N VAL N 349 57.43 -22.01 5.27
CA VAL N 349 56.38 -21.46 4.41
C VAL N 349 56.36 -19.94 4.49
N ILE N 350 56.61 -19.38 5.67
CA ILE N 350 56.54 -17.93 5.85
C ILE N 350 57.54 -17.22 4.93
N LYS N 351 58.66 -17.87 4.62
CA LYS N 351 59.67 -17.28 3.75
C LYS N 351 59.12 -16.98 2.35
N HIS N 352 58.05 -17.65 1.93
CA HIS N 352 57.49 -17.46 0.60
C HIS N 352 56.33 -16.49 0.56
N THR N 353 55.88 -15.98 1.71
CA THR N 353 54.73 -15.09 1.77
C THR N 353 55.16 -13.64 1.85
N SER N 354 54.38 -12.77 1.24
CA SER N 354 54.69 -11.34 1.20
C SER N 354 54.26 -10.66 2.49
N ALA N 355 55.08 -9.70 2.93
CA ALA N 355 54.72 -8.93 4.12
C ALA N 355 53.47 -8.08 3.86
N ARG N 356 53.37 -7.48 2.68
CA ARG N 356 52.23 -6.66 2.34
C ARG N 356 51.06 -7.54 1.89
N HIS N 357 49.91 -6.90 1.67
CA HIS N 357 48.71 -7.62 1.27
C HIS N 357 48.79 -8.00 -0.21
N SER N 358 47.78 -8.75 -0.65
CA SER N 358 47.79 -9.31 -2.00
C SER N 358 47.79 -8.21 -3.06
N ARG N 359 46.96 -7.20 -2.88
CA ARG N 359 46.74 -6.17 -3.89
C ARG N 359 47.74 -5.03 -3.81
N PHE N 360 48.85 -5.20 -3.09
CA PHE N 360 49.84 -4.13 -3.01
C PHE N 360 50.43 -3.83 -4.38
N GLY N 361 50.69 -4.86 -5.17
CA GLY N 361 51.25 -4.68 -6.49
C GLY N 361 52.75 -4.92 -6.53
N GLY N 362 53.33 -4.55 -7.66
CA GLY N 362 54.76 -4.71 -7.88
C GLY N 362 55.06 -5.75 -8.94
N LEU N 363 55.60 -5.31 -10.07
CA LEU N 363 55.92 -6.18 -11.20
C LEU N 363 57.42 -6.23 -11.40
N LEU N 364 57.95 -7.45 -11.56
CA LEU N 364 59.36 -7.65 -11.85
C LEU N 364 59.52 -8.01 -13.32
N SER N 365 60.63 -7.58 -13.90
CA SER N 365 60.98 -7.86 -15.29
C SER N 365 62.37 -8.48 -15.31
N ILE N 366 62.42 -9.81 -15.44
CA ILE N 366 63.69 -10.54 -15.44
C ILE N 366 64.12 -10.75 -16.88
N GLN N 367 65.31 -10.28 -17.21
CA GLN N 367 65.82 -10.37 -18.58
C GLN N 367 66.70 -11.60 -18.72
N THR N 368 66.40 -12.43 -19.71
CA THR N 368 67.23 -13.59 -20.02
C THR N 368 68.42 -13.16 -20.87
N PRO N 369 69.44 -14.01 -20.98
CA PRO N 369 70.67 -13.58 -21.68
C PRO N 369 70.44 -13.16 -23.11
N ASP N 370 69.39 -13.65 -23.78
CA ASP N 370 69.11 -13.29 -25.17
C ASP N 370 68.22 -12.04 -25.26
N LYS N 371 68.58 -11.02 -24.49
CA LYS N 371 67.96 -9.70 -24.55
C LYS N 371 66.44 -9.79 -24.70
N THR N 372 65.81 -10.45 -23.73
CA THR N 372 64.36 -10.49 -23.65
C THR N 372 63.97 -10.60 -22.19
N ARG N 373 62.90 -9.90 -21.80
CA ARG N 373 62.48 -9.81 -20.41
C ARG N 373 61.07 -10.36 -20.25
N LEU N 374 60.88 -11.19 -19.25
CA LEU N 374 59.57 -11.76 -18.90
C LEU N 374 59.09 -11.15 -17.59
N THR N 375 57.79 -10.87 -17.52
CA THR N 375 57.23 -10.19 -16.37
C THR N 375 56.69 -11.20 -15.37
N VAL N 376 57.11 -11.06 -14.11
CA VAL N 376 56.65 -11.92 -13.02
C VAL N 376 56.15 -11.01 -11.90
N SER N 377 54.95 -11.29 -11.41
CA SER N 377 54.33 -10.49 -10.37
C SER N 377 54.65 -11.06 -8.99
N GLY N 378 54.31 -10.29 -7.97
CA GLY N 378 54.53 -10.70 -6.60
C GLY N 378 55.70 -9.97 -5.97
N SER N 379 55.55 -9.64 -4.69
CA SER N 379 56.61 -8.93 -3.98
C SER N 379 57.82 -9.82 -3.73
N GLN N 380 57.58 -11.08 -3.37
CA GLN N 380 58.68 -11.98 -3.03
C GLN N 380 59.55 -12.32 -4.24
N ALA N 381 59.00 -12.26 -5.45
CA ALA N 381 59.80 -12.57 -6.63
C ALA N 381 60.86 -11.51 -6.92
N LEU N 382 60.74 -10.33 -6.31
CA LEU N 382 61.67 -9.25 -6.63
C LEU N 382 63.06 -9.53 -6.05
N VAL N 383 63.14 -10.16 -4.89
CA VAL N 383 64.41 -10.31 -4.18
C VAL N 383 65.10 -11.61 -4.55
N ASP N 384 64.36 -12.70 -4.67
CA ASP N 384 64.93 -14.01 -4.96
C ASP N 384 64.60 -14.41 -6.40
N GLU N 385 65.64 -14.80 -7.15
CA GLU N 385 65.44 -15.23 -8.53
C GLU N 385 64.80 -16.61 -8.61
N LYS N 386 65.14 -17.50 -7.68
CA LYS N 386 64.57 -18.85 -7.70
C LYS N 386 63.05 -18.78 -7.57
N ILE N 387 62.54 -17.94 -6.67
CA ILE N 387 61.10 -17.80 -6.52
C ILE N 387 60.48 -17.26 -7.79
N ALA N 388 61.15 -16.31 -8.44
CA ALA N 388 60.62 -15.76 -9.68
C ALA N 388 60.49 -16.84 -10.75
N LEU N 389 61.55 -17.64 -10.92
CA LEU N 389 61.51 -18.72 -11.91
C LEU N 389 60.44 -19.74 -11.55
N GLN N 390 60.33 -20.08 -10.27
CA GLN N 390 59.33 -21.06 -9.84
C GLN N 390 57.91 -20.56 -10.13
N LYS N 391 57.65 -19.28 -9.85
CA LYS N 391 56.33 -18.73 -10.14
C LYS N 391 56.07 -18.69 -11.64
N LEU N 392 57.08 -18.33 -12.42
CA LEU N 392 56.93 -18.39 -13.88
C LEU N 392 56.57 -19.80 -14.33
N ASP N 393 57.18 -20.80 -13.71
CA ASP N 393 56.86 -22.19 -14.02
C ASP N 393 55.41 -22.50 -13.67
N ASP N 394 54.98 -22.12 -12.46
CA ASP N 394 53.64 -22.50 -12.01
C ASP N 394 52.56 -21.81 -12.84
N SER N 395 52.81 -20.61 -13.34
CA SER N 395 51.81 -19.88 -14.09
C SER N 395 51.38 -20.63 -15.34
N LYS N 396 52.21 -21.54 -15.85
CA LYS N 396 51.86 -22.29 -17.05
C LYS N 396 50.64 -23.15 -16.78
N LYS N 397 49.77 -23.25 -17.78
CA LYS N 397 48.47 -23.91 -17.62
C LYS N 397 48.46 -25.35 -18.13
N TRP N 398 49.06 -25.59 -19.30
CA TRP N 398 49.01 -26.90 -19.90
C TRP N 398 49.73 -27.94 -19.04
N ASN N 399 49.10 -29.09 -18.84
CA ASN N 399 49.67 -30.19 -18.07
C ASN N 399 49.68 -31.44 -18.93
N LYS N 400 50.78 -32.18 -18.92
CA LYS N 400 50.85 -33.42 -19.67
C LYS N 400 50.02 -34.50 -18.98
N ARG N 401 49.59 -35.47 -19.77
CA ARG N 401 48.71 -36.52 -19.29
C ARG N 401 49.42 -37.39 -18.25
N ILE N 402 48.65 -37.90 -17.30
CA ILE N 402 49.08 -38.99 -16.43
C ILE N 402 47.88 -39.91 -16.24
N ILE N 403 47.98 -41.13 -16.77
CA ILE N 403 46.91 -42.12 -16.71
C ILE N 403 47.30 -43.17 -15.67
N LYS N 404 46.42 -43.38 -14.67
CA LYS N 404 46.67 -44.31 -13.58
C LYS N 404 45.47 -45.24 -13.48
N LYS N 405 45.56 -46.39 -14.15
CA LYS N 405 44.50 -47.40 -14.10
C LYS N 405 44.79 -48.33 -12.93
N HIS N 406 43.95 -48.25 -11.89
CA HIS N 406 44.11 -49.04 -10.69
C HIS N 406 42.80 -49.75 -10.38
N GLN N 407 42.89 -51.01 -9.95
CA GLN N 407 41.73 -51.83 -9.67
C GLN N 407 41.60 -52.01 -8.16
N SER N 408 40.41 -51.77 -7.63
CA SER N 408 40.18 -51.95 -6.20
C SER N 408 40.21 -53.42 -5.83
N VAL N 409 40.52 -53.69 -4.56
CA VAL N 409 40.58 -55.08 -4.09
C VAL N 409 39.21 -55.74 -4.20
N ALA N 410 38.14 -54.97 -3.98
CA ALA N 410 36.80 -55.54 -4.10
C ALA N 410 36.52 -56.05 -5.49
N ALA N 411 37.16 -55.46 -6.51
CA ALA N 411 36.97 -55.93 -7.89
C ALA N 411 37.43 -57.38 -8.03
N GLU N 412 38.56 -57.72 -7.43
CA GLU N 412 39.08 -59.08 -7.44
C GLU N 412 38.65 -59.89 -6.22
N GLY N 413 37.71 -59.38 -5.43
CA GLY N 413 37.24 -60.10 -4.27
C GLY N 413 38.26 -60.29 -3.17
N LEU N 414 39.01 -59.24 -2.84
CA LEU N 414 39.96 -59.29 -1.75
C LEU N 414 39.64 -58.17 -0.74
N PRO N 415 39.95 -58.38 0.54
CA PRO N 415 39.68 -57.35 1.54
C PRO N 415 40.80 -56.32 1.64
N ASN N 416 40.46 -55.18 2.23
CA ASN N 416 41.45 -54.14 2.46
C ASN N 416 42.53 -54.66 3.41
N SER N 417 43.78 -54.43 3.05
CA SER N 417 44.91 -54.93 3.84
C SER N 417 46.14 -54.08 3.51
N LEU N 418 47.31 -54.58 3.91
CA LEU N 418 48.55 -53.88 3.64
C LEU N 418 48.79 -53.68 2.15
N LEU N 419 48.15 -54.49 1.30
CA LEU N 419 48.40 -54.41 -0.14
C LEU N 419 48.04 -53.04 -0.68
N ASN N 420 46.88 -52.50 -0.29
CA ASN N 420 46.38 -51.25 -0.84
C ASN N 420 46.33 -50.12 0.19
N SER N 421 46.72 -50.37 1.43
CA SER N 421 46.71 -49.33 2.45
C SER N 421 47.96 -48.46 2.33
N GLN N 422 47.88 -47.28 2.95
CA GLN N 422 48.99 -46.34 2.92
C GLN N 422 50.17 -46.84 3.74
N THR N 423 51.37 -46.49 3.28
CA THR N 423 52.62 -46.79 3.97
C THR N 423 52.78 -45.77 5.10
N GLY N 424 52.16 -46.07 6.24
CA GLY N 424 52.13 -45.14 7.35
C GLY N 424 50.81 -45.15 8.08
N LYS N 425 49.75 -45.55 7.39
CA LYS N 425 48.45 -45.73 8.04
C LYS N 425 48.61 -46.67 9.22
N ALA N 426 48.39 -46.15 10.43
CA ALA N 426 48.59 -46.90 11.66
C ALA N 426 47.32 -46.88 12.49
N ILE N 427 46.87 -48.05 12.91
CA ILE N 427 45.70 -48.17 13.78
C ILE N 427 46.17 -47.88 15.21
N PHE N 428 45.58 -46.86 15.83
CA PHE N 428 45.98 -46.43 17.15
C PHE N 428 45.28 -47.26 18.22
N PHE N 429 46.04 -47.67 19.21
CA PHE N 429 45.56 -48.54 20.29
C PHE N 429 45.72 -47.82 21.63
N THR N 430 44.78 -48.09 22.53
CA THR N 430 44.95 -47.68 23.91
C THR N 430 46.00 -48.56 24.59
N GLU N 431 46.49 -48.10 25.73
CA GLU N 431 47.55 -48.84 26.42
C GLU N 431 47.08 -50.24 26.80
N SER N 432 45.88 -50.34 27.38
CA SER N 432 45.37 -51.63 27.81
C SER N 432 45.10 -52.55 26.63
N ASN N 433 44.43 -52.02 25.60
CA ASN N 433 44.14 -52.84 24.42
C ASN N 433 45.42 -53.29 23.72
N GLY N 434 46.38 -52.39 23.59
CA GLY N 434 47.65 -52.77 22.98
C GLY N 434 48.38 -53.83 23.79
N LYS N 435 48.38 -53.68 25.12
CA LYS N 435 49.01 -54.69 25.96
C LYS N 435 48.34 -56.04 25.81
N HIS N 436 47.01 -56.07 25.78
CA HIS N 436 46.30 -57.33 25.62
C HIS N 436 46.59 -57.95 24.26
N PHE N 437 46.63 -57.14 23.21
CA PHE N 437 46.95 -57.65 21.88
C PHE N 437 48.34 -58.25 21.86
N LYS N 438 49.32 -57.55 22.44
CA LYS N 438 50.68 -58.07 22.51
C LYS N 438 50.72 -59.39 23.26
N GLU N 439 50.04 -59.47 24.40
CA GLU N 439 50.04 -60.70 25.18
C GLU N 439 49.43 -61.85 24.40
N PHE N 440 48.31 -61.60 23.72
CA PHE N 440 47.66 -62.67 22.96
C PHE N 440 48.56 -63.16 21.83
N ILE N 441 49.15 -62.24 21.08
CA ILE N 441 50.01 -62.64 19.97
C ILE N 441 51.23 -63.40 20.48
N ASN N 442 51.83 -62.91 21.57
CA ASN N 442 53.00 -63.59 22.14
C ASN N 442 52.64 -65.01 22.57
N ASN N 443 51.50 -65.17 23.25
CA ASN N 443 51.10 -66.49 23.69
C ASN N 443 50.87 -67.42 22.50
N PHE N 444 50.17 -66.93 21.47
CA PHE N 444 49.93 -67.78 20.32
C PHE N 444 51.24 -68.22 19.66
N ILE N 445 52.14 -67.26 19.43
CA ILE N 445 53.40 -67.60 18.77
C ILE N 445 54.18 -68.60 19.60
N ASP N 446 54.22 -68.39 20.92
CA ASP N 446 54.93 -69.33 21.80
C ASP N 446 54.25 -70.68 21.87
N SER N 447 52.96 -70.77 21.53
CA SER N 447 52.18 -71.99 21.78
C SER N 447 52.04 -72.87 20.55
N GLY N 448 51.46 -72.35 19.47
CA GLY N 448 51.03 -73.23 18.39
C GLY N 448 51.13 -72.69 16.98
N PHE N 449 51.99 -71.70 16.73
CA PHE N 449 52.15 -71.21 15.36
C PHE N 449 52.68 -72.32 14.46
N ASN N 450 53.67 -73.09 14.93
CA ASN N 450 54.30 -74.09 14.09
C ASN N 450 53.31 -75.17 13.66
N ILE N 451 52.48 -75.64 14.58
CA ILE N 451 51.53 -76.70 14.25
C ILE N 451 50.51 -76.21 13.23
N LEU N 452 49.98 -74.99 13.44
CA LEU N 452 49.02 -74.44 12.49
C LEU N 452 49.63 -74.28 11.11
N LEU N 453 50.86 -73.76 11.04
CA LEU N 453 51.51 -73.59 9.75
C LEU N 453 51.75 -74.93 9.08
N HIS N 454 52.18 -75.93 9.85
CA HIS N 454 52.40 -77.26 9.29
C HIS N 454 51.11 -77.82 8.70
N SER N 455 50.03 -77.75 9.46
CA SER N 455 48.76 -78.31 8.99
C SER N 455 48.29 -77.58 7.73
N VAL N 456 48.35 -76.25 7.74
CA VAL N 456 47.87 -75.47 6.60
C VAL N 456 48.71 -75.78 5.36
N THR N 457 50.04 -75.78 5.51
CA THR N 457 50.90 -75.99 4.36
C THR N 457 50.73 -77.39 3.79
N ASN N 458 50.60 -78.41 4.66
CA ASN N 458 50.36 -79.76 4.14
C ASN N 458 49.03 -79.83 3.41
N TYR N 459 47.97 -79.27 4.02
CA TYR N 459 46.65 -79.33 3.41
C TYR N 459 46.65 -78.67 2.03
N PHE N 460 47.26 -77.49 1.92
CA PHE N 460 47.22 -76.78 0.66
C PHE N 460 48.29 -77.24 -0.32
N THR N 461 49.29 -78.00 0.13
CA THR N 461 50.13 -78.74 -0.81
C THR N 461 49.37 -79.89 -1.42
N THR N 462 48.52 -80.55 -0.63
CA THR N 462 47.64 -81.57 -1.20
C THR N 462 46.66 -80.98 -2.20
N GLU N 463 46.34 -79.69 -2.05
CA GLU N 463 45.30 -79.02 -2.83
C GLU N 463 45.85 -77.71 -3.41
N GLN N 464 46.92 -77.81 -4.19
CA GLN N 464 47.50 -76.62 -4.82
C GLN N 464 46.61 -76.13 -5.96
N ASP N 465 46.04 -77.04 -6.75
CA ASP N 465 45.45 -76.66 -8.03
C ASP N 465 44.24 -75.75 -7.87
N ARG N 466 43.34 -76.06 -6.94
CA ARG N 466 42.07 -75.36 -6.83
C ARG N 466 42.15 -74.13 -5.94
N MET N 467 43.36 -73.71 -5.53
CA MET N 467 43.51 -72.51 -4.73
C MET N 467 42.91 -71.31 -5.46
N VAL N 468 42.17 -70.49 -4.70
CA VAL N 468 41.61 -69.25 -5.20
C VAL N 468 42.44 -68.10 -4.66
N THR N 469 42.47 -66.98 -5.40
CA THR N 469 43.37 -65.88 -5.07
C THR N 469 43.22 -65.46 -3.61
N LEU N 470 42.00 -65.45 -3.09
CA LEU N 470 41.78 -64.99 -1.72
C LEU N 470 42.58 -65.82 -0.73
N GLU N 471 42.48 -67.16 -0.85
CA GLU N 471 43.19 -68.02 0.09
C GLU N 471 44.70 -67.87 -0.03
N GLN N 472 45.21 -67.78 -1.26
CA GLN N 472 46.65 -67.60 -1.45
C GLN N 472 47.12 -66.32 -0.77
N VAL N 473 46.44 -65.21 -1.05
CA VAL N 473 46.84 -63.93 -0.48
C VAL N 473 46.78 -63.98 1.04
N GLU N 474 45.70 -64.55 1.59
CA GLU N 474 45.55 -64.61 3.03
C GLU N 474 46.66 -65.42 3.67
N TYR N 475 46.95 -66.60 3.11
CA TYR N 475 47.98 -67.46 3.68
C TYR N 475 49.35 -66.78 3.63
N LEU N 476 49.70 -66.21 2.48
CA LEU N 476 50.99 -65.56 2.34
C LEU N 476 51.12 -64.37 3.30
N LEU N 477 50.06 -63.57 3.43
CA LEU N 477 50.10 -62.43 4.32
C LEU N 477 50.24 -62.86 5.77
N PHE N 478 49.50 -63.90 6.17
CA PHE N 478 49.64 -64.40 7.54
C PHE N 478 51.06 -64.84 7.81
N PHE N 479 51.63 -65.64 6.90
CA PHE N 479 53.00 -66.10 7.05
C PHE N 479 53.95 -64.91 7.22
N ALA N 480 53.86 -63.94 6.31
CA ALA N 480 54.78 -62.81 6.33
C ALA N 480 54.64 -62.00 7.60
N TRP N 481 53.40 -61.72 8.01
CA TRP N 481 53.18 -60.90 9.20
C TRP N 481 53.76 -61.58 10.43
N PHE N 482 53.48 -62.87 10.60
CA PHE N 482 53.97 -63.55 11.80
C PHE N 482 55.49 -63.66 11.81
N VAL N 483 56.09 -63.93 10.64
CA VAL N 483 57.55 -63.99 10.59
C VAL N 483 58.14 -62.63 10.94
N LYS N 484 57.57 -61.55 10.41
CA LYS N 484 58.09 -60.21 10.71
C LYS N 484 57.97 -59.93 12.20
N TYR N 485 56.83 -60.25 12.80
CA TYR N 485 56.66 -59.97 14.23
C TYR N 485 57.65 -60.77 15.06
N GLN N 486 57.88 -62.03 14.71
CA GLN N 486 58.86 -62.82 15.46
C GLN N 486 60.25 -62.24 15.30
N LEU N 487 60.60 -61.79 14.09
CA LEU N 487 61.92 -61.17 13.89
C LEU N 487 62.07 -59.94 14.76
N LEU N 488 61.05 -59.08 14.78
CA LEU N 488 61.12 -57.87 15.58
C LEU N 488 61.24 -58.20 17.07
N ARG N 489 60.47 -59.19 17.54
CA ARG N 489 60.55 -59.56 18.95
C ARG N 489 61.94 -60.09 19.29
N SER N 490 62.51 -60.93 18.42
CA SER N 490 63.85 -61.43 18.68
C SER N 490 64.86 -60.30 18.72
N LYS N 491 64.76 -59.34 17.79
CA LYS N 491 65.69 -58.22 17.77
C LYS N 491 65.58 -57.38 19.04
N ILE N 492 64.35 -57.10 19.48
CA ILE N 492 64.15 -56.20 20.62
C ILE N 492 64.74 -56.82 21.89
N ASP N 493 64.38 -58.07 22.16
CA ASP N 493 64.79 -58.72 23.39
C ASP N 493 65.29 -60.13 23.09
N ASN N 494 66.24 -60.60 23.89
CA ASN N 494 66.80 -61.94 23.75
C ASN N 494 66.09 -62.98 24.60
N SER N 495 65.15 -62.56 25.46
CA SER N 495 64.47 -63.52 26.32
C SER N 495 63.69 -64.53 25.49
N ALA N 496 63.00 -64.07 24.46
CA ALA N 496 62.25 -64.96 23.59
C ALA N 496 63.20 -65.80 22.75
N ASP N 497 62.64 -66.79 22.06
CA ASP N 497 63.39 -67.70 21.21
C ASP N 497 63.01 -67.51 19.75
N ILE N 498 63.93 -67.86 18.86
CA ILE N 498 63.73 -67.72 17.43
C ILE N 498 63.31 -69.02 16.77
N LYS N 499 63.26 -70.12 17.53
CA LYS N 499 62.88 -71.40 16.96
C LYS N 499 61.37 -71.59 16.87
N GLN N 500 60.58 -70.68 17.46
CA GLN N 500 59.13 -70.82 17.42
C GLN N 500 58.57 -70.76 16.01
N VAL N 501 59.36 -70.26 15.05
CA VAL N 501 58.92 -70.17 13.67
C VAL N 501 59.70 -71.20 12.85
N SER N 502 60.08 -72.30 13.49
CA SER N 502 60.91 -73.31 12.83
C SER N 502 60.28 -73.76 11.51
N GLU N 503 58.95 -73.88 11.48
CA GLU N 503 58.28 -74.31 10.25
C GLU N 503 58.51 -73.34 9.10
N ALA N 504 58.90 -72.10 9.40
CA ALA N 504 59.18 -71.15 8.33
C ALA N 504 60.32 -71.64 7.44
N LEU N 505 61.38 -72.16 8.06
CA LEU N 505 62.51 -72.68 7.31
C LEU N 505 62.28 -74.10 6.79
N LYS N 506 61.21 -74.76 7.23
CA LYS N 506 60.94 -76.11 6.75
C LYS N 506 60.75 -76.10 5.24
N GLU N 507 61.23 -77.15 4.58
CA GLU N 507 61.34 -77.14 3.13
C GLU N 507 59.97 -77.00 2.48
N VAL N 508 58.96 -77.72 2.98
CA VAL N 508 57.68 -77.79 2.29
C VAL N 508 57.07 -76.39 2.14
N THR N 509 57.14 -75.58 3.20
CA THR N 509 56.59 -74.24 3.12
C THR N 509 57.31 -73.42 2.06
N PHE N 510 58.63 -73.54 1.99
CA PHE N 510 59.39 -72.80 1.00
C PHE N 510 59.02 -73.22 -0.41
N ILE N 511 58.89 -74.53 -0.66
CA ILE N 511 58.49 -74.97 -1.99
C ILE N 511 57.10 -74.45 -2.33
N LEU N 512 56.17 -74.50 -1.37
CA LEU N 512 54.83 -74.02 -1.63
C LEU N 512 54.84 -72.53 -1.99
N VAL N 513 55.57 -71.73 -1.22
CA VAL N 513 55.61 -70.29 -1.47
C VAL N 513 56.21 -70.02 -2.84
N SER N 514 57.32 -70.70 -3.17
CA SER N 514 57.95 -70.47 -4.46
C SER N 514 57.03 -70.87 -5.60
N SER N 515 56.32 -71.99 -5.46
CA SER N 515 55.41 -72.44 -6.51
C SER N 515 54.29 -71.44 -6.71
N LEU N 516 53.72 -70.93 -5.61
CA LEU N 516 52.65 -69.95 -5.74
C LEU N 516 53.16 -68.68 -6.41
N LEU N 517 54.34 -68.21 -6.02
CA LEU N 517 54.89 -66.99 -6.61
C LEU N 517 55.13 -67.18 -8.11
N ARG N 518 55.70 -68.34 -8.48
CA ARG N 518 55.98 -68.60 -9.90
C ARG N 518 54.68 -68.67 -10.70
N SER N 519 53.67 -69.35 -10.15
CA SER N 519 52.39 -69.43 -10.85
C SER N 519 51.76 -68.06 -11.01
N ALA N 520 51.83 -67.24 -9.96
CA ALA N 520 51.28 -65.88 -10.06
C ALA N 520 52.00 -65.08 -11.14
N TYR N 521 53.33 -65.18 -11.18
CA TYR N 521 54.08 -64.46 -12.20
C TYR N 521 53.71 -64.95 -13.60
N ASP N 522 53.56 -66.27 -13.77
CA ASP N 522 53.23 -66.82 -15.07
C ASP N 522 51.85 -66.36 -15.53
N LEU N 523 50.88 -66.36 -14.63
CA LEU N 523 49.50 -66.04 -14.97
C LEU N 523 49.18 -64.55 -14.86
N LYS N 524 50.16 -63.73 -14.47
CA LYS N 524 49.97 -62.28 -14.37
C LYS N 524 48.84 -61.93 -13.41
N ASN N 525 49.00 -62.41 -12.17
CA ASN N 525 48.10 -62.09 -11.07
C ASN N 525 48.89 -61.25 -10.06
N TRP N 526 48.78 -59.94 -10.19
CA TRP N 526 49.72 -59.04 -9.53
C TRP N 526 49.50 -58.99 -8.02
N THR N 527 48.27 -59.18 -7.56
CA THR N 527 48.01 -59.12 -6.12
C THR N 527 48.72 -60.24 -5.39
N VAL N 528 48.51 -61.48 -5.84
CA VAL N 528 49.20 -62.61 -5.22
C VAL N 528 50.69 -62.51 -5.45
N THR N 529 51.10 -61.89 -6.56
CA THR N 529 52.52 -61.66 -6.80
C THR N 529 53.11 -60.76 -5.71
N HIS N 530 52.39 -59.68 -5.37
CA HIS N 530 52.84 -58.79 -4.31
C HIS N 530 52.90 -59.52 -2.97
N ALA N 531 51.86 -60.31 -2.69
CA ALA N 531 51.86 -61.07 -1.43
C ALA N 531 53.05 -62.02 -1.37
N GLY N 532 53.33 -62.73 -2.47
CA GLY N 532 54.46 -63.63 -2.50
C GLY N 532 55.78 -62.89 -2.38
N MET N 533 55.86 -61.69 -2.95
CA MET N 533 57.07 -60.88 -2.79
C MET N 533 57.30 -60.55 -1.32
N ILE N 534 56.24 -60.14 -0.62
CA ILE N 534 56.38 -59.85 0.80
C ILE N 534 56.81 -61.09 1.57
N ALA N 535 56.20 -62.24 1.25
CA ALA N 535 56.56 -63.47 1.94
C ALA N 535 58.00 -63.85 1.69
N PHE N 536 58.47 -63.70 0.45
CA PHE N 536 59.86 -64.01 0.12
C PHE N 536 60.81 -63.07 0.85
N ASN N 537 60.46 -61.79 0.93
CA ASN N 537 61.27 -60.86 1.70
C ASN N 537 61.38 -61.33 3.15
N GLU N 538 60.26 -61.73 3.74
CA GLU N 538 60.29 -62.16 5.13
C GLU N 538 61.11 -63.42 5.31
N LEU N 539 61.00 -64.37 4.37
CA LEU N 539 61.81 -65.58 4.44
C LEU N 539 63.30 -65.26 4.34
N LEU N 540 63.66 -64.32 3.46
CA LEU N 540 65.06 -63.94 3.35
C LEU N 540 65.55 -63.29 4.63
N ASN N 541 64.75 -62.41 5.22
CA ASN N 541 65.14 -61.81 6.50
C ASN N 541 65.35 -62.90 7.56
N LEU N 542 64.44 -63.86 7.62
CA LEU N 542 64.55 -64.92 8.62
C LEU N 542 65.81 -65.74 8.40
N VAL N 543 66.09 -66.11 7.15
CA VAL N 543 67.25 -66.95 6.88
C VAL N 543 68.54 -66.19 7.21
N SER N 544 68.61 -64.91 6.85
CA SER N 544 69.79 -64.12 7.17
C SER N 544 69.98 -64.02 8.67
N ARG N 545 68.89 -63.75 9.41
CA ARG N 545 69.00 -63.60 10.86
C ARG N 545 69.46 -64.91 11.51
N THR N 546 68.88 -66.04 11.09
CA THR N 546 69.27 -67.31 11.71
C THR N 546 70.72 -67.65 11.37
N LYS N 547 71.16 -67.38 10.14
CA LYS N 547 72.56 -67.63 9.80
C LYS N 547 73.48 -66.76 10.64
N ALA N 548 73.12 -65.48 10.83
CA ALA N 548 73.95 -64.60 11.64
C ALA N 548 74.01 -65.09 13.08
N ALA N 549 72.88 -65.54 13.62
CA ALA N 549 72.85 -65.99 15.01
C ALA N 549 73.77 -67.18 15.23
N GLN N 550 73.67 -68.20 14.37
CA GLN N 550 74.47 -69.42 14.50
C GLN N 550 74.98 -69.80 13.12
N GLU N 551 76.25 -69.51 12.86
CA GLU N 551 76.86 -69.87 11.58
C GLU N 551 77.19 -71.35 11.50
N GLU N 552 77.57 -71.97 12.62
CA GLU N 552 77.93 -73.38 12.60
C GLU N 552 76.73 -74.24 12.20
N ASP N 553 75.58 -73.99 12.81
CA ASP N 553 74.37 -74.73 12.45
C ASP N 553 73.81 -74.28 11.11
N SER N 554 74.32 -73.20 10.53
CA SER N 554 73.84 -72.73 9.24
C SER N 554 74.16 -73.69 8.10
N THR N 555 75.05 -74.66 8.34
CA THR N 555 75.33 -75.66 7.30
C THR N 555 74.03 -76.31 6.83
N ASP N 556 73.13 -76.61 7.76
CA ASP N 556 71.79 -77.05 7.36
C ASP N 556 71.07 -75.94 6.61
N ILE N 557 71.21 -74.70 7.08
CA ILE N 557 70.59 -73.57 6.39
C ILE N 557 71.16 -73.41 4.99
N GLU N 558 72.45 -73.72 4.82
CA GLU N 558 73.07 -73.61 3.51
C GLU N 558 72.35 -74.48 2.48
N PHE N 559 71.70 -75.55 2.93
CA PHE N 559 70.92 -76.38 2.01
C PHE N 559 69.73 -75.60 1.46
N ILE N 560 69.03 -74.85 2.31
CA ILE N 560 67.81 -74.18 1.88
C ILE N 560 68.13 -73.05 0.92
N VAL N 561 69.22 -72.32 1.15
CA VAL N 561 69.53 -71.17 0.29
C VAL N 561 69.82 -71.63 -1.12
N SER N 562 70.49 -72.78 -1.27
CA SER N 562 70.80 -73.28 -2.61
C SER N 562 69.55 -73.47 -3.43
N ARG N 563 68.44 -73.88 -2.79
CA ARG N 563 67.20 -74.11 -3.52
C ARG N 563 66.58 -72.79 -3.98
N LEU N 564 66.59 -71.77 -3.13
CA LEU N 564 65.83 -70.55 -3.40
C LEU N 564 66.57 -69.57 -4.32
N PHE N 565 67.78 -69.90 -4.77
CA PHE N 565 68.52 -69.07 -5.71
C PHE N 565 68.75 -69.82 -7.02
N SER N 566 67.73 -70.52 -7.49
CA SER N 566 67.82 -71.19 -8.78
C SER N 566 67.89 -70.17 -9.91
N ASP N 567 68.45 -70.60 -11.03
CA ASP N 567 68.63 -69.70 -12.17
C ASP N 567 67.31 -69.07 -12.58
N GLU N 568 66.26 -69.88 -12.69
CA GLU N 568 64.94 -69.35 -13.02
C GLU N 568 64.47 -68.37 -11.95
N ARG N 569 64.66 -68.72 -10.69
CA ARG N 569 64.25 -67.84 -9.60
C ARG N 569 65.04 -66.54 -9.65
N ILE N 570 66.34 -66.63 -9.92
CA ILE N 570 67.17 -65.42 -10.02
C ILE N 570 66.68 -64.52 -11.14
N GLN N 571 66.37 -65.11 -12.29
CA GLN N 571 65.84 -64.33 -13.40
C GLN N 571 64.53 -63.67 -13.03
N LEU N 572 63.65 -64.41 -12.35
CA LEU N 572 62.36 -63.85 -11.96
C LEU N 572 62.54 -62.68 -11.00
N LEU N 573 63.42 -62.83 -10.01
CA LEU N 573 63.66 -61.75 -9.06
C LEU N 573 64.26 -60.53 -9.75
N SER N 574 65.18 -60.77 -10.70
CA SER N 574 65.77 -59.67 -11.44
C SER N 574 64.71 -58.93 -12.25
N ASN N 575 63.79 -59.68 -12.87
CA ASN N 575 62.76 -59.06 -13.69
C ASN N 575 61.69 -58.35 -12.86
N LEU N 576 61.48 -58.77 -11.61
CA LEU N 576 60.40 -58.21 -10.80
C LEU N 576 60.50 -56.69 -10.72
N PRO N 577 61.65 -56.12 -10.35
CA PRO N 577 61.75 -54.66 -10.31
C PRO N 577 61.46 -54.00 -11.63
N LYS N 578 61.82 -54.65 -12.74
CA LYS N 578 61.68 -54.01 -14.05
C LYS N 578 60.22 -53.69 -14.35
N ILE N 579 59.31 -54.62 -14.04
CA ILE N 579 57.91 -54.40 -14.34
C ILE N 579 57.24 -53.53 -13.29
N GLY N 580 57.84 -53.40 -12.10
CA GLY N 580 57.19 -52.72 -11.00
C GLY N 580 57.00 -51.22 -11.22
N SER N 581 57.65 -50.65 -12.24
CA SER N 581 57.58 -49.20 -12.44
C SER N 581 56.14 -48.74 -12.65
N LYS N 582 55.40 -49.46 -13.49
CA LYS N 582 54.03 -49.07 -13.84
C LYS N 582 53.00 -49.80 -12.98
N TYR N 583 53.08 -49.61 -11.66
CA TYR N 583 52.16 -50.24 -10.72
C TYR N 583 52.04 -49.36 -9.48
N SER N 584 51.31 -49.86 -8.50
CA SER N 584 51.01 -49.08 -7.30
C SER N 584 52.26 -48.89 -6.45
N LEU N 585 52.19 -47.91 -5.55
CA LEU N 585 53.35 -47.57 -4.73
C LEU N 585 53.76 -48.73 -3.83
N GLN N 586 52.79 -49.44 -3.27
CA GLN N 586 53.10 -50.52 -2.35
C GLN N 586 53.88 -51.63 -3.06
N PHE N 587 53.51 -51.93 -4.31
CA PHE N 587 54.24 -52.92 -5.08
C PHE N 587 55.70 -52.51 -5.26
N MET N 588 55.92 -51.22 -5.55
CA MET N 588 57.29 -50.74 -5.71
C MET N 588 58.05 -50.80 -4.40
N LYS N 589 57.39 -50.49 -3.29
CA LYS N 589 58.04 -50.60 -1.98
C LYS N 589 58.46 -52.04 -1.71
N SER N 590 57.58 -52.99 -2.03
CA SER N 590 57.92 -54.40 -1.86
C SER N 590 59.07 -54.80 -2.78
N CYS N 591 59.09 -54.25 -4.00
CA CYS N 591 60.21 -54.50 -4.89
C CYS N 591 61.52 -54.03 -4.27
N ILE N 592 61.51 -52.82 -3.71
CA ILE N 592 62.72 -52.29 -3.08
C ILE N 592 63.16 -53.20 -1.95
N GLU N 593 62.21 -53.59 -1.09
CA GLU N 593 62.53 -54.45 0.05
C GLU N 593 63.13 -55.77 -0.42
N LEU N 594 62.49 -56.41 -1.39
CA LEU N 594 62.96 -57.72 -1.85
C LEU N 594 64.34 -57.61 -2.49
N THR N 595 64.56 -56.57 -3.29
CA THR N 595 65.87 -56.40 -3.92
C THR N 595 66.95 -56.20 -2.87
N HIS N 596 66.68 -55.36 -1.87
CA HIS N 596 67.68 -55.12 -0.84
C HIS N 596 68.00 -56.41 -0.08
N SER N 597 66.97 -57.16 0.30
CA SER N 597 67.20 -58.39 1.04
C SER N 597 67.96 -59.41 0.21
N VAL N 598 67.60 -59.55 -1.07
CA VAL N 598 68.28 -60.51 -1.93
C VAL N 598 69.75 -60.14 -2.08
N LEU N 599 70.02 -58.85 -2.31
CA LEU N 599 71.41 -58.42 -2.46
C LEU N 599 72.20 -58.68 -1.19
N LYS N 600 71.61 -58.37 -0.03
CA LYS N 600 72.32 -58.58 1.24
C LYS N 600 72.64 -60.05 1.44
N VAL N 601 71.66 -60.93 1.22
CA VAL N 601 71.88 -62.35 1.44
C VAL N 601 72.92 -62.89 0.46
N LEU N 602 72.83 -62.48 -0.81
CA LEU N 602 73.78 -62.96 -1.79
C LEU N 602 75.20 -62.51 -1.45
N GLU N 603 75.37 -61.25 -1.03
CA GLU N 603 76.69 -60.78 -0.64
C GLU N 603 77.21 -61.58 0.54
N GLN N 604 76.37 -61.78 1.56
CA GLN N 604 76.80 -62.52 2.74
C GLN N 604 77.28 -63.91 2.35
N TYR N 605 76.48 -64.63 1.55
CA TYR N 605 76.84 -66.01 1.23
C TYR N 605 78.06 -66.08 0.32
N SER N 606 78.17 -65.16 -0.65
CA SER N 606 79.34 -65.16 -1.51
C SER N 606 80.61 -64.89 -0.70
N ASP N 607 80.55 -63.95 0.23
CA ASP N 607 81.72 -63.66 1.06
C ASP N 607 82.07 -64.83 1.97
N ASP N 608 81.05 -65.44 2.58
CA ASP N 608 81.32 -66.50 3.56
C ASP N 608 81.95 -67.72 2.92
N LYS N 609 81.36 -68.23 1.84
CA LYS N 609 81.84 -69.43 1.19
C LYS N 609 81.53 -69.34 -0.30
N THR N 610 81.86 -70.41 -1.02
CA THR N 610 81.54 -70.51 -2.44
C THR N 610 80.08 -70.87 -2.62
N LEU N 611 79.31 -69.96 -3.21
CA LEU N 611 77.88 -70.17 -3.38
C LEU N 611 77.62 -71.01 -4.62
N VAL N 612 76.88 -72.11 -4.45
CA VAL N 612 76.53 -73.01 -5.53
C VAL N 612 75.04 -73.29 -5.45
N ILE N 613 74.35 -73.20 -6.59
CA ILE N 613 72.92 -73.49 -6.64
C ILE N 613 72.70 -74.99 -6.46
N ILE N 655 76.09 -74.73 -10.45
CA ILE N 655 76.53 -73.47 -11.05
C ILE N 655 76.97 -72.51 -9.95
N GLU N 656 78.27 -72.24 -9.89
CA GLU N 656 78.78 -71.30 -8.91
C GLU N 656 78.17 -69.93 -9.14
N VAL N 657 77.78 -69.27 -8.05
CA VAL N 657 77.13 -67.97 -8.10
C VAL N 657 78.14 -66.92 -7.66
N ASN N 658 78.50 -66.02 -8.58
CA ASN N 658 79.38 -64.90 -8.27
C ASN N 658 78.55 -63.64 -8.13
N PHE N 659 78.87 -62.84 -7.12
CA PHE N 659 78.08 -61.64 -6.85
C PHE N 659 78.13 -60.66 -8.01
N GLN N 660 79.21 -60.68 -8.80
CA GLN N 660 79.37 -59.71 -9.88
C GLN N 660 78.28 -59.88 -10.95
N LYS N 661 78.02 -61.13 -11.37
CA LYS N 661 77.06 -61.34 -12.45
C LYS N 661 75.64 -61.03 -11.99
N VAL N 662 75.28 -61.45 -10.78
CA VAL N 662 73.94 -61.14 -10.26
C VAL N 662 73.78 -59.63 -10.09
N GLN N 663 74.83 -58.94 -9.64
CA GLN N 663 74.76 -57.50 -9.56
C GLN N 663 74.54 -56.88 -10.93
N ALA N 664 75.27 -57.37 -11.93
CA ALA N 664 75.11 -56.84 -13.29
C ALA N 664 73.69 -57.04 -13.79
N ASN N 665 73.09 -58.20 -13.49
CA ASN N 665 71.72 -58.45 -13.91
C ASN N 665 70.76 -57.42 -13.31
N TYR N 666 71.13 -56.82 -12.18
CA TYR N 666 70.26 -55.86 -11.50
C TYR N 666 70.50 -54.42 -11.94
N MET N 667 71.51 -54.15 -12.75
CA MET N 667 71.80 -52.80 -13.24
C MET N 667 71.20 -52.66 -14.64
N THR N 668 69.98 -52.11 -14.71
CA THR N 668 69.30 -51.87 -15.96
C THR N 668 68.52 -50.57 -15.87
N GLU N 669 68.24 -49.97 -17.02
CA GLU N 669 67.49 -48.72 -17.05
C GLU N 669 66.14 -48.83 -16.36
N PRO N 670 65.32 -49.85 -16.62
CA PRO N 670 64.01 -49.91 -15.95
C PRO N 670 64.12 -49.96 -14.43
N VAL N 671 65.16 -50.59 -13.89
CA VAL N 671 65.33 -50.63 -12.44
C VAL N 671 65.53 -49.22 -11.90
N ILE N 672 66.39 -48.44 -12.55
CA ILE N 672 66.63 -47.07 -12.12
C ILE N 672 65.37 -46.24 -12.27
N GLU N 673 64.61 -46.46 -13.36
CA GLU N 673 63.35 -45.73 -13.53
C GLU N 673 62.38 -46.03 -12.40
N THR N 674 62.27 -47.30 -12.03
CA THR N 674 61.41 -47.69 -10.92
C THR N 674 61.86 -47.03 -9.63
N TYR N 675 63.17 -47.03 -9.37
CA TYR N 675 63.65 -46.44 -8.14
C TYR N 675 63.36 -44.94 -8.10
N ILE N 676 63.58 -44.26 -9.22
CA ILE N 676 63.32 -42.82 -9.27
C ILE N 676 61.84 -42.54 -9.05
N ASN N 677 60.97 -43.34 -9.67
CA ASN N 677 59.53 -43.15 -9.48
C ASN N 677 59.15 -43.38 -8.03
N PHE N 678 59.80 -44.34 -7.36
CA PHE N 678 59.51 -44.57 -5.95
C PHE N 678 59.93 -43.37 -5.10
N LEU N 679 61.13 -42.84 -5.34
CA LEU N 679 61.63 -41.73 -4.55
C LEU N 679 60.90 -40.42 -4.84
N GLU N 680 60.07 -40.37 -5.89
CA GLU N 680 59.30 -39.17 -6.18
C GLU N 680 58.28 -38.88 -5.09
N ARG N 681 57.91 -39.89 -4.28
CA ARG N 681 56.95 -39.73 -3.21
C ARG N 681 57.63 -39.74 -1.84
N PHE N 682 58.83 -39.14 -1.76
CA PHE N 682 59.59 -39.15 -0.51
C PHE N 682 58.85 -38.47 0.63
N ARG N 683 57.91 -37.57 0.32
CA ARG N 683 57.20 -36.86 1.38
C ARG N 683 56.41 -37.81 2.26
N GLU N 684 55.79 -38.83 1.66
CA GLU N 684 55.01 -39.81 2.40
C GLU N 684 55.84 -41.02 2.83
N LEU N 685 57.13 -41.03 2.54
CA LEU N 685 57.97 -42.19 2.80
C LEU N 685 58.55 -42.12 4.21
N GLU N 686 59.07 -43.26 4.67
CA GLU N 686 59.71 -43.38 5.97
C GLU N 686 61.23 -43.28 5.81
N ASP N 687 61.92 -43.16 6.95
CA ASP N 687 63.37 -43.03 6.93
C ASP N 687 64.03 -44.29 6.37
N ASP N 688 63.53 -45.47 6.76
CA ASP N 688 64.16 -46.71 6.33
C ASP N 688 64.10 -46.88 4.82
N SER N 689 62.96 -46.55 4.20
CA SER N 689 62.85 -46.68 2.75
C SER N 689 63.83 -45.75 2.04
N ILE N 690 63.94 -44.51 2.52
CA ILE N 690 64.90 -43.58 1.93
C ILE N 690 66.31 -44.11 2.07
N LYS N 691 66.65 -44.63 3.26
CA LYS N 691 67.98 -45.17 3.47
C LYS N 691 68.26 -46.31 2.50
N LYS N 692 67.28 -47.17 2.27
CA LYS N 692 67.49 -48.32 1.39
C LYS N 692 67.65 -47.90 -0.06
N VAL N 693 66.81 -46.98 -0.53
CA VAL N 693 66.92 -46.52 -1.91
C VAL N 693 68.27 -45.86 -2.12
N PHE N 694 68.72 -45.06 -1.16
CA PHE N 694 70.01 -44.40 -1.33
C PHE N 694 71.17 -45.37 -1.17
N SER N 695 71.00 -46.43 -0.38
CA SER N 695 72.03 -47.47 -0.32
C SER N 695 72.17 -48.16 -1.66
N PHE N 696 71.05 -48.47 -2.32
CA PHE N 696 71.13 -49.07 -3.65
C PHE N 696 71.74 -48.09 -4.64
N PHE N 697 71.40 -46.80 -4.53
CA PHE N 697 72.02 -45.79 -5.39
C PHE N 697 73.53 -45.78 -5.21
N HIS N 698 73.98 -45.81 -3.96
CA HIS N 698 75.41 -45.86 -3.69
C HIS N 698 76.03 -47.12 -4.28
N ARG N 699 75.36 -48.27 -4.14
CA ARG N 699 75.87 -49.49 -4.72
C ARG N 699 76.08 -49.34 -6.22
N VAL N 700 75.05 -48.88 -6.93
CA VAL N 700 75.16 -48.74 -8.39
C VAL N 700 76.25 -47.74 -8.73
N PHE N 701 76.34 -46.65 -7.98
CA PHE N 701 77.26 -45.57 -8.32
C PHE N 701 78.71 -45.99 -8.12
N VAL N 702 79.01 -46.68 -7.03
CA VAL N 702 80.38 -46.92 -6.59
C VAL N 702 80.81 -48.36 -6.83
N GLN N 703 80.03 -49.32 -6.34
CA GLN N 703 80.47 -50.71 -6.35
C GLN N 703 80.73 -51.20 -7.78
N ALA N 704 79.83 -50.87 -8.70
CA ALA N 704 79.95 -51.31 -10.09
C ALA N 704 80.45 -50.24 -11.03
N LYS N 705 80.46 -48.98 -10.60
CA LYS N 705 80.93 -47.86 -11.43
C LYS N 705 80.13 -47.80 -12.74
N GLU N 706 78.82 -47.60 -12.61
CA GLU N 706 77.93 -47.45 -13.74
C GLU N 706 77.26 -46.08 -13.67
N GLN N 707 78.05 -45.05 -13.43
CA GLN N 707 77.50 -43.71 -13.20
C GLN N 707 76.65 -43.24 -14.38
N ALA N 708 76.92 -43.75 -15.59
CA ALA N 708 76.14 -43.34 -16.74
C ALA N 708 74.66 -43.60 -16.55
N LEU N 709 74.30 -44.64 -15.78
CA LEU N 709 72.89 -44.95 -15.55
C LEU N 709 72.20 -43.82 -14.80
N LEU N 710 72.86 -43.27 -13.79
CA LEU N 710 72.26 -42.25 -12.94
C LEU N 710 72.46 -40.83 -13.46
N PHE N 711 73.09 -40.66 -14.62
CA PHE N 711 73.28 -39.35 -15.21
C PHE N 711 72.04 -38.94 -16.01
N ARG N 712 70.90 -38.96 -15.33
CA ARG N 712 69.62 -38.55 -15.89
C ARG N 712 69.25 -37.18 -15.33
N PHE N 713 68.10 -36.67 -15.79
CA PHE N 713 67.62 -35.37 -15.35
C PHE N 713 66.56 -35.44 -14.25
N ASP N 714 65.72 -36.48 -14.28
CA ASP N 714 64.74 -36.63 -13.21
C ASP N 714 65.42 -36.71 -11.85
N LEU N 715 66.57 -37.37 -11.79
CA LEU N 715 67.31 -37.46 -10.54
C LEU N 715 67.77 -36.08 -10.06
N ILE N 716 68.21 -35.24 -10.99
CA ILE N 716 68.68 -33.90 -10.60
C ILE N 716 67.53 -33.09 -10.02
N ILE N 717 66.37 -33.11 -10.69
CA ILE N 717 65.22 -32.37 -10.20
C ILE N 717 64.79 -32.90 -8.84
N LEU N 718 64.77 -34.23 -8.68
CA LEU N 718 64.37 -34.81 -7.41
C LEU N 718 65.35 -34.42 -6.30
N LEU N 719 66.65 -34.42 -6.60
CA LEU N 719 67.65 -34.05 -5.61
C LEU N 719 67.46 -32.60 -5.18
N ARG N 720 67.27 -31.70 -6.14
CA ARG N 720 67.07 -30.30 -5.77
C ARG N 720 65.79 -30.11 -4.97
N GLU N 721 64.72 -30.81 -5.36
CA GLU N 721 63.47 -30.70 -4.62
C GLU N 721 63.63 -31.19 -3.18
N MET N 722 64.36 -32.29 -3.00
CA MET N 722 64.51 -32.85 -1.66
C MET N 722 65.45 -32.02 -0.79
N LEU N 723 66.49 -31.44 -1.39
CA LEU N 723 67.43 -30.61 -0.66
C LEU N 723 66.95 -29.17 -0.48
N SER N 724 65.85 -28.80 -1.13
CA SER N 724 65.35 -27.44 -1.00
C SER N 724 64.85 -27.19 0.43
N PRO N 725 64.87 -25.93 0.87
CA PRO N 725 64.39 -25.66 2.24
C PRO N 725 62.97 -26.10 2.48
N ASP N 726 62.09 -25.98 1.47
CA ASP N 726 60.71 -26.41 1.60
C ASP N 726 60.54 -27.92 1.43
N GLY N 727 61.58 -28.63 1.02
CA GLY N 727 61.49 -30.05 0.79
C GLY N 727 61.67 -30.87 2.04
N LEU N 728 62.54 -31.88 1.97
CA LEU N 728 62.78 -32.76 3.11
C LEU N 728 63.26 -31.94 4.31
N ASP N 729 62.82 -32.34 5.50
CA ASP N 729 63.17 -31.61 6.71
C ASP N 729 64.68 -31.54 6.85
N ARG N 730 65.19 -30.33 7.13
CA ARG N 730 66.63 -30.14 7.24
C ARG N 730 67.21 -30.92 8.42
N MET N 731 66.59 -30.79 9.60
CA MET N 731 67.01 -31.53 10.78
C MET N 731 66.36 -32.91 10.76
N SER N 732 66.83 -33.73 9.82
CA SER N 732 66.32 -35.08 9.63
C SER N 732 67.50 -36.02 9.37
N ARG N 733 67.27 -37.31 9.66
CA ARG N 733 68.34 -38.30 9.51
C ARG N 733 68.65 -38.55 8.04
N SER N 734 67.62 -38.66 7.20
CA SER N 734 67.84 -39.01 5.80
C SER N 734 68.62 -37.92 5.06
N ARG N 735 68.47 -36.66 5.49
CA ARG N 735 69.14 -35.58 4.78
C ARG N 735 70.64 -35.79 4.71
N LYS N 736 71.23 -36.48 5.69
CA LYS N 736 72.65 -36.78 5.63
C LYS N 736 72.97 -37.64 4.42
N TYR N 737 72.21 -38.71 4.23
CA TYR N 737 72.42 -39.57 3.06
C TYR N 737 72.17 -38.80 1.78
N VAL N 738 71.11 -37.98 1.74
CA VAL N 738 70.80 -37.23 0.54
C VAL N 738 71.96 -36.29 0.19
N SER N 739 72.47 -35.58 1.19
CA SER N 739 73.56 -34.63 0.95
C SER N 739 74.82 -35.34 0.48
N GLN N 740 75.16 -36.47 1.10
CA GLN N 740 76.36 -37.20 0.71
C GLN N 740 76.23 -37.69 -0.73
N PHE N 741 75.10 -38.32 -1.06
CA PHE N 741 74.91 -38.83 -2.41
C PHE N 741 74.94 -37.69 -3.42
N SER N 742 74.30 -36.56 -3.09
CA SER N 742 74.38 -35.40 -3.96
C SER N 742 75.84 -35.02 -4.20
N ASP N 743 76.54 -34.60 -3.14
CA ASP N 743 77.94 -34.22 -3.25
C ASP N 743 78.69 -35.14 -4.21
N TYR N 744 78.59 -36.45 -3.97
CA TYR N 744 79.35 -37.39 -4.79
C TYR N 744 78.90 -37.33 -6.26
N PHE N 745 77.58 -37.36 -6.49
CA PHE N 745 77.06 -37.37 -7.85
C PHE N 745 77.42 -36.10 -8.59
N LEU N 746 77.29 -34.95 -7.92
CA LEU N 746 77.65 -33.68 -8.54
C LEU N 746 79.12 -33.64 -8.90
N ALA N 747 79.99 -34.11 -8.00
CA ALA N 747 81.42 -34.10 -8.30
C ALA N 747 81.73 -34.97 -9.52
N ARG N 748 81.20 -36.21 -9.52
CA ARG N 748 81.46 -37.10 -10.65
C ARG N 748 80.88 -36.56 -11.95
N LEU N 749 79.68 -35.98 -11.89
CA LEU N 749 79.07 -35.43 -13.08
C LEU N 749 79.86 -34.25 -13.61
N LYS N 750 80.37 -33.39 -12.72
CA LYS N 750 81.20 -32.29 -13.18
C LYS N 750 82.46 -32.80 -13.85
N LYS N 751 83.11 -33.80 -13.26
CA LYS N 751 84.30 -34.36 -13.87
C LYS N 751 83.99 -34.90 -15.27
N ARG N 752 82.94 -35.71 -15.38
CA ARG N 752 82.59 -36.30 -16.67
C ARG N 752 82.25 -35.22 -17.68
N LEU N 753 81.47 -34.22 -17.27
CA LEU N 753 81.06 -33.16 -18.20
C LEU N 753 82.27 -32.38 -18.70
N LYS N 754 83.23 -32.10 -17.80
CA LYS N 754 84.46 -31.47 -18.24
C LYS N 754 85.19 -32.34 -19.24
N LYS N 755 85.26 -33.65 -18.98
CA LYS N 755 85.91 -34.56 -19.92
C LYS N 755 85.13 -34.64 -21.22
N SER N 756 83.82 -34.88 -21.14
CA SER N 756 83.00 -35.13 -22.32
C SER N 756 82.00 -33.99 -22.54
N PRO N 757 82.27 -33.06 -23.45
CA PRO N 757 81.28 -32.01 -23.73
C PRO N 757 79.95 -32.54 -24.23
N ALA N 758 79.94 -33.65 -24.97
CA ALA N 758 78.71 -34.13 -25.58
C ALA N 758 77.65 -34.49 -24.54
N TRP N 759 78.05 -34.77 -23.31
CA TRP N 759 77.07 -35.16 -22.29
C TRP N 759 76.12 -34.03 -21.95
N PHE N 760 76.44 -32.80 -22.34
CA PHE N 760 75.51 -31.69 -22.12
C PHE N 760 74.16 -31.97 -22.75
N VAL N 761 74.14 -32.70 -23.86
CA VAL N 761 72.87 -33.09 -24.49
C VAL N 761 72.42 -34.47 -24.04
N GLY N 762 73.34 -35.33 -23.62
CA GLY N 762 72.97 -36.68 -23.21
C GLY N 762 72.16 -36.73 -21.92
N LEU N 763 72.23 -35.68 -21.11
CA LEU N 763 71.48 -35.67 -19.84
C LEU N 763 69.97 -35.73 -20.07
N LEU N 764 69.51 -35.37 -21.27
CA LEU N 764 68.07 -35.30 -21.52
C LEU N 764 67.52 -36.63 -22.05
N PHE N 765 68.09 -37.10 -23.16
CA PHE N 765 67.55 -38.27 -23.84
C PHE N 765 68.16 -39.56 -23.29
N PRO N 766 67.47 -40.68 -23.45
CA PRO N 766 67.96 -41.92 -22.86
C PRO N 766 69.23 -42.39 -23.53
N PRO N 767 70.02 -43.23 -22.88
CA PRO N 767 71.29 -43.67 -23.48
C PRO N 767 71.07 -44.45 -24.76
N LEU N 768 72.06 -44.34 -25.65
CA LEU N 768 72.02 -45.08 -26.91
C LEU N 768 72.21 -46.57 -26.68
N HIS N 769 71.90 -47.34 -27.71
CA HIS N 769 72.19 -48.77 -27.75
C HIS N 769 72.93 -49.15 -29.03
N ASN N 770 73.80 -48.26 -29.50
CA ASN N 770 74.54 -48.45 -30.74
C ASN N 770 75.92 -49.03 -30.42
N SER N 771 76.31 -50.06 -31.17
CA SER N 771 77.57 -50.73 -30.90
C SER N 771 78.76 -49.80 -31.14
N GLU N 772 78.68 -48.96 -32.17
CA GLU N 772 79.82 -48.14 -32.54
C GLU N 772 80.24 -47.20 -31.42
N VAL N 773 79.27 -46.56 -30.77
CA VAL N 773 79.55 -45.54 -29.77
C VAL N 773 78.97 -45.88 -28.40
N GLY N 774 78.33 -47.04 -28.24
CA GLY N 774 77.76 -47.38 -26.95
C GLY N 774 78.80 -47.47 -25.86
N PHE N 775 79.93 -48.13 -26.15
CA PHE N 775 80.99 -48.27 -25.15
C PHE N 775 81.54 -46.91 -24.75
N TYR N 776 81.82 -46.06 -25.73
CA TYR N 776 82.31 -44.71 -25.41
C TYR N 776 81.25 -43.92 -24.66
N GLN N 777 79.98 -44.05 -25.07
CA GLN N 777 78.90 -43.34 -24.40
C GLN N 777 78.85 -43.71 -22.92
N ARG N 778 78.88 -45.00 -22.62
CA ARG N 778 78.69 -45.44 -21.24
C ARG N 778 79.96 -45.22 -20.41
N TYR N 779 81.06 -45.85 -20.82
CA TYR N 779 82.27 -45.84 -20.02
C TYR N 779 83.21 -44.68 -20.36
N GLY N 780 82.92 -43.92 -21.40
CA GLY N 780 83.73 -42.77 -21.74
C GLY N 780 85.05 -43.07 -22.40
N GLU N 781 85.32 -44.34 -22.74
CA GLU N 781 86.57 -44.72 -23.36
C GLU N 781 86.37 -45.88 -24.32
N ARG O 1 40.32 -28.82 -35.56
CA ARG O 1 40.47 -27.69 -36.51
C ARG O 1 41.94 -27.31 -36.64
N ARG O 2 42.65 -27.12 -35.53
CA ARG O 2 44.07 -26.69 -35.52
C ARG O 2 44.92 -27.80 -34.90
N PRO O 3 46.04 -28.23 -35.53
CA PRO O 3 46.92 -29.21 -34.90
C PRO O 3 47.58 -28.63 -33.65
N GLN O 4 47.73 -29.43 -32.60
CA GLN O 4 48.36 -28.98 -31.34
C GLN O 4 49.84 -28.74 -31.55
N VAL O 5 50.42 -27.74 -30.90
CA VAL O 5 51.89 -27.52 -30.94
C VAL O 5 52.49 -28.73 -30.24
N LYS O 6 53.60 -29.29 -30.72
CA LYS O 6 54.18 -30.53 -30.15
C LYS O 6 55.69 -30.49 -30.31
N LEU O 7 56.45 -31.09 -29.38
CA LEU O 7 57.91 -31.03 -29.42
C LEU O 7 58.45 -32.05 -30.39
N THR O 8 58.46 -31.72 -31.68
CA THR O 8 58.93 -32.62 -32.72
C THR O 8 60.44 -32.47 -32.91
N ALA O 9 61.02 -33.43 -33.63
CA ALA O 9 62.46 -33.40 -33.89
C ALA O 9 62.85 -32.14 -34.65
N GLU O 10 61.94 -31.62 -35.48
CA GLU O 10 62.26 -30.43 -36.26
C GLU O 10 62.57 -29.25 -35.35
N LYS O 11 61.73 -29.02 -34.34
CA LYS O 11 61.98 -27.93 -33.41
C LYS O 11 63.27 -28.13 -32.64
N LEU O 12 63.51 -29.36 -32.18
CA LEU O 12 64.71 -29.64 -31.39
C LEU O 12 65.97 -29.40 -32.21
N LEU O 13 65.96 -29.80 -33.48
CA LEU O 13 67.14 -29.69 -34.32
C LEU O 13 67.33 -28.31 -34.92
N SER O 14 66.36 -27.41 -34.77
CA SER O 14 66.50 -26.07 -35.30
C SER O 14 67.68 -25.35 -34.64
N ASP O 15 68.01 -24.18 -35.19
CA ASP O 15 69.10 -23.38 -34.63
C ASP O 15 68.93 -23.20 -33.14
N LYS O 16 67.73 -22.83 -32.71
CA LYS O 16 67.39 -22.81 -31.30
C LYS O 16 67.09 -24.23 -30.83
N GLY O 17 67.74 -24.66 -29.76
CA GLY O 17 67.56 -26.02 -29.27
C GLY O 17 68.88 -26.72 -29.00
N LEU O 18 69.04 -27.92 -29.54
CA LEU O 18 70.28 -28.65 -29.34
C LEU O 18 71.49 -27.87 -29.85
N PRO O 19 71.47 -27.27 -31.04
CA PRO O 19 72.60 -26.41 -31.44
C PRO O 19 72.87 -25.29 -30.44
N TYR O 20 71.80 -24.70 -29.90
CA TYR O 20 71.98 -23.65 -28.90
C TYR O 20 72.62 -24.19 -27.64
N VAL O 21 72.22 -25.40 -27.22
CA VAL O 21 72.80 -26.00 -26.02
C VAL O 21 74.28 -26.29 -26.23
N LEU O 22 74.62 -26.89 -27.38
CA LEU O 22 76.02 -27.20 -27.65
C LEU O 22 76.85 -25.92 -27.74
N LYS O 23 76.29 -24.87 -28.34
CA LYS O 23 77.00 -23.61 -28.44
C LYS O 23 77.41 -23.12 -27.05
N ASN O 24 76.42 -22.81 -26.20
CA ASN O 24 76.68 -22.18 -24.91
C ASN O 24 75.94 -22.96 -23.82
N ALA O 25 76.61 -23.97 -23.27
CA ALA O 25 76.09 -24.68 -22.09
C ALA O 25 77.12 -24.76 -20.98
N HIS O 26 78.41 -24.96 -21.31
CA HIS O 26 79.43 -25.03 -20.27
C HIS O 26 79.78 -23.66 -19.73
N LYS O 27 79.70 -22.62 -20.56
CA LYS O 27 80.08 -21.29 -20.09
C LYS O 27 79.12 -20.78 -19.02
N ARG O 28 77.81 -20.89 -19.28
CA ARG O 28 76.82 -20.38 -18.32
C ARG O 28 76.76 -21.26 -17.08
N ILE O 29 76.71 -22.58 -17.24
CA ILE O 29 76.63 -23.49 -16.12
C ILE O 29 78.00 -23.61 -15.48
N ARG O 30 78.03 -23.67 -14.14
CA ARG O 30 79.29 -23.78 -13.41
C ARG O 30 79.01 -24.42 -12.06
N ILE O 31 79.57 -25.59 -11.83
CA ILE O 31 79.48 -26.28 -10.54
C ILE O 31 80.76 -25.98 -9.77
N SER O 32 80.63 -25.34 -8.61
CA SER O 32 81.76 -24.91 -7.81
C SER O 32 81.80 -25.71 -6.51
N SER O 33 83.00 -26.16 -6.14
CA SER O 33 83.16 -26.90 -4.89
C SER O 33 82.82 -26.03 -3.70
N LYS O 34 83.22 -24.76 -3.74
CA LYS O 34 82.95 -23.86 -2.61
C LYS O 34 81.45 -23.73 -2.36
N LYS O 35 80.67 -23.54 -3.41
CA LYS O 35 79.23 -23.39 -3.26
C LYS O 35 78.59 -24.73 -2.88
N ASN O 36 77.45 -24.64 -2.20
CA ASN O 36 76.75 -25.85 -1.78
C ASN O 36 76.13 -26.55 -2.99
N SER O 37 75.85 -27.85 -2.81
CA SER O 37 75.30 -28.64 -3.90
C SER O 37 73.95 -28.09 -4.36
N TYR O 38 73.14 -27.60 -3.42
CA TYR O 38 71.83 -27.07 -3.77
C TYR O 38 71.97 -25.91 -4.75
N ASP O 39 72.94 -25.03 -4.52
CA ASP O 39 73.13 -23.89 -5.42
C ASP O 39 73.54 -24.35 -6.82
N ASN O 40 74.42 -25.34 -6.91
CA ASN O 40 74.84 -25.82 -8.23
C ASN O 40 73.68 -26.47 -8.97
N LEU O 41 72.89 -27.29 -8.26
CA LEU O 41 71.71 -27.89 -8.88
C LEU O 41 70.74 -26.81 -9.35
N SER O 42 70.55 -25.77 -8.52
CA SER O 42 69.68 -24.67 -8.90
C SER O 42 70.20 -23.97 -10.15
N ASN O 43 71.50 -23.77 -10.25
CA ASN O 43 72.08 -23.13 -11.43
C ASN O 43 71.83 -23.96 -12.68
N ILE O 44 72.08 -25.26 -12.59
CA ILE O 44 71.90 -26.13 -13.76
C ILE O 44 70.44 -26.13 -14.19
N ILE O 45 69.53 -26.30 -13.22
CA ILE O 45 68.11 -26.33 -13.56
C ILE O 45 67.66 -24.97 -14.06
N GLN O 46 68.33 -23.91 -13.60
CA GLN O 46 68.01 -22.52 -14.01
C GLN O 46 68.33 -22.38 -15.48
N PHE O 47 69.51 -22.82 -15.90
CA PHE O 47 69.89 -22.76 -17.30
C PHE O 47 68.95 -23.59 -18.16
N TYR O 48 68.70 -24.82 -17.75
CA TYR O 48 67.91 -25.72 -18.59
C TYR O 48 66.45 -25.26 -18.69
N GLN O 49 65.90 -24.73 -17.59
CA GLN O 49 64.53 -24.22 -17.61
C GLN O 49 64.42 -22.99 -18.49
N LEU O 50 65.40 -22.09 -18.42
CA LEU O 50 65.38 -20.93 -19.32
C LEU O 50 65.45 -21.36 -20.77
N TRP O 51 66.33 -22.32 -21.07
CA TRP O 51 66.43 -22.80 -22.45
C TRP O 51 65.12 -23.44 -22.91
N ALA O 52 64.50 -24.25 -22.05
CA ALA O 52 63.25 -24.89 -22.41
C ALA O 52 62.14 -23.87 -22.62
N HIS O 53 62.05 -22.87 -21.74
CA HIS O 53 61.03 -21.84 -21.90
C HIS O 53 61.24 -21.07 -23.21
N GLU O 54 62.49 -20.74 -23.53
CA GLU O 54 62.76 -20.07 -24.79
C GLU O 54 62.36 -20.95 -25.97
N LEU O 55 62.60 -22.26 -25.86
CA LEU O 55 62.29 -23.17 -26.95
C LEU O 55 60.83 -23.62 -26.92
N PHE O 56 60.37 -24.12 -25.78
CA PHE O 56 59.04 -24.74 -25.66
C PHE O 56 58.31 -24.13 -24.46
N PRO O 57 57.74 -22.94 -24.61
CA PRO O 57 56.95 -22.37 -23.51
C PRO O 57 55.72 -23.19 -23.16
N LYS O 58 55.27 -24.08 -24.05
CA LYS O 58 54.01 -24.78 -23.85
C LYS O 58 54.01 -25.56 -22.53
N ALA O 59 55.06 -26.35 -22.29
CA ALA O 59 55.08 -27.32 -21.22
C ALA O 59 56.00 -26.87 -20.09
N LYS O 60 55.68 -27.27 -18.87
CA LYS O 60 56.51 -26.99 -17.72
C LYS O 60 57.80 -27.79 -17.80
N PHE O 61 58.67 -27.59 -16.81
CA PHE O 61 60.01 -28.17 -16.85
C PHE O 61 59.95 -29.69 -16.79
N LYS O 62 59.24 -30.24 -15.80
CA LYS O 62 59.16 -31.68 -15.67
C LYS O 62 58.48 -32.31 -16.89
N ASP O 63 57.39 -31.68 -17.35
CA ASP O 63 56.71 -32.15 -18.55
C ASP O 63 57.64 -32.06 -19.75
N PHE O 64 58.43 -30.98 -19.84
CA PHE O 64 59.38 -30.86 -20.93
C PHE O 64 60.39 -32.00 -20.92
N MET O 65 60.91 -32.33 -19.73
CA MET O 65 61.88 -33.42 -19.64
C MET O 65 61.26 -34.75 -20.02
N LYS O 66 60.04 -35.01 -19.57
CA LYS O 66 59.38 -36.26 -19.90
C LYS O 66 59.11 -36.36 -21.41
N ILE O 67 58.68 -35.26 -22.02
CA ILE O 67 58.46 -35.24 -23.46
C ILE O 67 59.77 -35.46 -24.20
N CYS O 68 60.86 -34.88 -23.70
CA CYS O 68 62.17 -35.09 -24.31
C CYS O 68 62.55 -36.56 -24.25
N GLN O 69 62.32 -37.19 -23.09
CA GLN O 69 62.60 -38.62 -22.96
C GLN O 69 61.83 -39.42 -23.99
N THR O 70 60.52 -39.17 -24.09
CA THR O 70 59.70 -39.92 -25.04
C THR O 70 60.17 -39.70 -26.46
N VAL O 71 60.45 -38.45 -26.84
CA VAL O 71 60.85 -38.14 -28.20
C VAL O 71 62.18 -38.81 -28.52
N GLY O 72 63.14 -38.73 -27.60
CA GLY O 72 64.41 -39.41 -27.81
C GLY O 72 64.23 -40.90 -27.98
N LYS O 73 63.30 -41.49 -27.23
CA LYS O 73 63.02 -42.91 -27.39
C LYS O 73 62.44 -43.21 -28.77
N THR O 74 61.61 -42.30 -29.29
CA THR O 74 60.85 -42.57 -30.51
C THR O 74 61.59 -42.11 -31.77
N ASP O 75 61.92 -40.83 -31.85
CA ASP O 75 62.37 -40.25 -33.11
C ASP O 75 63.69 -40.90 -33.57
N PRO O 76 63.78 -41.36 -34.83
CA PRO O 76 65.06 -41.92 -35.31
C PRO O 76 66.05 -40.85 -35.75
N VAL O 77 65.56 -39.75 -36.31
CA VAL O 77 66.45 -38.69 -36.77
C VAL O 77 67.19 -38.07 -35.59
N LEU O 78 66.50 -37.93 -34.46
CA LEU O 78 67.16 -37.46 -33.25
C LEU O 78 68.26 -38.43 -32.83
N ARG O 79 68.00 -39.73 -32.94
CA ARG O 79 69.03 -40.72 -32.63
C ARG O 79 70.22 -40.56 -33.56
N GLU O 80 69.96 -40.30 -34.83
CA GLU O 80 71.03 -40.13 -35.83
C GLU O 80 71.99 -39.06 -35.29
N TYR O 81 71.48 -37.87 -35.00
CA TYR O 81 72.31 -36.74 -34.53
C TYR O 81 72.96 -37.06 -33.20
N ARG O 82 72.22 -37.70 -32.30
CA ARG O 82 72.75 -37.97 -30.95
C ARG O 82 73.98 -38.85 -31.10
N VAL O 83 73.89 -39.87 -31.95
CA VAL O 83 75.03 -40.79 -32.23
C VAL O 83 76.13 -39.95 -32.86
N SER O 84 75.76 -39.01 -33.74
CA SER O 84 76.75 -38.25 -34.52
C SER O 84 77.64 -37.44 -33.58
N LEU O 85 77.06 -36.83 -32.56
CA LEU O 85 77.86 -35.95 -31.67
C LEU O 85 78.92 -36.82 -30.99
N PHE O 86 78.51 -38.00 -30.54
CA PHE O 86 79.42 -38.93 -29.84
C PHE O 86 80.50 -39.36 -30.83
N ARG O 87 80.12 -39.60 -32.08
CA ARG O 87 81.07 -40.10 -33.12
C ARG O 87 82.16 -39.05 -33.32
N ASP O 88 81.79 -37.78 -33.34
CA ASP O 88 82.77 -36.70 -33.59
C ASP O 88 83.81 -36.71 -32.47
N GLU O 89 83.37 -36.89 -31.23
CA GLU O 89 84.28 -36.91 -30.05
C GLU O 89 85.25 -38.08 -30.18
N MET O 90 84.74 -39.23 -30.64
CA MET O 90 85.60 -40.42 -30.81
C MET O 90 86.65 -40.03 -31.85
N GLY O 91 86.24 -39.28 -32.88
CA GLY O 91 87.17 -38.78 -33.91
C GLY O 91 88.18 -37.82 -33.30
N MET O 92 87.75 -36.96 -32.38
CA MET O 92 88.64 -35.97 -31.72
C MET O 92 89.62 -36.69 -30.80
#